data_3KR4
#
_entry.id   3KR4
#
_cell.length_a   173.561
_cell.length_b   178.121
_cell.length_c   230.479
_cell.angle_alpha   90.00
_cell.angle_beta   90.00
_cell.angle_gamma   90.00
#
_symmetry.space_group_name_H-M   'P 21 21 21'
#
loop_
_entity.id
_entity.type
_entity.pdbx_description
1 polymer 'M17 leucyl aminopeptidase'
2 non-polymer 'CARBONATE ION'
3 non-polymer 'ZINC ION'
4 non-polymer '2-(3-AMINO-2-HYDROXY-4-PHENYL-BUTYRYLAMINO)-4-METHYL-PENTANOIC ACID'
5 non-polymer 'MAGNESIUM ION'
6 non-polymer 'SULFATE ION'
7 non-polymer 'PENTAETHYLENE GLYCOL'
8 water water
#
_entity_poly.entity_id   1
_entity_poly.type   'polypeptide(L)'
_entity_poly.pdbx_seq_one_letter_code
;MASEVPQVVSLDPTSIPIEYNTPIHDIKVQVYDIKGGCNVEEGLTIFLVNNPGKENGPVKISSKVNDKQVSEFLKDENME
KFNVKLGTSKHFYMFNDNKNSVAVGYVGCGSVADLSEADMKRVVLSLVTMLHDNKLSKLTVVFEINVDKNLFRFFLETLF
YEYMTDERFKSTDKNVNMEYIKHLGVYINNADTYKEEVEKARVYYFGTYYASQLIAAPSNYCNPVSLSNAAVELAQKLNL
EYKILGVKELEELKMGAYLSVGKGSMYPNKFIHLTYKSKGDVKKKIALVGKGITFDSGGYNLKAAPGSMIDLMKFDMSGC
AAVLGCAYCVGTLKPENVEIHFLSAVCENMVSKNSYRPGDIITASNGKTIEVGNTDAEGRLTLADALVYAEKLGVDYIVD
IATLTGAMLYSLGTSYAGVFGNNEELINKILQSSKTSNEPVWWLPIINEYRATLNSKYADINQISSSVKASSIVASLFLK
EFVQNTAWAHIDIAGVSWNFKARKPKGFGVRLLTEFVLNDALHHHHHH
;
_entity_poly.pdbx_strand_id   A,B,C,D,E,F,G,H,I,J,K,L
#
loop_
_chem_comp.id
_chem_comp.type
_chem_comp.name
_chem_comp.formula
1PE non-polymer 'PENTAETHYLENE GLYCOL' 'C10 H22 O6'
BES non-polymer '2-(3-AMINO-2-HYDROXY-4-PHENYL-BUTYRYLAMINO)-4-METHYL-PENTANOIC ACID' 'C16 H24 N2 O4'
CO3 non-polymer 'CARBONATE ION' 'C O3 -2'
MG non-polymer 'MAGNESIUM ION' 'Mg 2'
SO4 non-polymer 'SULFATE ION' 'O4 S -2'
ZN non-polymer 'ZINC ION' 'Zn 2'
#
# COMPACT_ATOMS: atom_id res chain seq x y z
N ALA A 2 49.99 -50.90 -15.98
CA ALA A 2 50.06 -51.64 -14.69
C ALA A 2 51.47 -51.61 -14.13
N SER A 3 51.67 -50.82 -13.08
CA SER A 3 52.97 -50.75 -12.44
C SER A 3 53.00 -51.65 -11.21
N GLU A 4 54.21 -52.04 -10.82
CA GLU A 4 54.46 -52.70 -9.53
C GLU A 4 54.34 -51.75 -8.31
N VAL A 5 53.55 -52.15 -7.36
CA VAL A 5 53.39 -51.44 -6.10
C VAL A 5 54.57 -51.72 -5.20
N PRO A 6 55.30 -50.69 -4.79
CA PRO A 6 56.46 -50.98 -3.94
C PRO A 6 56.03 -51.36 -2.51
N GLN A 7 56.82 -52.18 -1.86
CA GLN A 7 56.47 -52.67 -0.54
C GLN A 7 57.62 -52.39 0.39
N VAL A 8 57.34 -52.19 1.67
CA VAL A 8 58.43 -52.11 2.65
C VAL A 8 58.65 -53.49 3.22
N VAL A 9 57.55 -54.16 3.57
CA VAL A 9 57.65 -55.54 3.98
C VAL A 9 56.77 -56.35 3.03
N SER A 10 57.00 -57.66 3.01
CA SER A 10 56.27 -58.55 2.11
C SER A 10 54.78 -58.65 2.41
N LEU A 11 54.38 -58.26 3.63
CA LEU A 11 52.99 -58.26 4.03
C LEU A 11 52.25 -57.01 3.55
N ASP A 12 52.94 -56.00 3.01
CA ASP A 12 52.22 -54.84 2.47
C ASP A 12 51.39 -55.27 1.27
N PRO A 13 50.13 -54.83 1.20
CA PRO A 13 49.27 -55.21 0.07
C PRO A 13 49.71 -54.54 -1.24
N THR A 14 49.44 -55.22 -2.35
CA THR A 14 49.87 -54.74 -3.64
C THR A 14 48.73 -54.40 -4.60
N SER A 15 47.49 -54.36 -4.07
CA SER A 15 46.34 -53.93 -4.85
C SER A 15 45.20 -53.60 -3.92
N ILE A 16 44.23 -52.84 -4.44
CA ILE A 16 43.05 -52.53 -3.67
C ILE A 16 42.06 -53.63 -3.97
N PRO A 17 41.50 -54.30 -2.94
CA PRO A 17 40.44 -55.27 -3.27
C PRO A 17 39.20 -54.53 -3.74
N ILE A 18 38.53 -55.03 -4.76
CA ILE A 18 37.35 -54.32 -5.30
C ILE A 18 36.33 -55.37 -5.61
N GLU A 19 35.09 -55.17 -5.17
CA GLU A 19 34.01 -56.07 -5.50
C GLU A 19 33.24 -55.42 -6.66
N TYR A 20 33.17 -56.10 -7.79
CA TYR A 20 32.36 -55.58 -8.91
C TYR A 20 30.97 -56.21 -8.93
N ASN A 21 30.91 -57.52 -8.74
CA ASN A 21 29.66 -58.25 -8.73
C ASN A 21 29.07 -58.33 -7.32
N THR A 22 28.30 -57.32 -6.92
CA THR A 22 27.83 -57.24 -5.58
C THR A 22 26.49 -57.97 -5.46
N PRO A 23 26.07 -58.28 -4.22
CA PRO A 23 24.75 -58.91 -4.04
C PRO A 23 23.58 -58.07 -4.56
N ILE A 24 23.71 -56.74 -4.59
CA ILE A 24 22.68 -55.87 -5.15
C ILE A 24 22.49 -56.20 -6.63
N HIS A 25 23.58 -56.54 -7.32
CA HIS A 25 23.46 -56.89 -8.76
C HIS A 25 22.63 -58.16 -9.03
N ASP A 26 22.55 -59.06 -8.04
CA ASP A 26 21.75 -60.30 -8.16
C ASP A 26 20.26 -60.07 -7.90
N ILE A 27 19.87 -58.90 -7.37
CA ILE A 27 18.45 -58.65 -7.05
C ILE A 27 17.61 -58.45 -8.30
N LYS A 28 16.53 -59.22 -8.43
CA LYS A 28 15.65 -59.04 -9.57
C LYS A 28 14.59 -58.03 -9.21
N VAL A 29 14.48 -56.97 -10.01
CA VAL A 29 13.55 -55.89 -9.66
C VAL A 29 12.31 -56.00 -10.57
N GLN A 30 11.12 -56.00 -10.00
CA GLN A 30 9.88 -56.00 -10.76
C GLN A 30 9.04 -54.76 -10.34
N VAL A 31 8.61 -53.96 -11.31
CA VAL A 31 7.79 -52.78 -11.02
C VAL A 31 6.35 -53.06 -11.53
N TYR A 32 5.35 -52.81 -10.70
CA TYR A 32 3.96 -53.09 -11.07
C TYR A 32 3.17 -51.83 -10.85
N ASP A 33 2.09 -51.66 -11.59
CA ASP A 33 1.24 -50.51 -11.41
C ASP A 33 0.23 -50.77 -10.26
N ILE A 34 0.14 -49.84 -9.32
CA ILE A 34 -0.80 -49.95 -8.20
C ILE A 34 -2.27 -50.22 -8.60
N LYS A 35 -2.70 -49.80 -9.80
CA LYS A 35 -4.10 -50.01 -10.26
C LYS A 35 -4.51 -51.48 -10.37
N GLY A 36 -3.54 -52.38 -10.50
CA GLY A 36 -3.85 -53.80 -10.52
C GLY A 36 -3.99 -54.44 -9.15
N GLY A 37 -3.72 -53.68 -8.10
CA GLY A 37 -3.78 -54.22 -6.74
C GLY A 37 -2.45 -54.85 -6.37
N CYS A 38 -2.19 -54.99 -5.08
CA CYS A 38 -0.95 -55.62 -4.62
C CYS A 38 -1.19 -57.06 -4.24
N ASN A 39 -0.33 -57.92 -4.74
CA ASN A 39 -0.25 -59.28 -4.28
C ASN A 39 0.71 -59.38 -3.10
N VAL A 40 0.32 -60.10 -2.06
CA VAL A 40 1.07 -60.11 -0.80
C VAL A 40 1.44 -61.54 -0.46
N GLU A 41 2.67 -61.88 -0.74
CA GLU A 41 3.12 -63.28 -0.54
C GLU A 41 4.42 -63.27 0.24
N GLU A 42 5.41 -64.03 -0.17
CA GLU A 42 6.60 -64.24 0.62
C GLU A 42 7.38 -62.94 0.89
N GLY A 43 8.33 -63.00 1.82
CA GLY A 43 9.19 -61.89 2.09
C GLY A 43 8.53 -60.87 2.97
N LEU A 44 8.77 -59.61 2.69
CA LEU A 44 8.21 -58.54 3.49
C LEU A 44 7.62 -57.48 2.55
N THR A 45 6.41 -57.03 2.85
CA THR A 45 5.75 -56.03 2.01
C THR A 45 5.58 -54.77 2.83
N ILE A 46 6.26 -53.70 2.46
CA ILE A 46 6.21 -52.43 3.20
C ILE A 46 5.50 -51.33 2.40
N PHE A 47 4.51 -50.69 3.01
CA PHE A 47 3.83 -49.55 2.42
C PHE A 47 4.51 -48.26 2.90
N LEU A 48 4.84 -47.35 1.98
CA LEU A 48 5.34 -46.03 2.32
C LEU A 48 4.14 -45.10 2.36
N VAL A 49 3.83 -44.60 3.55
CA VAL A 49 2.61 -43.84 3.78
C VAL A 49 2.86 -42.51 4.47
N ASN A 50 2.08 -41.52 4.10
CA ASN A 50 2.20 -40.22 4.73
C ASN A 50 0.80 -39.70 5.12
N ASN A 51 0.69 -38.47 5.61
CA ASN A 51 -0.62 -37.93 5.95
C ASN A 51 -0.49 -36.41 5.90
N PRO A 52 -0.66 -35.85 4.68
CA PRO A 52 -0.45 -34.41 4.43
C PRO A 52 -1.30 -33.55 5.36
N GLY A 53 -0.66 -32.55 5.97
CA GLY A 53 -1.36 -31.61 6.85
C GLY A 53 -1.12 -31.90 8.31
N LYS A 54 -1.59 -33.09 8.66
CA LYS A 54 -1.69 -33.71 9.95
C LYS A 54 -0.36 -34.33 10.38
N GLU A 55 0.44 -33.52 11.09
CA GLU A 55 1.69 -33.95 11.70
C GLU A 55 1.41 -35.16 12.60
N ASN A 56 2.13 -36.26 12.37
CA ASN A 56 1.91 -37.51 13.10
C ASN A 56 0.48 -38.01 12.99
N GLY A 57 -0.16 -37.76 11.85
CA GLY A 57 -1.51 -38.25 11.58
C GLY A 57 -1.55 -39.78 11.43
N PRO A 58 -2.77 -40.35 11.38
CA PRO A 58 -2.93 -41.80 11.33
C PRO A 58 -2.52 -42.43 10.01
N VAL A 59 -2.09 -43.67 10.07
CA VAL A 59 -1.87 -44.47 8.89
C VAL A 59 -3.18 -44.89 8.29
N LYS A 60 -3.35 -44.66 7.00
CA LYS A 60 -4.48 -45.23 6.23
C LYS A 60 -3.88 -45.83 4.95
N ILE A 61 -4.13 -47.12 4.69
CA ILE A 61 -3.57 -47.76 3.49
C ILE A 61 -4.60 -47.62 2.36
N SER A 62 -4.22 -46.99 1.25
CA SER A 62 -5.21 -46.71 0.21
C SER A 62 -5.19 -47.69 -0.97
N SER A 63 -4.07 -48.39 -1.19
CA SER A 63 -3.97 -49.35 -2.35
C SER A 63 -4.90 -50.53 -2.19
N LYS A 64 -5.42 -51.02 -3.30
CA LYS A 64 -6.10 -52.29 -3.30
C LYS A 64 -5.09 -53.41 -3.04
N VAL A 65 -5.43 -54.30 -2.12
CA VAL A 65 -4.59 -55.47 -1.84
C VAL A 65 -5.40 -56.69 -2.31
N ASN A 66 -4.81 -57.51 -3.17
CA ASN A 66 -5.55 -58.64 -3.71
C ASN A 66 -5.60 -59.82 -2.76
N ASP A 67 -6.13 -59.61 -1.56
CA ASP A 67 -6.19 -60.68 -0.56
C ASP A 67 -7.16 -60.21 0.50
N LYS A 68 -8.20 -60.99 0.74
CA LYS A 68 -9.22 -60.58 1.70
C LYS A 68 -8.67 -60.49 3.13
N GLN A 69 -7.85 -61.45 3.55
CA GLN A 69 -7.31 -61.46 4.91
C GLN A 69 -6.43 -60.25 5.15
N VAL A 70 -5.54 -60.00 4.21
CA VAL A 70 -4.60 -58.89 4.32
C VAL A 70 -5.37 -57.57 4.27
N SER A 71 -6.38 -57.49 3.39
CA SER A 71 -7.25 -56.29 3.31
C SER A 71 -7.94 -56.03 4.64
N GLU A 72 -8.51 -57.06 5.25
CA GLU A 72 -9.12 -56.94 6.58
C GLU A 72 -8.09 -56.41 7.57
N PHE A 73 -6.91 -57.03 7.59
CA PHE A 73 -5.87 -56.56 8.52
C PHE A 73 -5.55 -55.08 8.36
N LEU A 74 -5.44 -54.63 7.11
CA LEU A 74 -5.04 -53.28 6.80
C LEU A 74 -6.17 -52.27 6.75
N LYS A 75 -7.34 -52.63 7.26
CA LYS A 75 -8.47 -51.70 7.22
C LYS A 75 -8.22 -50.48 8.13
N ASP A 76 -8.91 -49.38 7.86
CA ASP A 76 -8.68 -48.10 8.54
C ASP A 76 -8.76 -48.20 10.05
N GLU A 77 -9.76 -48.95 10.52
CA GLU A 77 -9.98 -49.12 11.94
C GLU A 77 -8.71 -49.65 12.60
N ASN A 78 -8.08 -50.66 12.01
CA ASN A 78 -6.85 -51.22 12.58
C ASN A 78 -5.64 -50.34 12.39
N MET A 79 -5.58 -49.61 11.28
CA MET A 79 -4.36 -48.88 10.96
C MET A 79 -4.25 -47.51 11.70
N GLU A 80 -5.40 -46.96 12.09
CA GLU A 80 -5.49 -45.62 12.67
C GLU A 80 -4.80 -45.53 14.05
N LYS A 81 -4.56 -46.66 14.69
CA LYS A 81 -3.79 -46.67 15.95
C LYS A 81 -2.28 -46.40 15.72
N PHE A 82 -1.86 -46.40 14.46
CA PHE A 82 -0.46 -46.11 14.14
C PHE A 82 -0.40 -44.76 13.46
N ASN A 83 0.74 -44.11 13.57
CA ASN A 83 0.91 -42.79 12.92
C ASN A 83 2.05 -42.75 11.92
N VAL A 84 2.09 -41.68 11.13
CA VAL A 84 3.01 -41.57 9.98
C VAL A 84 4.30 -40.84 10.31
N LYS A 85 4.62 -40.68 11.58
CA LYS A 85 5.81 -39.91 11.93
C LYS A 85 7.02 -40.35 11.09
N LEU A 86 7.70 -39.41 10.43
CA LEU A 86 8.81 -39.71 9.52
C LEU A 86 9.87 -40.67 10.09
N GLY A 87 10.05 -41.82 9.43
CA GLY A 87 11.06 -42.80 9.84
C GLY A 87 10.49 -43.86 10.76
N THR A 88 9.27 -43.67 11.23
CA THR A 88 8.63 -44.62 12.11
C THR A 88 8.24 -45.86 11.27
N SER A 89 8.22 -47.04 11.89
CA SER A 89 7.87 -48.25 11.18
C SER A 89 7.25 -49.32 12.08
N LYS A 90 6.45 -50.21 11.47
CA LYS A 90 5.85 -51.31 12.19
C LYS A 90 5.81 -52.54 11.32
N HIS A 91 5.89 -53.71 11.95
CA HIS A 91 5.82 -55.01 11.30
C HIS A 91 4.50 -55.64 11.68
N PHE A 92 3.90 -56.34 10.70
CA PHE A 92 2.66 -57.05 10.87
C PHE A 92 2.85 -58.51 10.41
N TYR A 93 2.19 -59.43 11.10
CA TYR A 93 2.19 -60.87 10.75
C TYR A 93 0.76 -61.39 10.66
N MET A 94 0.44 -62.11 9.58
CA MET A 94 -0.89 -62.64 9.34
C MET A 94 -0.87 -63.76 8.32
N PHE A 95 -2.01 -64.44 8.15
CA PHE A 95 -2.16 -65.49 7.14
C PHE A 95 -2.96 -64.95 6.00
N ASN A 96 -2.49 -65.17 4.77
CA ASN A 96 -3.24 -64.67 3.61
C ASN A 96 -4.36 -65.65 3.25
N ASP A 97 -5.09 -65.36 2.17
CA ASP A 97 -6.15 -66.24 1.64
C ASP A 97 -5.73 -67.66 1.25
N ASN A 98 -4.43 -67.91 1.06
CA ASN A 98 -3.96 -69.26 0.78
C ASN A 98 -3.43 -69.95 2.04
N LYS A 99 -3.70 -69.35 3.19
CA LYS A 99 -3.28 -69.91 4.47
C LYS A 99 -1.75 -69.92 4.59
N ASN A 100 -1.09 -68.99 3.92
CA ASN A 100 0.36 -68.86 4.07
C ASN A 100 0.72 -67.58 4.82
N SER A 101 1.52 -67.71 5.89
CA SER A 101 1.85 -66.52 6.69
C SER A 101 2.61 -65.51 5.84
N VAL A 102 2.26 -64.23 5.97
CA VAL A 102 2.96 -63.15 5.29
C VAL A 102 3.35 -62.02 6.29
N ALA A 103 4.47 -61.37 6.00
CA ALA A 103 4.88 -60.23 6.79
C ALA A 103 4.61 -58.98 5.97
N VAL A 104 4.04 -57.97 6.65
CA VAL A 104 3.65 -56.72 6.03
C VAL A 104 4.08 -55.65 7.02
N GLY A 105 4.11 -54.40 6.61
CA GLY A 105 4.51 -53.32 7.50
C GLY A 105 4.41 -52.01 6.76
N TYR A 106 4.81 -50.93 7.41
CA TYR A 106 4.85 -49.60 6.75
C TYR A 106 6.01 -48.81 7.31
N VAL A 107 6.44 -47.81 6.53
CA VAL A 107 7.36 -46.79 7.01
C VAL A 107 6.62 -45.47 6.87
N GLY A 108 6.62 -44.68 7.95
CA GLY A 108 6.07 -43.33 7.93
C GLY A 108 6.92 -42.36 7.12
N CYS A 109 6.23 -41.59 6.29
CA CYS A 109 6.86 -40.56 5.45
C CYS A 109 6.36 -39.14 5.85
N GLY A 110 5.77 -39.02 7.04
CA GLY A 110 5.52 -37.72 7.64
C GLY A 110 4.29 -37.07 7.06
N SER A 111 4.26 -35.75 7.05
CA SER A 111 3.05 -35.03 6.65
C SER A 111 3.32 -33.94 5.60
N VAL A 112 4.52 -33.97 5.04
CA VAL A 112 4.89 -32.99 4.04
C VAL A 112 4.92 -33.74 2.70
N ALA A 113 4.17 -33.23 1.71
CA ALA A 113 3.86 -34.03 0.51
C ALA A 113 5.02 -34.24 -0.47
N ASP A 114 6.02 -33.35 -0.46
CA ASP A 114 7.24 -33.63 -1.21
C ASP A 114 8.40 -33.84 -0.27
N LEU A 115 8.92 -35.06 -0.26
CA LEU A 115 10.06 -35.39 0.57
C LEU A 115 11.38 -34.79 0.06
N SER A 116 12.16 -34.16 0.94
CA SER A 116 13.51 -33.78 0.54
C SER A 116 14.41 -35.03 0.38
N GLU A 117 15.53 -34.83 -0.28
CA GLU A 117 16.52 -35.84 -0.39
C GLU A 117 16.87 -36.37 1.03
N ALA A 118 16.95 -35.46 2.01
CA ALA A 118 17.27 -35.83 3.40
C ALA A 118 16.13 -36.66 4.04
N ASP A 119 14.89 -36.26 3.81
CA ASP A 119 13.74 -37.03 4.31
C ASP A 119 13.70 -38.43 3.72
N MET A 120 13.89 -38.54 2.40
CA MET A 120 13.88 -39.83 1.70
C MET A 120 14.97 -40.74 2.24
N LYS A 121 16.16 -40.19 2.50
CA LYS A 121 17.23 -40.94 3.11
C LYS A 121 16.80 -41.54 4.48
N ARG A 122 16.05 -40.77 5.24
CA ARG A 122 15.53 -41.22 6.52
C ARG A 122 14.54 -42.38 6.35
N VAL A 123 13.61 -42.24 5.39
CA VAL A 123 12.70 -43.36 5.02
C VAL A 123 13.46 -44.63 4.64
N VAL A 124 14.49 -44.46 3.79
CA VAL A 124 15.32 -45.58 3.35
C VAL A 124 16.11 -46.21 4.50
N LEU A 125 16.67 -45.39 5.37
CA LEU A 125 17.35 -45.95 6.52
C LEU A 125 16.42 -46.80 7.40
N SER A 126 15.19 -46.32 7.61
CA SER A 126 14.18 -47.13 8.31
C SER A 126 13.93 -48.46 7.61
N LEU A 127 13.68 -48.40 6.31
CA LEU A 127 13.53 -49.63 5.47
C LEU A 127 14.73 -50.61 5.60
N VAL A 128 15.95 -50.08 5.60
CA VAL A 128 17.12 -50.92 5.70
C VAL A 128 17.15 -51.63 7.05
N THR A 129 16.73 -50.94 8.11
CA THR A 129 16.75 -51.59 9.45
C THR A 129 15.79 -52.77 9.47
N MET A 130 14.70 -52.69 8.70
CA MET A 130 13.81 -53.87 8.52
C MET A 130 14.41 -55.02 7.70
N LEU A 131 15.34 -54.69 6.80
CA LEU A 131 16.02 -55.70 6.02
C LEU A 131 17.09 -56.40 6.85
N HIS A 132 17.71 -55.66 7.78
CA HIS A 132 18.79 -56.20 8.56
C HIS A 132 18.26 -57.09 9.67
N ASP A 133 18.99 -58.17 9.94
CA ASP A 133 18.67 -59.09 11.03
C ASP A 133 17.30 -59.77 10.78
N ASN A 134 16.96 -59.98 9.52
CA ASN A 134 15.77 -60.70 9.09
C ASN A 134 16.05 -61.36 7.76
N LYS A 135 16.13 -62.67 7.79
CA LYS A 135 16.44 -63.48 6.62
C LYS A 135 15.25 -63.45 5.68
N LEU A 136 15.32 -62.62 4.67
CA LEU A 136 14.22 -62.41 3.72
C LEU A 136 14.66 -62.77 2.28
N SER A 137 13.79 -63.42 1.51
CA SER A 137 14.12 -63.66 0.12
C SER A 137 13.64 -62.52 -0.77
N LYS A 138 12.66 -61.77 -0.28
CA LYS A 138 12.02 -60.73 -1.08
C LYS A 138 11.61 -59.51 -0.25
N LEU A 139 11.70 -58.33 -0.85
CA LEU A 139 11.10 -57.16 -0.25
C LEU A 139 10.16 -56.57 -1.29
N THR A 140 8.97 -56.18 -0.90
CA THR A 140 8.09 -55.47 -1.83
C THR A 140 7.82 -54.08 -1.21
N VAL A 141 7.87 -53.02 -2.00
CA VAL A 141 7.62 -51.66 -1.49
C VAL A 141 6.45 -51.11 -2.25
N VAL A 142 5.46 -50.60 -1.52
CA VAL A 142 4.27 -50.00 -2.12
C VAL A 142 4.31 -48.48 -1.85
N PHE A 143 4.42 -47.68 -2.92
CA PHE A 143 4.44 -46.22 -2.84
C PHE A 143 3.05 -45.63 -2.70
N GLU A 144 2.71 -45.17 -1.50
CA GLU A 144 1.49 -44.37 -1.37
C GLU A 144 1.86 -42.89 -1.08
N ILE A 145 3.02 -42.50 -1.58
CA ILE A 145 3.48 -41.15 -1.57
C ILE A 145 3.83 -40.78 -3.02
N ASN A 146 3.75 -39.48 -3.32
CA ASN A 146 4.15 -38.96 -4.61
C ASN A 146 5.63 -38.69 -4.78
N VAL A 147 6.24 -39.29 -5.79
CA VAL A 147 7.66 -39.06 -6.09
C VAL A 147 7.80 -38.82 -7.59
N ASP A 148 8.66 -37.90 -7.98
CA ASP A 148 8.92 -37.76 -9.38
C ASP A 148 9.94 -38.85 -9.80
N LYS A 149 10.23 -38.91 -11.09
CA LYS A 149 11.10 -39.96 -11.60
C LYS A 149 12.49 -39.92 -10.97
N ASN A 150 13.01 -38.72 -10.80
CA ASN A 150 14.34 -38.52 -10.20
C ASN A 150 14.36 -38.97 -8.74
N LEU A 151 13.29 -38.65 -8.01
CA LEU A 151 13.16 -39.07 -6.61
C LEU A 151 12.95 -40.60 -6.44
N PHE A 152 12.17 -41.19 -7.34
CA PHE A 152 12.10 -42.62 -7.42
C PHE A 152 13.47 -43.25 -7.65
N ARG A 153 14.21 -42.75 -8.63
CA ARG A 153 15.50 -43.32 -8.85
C ARG A 153 16.38 -43.18 -7.61
N PHE A 154 16.29 -42.03 -6.94
CA PHE A 154 17.14 -41.71 -5.77
C PHE A 154 16.81 -42.71 -4.64
N PHE A 155 15.51 -43.03 -4.50
CA PHE A 155 15.06 -44.01 -3.53
C PHE A 155 15.79 -45.37 -3.73
N LEU A 156 15.82 -45.84 -4.99
CA LEU A 156 16.44 -47.12 -5.33
C LEU A 156 17.96 -47.11 -5.12
N GLU A 157 18.61 -46.06 -5.60
CA GLU A 157 20.09 -45.85 -5.43
C GLU A 157 20.50 -45.90 -3.98
N THR A 158 19.67 -45.22 -3.18
CA THR A 158 19.96 -45.04 -1.77
C THR A 158 19.74 -46.35 -1.06
N LEU A 159 18.63 -47.00 -1.38
CA LEU A 159 18.31 -48.31 -0.85
C LEU A 159 19.46 -49.28 -1.13
N PHE A 160 19.85 -49.40 -2.41
CA PHE A 160 20.95 -50.29 -2.81
C PHE A 160 22.24 -49.95 -2.04
N TYR A 161 22.56 -48.65 -2.01
CA TYR A 161 23.80 -48.19 -1.36
C TYR A 161 23.85 -48.50 0.15
N GLU A 162 22.76 -48.23 0.87
CA GLU A 162 22.74 -48.37 2.31
C GLU A 162 22.66 -49.83 2.69
N TYR A 163 21.99 -50.63 1.86
CA TYR A 163 21.86 -52.06 2.10
C TYR A 163 23.18 -52.84 1.94
N MET A 164 24.01 -52.42 1.00
CA MET A 164 25.26 -53.08 0.67
C MET A 164 26.27 -52.86 1.86
N THR A 165 26.87 -53.92 2.36
CA THR A 165 27.83 -53.86 3.47
C THR A 165 29.21 -54.24 2.92
N ASP A 166 30.18 -53.40 3.18
CA ASP A 166 31.52 -53.56 2.64
C ASP A 166 32.33 -54.41 3.61
N GLU A 167 32.56 -55.70 3.25
CA GLU A 167 33.31 -56.60 4.14
C GLU A 167 34.72 -56.98 3.63
N ARG A 168 35.26 -56.14 2.76
CA ARG A 168 36.54 -56.49 2.15
C ARG A 168 37.67 -56.65 3.15
N PHE A 169 37.63 -55.90 4.24
CA PHE A 169 38.73 -55.89 5.21
C PHE A 169 38.39 -56.72 6.45
N LYS A 170 37.20 -57.35 6.44
CA LYS A 170 36.82 -58.31 7.49
C LYS A 170 37.56 -59.62 7.25
N SER A 171 38.00 -60.27 8.31
CA SER A 171 38.66 -61.53 8.20
C SER A 171 37.96 -62.47 9.18
N THR A 172 38.28 -62.31 10.46
CA THR A 172 37.67 -63.08 11.56
C THR A 172 36.25 -62.59 12.00
N ASP A 173 35.81 -61.43 11.51
CA ASP A 173 34.59 -60.72 12.01
C ASP A 173 33.53 -60.47 10.90
N LYS A 174 33.46 -61.37 9.91
CA LYS A 174 32.37 -61.27 8.92
C LYS A 174 31.03 -61.50 9.61
N ASN A 175 29.98 -60.86 9.10
CA ASN A 175 28.67 -60.97 9.72
C ASN A 175 28.08 -62.28 9.25
N VAL A 176 28.12 -63.29 10.13
CA VAL A 176 27.47 -64.58 9.90
C VAL A 176 25.97 -64.39 9.62
N MET A 178 23.82 -62.29 7.65
CA MET A 178 23.83 -61.40 6.48
C MET A 178 23.53 -62.15 5.18
N GLU A 179 22.26 -62.16 4.79
CA GLU A 179 21.85 -62.72 3.52
C GLU A 179 21.08 -61.60 2.87
N TYR A 180 21.16 -61.49 1.56
CA TYR A 180 20.48 -60.40 0.86
C TYR A 180 19.21 -60.95 0.22
N ILE A 181 18.20 -60.10 0.04
CA ILE A 181 17.01 -60.46 -0.74
C ILE A 181 17.44 -60.80 -2.15
N LYS A 182 16.69 -61.68 -2.82
CA LYS A 182 16.93 -61.99 -4.21
C LYS A 182 16.00 -61.20 -5.13
N HIS A 183 14.91 -60.65 -4.56
CA HIS A 183 13.86 -60.02 -5.34
C HIS A 183 13.38 -58.76 -4.70
N LEU A 184 13.15 -57.74 -5.53
CA LEU A 184 12.55 -56.49 -5.08
C LEU A 184 11.34 -56.15 -5.95
N GLY A 185 10.16 -56.06 -5.35
CA GLY A 185 8.95 -55.71 -6.10
C GLY A 185 8.66 -54.26 -5.70
N VAL A 186 8.20 -53.47 -6.67
CA VAL A 186 7.79 -52.09 -6.41
C VAL A 186 6.38 -51.85 -6.98
N TYR A 187 5.48 -51.28 -6.18
CA TYR A 187 4.16 -50.93 -6.68
C TYR A 187 4.07 -49.43 -6.67
N ILE A 188 3.70 -48.86 -7.80
CA ILE A 188 3.64 -47.40 -7.90
C ILE A 188 2.60 -47.02 -8.95
N ASN A 189 1.98 -45.86 -8.82
CA ASN A 189 1.06 -45.41 -9.87
C ASN A 189 1.85 -45.06 -11.11
N ASN A 190 1.19 -45.16 -12.29
CA ASN A 190 1.88 -44.92 -13.57
C ASN A 190 3.26 -45.61 -13.65
N ALA A 191 3.29 -46.90 -13.34
CA ALA A 191 4.55 -47.66 -13.24
C ALA A 191 5.38 -47.64 -14.50
N ASP A 192 4.72 -47.66 -15.67
CA ASP A 192 5.42 -47.74 -16.94
C ASP A 192 6.38 -46.59 -17.13
N THR A 193 6.00 -45.44 -16.60
CA THR A 193 6.82 -44.27 -16.67
C THR A 193 8.06 -44.32 -15.75
N TYR A 194 8.06 -45.16 -14.71
CA TYR A 194 9.20 -45.26 -13.78
C TYR A 194 10.16 -46.39 -14.08
N LYS A 195 9.74 -47.36 -14.90
CA LYS A 195 10.54 -48.55 -15.16
C LYS A 195 11.94 -48.26 -15.66
N GLU A 196 12.09 -47.25 -16.52
CA GLU A 196 13.41 -46.88 -17.03
C GLU A 196 14.37 -46.41 -15.94
N GLU A 197 13.84 -46.06 -14.78
CA GLU A 197 14.73 -45.59 -13.70
C GLU A 197 15.45 -46.72 -13.03
N VAL A 198 14.97 -47.94 -13.23
CA VAL A 198 15.47 -49.07 -12.42
C VAL A 198 16.91 -49.38 -12.80
N GLU A 199 17.18 -49.55 -14.10
CA GLU A 199 18.57 -49.90 -14.41
C GLU A 199 19.49 -48.72 -14.26
N LYS A 200 18.95 -47.52 -14.51
CA LYS A 200 19.74 -46.32 -14.25
C LYS A 200 20.13 -46.24 -12.78
N ALA A 201 19.17 -46.52 -11.86
CA ALA A 201 19.49 -46.54 -10.43
C ALA A 201 20.56 -47.56 -10.09
N ARG A 202 20.48 -48.72 -10.75
CA ARG A 202 21.43 -49.77 -10.46
C ARG A 202 22.88 -49.40 -10.91
N VAL A 203 22.99 -48.70 -12.04
CA VAL A 203 24.29 -48.18 -12.50
C VAL A 203 24.83 -47.07 -11.54
N TYR A 204 23.96 -46.13 -11.19
CA TYR A 204 24.36 -45.03 -10.29
C TYR A 204 24.75 -45.56 -8.89
N TYR A 205 24.00 -46.53 -8.37
CA TYR A 205 24.41 -47.24 -7.13
C TYR A 205 25.82 -47.77 -7.29
N PHE A 206 26.11 -48.47 -8.38
CA PHE A 206 27.45 -49.05 -8.42
C PHE A 206 28.56 -48.05 -8.57
N GLY A 207 28.35 -47.00 -9.36
CA GLY A 207 29.38 -45.96 -9.48
C GLY A 207 29.65 -45.35 -8.12
N THR A 208 28.58 -45.15 -7.35
CA THR A 208 28.70 -44.56 -6.02
C THR A 208 29.42 -45.53 -5.07
N TYR A 209 29.02 -46.80 -5.15
CA TYR A 209 29.57 -47.80 -4.27
C TYR A 209 31.04 -48.10 -4.61
N TYR A 210 31.39 -47.94 -5.88
CA TYR A 210 32.73 -48.15 -6.40
C TYR A 210 33.64 -47.06 -5.84
N ALA A 211 33.20 -45.81 -5.94
CA ALA A 211 33.89 -44.68 -5.31
C ALA A 211 34.07 -44.93 -3.81
N SER A 212 32.97 -45.32 -3.16
CA SER A 212 33.01 -45.62 -1.75
C SER A 212 34.09 -46.68 -1.44
N GLN A 213 34.17 -47.74 -2.26
CA GLN A 213 35.18 -48.80 -2.00
C GLN A 213 36.61 -48.23 -2.07
N LEU A 214 36.84 -47.35 -3.04
CA LEU A 214 38.14 -46.70 -3.20
C LEU A 214 38.42 -45.80 -2.00
N ILE A 215 37.42 -45.01 -1.60
CA ILE A 215 37.61 -44.05 -0.49
C ILE A 215 37.86 -44.80 0.83
N ALA A 216 37.03 -45.80 1.12
CA ALA A 216 37.22 -46.55 2.38
C ALA A 216 38.50 -47.38 2.40
N ALA A 217 39.07 -47.71 1.23
CA ALA A 217 40.28 -48.53 1.23
C ALA A 217 41.39 -47.71 1.92
N PRO A 218 42.07 -48.28 2.92
CA PRO A 218 43.09 -47.53 3.70
C PRO A 218 44.28 -47.21 2.83
N SER A 219 45.10 -46.28 3.30
CA SER A 219 46.17 -45.77 2.50
C SER A 219 47.28 -46.75 2.22
N ASN A 220 47.43 -47.79 3.04
CA ASN A 220 48.34 -48.88 2.71
C ASN A 220 47.81 -49.74 1.52
N TYR A 221 46.51 -49.75 1.29
CA TYR A 221 45.98 -50.54 0.18
C TYR A 221 45.88 -49.63 -1.04
N CYS A 222 45.41 -48.43 -0.80
CA CYS A 222 45.10 -47.50 -1.89
C CYS A 222 46.12 -46.35 -1.78
N ASN A 223 47.16 -46.51 -2.58
CA ASN A 223 48.26 -45.62 -2.71
C ASN A 223 48.28 -45.21 -4.21
N PRO A 224 49.22 -44.33 -4.63
CA PRO A 224 49.06 -43.82 -6.01
C PRO A 224 49.27 -44.87 -7.09
N VAL A 225 50.08 -45.85 -6.82
CA VAL A 225 50.29 -46.93 -7.78
C VAL A 225 49.08 -47.84 -7.84
N SER A 226 48.57 -48.29 -6.69
CA SER A 226 47.45 -49.22 -6.72
C SER A 226 46.14 -48.56 -7.18
N LEU A 227 46.00 -47.26 -6.93
CA LEU A 227 44.80 -46.57 -7.34
C LEU A 227 44.80 -46.33 -8.87
N SER A 228 45.95 -45.96 -9.43
CA SER A 228 46.06 -45.87 -10.90
C SER A 228 45.94 -47.25 -11.57
N ASN A 229 46.47 -48.32 -10.95
CA ASN A 229 46.20 -49.67 -11.49
C ASN A 229 44.70 -50.01 -11.50
N ALA A 230 43.97 -49.68 -10.41
CA ALA A 230 42.51 -49.89 -10.38
C ALA A 230 41.85 -49.10 -11.51
N ALA A 231 42.27 -47.88 -11.73
CA ALA A 231 41.71 -47.11 -12.85
C ALA A 231 41.98 -47.76 -14.19
N VAL A 232 43.19 -48.29 -14.39
CA VAL A 232 43.48 -49.07 -15.61
C VAL A 232 42.53 -50.24 -15.78
N GLU A 233 42.32 -50.98 -14.71
CA GLU A 233 41.45 -52.13 -14.75
C GLU A 233 40.03 -51.72 -15.08
N LEU A 234 39.58 -50.61 -14.51
CA LEU A 234 38.23 -50.17 -14.78
C LEU A 234 38.07 -49.78 -16.29
N ALA A 235 39.09 -49.09 -16.83
CA ALA A 235 39.04 -48.69 -18.26
C ALA A 235 38.99 -49.91 -19.17
N GLN A 236 39.77 -50.94 -18.83
CA GLN A 236 39.81 -52.17 -19.60
C GLN A 236 38.47 -52.86 -19.58
N LYS A 237 37.80 -52.85 -18.43
CA LYS A 237 36.46 -53.45 -18.32
C LYS A 237 35.41 -52.65 -19.10
N LEU A 238 35.55 -51.35 -19.15
CA LEU A 238 34.54 -50.52 -19.83
C LEU A 238 34.88 -50.14 -21.27
N ASN A 239 36.06 -50.57 -21.75
CA ASN A 239 36.55 -50.13 -23.06
C ASN A 239 36.76 -48.63 -23.22
N LEU A 240 37.25 -47.99 -22.16
CA LEU A 240 37.62 -46.58 -22.22
C LEU A 240 39.09 -46.52 -22.59
N GLU A 241 39.49 -45.45 -23.27
CA GLU A 241 40.90 -45.24 -23.47
C GLU A 241 41.52 -44.87 -22.15
N TYR A 242 42.83 -45.11 -21.99
CA TYR A 242 43.49 -44.71 -20.78
C TYR A 242 44.97 -44.46 -21.02
N LYS A 243 45.52 -43.53 -20.25
CA LYS A 243 46.92 -43.34 -20.18
C LYS A 243 47.24 -42.99 -18.72
N ILE A 244 48.27 -43.64 -18.19
CA ILE A 244 48.78 -43.30 -16.90
C ILE A 244 50.14 -42.65 -17.12
N LEU A 245 50.28 -41.37 -16.74
CA LEU A 245 51.58 -40.70 -16.84
C LEU A 245 52.39 -40.96 -15.56
N GLY A 246 53.64 -41.40 -15.76
CA GLY A 246 54.60 -41.66 -14.66
C GLY A 246 55.56 -40.51 -14.57
N VAL A 247 56.46 -40.57 -13.60
CA VAL A 247 57.26 -39.38 -13.24
C VAL A 247 58.12 -38.83 -14.39
N LYS A 248 58.63 -39.72 -15.25
CA LYS A 248 59.51 -39.28 -16.32
C LYS A 248 58.72 -38.37 -17.28
N GLU A 249 57.54 -38.83 -17.67
CA GLU A 249 56.64 -38.02 -18.48
C GLU A 249 56.12 -36.74 -17.78
N LEU A 250 55.85 -36.81 -16.47
CA LEU A 250 55.49 -35.63 -15.67
C LEU A 250 56.63 -34.61 -15.58
N GLU A 251 57.89 -35.08 -15.51
CA GLU A 251 59.03 -34.13 -15.50
C GLU A 251 59.10 -33.43 -16.87
N GLU A 252 58.89 -34.20 -17.92
CA GLU A 252 58.90 -33.71 -19.32
C GLU A 252 57.83 -32.64 -19.53
N LEU A 253 56.67 -32.83 -18.89
CA LEU A 253 55.60 -31.86 -18.94
C LEU A 253 55.78 -30.72 -17.93
N LYS A 254 56.88 -30.72 -17.17
CA LYS A 254 57.16 -29.63 -16.23
C LYS A 254 56.06 -29.43 -15.14
N MET A 255 55.42 -30.53 -14.70
CA MET A 255 54.40 -30.48 -13.63
C MET A 255 55.03 -30.37 -12.25
N GLY A 256 55.69 -29.24 -11.99
CA GLY A 256 56.53 -29.09 -10.79
C GLY A 256 55.71 -28.99 -9.50
N ALA A 257 54.48 -28.50 -9.61
CA ALA A 257 53.65 -28.31 -8.43
C ALA A 257 53.19 -29.67 -7.91
N TYR A 258 52.65 -30.48 -8.84
CA TYR A 258 52.23 -31.83 -8.56
C TYR A 258 53.39 -32.71 -8.13
N LEU A 259 54.49 -32.66 -8.88
CA LEU A 259 55.64 -33.46 -8.47
C LEU A 259 56.19 -33.15 -7.08
N SER A 260 56.15 -31.86 -6.67
CA SER A 260 56.68 -31.44 -5.37
C SER A 260 55.92 -32.06 -4.23
N VAL A 261 54.60 -32.14 -4.37
CA VAL A 261 53.75 -32.72 -3.34
C VAL A 261 54.11 -34.16 -3.08
N GLY A 262 54.39 -34.90 -4.15
CA GLY A 262 54.73 -36.34 -4.09
C GLY A 262 56.17 -36.68 -3.73
N LYS A 263 57.01 -35.67 -3.54
CA LYS A 263 58.46 -35.92 -3.39
C LYS A 263 58.75 -36.79 -2.16
N GLY A 264 57.98 -36.56 -1.10
CA GLY A 264 58.16 -37.28 0.14
C GLY A 264 57.64 -38.71 0.14
N SER A 265 56.95 -39.13 -0.91
CA SER A 265 56.30 -40.44 -0.84
C SER A 265 57.20 -41.57 -1.35
N MET A 266 57.05 -42.77 -0.79
CA MET A 266 57.71 -43.97 -1.36
C MET A 266 56.99 -44.46 -2.64
N TYR A 267 55.77 -43.94 -2.92
CA TYR A 267 55.04 -44.26 -4.14
C TYR A 267 55.24 -43.16 -5.19
N PRO A 268 55.74 -43.54 -6.39
CA PRO A 268 55.85 -42.60 -7.53
C PRO A 268 54.48 -42.01 -7.85
N ASN A 269 54.43 -40.70 -8.15
CA ASN A 269 53.23 -40.10 -8.72
C ASN A 269 52.75 -40.85 -9.97
N LYS A 270 51.42 -40.93 -10.09
CA LYS A 270 50.76 -41.46 -11.24
C LYS A 270 49.61 -40.56 -11.65
N PHE A 271 49.66 -40.02 -12.86
CA PHE A 271 48.57 -39.16 -13.30
C PHE A 271 47.57 -39.97 -14.16
N ILE A 272 46.32 -40.03 -13.73
CA ILE A 272 45.31 -40.86 -14.42
C ILE A 272 44.61 -40.04 -15.53
N HIS A 273 44.56 -40.58 -16.74
CA HIS A 273 43.83 -39.97 -17.83
C HIS A 273 42.96 -41.02 -18.55
N LEU A 274 41.66 -41.02 -18.23
CA LEU A 274 40.74 -41.87 -18.99
C LEU A 274 39.91 -41.06 -19.97
N THR A 275 39.58 -41.66 -21.12
CA THR A 275 38.71 -40.96 -22.11
C THR A 275 37.58 -41.86 -22.55
N TYR A 276 36.39 -41.31 -22.48
CA TYR A 276 35.22 -41.82 -23.11
C TYR A 276 34.95 -40.95 -24.35
N LYS A 277 34.83 -41.58 -25.52
CA LYS A 277 34.27 -40.80 -26.62
C LYS A 277 33.10 -41.48 -27.25
N SER A 278 32.05 -40.71 -27.52
CA SER A 278 30.84 -41.22 -28.19
C SER A 278 31.21 -41.58 -29.61
N LYS A 279 30.54 -42.59 -30.16
CA LYS A 279 30.88 -43.09 -31.51
C LYS A 279 30.41 -42.10 -32.61
N GLY A 280 29.40 -41.28 -32.29
CA GLY A 280 28.86 -40.31 -33.26
C GLY A 280 29.68 -39.05 -33.43
N ASP A 281 29.02 -37.97 -33.83
CA ASP A 281 29.69 -36.67 -33.92
C ASP A 281 29.81 -36.01 -32.53
N VAL A 282 31.02 -35.75 -32.08
CA VAL A 282 31.21 -35.13 -30.77
C VAL A 282 30.75 -33.63 -30.77
N LYS A 283 29.81 -33.30 -29.88
CA LYS A 283 29.28 -31.94 -29.79
C LYS A 283 29.74 -31.21 -28.52
N LYS A 284 30.34 -31.92 -27.58
CA LYS A 284 30.76 -31.34 -26.32
C LYS A 284 31.93 -32.14 -25.81
N LYS A 285 32.94 -31.42 -25.32
CA LYS A 285 34.11 -32.05 -24.72
C LYS A 285 34.25 -31.56 -23.29
N ILE A 286 34.39 -32.50 -22.38
CA ILE A 286 34.34 -32.19 -20.99
C ILE A 286 35.53 -32.84 -20.28
N ALA A 287 36.25 -32.07 -19.45
CA ALA A 287 37.22 -32.69 -18.55
C ALA A 287 36.75 -32.66 -17.09
N LEU A 288 36.77 -33.82 -16.43
CA LEU A 288 36.44 -33.97 -14.99
C LEU A 288 37.72 -34.30 -14.27
N VAL A 289 38.08 -33.42 -13.32
CA VAL A 289 39.32 -33.48 -12.58
C VAL A 289 39.03 -33.77 -11.07
N GLY A 290 39.68 -34.77 -10.50
CA GLY A 290 39.39 -35.13 -9.11
C GLY A 290 40.70 -35.05 -8.38
N LYS A 291 40.66 -34.55 -7.16
CA LYS A 291 41.81 -34.44 -6.28
C LYS A 291 42.13 -35.85 -5.80
N GLY A 292 43.38 -36.23 -5.91
CA GLY A 292 43.80 -37.61 -5.78
C GLY A 292 44.86 -37.84 -4.72
N ILE A 293 44.66 -37.32 -3.50
CA ILE A 293 45.70 -37.49 -2.48
C ILE A 293 45.37 -38.77 -1.64
N THR A 294 46.21 -39.80 -1.75
CA THR A 294 45.85 -41.10 -1.20
C THR A 294 46.04 -41.14 0.31
N PHE A 295 46.94 -40.29 0.80
CA PHE A 295 46.99 -39.95 2.21
C PHE A 295 47.56 -38.55 2.37
N ASP A 296 46.84 -37.75 3.13
CA ASP A 296 47.32 -36.42 3.44
C ASP A 296 47.79 -36.29 4.90
N SER A 297 49.09 -36.46 5.15
CA SER A 297 49.60 -36.24 6.53
C SER A 297 49.70 -34.74 6.86
N GLY A 298 49.59 -33.88 5.83
CA GLY A 298 49.94 -32.45 5.98
C GLY A 298 51.38 -32.15 5.50
N GLY A 299 52.26 -33.16 5.53
CA GLY A 299 53.68 -32.91 5.19
C GLY A 299 54.32 -32.24 6.40
N TYR A 300 55.42 -31.52 6.19
CA TYR A 300 56.06 -30.83 7.29
C TYR A 300 55.11 -29.90 8.14
N ASN A 301 54.07 -29.35 7.50
CA ASN A 301 52.92 -28.78 8.21
C ASN A 301 52.00 -29.93 8.64
N LEU A 302 52.55 -30.86 9.40
CA LEU A 302 51.84 -32.03 9.91
C LEU A 302 50.46 -31.72 10.52
N LYS A 303 49.45 -32.53 10.19
CA LYS A 303 48.18 -32.46 10.90
C LYS A 303 48.30 -33.00 12.35
N ALA A 304 48.72 -32.13 13.26
CA ALA A 304 48.90 -32.45 14.68
C ALA A 304 47.94 -31.58 15.50
N ALA A 305 47.26 -30.65 14.87
CA ALA A 305 46.43 -29.75 15.66
C ALA A 305 45.15 -30.46 16.08
N PRO A 306 44.66 -30.21 17.31
CA PRO A 306 43.41 -30.88 17.73
C PRO A 306 42.33 -30.67 16.66
N GLY A 307 41.64 -31.73 16.21
CA GLY A 307 40.60 -31.56 15.19
C GLY A 307 41.09 -31.68 13.74
N SER A 308 42.40 -31.87 13.54
CA SER A 308 42.92 -32.01 12.18
C SER A 308 42.58 -33.37 11.50
N MET A 309 42.11 -34.33 12.30
CA MET A 309 41.51 -35.57 11.77
C MET A 309 42.47 -36.32 10.85
N ILE A 310 43.75 -36.38 11.21
CA ILE A 310 44.75 -37.08 10.38
C ILE A 310 44.30 -38.53 10.10
N ASP A 311 43.55 -39.11 11.04
CA ASP A 311 43.13 -40.50 10.96
C ASP A 311 42.10 -40.77 9.86
N LEU A 312 41.47 -39.71 9.35
CA LEU A 312 40.48 -39.82 8.26
C LEU A 312 41.12 -39.57 6.87
N MET A 313 42.43 -39.26 6.82
CA MET A 313 43.00 -38.70 5.58
C MET A 313 43.24 -39.67 4.38
N LYS A 314 42.98 -40.97 4.56
CA LYS A 314 42.76 -41.88 3.41
C LYS A 314 41.63 -41.32 2.52
N PHE A 315 40.79 -40.40 3.03
CA PHE A 315 39.65 -39.96 2.25
C PHE A 315 39.99 -38.82 1.28
N ASP A 316 41.26 -38.42 1.25
CA ASP A 316 41.66 -37.26 0.46
C ASP A 316 41.76 -37.51 -1.07
N MET A 317 41.44 -38.74 -1.51
CA MET A 317 41.31 -39.09 -2.91
C MET A 317 39.82 -39.24 -3.31
N SER A 318 38.91 -38.68 -2.49
CA SER A 318 37.45 -38.76 -2.71
C SER A 318 37.04 -38.09 -4.01
N GLY A 319 37.75 -37.04 -4.40
CA GLY A 319 37.48 -36.38 -5.72
C GLY A 319 37.80 -37.30 -6.89
N CYS A 320 39.00 -37.86 -6.86
CA CYS A 320 39.40 -38.89 -7.81
C CYS A 320 38.40 -40.06 -7.85
N ALA A 321 37.96 -40.56 -6.68
CA ALA A 321 36.97 -41.64 -6.64
C ALA A 321 35.66 -41.26 -7.30
N ALA A 322 35.16 -40.06 -7.01
CA ALA A 322 33.92 -39.61 -7.64
C ALA A 322 34.06 -39.56 -9.18
N VAL A 323 35.18 -39.03 -9.68
CA VAL A 323 35.51 -39.00 -11.12
C VAL A 323 35.57 -40.44 -11.77
N LEU A 324 36.24 -41.39 -11.10
CA LEU A 324 36.23 -42.79 -11.54
C LEU A 324 34.85 -43.46 -11.42
N GLY A 325 34.08 -43.12 -10.38
CA GLY A 325 32.69 -43.63 -10.27
C GLY A 325 31.88 -43.08 -11.44
N CYS A 326 32.11 -41.81 -11.75
CA CYS A 326 31.47 -41.19 -12.94
C CYS A 326 31.90 -41.94 -14.24
N ALA A 327 33.20 -42.29 -14.34
CA ALA A 327 33.68 -43.01 -15.52
C ALA A 327 32.92 -44.34 -15.66
N TYR A 328 32.65 -44.97 -14.52
CA TYR A 328 31.92 -46.22 -14.52
C TYR A 328 30.53 -46.00 -15.12
N CYS A 329 29.85 -44.96 -14.65
CA CYS A 329 28.45 -44.74 -15.09
C CYS A 329 28.39 -44.36 -16.55
N VAL A 330 29.34 -43.51 -16.96
CA VAL A 330 29.35 -42.99 -18.32
C VAL A 330 29.71 -44.10 -19.26
N GLY A 331 30.68 -44.91 -18.87
CA GLY A 331 31.15 -45.99 -19.72
C GLY A 331 30.10 -47.06 -19.87
N THR A 332 29.18 -47.13 -18.90
CA THR A 332 28.13 -48.12 -18.90
C THR A 332 26.93 -47.60 -19.67
N LEU A 333 26.49 -46.38 -19.40
CA LEU A 333 25.30 -45.86 -20.03
C LEU A 333 25.52 -45.36 -21.44
N LYS A 334 26.78 -45.05 -21.75
CA LYS A 334 27.22 -44.65 -23.09
C LYS A 334 26.47 -43.50 -23.72
N PRO A 335 26.57 -42.30 -23.13
CA PRO A 335 25.92 -41.15 -23.78
C PRO A 335 26.49 -40.85 -25.18
N GLU A 336 25.64 -40.28 -26.04
CA GLU A 336 26.01 -39.85 -27.36
C GLU A 336 26.48 -38.40 -27.45
N ASN A 337 27.18 -38.09 -28.54
CA ASN A 337 27.62 -36.75 -28.84
C ASN A 337 28.58 -36.04 -27.88
N VAL A 338 29.31 -36.80 -27.09
CA VAL A 338 30.16 -36.26 -26.05
C VAL A 338 31.49 -36.99 -25.91
N GLU A 339 32.53 -36.28 -25.50
CA GLU A 339 33.80 -36.88 -25.21
C GLU A 339 34.17 -36.38 -23.83
N ILE A 340 34.55 -37.28 -22.92
CA ILE A 340 34.77 -36.93 -21.54
C ILE A 340 36.15 -37.43 -21.14
N HIS A 341 36.91 -36.55 -20.49
CA HIS A 341 38.23 -36.89 -19.97
C HIS A 341 38.13 -36.98 -18.48
N PHE A 342 38.63 -38.08 -17.90
CA PHE A 342 38.56 -38.30 -16.46
C PHE A 342 40.01 -38.28 -15.97
N LEU A 343 40.34 -37.27 -15.18
CA LEU A 343 41.73 -36.98 -14.85
C LEU A 343 41.91 -36.94 -13.33
N SER A 344 43.07 -37.41 -12.86
CA SER A 344 43.47 -37.19 -11.48
C SER A 344 44.98 -37.24 -11.31
N ALA A 345 45.51 -36.22 -10.66
CA ALA A 345 46.96 -36.17 -10.42
C ALA A 345 47.14 -36.84 -9.07
N VAL A 346 47.45 -38.14 -9.09
CA VAL A 346 47.39 -38.93 -7.86
C VAL A 346 48.78 -38.90 -7.19
N CYS A 347 48.81 -38.72 -5.85
CA CYS A 347 50.09 -38.80 -5.09
C CYS A 347 49.77 -38.90 -3.61
N GLU A 348 50.81 -39.00 -2.80
CA GLU A 348 50.66 -39.12 -1.34
C GLU A 348 51.50 -38.01 -0.68
N ASN A 349 50.96 -37.31 0.34
CA ASN A 349 51.60 -36.14 0.98
C ASN A 349 52.20 -36.53 2.33
N MET A 350 53.52 -36.75 2.38
CA MET A 350 54.25 -37.44 3.49
C MET A 350 55.43 -36.64 4.04
N VAL A 351 55.98 -37.09 5.15
CA VAL A 351 57.11 -36.46 5.80
C VAL A 351 58.34 -37.35 5.63
N SER A 352 59.43 -36.75 5.17
CA SER A 352 60.56 -37.54 4.69
C SER A 352 61.75 -36.63 4.55
N LYS A 353 62.97 -37.16 4.51
CA LYS A 353 64.12 -36.32 4.08
C LYS A 353 63.85 -35.71 2.69
N ASN A 354 63.01 -36.38 1.90
CA ASN A 354 62.77 -35.96 0.52
C ASN A 354 61.60 -35.01 0.31
N SER A 355 60.84 -34.67 1.33
CA SER A 355 59.60 -33.92 1.08
C SER A 355 59.88 -32.48 0.67
N TYR A 356 58.89 -31.89 0.02
CA TYR A 356 58.95 -30.43 -0.17
C TYR A 356 58.78 -29.72 1.19
N ARG A 357 59.21 -28.45 1.25
CA ARG A 357 59.27 -27.71 2.50
C ARG A 357 58.38 -26.47 2.46
N PRO A 358 57.83 -26.09 3.62
CA PRO A 358 57.28 -24.72 3.78
C PRO A 358 58.32 -23.70 3.28
N GLY A 359 57.90 -22.76 2.43
CA GLY A 359 58.81 -21.82 1.77
C GLY A 359 59.37 -22.20 0.40
N ASP A 360 59.38 -23.50 0.03
CA ASP A 360 59.92 -23.88 -1.26
C ASP A 360 59.17 -23.10 -2.34
N ILE A 361 59.91 -22.72 -3.38
CA ILE A 361 59.28 -22.11 -4.56
C ILE A 361 59.40 -23.12 -5.70
N ILE A 362 58.26 -23.41 -6.30
CA ILE A 362 58.13 -24.51 -7.26
C ILE A 362 57.45 -23.93 -8.51
N THR A 363 57.72 -24.51 -9.67
CA THR A 363 57.18 -24.03 -10.98
C THR A 363 56.15 -24.99 -11.56
N ALA A 364 54.93 -24.47 -11.76
CA ALA A 364 53.87 -25.22 -12.38
C ALA A 364 54.10 -25.37 -13.86
N SER A 365 53.31 -26.25 -14.48
CA SER A 365 53.47 -26.57 -15.89
C SER A 365 53.09 -25.39 -16.79
N ASN A 366 52.40 -24.38 -16.30
CA ASN A 366 52.15 -23.25 -17.18
C ASN A 366 53.21 -22.16 -16.93
N GLY A 367 54.25 -22.54 -16.17
CA GLY A 367 55.39 -21.66 -15.93
C GLY A 367 55.25 -20.70 -14.76
N LYS A 368 54.07 -20.65 -14.14
CA LYS A 368 53.91 -19.83 -12.94
C LYS A 368 54.71 -20.39 -11.77
N THR A 369 55.48 -19.51 -11.11
CA THR A 369 56.13 -19.90 -9.87
C THR A 369 55.23 -19.64 -8.67
N ILE A 370 55.32 -20.58 -7.75
CA ILE A 370 54.44 -20.65 -6.59
C ILE A 370 55.27 -20.80 -5.32
N GLU A 371 55.03 -19.90 -4.36
CA GLU A 371 55.69 -19.98 -3.08
C GLU A 371 54.80 -20.78 -2.14
N VAL A 372 55.38 -21.87 -1.64
CA VAL A 372 54.68 -22.76 -0.71
C VAL A 372 54.64 -22.14 0.68
N GLY A 373 53.43 -21.92 1.17
CA GLY A 373 53.22 -21.27 2.49
C GLY A 373 52.90 -22.31 3.56
N ASN A 374 52.37 -23.48 3.15
CA ASN A 374 51.90 -24.53 4.08
C ASN A 374 51.82 -25.83 3.27
N THR A 375 52.61 -26.83 3.64
CA THR A 375 52.66 -28.07 2.81
C THR A 375 51.32 -28.85 2.86
N ASP A 376 50.46 -28.47 3.79
CA ASP A 376 49.14 -29.05 3.96
C ASP A 376 48.10 -28.41 2.98
N ALA A 377 48.52 -27.40 2.23
CA ALA A 377 47.65 -26.92 1.13
C ALA A 377 48.14 -27.57 -0.19
N GLU A 378 48.25 -28.88 -0.14
CA GLU A 378 48.83 -29.62 -1.25
C GLU A 378 47.83 -29.92 -2.39
N GLY A 379 46.54 -30.03 -2.07
CA GLY A 379 45.53 -30.36 -3.05
C GLY A 379 45.52 -29.32 -4.17
N ARG A 380 45.59 -28.04 -3.83
CA ARG A 380 45.51 -26.99 -4.87
C ARG A 380 46.75 -26.96 -5.80
N LEU A 381 47.87 -27.49 -5.30
CA LEU A 381 49.09 -27.58 -6.09
C LEU A 381 48.97 -28.71 -7.11
N THR A 382 48.50 -29.88 -6.67
CA THR A 382 48.23 -30.96 -7.61
C THR A 382 47.14 -30.59 -8.63
N LEU A 383 46.07 -29.95 -8.15
CA LEU A 383 45.02 -29.49 -9.07
C LEU A 383 45.46 -28.41 -10.05
N ALA A 384 46.42 -27.56 -9.68
CA ALA A 384 46.97 -26.51 -10.56
C ALA A 384 47.47 -27.19 -11.85
N ASP A 385 48.33 -28.19 -11.68
CA ASP A 385 48.91 -28.89 -12.81
C ASP A 385 47.88 -29.72 -13.57
N ALA A 386 46.94 -30.32 -12.86
CA ALA A 386 45.92 -31.16 -13.52
C ALA A 386 45.03 -30.24 -14.37
N LEU A 387 44.79 -29.00 -13.92
CA LEU A 387 43.95 -28.03 -14.63
C LEU A 387 44.66 -27.49 -15.90
N VAL A 388 45.96 -27.26 -15.82
CA VAL A 388 46.75 -26.89 -16.99
C VAL A 388 46.71 -28.01 -18.06
N TYR A 389 46.90 -29.25 -17.64
CA TYR A 389 46.79 -30.41 -18.52
C TYR A 389 45.40 -30.47 -19.14
N ALA A 390 44.37 -30.26 -18.31
CA ALA A 390 43.01 -30.37 -18.77
C ALA A 390 42.70 -29.30 -19.79
N GLU A 391 43.13 -28.05 -19.56
CA GLU A 391 42.81 -27.01 -20.55
C GLU A 391 43.52 -27.26 -21.88
N LYS A 392 44.69 -27.89 -21.84
CA LYS A 392 45.42 -28.20 -23.07
C LYS A 392 44.67 -29.21 -23.91
N LEU A 393 43.74 -29.96 -23.34
CA LEU A 393 42.99 -30.94 -24.13
C LEU A 393 42.04 -30.28 -25.08
N GLY A 394 41.71 -29.01 -24.87
CA GLY A 394 40.79 -28.29 -25.77
C GLY A 394 39.33 -28.63 -25.50
N VAL A 395 38.90 -28.55 -24.25
CA VAL A 395 37.55 -28.95 -23.87
C VAL A 395 36.65 -27.73 -23.76
N ASP A 396 35.34 -27.93 -23.74
CA ASP A 396 34.37 -26.84 -23.47
C ASP A 396 34.20 -26.51 -21.97
N TYR A 397 34.29 -27.52 -21.11
CA TYR A 397 34.12 -27.32 -19.68
C TYR A 397 35.14 -28.11 -18.93
N ILE A 398 35.71 -27.49 -17.91
CA ILE A 398 36.49 -28.19 -16.91
C ILE A 398 35.74 -28.11 -15.58
N VAL A 399 35.53 -29.25 -14.92
CA VAL A 399 34.90 -29.30 -13.61
C VAL A 399 35.84 -30.12 -12.72
N ASP A 400 36.30 -29.55 -11.60
CA ASP A 400 37.10 -30.34 -10.70
C ASP A 400 36.29 -30.61 -9.45
N ILE A 401 36.64 -31.67 -8.75
CA ILE A 401 35.92 -32.00 -7.51
C ILE A 401 37.00 -32.45 -6.55
N ALA A 402 36.95 -31.93 -5.33
CA ALA A 402 38.08 -32.05 -4.37
C ALA A 402 37.67 -31.90 -2.91
N THR A 403 38.30 -32.70 -2.01
CA THR A 403 38.19 -32.54 -0.55
C THR A 403 39.25 -31.51 -0.09
N LEU A 404 38.99 -30.27 -0.46
CA LEU A 404 40.02 -29.25 -0.52
C LEU A 404 40.23 -28.46 0.75
N THR A 405 39.16 -28.04 1.43
CA THR A 405 39.34 -27.21 2.63
C THR A 405 38.43 -27.60 3.80
N GLY A 406 39.01 -27.79 4.99
CA GLY A 406 38.26 -28.05 6.25
C GLY A 406 37.19 -27.00 6.57
N ALA A 407 37.42 -25.77 6.07
CA ALA A 407 36.49 -24.66 6.29
C ALA A 407 35.07 -24.92 5.78
N MET A 408 34.92 -25.85 4.82
CA MET A 408 33.63 -26.25 4.31
C MET A 408 32.73 -26.74 5.44
N LEU A 409 33.33 -27.41 6.43
CA LEU A 409 32.57 -27.86 7.60
C LEU A 409 31.99 -26.68 8.37
N TYR A 410 32.66 -25.53 8.36
CA TYR A 410 32.14 -24.32 9.04
C TYR A 410 31.22 -23.48 8.23
N SER A 411 31.20 -23.71 6.91
CA SER A 411 30.38 -22.88 6.03
C SER A 411 29.09 -23.59 5.59
N LEU A 412 29.17 -24.73 4.93
CA LEU A 412 27.96 -25.42 4.50
C LEU A 412 27.68 -26.65 5.33
N GLY A 413 28.75 -27.16 5.98
CA GLY A 413 28.62 -28.32 6.83
C GLY A 413 28.73 -29.66 6.12
N THR A 414 28.04 -30.66 6.66
CA THR A 414 28.18 -32.02 6.19
C THR A 414 27.18 -32.43 5.09
N SER A 415 26.13 -31.63 4.83
CA SER A 415 25.08 -31.91 3.93
CA SER A 415 25.07 -31.97 3.83
C SER A 415 25.26 -31.42 2.41
N TYR A 416 25.68 -30.16 2.27
CA TYR A 416 25.79 -29.54 0.95
C TYR A 416 27.27 -29.36 0.59
N ALA A 417 27.63 -29.71 -0.65
CA ALA A 417 28.91 -29.31 -1.22
C ALA A 417 28.85 -27.86 -1.72
N GLY A 418 30.02 -27.23 -1.82
CA GLY A 418 30.08 -25.86 -2.40
C GLY A 418 30.59 -25.93 -3.82
N VAL A 419 30.01 -25.12 -4.70
CA VAL A 419 30.52 -24.93 -6.04
C VAL A 419 30.94 -23.47 -6.28
N PHE A 420 32.14 -23.32 -6.86
CA PHE A 420 32.71 -22.02 -7.22
C PHE A 420 33.02 -22.13 -8.73
N GLY A 421 33.10 -21.02 -9.43
CA GLY A 421 33.49 -21.12 -10.84
C GLY A 421 33.74 -19.78 -11.49
N ASN A 422 34.18 -19.81 -12.73
CA ASN A 422 34.46 -18.58 -13.51
C ASN A 422 33.41 -18.33 -14.57
N ASN A 423 32.31 -19.11 -14.55
CA ASN A 423 31.32 -19.08 -15.65
C ASN A 423 29.93 -19.44 -15.16
N GLU A 424 29.03 -18.49 -15.19
CA GLU A 424 27.70 -18.71 -14.63
C GLU A 424 26.84 -19.75 -15.38
N GLU A 425 26.95 -19.82 -16.69
CA GLU A 425 26.24 -20.85 -17.43
C GLU A 425 26.66 -22.22 -16.94
N LEU A 426 27.97 -22.41 -16.72
CA LEU A 426 28.42 -23.71 -16.25
C LEU A 426 27.99 -24.00 -14.80
N ILE A 427 28.10 -23.01 -13.90
CA ILE A 427 27.59 -23.15 -12.53
C ILE A 427 26.09 -23.53 -12.49
N ASN A 428 25.27 -22.84 -13.28
CA ASN A 428 23.87 -23.21 -13.37
C ASN A 428 23.66 -24.68 -13.84
N LYS A 429 24.49 -25.17 -14.76
CA LYS A 429 24.41 -26.59 -15.18
C LYS A 429 24.74 -27.52 -14.04
N ILE A 430 25.70 -27.14 -13.20
CA ILE A 430 26.08 -27.97 -12.07
C ILE A 430 24.93 -27.98 -11.05
N LEU A 431 24.35 -26.80 -10.77
CA LEU A 431 23.21 -26.68 -9.89
C LEU A 431 22.00 -27.49 -10.40
N GLN A 432 21.79 -27.51 -11.70
CA GLN A 432 20.72 -28.33 -12.27
C GLN A 432 21.00 -29.82 -12.08
N SER A 433 22.24 -30.24 -12.29
CA SER A 433 22.66 -31.62 -12.04
C SER A 433 22.47 -32.01 -10.59
N SER A 434 22.73 -31.06 -9.69
CA SER A 434 22.55 -31.26 -8.28
C SER A 434 21.08 -31.56 -7.98
N LYS A 435 20.20 -30.78 -8.57
CA LYS A 435 18.76 -30.97 -8.45
C LYS A 435 18.31 -32.34 -8.99
N THR A 436 18.82 -32.76 -10.14
CA THR A 436 18.30 -34.01 -10.73
C THR A 436 19.05 -35.24 -10.21
N SER A 437 20.23 -35.05 -9.62
CA SER A 437 20.94 -36.18 -8.97
C SER A 437 20.52 -36.39 -7.50
N ASN A 438 19.95 -35.34 -6.91
CA ASN A 438 19.64 -35.21 -5.47
C ASN A 438 20.87 -35.25 -4.59
N GLU A 439 21.98 -34.80 -5.16
CA GLU A 439 23.21 -34.55 -4.38
C GLU A 439 23.39 -33.04 -4.25
N PRO A 440 23.12 -32.49 -3.04
CA PRO A 440 22.99 -31.02 -2.93
C PRO A 440 24.31 -30.27 -2.95
N VAL A 441 24.27 -29.12 -3.63
CA VAL A 441 25.44 -28.28 -3.81
C VAL A 441 24.92 -26.85 -3.67
N TRP A 442 25.70 -25.95 -3.11
CA TRP A 442 25.32 -24.53 -3.05
C TRP A 442 26.43 -23.70 -3.72
N TRP A 443 26.01 -22.69 -4.49
CA TRP A 443 26.92 -21.82 -5.19
C TRP A 443 27.56 -20.83 -4.21
N LEU A 444 28.89 -20.82 -4.15
CA LEU A 444 29.66 -19.87 -3.34
C LEU A 444 30.54 -18.97 -4.23
N PRO A 445 30.81 -17.71 -3.79
CA PRO A 445 31.46 -16.72 -4.67
C PRO A 445 32.99 -16.84 -4.72
N ILE A 446 33.60 -16.49 -5.84
CA ILE A 446 35.08 -16.31 -5.84
C ILE A 446 35.21 -14.79 -5.67
N ILE A 447 35.69 -14.38 -4.50
CA ILE A 447 35.67 -12.96 -4.14
C ILE A 447 36.99 -12.36 -4.56
N ASN A 448 36.97 -11.55 -5.63
CA ASN A 448 38.21 -11.01 -6.17
C ASN A 448 39.02 -10.16 -5.24
N GLU A 449 38.35 -9.56 -4.26
CA GLU A 449 39.03 -8.67 -3.31
C GLU A 449 40.17 -9.43 -2.57
N TYR A 450 40.05 -10.76 -2.43
CA TYR A 450 41.07 -11.52 -1.67
C TYR A 450 42.28 -11.86 -2.51
N ARG A 451 42.19 -11.60 -3.82
CA ARG A 451 43.24 -11.99 -4.76
C ARG A 451 44.59 -11.45 -4.35
N ALA A 452 44.60 -10.18 -3.99
CA ALA A 452 45.82 -9.47 -3.59
C ALA A 452 46.57 -10.14 -2.45
N THR A 453 45.88 -10.88 -1.56
CA THR A 453 46.56 -11.59 -0.47
C THR A 453 47.33 -12.81 -0.94
N LEU A 454 47.19 -13.17 -2.22
CA LEU A 454 48.02 -14.25 -2.82
C LEU A 454 49.27 -13.73 -3.58
N ASN A 455 49.50 -12.41 -3.50
CA ASN A 455 50.70 -11.79 -4.06
C ASN A 455 51.94 -12.20 -3.27
N SER A 456 52.92 -12.75 -3.97
CA SER A 456 54.13 -13.22 -3.28
C SER A 456 55.19 -12.15 -3.49
N LYS A 457 55.95 -11.87 -2.44
CA LYS A 457 57.10 -11.02 -2.57
C LYS A 457 58.14 -11.55 -3.56
N TYR A 458 58.30 -12.88 -3.63
CA TYR A 458 59.34 -13.53 -4.48
C TYR A 458 58.85 -14.29 -5.71
N ALA A 459 57.82 -15.12 -5.51
CA ALA A 459 57.28 -15.93 -6.59
C ALA A 459 56.18 -15.18 -7.33
N ASP A 460 55.65 -15.78 -8.38
CA ASP A 460 54.56 -15.19 -9.15
C ASP A 460 53.30 -15.18 -8.29
N ILE A 461 53.14 -16.18 -7.42
CA ILE A 461 51.95 -16.27 -6.58
C ILE A 461 52.23 -17.06 -5.30
N ASN A 462 51.49 -16.71 -4.25
CA ASN A 462 51.38 -17.52 -3.03
C ASN A 462 50.37 -18.66 -3.15
N GLN A 463 50.77 -19.82 -2.65
CA GLN A 463 49.88 -20.96 -2.48
C GLN A 463 48.71 -20.60 -1.50
N ILE A 464 49.04 -19.92 -0.40
CA ILE A 464 48.03 -19.58 0.61
C ILE A 464 48.02 -18.10 0.95
N SER A 465 46.93 -17.64 1.58
CA SER A 465 46.77 -16.27 2.06
C SER A 465 47.47 -16.18 3.41
N SER A 466 48.09 -15.07 3.76
CA SER A 466 48.48 -14.95 5.16
C SER A 466 47.38 -14.27 5.97
N SER A 467 46.53 -13.48 5.32
CA SER A 467 45.49 -12.75 6.07
C SER A 467 44.06 -13.30 6.02
N VAL A 468 43.64 -13.89 4.90
CA VAL A 468 42.23 -14.21 4.73
C VAL A 468 41.91 -15.59 5.29
N LYS A 469 40.93 -15.65 6.22
CA LYS A 469 40.55 -16.93 6.83
C LYS A 469 39.53 -17.69 5.99
N ALA A 470 38.95 -17.04 4.97
CA ALA A 470 37.95 -17.68 4.07
C ALA A 470 38.63 -18.66 3.11
N SER A 471 39.15 -19.75 3.68
CA SER A 471 40.11 -20.59 2.99
C SER A 471 39.57 -21.26 1.73
N SER A 472 38.26 -21.59 1.70
CA SER A 472 37.66 -22.22 0.51
C SER A 472 37.61 -21.26 -0.69
N ILE A 473 37.31 -19.99 -0.41
CA ILE A 473 37.31 -18.99 -1.46
C ILE A 473 38.75 -18.69 -1.90
N VAL A 474 39.68 -18.59 -0.95
CA VAL A 474 41.08 -18.41 -1.31
C VAL A 474 41.60 -19.56 -2.19
N ALA A 475 41.39 -20.81 -1.78
CA ALA A 475 41.70 -21.96 -2.67
C ALA A 475 41.15 -21.80 -4.13
N SER A 476 39.90 -21.37 -4.24
CA SER A 476 39.23 -21.19 -5.54
C SER A 476 39.93 -20.13 -6.39
N LEU A 477 40.35 -19.04 -5.74
CA LEU A 477 41.11 -17.95 -6.39
C LEU A 477 42.41 -18.43 -6.94
N PHE A 478 43.08 -19.31 -6.16
CA PHE A 478 44.36 -19.87 -6.54
C PHE A 478 44.15 -20.78 -7.76
N LEU A 479 43.14 -21.66 -7.71
CA LEU A 479 42.87 -22.57 -8.83
C LEU A 479 42.49 -21.80 -10.11
N LYS A 480 41.72 -20.73 -9.95
CA LYS A 480 41.33 -19.90 -11.08
C LYS A 480 42.52 -19.42 -11.93
N GLU A 481 43.68 -19.22 -11.32
CA GLU A 481 44.86 -18.75 -11.99
C GLU A 481 45.42 -19.79 -12.96
N PHE A 482 44.92 -21.03 -12.90
CA PHE A 482 45.43 -22.08 -13.75
C PHE A 482 44.47 -22.51 -14.88
N VAL A 483 43.45 -21.69 -15.11
CA VAL A 483 42.51 -21.89 -16.23
C VAL A 483 42.44 -20.53 -16.95
N GLN A 484 42.90 -20.46 -18.20
CA GLN A 484 43.09 -19.17 -18.88
C GLN A 484 41.86 -18.75 -19.65
N ASN A 485 41.24 -19.69 -20.35
CA ASN A 485 40.25 -19.31 -21.31
C ASN A 485 39.13 -20.32 -21.48
N THR A 486 38.76 -21.01 -20.42
CA THR A 486 37.78 -22.10 -20.52
C THR A 486 36.80 -22.01 -19.37
N ALA A 487 35.51 -22.28 -19.64
CA ALA A 487 34.52 -22.35 -18.56
C ALA A 487 34.95 -23.42 -17.55
N TRP A 488 35.11 -23.01 -16.29
CA TRP A 488 35.57 -23.89 -15.20
C TRP A 488 34.69 -23.76 -13.94
N ALA A 489 34.49 -24.89 -13.26
CA ALA A 489 33.80 -24.92 -11.95
C ALA A 489 34.54 -25.88 -11.05
N HIS A 490 34.46 -25.60 -9.76
CA HIS A 490 35.24 -26.30 -8.74
C HIS A 490 34.25 -26.72 -7.63
N ILE A 491 34.22 -27.99 -7.26
CA ILE A 491 33.28 -28.48 -6.25
C ILE A 491 34.08 -28.93 -5.01
N ASP A 492 33.89 -28.28 -3.86
CA ASP A 492 34.67 -28.59 -2.69
C ASP A 492 33.76 -29.50 -1.82
N ILE A 493 34.22 -30.75 -1.68
CA ILE A 493 33.45 -31.80 -1.03
C ILE A 493 34.11 -32.20 0.28
N ALA A 494 34.98 -31.34 0.82
CA ALA A 494 35.66 -31.65 2.13
C ALA A 494 34.66 -31.94 3.24
N GLY A 495 33.50 -31.27 3.21
CA GLY A 495 32.55 -31.37 4.29
C GLY A 495 31.59 -32.52 4.13
N VAL A 496 31.36 -32.92 2.87
CA VAL A 496 30.27 -33.81 2.49
C VAL A 496 30.71 -35.25 2.17
N SER A 497 32.00 -35.47 1.98
CA SER A 497 32.45 -36.73 1.43
C SER A 497 32.28 -37.89 2.41
N TRP A 498 32.59 -37.63 3.67
CA TRP A 498 32.64 -38.70 4.67
C TRP A 498 31.42 -38.60 5.51
N ASN A 499 30.72 -39.72 5.67
CA ASN A 499 29.52 -39.74 6.53
C ASN A 499 29.97 -40.05 7.96
N PHE A 500 30.15 -39.00 8.76
CA PHE A 500 30.80 -39.14 10.05
C PHE A 500 29.99 -40.02 10.97
N LYS A 501 28.67 -39.83 10.97
CA LYS A 501 27.79 -40.62 11.82
C LYS A 501 27.83 -42.11 11.47
N ALA A 502 27.75 -42.43 10.17
CA ALA A 502 27.74 -43.83 9.80
C ALA A 502 29.15 -44.42 9.63
N ARG A 503 30.19 -43.60 9.72
CA ARG A 503 31.60 -44.06 9.75
C ARG A 503 32.04 -44.67 8.40
N LYS A 504 31.54 -44.09 7.31
CA LYS A 504 31.76 -44.62 5.97
C LYS A 504 31.67 -43.49 4.93
N PRO A 505 32.14 -43.74 3.68
CA PRO A 505 32.00 -42.67 2.63
C PRO A 505 30.58 -42.52 2.16
N LYS A 506 30.29 -41.40 1.51
CA LYS A 506 29.07 -41.29 0.77
C LYS A 506 29.26 -41.59 -0.70
N GLY A 507 30.50 -41.63 -1.22
CA GLY A 507 30.68 -41.69 -2.69
C GLY A 507 30.05 -40.46 -3.34
N PHE A 508 30.14 -39.31 -2.65
CA PHE A 508 29.52 -38.05 -3.09
C PHE A 508 30.13 -37.53 -4.38
N GLY A 509 29.29 -37.09 -5.32
CA GLY A 509 29.74 -36.50 -6.61
C GLY A 509 29.53 -37.39 -7.85
N VAL A 510 29.54 -38.72 -7.66
CA VAL A 510 29.38 -39.63 -8.76
C VAL A 510 28.11 -39.32 -9.59
N ARG A 511 26.98 -39.26 -8.91
CA ARG A 511 25.72 -39.10 -9.59
C ARG A 511 25.60 -37.68 -10.11
N LEU A 512 26.05 -36.72 -9.29
CA LEU A 512 26.08 -35.32 -9.71
C LEU A 512 26.82 -35.14 -11.02
N LEU A 513 28.05 -35.67 -11.10
CA LEU A 513 28.86 -35.51 -12.31
C LEU A 513 28.27 -36.29 -13.48
N THR A 514 27.72 -37.48 -13.21
CA THR A 514 27.07 -38.25 -14.27
C THR A 514 25.83 -37.54 -14.82
N GLU A 515 24.98 -36.99 -13.96
CA GLU A 515 23.83 -36.20 -14.47
C GLU A 515 24.27 -35.01 -15.29
N PHE A 516 25.37 -34.37 -14.86
CA PHE A 516 25.97 -33.26 -15.61
C PHE A 516 26.32 -33.67 -17.04
N VAL A 517 27.02 -34.80 -17.17
CA VAL A 517 27.42 -35.33 -18.46
C VAL A 517 26.19 -35.73 -19.29
N LEU A 518 25.25 -36.44 -18.68
CA LEU A 518 24.10 -36.99 -19.41
C LEU A 518 23.17 -35.90 -19.90
N ASN A 519 22.96 -34.89 -19.08
CA ASN A 519 21.98 -33.90 -19.44
C ASN A 519 22.56 -32.85 -20.35
N ASP A 520 23.88 -32.90 -20.57
CA ASP A 520 24.52 -32.07 -21.57
C ASP A 520 24.55 -32.82 -22.92
N SER B 3 79.73 -31.13 -3.76
CA SER B 3 79.63 -30.43 -5.12
C SER B 3 78.37 -30.70 -5.98
N GLU B 4 78.05 -31.95 -6.35
CA GLU B 4 76.80 -32.18 -7.11
C GLU B 4 75.61 -32.09 -6.17
N VAL B 5 74.59 -31.34 -6.55
CA VAL B 5 73.40 -31.20 -5.72
C VAL B 5 72.46 -32.40 -5.95
N PRO B 6 72.19 -33.20 -4.90
CA PRO B 6 71.23 -34.30 -5.13
C PRO B 6 69.82 -33.76 -5.41
N GLN B 7 69.07 -34.49 -6.24
CA GLN B 7 67.70 -34.10 -6.64
C GLN B 7 66.77 -35.24 -6.33
N VAL B 8 65.50 -34.96 -6.05
CA VAL B 8 64.53 -36.05 -5.92
C VAL B 8 63.88 -36.23 -7.26
N VAL B 9 63.53 -35.13 -7.90
CA VAL B 9 63.03 -35.17 -9.28
C VAL B 9 63.88 -34.22 -10.07
N SER B 10 63.85 -34.39 -11.38
CA SER B 10 64.72 -33.60 -12.29
C SER B 10 64.38 -32.09 -12.28
N LEU B 11 63.21 -31.73 -11.74
CA LEU B 11 62.79 -30.34 -11.70
C LEU B 11 63.36 -29.66 -10.47
N ASP B 12 63.96 -30.42 -9.55
CA ASP B 12 64.61 -29.84 -8.38
C ASP B 12 65.82 -28.98 -8.80
N PRO B 13 65.92 -27.74 -8.27
CA PRO B 13 66.97 -26.80 -8.59
C PRO B 13 68.32 -27.37 -8.15
N THR B 14 69.37 -27.11 -8.93
CA THR B 14 70.74 -27.52 -8.57
C THR B 14 71.72 -26.35 -8.24
N SER B 15 71.24 -25.12 -8.20
CA SER B 15 72.06 -24.04 -7.64
C SER B 15 71.17 -22.90 -7.22
N ILE B 16 71.74 -21.99 -6.43
CA ILE B 16 71.05 -20.79 -6.03
C ILE B 16 71.27 -19.75 -7.14
N PRO B 17 70.18 -19.22 -7.74
CA PRO B 17 70.41 -18.06 -8.64
C PRO B 17 70.97 -16.88 -7.82
N ILE B 18 72.07 -16.30 -8.28
CA ILE B 18 72.65 -15.14 -7.63
C ILE B 18 72.88 -14.04 -8.67
N GLU B 19 72.43 -12.83 -8.34
CA GLU B 19 72.68 -11.68 -9.21
C GLU B 19 73.88 -10.92 -8.61
N TYR B 20 74.99 -10.87 -9.34
CA TYR B 20 76.19 -10.12 -8.92
C TYR B 20 76.15 -8.65 -9.42
N ASN B 21 76.04 -8.46 -10.72
CA ASN B 21 75.85 -7.10 -11.23
C ASN B 21 74.40 -6.74 -11.18
N THR B 22 74.08 -5.81 -10.30
CA THR B 22 72.69 -5.46 -10.10
C THR B 22 72.44 -4.10 -10.78
N PRO B 23 71.17 -3.72 -10.98
CA PRO B 23 70.97 -2.40 -11.58
C PRO B 23 71.52 -1.24 -10.75
N ILE B 24 71.59 -1.42 -9.43
CA ILE B 24 72.25 -0.46 -8.54
C ILE B 24 73.72 -0.22 -8.94
N HIS B 25 74.43 -1.27 -9.33
CA HIS B 25 75.82 -1.10 -9.80
C HIS B 25 75.92 -0.22 -11.05
N ASP B 26 74.84 -0.14 -11.82
CA ASP B 26 74.83 0.65 -13.06
C ASP B 26 74.63 2.14 -12.79
N ILE B 27 74.28 2.50 -11.55
CA ILE B 27 74.02 3.90 -11.23
C ILE B 27 75.32 4.68 -11.05
N LYS B 28 75.54 5.64 -11.96
CA LYS B 28 76.67 6.55 -11.83
C LYS B 28 76.37 7.57 -10.75
N VAL B 29 77.27 7.65 -9.77
CA VAL B 29 77.05 8.48 -8.60
C VAL B 29 78.07 9.58 -8.63
N GLN B 30 77.59 10.80 -8.38
CA GLN B 30 78.41 12.01 -8.33
C GLN B 30 78.07 12.81 -7.10
N VAL B 31 79.09 13.23 -6.38
CA VAL B 31 78.93 14.07 -5.19
C VAL B 31 79.50 15.47 -5.48
N TYR B 32 78.68 16.50 -5.24
CA TYR B 32 79.07 17.88 -5.49
C TYR B 32 78.94 18.67 -4.20
N ASP B 33 79.79 19.68 -4.04
CA ASP B 33 79.69 20.52 -2.87
C ASP B 33 78.55 21.50 -3.05
N ILE B 34 77.76 21.60 -1.99
CA ILE B 34 76.50 22.33 -1.98
C ILE B 34 76.72 23.86 -2.07
N LYS B 35 77.90 24.31 -1.61
CA LYS B 35 78.29 25.75 -1.67
C LYS B 35 78.47 26.26 -3.07
N GLY B 36 78.75 25.38 -4.01
CA GLY B 36 78.73 25.75 -5.42
C GLY B 36 77.34 25.94 -5.99
N GLY B 37 76.29 25.66 -5.21
CA GLY B 37 74.88 25.77 -5.67
C GLY B 37 74.42 24.57 -6.50
N CYS B 38 73.12 24.36 -6.60
CA CYS B 38 72.59 23.17 -7.26
C CYS B 38 72.03 23.43 -8.65
N ASN B 39 72.45 22.59 -9.60
CA ASN B 39 71.90 22.62 -10.95
C ASN B 39 70.71 21.68 -11.04
N VAL B 40 69.59 22.19 -11.51
CA VAL B 40 68.36 21.42 -11.51
C VAL B 40 67.89 21.17 -12.95
N GLU B 41 68.67 20.53 -13.80
CA GLU B 41 68.30 20.46 -15.22
C GLU B 41 67.44 19.28 -15.66
N GLU B 42 67.21 18.27 -14.80
CA GLU B 42 66.74 16.96 -15.30
C GLU B 42 66.31 15.94 -14.22
N GLY B 43 65.53 14.94 -14.61
CA GLY B 43 64.97 13.93 -13.69
C GLY B 43 64.29 14.49 -12.45
N LEU B 44 64.64 13.93 -11.30
CA LEU B 44 64.00 14.34 -10.05
C LEU B 44 65.00 14.86 -8.99
N THR B 45 64.74 16.05 -8.48
CA THR B 45 65.63 16.63 -7.46
C THR B 45 64.89 16.79 -6.14
N ILE B 46 65.39 16.06 -5.13
CA ILE B 46 64.83 15.98 -3.77
C ILE B 46 65.75 16.67 -2.72
N PHE B 47 65.18 17.64 -1.99
CA PHE B 47 65.82 18.30 -0.85
C PHE B 47 65.46 17.60 0.45
N LEU B 48 66.48 17.23 1.21
CA LEU B 48 66.27 16.67 2.53
C LEU B 48 66.26 17.83 3.53
N VAL B 49 65.08 18.13 4.05
CA VAL B 49 64.85 19.32 4.86
C VAL B 49 64.39 18.97 6.29
N ASN B 50 65.02 19.61 7.26
CA ASN B 50 64.46 19.59 8.61
C ASN B 50 64.06 20.99 9.07
N ASN B 51 63.67 21.09 10.34
CA ASN B 51 63.38 22.39 10.97
C ASN B 51 63.64 22.24 12.47
N PRO B 52 64.93 22.39 12.88
CA PRO B 52 65.43 21.94 14.20
C PRO B 52 64.65 22.53 15.37
N GLY B 53 64.51 21.75 16.44
CA GLY B 53 63.59 22.00 17.56
C GLY B 53 62.29 22.77 17.29
N LYS B 54 61.69 22.62 16.11
CA LYS B 54 60.48 23.40 15.81
C LYS B 54 59.37 22.57 15.18
N GLU B 55 58.58 21.91 16.04
CA GLU B 55 57.27 21.35 15.70
C GLU B 55 57.26 20.55 14.41
N ASN B 56 56.19 20.71 13.66
CA ASN B 56 56.11 20.35 12.25
C ASN B 56 56.27 21.63 11.49
N GLY B 57 57.38 22.32 11.77
CA GLY B 57 57.70 23.64 11.23
C GLY B 57 57.74 23.66 9.72
N PRO B 58 57.75 24.86 9.11
CA PRO B 58 57.63 24.92 7.67
C PRO B 58 58.88 24.39 6.94
N VAL B 59 58.73 24.07 5.66
CA VAL B 59 59.93 23.81 4.85
C VAL B 59 60.49 25.13 4.33
N LYS B 60 61.78 25.34 4.61
CA LYS B 60 62.55 26.46 4.04
C LYS B 60 63.81 25.86 3.44
N ILE B 61 64.03 26.10 2.15
CA ILE B 61 65.23 25.66 1.47
C ILE B 61 66.42 26.59 1.81
N SER B 62 67.55 26.00 2.18
CA SER B 62 68.75 26.78 2.46
C SER B 62 69.65 26.92 1.22
N SER B 63 69.72 25.90 0.37
CA SER B 63 70.74 25.84 -0.69
C SER B 63 70.58 26.88 -1.78
N LYS B 64 71.70 27.29 -2.36
CA LYS B 64 71.69 28.05 -3.61
C LYS B 64 71.29 27.15 -4.78
N VAL B 65 70.37 27.64 -5.60
CA VAL B 65 69.86 26.86 -6.72
C VAL B 65 70.18 27.64 -8.00
N ASN B 66 71.01 27.04 -8.86
CA ASN B 66 71.53 27.77 -10.04
C ASN B 66 70.54 27.84 -11.21
N ASP B 67 69.34 28.32 -10.89
CA ASP B 67 68.25 28.48 -11.83
C ASP B 67 67.24 29.48 -11.27
N LYS B 68 66.94 30.54 -12.03
CA LYS B 68 66.02 31.58 -11.54
C LYS B 68 64.60 31.02 -11.33
N GLN B 69 64.08 30.29 -12.32
CA GLN B 69 62.76 29.66 -12.27
C GLN B 69 62.60 28.75 -11.06
N VAL B 70 63.49 27.79 -10.94
CA VAL B 70 63.47 26.92 -9.76
C VAL B 70 63.59 27.75 -8.45
N SER B 71 64.50 28.71 -8.42
CA SER B 71 64.69 29.52 -7.22
C SER B 71 63.38 30.22 -6.86
N GLU B 72 62.70 30.80 -7.86
CA GLU B 72 61.41 31.47 -7.63
C GLU B 72 60.39 30.49 -7.00
N PHE B 73 60.20 29.33 -7.64
CA PHE B 73 59.36 28.24 -7.08
C PHE B 73 59.68 27.89 -5.60
N LEU B 74 60.97 27.79 -5.25
CA LEU B 74 61.36 27.35 -3.89
C LEU B 74 61.47 28.47 -2.84
N LYS B 75 60.89 29.64 -3.15
CA LYS B 75 60.80 30.77 -2.20
C LYS B 75 60.03 30.34 -0.95
N ASP B 76 60.41 30.93 0.18
CA ASP B 76 59.81 30.60 1.47
C ASP B 76 58.28 30.67 1.45
N GLU B 77 57.77 31.71 0.81
CA GLU B 77 56.33 31.95 0.70
C GLU B 77 55.66 30.75 0.05
N ASN B 78 56.27 30.20 -0.99
CA ASN B 78 55.70 29.04 -1.67
C ASN B 78 55.82 27.76 -0.89
N MET B 79 56.82 27.71 -0.02
CA MET B 79 57.14 26.48 0.70
C MET B 79 56.44 26.40 2.07
N GLU B 80 55.85 27.52 2.49
CA GLU B 80 55.33 27.72 3.85
C GLU B 80 54.15 26.79 4.12
N LYS B 81 53.41 26.48 3.05
CA LYS B 81 52.28 25.56 3.16
C LYS B 81 52.70 24.12 3.47
N PHE B 82 54.00 23.81 3.31
CA PHE B 82 54.48 22.43 3.55
C PHE B 82 55.31 22.35 4.83
N ASN B 83 55.30 21.18 5.47
CA ASN B 83 56.04 21.03 6.71
C ASN B 83 57.05 19.89 6.66
N VAL B 84 57.92 19.82 7.66
CA VAL B 84 59.09 18.95 7.64
C VAL B 84 58.86 17.62 8.33
N LYS B 85 57.61 17.35 8.68
CA LYS B 85 57.28 16.12 9.41
C LYS B 85 58.03 14.92 8.83
N LEU B 86 58.69 14.15 9.71
CA LEU B 86 59.52 13.02 9.30
C LEU B 86 58.79 12.03 8.38
N GLY B 87 59.35 11.86 7.20
CA GLY B 87 58.76 10.92 6.24
C GLY B 87 57.78 11.52 5.25
N THR B 88 57.30 12.75 5.45
CA THR B 88 56.44 13.34 4.39
C THR B 88 57.27 13.74 3.17
N SER B 89 56.60 13.83 2.04
CA SER B 89 57.23 14.24 0.79
C SER B 89 56.25 14.95 -0.12
N LYS B 90 56.78 15.77 -1.01
CA LYS B 90 56.00 16.49 -1.99
C LYS B 90 56.74 16.47 -3.32
N HIS B 91 55.96 16.47 -4.40
CA HIS B 91 56.45 16.64 -5.76
C HIS B 91 56.04 17.99 -6.32
N PHE B 92 56.98 18.63 -7.02
CA PHE B 92 56.71 19.89 -7.72
C PHE B 92 57.11 19.72 -9.17
N TYR B 93 56.53 20.54 -10.04
CA TYR B 93 56.80 20.44 -11.45
C TYR B 93 56.86 21.87 -11.95
N MET B 94 57.82 22.15 -12.83
CA MET B 94 58.05 23.50 -13.35
C MET B 94 58.95 23.49 -14.58
N PHE B 95 59.06 24.64 -15.23
CA PHE B 95 60.02 24.84 -16.30
C PHE B 95 61.24 25.59 -15.82
N ASN B 96 62.43 25.12 -16.17
CA ASN B 96 63.66 25.80 -15.76
C ASN B 96 64.06 26.89 -16.75
N ASP B 97 65.20 27.56 -16.50
CA ASP B 97 65.72 28.63 -17.37
C ASP B 97 65.90 28.19 -18.82
N ASN B 98 66.18 26.90 -19.00
CA ASN B 98 66.32 26.29 -20.29
C ASN B 98 64.96 26.02 -20.95
N LYS B 99 63.88 26.36 -20.24
CA LYS B 99 62.51 26.05 -20.68
C LYS B 99 62.29 24.53 -20.73
N ASN B 100 63.06 23.81 -19.94
CA ASN B 100 62.89 22.37 -19.79
C ASN B 100 62.19 22.00 -18.48
N SER B 101 61.08 21.29 -18.56
CA SER B 101 60.33 20.89 -17.38
C SER B 101 61.21 20.02 -16.49
N VAL B 102 61.20 20.27 -15.19
CA VAL B 102 61.99 19.51 -14.24
C VAL B 102 61.09 19.13 -13.07
N ALA B 103 61.41 18.03 -12.40
CA ALA B 103 60.68 17.64 -11.22
C ALA B 103 61.56 17.88 -10.00
N VAL B 104 60.94 18.48 -8.98
CA VAL B 104 61.62 18.85 -7.75
C VAL B 104 60.69 18.46 -6.60
N GLY B 105 61.25 18.22 -5.42
CA GLY B 105 60.43 17.99 -4.25
C GLY B 105 61.29 17.83 -3.01
N TYR B 106 60.67 17.31 -1.95
CA TYR B 106 61.38 17.21 -0.68
C TYR B 106 60.90 16.04 0.17
N VAL B 107 61.75 15.61 1.08
CA VAL B 107 61.32 14.68 2.06
C VAL B 107 61.58 15.35 3.41
N GLY B 108 60.57 15.29 4.30
CA GLY B 108 60.67 15.84 5.65
C GLY B 108 61.56 15.03 6.56
N CYS B 109 62.47 15.70 7.26
CA CYS B 109 63.41 15.03 8.17
C CYS B 109 63.19 15.38 9.64
N GLY B 110 62.03 15.96 9.98
CA GLY B 110 61.68 16.26 11.39
C GLY B 110 62.31 17.52 11.98
N SER B 111 62.42 17.54 13.33
CA SER B 111 62.92 18.69 14.12
C SER B 111 64.15 18.35 14.98
N VAL B 112 64.42 17.06 15.17
CA VAL B 112 65.59 16.63 15.90
C VAL B 112 66.84 16.82 15.03
N ALA B 113 67.83 17.54 15.56
CA ALA B 113 69.02 17.89 14.79
C ALA B 113 69.88 16.68 14.40
N ASP B 114 69.66 15.53 15.03
CA ASP B 114 70.43 14.32 14.70
C ASP B 114 69.46 13.14 14.45
N LEU B 115 69.49 12.55 13.25
CA LEU B 115 68.54 11.48 12.91
C LEU B 115 69.06 10.12 13.34
N SER B 116 68.21 9.31 13.98
CA SER B 116 68.58 7.93 14.28
C SER B 116 68.60 7.04 13.03
N GLU B 117 69.32 5.94 13.14
CA GLU B 117 69.32 4.89 12.16
C GLU B 117 67.86 4.58 11.73
N ALA B 118 66.95 4.43 12.69
CA ALA B 118 65.54 4.17 12.38
C ALA B 118 64.85 5.32 11.62
N ASP B 119 65.19 6.57 11.96
CA ASP B 119 64.65 7.77 11.27
C ASP B 119 65.18 7.89 9.85
N MET B 120 66.47 7.65 9.68
CA MET B 120 67.09 7.73 8.36
C MET B 120 66.42 6.73 7.40
N LYS B 121 66.15 5.53 7.90
CA LYS B 121 65.47 4.50 7.15
C LYS B 121 64.09 5.03 6.74
N ARG B 122 63.37 5.72 7.64
CA ARG B 122 62.07 6.30 7.26
C ARG B 122 62.20 7.33 6.16
N VAL B 123 63.26 8.12 6.19
CA VAL B 123 63.52 9.10 5.14
C VAL B 123 63.76 8.40 3.79
N VAL B 124 64.65 7.40 3.80
CA VAL B 124 65.00 6.65 2.61
C VAL B 124 63.78 5.96 1.98
N LEU B 125 62.97 5.29 2.81
CA LEU B 125 61.74 4.64 2.34
C LEU B 125 60.83 5.62 1.65
N SER B 126 60.72 6.84 2.18
CA SER B 126 59.97 7.87 1.48
C SER B 126 60.58 8.22 0.14
N LEU B 127 61.91 8.36 0.10
CA LEU B 127 62.62 8.59 -1.17
C LEU B 127 62.32 7.51 -2.20
N VAL B 128 62.35 6.25 -1.75
CA VAL B 128 62.17 5.10 -2.65
C VAL B 128 60.77 5.04 -3.22
N THR B 129 59.79 5.53 -2.45
CA THR B 129 58.41 5.70 -2.94
C THR B 129 58.33 6.64 -4.14
N MET B 130 59.15 7.67 -4.12
CA MET B 130 59.16 8.64 -5.21
C MET B 130 59.90 8.10 -6.45
N LEU B 131 60.81 7.14 -6.26
CA LEU B 131 61.50 6.44 -7.34
C LEU B 131 60.62 5.35 -7.96
N HIS B 132 59.75 4.74 -7.17
CA HIS B 132 58.86 3.72 -7.69
C HIS B 132 57.74 4.39 -8.48
N ASP B 133 57.25 3.70 -9.51
CA ASP B 133 56.13 4.21 -10.31
C ASP B 133 56.44 5.59 -10.89
N ASN B 134 57.66 5.76 -11.38
CA ASN B 134 58.09 7.01 -11.99
C ASN B 134 59.33 6.79 -12.83
N LYS B 135 59.15 6.73 -14.15
CA LYS B 135 60.26 6.40 -15.04
C LYS B 135 61.18 7.59 -15.12
N LEU B 136 62.32 7.45 -14.44
CA LEU B 136 63.24 8.55 -14.23
C LEU B 136 64.65 8.07 -14.58
N SER B 137 65.36 8.91 -15.31
CA SER B 137 66.73 8.62 -15.68
C SER B 137 67.69 9.03 -14.56
N LYS B 138 67.31 10.05 -13.79
CA LYS B 138 68.20 10.59 -12.78
C LYS B 138 67.51 11.06 -11.51
N LEU B 139 68.18 10.83 -10.38
CA LEU B 139 67.78 11.40 -9.11
C LEU B 139 68.90 12.25 -8.56
N THR B 140 68.54 13.39 -8.00
CA THR B 140 69.48 14.26 -7.31
C THR B 140 68.98 14.48 -5.88
N VAL B 141 69.87 14.27 -4.92
CA VAL B 141 69.53 14.45 -3.49
C VAL B 141 70.37 15.62 -2.90
N VAL B 142 69.67 16.58 -2.30
CA VAL B 142 70.34 17.76 -1.73
C VAL B 142 70.26 17.70 -0.21
N PHE B 143 71.40 17.50 0.45
CA PHE B 143 71.40 17.36 1.90
C PHE B 143 71.35 18.76 2.55
N GLU B 144 70.17 19.15 3.04
CA GLU B 144 70.03 20.34 3.90
C GLU B 144 69.87 19.93 5.38
N ILE B 145 70.47 18.82 5.76
CA ILE B 145 70.42 18.31 7.12
C ILE B 145 71.84 17.88 7.34
N ASN B 146 72.32 17.81 8.57
CA ASN B 146 73.67 17.29 8.61
C ASN B 146 73.85 15.90 9.12
N VAL B 147 74.81 15.23 8.52
CA VAL B 147 75.01 13.83 8.78
C VAL B 147 76.51 13.62 8.88
N ASP B 148 76.97 12.78 9.80
CA ASP B 148 78.35 12.40 9.74
C ASP B 148 78.58 11.38 8.61
N LYS B 149 79.86 11.11 8.32
CA LYS B 149 80.23 10.21 7.25
C LYS B 149 79.59 8.82 7.37
N ASN B 150 79.54 8.26 8.58
CA ASN B 150 78.84 7.00 8.80
C ASN B 150 77.36 7.09 8.44
N LEU B 151 76.69 8.18 8.78
CA LEU B 151 75.26 8.26 8.48
C LEU B 151 74.99 8.60 7.02
N PHE B 152 75.90 9.31 6.38
CA PHE B 152 75.83 9.48 4.94
C PHE B 152 76.01 8.13 4.20
N ARG B 153 77.01 7.35 4.60
CA ARG B 153 77.18 6.02 4.02
C ARG B 153 75.92 5.17 4.23
N PHE B 154 75.38 5.21 5.46
CA PHE B 154 74.17 4.45 5.77
C PHE B 154 72.97 4.89 4.91
N PHE B 155 72.83 6.20 4.69
CA PHE B 155 71.81 6.71 3.77
C PHE B 155 71.94 6.04 2.41
N LEU B 156 73.16 6.02 1.85
CA LEU B 156 73.39 5.45 0.54
C LEU B 156 73.15 3.94 0.47
N GLU B 157 73.75 3.21 1.44
CA GLU B 157 73.56 1.74 1.57
C GLU B 157 72.06 1.38 1.63
N THR B 158 71.30 2.20 2.34
CA THR B 158 69.90 1.90 2.62
C THR B 158 69.08 2.19 1.38
N LEU B 159 69.35 3.33 0.76
CA LEU B 159 68.73 3.70 -0.53
C LEU B 159 68.95 2.56 -1.55
N PHE B 160 70.20 2.13 -1.70
CA PHE B 160 70.56 1.08 -2.66
C PHE B 160 69.82 -0.22 -2.36
N TYR B 161 69.87 -0.65 -1.10
CA TYR B 161 69.24 -1.90 -0.71
C TYR B 161 67.72 -1.86 -0.89
N GLU B 162 67.09 -0.78 -0.42
CA GLU B 162 65.62 -0.67 -0.46
C GLU B 162 65.11 -0.50 -1.89
N TYR B 163 65.94 0.08 -2.75
CA TYR B 163 65.60 0.34 -4.14
C TYR B 163 65.66 -0.95 -4.95
N MET B 164 66.65 -1.80 -4.67
CA MET B 164 66.82 -3.06 -5.40
C MET B 164 65.65 -4.02 -5.19
N THR B 165 65.04 -4.50 -6.28
CA THR B 165 63.96 -5.47 -6.20
C THR B 165 64.46 -6.85 -6.68
N ASP B 166 64.32 -7.85 -5.81
CA ASP B 166 64.79 -9.21 -6.08
C ASP B 166 63.73 -9.94 -6.92
N GLU B 167 64.01 -10.20 -8.21
CA GLU B 167 63.05 -10.85 -9.13
C GLU B 167 63.55 -12.22 -9.60
N ARG B 168 64.54 -12.77 -8.90
CA ARG B 168 65.08 -14.08 -9.26
C ARG B 168 64.03 -15.17 -9.41
N PHE B 169 62.92 -15.04 -8.69
CA PHE B 169 61.96 -16.15 -8.67
C PHE B 169 60.62 -15.82 -9.33
N LYS B 170 60.52 -14.64 -9.92
CA LYS B 170 59.41 -14.25 -10.80
C LYS B 170 59.65 -14.90 -12.14
N SER B 171 58.60 -15.30 -12.81
CA SER B 171 58.74 -15.67 -14.20
C SER B 171 57.63 -14.98 -14.96
N THR B 172 56.39 -15.46 -14.76
CA THR B 172 55.17 -14.76 -15.31
C THR B 172 54.80 -13.41 -14.63
N ASP B 173 55.27 -13.17 -13.39
CA ASP B 173 54.86 -11.96 -12.62
C ASP B 173 55.94 -10.87 -12.35
N LYS B 174 56.81 -10.65 -13.34
CA LYS B 174 57.60 -9.41 -13.42
C LYS B 174 56.63 -8.22 -13.62
N ASN B 175 56.88 -7.03 -13.07
CA ASN B 175 58.14 -6.29 -13.11
C ASN B 175 57.83 -5.15 -14.09
N VAL B 176 56.72 -5.30 -14.84
CA VAL B 176 56.34 -4.47 -16.02
C VAL B 176 56.99 -3.08 -16.12
N ASN B 177 56.73 -2.24 -15.11
CA ASN B 177 57.05 -0.79 -15.16
C ASN B 177 58.28 -0.37 -14.38
N MET B 178 59.11 -1.35 -14.05
CA MET B 178 60.25 -1.17 -13.19
C MET B 178 61.48 -0.87 -14.05
N GLU B 179 61.90 0.38 -14.02
CA GLU B 179 63.20 0.76 -14.57
C GLU B 179 63.97 1.74 -13.69
N TYR B 180 65.20 1.37 -13.38
CA TYR B 180 66.07 2.11 -12.51
C TYR B 180 66.71 3.38 -13.08
N ILE B 181 66.93 4.38 -12.21
CA ILE B 181 67.72 5.56 -12.55
C ILE B 181 69.11 5.11 -13.01
N LYS B 182 69.73 5.90 -13.88
CA LYS B 182 71.08 5.56 -14.33
C LYS B 182 72.12 6.45 -13.68
N HIS B 183 71.64 7.54 -13.08
CA HIS B 183 72.48 8.55 -12.45
C HIS B 183 71.91 8.99 -11.14
N LEU B 184 72.82 9.20 -10.18
CA LEU B 184 72.49 9.78 -8.89
C LEU B 184 73.48 10.88 -8.57
N GLY B 185 72.96 12.07 -8.29
CA GLY B 185 73.78 13.23 -7.92
C GLY B 185 73.44 13.58 -6.49
N VAL B 186 74.46 13.93 -5.71
CA VAL B 186 74.28 14.28 -4.32
C VAL B 186 74.98 15.62 -4.05
N TYR B 187 74.27 16.52 -3.39
CA TYR B 187 74.83 17.79 -2.98
C TYR B 187 74.93 17.81 -1.45
N ILE B 188 76.14 18.06 -0.94
CA ILE B 188 76.36 18.03 0.50
C ILE B 188 77.51 18.98 0.87
N ASN B 189 77.48 19.51 2.09
CA ASN B 189 78.58 20.31 2.60
C ASN B 189 79.84 19.49 2.74
N ASN B 190 80.99 20.09 2.43
CA ASN B 190 82.29 19.41 2.56
C ASN B 190 82.26 18.07 1.84
N ALA B 191 81.81 18.14 0.58
CA ALA B 191 81.55 17.00 -0.25
C ALA B 191 82.80 16.13 -0.33
N ASP B 192 83.96 16.77 -0.30
CA ASP B 192 85.22 16.07 -0.52
C ASP B 192 85.49 14.97 0.50
N THR B 193 85.01 15.15 1.73
CA THR B 193 85.21 14.17 2.80
C THR B 193 84.22 13.01 2.68
N TYR B 194 83.11 13.25 1.96
CA TYR B 194 82.03 12.29 1.78
C TYR B 194 82.21 11.38 0.58
N LYS B 195 83.00 11.81 -0.40
CA LYS B 195 83.13 11.09 -1.65
C LYS B 195 83.64 9.67 -1.42
N GLU B 196 84.55 9.51 -0.46
CA GLU B 196 85.10 8.17 -0.14
C GLU B 196 84.00 7.21 0.32
N GLU B 197 82.94 7.74 0.92
CA GLU B 197 81.85 6.90 1.41
C GLU B 197 81.02 6.26 0.29
N VAL B 198 81.11 6.79 -0.93
CA VAL B 198 80.25 6.30 -2.01
C VAL B 198 80.54 4.84 -2.37
N GLU B 199 81.79 4.54 -2.69
CA GLU B 199 82.13 3.17 -3.08
C GLU B 199 82.15 2.20 -1.89
N LYS B 200 82.45 2.68 -0.70
CA LYS B 200 82.25 1.90 0.52
C LYS B 200 80.76 1.55 0.68
N ALA B 201 79.85 2.50 0.45
CA ALA B 201 78.42 2.20 0.53
C ALA B 201 77.99 1.18 -0.51
N ARG B 202 78.59 1.25 -1.70
CA ARG B 202 78.27 0.34 -2.78
C ARG B 202 78.72 -1.10 -2.45
N VAL B 203 79.93 -1.25 -1.91
CA VAL B 203 80.37 -2.55 -1.42
C VAL B 203 79.48 -3.08 -0.26
N TYR B 204 79.19 -2.23 0.70
CA TYR B 204 78.33 -2.59 1.85
C TYR B 204 76.93 -2.97 1.38
N TYR B 205 76.36 -2.20 0.45
CA TYR B 205 75.07 -2.55 -0.13
C TYR B 205 75.10 -3.96 -0.72
N PHE B 206 76.14 -4.25 -1.52
CA PHE B 206 76.20 -5.56 -2.13
C PHE B 206 76.44 -6.72 -1.16
N GLY B 207 77.30 -6.56 -0.16
CA GLY B 207 77.49 -7.60 0.85
C GLY B 207 76.15 -7.89 1.54
N THR B 208 75.38 -6.85 1.82
CA THR B 208 74.12 -7.07 2.50
C THR B 208 73.02 -7.60 1.59
N TYR B 209 73.05 -7.18 0.31
CA TYR B 209 72.07 -7.67 -0.66
C TYR B 209 72.42 -9.11 -1.07
N TYR B 210 73.70 -9.42 -1.14
CA TYR B 210 74.14 -10.79 -1.36
C TYR B 210 73.65 -11.73 -0.21
N ALA B 211 73.85 -11.31 1.04
CA ALA B 211 73.28 -12.06 2.20
C ALA B 211 71.77 -12.22 2.02
N SER B 212 71.06 -11.13 1.78
CA SER B 212 69.61 -11.19 1.47
C SER B 212 69.18 -12.20 0.39
N GLN B 213 69.93 -12.26 -0.72
CA GLN B 213 69.67 -13.21 -1.80
C GLN B 213 69.78 -14.67 -1.34
N LEU B 214 70.82 -14.97 -0.53
CA LEU B 214 70.96 -16.32 0.00
C LEU B 214 69.81 -16.63 0.97
N ILE B 215 69.46 -15.66 1.85
CA ILE B 215 68.42 -15.85 2.89
C ILE B 215 67.01 -16.05 2.26
N ALA B 216 66.65 -15.15 1.34
CA ALA B 216 65.42 -15.20 0.60
C ALA B 216 65.27 -16.47 -0.27
N ALA B 217 66.38 -17.01 -0.79
CA ALA B 217 66.30 -18.21 -1.64
C ALA B 217 65.74 -19.34 -0.78
N PRO B 218 64.65 -19.99 -1.24
CA PRO B 218 63.96 -21.05 -0.50
C PRO B 218 64.87 -22.24 -0.37
N SER B 219 64.46 -23.15 0.51
CA SER B 219 65.28 -24.24 0.98
C SER B 219 65.46 -25.30 -0.08
N ASN B 220 64.54 -25.39 -1.05
CA ASN B 220 64.80 -26.23 -2.24
C ASN B 220 65.91 -25.68 -3.16
N TYR B 221 66.11 -24.36 -3.22
CA TYR B 221 67.23 -23.81 -3.97
C TYR B 221 68.52 -23.78 -3.14
N CYS B 222 68.37 -23.30 -1.92
CA CYS B 222 69.50 -23.04 -1.02
C CYS B 222 69.56 -24.18 0.04
N ASN B 223 70.44 -25.13 -0.20
CA ASN B 223 70.57 -26.32 0.62
C ASN B 223 72.05 -26.45 0.97
N PRO B 224 72.44 -27.43 1.84
CA PRO B 224 73.85 -27.37 2.23
C PRO B 224 74.84 -27.49 1.06
N VAL B 225 74.47 -28.22 0.01
CA VAL B 225 75.39 -28.42 -1.10
C VAL B 225 75.43 -27.16 -1.99
N SER B 226 74.27 -26.62 -2.35
CA SER B 226 74.24 -25.44 -3.23
C SER B 226 74.75 -24.17 -2.53
N LEU B 227 74.58 -24.08 -1.20
CA LEU B 227 75.06 -22.95 -0.41
C LEU B 227 76.58 -22.98 -0.29
N SER B 228 77.14 -24.15 -0.05
CA SER B 228 78.61 -24.22 -0.03
C SER B 228 79.22 -24.06 -1.41
N ASN B 229 78.50 -24.51 -2.46
CA ASN B 229 78.90 -24.27 -3.85
C ASN B 229 78.93 -22.76 -4.17
N ALA B 230 77.92 -22.03 -3.71
CA ALA B 230 77.92 -20.55 -3.81
C ALA B 230 79.14 -19.91 -3.07
N ALA B 231 79.48 -20.44 -1.91
CA ALA B 231 80.56 -19.83 -1.10
C ALA B 231 81.86 -20.00 -1.88
N VAL B 232 82.02 -21.18 -2.50
CA VAL B 232 83.23 -21.47 -3.29
C VAL B 232 83.37 -20.49 -4.48
N GLU B 233 82.25 -20.23 -5.15
CA GLU B 233 82.22 -19.35 -6.29
C GLU B 233 82.54 -17.90 -5.83
N LEU B 234 82.01 -17.51 -4.66
CA LEU B 234 82.35 -16.23 -4.07
C LEU B 234 83.86 -16.15 -3.75
N ALA B 235 84.41 -17.22 -3.20
CA ALA B 235 85.83 -17.21 -2.84
C ALA B 235 86.74 -17.14 -4.07
N GLN B 236 86.32 -17.84 -5.13
CA GLN B 236 86.99 -17.79 -6.43
C GLN B 236 86.98 -16.39 -7.05
N LYS B 237 85.84 -15.71 -7.01
CA LYS B 237 85.70 -14.35 -7.52
C LYS B 237 86.52 -13.30 -6.76
N LEU B 238 86.73 -13.54 -5.47
CA LEU B 238 87.45 -12.61 -4.58
C LEU B 238 88.89 -13.01 -4.35
N ASN B 239 89.31 -14.14 -4.92
CA ASN B 239 90.66 -14.69 -4.69
C ASN B 239 90.93 -15.00 -3.22
N LEU B 240 89.90 -15.48 -2.51
CA LEU B 240 90.07 -15.98 -1.15
C LEU B 240 90.46 -17.47 -1.18
N GLU B 241 91.29 -17.87 -0.24
CA GLU B 241 91.53 -19.29 0.04
C GLU B 241 90.22 -19.89 0.55
N TYR B 242 89.91 -21.11 0.13
CA TYR B 242 88.68 -21.78 0.54
C TYR B 242 88.91 -23.27 0.63
N LYS B 243 88.13 -23.89 1.52
CA LYS B 243 88.12 -25.30 1.79
C LYS B 243 86.67 -25.63 2.22
N ILE B 244 86.04 -26.61 1.58
CA ILE B 244 84.73 -27.13 2.03
C ILE B 244 85.01 -28.52 2.59
N LEU B 245 84.70 -28.76 3.85
CA LEU B 245 84.89 -30.09 4.42
C LEU B 245 83.60 -30.89 4.18
N GLY B 246 83.77 -32.09 3.61
CA GLY B 246 82.63 -33.03 3.47
C GLY B 246 82.54 -34.03 4.63
N VAL B 247 81.57 -34.93 4.54
CA VAL B 247 81.28 -35.87 5.62
C VAL B 247 82.49 -36.71 6.09
N LYS B 248 83.33 -37.16 5.15
CA LYS B 248 84.44 -38.04 5.51
C LYS B 248 85.45 -37.28 6.38
N GLU B 249 85.71 -36.04 6.02
CA GLU B 249 86.60 -35.22 6.80
C GLU B 249 85.96 -34.80 8.12
N LEU B 250 84.65 -34.57 8.11
CA LEU B 250 83.98 -34.15 9.35
C LEU B 250 83.95 -35.32 10.35
N GLU B 251 83.79 -36.53 9.84
CA GLU B 251 83.88 -37.75 10.66
C GLU B 251 85.27 -37.90 11.28
N GLU B 252 86.33 -37.74 10.47
CA GLU B 252 87.73 -37.73 10.94
C GLU B 252 87.98 -36.68 12.04
N LEU B 253 87.37 -35.50 11.91
CA LEU B 253 87.49 -34.46 12.92
C LEU B 253 86.56 -34.72 14.14
N LYS B 254 85.76 -35.77 14.08
CA LYS B 254 84.90 -36.18 15.20
C LYS B 254 83.82 -35.14 15.53
N MET B 255 83.34 -34.45 14.49
CA MET B 255 82.30 -33.42 14.67
C MET B 255 80.89 -34.04 14.81
N GLY B 256 80.72 -34.74 15.92
CA GLY B 256 79.51 -35.52 16.20
C GLY B 256 78.27 -34.71 16.46
N ALA B 257 78.40 -33.54 17.06
CA ALA B 257 77.25 -32.71 17.35
C ALA B 257 76.68 -32.18 16.01
N TYR B 258 77.53 -31.56 15.21
CA TYR B 258 77.17 -31.09 13.84
C TYR B 258 76.64 -32.18 12.90
N LEU B 259 77.37 -33.29 12.80
CA LEU B 259 76.89 -34.41 11.94
C LEU B 259 75.56 -35.01 12.40
N SER B 260 75.27 -34.99 13.70
CA SER B 260 73.94 -35.50 14.20
C SER B 260 72.78 -34.71 13.66
N VAL B 261 72.97 -33.40 13.66
CA VAL B 261 71.92 -32.56 13.18
C VAL B 261 71.56 -32.86 11.74
N GLY B 262 72.56 -33.01 10.87
CA GLY B 262 72.28 -33.23 9.45
C GLY B 262 71.90 -34.68 9.07
N LYS B 263 71.78 -35.58 10.04
CA LYS B 263 71.59 -37.01 9.75
C LYS B 263 70.31 -37.27 8.96
N GLY B 264 69.27 -36.52 9.25
CA GLY B 264 67.96 -36.80 8.64
C GLY B 264 67.75 -36.08 7.32
N SER B 265 68.82 -35.49 6.78
CA SER B 265 68.71 -34.72 5.56
C SER B 265 69.20 -35.51 4.34
N MET B 266 68.59 -35.23 3.18
CA MET B 266 69.08 -35.79 1.91
C MET B 266 70.34 -35.10 1.40
N TYR B 267 70.69 -33.93 1.96
CA TYR B 267 71.88 -33.17 1.59
C TYR B 267 73.01 -33.53 2.53
N PRO B 268 74.18 -33.87 1.98
CA PRO B 268 75.34 -34.08 2.86
C PRO B 268 75.74 -32.77 3.57
N ASN B 269 76.17 -32.89 4.84
CA ASN B 269 76.77 -31.74 5.52
C ASN B 269 77.95 -31.17 4.73
N LYS B 270 78.04 -29.83 4.69
CA LYS B 270 79.18 -29.16 4.09
C LYS B 270 79.66 -28.06 5.02
N PHE B 271 80.94 -28.09 5.40
CA PHE B 271 81.47 -27.09 6.34
C PHE B 271 82.29 -26.11 5.52
N ILE B 272 81.90 -24.84 5.55
CA ILE B 272 82.52 -23.83 4.76
C ILE B 272 83.69 -23.17 5.54
N HIS B 273 84.84 -23.00 4.90
CA HIS B 273 85.98 -22.32 5.53
C HIS B 273 86.66 -21.49 4.49
N LEU B 274 86.43 -20.17 4.51
CA LEU B 274 87.09 -19.26 3.56
C LEU B 274 88.09 -18.48 4.38
N THR B 275 89.17 -18.00 3.77
CA THR B 275 90.12 -17.19 4.51
C THR B 275 90.56 -15.96 3.69
N TYR B 276 90.55 -14.81 4.34
CA TYR B 276 91.19 -13.63 3.80
C TYR B 276 92.46 -13.38 4.63
N LYS B 277 93.55 -13.10 3.95
CA LYS B 277 94.78 -12.77 4.70
C LYS B 277 95.43 -11.53 4.08
N SER B 278 95.69 -10.51 4.91
CA SER B 278 96.39 -9.29 4.47
C SER B 278 97.79 -9.64 4.01
N LYS B 279 98.29 -8.85 3.08
CA LYS B 279 99.65 -9.01 2.58
C LYS B 279 100.76 -8.78 3.62
N GLY B 280 100.66 -7.81 4.51
CA GLY B 280 101.85 -7.51 5.37
C GLY B 280 101.99 -8.37 6.62
N ASP B 281 102.34 -7.74 7.74
CA ASP B 281 102.27 -8.38 9.05
C ASP B 281 100.79 -8.60 9.41
N VAL B 282 100.50 -9.79 9.94
CA VAL B 282 99.19 -10.06 10.48
C VAL B 282 99.21 -9.77 11.97
N LYS B 283 98.49 -8.74 12.36
CA LYS B 283 98.46 -8.29 13.75
C LYS B 283 97.31 -8.92 14.53
N LYS B 284 96.23 -9.27 13.83
CA LYS B 284 95.02 -9.75 14.49
C LYS B 284 94.44 -10.90 13.65
N LYS B 285 94.07 -11.98 14.34
CA LYS B 285 93.46 -13.13 13.69
C LYS B 285 92.03 -13.30 14.23
N ILE B 286 91.07 -13.39 13.35
CA ILE B 286 89.66 -13.37 13.78
C ILE B 286 88.95 -14.53 13.07
N ALA B 287 88.11 -15.28 13.78
CA ALA B 287 87.20 -16.23 13.14
C ALA B 287 85.74 -15.76 13.26
N LEU B 288 85.02 -15.72 12.16
CA LEU B 288 83.61 -15.32 12.13
C LEU B 288 82.85 -16.58 11.82
N VAL B 289 81.90 -16.94 12.69
CA VAL B 289 81.21 -18.20 12.57
C VAL B 289 79.69 -17.95 12.38
N GLY B 290 79.06 -18.50 11.35
CA GLY B 290 77.65 -18.21 11.10
C GLY B 290 76.82 -19.48 11.23
N LYS B 291 75.67 -19.41 11.90
CA LYS B 291 74.78 -20.57 11.93
C LYS B 291 74.26 -20.81 10.51
N GLY B 292 74.39 -22.03 10.00
CA GLY B 292 74.04 -22.30 8.61
C GLY B 292 73.01 -23.43 8.44
N ILE B 293 71.84 -23.29 9.04
CA ILE B 293 70.80 -24.30 8.88
C ILE B 293 69.92 -23.90 7.72
N THR B 294 69.93 -24.67 6.64
CA THR B 294 69.29 -24.20 5.40
C THR B 294 67.75 -24.38 5.45
N PHE B 295 67.29 -25.30 6.29
CA PHE B 295 65.88 -25.33 6.63
C PHE B 295 65.79 -25.91 8.01
N ASP B 296 65.01 -25.28 8.90
CA ASP B 296 64.85 -25.80 10.28
C ASP B 296 63.43 -26.27 10.51
N SER B 297 63.19 -27.58 10.32
CA SER B 297 61.85 -28.10 10.58
C SER B 297 61.62 -28.25 12.09
N GLY B 298 62.73 -28.23 12.84
CA GLY B 298 62.72 -28.65 14.26
C GLY B 298 63.13 -30.11 14.53
N GLY B 299 63.12 -30.94 13.47
CA GLY B 299 63.36 -32.39 13.55
C GLY B 299 62.22 -33.06 14.29
N TYR B 300 62.52 -34.14 15.02
CA TYR B 300 61.42 -34.82 15.73
C TYR B 300 60.60 -33.92 16.70
N ASN B 301 61.26 -32.91 17.28
CA ASN B 301 60.55 -31.78 17.94
C ASN B 301 60.04 -30.80 16.84
N LEU B 302 59.14 -31.30 15.99
CA LEU B 302 58.70 -30.57 14.82
C LEU B 302 58.16 -29.21 15.21
N LYS B 303 58.43 -28.20 14.40
CA LYS B 303 57.85 -26.85 14.61
C LYS B 303 56.37 -26.86 14.28
N ALA B 304 55.56 -27.37 15.21
CA ALA B 304 54.10 -27.47 15.02
C ALA B 304 53.28 -26.60 15.98
N ALA B 305 53.93 -25.94 16.94
CA ALA B 305 53.22 -25.09 17.89
C ALA B 305 52.78 -23.81 17.21
N PRO B 306 51.60 -23.30 17.60
CA PRO B 306 51.13 -21.99 17.08
C PRO B 306 52.21 -20.93 17.23
N GLY B 307 52.48 -20.18 16.18
CA GLY B 307 53.54 -19.19 16.23
C GLY B 307 54.98 -19.67 16.12
N SER B 308 55.18 -20.94 15.78
CA SER B 308 56.55 -21.46 15.61
C SER B 308 57.14 -21.11 14.24
N MET B 309 56.32 -20.58 13.35
CA MET B 309 56.82 -19.97 12.09
C MET B 309 57.64 -20.90 11.15
N ILE B 310 57.18 -22.15 10.99
CA ILE B 310 57.91 -23.10 10.17
C ILE B 310 58.11 -22.57 8.71
N ASP B 311 57.14 -21.81 8.18
CA ASP B 311 57.22 -21.26 6.82
C ASP B 311 58.36 -20.29 6.58
N LEU B 312 58.91 -19.78 7.66
CA LEU B 312 59.98 -18.82 7.61
C LEU B 312 61.38 -19.45 7.72
N MET B 313 61.46 -20.75 8.01
CA MET B 313 62.71 -21.36 8.42
C MET B 313 63.82 -21.56 7.36
N LYS B 314 63.55 -21.18 6.10
CA LYS B 314 64.65 -20.97 5.15
C LYS B 314 65.67 -19.93 5.69
N PHE B 315 65.22 -19.01 6.57
CA PHE B 315 66.09 -17.93 7.02
C PHE B 315 67.08 -18.40 8.09
N ASP B 316 67.09 -19.70 8.38
CA ASP B 316 67.88 -20.16 9.53
C ASP B 316 69.34 -20.33 9.17
N MET B 317 69.68 -19.84 7.98
CA MET B 317 71.09 -19.74 7.62
C MET B 317 71.52 -18.27 7.49
N SER B 318 70.73 -17.37 8.06
CA SER B 318 71.02 -15.90 8.02
C SER B 318 72.42 -15.57 8.58
N GLY B 319 72.87 -16.35 9.55
CA GLY B 319 74.17 -16.08 10.18
C GLY B 319 75.28 -16.42 9.19
N CYS B 320 75.15 -17.57 8.55
CA CYS B 320 76.06 -17.93 7.49
C CYS B 320 76.02 -16.89 6.34
N ALA B 321 74.83 -16.48 5.92
CA ALA B 321 74.67 -15.40 4.91
C ALA B 321 75.41 -14.12 5.31
N ALA B 322 75.32 -13.73 6.60
CA ALA B 322 76.07 -12.52 7.08
C ALA B 322 77.57 -12.70 7.00
N VAL B 323 78.04 -13.88 7.39
CA VAL B 323 79.45 -14.15 7.34
C VAL B 323 79.96 -14.16 5.89
N LEU B 324 79.16 -14.72 4.98
CA LEU B 324 79.55 -14.72 3.56
C LEU B 324 79.47 -13.32 3.01
N GLY B 325 78.45 -12.54 3.39
CA GLY B 325 78.35 -11.11 2.95
C GLY B 325 79.55 -10.28 3.44
N CYS B 326 80.00 -10.59 4.66
CA CYS B 326 81.18 -9.94 5.24
C CYS B 326 82.42 -10.35 4.47
N ALA B 327 82.48 -11.61 4.01
CA ALA B 327 83.66 -12.08 3.22
C ALA B 327 83.69 -11.31 1.93
N TYR B 328 82.51 -10.99 1.36
CA TYR B 328 82.50 -10.18 0.15
C TYR B 328 83.07 -8.79 0.45
N CYS B 329 82.54 -8.09 1.45
CA CYS B 329 83.11 -6.76 1.82
C CYS B 329 84.61 -6.79 2.18
N VAL B 330 85.03 -7.69 3.06
CA VAL B 330 86.46 -7.80 3.43
C VAL B 330 87.33 -8.13 2.22
N GLY B 331 86.92 -9.07 1.38
CA GLY B 331 87.71 -9.48 0.26
C GLY B 331 87.79 -8.39 -0.80
N THR B 332 86.79 -7.50 -0.81
CA THR B 332 86.76 -6.38 -1.75
C THR B 332 87.55 -5.19 -1.23
N LEU B 333 87.44 -4.87 0.06
CA LEU B 333 88.11 -3.68 0.60
C LEU B 333 89.57 -4.00 0.97
N LYS B 334 89.87 -5.29 1.09
CA LYS B 334 91.21 -5.75 1.37
C LYS B 334 91.92 -5.03 2.54
N PRO B 335 91.43 -5.18 3.80
CA PRO B 335 92.14 -4.48 4.91
C PRO B 335 93.54 -5.03 5.17
N GLU B 336 94.40 -4.24 5.78
CA GLU B 336 95.72 -4.71 6.14
C GLU B 336 95.73 -5.30 7.57
N ASN B 337 96.80 -5.96 7.92
CA ASN B 337 97.07 -6.36 9.30
C ASN B 337 96.21 -7.49 9.90
N VAL B 338 95.37 -8.09 9.06
CA VAL B 338 94.41 -9.06 9.53
C VAL B 338 94.43 -10.38 8.78
N GLU B 339 94.17 -11.47 9.49
CA GLU B 339 93.71 -12.74 8.95
C GLU B 339 92.27 -13.06 9.44
N ILE B 340 91.35 -13.25 8.53
CA ILE B 340 89.95 -13.50 8.85
C ILE B 340 89.50 -14.89 8.32
N HIS B 341 88.95 -15.73 9.19
CA HIS B 341 88.42 -17.03 8.77
C HIS B 341 86.91 -16.92 8.80
N PHE B 342 86.28 -17.40 7.73
CA PHE B 342 84.83 -17.24 7.59
C PHE B 342 84.32 -18.66 7.56
N LEU B 343 83.54 -19.04 8.59
CA LEU B 343 83.25 -20.43 8.88
C LEU B 343 81.74 -20.63 8.96
N SER B 344 81.24 -21.71 8.38
CA SER B 344 79.86 -22.14 8.66
C SER B 344 79.71 -23.66 8.57
N ALA B 345 79.13 -24.27 9.63
CA ALA B 345 78.84 -25.71 9.61
C ALA B 345 77.42 -25.82 9.01
N VAL B 346 77.35 -26.00 7.69
CA VAL B 346 76.08 -25.96 6.99
C VAL B 346 75.42 -27.34 7.00
N CYS B 347 74.13 -27.38 7.32
CA CYS B 347 73.36 -28.61 7.27
C CYS B 347 71.87 -28.26 7.22
N GLU B 348 71.02 -29.26 7.10
CA GLU B 348 69.56 -29.09 7.12
C GLU B 348 68.96 -29.97 8.25
N ASN B 349 67.91 -29.50 8.95
CA ASN B 349 67.31 -30.16 10.17
C ASN B 349 65.96 -30.74 9.83
N MET B 350 65.96 -32.04 9.50
CA MET B 350 64.78 -32.67 8.88
C MET B 350 64.25 -33.86 9.65
N VAL B 351 63.09 -34.35 9.21
CA VAL B 351 62.43 -35.52 9.83
C VAL B 351 62.49 -36.76 8.94
N SER B 352 63.07 -37.84 9.46
CA SER B 352 63.37 -38.98 8.59
C SER B 352 63.60 -40.20 9.47
N LYS B 353 63.68 -41.39 8.87
CA LYS B 353 64.08 -42.54 9.65
C LYS B 353 65.53 -42.37 10.12
N ASN B 354 66.28 -41.54 9.40
CA ASN B 354 67.68 -41.31 9.71
C ASN B 354 67.97 -40.17 10.71
N SER B 355 66.97 -39.36 11.08
CA SER B 355 67.21 -38.23 12.00
C SER B 355 67.77 -38.59 13.38
N TYR B 356 68.54 -37.69 13.97
CA TYR B 356 68.78 -37.78 15.40
C TYR B 356 67.45 -37.58 16.18
N ARG B 357 67.39 -38.18 17.36
CA ARG B 357 66.20 -38.14 18.21
C ARG B 357 66.43 -37.41 19.53
N PRO B 358 65.33 -36.92 20.13
CA PRO B 358 65.34 -36.38 21.50
C PRO B 358 65.83 -37.46 22.45
N GLY B 359 66.77 -37.11 23.33
CA GLY B 359 67.36 -38.08 24.21
C GLY B 359 68.71 -38.63 23.73
N ASP B 360 69.02 -38.61 22.43
CA ASP B 360 70.32 -39.12 21.92
C ASP B 360 71.50 -38.45 22.65
N ILE B 361 72.57 -39.21 22.89
CA ILE B 361 73.81 -38.62 23.40
C ILE B 361 74.85 -38.69 22.30
N ILE B 362 75.38 -37.52 21.93
CA ILE B 362 76.28 -37.34 20.78
C ILE B 362 77.55 -36.74 21.34
N THR B 363 78.66 -36.91 20.63
CA THR B 363 79.97 -36.49 21.16
C THR B 363 80.52 -35.41 20.28
N ALA B 364 80.75 -34.22 20.85
CA ALA B 364 81.30 -33.09 20.12
C ALA B 364 82.80 -33.35 19.84
N SER B 365 83.40 -32.55 18.95
CA SER B 365 84.80 -32.72 18.55
C SER B 365 85.82 -32.40 19.67
N ASN B 366 85.39 -31.86 20.80
CA ASN B 366 86.33 -31.62 21.94
C ASN B 366 86.13 -32.72 22.96
N GLY B 367 85.39 -33.77 22.58
CA GLY B 367 85.18 -34.92 23.46
C GLY B 367 84.01 -34.79 24.43
N LYS B 368 83.35 -33.63 24.50
CA LYS B 368 82.22 -33.47 25.46
C LYS B 368 81.00 -34.21 24.94
N THR B 369 80.40 -35.05 25.78
CA THR B 369 79.17 -35.72 25.41
C THR B 369 77.97 -34.84 25.77
N ILE B 370 76.96 -34.84 24.90
CA ILE B 370 75.88 -33.93 24.99
C ILE B 370 74.62 -34.74 24.90
N GLU B 371 73.74 -34.56 25.87
CA GLU B 371 72.40 -35.11 25.80
C GLU B 371 71.44 -34.18 25.13
N VAL B 372 70.82 -34.63 24.04
CA VAL B 372 69.91 -33.80 23.24
C VAL B 372 68.58 -33.83 23.94
N GLY B 373 68.07 -32.67 24.33
CA GLY B 373 66.80 -32.61 25.03
C GLY B 373 65.72 -32.16 24.09
N ASN B 374 66.11 -31.56 22.97
CA ASN B 374 65.12 -31.07 22.02
C ASN B 374 65.81 -30.93 20.67
N THR B 375 65.33 -31.64 19.64
CA THR B 375 66.02 -31.60 18.36
C THR B 375 65.98 -30.24 17.64
N ASP B 376 65.11 -29.36 18.11
CA ASP B 376 64.91 -28.02 17.54
C ASP B 376 65.91 -27.04 18.20
N ALA B 377 66.76 -27.55 19.09
CA ALA B 377 67.83 -26.71 19.58
C ALA B 377 69.09 -27.12 18.82
N GLU B 378 69.00 -27.14 17.49
CA GLU B 378 70.05 -27.72 16.65
C GLU B 378 71.20 -26.77 16.33
N GLY B 379 70.90 -25.47 16.29
CA GLY B 379 71.85 -24.43 15.93
C GLY B 379 73.03 -24.50 16.90
N ARG B 380 72.75 -24.65 18.19
CA ARG B 380 73.86 -24.68 19.18
C ARG B 380 74.77 -25.91 19.05
N LEU B 381 74.22 -27.00 18.55
CA LEU B 381 75.01 -28.22 18.29
C LEU B 381 75.97 -28.04 17.12
N THR B 382 75.48 -27.40 16.05
CA THR B 382 76.37 -27.18 14.91
C THR B 382 77.44 -26.16 15.29
N LEU B 383 77.02 -25.13 16.01
CA LEU B 383 77.93 -24.08 16.48
C LEU B 383 78.96 -24.60 17.44
N ALA B 384 78.58 -25.54 18.32
CA ALA B 384 79.54 -26.13 19.24
C ALA B 384 80.76 -26.68 18.46
N ASP B 385 80.49 -27.49 17.43
CA ASP B 385 81.60 -28.07 16.66
C ASP B 385 82.28 -27.01 15.78
N ALA B 386 81.53 -25.97 15.35
CA ALA B 386 82.21 -24.89 14.58
C ALA B 386 83.13 -24.06 15.48
N LEU B 387 82.73 -23.88 16.73
CA LEU B 387 83.53 -23.14 17.68
C LEU B 387 84.79 -23.94 18.07
N VAL B 388 84.68 -25.25 18.25
CA VAL B 388 85.86 -26.06 18.54
C VAL B 388 86.90 -25.93 17.39
N TYR B 389 86.40 -26.07 16.16
CA TYR B 389 87.18 -25.85 14.93
C TYR B 389 87.86 -24.46 14.92
N ALA B 390 87.08 -23.41 15.18
CA ALA B 390 87.57 -22.02 15.16
C ALA B 390 88.71 -21.82 16.18
N GLU B 391 88.50 -22.25 17.42
CA GLU B 391 89.56 -22.12 18.42
C GLU B 391 90.88 -22.84 18.08
N LYS B 392 90.79 -23.97 17.37
CA LYS B 392 91.98 -24.72 16.92
C LYS B 392 92.81 -23.92 15.92
N LEU B 393 92.18 -22.98 15.22
CA LEU B 393 92.92 -22.11 14.28
C LEU B 393 93.86 -21.14 15.02
N GLY B 394 93.74 -21.01 16.34
CA GLY B 394 94.57 -20.10 17.12
C GLY B 394 94.30 -18.64 16.83
N VAL B 395 93.05 -18.22 16.92
CA VAL B 395 92.68 -16.83 16.60
C VAL B 395 92.67 -15.93 17.84
N ASP B 396 92.68 -14.61 17.66
CA ASP B 396 92.53 -13.67 18.78
C ASP B 396 91.05 -13.50 19.21
N TYR B 397 90.14 -13.52 18.26
CA TYR B 397 88.74 -13.36 18.57
C TYR B 397 87.95 -14.35 17.77
N ILE B 398 86.89 -14.88 18.40
CA ILE B 398 85.88 -15.65 17.72
C ILE B 398 84.53 -14.94 17.92
N VAL B 399 83.89 -14.54 16.83
CA VAL B 399 82.53 -14.01 16.86
C VAL B 399 81.59 -14.93 16.08
N ASP B 400 80.55 -15.43 16.74
CA ASP B 400 79.54 -16.18 16.04
C ASP B 400 78.30 -15.32 15.89
N ILE B 401 77.51 -15.59 14.84
CA ILE B 401 76.27 -14.86 14.59
C ILE B 401 75.28 -15.93 14.16
N ALA B 402 74.06 -15.89 14.70
CA ALA B 402 73.10 -17.00 14.57
C ALA B 402 71.66 -16.54 14.79
N THR B 403 70.70 -17.10 14.03
CA THR B 403 69.25 -16.97 14.35
C THR B 403 68.89 -18.07 15.38
N LEU B 404 69.34 -17.89 16.60
CA LEU B 404 69.46 -19.01 17.50
C LEU B 404 68.21 -19.23 18.38
N THR B 405 67.58 -18.17 18.87
CA THR B 405 66.48 -18.37 19.82
C THR B 405 65.33 -17.40 19.53
N GLY B 406 64.12 -17.95 19.40
CA GLY B 406 62.90 -17.15 19.23
C GLY B 406 62.54 -16.21 20.38
N ALA B 407 63.03 -16.50 21.60
CA ALA B 407 63.00 -15.61 22.76
C ALA B 407 63.54 -14.17 22.50
N MET B 408 64.45 -14.02 21.52
CA MET B 408 64.94 -12.69 21.18
C MET B 408 63.76 -11.77 20.85
N LEU B 409 62.70 -12.29 20.21
CA LEU B 409 61.49 -11.48 19.91
C LEU B 409 60.78 -10.89 21.14
N TYR B 410 60.95 -11.56 22.28
CA TYR B 410 60.31 -11.14 23.51
C TYR B 410 61.24 -10.30 24.35
N SER B 411 62.53 -10.34 24.05
CA SER B 411 63.50 -9.57 24.85
C SER B 411 63.87 -8.22 24.19
N LEU B 412 64.42 -8.24 22.98
CA LEU B 412 64.83 -6.99 22.32
C LEU B 412 63.88 -6.69 21.14
N GLY B 413 63.21 -7.72 20.64
CA GLY B 413 62.27 -7.58 19.51
C GLY B 413 62.93 -7.58 18.15
N THR B 414 62.36 -6.84 17.20
CA THR B 414 62.78 -6.87 15.79
C THR B 414 63.86 -5.86 15.37
N SER B 415 64.14 -4.85 16.22
CA SER B 415 65.12 -3.81 15.89
C SER B 415 66.55 -4.06 16.34
N TYR B 416 66.75 -4.56 17.58
CA TYR B 416 68.13 -4.71 18.10
C TYR B 416 68.50 -6.17 18.30
N ALA B 417 69.69 -6.56 17.86
CA ALA B 417 70.23 -7.90 18.06
C ALA B 417 70.81 -7.94 19.46
N GLY B 418 70.97 -9.14 20.02
CA GLY B 418 71.54 -9.24 21.36
C GLY B 418 72.97 -9.73 21.19
N VAL B 419 73.91 -9.21 21.97
CA VAL B 419 75.25 -9.77 21.97
C VAL B 419 75.60 -10.27 23.37
N PHE B 420 76.25 -11.42 23.43
CA PHE B 420 76.68 -12.08 24.66
C PHE B 420 78.16 -12.41 24.48
N GLY B 421 78.95 -12.48 25.55
CA GLY B 421 80.32 -12.95 25.35
C GLY B 421 81.08 -13.26 26.63
N ASN B 422 82.31 -13.79 26.49
CA ASN B 422 83.14 -14.08 27.65
C ASN B 422 84.25 -13.01 27.90
N ASN B 423 84.24 -11.91 27.16
CA ASN B 423 85.33 -10.91 27.15
C ASN B 423 84.82 -9.46 26.93
N GLU B 424 85.01 -8.61 27.91
CA GLU B 424 84.49 -7.26 27.87
C GLU B 424 85.04 -6.40 26.73
N GLU B 425 86.35 -6.51 26.48
CA GLU B 425 86.98 -5.76 25.37
C GLU B 425 86.36 -6.10 24.05
N LEU B 426 86.22 -7.40 23.79
CA LEU B 426 85.60 -7.86 22.57
C LEU B 426 84.14 -7.40 22.49
N ILE B 427 83.38 -7.52 23.59
CA ILE B 427 82.01 -7.04 23.55
C ILE B 427 81.98 -5.56 23.18
N ASN B 428 82.86 -4.76 23.78
CA ASN B 428 82.90 -3.33 23.48
C ASN B 428 83.27 -3.01 22.01
N LYS B 429 84.22 -3.77 21.43
CA LYS B 429 84.51 -3.67 19.97
C LYS B 429 83.23 -3.93 19.13
N ILE B 430 82.46 -4.92 19.55
CA ILE B 430 81.20 -5.24 18.81
C ILE B 430 80.22 -4.05 18.94
N LEU B 431 80.10 -3.50 20.15
CA LEU B 431 79.18 -2.38 20.34
C LEU B 431 79.60 -1.15 19.52
N GLN B 432 80.92 -0.88 19.48
CA GLN B 432 81.44 0.21 18.65
C GLN B 432 81.17 -0.02 17.12
N SER B 433 81.29 -1.27 16.64
CA SER B 433 80.95 -1.63 15.25
C SER B 433 79.48 -1.45 14.98
N SER B 434 78.66 -1.68 16.01
CA SER B 434 77.22 -1.47 15.90
C SER B 434 76.94 0.01 15.67
N LYS B 435 77.65 0.83 16.42
CA LYS B 435 77.52 2.28 16.30
C LYS B 435 77.89 2.74 14.87
N THR B 436 79.05 2.32 14.39
CA THR B 436 79.57 2.83 13.10
C THR B 436 78.93 2.17 11.85
N SER B 437 78.34 0.98 12.01
CA SER B 437 77.60 0.33 10.92
C SER B 437 76.12 0.67 10.95
N ASN B 438 75.67 1.20 12.09
CA ASN B 438 74.30 1.57 12.31
C ASN B 438 73.40 0.39 12.21
N GLU B 439 73.94 -0.75 12.65
CA GLU B 439 73.16 -1.96 12.86
C GLU B 439 73.07 -2.18 14.39
N PRO B 440 71.89 -1.92 14.99
CA PRO B 440 71.76 -1.83 16.46
C PRO B 440 71.94 -3.18 17.17
N VAL B 441 72.72 -3.16 18.24
CA VAL B 441 73.01 -4.33 19.03
C VAL B 441 72.95 -3.94 20.51
N TRP B 442 72.62 -4.90 21.40
CA TRP B 442 72.48 -4.61 22.81
C TRP B 442 73.12 -5.72 23.61
N TRP B 443 73.96 -5.35 24.58
CA TRP B 443 74.69 -6.34 25.34
C TRP B 443 73.77 -6.97 26.39
N LEU B 444 73.69 -8.31 26.35
CA LEU B 444 72.91 -9.11 27.26
C LEU B 444 73.89 -10.03 28.07
N PRO B 445 73.50 -10.39 29.31
CA PRO B 445 74.42 -11.10 30.21
C PRO B 445 74.41 -12.61 30.04
N ILE B 446 75.56 -13.23 30.24
CA ILE B 446 75.66 -14.67 30.41
C ILE B 446 75.57 -14.91 31.94
N ILE B 447 74.42 -15.40 32.39
CA ILE B 447 74.09 -15.48 33.83
C ILE B 447 74.53 -16.86 34.32
N ASN B 448 75.65 -16.92 35.04
CA ASN B 448 76.22 -18.20 35.41
C ASN B 448 75.36 -19.04 36.36
N GLU B 449 74.50 -18.40 37.12
CA GLU B 449 73.55 -19.12 37.96
C GLU B 449 72.78 -20.20 37.17
N TYR B 450 72.50 -19.97 35.89
CA TYR B 450 71.71 -20.95 35.12
C TYR B 450 72.50 -22.15 34.63
N ARG B 451 73.83 -22.10 34.75
CA ARG B 451 74.68 -23.19 34.25
C ARG B 451 74.35 -24.57 34.85
N ALA B 452 74.00 -24.58 36.12
CA ALA B 452 73.65 -25.82 36.81
C ALA B 452 72.50 -26.53 36.12
N THR B 453 71.61 -25.77 35.48
CA THR B 453 70.50 -26.42 34.79
C THR B 453 70.90 -27.09 33.45
N LEU B 454 72.16 -26.96 33.05
CA LEU B 454 72.65 -27.81 31.96
C LEU B 454 73.36 -29.07 32.45
N ASN B 455 73.30 -29.38 33.75
CA ASN B 455 74.00 -30.58 34.22
C ASN B 455 73.15 -31.74 33.76
N SER B 456 73.77 -32.74 33.17
CA SER B 456 73.05 -33.89 32.65
C SER B 456 73.32 -35.03 33.61
N LYS B 457 72.36 -35.93 33.76
CA LYS B 457 72.54 -37.08 34.65
C LYS B 457 73.53 -38.07 34.01
N TYR B 458 73.54 -38.14 32.70
CA TYR B 458 74.23 -39.19 31.97
C TYR B 458 75.37 -38.63 31.10
N ALA B 459 75.11 -37.53 30.36
CA ALA B 459 76.11 -36.94 29.46
C ALA B 459 76.91 -35.93 30.25
N ASP B 460 77.97 -35.39 29.62
CA ASP B 460 78.76 -34.33 30.23
C ASP B 460 77.91 -33.06 30.41
N ILE B 461 76.93 -32.82 29.55
CA ILE B 461 76.15 -31.57 29.56
C ILE B 461 74.84 -31.80 28.79
N ASN B 462 73.80 -31.09 29.18
CA ASN B 462 72.55 -31.07 28.46
C ASN B 462 72.66 -29.97 27.45
N GLN B 463 72.05 -30.21 26.30
CA GLN B 463 71.80 -29.27 25.24
C GLN B 463 70.85 -28.12 25.67
N ILE B 464 69.80 -28.45 26.42
CA ILE B 464 68.83 -27.45 26.90
C ILE B 464 68.62 -27.47 28.39
N SER B 465 68.00 -26.40 28.90
CA SER B 465 67.69 -26.29 30.33
C SER B 465 66.40 -27.04 30.64
N SER B 466 66.38 -27.72 31.79
CA SER B 466 65.14 -28.24 32.37
C SER B 466 64.19 -27.08 32.74
N SER B 467 64.74 -26.09 33.46
CA SER B 467 63.90 -25.15 34.21
C SER B 467 63.92 -23.69 33.74
N VAL B 468 64.96 -23.26 33.03
CA VAL B 468 65.13 -21.83 32.77
C VAL B 468 64.47 -21.44 31.45
N LYS B 469 63.59 -20.43 31.46
CA LYS B 469 62.91 -19.98 30.25
C LYS B 469 63.71 -18.91 29.46
N ALA B 470 64.78 -18.38 30.09
CA ALA B 470 65.66 -17.38 29.45
C ALA B 470 66.57 -18.12 28.48
N SER B 471 65.97 -18.59 27.38
CA SER B 471 66.61 -19.51 26.45
C SER B 471 67.82 -18.91 25.70
N SER B 472 67.78 -17.61 25.41
CA SER B 472 68.93 -16.98 24.70
C SER B 472 70.15 -16.94 25.60
N ILE B 473 69.92 -16.82 26.89
CA ILE B 473 70.99 -16.85 27.86
C ILE B 473 71.49 -18.28 28.06
N VAL B 474 70.57 -19.25 28.10
CA VAL B 474 70.94 -20.67 28.26
C VAL B 474 71.80 -21.13 27.05
N ALA B 475 71.37 -20.76 25.84
CA ALA B 475 72.08 -21.08 24.60
C ALA B 475 73.53 -20.56 24.67
N SER B 476 73.71 -19.34 25.16
CA SER B 476 75.03 -18.73 25.35
C SER B 476 75.93 -19.47 26.31
N LEU B 477 75.35 -19.89 27.44
CA LEU B 477 76.05 -20.72 28.42
C LEU B 477 76.50 -22.03 27.82
N PHE B 478 75.62 -22.66 27.03
CA PHE B 478 75.99 -23.84 26.27
C PHE B 478 77.19 -23.62 25.30
N LEU B 479 77.12 -22.58 24.47
CA LEU B 479 78.17 -22.29 23.47
C LEU B 479 79.49 -22.01 24.21
N LYS B 480 79.42 -21.28 25.31
CA LYS B 480 80.60 -20.96 26.10
C LYS B 480 81.43 -22.20 26.52
N GLU B 481 80.77 -23.36 26.63
CA GLU B 481 81.45 -24.59 27.01
C GLU B 481 82.37 -25.10 25.88
N PHE B 482 82.25 -24.50 24.69
CA PHE B 482 82.99 -24.91 23.50
C PHE B 482 84.12 -23.97 23.08
N VAL B 483 84.38 -23.01 23.96
CA VAL B 483 85.49 -22.06 23.82
C VAL B 483 86.24 -22.14 25.15
N GLN B 484 87.49 -22.58 25.11
CA GLN B 484 88.25 -22.85 26.32
C GLN B 484 89.04 -21.63 26.76
N ASN B 485 89.73 -20.96 25.85
CA ASN B 485 90.61 -19.90 26.30
C ASN B 485 90.82 -18.77 25.31
N THR B 486 89.76 -18.35 24.64
CA THR B 486 89.84 -17.35 23.58
C THR B 486 88.70 -16.39 23.79
N ALA B 487 88.95 -15.10 23.53
CA ALA B 487 87.90 -14.09 23.59
C ALA B 487 86.82 -14.47 22.57
N TRP B 488 85.57 -14.48 23.03
CA TRP B 488 84.46 -14.91 22.21
C TRP B 488 83.18 -14.09 22.47
N ALA B 489 82.43 -13.82 21.41
CA ALA B 489 81.16 -13.17 21.51
C ALA B 489 80.18 -13.84 20.54
N HIS B 490 78.90 -13.75 20.86
CA HIS B 490 77.84 -14.45 20.17
C HIS B 490 76.73 -13.41 19.94
N ILE B 491 76.29 -13.26 18.71
CA ILE B 491 75.28 -12.30 18.32
C ILE B 491 74.01 -13.07 17.87
N ASP B 492 72.92 -12.91 18.60
CA ASP B 492 71.74 -13.67 18.34
C ASP B 492 70.83 -12.79 17.51
N ILE B 493 70.57 -13.17 16.25
CA ILE B 493 69.85 -12.29 15.27
C ILE B 493 68.48 -12.91 14.92
N ALA B 494 68.02 -13.82 15.76
CA ALA B 494 66.71 -14.41 15.57
C ALA B 494 65.58 -13.39 15.40
N GLY B 495 65.62 -12.28 16.16
CA GLY B 495 64.55 -11.29 16.10
C GLY B 495 64.69 -10.28 14.99
N VAL B 496 65.95 -9.97 14.63
CA VAL B 496 66.24 -8.89 13.66
C VAL B 496 66.46 -9.29 12.23
N SER B 497 66.66 -10.58 11.97
CA SER B 497 67.14 -10.98 10.66
C SER B 497 66.11 -10.76 9.52
N TRP B 498 64.85 -11.08 9.80
CA TRP B 498 63.80 -10.99 8.79
C TRP B 498 62.91 -9.75 9.04
N ASN B 499 62.66 -8.97 8.01
CA ASN B 499 61.79 -7.81 8.09
C ASN B 499 60.36 -8.29 7.86
N PHE B 500 59.62 -8.54 8.96
CA PHE B 500 58.29 -9.15 8.85
C PHE B 500 57.30 -8.27 8.09
N LYS B 501 57.41 -6.95 8.27
CA LYS B 501 56.51 -5.99 7.61
C LYS B 501 56.74 -5.99 6.11
N ALA B 502 57.99 -5.89 5.68
CA ALA B 502 58.28 -5.82 4.26
C ALA B 502 58.41 -7.20 3.65
N ARG B 503 58.34 -8.27 4.44
CA ARG B 503 58.38 -9.66 3.92
C ARG B 503 59.68 -10.02 3.16
N LYS B 504 60.83 -9.60 3.72
CA LYS B 504 62.11 -9.81 3.07
C LYS B 504 63.22 -9.78 4.10
N PRO B 505 64.38 -10.38 3.78
CA PRO B 505 65.48 -10.33 4.77
C PRO B 505 65.96 -8.88 4.94
N LYS B 506 66.65 -8.62 6.03
CA LYS B 506 67.42 -7.39 6.16
C LYS B 506 68.88 -7.58 5.79
N GLY B 507 69.40 -8.81 5.80
CA GLY B 507 70.85 -8.99 5.54
C GLY B 507 71.62 -8.47 6.74
N PHE B 508 71.00 -8.57 7.92
CA PHE B 508 71.56 -8.05 9.17
C PHE B 508 72.90 -8.70 9.51
N GLY B 509 73.86 -7.90 9.92
CA GLY B 509 75.13 -8.43 10.35
C GLY B 509 76.33 -8.21 9.44
N VAL B 510 76.07 -8.14 8.14
CA VAL B 510 77.12 -7.94 7.11
C VAL B 510 77.93 -6.71 7.45
N ARG B 511 77.28 -5.55 7.59
CA ARG B 511 77.98 -4.30 7.88
C ARG B 511 78.63 -4.21 9.26
N LEU B 512 77.90 -4.69 10.28
CA LEU B 512 78.41 -4.82 11.62
C LEU B 512 79.73 -5.60 11.66
N LEU B 513 79.76 -6.79 11.07
CA LEU B 513 80.94 -7.63 11.09
C LEU B 513 82.05 -7.05 10.26
N THR B 514 81.73 -6.45 9.10
CA THR B 514 82.75 -5.76 8.32
C THR B 514 83.37 -4.57 9.10
N GLU B 515 82.55 -3.72 9.70
CA GLU B 515 83.10 -2.63 10.50
C GLU B 515 83.99 -3.17 11.61
N PHE B 516 83.59 -4.31 12.20
CA PHE B 516 84.38 -4.94 13.25
C PHE B 516 85.80 -5.27 12.75
N VAL B 517 85.87 -5.94 11.60
CA VAL B 517 87.15 -6.33 10.97
C VAL B 517 87.95 -5.08 10.60
N LEU B 518 87.31 -4.10 9.97
CA LEU B 518 88.00 -2.89 9.53
C LEU B 518 88.52 -2.01 10.69
N ASN B 519 87.72 -1.87 11.74
CA ASN B 519 88.11 -1.01 12.87
C ASN B 519 89.36 -1.59 13.53
N ASP B 520 89.43 -2.92 13.62
CA ASP B 520 90.60 -3.62 14.15
C ASP B 520 91.89 -3.52 13.33
N SER C 3 72.21 -58.90 13.14
CA SER C 3 73.59 -58.72 13.77
C SER C 3 74.29 -57.36 13.60
N GLU C 4 74.62 -56.95 12.37
CA GLU C 4 75.31 -55.65 12.15
C GLU C 4 74.40 -54.41 12.33
N VAL C 5 74.80 -53.47 13.18
CA VAL C 5 73.99 -52.26 13.49
C VAL C 5 74.14 -51.22 12.34
N PRO C 6 73.06 -50.88 11.64
CA PRO C 6 73.29 -49.87 10.58
C PRO C 6 73.67 -48.47 11.15
N GLN C 7 74.44 -47.67 10.41
CA GLN C 7 74.86 -46.36 10.87
C GLN C 7 74.51 -45.38 9.77
N VAL C 8 74.24 -44.12 10.11
CA VAL C 8 74.08 -43.06 9.11
C VAL C 8 75.46 -42.41 8.87
N VAL C 9 76.18 -42.12 9.94
CA VAL C 9 77.53 -41.60 9.82
C VAL C 9 78.44 -42.52 10.67
N SER C 10 79.74 -42.49 10.39
CA SER C 10 80.71 -43.37 11.10
C SER C 10 80.74 -43.18 12.63
N LEU C 11 80.29 -42.01 13.11
CA LEU C 11 80.28 -41.72 14.55
C LEU C 11 79.09 -42.32 15.27
N ASP C 12 78.10 -42.85 14.54
CA ASP C 12 76.98 -43.52 15.20
C ASP C 12 77.46 -44.81 15.90
N PRO C 13 77.01 -45.02 17.15
CA PRO C 13 77.51 -46.16 17.93
C PRO C 13 76.96 -47.46 17.40
N THR C 14 77.70 -48.55 17.57
CA THR C 14 77.22 -49.84 17.04
C THR C 14 76.97 -50.89 18.11
N SER C 15 77.01 -50.48 19.39
CA SER C 15 76.62 -51.34 20.48
C SER C 15 76.14 -50.52 21.68
N ILE C 16 75.43 -51.17 22.62
CA ILE C 16 75.11 -50.53 23.88
C ILE C 16 76.27 -50.74 24.87
N PRO C 17 76.84 -49.66 25.44
CA PRO C 17 77.89 -50.00 26.44
C PRO C 17 77.25 -50.62 27.69
N ILE C 18 77.82 -51.70 28.20
CA ILE C 18 77.21 -52.37 29.29
C ILE C 18 78.29 -52.74 30.29
N GLU C 19 78.08 -52.38 31.55
CA GLU C 19 79.04 -52.72 32.59
C GLU C 19 78.48 -53.88 33.37
N TYR C 20 79.24 -54.98 33.39
CA TYR C 20 78.85 -56.19 34.11
C TYR C 20 79.51 -56.29 35.48
N ASN C 21 80.82 -56.12 35.51
CA ASN C 21 81.57 -56.10 36.78
C ASN C 21 81.53 -54.70 37.35
N THR C 22 80.52 -54.41 38.16
CA THR C 22 80.38 -53.06 38.69
C THR C 22 81.14 -53.01 40.02
N PRO C 23 81.43 -51.78 40.49
CA PRO C 23 82.07 -51.61 41.80
C PRO C 23 81.29 -52.25 42.97
N ILE C 24 79.95 -52.39 42.83
CA ILE C 24 79.19 -53.04 43.88
C ILE C 24 79.62 -54.50 44.02
N HIS C 25 79.94 -55.12 42.88
CA HIS C 25 80.35 -56.50 42.89
C HIS C 25 81.66 -56.72 43.66
N ASP C 26 82.49 -55.69 43.81
CA ASP C 26 83.77 -55.79 44.58
C ASP C 26 83.63 -55.55 46.09
N ILE C 27 82.42 -55.24 46.55
CA ILE C 27 82.21 -55.06 47.96
C ILE C 27 82.11 -56.38 48.70
N LYS C 28 83.04 -56.61 49.63
CA LYS C 28 83.02 -57.80 50.49
C LYS C 28 81.98 -57.56 51.59
N VAL C 29 80.96 -58.38 51.64
CA VAL C 29 79.85 -58.21 52.61
C VAL C 29 79.93 -59.29 53.72
N GLN C 30 79.94 -58.87 54.98
CA GLN C 30 79.93 -59.79 56.14
C GLN C 30 78.73 -59.49 57.03
N VAL C 31 78.03 -60.53 57.49
CA VAL C 31 76.92 -60.35 58.41
C VAL C 31 77.30 -60.98 59.74
N TYR C 32 77.04 -60.26 60.82
CA TYR C 32 77.32 -60.73 62.17
C TYR C 32 76.08 -60.61 63.03
N ASP C 33 75.99 -61.48 64.02
CA ASP C 33 74.89 -61.39 64.98
C ASP C 33 75.12 -60.24 65.95
N ILE C 34 74.08 -59.48 66.17
CA ILE C 34 74.14 -58.29 67.03
C ILE C 34 74.37 -58.63 68.51
N LYS C 35 74.00 -59.84 68.93
CA LYS C 35 74.20 -60.20 70.33
C LYS C 35 75.67 -60.39 70.73
N GLY C 36 76.58 -60.42 69.76
CA GLY C 36 78.02 -60.50 70.06
C GLY C 36 78.59 -59.11 70.31
N GLY C 37 77.78 -58.09 70.07
CA GLY C 37 78.24 -56.71 70.18
C GLY C 37 78.95 -56.26 68.91
N CYS C 38 79.03 -54.93 68.73
CA CYS C 38 79.60 -54.33 67.50
C CYS C 38 81.02 -53.89 67.68
N ASN C 39 81.90 -54.31 66.78
CA ASN C 39 83.29 -53.79 66.77
C ASN C 39 83.30 -52.58 65.87
N VAL C 40 83.91 -51.50 66.36
CA VAL C 40 83.97 -50.24 65.66
C VAL C 40 85.45 -49.91 65.44
N GLU C 41 85.96 -50.24 64.28
CA GLU C 41 87.41 -50.19 64.10
C GLU C 41 87.87 -49.18 63.07
N GLU C 42 87.02 -48.89 62.10
CA GLU C 42 87.43 -48.17 60.90
C GLU C 42 86.17 -47.78 60.11
N GLY C 43 86.37 -46.91 59.13
CA GLY C 43 85.32 -46.50 58.19
C GLY C 43 84.18 -45.83 58.90
N LEU C 44 82.99 -46.04 58.38
CA LEU C 44 81.80 -45.47 58.97
C LEU C 44 80.88 -46.54 59.53
N THR C 45 80.33 -46.33 60.71
CA THR C 45 79.38 -47.25 61.35
C THR C 45 78.05 -46.55 61.62
N ILE C 46 77.00 -46.99 60.91
CA ILE C 46 75.69 -46.36 61.03
C ILE C 46 74.67 -47.23 61.74
N PHE C 47 74.04 -46.66 62.76
CA PHE C 47 72.93 -47.35 63.44
C PHE C 47 71.60 -47.00 62.82
N LEU C 48 70.78 -48.00 62.54
CA LEU C 48 69.42 -47.73 62.08
C LEU C 48 68.52 -47.78 63.31
N VAL C 49 67.96 -46.64 63.68
CA VAL C 49 67.25 -46.52 64.96
C VAL C 49 65.89 -45.90 64.77
N ASN C 50 64.92 -46.45 65.50
CA ASN C 50 63.61 -45.82 65.56
C ASN C 50 63.25 -45.54 67.01
N ASN C 51 62.00 -45.12 67.21
CA ASN C 51 61.47 -44.91 68.55
C ASN C 51 59.95 -45.09 68.43
N PRO C 52 59.48 -46.33 68.67
CA PRO C 52 58.07 -46.63 68.42
C PRO C 52 57.18 -45.81 69.33
N GLY C 53 56.08 -45.30 68.76
CA GLY C 53 55.16 -44.45 69.51
C GLY C 53 55.50 -42.99 69.47
N LYS C 54 56.77 -42.67 69.71
CA LYS C 54 57.19 -41.26 69.87
C LYS C 54 57.53 -40.57 68.55
N GLU C 55 56.57 -39.81 68.02
CA GLU C 55 56.80 -39.01 66.80
C GLU C 55 58.02 -38.12 67.05
N ASN C 56 59.01 -38.18 66.16
CA ASN C 56 60.29 -37.51 66.38
C ASN C 56 60.84 -37.72 67.78
N GLY C 57 60.77 -38.96 68.27
CA GLY C 57 61.37 -39.31 69.58
C GLY C 57 62.91 -39.27 69.60
N PRO C 58 63.51 -39.38 70.79
CA PRO C 58 64.99 -39.37 70.89
C PRO C 58 65.67 -40.64 70.39
N VAL C 59 66.94 -40.50 70.01
CA VAL C 59 67.79 -41.61 69.66
C VAL C 59 68.26 -42.28 70.93
N LYS C 60 68.15 -43.59 70.99
CA LYS C 60 68.75 -44.41 72.04
C LYS C 60 69.39 -45.63 71.39
N ILE C 61 70.71 -45.75 71.50
CA ILE C 61 71.45 -46.87 70.89
C ILE C 61 71.40 -48.07 71.82
N SER C 62 70.76 -49.13 71.36
CA SER C 62 70.57 -50.30 72.21
C SER C 62 71.61 -51.42 72.08
N SER C 63 72.31 -51.51 70.95
CA SER C 63 73.32 -52.56 70.74
C SER C 63 74.44 -52.52 71.77
N LYS C 64 75.02 -53.67 72.05
CA LYS C 64 76.27 -53.69 72.77
C LYS C 64 77.34 -53.26 71.78
N VAL C 65 78.20 -52.35 72.19
CA VAL C 65 79.30 -51.91 71.38
C VAL C 65 80.58 -52.34 72.10
N ASN C 66 81.44 -53.07 71.41
CA ASN C 66 82.67 -53.60 72.03
C ASN C 66 83.84 -52.62 72.12
N ASP C 67 83.54 -51.39 72.54
CA ASP C 67 84.55 -50.36 72.63
C ASP C 67 84.10 -49.38 73.67
N LYS C 68 84.95 -49.14 74.68
CA LYS C 68 84.59 -48.29 75.82
C LYS C 68 84.38 -46.84 75.37
N GLN C 69 85.29 -46.35 74.55
CA GLN C 69 85.24 -44.98 74.02
C GLN C 69 83.96 -44.71 73.22
N VAL C 70 83.65 -45.62 72.29
CA VAL C 70 82.47 -45.47 71.48
C VAL C 70 81.19 -45.71 72.31
N SER C 71 81.22 -46.66 73.24
CA SER C 71 80.06 -46.89 74.11
C SER C 71 79.76 -45.63 74.90
N GLU C 72 80.82 -44.99 75.42
CA GLU C 72 80.70 -43.74 76.19
C GLU C 72 80.06 -42.65 75.32
N PHE C 73 80.50 -42.54 74.06
CA PHE C 73 80.02 -41.50 73.19
C PHE C 73 78.52 -41.64 72.95
N LEU C 74 78.08 -42.88 72.89
CA LEU C 74 76.73 -43.23 72.47
C LEU C 74 75.74 -43.41 73.64
N LYS C 75 76.14 -42.99 74.85
CA LYS C 75 75.25 -43.00 76.03
C LYS C 75 74.02 -42.18 75.72
N ASP C 76 72.90 -42.54 76.31
CA ASP C 76 71.66 -41.81 76.09
C ASP C 76 71.78 -40.31 76.32
N GLU C 77 72.49 -39.90 77.37
CA GLU C 77 72.63 -38.45 77.65
C GLU C 77 73.19 -37.70 76.44
N ASN C 78 74.20 -38.29 75.81
CA ASN C 78 74.87 -37.64 74.69
CA ASN C 78 74.88 -37.70 74.67
C ASN C 78 74.02 -37.72 73.41
N MET C 79 73.16 -38.73 73.30
CA MET C 79 72.30 -38.91 72.14
C MET C 79 70.98 -38.15 72.19
N GLU C 80 70.64 -37.62 73.37
CA GLU C 80 69.29 -37.11 73.62
C GLU C 80 68.94 -35.86 72.77
N LYS C 81 69.98 -35.13 72.38
CA LYS C 81 69.79 -33.99 71.48
C LYS C 81 69.26 -34.41 70.08
N PHE C 82 69.33 -35.68 69.74
CA PHE C 82 69.01 -36.10 68.37
C PHE C 82 67.71 -36.86 68.30
N ASN C 83 67.01 -36.75 67.18
CA ASN C 83 65.77 -37.50 67.04
C ASN C 83 65.72 -38.47 65.87
N VAL C 84 64.67 -39.31 65.85
CA VAL C 84 64.54 -40.42 64.92
C VAL C 84 63.70 -40.08 63.69
N LYS C 85 63.31 -38.83 63.53
CA LYS C 85 62.54 -38.44 62.35
C LYS C 85 63.04 -39.21 61.10
N LEU C 86 62.13 -39.87 60.40
CA LEU C 86 62.47 -40.73 59.26
C LEU C 86 63.37 -40.05 58.26
N GLY C 87 64.51 -40.66 57.96
CA GLY C 87 65.38 -40.11 56.94
C GLY C 87 66.37 -39.07 57.48
N THR C 88 66.27 -38.76 58.76
CA THR C 88 67.21 -37.87 59.44
C THR C 88 68.50 -38.63 59.71
N SER C 89 69.63 -37.93 59.79
CA SER C 89 70.92 -38.60 60.05
C SER C 89 71.93 -37.68 60.69
N LYS C 90 72.92 -38.27 61.37
CA LYS C 90 74.02 -37.49 61.94
C LYS C 90 75.31 -38.24 61.86
N HIS C 91 76.44 -37.52 61.85
CA HIS C 91 77.77 -38.11 61.88
C HIS C 91 78.43 -37.75 63.16
N PHE C 92 79.16 -38.71 63.72
CA PHE C 92 79.98 -38.50 64.92
C PHE C 92 81.40 -38.88 64.60
N TYR C 93 82.34 -38.26 65.29
CA TYR C 93 83.79 -38.51 65.15
C TYR C 93 84.43 -38.67 66.51
N MET C 94 85.25 -39.71 66.66
CA MET C 94 85.88 -40.07 67.95
C MET C 94 87.01 -41.07 67.74
N PHE C 95 87.82 -41.21 68.78
CA PHE C 95 88.87 -42.19 68.86
C PHE C 95 88.40 -43.40 69.65
N ASN C 96 88.65 -44.57 69.10
CA ASN C 96 88.28 -45.81 69.78
C ASN C 96 89.30 -46.24 70.82
N ASP C 97 89.17 -47.47 71.31
CA ASP C 97 90.06 -47.97 72.33
C ASP C 97 91.48 -48.17 71.78
N ASN C 98 91.60 -48.55 70.51
CA ASN C 98 92.91 -48.71 69.87
C ASN C 98 93.49 -47.34 69.52
N LYS C 99 92.82 -46.27 69.97
CA LYS C 99 93.28 -44.89 69.71
C LYS C 99 93.27 -44.53 68.22
N ASN C 100 92.37 -45.15 67.46
CA ASN C 100 92.22 -44.85 66.04
C ASN C 100 90.89 -44.14 65.79
N SER C 101 90.92 -43.05 65.05
CA SER C 101 89.71 -42.27 64.83
C SER C 101 88.73 -43.11 64.07
N VAL C 102 87.45 -43.00 64.40
CA VAL C 102 86.41 -43.69 63.65
C VAL C 102 85.26 -42.72 63.45
N ALA C 103 84.45 -42.99 62.43
CA ALA C 103 83.20 -42.28 62.21
C ALA C 103 82.00 -43.17 62.52
N VAL C 104 81.04 -42.59 63.22
CA VAL C 104 79.88 -43.32 63.69
C VAL C 104 78.68 -42.42 63.40
N GLY C 105 77.49 -42.98 63.18
CA GLY C 105 76.33 -42.12 63.02
C GLY C 105 75.06 -42.93 63.11
N TYR C 106 73.94 -42.31 62.72
CA TYR C 106 72.69 -43.02 62.70
C TYR C 106 71.80 -42.49 61.59
N VAL C 107 70.86 -43.31 61.14
CA VAL C 107 69.78 -42.81 60.32
C VAL C 107 68.49 -43.08 61.09
N GLY C 108 67.64 -42.06 61.16
CA GLY C 108 66.37 -42.16 61.85
C GLY C 108 65.37 -42.91 60.98
N CYS C 109 64.72 -43.90 61.60
CA CYS C 109 63.74 -44.71 60.90
C CYS C 109 62.34 -44.45 61.47
N GLY C 110 62.14 -43.29 62.09
CA GLY C 110 60.79 -42.84 62.42
C GLY C 110 60.19 -43.49 63.65
N SER C 111 58.86 -43.53 63.69
CA SER C 111 58.18 -44.04 64.87
C SER C 111 57.13 -45.11 64.61
N VAL C 112 56.99 -45.55 63.36
CA VAL C 112 56.13 -46.67 62.96
C VAL C 112 56.96 -47.93 62.78
N ALA C 113 56.81 -48.90 63.67
CA ALA C 113 57.69 -50.09 63.77
C ALA C 113 57.74 -51.02 62.56
N ASP C 114 56.91 -50.77 61.56
CA ASP C 114 56.94 -51.54 60.32
C ASP C 114 57.06 -50.55 59.16
N LEU C 115 58.26 -50.50 58.56
CA LEU C 115 58.57 -49.55 57.49
C LEU C 115 57.97 -50.01 56.19
N SER C 116 57.29 -49.12 55.48
CA SER C 116 56.89 -49.41 54.13
C SER C 116 58.12 -49.40 53.19
N GLU C 117 57.96 -49.99 52.02
CA GLU C 117 58.94 -49.96 50.97
C GLU C 117 59.44 -48.50 50.71
N ALA C 118 58.50 -47.53 50.68
CA ALA C 118 58.88 -46.12 50.46
C ALA C 118 59.65 -45.53 51.66
N ASP C 119 59.24 -45.86 52.87
CA ASP C 119 59.98 -45.50 54.07
C ASP C 119 61.41 -46.06 54.04
N MET C 120 61.52 -47.34 53.69
CA MET C 120 62.84 -47.98 53.62
C MET C 120 63.72 -47.35 52.53
N LYS C 121 63.13 -47.00 51.40
CA LYS C 121 63.86 -46.30 50.39
C LYS C 121 64.42 -44.91 50.90
N ARG C 122 63.60 -44.18 51.66
CA ARG C 122 64.00 -42.96 52.33
C ARG C 122 65.20 -43.19 53.27
N VAL C 123 65.14 -44.25 54.08
CA VAL C 123 66.29 -44.61 54.92
C VAL C 123 67.57 -44.81 54.08
N VAL C 124 67.44 -45.59 53.02
CA VAL C 124 68.56 -45.93 52.15
C VAL C 124 69.16 -44.69 51.46
N LEU C 125 68.31 -43.82 50.92
CA LEU C 125 68.75 -42.54 50.35
C LEU C 125 69.54 -41.69 51.37
N SER C 126 69.13 -41.68 52.64
CA SER C 126 69.89 -40.90 53.65
C SER C 126 71.24 -41.52 53.89
N LEU C 127 71.27 -42.85 54.05
CA LEU C 127 72.52 -43.61 54.13
C LEU C 127 73.47 -43.34 52.93
N VAL C 128 72.89 -43.35 51.73
CA VAL C 128 73.66 -43.08 50.52
C VAL C 128 74.26 -41.67 50.52
N THR C 129 73.53 -40.65 51.01
CA THR C 129 74.12 -39.30 51.09
C THR C 129 75.33 -39.29 52.05
N MET C 130 75.32 -40.18 53.06
CA MET C 130 76.52 -40.31 53.92
C MET C 130 77.68 -41.00 53.20
N LEU C 131 77.40 -41.75 52.16
CA LEU C 131 78.46 -42.43 51.46
C LEU C 131 79.07 -41.57 50.37
N HIS C 132 78.24 -40.72 49.76
CA HIS C 132 78.68 -39.78 48.77
C HIS C 132 79.49 -38.65 49.38
N ASP C 133 80.43 -38.11 48.62
CA ASP C 133 81.31 -37.05 49.05
C ASP C 133 82.08 -37.33 50.36
N ASN C 134 82.39 -38.58 50.58
CA ASN C 134 83.19 -39.04 51.68
C ASN C 134 83.94 -40.31 51.25
N LYS C 135 85.25 -40.21 51.21
CA LYS C 135 86.07 -41.29 50.73
C LYS C 135 86.31 -42.27 51.87
N LEU C 136 85.52 -43.35 51.90
CA LEU C 136 85.53 -44.38 52.96
C LEU C 136 85.82 -45.74 52.37
N SER C 137 86.48 -46.62 53.12
CA SER C 137 86.80 -47.93 52.54
C SER C 137 85.80 -48.97 53.04
N LYS C 138 85.06 -48.60 54.06
CA LYS C 138 84.18 -49.55 54.76
C LYS C 138 82.97 -48.89 55.38
N LEU C 139 81.82 -49.53 55.22
CA LEU C 139 80.60 -49.12 55.89
C LEU C 139 80.17 -50.29 56.77
N THR C 140 79.71 -49.98 57.96
CA THR C 140 79.06 -50.98 58.80
C THR C 140 77.66 -50.51 59.16
N VAL C 141 76.67 -51.38 58.98
CA VAL C 141 75.28 -51.03 59.29
C VAL C 141 74.76 -51.91 60.43
N VAL C 142 74.25 -51.28 61.49
CA VAL C 142 73.69 -51.98 62.66
C VAL C 142 72.17 -51.80 62.66
N PHE C 143 71.47 -52.91 62.51
CA PHE C 143 70.03 -52.86 62.53
C PHE C 143 69.50 -52.84 63.97
N GLU C 144 68.98 -51.68 64.39
CA GLU C 144 68.27 -51.59 65.65
C GLU C 144 66.78 -51.41 65.38
N ILE C 145 66.37 -51.88 64.20
CA ILE C 145 64.97 -51.87 63.83
C ILE C 145 64.60 -53.31 63.47
N ASN C 146 63.31 -53.58 63.39
CA ASN C 146 62.83 -54.90 62.98
C ASN C 146 62.53 -54.98 61.48
N VAL C 147 63.12 -55.98 60.81
CA VAL C 147 62.90 -56.20 59.37
C VAL C 147 62.75 -57.69 59.03
N ASP C 148 61.75 -58.05 58.23
CA ASP C 148 61.70 -59.44 57.76
C ASP C 148 62.78 -59.71 56.69
N LYS C 149 62.91 -60.96 56.26
CA LYS C 149 63.98 -61.32 55.32
C LYS C 149 63.85 -60.56 53.98
N ASN C 150 62.63 -60.45 53.44
CA ASN C 150 62.38 -59.71 52.20
C ASN C 150 62.71 -58.21 52.28
N LEU C 151 62.44 -57.59 53.42
CA LEU C 151 62.75 -56.17 53.59
C LEU C 151 64.28 -55.94 53.79
N PHE C 152 64.96 -56.88 54.44
CA PHE C 152 66.39 -56.85 54.57
C PHE C 152 67.05 -56.94 53.19
N ARG C 153 66.53 -57.85 52.35
CA ARG C 153 67.04 -58.01 51.03
C ARG C 153 66.78 -56.73 50.24
N PHE C 154 65.61 -56.14 50.47
CA PHE C 154 65.21 -54.90 49.78
C PHE C 154 66.14 -53.76 50.19
N PHE C 155 66.44 -53.70 51.47
CA PHE C 155 67.45 -52.75 51.97
C PHE C 155 68.77 -52.83 51.17
N LEU C 156 69.34 -54.02 51.04
CA LEU C 156 70.62 -54.20 50.39
C LEU C 156 70.56 -53.89 48.90
N GLU C 157 69.53 -54.43 48.21
CA GLU C 157 69.28 -54.23 46.78
C GLU C 157 69.18 -52.77 46.48
N THR C 158 68.42 -52.09 47.32
CA THR C 158 68.21 -50.63 47.20
C THR C 158 69.48 -49.83 47.52
N LEU C 159 70.21 -50.26 48.53
CA LEU C 159 71.48 -49.63 48.83
C LEU C 159 72.42 -49.80 47.64
N PHE C 160 72.57 -51.03 47.15
CA PHE C 160 73.45 -51.30 45.99
C PHE C 160 73.07 -50.48 44.78
N TYR C 161 71.79 -50.45 44.45
CA TYR C 161 71.34 -49.77 43.24
C TYR C 161 71.47 -48.24 43.35
N GLU C 162 71.09 -47.67 44.49
CA GLU C 162 71.17 -46.20 44.68
C GLU C 162 72.62 -45.72 44.76
N TYR C 163 73.49 -46.57 45.31
CA TYR C 163 74.91 -46.20 45.45
C TYR C 163 75.63 -46.23 44.12
N MET C 164 75.22 -47.08 43.20
CA MET C 164 75.90 -47.27 41.94
C MET C 164 75.59 -46.06 41.09
N THR C 165 76.63 -45.47 40.48
CA THR C 165 76.47 -44.32 39.62
C THR C 165 76.81 -44.71 38.18
N ASP C 166 75.90 -44.42 37.26
CA ASP C 166 76.07 -44.78 35.86
C ASP C 166 76.86 -43.70 35.08
N GLU C 167 78.15 -43.96 34.87
CA GLU C 167 79.01 -43.05 34.14
C GLU C 167 79.39 -43.47 32.70
N ARG C 168 78.63 -44.37 32.08
CA ARG C 168 78.96 -44.88 30.77
C ARG C 168 79.03 -43.78 29.69
N PHE C 169 78.24 -42.71 29.86
CA PHE C 169 78.17 -41.67 28.82
C PHE C 169 78.89 -40.41 29.26
N LYS C 170 79.57 -40.47 30.41
CA LYS C 170 80.46 -39.39 30.86
C LYS C 170 81.79 -39.51 30.14
N SER C 171 82.36 -38.39 29.74
CA SER C 171 83.66 -38.41 29.09
C SER C 171 84.58 -37.35 29.75
N THR C 172 84.27 -36.08 29.54
CA THR C 172 85.03 -34.98 30.19
C THR C 172 84.53 -34.67 31.61
N ASP C 173 83.34 -35.21 31.97
CA ASP C 173 82.70 -34.92 33.27
C ASP C 173 82.49 -36.13 34.22
N LYS C 174 83.38 -37.12 34.20
CA LYS C 174 83.36 -38.16 35.26
C LYS C 174 83.66 -37.53 36.63
N ASN C 175 83.06 -38.09 37.68
CA ASN C 175 83.26 -37.60 39.04
C ASN C 175 84.62 -38.08 39.55
N VAL C 176 85.57 -37.14 39.63
CA VAL C 176 86.96 -37.46 39.98
C VAL C 176 87.07 -37.93 41.43
N ASN C 177 85.99 -37.80 42.19
CA ASN C 177 86.01 -38.10 43.62
C ASN C 177 85.26 -39.35 44.03
N MET C 178 84.44 -39.91 43.14
CA MET C 178 83.70 -41.14 43.45
C MET C 178 84.69 -42.28 43.76
N GLU C 179 84.67 -42.81 44.97
CA GLU C 179 85.43 -44.00 45.37
C GLU C 179 84.34 -44.78 46.04
N TYR C 180 84.34 -46.11 45.90
CA TYR C 180 83.34 -46.93 46.51
C TYR C 180 83.96 -47.65 47.66
N ILE C 181 83.18 -47.91 48.71
CA ILE C 181 83.64 -48.79 49.79
C ILE C 181 84.03 -50.18 49.23
N LYS C 182 84.93 -50.87 49.93
CA LYS C 182 85.36 -52.21 49.56
C LYS C 182 84.79 -53.24 50.50
N HIS C 183 84.22 -52.79 51.63
CA HIS C 183 83.67 -53.69 52.63
C HIS C 183 82.37 -53.18 53.21
N LEU C 184 81.41 -54.10 53.37
CA LEU C 184 80.15 -53.80 54.04
C LEU C 184 80.00 -54.77 55.21
N GLY C 185 79.94 -54.24 56.43
CA GLY C 185 79.63 -55.05 57.61
C GLY C 185 78.17 -54.81 57.96
N VAL C 186 77.46 -55.88 58.34
CA VAL C 186 76.07 -55.75 58.79
C VAL C 186 75.89 -56.51 60.12
N TYR C 187 75.31 -55.83 61.12
CA TYR C 187 74.95 -56.45 62.40
C TYR C 187 73.42 -56.45 62.53
N ILE C 188 72.86 -57.61 62.82
CA ILE C 188 71.40 -57.77 62.84
C ILE C 188 71.08 -58.93 63.81
N ASN C 189 69.90 -58.91 64.42
CA ASN C 189 69.49 -60.02 65.26
C ASN C 189 69.23 -61.26 64.37
N ASN C 190 69.55 -62.44 64.90
CA ASN C 190 69.38 -63.72 64.15
C ASN C 190 70.07 -63.68 62.79
N ALA C 191 71.34 -63.26 62.77
CA ALA C 191 72.14 -63.09 61.53
C ALA C 191 72.12 -64.28 60.56
N ASP C 192 72.24 -65.49 61.10
CA ASP C 192 72.35 -66.65 60.25
C ASP C 192 71.17 -66.77 59.28
N THR C 193 69.99 -66.29 59.65
CA THR C 193 68.83 -66.44 58.75
C THR C 193 68.82 -65.38 57.64
N TYR C 194 69.64 -64.36 57.82
CA TYR C 194 69.68 -63.23 56.86
C TYR C 194 70.79 -63.39 55.86
N LYS C 195 71.74 -64.25 56.21
CA LYS C 195 72.93 -64.42 55.40
C LYS C 195 72.63 -64.84 53.96
N GLU C 196 71.65 -65.73 53.78
CA GLU C 196 71.18 -66.17 52.46
C GLU C 196 70.74 -65.02 51.59
N GLU C 197 70.24 -63.94 52.20
CA GLU C 197 69.69 -62.82 51.44
C GLU C 197 70.75 -61.98 50.75
N VAL C 198 72.00 -62.10 51.21
CA VAL C 198 73.04 -61.20 50.73
C VAL C 198 73.33 -61.41 49.24
N GLU C 199 73.63 -62.64 48.84
CA GLU C 199 73.96 -62.82 47.45
C GLU C 199 72.73 -62.79 46.53
N LYS C 200 71.54 -63.11 47.06
CA LYS C 200 70.27 -62.85 46.35
C LYS C 200 70.05 -61.35 46.07
N ALA C 201 70.26 -60.50 47.08
CA ALA C 201 70.28 -59.06 46.88
C ALA C 201 71.27 -58.63 45.79
N ARG C 202 72.46 -59.21 45.79
CA ARG C 202 73.44 -58.82 44.81
C ARG C 202 72.98 -59.19 43.39
N VAL C 203 72.38 -60.37 43.26
CA VAL C 203 71.78 -60.79 41.98
C VAL C 203 70.65 -59.83 41.54
N TYR C 204 69.73 -59.55 42.45
CA TYR C 204 68.60 -58.68 42.18
C TYR C 204 69.04 -57.27 41.90
N TYR C 205 70.07 -56.81 42.61
CA TYR C 205 70.61 -55.50 42.30
C TYR C 205 71.08 -55.51 40.85
N PHE C 206 71.83 -56.55 40.44
CA PHE C 206 72.33 -56.54 39.06
C PHE C 206 71.24 -56.64 37.98
N GLY C 207 70.27 -57.53 38.12
CA GLY C 207 69.14 -57.55 37.18
C GLY C 207 68.55 -56.15 37.03
N THR C 208 68.35 -55.45 38.15
CA THR C 208 67.71 -54.14 38.17
C THR C 208 68.64 -53.10 37.54
N TYR C 209 69.93 -53.16 37.91
CA TYR C 209 70.86 -52.22 37.35
C TYR C 209 71.11 -52.44 35.84
N TYR C 210 71.16 -53.72 35.42
CA TYR C 210 71.22 -54.06 34.00
C TYR C 210 70.03 -53.49 33.20
N ALA C 211 68.80 -53.71 33.67
CA ALA C 211 67.62 -53.10 33.00
C ALA C 211 67.79 -51.59 32.92
N SER C 212 68.20 -51.02 34.06
CA SER C 212 68.44 -49.58 34.15
C SER C 212 69.42 -49.08 33.05
N GLN C 213 70.53 -49.81 32.86
CA GLN C 213 71.55 -49.46 31.83
C GLN C 213 70.96 -49.46 30.43
N LEU C 214 70.19 -50.50 30.13
CA LEU C 214 69.47 -50.58 28.88
C LEU C 214 68.49 -49.43 28.71
N ILE C 215 67.69 -49.14 29.73
CA ILE C 215 66.72 -48.04 29.63
C ILE C 215 67.38 -46.67 29.45
N ALA C 216 68.37 -46.36 30.32
CA ALA C 216 69.05 -45.07 30.26
C ALA C 216 69.83 -44.88 28.94
N ALA C 217 70.36 -45.95 28.35
CA ALA C 217 71.09 -45.89 27.07
C ALA C 217 70.17 -45.21 26.05
N PRO C 218 70.63 -44.12 25.44
CA PRO C 218 69.72 -43.41 24.52
C PRO C 218 69.44 -44.20 23.21
N SER C 219 68.47 -43.70 22.44
CA SER C 219 67.97 -44.39 21.27
C SER C 219 68.99 -44.53 20.13
N ASN C 220 70.01 -43.69 20.10
CA ASN C 220 71.09 -43.87 19.13
C ASN C 220 72.07 -44.99 19.52
N TYR C 221 72.13 -45.34 20.79
CA TYR C 221 72.96 -46.48 21.25
C TYR C 221 72.14 -47.79 21.31
N CYS C 222 70.91 -47.64 21.80
CA CYS C 222 70.01 -48.71 22.11
C CYS C 222 68.87 -48.71 21.09
N ASN C 223 69.04 -49.51 20.04
CA ASN C 223 68.11 -49.56 18.89
C ASN C 223 67.81 -51.06 18.73
N PRO C 224 66.86 -51.43 17.85
CA PRO C 224 66.46 -52.85 17.83
C PRO C 224 67.59 -53.82 17.59
N VAL C 225 68.50 -53.46 16.72
CA VAL C 225 69.67 -54.29 16.48
C VAL C 225 70.62 -54.39 17.69
N SER C 226 71.06 -53.26 18.28
CA SER C 226 72.00 -53.35 19.44
C SER C 226 71.36 -53.96 20.70
N LEU C 227 70.03 -53.77 20.89
CA LEU C 227 69.35 -54.30 22.04
C LEU C 227 69.22 -55.83 21.90
N SER C 228 68.87 -56.30 20.71
CA SER C 228 68.85 -57.75 20.51
C SER C 228 70.26 -58.38 20.54
N ASN C 229 71.27 -57.66 20.07
CA ASN C 229 72.64 -58.15 20.20
C ASN C 229 73.07 -58.28 21.67
N ALA C 230 72.66 -57.31 22.50
CA ALA C 230 72.94 -57.33 23.94
C ALA C 230 72.25 -58.52 24.59
N ALA C 231 71.00 -58.76 24.22
CA ALA C 231 70.26 -59.94 24.66
C ALA C 231 70.96 -61.29 24.34
N VAL C 232 71.49 -61.43 23.13
CA VAL C 232 72.29 -62.61 22.73
C VAL C 232 73.54 -62.80 23.63
N GLU C 233 74.24 -61.70 23.89
CA GLU C 233 75.44 -61.71 24.73
C GLU C 233 75.12 -62.11 26.17
N LEU C 234 74.00 -61.56 26.68
CA LEU C 234 73.46 -61.98 27.98
C LEU C 234 73.22 -63.48 27.97
N ALA C 235 72.46 -63.98 26.98
CA ALA C 235 72.10 -65.40 26.91
C ALA C 235 73.35 -66.32 26.87
N GLN C 236 74.31 -65.92 26.07
CA GLN C 236 75.59 -66.60 26.01
C GLN C 236 76.26 -66.62 27.35
N LYS C 237 76.26 -65.50 28.08
CA LYS C 237 76.91 -65.48 29.40
C LYS C 237 76.24 -66.36 30.44
N LEU C 238 74.92 -66.49 30.37
CA LEU C 238 74.17 -67.31 31.33
C LEU C 238 73.90 -68.71 30.79
N ASN C 239 74.38 -69.00 29.59
CA ASN C 239 74.02 -70.24 28.95
C ASN C 239 72.52 -70.49 28.74
N LEU C 240 71.78 -69.46 28.36
CA LEU C 240 70.38 -69.60 28.00
C LEU C 240 70.28 -69.98 26.53
N GLU C 241 69.26 -70.76 26.16
CA GLU C 241 68.96 -70.93 24.75
C GLU C 241 68.44 -69.59 24.26
N TYR C 242 68.73 -69.27 23.00
CA TYR C 242 68.31 -67.99 22.43
C TYR C 242 68.11 -68.11 20.94
N LYS C 243 67.22 -67.25 20.45
CA LYS C 243 67.01 -67.14 19.06
C LYS C 243 66.53 -65.69 18.86
N ILE C 244 67.02 -65.02 17.82
CA ILE C 244 66.52 -63.69 17.40
C ILE C 244 65.87 -63.85 16.03
N LEU C 245 64.61 -63.46 15.94
CA LEU C 245 63.88 -63.61 14.70
C LEU C 245 64.01 -62.29 13.95
N GLY C 246 64.53 -62.38 12.71
CA GLY C 246 64.61 -61.24 11.79
C GLY C 246 63.39 -61.08 10.89
N VAL C 247 63.43 -60.06 10.03
CA VAL C 247 62.28 -59.68 9.23
C VAL C 247 61.74 -60.82 8.38
N LYS C 248 62.64 -61.56 7.71
CA LYS C 248 62.14 -62.61 6.86
C LYS C 248 61.35 -63.67 7.64
N GLU C 249 61.85 -64.10 8.80
CA GLU C 249 61.12 -65.02 9.68
C GLU C 249 59.82 -64.40 10.21
N LEU C 250 59.86 -63.11 10.52
CA LEU C 250 58.67 -62.43 11.01
C LEU C 250 57.60 -62.36 9.93
N GLU C 251 58.01 -62.08 8.69
CA GLU C 251 57.11 -62.13 7.53
C GLU C 251 56.47 -63.52 7.32
N GLU C 252 57.31 -64.57 7.35
CA GLU C 252 56.82 -65.96 7.36
C GLU C 252 55.79 -66.20 8.46
N LEU C 253 56.02 -65.69 9.67
CA LEU C 253 55.05 -65.86 10.79
C LEU C 253 53.83 -64.92 10.67
N LYS C 254 53.80 -64.08 9.64
CA LYS C 254 52.68 -63.18 9.40
C LYS C 254 52.41 -62.19 10.55
N MET C 255 53.51 -61.68 11.11
CA MET C 255 53.43 -60.73 12.19
C MET C 255 53.24 -59.33 11.64
N GLY C 256 52.08 -59.11 11.01
CA GLY C 256 51.77 -57.83 10.33
C GLY C 256 51.57 -56.63 11.22
N ALA C 257 51.12 -56.84 12.46
CA ALA C 257 50.92 -55.70 13.38
C ALA C 257 52.31 -55.18 13.89
N TYR C 258 53.15 -56.07 14.38
CA TYR C 258 54.50 -55.72 14.82
C TYR C 258 55.29 -55.14 13.66
N LEU C 259 55.21 -55.76 12.48
CA LEU C 259 56.07 -55.29 11.36
C LEU C 259 55.66 -53.94 10.86
N SER C 260 54.37 -53.65 10.86
CA SER C 260 53.89 -52.31 10.44
C SER C 260 54.46 -51.19 11.31
N VAL C 261 54.55 -51.42 12.62
CA VAL C 261 55.14 -50.43 13.53
C VAL C 261 56.58 -50.04 13.15
N GLY C 262 57.41 -51.02 12.80
CA GLY C 262 58.81 -50.80 12.55
C GLY C 262 59.14 -50.42 11.13
N LYS C 263 58.12 -50.37 10.25
CA LYS C 263 58.29 -50.00 8.82
C LYS C 263 59.09 -48.71 8.58
N GLY C 264 58.74 -47.65 9.31
CA GLY C 264 59.40 -46.39 9.12
C GLY C 264 60.78 -46.26 9.74
N SER C 265 61.35 -47.32 10.33
CA SER C 265 62.66 -47.23 10.99
C SER C 265 63.84 -47.65 10.12
N MET C 266 65.05 -47.13 10.39
CA MET C 266 66.24 -47.57 9.66
C MET C 266 66.77 -48.87 10.25
N TYR C 267 66.25 -49.30 11.39
CA TYR C 267 66.70 -50.53 12.01
C TYR C 267 65.68 -51.61 11.75
N PRO C 268 66.14 -52.78 11.25
CA PRO C 268 65.25 -53.90 11.05
C PRO C 268 64.68 -54.39 12.40
N ASN C 269 63.42 -54.82 12.38
CA ASN C 269 62.78 -55.48 13.52
C ASN C 269 63.58 -56.71 13.98
N LYS C 270 63.74 -56.86 15.29
CA LYS C 270 64.37 -58.03 15.88
C LYS C 270 63.48 -58.49 17.05
N PHE C 271 63.01 -59.72 16.96
CA PHE C 271 62.21 -60.35 18.00
C PHE C 271 63.14 -61.25 18.84
N ILE C 272 63.30 -60.89 20.13
CA ILE C 272 64.12 -61.65 21.07
C ILE C 272 63.35 -62.81 21.68
N HIS C 273 63.95 -63.99 21.68
CA HIS C 273 63.37 -65.14 22.35
C HIS C 273 64.47 -65.90 23.09
N LEU C 274 64.56 -65.69 24.39
CA LEU C 274 65.46 -66.43 25.31
C LEU C 274 64.66 -67.45 26.10
N THR C 275 65.29 -68.55 26.47
CA THR C 275 64.59 -69.57 27.24
C THR C 275 65.51 -70.08 28.34
N TYR C 276 64.97 -70.14 29.55
CA TYR C 276 65.56 -70.89 30.64
C TYR C 276 64.73 -72.18 30.82
N LYS C 277 65.42 -73.30 31.01
CA LYS C 277 64.74 -74.53 31.33
C LYS C 277 65.47 -75.22 32.44
N SER C 278 64.75 -75.56 33.53
CA SER C 278 65.39 -76.26 34.66
C SER C 278 65.76 -77.66 34.18
N LYS C 279 66.83 -78.22 34.72
CA LYS C 279 67.08 -79.65 34.59
C LYS C 279 66.05 -80.32 35.52
N GLY C 280 65.52 -81.45 35.11
CA GLY C 280 64.50 -82.12 35.92
C GLY C 280 63.10 -81.94 35.37
N ASP C 281 62.08 -82.23 36.19
CA ASP C 281 60.71 -82.14 35.71
C ASP C 281 60.32 -80.67 35.58
N VAL C 282 59.72 -80.32 34.45
CA VAL C 282 59.27 -78.96 34.25
C VAL C 282 57.80 -78.95 34.63
N LYS C 283 57.46 -78.21 35.67
CA LYS C 283 56.10 -78.22 36.16
C LYS C 283 55.32 -76.99 35.72
N LYS C 284 55.98 -75.84 35.54
CA LYS C 284 55.28 -74.65 35.00
C LYS C 284 56.08 -74.08 33.85
N LYS C 285 55.35 -73.65 32.81
CA LYS C 285 55.94 -73.01 31.66
C LYS C 285 55.34 -71.62 31.64
N ILE C 286 56.21 -70.61 31.54
CA ILE C 286 55.82 -69.20 31.61
C ILE C 286 56.47 -68.39 30.44
N ALA C 287 55.64 -67.59 29.77
CA ALA C 287 56.15 -66.61 28.82
C ALA C 287 56.08 -65.20 29.44
N LEU C 288 57.22 -64.52 29.49
CA LEU C 288 57.30 -63.14 29.93
C LEU C 288 57.54 -62.27 28.69
N VAL C 289 56.67 -61.27 28.49
CA VAL C 289 56.70 -60.48 27.23
C VAL C 289 56.89 -59.00 27.62
N GLY C 290 57.88 -58.34 27.05
CA GLY C 290 58.22 -56.99 27.45
C GLY C 290 58.05 -56.11 26.22
N LYS C 291 57.32 -55.01 26.35
CA LYS C 291 57.28 -54.04 25.25
C LYS C 291 58.71 -53.47 25.01
N GLY C 292 59.15 -53.51 23.75
CA GLY C 292 60.52 -53.08 23.40
C GLY C 292 60.53 -52.12 22.23
N ILE C 293 59.87 -50.98 22.43
CA ILE C 293 60.01 -49.86 21.48
C ILE C 293 61.27 -49.04 21.89
N THR C 294 62.30 -49.00 21.06
CA THR C 294 63.56 -48.40 21.46
C THR C 294 63.49 -46.88 21.36
N PHE C 295 62.60 -46.37 20.52
CA PHE C 295 62.26 -44.95 20.56
C PHE C 295 60.85 -44.81 20.09
N ASP C 296 60.01 -44.09 20.84
CA ASP C 296 58.58 -43.88 20.41
C ASP C 296 58.34 -42.42 20.05
N SER C 297 58.47 -42.03 18.77
CA SER C 297 58.24 -40.66 18.33
C SER C 297 56.75 -40.38 18.28
N GLY C 298 55.97 -41.46 18.26
CA GLY C 298 54.52 -41.39 18.01
C GLY C 298 54.21 -41.78 16.56
N GLY C 299 55.19 -41.67 15.65
CA GLY C 299 54.89 -41.90 14.21
C GLY C 299 54.11 -40.70 13.64
N TYR C 300 53.31 -40.90 12.61
CA TYR C 300 52.56 -39.76 12.01
C TYR C 300 51.63 -39.01 12.99
N ASN C 301 51.17 -39.73 14.02
CA ASN C 301 50.58 -39.02 15.20
C ASN C 301 51.66 -38.60 16.16
N LEU C 302 52.49 -37.65 15.72
CA LEU C 302 53.74 -37.30 16.42
C LEU C 302 53.48 -36.81 17.84
N LYS C 303 54.35 -37.19 18.78
CA LYS C 303 54.25 -36.65 20.14
C LYS C 303 54.65 -35.18 20.15
N ALA C 304 53.69 -34.33 19.84
CA ALA C 304 53.96 -32.92 19.71
C ALA C 304 53.09 -32.10 20.69
N ALA C 305 52.07 -32.70 21.28
CA ALA C 305 51.21 -31.98 22.22
C ALA C 305 51.97 -31.67 23.52
N PRO C 306 51.63 -30.55 24.18
CA PRO C 306 52.36 -30.20 25.40
C PRO C 306 52.17 -31.32 26.38
N GLY C 307 53.23 -31.71 27.07
CA GLY C 307 53.16 -32.81 28.03
C GLY C 307 53.42 -34.21 27.47
N SER C 308 53.75 -34.32 26.18
CA SER C 308 53.83 -35.67 25.59
C SER C 308 55.16 -36.36 25.85
N MET C 309 56.12 -35.62 26.40
CA MET C 309 57.38 -36.20 26.87
C MET C 309 58.22 -36.96 25.84
N ILE C 310 58.26 -36.47 24.59
CA ILE C 310 59.01 -37.13 23.52
C ILE C 310 60.45 -37.36 23.88
N ASP C 311 61.00 -36.48 24.73
CA ASP C 311 62.42 -36.57 25.07
C ASP C 311 62.73 -37.72 26.01
N LEU C 312 61.68 -38.28 26.62
CA LEU C 312 61.83 -39.42 27.54
C LEU C 312 61.67 -40.79 26.83
N MET C 313 61.35 -40.79 25.53
CA MET C 313 60.82 -42.00 24.87
C MET C 313 61.85 -43.10 24.54
N LYS C 314 63.13 -42.86 24.85
CA LYS C 314 64.10 -43.94 24.89
C LYS C 314 63.69 -44.97 25.98
N PHE C 315 62.80 -44.57 26.88
CA PHE C 315 62.42 -45.48 27.98
C PHE C 315 61.29 -46.43 27.57
N ASP C 316 60.88 -46.39 26.30
CA ASP C 316 59.70 -47.16 25.91
C ASP C 316 60.05 -48.66 25.65
N MET C 317 61.28 -49.02 25.92
CA MET C 317 61.68 -50.45 25.94
C MET C 317 61.89 -50.96 27.40
N SER C 318 61.30 -50.24 28.37
CA SER C 318 61.49 -50.60 29.79
C SER C 318 60.93 -51.98 30.08
N GLY C 319 59.88 -52.34 29.37
CA GLY C 319 59.31 -53.67 29.49
C GLY C 319 60.27 -54.76 29.11
N CYS C 320 60.82 -54.62 27.90
CA CYS C 320 61.83 -55.53 27.40
C CYS C 320 63.00 -55.57 28.43
N ALA C 321 63.39 -54.40 28.96
CA ALA C 321 64.55 -54.38 29.89
C ALA C 321 64.23 -55.12 31.16
N ALA C 322 63.00 -54.96 31.70
CA ALA C 322 62.59 -55.73 32.88
C ALA C 322 62.69 -57.27 32.63
N VAL C 323 62.25 -57.69 31.44
CA VAL C 323 62.27 -59.09 31.04
C VAL C 323 63.70 -59.62 30.90
N LEU C 324 64.60 -58.81 30.35
CA LEU C 324 66.01 -59.19 30.27
C LEU C 324 66.72 -59.19 31.63
N GLY C 325 66.37 -58.24 32.48
CA GLY C 325 66.84 -58.22 33.86
C GLY C 325 66.39 -59.49 34.57
N CYS C 326 65.11 -59.84 34.38
CA CYS C 326 64.59 -61.07 34.90
C CYS C 326 65.37 -62.28 34.37
N ALA C 327 65.63 -62.31 33.07
CA ALA C 327 66.46 -63.42 32.51
C ALA C 327 67.81 -63.52 33.24
N TYR C 328 68.43 -62.37 33.52
CA TYR C 328 69.72 -62.39 34.25
C TYR C 328 69.52 -63.09 35.63
N CYS C 329 68.49 -62.68 36.35
CA CYS C 329 68.33 -63.25 37.71
C CYS C 329 67.98 -64.74 37.69
N VAL C 330 67.02 -65.12 36.82
CA VAL C 330 66.61 -66.52 36.70
C VAL C 330 67.76 -67.42 36.22
N GLY C 331 68.48 -66.94 35.19
CA GLY C 331 69.66 -67.59 34.68
C GLY C 331 70.75 -67.73 35.73
N THR C 332 70.82 -66.79 36.67
CA THR C 332 71.84 -66.85 37.70
C THR C 332 71.40 -67.75 38.83
N LEU C 333 70.15 -67.59 39.28
CA LEU C 333 69.70 -68.33 40.47
C LEU C 333 69.25 -69.77 40.18
N LYS C 334 68.95 -70.04 38.91
CA LYS C 334 68.59 -71.39 38.43
C LYS C 334 67.46 -72.09 39.21
N PRO C 335 66.24 -71.52 39.21
CA PRO C 335 65.16 -72.26 39.87
C PRO C 335 64.88 -73.63 39.22
N GLU C 336 64.34 -74.55 40.02
CA GLU C 336 63.94 -75.88 39.55
C GLU C 336 62.51 -75.84 39.06
N ASN C 337 62.11 -76.85 38.31
CA ASN C 337 60.71 -77.08 37.96
C ASN C 337 60.04 -76.13 37.00
N VAL C 338 60.82 -75.32 36.30
CA VAL C 338 60.21 -74.34 35.41
C VAL C 338 60.88 -74.25 34.05
N GLU C 339 60.10 -73.79 33.09
CA GLU C 339 60.65 -73.34 31.85
C GLU C 339 60.11 -71.92 31.56
N ILE C 340 61.01 -70.98 31.28
CA ILE C 340 60.61 -69.56 31.09
C ILE C 340 61.10 -69.09 29.73
N HIS C 341 60.18 -68.50 28.99
CA HIS C 341 60.49 -67.82 27.72
C HIS C 341 60.44 -66.32 27.99
N PHE C 342 61.51 -65.65 27.58
CA PHE C 342 61.69 -64.22 27.75
C PHE C 342 61.58 -63.64 26.37
N LEU C 343 60.50 -62.91 26.11
CA LEU C 343 60.17 -62.50 24.74
C LEU C 343 60.09 -60.99 24.61
N SER C 344 60.58 -60.43 23.51
CA SER C 344 60.27 -59.01 23.18
C SER C 344 60.28 -58.81 21.66
N ALA C 345 59.16 -58.30 21.14
CA ALA C 345 59.12 -57.76 19.78
C ALA C 345 59.75 -56.36 19.67
N VAL C 346 61.05 -56.28 19.33
CA VAL C 346 61.76 -54.99 19.42
C VAL C 346 61.68 -54.23 18.07
N CYS C 347 61.46 -52.92 18.13
CA CYS C 347 61.40 -52.09 16.93
C CYS C 347 61.40 -50.64 17.39
N GLU C 348 61.43 -49.72 16.44
CA GLU C 348 61.46 -48.28 16.74
C GLU C 348 60.32 -47.66 15.94
N ASN C 349 59.55 -46.71 16.54
CA ASN C 349 58.32 -46.08 15.92
C ASN C 349 58.69 -44.69 15.40
N MET C 350 58.91 -44.58 14.09
CA MET C 350 59.53 -43.38 13.49
C MET C 350 58.69 -42.71 12.38
N VAL C 351 59.07 -41.50 11.98
CA VAL C 351 58.43 -40.81 10.83
C VAL C 351 59.28 -40.87 9.57
N SER C 352 58.67 -41.35 8.50
CA SER C 352 59.40 -41.69 7.28
C SER C 352 58.40 -41.73 6.13
N LYS C 353 58.90 -41.65 4.90
CA LYS C 353 58.05 -42.08 3.78
C LYS C 353 57.62 -43.55 3.93
N ASN C 354 58.38 -44.35 4.72
CA ASN C 354 58.06 -45.77 4.82
C ASN C 354 57.14 -46.19 5.99
N SER C 355 56.72 -45.24 6.82
CA SER C 355 55.98 -45.53 8.09
C SER C 355 54.57 -45.98 7.79
N TYR C 356 54.01 -46.78 8.71
CA TYR C 356 52.54 -46.97 8.68
C TYR C 356 51.78 -45.69 8.99
N ARG C 357 50.55 -45.60 8.47
CA ARG C 357 49.77 -44.37 8.60
C ARG C 357 48.55 -44.62 9.44
N PRO C 358 48.03 -43.54 10.10
CA PRO C 358 46.70 -43.54 10.70
C PRO C 358 45.70 -44.01 9.64
N GLY C 359 44.81 -44.94 10.01
CA GLY C 359 43.80 -45.44 9.07
C GLY C 359 44.19 -46.75 8.41
N ASP C 360 45.49 -47.08 8.40
CA ASP C 360 45.97 -48.33 7.73
C ASP C 360 45.28 -49.54 8.34
N ILE C 361 44.95 -50.53 7.51
CA ILE C 361 44.42 -51.78 8.02
C ILE C 361 45.48 -52.87 7.90
N ILE C 362 45.83 -53.46 9.04
CA ILE C 362 46.89 -54.41 9.07
C ILE C 362 46.41 -55.74 9.63
N THR C 363 47.13 -56.80 9.30
CA THR C 363 46.73 -58.15 9.69
C THR C 363 47.73 -58.75 10.68
N ALA C 364 47.23 -59.09 11.87
CA ALA C 364 48.05 -59.70 12.94
C ALA C 364 48.29 -61.18 12.64
N SER C 365 49.25 -61.79 13.36
CA SER C 365 49.63 -63.16 13.07
C SER C 365 48.53 -64.19 13.37
N ASN C 366 47.47 -63.80 14.09
CA ASN C 366 46.33 -64.70 14.31
C ASN C 366 45.21 -64.39 13.32
N GLY C 367 45.51 -63.66 12.25
CA GLY C 367 44.51 -63.42 11.19
C GLY C 367 43.54 -62.28 11.45
N LYS C 368 43.58 -61.67 12.64
CA LYS C 368 42.67 -60.52 12.87
C LYS C 368 43.12 -59.26 12.15
N THR C 369 42.19 -58.61 11.45
CA THR C 369 42.54 -57.37 10.84
C THR C 369 42.32 -56.23 11.87
N ILE C 370 43.22 -55.24 11.85
CA ILE C 370 43.18 -54.13 12.81
C ILE C 370 43.19 -52.82 12.03
N GLU C 371 42.24 -51.95 12.31
CA GLU C 371 42.28 -50.59 11.83
C GLU C 371 43.06 -49.72 12.84
N VAL C 372 44.21 -49.19 12.37
CA VAL C 372 45.05 -48.23 13.08
C VAL C 372 44.33 -46.85 13.20
N GLY C 373 43.98 -46.43 14.42
CA GLY C 373 43.37 -45.12 14.62
C GLY C 373 44.37 -44.08 15.10
N ASN C 374 45.53 -44.53 15.59
CA ASN C 374 46.57 -43.63 16.05
C ASN C 374 47.93 -44.37 16.05
N THR C 375 48.91 -43.90 15.26
CA THR C 375 50.20 -44.59 15.15
C THR C 375 50.98 -44.58 16.47
N ASP C 376 50.53 -43.74 17.42
CA ASP C 376 51.16 -43.62 18.71
C ASP C 376 50.65 -44.73 19.69
N ALA C 377 49.62 -45.49 19.30
CA ALA C 377 49.21 -46.66 20.07
C ALA C 377 49.95 -47.86 19.50
N GLU C 378 51.27 -47.74 19.36
CA GLU C 378 52.04 -48.77 18.66
C GLU C 378 52.38 -49.98 19.56
N GLY C 379 52.51 -49.74 20.86
CA GLY C 379 52.96 -50.78 21.82
C GLY C 379 51.99 -51.95 21.79
N ARG C 380 50.68 -51.67 21.78
CA ARG C 380 49.67 -52.75 21.76
C ARG C 380 49.69 -53.63 20.47
N LEU C 381 50.14 -53.05 19.33
CA LEU C 381 50.28 -53.76 18.07
C LEU C 381 51.44 -54.73 18.12
N THR C 382 52.56 -54.28 18.65
CA THR C 382 53.72 -55.16 18.76
C THR C 382 53.40 -56.23 19.78
N LEU C 383 52.75 -55.84 20.90
CA LEU C 383 52.40 -56.82 21.94
C LEU C 383 51.40 -57.85 21.40
N ALA C 384 50.47 -57.40 20.56
CA ALA C 384 49.49 -58.32 19.94
C ALA C 384 50.15 -59.55 19.27
N ASP C 385 51.09 -59.32 18.33
CA ASP C 385 51.83 -60.39 17.72
C ASP C 385 52.71 -61.10 18.70
N ALA C 386 53.27 -60.41 19.69
CA ALA C 386 54.11 -61.15 20.64
C ALA C 386 53.26 -62.10 21.51
N LEU C 387 52.02 -61.69 21.79
CA LEU C 387 51.14 -62.50 22.64
C LEU C 387 50.73 -63.76 21.85
N VAL C 388 50.45 -63.58 20.57
CA VAL C 388 50.11 -64.70 19.69
C VAL C 388 51.27 -65.70 19.64
N TYR C 389 52.47 -65.20 19.40
CA TYR C 389 53.67 -66.01 19.47
C TYR C 389 53.79 -66.70 20.84
N ALA C 390 53.61 -65.96 21.93
CA ALA C 390 53.66 -66.61 23.29
C ALA C 390 52.66 -67.73 23.47
N GLU C 391 51.42 -67.48 23.09
CA GLU C 391 50.41 -68.52 23.26
C GLU C 391 50.73 -69.81 22.46
N LYS C 392 51.32 -69.66 21.27
CA LYS C 392 51.72 -70.82 20.46
C LYS C 392 52.75 -71.67 21.15
N LEU C 393 53.46 -71.10 22.13
CA LEU C 393 54.50 -71.87 22.83
C LEU C 393 53.90 -72.88 23.79
N GLY C 394 52.60 -72.76 24.11
CA GLY C 394 51.94 -73.72 25.01
C GLY C 394 52.37 -73.58 26.45
N VAL C 395 52.21 -72.37 26.99
CA VAL C 395 52.61 -72.04 28.34
C VAL C 395 51.41 -72.04 29.28
N ASP C 396 51.70 -72.14 30.57
CA ASP C 396 50.66 -72.02 31.60
C ASP C 396 50.24 -70.56 31.85
N TYR C 397 51.21 -69.65 31.85
CA TYR C 397 50.94 -68.23 32.14
C TYR C 397 51.68 -67.37 31.11
N ILE C 398 50.99 -66.32 30.66
CA ILE C 398 51.63 -65.28 29.89
C ILE C 398 51.55 -63.99 30.70
N VAL C 399 52.70 -63.38 31.00
CA VAL C 399 52.71 -62.11 31.65
C VAL C 399 53.40 -61.12 30.74
N ASP C 400 52.70 -60.05 30.34
CA ASP C 400 53.37 -58.95 29.66
C ASP C 400 53.62 -57.75 30.59
N ILE C 401 54.71 -57.02 30.34
CA ILE C 401 55.04 -55.78 31.08
C ILE C 401 55.34 -54.68 30.05
N ALA C 402 54.74 -53.50 30.20
CA ALA C 402 54.82 -52.49 29.15
C ALA C 402 54.58 -51.03 29.63
N THR C 403 55.35 -50.08 29.08
CA THR C 403 55.13 -48.62 29.27
C THR C 403 54.03 -48.24 28.31
N LEU C 404 52.81 -48.66 28.61
CA LEU C 404 51.78 -48.67 27.57
C LEU C 404 50.94 -47.41 27.43
N THR C 405 50.45 -46.84 28.54
CA THR C 405 49.58 -45.68 28.47
C THR C 405 50.00 -44.60 29.49
N GLY C 406 50.01 -43.36 28.99
CA GLY C 406 50.24 -42.16 29.78
C GLY C 406 49.17 -41.96 30.84
N ALA C 407 47.98 -42.52 30.60
CA ALA C 407 46.92 -42.43 31.59
C ALA C 407 47.27 -43.07 32.96
N MET C 408 48.27 -43.94 33.03
CA MET C 408 48.65 -44.52 34.31
C MET C 408 49.07 -43.42 35.31
N LEU C 409 49.68 -42.35 34.80
CA LEU C 409 50.10 -41.20 35.65
C LEU C 409 48.92 -40.51 36.34
N TYR C 410 47.74 -40.63 35.74
CA TYR C 410 46.55 -40.01 36.26
C TYR C 410 45.73 -40.97 37.10
N SER C 411 46.05 -42.25 37.03
CA SER C 411 45.25 -43.20 37.77
C SER C 411 46.01 -43.67 39.00
N LEU C 412 47.21 -44.20 38.82
CA LEU C 412 47.99 -44.68 39.96
C LEU C 412 49.18 -43.76 40.27
N GLY C 413 49.65 -43.03 39.26
CA GLY C 413 50.77 -42.08 39.43
C GLY C 413 52.13 -42.75 39.31
N THR C 414 53.08 -42.27 40.08
CA THR C 414 54.44 -42.71 39.87
C THR C 414 54.89 -43.86 40.79
N SER C 415 54.10 -44.24 41.80
CA SER C 415 54.55 -45.24 42.81
C SER C 415 54.13 -46.70 42.54
N TYR C 416 52.90 -46.89 42.05
CA TYR C 416 52.33 -48.19 41.82
C TYR C 416 52.11 -48.47 40.33
N ALA C 417 52.50 -49.66 39.88
CA ALA C 417 52.11 -50.13 38.54
C ALA C 417 50.66 -50.66 38.53
N GLY C 418 50.01 -50.62 37.37
CA GLY C 418 48.68 -51.30 37.25
C GLY C 418 48.83 -52.73 36.70
N VAL C 419 48.09 -53.70 37.26
CA VAL C 419 47.97 -55.02 36.67
C VAL C 419 46.53 -55.32 36.25
N PHE C 420 46.39 -55.84 35.04
CA PHE C 420 45.10 -56.21 34.46
C PHE C 420 45.24 -57.68 34.06
N GLY C 421 44.17 -58.43 33.94
CA GLY C 421 44.36 -59.79 33.51
C GLY C 421 43.06 -60.50 33.25
N ASN C 422 43.16 -61.68 32.65
CA ASN C 422 41.95 -62.48 32.40
C ASN C 422 41.78 -63.61 33.42
N ASN C 423 42.60 -63.67 34.47
CA ASN C 423 42.60 -64.85 35.39
C ASN C 423 42.97 -64.47 36.80
N GLU C 424 42.04 -64.66 37.75
CA GLU C 424 42.20 -64.13 39.09
C GLU C 424 43.32 -64.78 39.86
N GLU C 425 43.57 -66.08 39.64
CA GLU C 425 44.69 -66.73 40.32
C GLU C 425 46.04 -66.20 39.85
N LEU C 426 46.20 -65.98 38.54
CA LEU C 426 47.42 -65.33 38.05
C LEU C 426 47.62 -63.92 38.63
N ILE C 427 46.55 -63.10 38.62
CA ILE C 427 46.63 -61.76 39.22
C ILE C 427 47.08 -61.82 40.68
N ASN C 428 46.48 -62.69 41.46
CA ASN C 428 46.92 -62.88 42.85
C ASN C 428 48.38 -63.28 42.99
N LYS C 429 48.88 -64.14 42.10
CA LYS C 429 50.32 -64.47 42.11
C LYS C 429 51.21 -63.24 41.90
N ILE C 430 50.78 -62.38 40.99
CA ILE C 430 51.50 -61.17 40.70
C ILE C 430 51.45 -60.21 41.90
N LEU C 431 50.28 -60.00 42.47
CA LEU C 431 50.11 -59.26 43.72
C LEU C 431 51.00 -59.83 44.87
N GLN C 432 51.05 -61.16 44.96
CA GLN C 432 51.90 -61.82 45.94
C GLN C 432 53.36 -61.46 45.67
N SER C 433 53.78 -61.58 44.41
CA SER C 433 55.15 -61.20 44.00
C SER C 433 55.44 -59.73 44.21
N SER C 434 54.42 -58.90 44.02
CA SER C 434 54.56 -57.49 44.32
C SER C 434 54.91 -57.29 45.79
N LYS C 435 54.27 -58.07 46.66
CA LYS C 435 54.56 -57.98 48.08
C LYS C 435 55.97 -58.40 48.50
N THR C 436 56.43 -59.55 48.00
CA THR C 436 57.73 -60.06 48.42
C THR C 436 58.90 -59.38 47.68
N SER C 437 58.67 -58.87 46.46
CA SER C 437 59.68 -58.04 45.77
C SER C 437 59.76 -56.58 46.24
N ASN C 438 58.73 -56.12 46.95
CA ASN C 438 58.55 -54.72 47.29
C ASN C 438 58.48 -53.75 46.09
N GLU C 439 58.01 -54.24 44.94
CA GLU C 439 57.66 -53.39 43.80
C GLU C 439 56.13 -53.33 43.73
N PRO C 440 55.57 -52.18 44.07
CA PRO C 440 54.12 -52.08 44.27
C PRO C 440 53.30 -52.10 42.99
N VAL C 441 52.18 -52.83 43.05
CA VAL C 441 51.31 -53.03 41.89
C VAL C 441 49.88 -52.98 42.41
N TRP C 442 48.91 -52.47 41.63
CA TRP C 442 47.52 -52.44 42.09
C TRP C 442 46.70 -53.04 40.97
N TRP C 443 45.70 -53.85 41.32
CA TRP C 443 44.88 -54.54 40.33
C TRP C 443 43.80 -53.58 39.82
N LEU C 444 43.75 -53.43 38.51
CA LEU C 444 42.77 -52.59 37.85
C LEU C 444 41.89 -53.48 36.93
N PRO C 445 40.67 -53.02 36.63
CA PRO C 445 39.68 -53.91 35.95
C PRO C 445 39.77 -53.86 34.44
N ILE C 446 39.38 -54.94 33.76
CA ILE C 446 39.20 -54.91 32.33
C ILE C 446 37.68 -54.82 32.18
N ILE C 447 37.17 -53.64 31.82
CA ILE C 447 35.73 -53.38 31.87
C ILE C 447 35.18 -53.74 30.52
N ASN C 448 34.43 -54.83 30.45
CA ASN C 448 33.98 -55.33 29.13
C ASN C 448 32.97 -54.43 28.43
N GLU C 449 32.27 -53.59 29.20
CA GLU C 449 31.34 -52.63 28.60
C GLU C 449 32.02 -51.76 27.53
N TYR C 450 33.33 -51.54 27.62
CA TYR C 450 34.05 -50.69 26.66
C TYR C 450 34.48 -51.41 25.39
N ARG C 451 34.44 -52.75 25.41
CA ARG C 451 34.77 -53.54 24.21
C ARG C 451 34.08 -53.09 22.93
N ALA C 452 32.81 -52.72 22.99
CA ALA C 452 32.08 -52.30 21.78
C ALA C 452 32.68 -51.06 21.10
N THR C 453 33.37 -50.23 21.88
CA THR C 453 34.02 -49.07 21.27
C THR C 453 35.23 -49.46 20.39
N LEU C 454 35.70 -50.72 20.46
CA LEU C 454 36.74 -51.19 19.55
C LEU C 454 36.19 -51.87 18.28
N ASN C 455 34.87 -51.84 18.09
CA ASN C 455 34.27 -52.39 16.87
C ASN C 455 34.63 -51.47 15.72
N SER C 456 35.24 -52.02 14.67
CA SER C 456 35.64 -51.21 13.50
C SER C 456 34.56 -51.38 12.44
N LYS C 457 34.23 -50.32 11.69
CA LYS C 457 33.35 -50.45 10.52
C LYS C 457 33.91 -51.37 9.40
N TYR C 458 35.24 -51.41 9.22
CA TYR C 458 35.85 -52.12 8.10
C TYR C 458 36.72 -53.32 8.49
N ALA C 459 37.59 -53.11 9.47
CA ALA C 459 38.44 -54.17 9.98
C ALA C 459 37.71 -55.02 11.04
N ASP C 460 38.35 -56.11 11.47
CA ASP C 460 37.80 -56.91 12.56
C ASP C 460 37.75 -56.12 13.87
N ILE C 461 38.76 -55.27 14.11
CA ILE C 461 38.88 -54.54 15.38
C ILE C 461 39.60 -53.20 15.19
N ASN C 462 39.25 -52.21 16.02
CA ASN C 462 39.99 -50.97 16.11
C ASN C 462 41.13 -51.09 17.13
N GLN C 463 42.26 -50.52 16.78
CA GLN C 463 43.37 -50.38 17.72
C GLN C 463 43.01 -49.48 18.94
N ILE C 464 42.24 -48.42 18.72
CA ILE C 464 41.91 -47.46 19.77
C ILE C 464 40.41 -47.22 19.84
N SER C 465 39.97 -46.76 21.01
CA SER C 465 38.58 -46.37 21.22
C SER C 465 38.27 -45.04 20.55
N SER C 466 37.11 -44.88 19.94
CA SER C 466 36.62 -43.52 19.59
C SER C 466 36.22 -42.71 20.85
N SER C 467 35.48 -43.34 21.76
CA SER C 467 34.78 -42.57 22.82
C SER C 467 35.29 -42.75 24.26
N VAL C 468 36.01 -43.82 24.57
CA VAL C 468 36.39 -44.06 25.97
C VAL C 468 37.76 -43.45 26.31
N LYS C 469 37.80 -42.58 27.30
CA LYS C 469 39.09 -41.99 27.68
C LYS C 469 39.90 -42.86 28.66
N ALA C 470 39.32 -43.97 29.15
CA ALA C 470 40.02 -44.85 30.08
C ALA C 470 41.02 -45.69 29.28
N SER C 471 42.11 -45.07 28.87
CA SER C 471 42.93 -45.71 27.85
C SER C 471 43.68 -46.96 28.32
N SER C 472 44.09 -47.00 29.60
CA SER C 472 44.79 -48.20 30.09
C SER C 472 43.86 -49.42 30.05
N ILE C 473 42.57 -49.20 30.28
CA ILE C 473 41.61 -50.31 30.27
C ILE C 473 41.31 -50.72 28.83
N VAL C 474 41.12 -49.74 27.97
CA VAL C 474 40.94 -50.02 26.56
C VAL C 474 42.13 -50.78 25.94
N ALA C 475 43.36 -50.40 26.28
CA ALA C 475 44.54 -51.13 25.75
C ALA C 475 44.54 -52.57 26.25
N SER C 476 44.12 -52.78 27.49
CA SER C 476 44.00 -54.17 28.03
C SER C 476 42.90 -54.97 27.30
N LEU C 477 41.76 -54.34 26.99
CA LEU C 477 40.72 -54.99 26.17
C LEU C 477 41.23 -55.41 24.81
N PHE C 478 42.03 -54.54 24.17
CA PHE C 478 42.63 -54.85 22.88
C PHE C 478 43.61 -56.07 22.99
N LEU C 479 44.54 -56.05 23.95
CA LEU C 479 45.47 -57.15 24.15
C LEU C 479 44.77 -58.47 24.43
N LYS C 480 43.66 -58.40 25.18
CA LYS C 480 42.93 -59.59 25.56
C LYS C 480 42.48 -60.36 24.30
N GLU C 481 42.23 -59.63 23.19
CA GLU C 481 41.80 -60.24 21.94
C GLU C 481 42.88 -61.14 21.29
N PHE C 482 44.11 -61.09 21.81
CA PHE C 482 45.21 -61.87 21.25
C PHE C 482 45.69 -62.99 22.18
N VAL C 483 44.96 -63.21 23.27
CA VAL C 483 45.13 -64.42 24.06
C VAL C 483 43.81 -65.20 23.97
N GLN C 484 43.86 -66.45 23.51
CA GLN C 484 42.62 -67.19 23.25
C GLN C 484 42.20 -67.97 24.47
N ASN C 485 43.13 -68.69 25.09
CA ASN C 485 42.75 -69.64 26.10
C ASN C 485 43.86 -69.92 27.09
N THR C 486 44.57 -68.87 27.51
CA THR C 486 45.71 -69.02 28.41
C THR C 486 45.60 -67.94 29.46
N ALA C 487 45.94 -68.30 30.70
CA ALA C 487 45.98 -67.32 31.77
C ALA C 487 46.97 -66.22 31.41
N TRP C 488 46.52 -64.97 31.45
CA TRP C 488 47.34 -63.86 30.99
C TRP C 488 47.20 -62.63 31.91
N ALA C 489 48.30 -61.99 32.24
CA ALA C 489 48.21 -60.73 32.93
C ALA C 489 49.13 -59.73 32.25
N HIS C 490 48.77 -58.46 32.39
CA HIS C 490 49.40 -57.34 31.71
C HIS C 490 49.74 -56.28 32.76
N ILE C 491 51.01 -55.93 32.89
CA ILE C 491 51.49 -54.96 33.90
C ILE C 491 51.84 -53.66 33.15
N ASP C 492 51.04 -52.61 33.36
CA ASP C 492 51.33 -51.32 32.72
C ASP C 492 52.26 -50.44 33.61
N ILE C 493 53.50 -50.26 33.18
CA ILE C 493 54.53 -49.58 33.99
C ILE C 493 54.85 -48.17 33.48
N ALA C 494 53.97 -47.62 32.63
CA ALA C 494 54.18 -46.28 32.08
C ALA C 494 54.45 -45.20 33.13
N GLY C 495 53.74 -45.26 34.25
CA GLY C 495 53.88 -44.24 35.27
C GLY C 495 55.03 -44.49 36.24
N VAL C 496 55.43 -45.75 36.42
CA VAL C 496 56.43 -46.10 37.44
C VAL C 496 57.84 -46.35 36.94
N SER C 497 58.03 -46.45 35.63
CA SER C 497 59.28 -46.93 35.12
C SER C 497 60.48 -45.92 35.36
N TRP C 498 60.21 -44.66 35.09
CA TRP C 498 61.20 -43.61 35.15
C TRP C 498 61.03 -42.88 36.45
N ASN C 499 62.15 -42.66 37.13
CA ASN C 499 62.17 -41.86 38.36
C ASN C 499 62.40 -40.42 37.95
N PHE C 500 61.29 -39.71 37.76
CA PHE C 500 61.34 -38.35 37.34
C PHE C 500 62.16 -37.46 38.30
N LYS C 501 62.07 -37.67 39.62
CA LYS C 501 62.80 -36.78 40.54
C LYS C 501 64.29 -37.03 40.44
N ALA C 502 64.71 -38.29 40.46
CA ALA C 502 66.15 -38.60 40.38
C ALA C 502 66.72 -38.57 38.94
N ARG C 503 65.84 -38.39 37.93
CA ARG C 503 66.22 -38.35 36.48
C ARG C 503 66.95 -39.63 35.99
N LYS C 504 66.39 -40.78 36.39
CA LYS C 504 66.97 -42.07 36.05
C LYS C 504 65.90 -43.19 36.04
N PRO C 505 66.19 -44.33 35.36
CA PRO C 505 65.23 -45.45 35.42
C PRO C 505 65.18 -46.04 36.83
N LYS C 506 64.07 -46.71 37.16
CA LYS C 506 63.99 -47.58 38.33
C LYS C 506 64.44 -49.02 38.06
N GLY C 507 64.40 -49.46 36.79
CA GLY C 507 64.54 -50.88 36.45
C GLY C 507 63.34 -51.61 37.02
N PHE C 508 62.18 -50.94 36.96
CA PHE C 508 60.98 -51.49 37.60
C PHE C 508 60.53 -52.82 36.98
N GLY C 509 60.28 -53.83 37.81
CA GLY C 509 59.65 -55.07 37.35
C GLY C 509 60.57 -56.29 37.31
N VAL C 510 61.89 -56.07 37.35
CA VAL C 510 62.84 -57.15 37.33
C VAL C 510 62.65 -58.03 38.57
N ARG C 511 62.54 -57.42 39.74
CA ARG C 511 62.46 -58.19 40.98
C ARG C 511 61.07 -58.79 41.14
N LEU C 512 60.05 -58.03 40.74
CA LEU C 512 58.66 -58.49 40.67
C LEU C 512 58.54 -59.78 39.85
N LEU C 513 59.02 -59.74 38.62
CA LEU C 513 58.93 -60.90 37.71
C LEU C 513 59.78 -62.09 38.17
N THR C 514 60.95 -61.82 38.73
CA THR C 514 61.80 -62.85 39.26
C THR C 514 61.14 -63.53 40.47
N GLU C 515 60.58 -62.76 41.41
CA GLU C 515 59.86 -63.36 42.56
C GLU C 515 58.66 -64.17 42.06
N PHE C 516 58.02 -63.69 41.01
CA PHE C 516 56.92 -64.42 40.37
C PHE C 516 57.40 -65.81 39.91
N VAL C 517 58.50 -65.85 39.15
CA VAL C 517 59.08 -67.11 38.69
C VAL C 517 59.53 -67.96 39.85
N LEU C 518 60.24 -67.38 40.82
CA LEU C 518 60.74 -68.13 41.98
C LEU C 518 59.65 -68.71 42.86
N ASN C 519 58.63 -67.92 43.17
CA ASN C 519 57.47 -68.39 43.95
C ASN C 519 56.76 -69.52 43.30
N ASP C 520 56.51 -69.40 42.01
CA ASP C 520 56.07 -70.54 41.24
C ASP C 520 57.23 -71.52 41.03
N ALA D 2 11.87 -23.86 54.30
CA ALA D 2 11.94 -22.86 53.19
C ALA D 2 12.69 -21.59 53.59
N SER D 3 13.64 -21.17 52.74
CA SER D 3 14.11 -19.80 52.69
C SER D 3 13.67 -19.31 51.33
N GLU D 4 13.56 -18.00 51.17
CA GLU D 4 13.17 -17.40 49.91
C GLU D 4 14.35 -17.50 48.93
N VAL D 5 14.10 -17.91 47.71
CA VAL D 5 15.23 -17.91 46.75
C VAL D 5 15.37 -16.54 46.06
N PRO D 6 16.58 -15.95 46.13
CA PRO D 6 16.77 -14.65 45.49
C PRO D 6 16.64 -14.75 43.95
N GLN D 7 16.18 -13.68 43.36
CA GLN D 7 16.02 -13.63 41.93
C GLN D 7 16.77 -12.42 41.43
N VAL D 8 17.31 -12.51 40.22
CA VAL D 8 17.79 -11.30 39.54
C VAL D 8 16.64 -10.62 38.78
N VAL D 9 15.85 -11.40 38.06
CA VAL D 9 14.65 -10.87 37.40
C VAL D 9 13.44 -11.68 37.85
N SER D 10 12.24 -11.16 37.62
CA SER D 10 11.05 -11.82 38.17
C SER D 10 10.77 -13.10 37.42
N LEU D 11 11.45 -13.31 36.30
CA LEU D 11 11.28 -14.54 35.50
C LEU D 11 12.13 -15.68 36.02
N ASP D 12 13.07 -15.39 36.93
CA ASP D 12 13.92 -16.44 37.51
C ASP D 12 13.12 -17.39 38.38
N PRO D 13 13.23 -18.71 38.14
CA PRO D 13 12.52 -19.69 38.98
C PRO D 13 12.87 -19.68 40.48
N THR D 14 11.91 -20.05 41.32
CA THR D 14 12.12 -20.03 42.78
C THR D 14 11.91 -21.40 43.42
N SER D 15 11.68 -22.44 42.60
CA SER D 15 11.76 -23.82 43.10
C SER D 15 12.15 -24.76 41.99
N ILE D 16 12.61 -25.94 42.39
CA ILE D 16 12.84 -27.04 41.46
C ILE D 16 11.50 -27.75 41.26
N PRO D 17 11.02 -27.83 40.02
CA PRO D 17 9.85 -28.71 39.85
C PRO D 17 10.25 -30.19 40.06
N ILE D 18 9.46 -30.91 40.86
CA ILE D 18 9.68 -32.33 41.18
C ILE D 18 8.39 -33.12 40.87
N GLU D 19 8.51 -34.26 40.17
CA GLU D 19 7.38 -35.20 40.02
C GLU D 19 7.60 -36.31 41.03
N TYR D 20 6.65 -36.46 41.95
CA TYR D 20 6.63 -37.55 42.90
C TYR D 20 5.78 -38.69 42.32
N ASN D 21 4.54 -38.41 41.95
CA ASN D 21 3.68 -39.39 41.30
C ASN D 21 4.05 -39.54 39.82
N THR D 22 4.55 -40.71 39.43
CA THR D 22 4.95 -40.90 38.04
C THR D 22 4.09 -42.02 37.45
N PRO D 23 4.04 -42.11 36.11
CA PRO D 23 3.30 -43.23 35.48
C PRO D 23 3.82 -44.62 35.90
N ILE D 24 5.07 -44.71 36.24
CA ILE D 24 5.62 -45.98 36.71
C ILE D 24 4.91 -46.48 37.98
N HIS D 25 4.49 -45.55 38.82
CA HIS D 25 3.77 -45.89 40.05
C HIS D 25 2.42 -46.54 39.79
N ASP D 26 1.84 -46.32 38.61
CA ASP D 26 0.55 -46.91 38.24
C ASP D 26 0.65 -48.24 37.53
N ILE D 27 1.85 -48.78 37.46
CA ILE D 27 1.98 -50.05 36.75
C ILE D 27 1.75 -51.17 37.74
N LYS D 28 0.70 -51.96 37.49
CA LYS D 28 0.51 -53.19 38.25
C LYS D 28 1.41 -54.25 37.69
N VAL D 29 2.21 -54.89 38.56
CA VAL D 29 3.23 -55.83 38.14
C VAL D 29 2.83 -57.21 38.67
N GLN D 30 2.87 -58.25 37.84
CA GLN D 30 2.60 -59.62 38.29
C GLN D 30 3.73 -60.48 37.85
N VAL D 31 4.20 -61.40 38.72
CA VAL D 31 5.26 -62.34 38.35
C VAL D 31 4.70 -63.78 38.34
N TYR D 32 4.89 -64.49 37.23
CA TYR D 32 4.35 -65.83 37.07
C TYR D 32 5.47 -66.84 36.86
N ASP D 33 5.21 -68.09 37.20
CA ASP D 33 6.24 -69.08 36.97
C ASP D 33 6.23 -69.51 35.50
N ILE D 34 7.42 -69.47 34.90
CA ILE D 34 7.61 -69.88 33.51
C ILE D 34 7.27 -71.38 33.27
N LYS D 35 7.33 -72.23 34.31
CA LYS D 35 7.08 -73.65 34.11
C LYS D 35 5.68 -73.95 33.65
N GLY D 36 4.75 -73.02 33.93
CA GLY D 36 3.36 -73.18 33.53
C GLY D 36 2.98 -72.79 32.10
N GLY D 37 3.92 -72.25 31.32
CA GLY D 37 3.57 -71.75 29.98
C GLY D 37 2.97 -70.34 30.02
N CYS D 38 2.84 -69.67 28.88
CA CYS D 38 2.59 -68.25 28.85
C CYS D 38 1.21 -67.90 28.31
N ASN D 39 0.61 -66.91 28.96
CA ASN D 39 -0.65 -66.37 28.49
C ASN D 39 -0.37 -65.10 27.68
N VAL D 40 -0.64 -65.18 26.39
CA VAL D 40 -0.28 -64.08 25.47
C VAL D 40 -1.52 -63.41 24.87
N GLU D 41 -2.66 -63.62 25.51
CA GLU D 41 -3.95 -63.09 25.06
C GLU D 41 -3.98 -61.55 24.90
N GLU D 42 -3.13 -60.83 25.63
CA GLU D 42 -3.22 -59.36 25.71
C GLU D 42 -1.86 -58.61 25.65
N GLY D 43 -1.82 -57.55 24.85
CA GLY D 43 -0.75 -56.60 24.88
C GLY D 43 0.51 -57.06 24.16
N LEU D 44 1.63 -56.48 24.55
CA LEU D 44 2.91 -56.74 23.93
C LEU D 44 3.66 -57.78 24.75
N THR D 45 4.02 -58.91 24.14
CA THR D 45 4.77 -59.98 24.82
C THR D 45 6.20 -60.05 24.19
N ILE D 46 7.23 -59.96 25.02
CA ILE D 46 8.61 -60.00 24.54
C ILE D 46 9.35 -61.10 25.25
N PHE D 47 9.95 -61.99 24.45
CA PHE D 47 10.78 -63.07 24.96
C PHE D 47 12.23 -62.61 25.04
N LEU D 48 12.88 -62.83 26.18
CA LEU D 48 14.32 -62.59 26.29
C LEU D 48 15.06 -63.90 26.01
N VAL D 49 15.80 -63.96 24.91
CA VAL D 49 16.30 -65.24 24.42
C VAL D 49 17.80 -65.19 24.11
N ASN D 50 18.50 -66.27 24.38
CA ASN D 50 19.92 -66.34 24.03
C ASN D 50 20.16 -67.62 23.24
N ASN D 51 21.40 -67.80 22.81
CA ASN D 51 21.83 -69.02 22.15
C ASN D 51 23.28 -69.30 22.59
N PRO D 52 23.46 -70.05 23.69
CA PRO D 52 24.79 -70.38 24.20
C PRO D 52 25.66 -71.12 23.18
N GLY D 53 26.93 -70.79 23.17
CA GLY D 53 27.78 -71.27 22.09
C GLY D 53 27.51 -70.52 20.79
N LYS D 54 26.38 -70.80 20.09
CA LYS D 54 26.17 -70.28 18.74
C LYS D 54 26.10 -68.74 18.67
N GLU D 55 27.29 -68.11 18.54
CA GLU D 55 27.45 -66.65 18.54
C GLU D 55 26.62 -66.03 17.42
N ASN D 56 25.83 -65.01 17.75
CA ASN D 56 24.79 -64.48 16.85
C ASN D 56 23.90 -65.57 16.23
N GLY D 57 23.71 -66.67 16.95
CA GLY D 57 22.88 -67.77 16.45
C GLY D 57 21.41 -67.42 16.35
N PRO D 58 20.62 -68.32 15.77
CA PRO D 58 19.18 -68.11 15.66
C PRO D 58 18.40 -68.03 16.99
N VAL D 59 17.27 -67.32 16.93
CA VAL D 59 16.28 -67.30 17.97
C VAL D 59 15.44 -68.59 17.91
N LYS D 60 15.26 -69.20 19.07
CA LYS D 60 14.37 -70.31 19.23
C LYS D 60 13.61 -70.10 20.55
N ILE D 61 12.28 -70.23 20.51
CA ILE D 61 11.46 -69.95 21.70
C ILE D 61 10.94 -71.29 22.16
N SER D 62 11.08 -71.60 23.44
CA SER D 62 10.64 -72.90 23.96
C SER D 62 9.27 -72.86 24.65
N SER D 63 8.94 -71.76 25.33
CA SER D 63 7.70 -71.65 26.09
C SER D 63 6.47 -72.00 25.30
N LYS D 64 5.60 -72.76 25.92
CA LYS D 64 4.29 -73.00 25.36
C LYS D 64 3.49 -71.72 25.59
N VAL D 65 2.66 -71.31 24.62
CA VAL D 65 1.78 -70.14 24.76
C VAL D 65 0.34 -70.53 24.42
N ASN D 66 -0.61 -69.75 24.94
CA ASN D 66 -2.01 -70.13 25.00
C ASN D 66 -2.81 -69.58 23.84
N ASP D 67 -2.16 -69.37 22.71
CA ASP D 67 -2.85 -68.81 21.56
C ASP D 67 -2.27 -69.43 20.31
N LYS D 68 -3.19 -69.95 19.47
CA LYS D 68 -2.80 -70.73 18.32
C LYS D 68 -2.15 -69.84 17.27
N GLN D 69 -2.64 -68.60 17.11
CA GLN D 69 -1.98 -67.69 16.16
C GLN D 69 -0.54 -67.38 16.57
N VAL D 70 -0.35 -67.02 17.84
CA VAL D 70 1.00 -66.69 18.37
C VAL D 70 1.90 -67.92 18.36
N SER D 71 1.35 -69.10 18.67
CA SER D 71 2.13 -70.34 18.53
C SER D 71 2.72 -70.49 17.14
N GLU D 72 1.90 -70.22 16.12
CA GLU D 72 2.39 -70.29 14.74
C GLU D 72 3.53 -69.30 14.46
N PHE D 73 3.36 -68.05 14.87
CA PHE D 73 4.39 -67.03 14.73
C PHE D 73 5.70 -67.46 15.39
N LEU D 74 5.61 -68.13 16.53
CA LEU D 74 6.79 -68.50 17.35
C LEU D 74 7.47 -69.82 16.95
N LYS D 75 6.94 -70.49 15.93
CA LYS D 75 7.55 -71.74 15.47
C LYS D 75 9.01 -71.53 15.02
N ASP D 76 9.81 -72.59 15.11
CA ASP D 76 11.26 -72.48 14.93
C ASP D 76 11.64 -71.94 13.57
N GLU D 77 10.88 -72.36 12.55
CA GLU D 77 11.11 -71.95 11.16
C GLU D 77 10.98 -70.44 10.97
N ASN D 78 9.97 -69.83 11.59
CA ASN D 78 9.88 -68.35 11.57
C ASN D 78 10.97 -67.65 12.44
N MET D 79 11.22 -68.17 13.65
CA MET D 79 12.08 -67.48 14.58
C MET D 79 13.52 -67.54 14.16
N GLU D 80 13.90 -68.55 13.36
CA GLU D 80 15.30 -68.70 12.99
C GLU D 80 15.73 -67.68 11.94
N LYS D 81 14.77 -66.98 11.35
CA LYS D 81 15.07 -65.81 10.52
C LYS D 81 15.74 -64.66 11.32
N PHE D 82 15.64 -64.71 12.64
CA PHE D 82 16.16 -63.66 13.53
C PHE D 82 17.34 -64.24 14.34
N ASN D 83 18.18 -63.39 14.88
CA ASN D 83 19.34 -63.85 15.67
C ASN D 83 19.43 -63.17 17.05
N VAL D 84 20.20 -63.81 17.93
CA VAL D 84 20.28 -63.39 19.34
C VAL D 84 21.30 -62.30 19.67
N LYS D 85 21.95 -61.66 18.67
CA LYS D 85 23.03 -60.71 18.96
C LYS D 85 22.55 -59.74 20.03
N LEU D 86 23.39 -59.44 21.04
CA LEU D 86 22.92 -58.67 22.19
C LEU D 86 22.23 -57.32 21.85
N GLY D 87 20.96 -57.14 22.26
CA GLY D 87 20.20 -55.93 22.01
C GLY D 87 19.38 -55.91 20.74
N THR D 88 19.55 -56.91 19.88
CA THR D 88 18.85 -56.95 18.58
C THR D 88 17.42 -57.33 18.90
N SER D 89 16.46 -56.65 18.30
CA SER D 89 15.07 -57.03 18.57
C SER D 89 14.16 -56.97 17.36
N LYS D 90 13.07 -57.75 17.39
CA LYS D 90 12.02 -57.68 16.34
C LYS D 90 10.74 -57.82 17.11
N HIS D 91 9.69 -57.15 16.64
CA HIS D 91 8.33 -57.42 17.17
C HIS D 91 7.29 -57.12 16.09
N PHE D 92 6.21 -57.88 16.11
CA PHE D 92 5.21 -57.92 15.04
C PHE D 92 3.85 -57.83 15.70
N TYR D 93 2.95 -57.05 15.12
CA TYR D 93 1.55 -57.04 15.47
C TYR D 93 0.87 -58.12 14.68
N MET D 94 -0.14 -58.75 15.29
CA MET D 94 -0.94 -59.81 14.71
C MET D 94 -2.27 -59.86 15.48
N PHE D 95 -3.22 -60.61 14.93
CA PHE D 95 -4.46 -60.86 15.67
C PHE D 95 -4.42 -62.20 16.36
N ASN D 96 -4.79 -62.24 17.63
CA ASN D 96 -4.85 -63.53 18.37
C ASN D 96 -6.10 -64.36 18.01
N ASP D 97 -6.31 -65.48 18.72
CA ASP D 97 -7.49 -66.35 18.44
C ASP D 97 -8.84 -65.65 18.54
N ASN D 98 -8.91 -64.54 19.28
CA ASN D 98 -10.16 -63.82 19.47
C ASN D 98 -10.23 -62.59 18.60
N LYS D 99 -9.29 -62.47 17.69
CA LYS D 99 -9.24 -61.41 16.73
C LYS D 99 -8.98 -60.07 17.41
N ASN D 100 -8.29 -60.14 18.53
CA ASN D 100 -7.79 -58.96 19.23
C ASN D 100 -6.33 -58.73 18.90
N SER D 101 -5.97 -57.46 18.72
CA SER D 101 -4.66 -57.08 18.33
C SER D 101 -3.65 -57.35 19.47
N VAL D 102 -2.60 -58.08 19.21
CA VAL D 102 -1.53 -58.25 20.19
C VAL D 102 -0.22 -57.97 19.44
N ALA D 103 0.90 -57.87 20.16
CA ALA D 103 2.18 -57.83 19.48
C ALA D 103 3.17 -58.72 20.19
N VAL D 104 4.04 -59.34 19.41
CA VAL D 104 4.94 -60.35 19.91
C VAL D 104 6.34 -60.13 19.30
N GLY D 105 7.35 -60.30 20.15
CA GLY D 105 8.72 -60.12 19.71
C GLY D 105 9.69 -60.69 20.68
N TYR D 106 10.96 -60.28 20.56
CA TYR D 106 12.03 -60.84 21.39
C TYR D 106 13.13 -59.77 21.47
N VAL D 107 13.95 -59.83 22.51
CA VAL D 107 15.24 -59.11 22.56
C VAL D 107 16.37 -60.15 22.66
N GLY D 108 17.39 -60.04 21.80
CA GLY D 108 18.53 -60.96 21.85
C GLY D 108 19.39 -60.72 23.09
N CYS D 109 19.78 -61.81 23.74
CA CYS D 109 20.59 -61.72 24.93
C CYS D 109 21.98 -62.33 24.73
N GLY D 110 22.41 -62.44 23.46
CA GLY D 110 23.74 -62.95 23.11
C GLY D 110 23.89 -64.45 23.35
N SER D 111 25.12 -64.91 23.52
CA SER D 111 25.37 -66.32 23.78
C SER D 111 26.19 -66.61 25.01
N VAL D 112 26.22 -65.69 25.97
CA VAL D 112 26.85 -65.96 27.25
C VAL D 112 25.77 -66.02 28.34
N ALA D 113 25.74 -67.13 29.09
CA ALA D 113 24.65 -67.34 30.05
C ALA D 113 24.60 -66.34 31.20
N ASP D 114 25.74 -65.87 31.68
CA ASP D 114 25.69 -64.84 32.73
C ASP D 114 25.74 -63.45 32.11
N LEU D 115 24.62 -62.73 32.19
CA LEU D 115 24.57 -61.33 31.78
C LEU D 115 25.15 -60.43 32.86
N SER D 116 26.04 -59.53 32.46
CA SER D 116 26.56 -58.48 33.30
C SER D 116 25.49 -57.40 33.40
N GLU D 117 25.69 -56.45 34.30
CA GLU D 117 24.78 -55.33 34.40
C GLU D 117 24.79 -54.45 33.15
N ALA D 118 25.98 -54.26 32.55
CA ALA D 118 26.08 -53.62 31.23
C ALA D 118 25.24 -54.36 30.17
N ASP D 119 25.35 -55.67 30.10
CA ASP D 119 24.57 -56.45 29.13
C ASP D 119 23.07 -56.23 29.40
N MET D 120 22.67 -56.35 30.67
CA MET D 120 21.26 -56.18 31.05
C MET D 120 20.73 -54.78 30.68
N LYS D 121 21.59 -53.77 30.80
CA LYS D 121 21.24 -52.45 30.34
C LYS D 121 20.91 -52.40 28.84
N ARG D 122 21.71 -53.04 28.02
CA ARG D 122 21.46 -53.06 26.57
C ARG D 122 20.14 -53.77 26.22
N VAL D 123 19.86 -54.86 26.91
CA VAL D 123 18.57 -55.57 26.77
C VAL D 123 17.42 -54.62 27.12
N VAL D 124 17.52 -53.96 28.26
CA VAL D 124 16.47 -53.03 28.69
C VAL D 124 16.26 -51.87 27.70
N LEU D 125 17.35 -51.30 27.19
CA LEU D 125 17.28 -50.16 26.26
C LEU D 125 16.51 -50.59 25.03
N SER D 126 16.79 -51.79 24.58
CA SER D 126 16.12 -52.34 23.42
C SER D 126 14.59 -52.54 23.68
N LEU D 127 14.26 -53.06 24.86
CA LEU D 127 12.88 -53.14 25.31
C LEU D 127 12.19 -51.75 25.39
N VAL D 128 12.88 -50.79 25.99
CA VAL D 128 12.36 -49.41 26.10
C VAL D 128 12.10 -48.74 24.75
N THR D 129 12.96 -48.96 23.76
CA THR D 129 12.71 -48.50 22.40
C THR D 129 11.35 -48.95 21.85
N MET D 130 11.01 -50.22 22.10
CA MET D 130 9.68 -50.75 21.70
C MET D 130 8.59 -50.06 22.48
N LEU D 131 8.82 -49.88 23.78
CA LEU D 131 7.80 -49.28 24.64
C LEU D 131 7.49 -47.81 24.28
N HIS D 132 8.55 -47.08 23.91
CA HIS D 132 8.39 -45.68 23.51
C HIS D 132 7.69 -45.53 22.17
N ASP D 133 7.40 -46.65 21.50
CA ASP D 133 6.72 -46.62 20.21
C ASP D 133 5.47 -47.49 20.23
N ASN D 134 5.12 -47.98 21.41
CA ASN D 134 3.94 -48.83 21.56
C ASN D 134 2.75 -48.08 22.15
N LYS D 135 1.65 -48.79 22.38
CA LYS D 135 0.44 -48.18 22.93
C LYS D 135 -0.43 -49.22 23.61
N LEU D 136 -0.05 -50.48 23.49
CA LEU D 136 -0.80 -51.58 24.09
C LEU D 136 -0.67 -51.47 25.60
N SER D 137 -1.75 -51.86 26.27
CA SER D 137 -1.96 -51.62 27.67
C SER D 137 -1.05 -52.43 28.60
N LYS D 138 -0.60 -53.57 28.11
CA LYS D 138 0.20 -54.50 28.92
C LYS D 138 1.50 -54.84 28.21
N LEU D 139 2.60 -54.92 28.98
CA LEU D 139 3.82 -55.59 28.54
C LEU D 139 3.97 -56.90 29.33
N THR D 140 4.35 -57.96 28.63
CA THR D 140 4.73 -59.24 29.27
C THR D 140 6.16 -59.54 28.84
N VAL D 141 7.02 -59.81 29.80
CA VAL D 141 8.37 -60.18 29.51
C VAL D 141 8.59 -61.63 29.97
N VAL D 142 9.00 -62.48 29.04
CA VAL D 142 9.21 -63.89 29.31
C VAL D 142 10.71 -64.14 29.35
N PHE D 143 11.23 -64.51 30.51
CA PHE D 143 12.67 -64.72 30.68
C PHE D 143 13.02 -66.13 30.29
N GLU D 144 13.47 -66.34 29.06
CA GLU D 144 14.09 -67.66 28.70
C GLU D 144 15.62 -67.62 28.85
N ILE D 145 16.06 -66.83 29.80
CA ILE D 145 17.45 -66.66 30.16
C ILE D 145 17.47 -66.82 31.70
N ASN D 146 18.67 -66.96 32.24
CA ASN D 146 18.84 -67.19 33.64
C ASN D 146 19.40 -65.95 34.34
N VAL D 147 18.64 -65.35 35.26
CA VAL D 147 19.10 -64.21 36.06
C VAL D 147 18.94 -64.43 37.58
N ASP D 148 19.84 -63.89 38.40
CA ASP D 148 19.66 -64.02 39.86
C ASP D 148 18.72 -62.94 40.40
N LYS D 149 18.38 -63.00 41.71
CA LYS D 149 17.36 -62.10 42.27
C LYS D 149 17.80 -60.65 42.16
N ASN D 150 19.07 -60.37 42.46
CA ASN D 150 19.57 -59.00 42.36
C ASN D 150 19.54 -58.49 40.92
N LEU D 151 19.86 -59.36 39.97
CA LEU D 151 19.86 -58.93 38.57
C LEU D 151 18.41 -58.72 38.07
N PHE D 152 17.50 -59.57 38.54
CA PHE D 152 16.08 -59.39 38.21
C PHE D 152 15.54 -58.06 38.74
N ARG D 153 15.95 -57.73 39.98
CA ARG D 153 15.58 -56.42 40.52
C ARG D 153 16.17 -55.27 39.68
N PHE D 154 17.45 -55.40 39.35
CA PHE D 154 18.11 -54.47 38.47
C PHE D 154 17.41 -54.31 37.12
N PHE D 155 17.03 -55.41 36.48
CA PHE D 155 16.21 -55.33 35.28
C PHE D 155 15.00 -54.44 35.46
N LEU D 156 14.21 -54.69 36.51
CA LEU D 156 13.02 -53.88 36.78
C LEU D 156 13.35 -52.39 37.01
N GLU D 157 14.36 -52.14 37.87
CA GLU D 157 14.71 -50.77 38.21
C GLU D 157 15.10 -50.05 36.93
N THR D 158 15.90 -50.72 36.11
CA THR D 158 16.50 -50.11 34.92
C THR D 158 15.38 -49.89 33.92
N LEU D 159 14.46 -50.85 33.80
CA LEU D 159 13.27 -50.71 32.95
C LEU D 159 12.47 -49.45 33.36
N PHE D 160 12.11 -49.36 34.64
CA PHE D 160 11.34 -48.21 35.15
C PHE D 160 12.07 -46.90 34.89
N TYR D 161 13.34 -46.85 35.29
CA TYR D 161 14.14 -45.64 35.13
C TYR D 161 14.25 -45.21 33.65
N GLU D 162 14.59 -46.14 32.76
CA GLU D 162 14.76 -45.81 31.33
C GLU D 162 13.46 -45.51 30.61
N TYR D 163 12.35 -46.09 31.09
CA TYR D 163 11.05 -45.92 30.45
C TYR D 163 10.52 -44.52 30.77
N MET D 164 10.74 -44.10 32.00
CA MET D 164 10.23 -42.80 32.47
C MET D 164 10.92 -41.65 31.73
N THR D 165 10.14 -40.74 31.13
CA THR D 165 10.80 -39.59 30.52
C THR D 165 10.48 -38.27 31.23
N ASP D 166 11.53 -37.53 31.52
CA ASP D 166 11.47 -36.29 32.29
C ASP D 166 11.04 -35.12 31.42
N GLU D 167 9.81 -34.67 31.59
CA GLU D 167 9.29 -33.58 30.74
C GLU D 167 8.99 -32.28 31.47
N ARG D 168 9.60 -32.12 32.63
CA ARG D 168 9.40 -30.94 33.50
C ARG D 168 9.69 -29.62 32.80
N PHE D 169 10.66 -29.64 31.88
CA PHE D 169 11.09 -28.44 31.20
C PHE D 169 10.59 -28.24 29.78
N LYS D 170 9.72 -29.13 29.32
CA LYS D 170 9.06 -29.02 28.01
C LYS D 170 7.77 -28.21 28.14
N SER D 171 7.39 -27.46 27.11
CA SER D 171 6.14 -26.72 27.17
C SER D 171 5.01 -27.43 26.44
N ASN D 175 4.68 -38.21 24.26
CA ASN D 175 4.46 -38.60 22.89
C ASN D 175 2.99 -38.79 22.58
N VAL D 176 2.58 -38.39 21.38
CA VAL D 176 1.41 -38.98 20.74
C VAL D 176 1.83 -40.32 20.07
N ASN D 177 3.08 -40.74 20.29
CA ASN D 177 3.64 -42.00 19.79
C ASN D 177 3.49 -43.20 20.74
N MET D 178 3.14 -42.95 22.00
CA MET D 178 3.07 -44.04 22.98
C MET D 178 2.04 -43.76 24.05
N GLU D 179 1.71 -44.79 24.82
CA GLU D 179 1.10 -44.58 26.12
C GLU D 179 1.82 -45.44 27.13
N TYR D 180 1.99 -44.94 28.35
CA TYR D 180 2.52 -45.78 29.45
C TYR D 180 1.60 -46.98 29.73
N ILE D 181 2.18 -48.17 29.72
CA ILE D 181 1.46 -49.37 30.11
C ILE D 181 0.86 -49.25 31.53
N LYS D 182 -0.26 -49.94 31.75
CA LYS D 182 -0.89 -50.01 33.07
C LYS D 182 -0.52 -51.32 33.79
N HIS D 183 0.02 -52.29 33.03
CA HIS D 183 0.30 -53.66 33.52
C HIS D 183 1.63 -54.17 33.00
N LEU D 184 2.39 -54.82 33.88
CA LEU D 184 3.59 -55.52 33.50
C LEU D 184 3.46 -56.98 34.01
N GLY D 185 3.47 -57.94 33.08
CA GLY D 185 3.59 -59.37 33.44
C GLY D 185 5.00 -59.88 33.23
N VAL D 186 5.49 -60.71 34.15
CA VAL D 186 6.83 -61.32 34.01
C VAL D 186 6.73 -62.82 34.24
N TYR D 187 7.25 -63.62 33.31
CA TYR D 187 7.35 -65.06 33.47
C TYR D 187 8.81 -65.37 33.68
N ILE D 188 9.10 -66.11 34.73
CA ILE D 188 10.47 -66.40 35.10
C ILE D 188 10.48 -67.63 35.97
N ASN D 189 11.57 -68.37 35.99
CA ASN D 189 11.57 -69.63 36.74
C ASN D 189 11.72 -69.31 38.20
N ASN D 190 11.00 -70.04 39.05
CA ASN D 190 10.92 -69.76 40.49
C ASN D 190 10.33 -68.39 40.77
N ALA D 191 9.27 -68.02 40.07
CA ALA D 191 8.56 -66.74 40.26
C ALA D 191 8.34 -66.33 41.72
N ASP D 192 8.03 -67.29 42.58
CA ASP D 192 7.76 -66.95 43.98
C ASP D 192 8.92 -66.24 44.71
N THR D 193 10.14 -66.66 44.50
CA THR D 193 11.31 -66.04 45.12
C THR D 193 11.58 -64.60 44.61
N TYR D 194 11.09 -64.29 43.41
CA TYR D 194 11.37 -63.01 42.72
C TYR D 194 10.37 -61.93 43.03
N LYS D 195 9.21 -62.36 43.55
CA LYS D 195 8.09 -61.46 43.77
C LYS D 195 8.41 -60.31 44.71
N GLU D 196 9.20 -60.60 45.73
CA GLU D 196 9.56 -59.63 46.74
C GLU D 196 10.51 -58.56 46.22
N GLU D 197 11.17 -58.81 45.08
CA GLU D 197 12.00 -57.79 44.46
C GLU D 197 11.17 -56.68 43.82
N VAL D 198 9.89 -56.92 43.53
CA VAL D 198 9.14 -55.95 42.70
C VAL D 198 9.00 -54.59 43.39
N GLU D 199 8.42 -54.58 44.58
CA GLU D 199 8.24 -53.31 45.31
C GLU D 199 9.58 -52.70 45.77
N LYS D 200 10.58 -53.53 46.01
CA LYS D 200 11.89 -52.99 46.26
C LYS D 200 12.40 -52.27 44.99
N ALA D 201 12.29 -52.91 43.85
CA ALA D 201 12.64 -52.22 42.58
C ALA D 201 11.89 -50.89 42.39
N ARG D 202 10.63 -50.87 42.80
CA ARG D 202 9.89 -49.67 42.53
C ARG D 202 10.37 -48.52 43.44
N VAL D 203 10.85 -48.89 44.63
CA VAL D 203 11.36 -47.90 45.54
C VAL D 203 12.73 -47.39 45.02
N TYR D 204 13.60 -48.32 44.60
CA TYR D 204 14.95 -48.00 44.12
C TYR D 204 14.85 -47.17 42.82
N TYR D 205 13.86 -47.52 42.01
CA TYR D 205 13.59 -46.71 40.84
C TYR D 205 13.33 -45.27 41.25
N PHE D 206 12.44 -45.03 42.20
CA PHE D 206 12.07 -43.63 42.44
C PHE D 206 13.21 -42.85 43.13
N GLY D 207 13.90 -43.47 44.09
CA GLY D 207 15.13 -42.89 44.65
C GLY D 207 16.09 -42.41 43.56
N THR D 208 16.29 -43.28 42.55
CA THR D 208 17.19 -43.00 41.40
C THR D 208 16.64 -41.91 40.49
N TYR D 209 15.34 -41.96 40.23
CA TYR D 209 14.69 -41.00 39.38
C TYR D 209 14.62 -39.65 40.07
N TYR D 210 14.35 -39.65 41.37
CA TYR D 210 14.36 -38.42 42.15
C TYR D 210 15.75 -37.76 42.08
N ALA D 211 16.81 -38.54 42.32
CA ALA D 211 18.19 -38.01 42.20
C ALA D 211 18.42 -37.38 40.78
N SER D 212 18.03 -38.13 39.75
CA SER D 212 18.09 -37.70 38.39
C SER D 212 17.38 -36.35 38.19
N GLN D 213 16.18 -36.20 38.76
CA GLN D 213 15.43 -34.98 38.58
C GLN D 213 16.22 -33.77 39.12
N LEU D 214 16.80 -33.95 40.29
CA LEU D 214 17.61 -32.91 40.90
C LEU D 214 18.86 -32.59 40.04
N ILE D 215 19.54 -33.62 39.55
CA ILE D 215 20.77 -33.40 38.75
C ILE D 215 20.44 -32.73 37.41
N ALA D 216 19.42 -33.25 36.69
CA ALA D 216 19.03 -32.69 35.40
C ALA D 216 18.48 -31.26 35.52
N ALA D 217 17.88 -30.94 36.66
CA ALA D 217 17.40 -29.58 36.95
C ALA D 217 18.58 -28.59 36.74
N PRO D 218 18.42 -27.62 35.82
CA PRO D 218 19.50 -26.65 35.52
C PRO D 218 19.77 -25.77 36.75
N SER D 219 20.97 -25.19 36.78
CA SER D 219 21.41 -24.36 37.89
C SER D 219 20.61 -23.04 38.13
N ASN D 220 19.87 -22.52 37.15
CA ASN D 220 18.92 -21.46 37.50
C ASN D 220 17.68 -21.99 38.31
N TYR D 221 17.33 -23.28 38.16
CA TYR D 221 16.25 -23.87 38.95
C TYR D 221 16.74 -24.42 40.29
N CYS D 222 17.85 -25.18 40.23
CA CYS D 222 18.42 -25.92 41.36
C CYS D 222 19.68 -25.19 41.85
N ASN D 223 19.51 -24.36 42.88
CA ASN D 223 20.57 -23.52 43.44
C ASN D 223 20.64 -23.91 44.92
N PRO D 224 21.58 -23.36 45.71
CA PRO D 224 21.65 -23.86 47.10
C PRO D 224 20.39 -23.75 47.95
N VAL D 225 19.67 -22.62 47.80
CA VAL D 225 18.39 -22.39 48.44
C VAL D 225 17.23 -23.31 47.94
N SER D 226 17.02 -23.43 46.63
CA SER D 226 15.86 -24.28 46.17
C SER D 226 16.18 -25.75 46.40
N LEU D 227 17.45 -26.11 46.36
CA LEU D 227 17.82 -27.52 46.58
C LEU D 227 17.62 -27.91 48.03
N SER D 228 17.99 -27.03 48.96
CA SER D 228 17.77 -27.33 50.39
C SER D 228 16.29 -27.26 50.75
N ASN D 229 15.52 -26.38 50.09
CA ASN D 229 14.06 -26.38 50.20
C ASN D 229 13.45 -27.71 49.75
N ALA D 230 13.94 -28.22 48.63
CA ALA D 230 13.50 -29.52 48.12
C ALA D 230 13.79 -30.64 49.16
N ALA D 231 14.95 -30.61 49.80
CA ALA D 231 15.31 -31.63 50.80
C ALA D 231 14.45 -31.59 52.05
N VAL D 232 14.11 -30.38 52.50
CA VAL D 232 13.13 -30.16 53.59
C VAL D 232 11.75 -30.77 53.22
N GLU D 233 11.31 -30.54 52.00
CA GLU D 233 9.99 -31.03 51.57
C GLU D 233 9.99 -32.58 51.50
N LEU D 234 11.07 -33.15 50.98
CA LEU D 234 11.29 -34.61 51.00
C LEU D 234 11.25 -35.17 52.45
N ALA D 235 12.00 -34.53 53.36
CA ALA D 235 12.07 -34.93 54.76
C ALA D 235 10.68 -34.90 55.39
N GLN D 236 9.93 -33.84 55.11
CA GLN D 236 8.55 -33.71 55.60
C GLN D 236 7.66 -34.82 55.11
N LYS D 237 7.77 -35.17 53.84
CA LYS D 237 6.94 -36.24 53.29
C LYS D 237 7.33 -37.59 53.84
N LEU D 238 8.57 -37.76 54.25
CA LEU D 238 9.05 -39.05 54.77
C LEU D 238 9.05 -39.15 56.31
N ASN D 239 8.75 -38.04 56.98
CA ASN D 239 8.89 -37.92 58.43
C ASN D 239 10.31 -38.08 58.93
N LEU D 240 11.27 -37.54 58.19
CA LEU D 240 12.63 -37.49 58.66
C LEU D 240 12.86 -36.22 59.49
N GLU D 241 13.77 -36.29 60.46
CA GLU D 241 14.25 -35.09 61.13
C GLU D 241 15.07 -34.30 60.13
N TYR D 242 14.96 -32.96 60.19
CA TYR D 242 15.71 -32.13 59.25
C TYR D 242 16.11 -30.81 59.91
N LYS D 243 17.25 -30.31 59.44
CA LYS D 243 17.79 -29.06 59.88
C LYS D 243 18.56 -28.55 58.64
N ILE D 244 18.34 -27.29 58.30
CA ILE D 244 19.12 -26.59 57.31
C ILE D 244 19.96 -25.52 58.05
N LEU D 245 21.27 -25.59 57.96
CA LEU D 245 22.12 -24.59 58.57
C LEU D 245 22.37 -23.49 57.56
N GLY D 246 22.08 -22.25 57.95
CA GLY D 246 22.37 -21.07 57.11
C GLY D 246 23.70 -20.44 57.48
N VAL D 247 24.01 -19.28 56.87
CA VAL D 247 25.33 -18.65 56.91
C VAL D 247 25.77 -18.31 58.34
N LYS D 248 24.89 -17.73 59.16
CA LYS D 248 25.26 -17.35 60.51
C LYS D 248 25.63 -18.58 61.37
N GLU D 249 24.85 -19.65 61.25
CA GLU D 249 25.20 -20.87 61.97
C GLU D 249 26.51 -21.46 61.46
N LEU D 250 26.73 -21.39 60.14
CA LEU D 250 27.94 -21.92 59.53
C LEU D 250 29.19 -21.13 59.94
N GLU D 251 29.05 -19.81 60.08
CA GLU D 251 30.16 -18.96 60.61
C GLU D 251 30.46 -19.33 62.08
N GLU D 252 29.39 -19.52 62.86
CA GLU D 252 29.53 -19.98 64.27
C GLU D 252 30.30 -21.30 64.37
N LEU D 253 30.02 -22.22 63.45
CA LEU D 253 30.73 -23.49 63.39
C LEU D 253 32.14 -23.37 62.77
N LYS D 254 32.49 -22.18 62.27
CA LYS D 254 33.83 -21.95 61.71
C LYS D 254 34.14 -22.74 60.43
N MET D 255 33.11 -23.00 59.64
CA MET D 255 33.26 -23.70 58.36
C MET D 255 33.86 -22.81 57.25
N GLY D 256 35.11 -22.36 57.47
CA GLY D 256 35.82 -21.50 56.53
C GLY D 256 36.11 -22.08 55.15
N ALA D 257 36.37 -23.38 55.05
CA ALA D 257 36.62 -23.98 53.75
C ALA D 257 35.33 -23.93 52.90
N TYR D 258 34.24 -24.43 53.47
CA TYR D 258 32.96 -24.45 52.78
C TYR D 258 32.45 -23.04 52.45
N LEU D 259 32.54 -22.10 53.40
CA LEU D 259 32.03 -20.76 53.18
C LEU D 259 32.80 -20.02 52.13
N SER D 260 34.13 -20.27 52.05
CA SER D 260 34.97 -19.65 51.06
C SER D 260 34.49 -19.95 49.66
N VAL D 261 34.20 -21.22 49.36
CA VAL D 261 33.67 -21.60 48.04
C VAL D 261 32.43 -20.81 47.59
N GLY D 262 31.49 -20.65 48.50
CA GLY D 262 30.22 -19.99 48.15
C GLY D 262 30.26 -18.47 48.19
N LYS D 263 31.39 -17.88 48.58
CA LYS D 263 31.52 -16.41 48.66
C LYS D 263 31.13 -15.68 47.42
N GLY D 264 31.50 -16.22 46.24
CA GLY D 264 31.17 -15.59 44.95
C GLY D 264 29.71 -15.70 44.49
N SER D 265 28.87 -16.42 45.23
CA SER D 265 27.55 -16.76 44.71
C SER D 265 26.48 -15.79 45.22
N MET D 266 25.47 -15.50 44.41
CA MET D 266 24.30 -14.73 44.87
C MET D 266 23.39 -15.53 45.83
N TYR D 267 23.60 -16.85 45.88
CA TYR D 267 22.79 -17.75 46.71
C TYR D 267 23.54 -18.07 47.99
N PRO D 268 22.89 -17.88 49.17
CA PRO D 268 23.62 -18.16 50.42
C PRO D 268 23.86 -19.66 50.55
N ASN D 269 24.99 -20.05 51.13
CA ASN D 269 25.27 -21.47 51.42
C ASN D 269 24.14 -22.04 52.31
N LYS D 270 23.78 -23.32 52.07
CA LYS D 270 22.82 -24.06 52.91
C LYS D 270 23.35 -25.48 53.17
N PHE D 271 23.48 -25.87 54.43
CA PHE D 271 24.01 -27.21 54.75
C PHE D 271 22.77 -28.01 55.14
N ILE D 272 22.54 -29.09 54.41
CA ILE D 272 21.43 -29.99 54.60
C ILE D 272 21.87 -31.10 55.55
N HIS D 273 21.07 -31.31 56.60
CA HIS D 273 21.22 -32.38 57.53
C HIS D 273 19.87 -33.05 57.78
N LEU D 274 19.61 -34.20 57.12
CA LEU D 274 18.42 -35.03 57.41
C LEU D 274 18.85 -36.21 58.24
N THR D 275 17.92 -36.70 59.07
CA THR D 275 18.23 -37.88 59.88
C THR D 275 17.10 -38.88 59.83
N TYR D 276 17.48 -40.13 59.53
CA TYR D 276 16.58 -41.25 59.74
C TYR D 276 17.01 -41.94 61.04
N LYS D 277 16.05 -42.19 61.94
CA LYS D 277 16.31 -43.05 63.10
C LYS D 277 15.33 -44.19 63.20
N SER D 278 15.82 -45.43 63.30
CA SER D 278 14.94 -46.60 63.56
C SER D 278 14.18 -46.46 64.86
N LYS D 279 12.97 -47.02 64.89
CA LYS D 279 12.15 -47.06 66.08
C LYS D 279 12.78 -47.98 67.15
N GLY D 280 13.42 -49.09 66.76
CA GLY D 280 14.11 -49.94 67.74
C GLY D 280 15.54 -49.48 68.01
N ASP D 281 16.13 -49.94 69.12
CA ASP D 281 17.52 -49.59 69.53
C ASP D 281 18.47 -49.34 68.33
N VAL D 282 19.29 -48.30 68.42
CA VAL D 282 20.22 -47.99 67.35
C VAL D 282 21.52 -48.77 67.59
N LYS D 283 21.89 -49.64 66.66
CA LYS D 283 23.13 -50.41 66.82
C LYS D 283 24.26 -49.88 65.92
N LYS D 284 23.91 -49.03 64.97
CA LYS D 284 24.86 -48.59 63.96
C LYS D 284 24.46 -47.15 63.55
N LYS D 285 25.44 -46.25 63.54
CA LYS D 285 25.19 -44.87 63.08
C LYS D 285 26.11 -44.63 61.90
N ILE D 286 25.54 -44.06 60.86
CA ILE D 286 26.21 -43.84 59.58
C ILE D 286 25.97 -42.40 59.16
N ALA D 287 27.02 -41.74 58.66
CA ALA D 287 26.86 -40.47 58.00
C ALA D 287 27.14 -40.66 56.49
N LEU D 288 26.20 -40.19 55.66
CA LEU D 288 26.36 -40.15 54.20
C LEU D 288 26.47 -38.69 53.81
N VAL D 289 27.56 -38.36 53.12
CA VAL D 289 27.91 -36.98 52.79
C VAL D 289 28.00 -36.86 51.27
N GLY D 290 27.28 -35.92 50.69
CA GLY D 290 27.28 -35.78 49.23
C GLY D 290 27.85 -34.46 48.78
N LYS D 291 28.68 -34.44 47.74
CA LYS D 291 29.15 -33.15 47.21
C LYS D 291 27.96 -32.41 46.61
N GLY D 292 27.74 -31.16 47.05
CA GLY D 292 26.58 -30.37 46.65
C GLY D 292 26.88 -29.03 45.98
N ILE D 293 27.65 -29.05 44.89
CA ILE D 293 27.94 -27.84 44.11
C ILE D 293 26.90 -27.73 43.00
N THR D 294 26.04 -26.73 43.10
CA THR D 294 24.86 -26.64 42.21
C THR D 294 25.26 -26.11 40.85
N PHE D 295 26.36 -25.38 40.80
CA PHE D 295 27.03 -25.10 39.52
C PHE D 295 28.48 -24.85 39.83
N ASP D 296 29.35 -25.55 39.10
CA ASP D 296 30.80 -25.39 39.21
C ASP D 296 31.35 -24.68 37.96
N SER D 297 31.51 -23.36 38.01
CA SER D 297 32.12 -22.59 36.91
C SER D 297 33.62 -22.80 36.91
N GLY D 298 34.16 -23.33 38.01
CA GLY D 298 35.61 -23.35 38.25
C GLY D 298 36.06 -22.21 39.16
N GLY D 299 35.26 -21.16 39.26
CA GLY D 299 35.75 -19.91 39.94
C GLY D 299 36.81 -19.21 39.08
N TYR D 300 37.72 -18.48 39.73
CA TYR D 300 38.75 -17.73 39.02
C TYR D 300 39.62 -18.64 38.20
N ASN D 301 39.85 -19.88 38.68
CA ASN D 301 40.32 -20.95 37.78
C ASN D 301 39.19 -21.44 36.88
N LEU D 302 38.70 -20.55 36.02
CA LEU D 302 37.52 -20.82 35.20
C LEU D 302 37.67 -22.07 34.27
N LYS D 303 36.61 -22.86 34.16
CA LYS D 303 36.60 -23.98 33.21
C LYS D 303 36.52 -23.46 31.75
N ALA D 304 37.68 -23.11 31.20
CA ALA D 304 37.81 -22.57 29.86
C ALA D 304 38.66 -23.47 28.95
N ALA D 305 39.33 -24.48 29.52
CA ALA D 305 40.20 -25.36 28.71
C ALA D 305 39.32 -26.31 27.88
N PRO D 306 39.78 -26.71 26.68
CA PRO D 306 39.07 -27.71 25.86
C PRO D 306 38.79 -28.97 26.68
N GLY D 307 37.56 -29.48 26.58
CA GLY D 307 37.19 -30.65 27.37
C GLY D 307 36.84 -30.45 28.85
N SER D 308 36.72 -29.19 29.32
CA SER D 308 36.44 -28.94 30.74
C SER D 308 34.95 -29.07 31.04
N MET D 309 34.13 -29.08 30.01
CA MET D 309 32.69 -29.39 30.14
C MET D 309 31.91 -28.45 31.08
N ILE D 310 32.14 -27.15 30.97
CA ILE D 310 31.44 -26.24 31.83
C ILE D 310 29.91 -26.37 31.59
N ASP D 311 29.49 -26.75 30.39
CA ASP D 311 28.06 -26.82 30.09
C ASP D 311 27.33 -27.91 30.86
N LEU D 312 28.11 -28.84 31.41
CA LEU D 312 27.58 -29.98 32.15
C LEU D 312 27.55 -29.76 33.69
N MET D 313 28.08 -28.63 34.18
CA MET D 313 28.43 -28.48 35.60
C MET D 313 27.24 -28.26 36.58
N LYS D 314 26.01 -28.17 36.05
CA LYS D 314 24.81 -28.39 36.88
C LYS D 314 24.84 -29.79 37.55
N PHE D 315 25.66 -30.69 37.02
CA PHE D 315 25.66 -32.07 37.58
C PHE D 315 26.59 -32.24 38.81
N ASP D 316 27.14 -31.15 39.29
CA ASP D 316 28.17 -31.21 40.33
C ASP D 316 27.59 -31.33 41.73
N MET D 317 26.26 -31.46 41.79
CA MET D 317 25.56 -31.80 43.00
C MET D 317 25.06 -33.28 42.91
N SER D 318 25.62 -34.07 41.97
CA SER D 318 25.23 -35.50 41.86
C SER D 318 25.40 -36.27 43.16
N GLY D 319 26.43 -35.98 43.95
CA GLY D 319 26.66 -36.70 45.21
C GLY D 319 25.56 -36.36 46.21
N CYS D 320 25.25 -35.08 46.36
CA CYS D 320 24.11 -34.65 47.16
C CYS D 320 22.80 -35.35 46.69
N ALA D 321 22.56 -35.37 45.37
CA ALA D 321 21.30 -35.99 44.83
C ALA D 321 21.23 -37.49 45.20
N ALA D 322 22.36 -38.18 45.08
CA ALA D 322 22.48 -39.62 45.46
C ALA D 322 22.15 -39.85 46.94
N VAL D 323 22.62 -38.94 47.81
CA VAL D 323 22.35 -39.00 49.25
C VAL D 323 20.87 -38.75 49.52
N LEU D 324 20.27 -37.79 48.83
CA LEU D 324 18.84 -37.51 49.01
C LEU D 324 17.99 -38.64 48.44
N GLY D 325 18.43 -39.18 47.33
CA GLY D 325 17.77 -40.34 46.73
C GLY D 325 17.82 -41.50 47.71
N CYS D 326 18.98 -41.73 48.30
CA CYS D 326 19.09 -42.75 49.38
C CYS D 326 18.14 -42.47 50.55
N ALA D 327 18.01 -41.21 50.97
CA ALA D 327 17.15 -40.86 52.08
C ALA D 327 15.70 -41.21 51.73
N TYR D 328 15.28 -40.99 50.48
CA TYR D 328 13.92 -41.45 50.05
C TYR D 328 13.78 -42.98 50.29
N CYS D 329 14.77 -43.75 49.82
CA CYS D 329 14.69 -45.24 49.89
C CYS D 329 14.69 -45.70 51.33
N VAL D 330 15.54 -45.08 52.15
CA VAL D 330 15.72 -45.51 53.52
C VAL D 330 14.45 -45.07 54.27
N GLY D 331 13.94 -43.90 53.94
CA GLY D 331 12.81 -43.36 54.64
C GLY D 331 11.57 -44.14 54.26
N THR D 332 11.64 -44.85 53.13
CA THR D 332 10.50 -45.61 52.67
C THR D 332 10.60 -47.05 53.16
N LEU D 333 11.78 -47.64 53.08
CA LEU D 333 11.96 -49.04 53.45
C LEU D 333 12.08 -49.24 54.97
N LYS D 334 12.47 -48.18 55.69
CA LYS D 334 12.54 -48.17 57.15
C LYS D 334 13.38 -49.30 57.76
N PRO D 335 14.68 -49.33 57.49
CA PRO D 335 15.51 -50.32 58.15
C PRO D 335 15.47 -50.21 59.68
N GLU D 336 15.67 -51.34 60.35
CA GLU D 336 15.72 -51.41 61.83
C GLU D 336 17.14 -51.14 62.35
N ASN D 337 17.27 -50.68 63.60
CA ASN D 337 18.56 -50.66 64.32
C ASN D 337 19.63 -49.72 63.79
N VAL D 338 19.21 -48.70 63.03
CA VAL D 338 20.15 -47.84 62.37
C VAL D 338 19.73 -46.37 62.55
N GLU D 339 20.73 -45.50 62.59
CA GLU D 339 20.55 -44.07 62.52
C GLU D 339 21.47 -43.54 61.41
N ILE D 340 20.87 -42.84 60.46
CA ILE D 340 21.58 -42.41 59.28
C ILE D 340 21.37 -40.90 59.13
N HIS D 341 22.50 -40.18 59.00
CA HIS D 341 22.54 -38.74 58.79
C HIS D 341 22.88 -38.52 57.30
N PHE D 342 22.04 -37.74 56.63
CA PHE D 342 22.21 -37.44 55.20
C PHE D 342 22.64 -36.00 55.13
N LEU D 343 23.89 -35.78 54.67
CA LEU D 343 24.55 -34.48 54.79
C LEU D 343 25.01 -33.90 53.45
N SER D 344 24.87 -32.58 53.27
CA SER D 344 25.47 -31.96 52.08
C SER D 344 25.74 -30.50 52.35
N ALA D 345 27.02 -30.11 52.25
CA ALA D 345 27.37 -28.70 52.24
C ALA D 345 27.12 -28.08 50.84
N VAL D 346 25.91 -27.59 50.63
CA VAL D 346 25.47 -27.02 49.35
C VAL D 346 25.89 -25.57 49.09
N CYS D 347 26.43 -25.30 47.91
CA CYS D 347 26.78 -23.94 47.50
C CYS D 347 27.00 -23.95 46.03
N GLU D 348 27.31 -22.78 45.48
CA GLU D 348 27.58 -22.57 44.06
C GLU D 348 29.01 -21.91 43.91
N ASN D 349 29.78 -22.30 42.88
CA ASN D 349 31.21 -21.88 42.74
C ASN D 349 31.27 -20.92 41.55
N MET D 350 31.32 -19.63 41.83
CA MET D 350 31.10 -18.57 40.83
C MET D 350 32.22 -17.55 40.73
N VAL D 351 32.15 -16.71 39.71
CA VAL D 351 33.18 -15.67 39.49
C VAL D 351 32.52 -14.34 39.79
N SER D 352 33.15 -13.58 40.70
CA SER D 352 32.55 -12.39 41.20
C SER D 352 33.64 -11.52 41.82
N LYS D 353 33.33 -10.27 42.09
CA LYS D 353 34.23 -9.48 42.95
C LYS D 353 34.38 -10.12 44.35
N ASN D 354 33.42 -10.94 44.73
CA ASN D 354 33.34 -11.43 46.09
C ASN D 354 33.94 -12.84 46.23
N SER D 355 34.43 -13.43 45.14
CA SER D 355 34.79 -14.86 45.15
C SER D 355 36.09 -15.07 45.91
N TYR D 356 36.29 -16.26 46.43
CA TYR D 356 37.67 -16.60 46.86
C TYR D 356 38.66 -16.66 45.66
N ARG D 357 39.97 -16.56 45.96
CA ARG D 357 40.97 -16.51 44.93
C ARG D 357 41.97 -17.66 45.06
N PRO D 358 42.61 -18.01 43.94
CA PRO D 358 43.76 -18.93 44.01
C PRO D 358 44.80 -18.24 44.89
N GLY D 359 45.45 -18.99 45.78
CA GLY D 359 46.35 -18.39 46.71
C GLY D 359 45.79 -18.14 48.11
N ASP D 360 44.47 -17.95 48.25
CA ASP D 360 43.85 -17.65 49.57
C ASP D 360 44.21 -18.75 50.58
N ILE D 361 44.40 -18.36 51.83
CA ILE D 361 44.50 -19.32 52.92
C ILE D 361 43.27 -19.17 53.78
N ILE D 362 42.56 -20.27 53.92
CA ILE D 362 41.28 -20.33 54.60
C ILE D 362 41.42 -21.33 55.75
N THR D 363 40.54 -21.23 56.75
CA THR D 363 40.64 -22.12 57.90
C THR D 363 39.42 -22.99 58.04
N ALA D 364 39.63 -24.32 58.03
CA ALA D 364 38.53 -25.25 58.13
C ALA D 364 38.03 -25.28 59.59
N SER D 365 36.86 -25.84 59.78
CA SER D 365 36.26 -25.94 61.12
C SER D 365 37.01 -26.81 62.12
N ASN D 366 38.00 -27.60 61.71
CA ASN D 366 38.84 -28.32 62.70
C ASN D 366 40.13 -27.56 63.05
N GLY D 367 40.22 -26.32 62.59
CA GLY D 367 41.39 -25.50 62.82
C GLY D 367 42.47 -25.53 61.76
N LYS D 368 42.39 -26.49 60.83
CA LYS D 368 43.45 -26.60 59.80
C LYS D 368 43.39 -25.46 58.80
N THR D 369 44.54 -24.83 58.57
CA THR D 369 44.63 -23.87 57.49
C THR D 369 45.01 -24.55 56.18
N ILE D 370 44.36 -24.11 55.11
CA ILE D 370 44.46 -24.71 53.77
C ILE D 370 44.84 -23.65 52.76
N GLU D 371 45.91 -23.90 52.00
CA GLU D 371 46.31 -22.98 50.92
C GLU D 371 45.64 -23.37 49.58
N VAL D 372 44.80 -22.48 49.06
CA VAL D 372 44.01 -22.76 47.86
C VAL D 372 44.96 -22.65 46.69
N GLY D 373 45.16 -23.74 45.95
CA GLY D 373 46.01 -23.70 44.74
C GLY D 373 45.18 -23.55 43.46
N ASN D 374 43.89 -23.86 43.54
CA ASN D 374 43.07 -23.91 42.35
C ASN D 374 41.60 -23.86 42.81
N THR D 375 40.91 -22.78 42.47
CA THR D 375 39.53 -22.59 42.92
C THR D 375 38.52 -23.62 42.33
N ASP D 376 39.00 -24.41 41.39
CA ASP D 376 38.16 -25.41 40.74
C ASP D 376 38.31 -26.73 41.50
N ALA D 377 39.26 -26.81 42.46
CA ALA D 377 39.27 -27.89 43.46
C ALA D 377 38.37 -27.55 44.69
N GLU D 378 37.16 -27.08 44.42
CA GLU D 378 36.28 -26.57 45.46
C GLU D 378 35.52 -27.67 46.24
N GLY D 379 35.31 -28.81 45.58
CA GLY D 379 34.56 -29.92 46.14
C GLY D 379 35.23 -30.40 47.41
N ARG D 380 36.55 -30.54 47.41
CA ARG D 380 37.19 -31.09 48.58
C ARG D 380 37.18 -30.09 49.74
N LEU D 381 37.01 -28.81 49.43
CA LEU D 381 36.96 -27.77 50.48
C LEU D 381 35.64 -27.89 51.21
N THR D 382 34.56 -28.06 50.44
CA THR D 382 33.24 -28.18 51.06
C THR D 382 33.11 -29.52 51.78
N LEU D 383 33.68 -30.59 51.21
CA LEU D 383 33.70 -31.89 51.92
C LEU D 383 34.54 -31.93 53.22
N ALA D 384 35.66 -31.20 53.22
CA ALA D 384 36.47 -31.08 54.44
C ALA D 384 35.59 -30.65 55.64
N ASP D 385 34.81 -29.57 55.48
CA ASP D 385 34.03 -29.11 56.59
C ASP D 385 32.86 -30.03 56.83
N ALA D 386 32.23 -30.57 55.77
CA ALA D 386 31.18 -31.60 55.95
C ALA D 386 31.68 -32.85 56.70
N LEU D 387 32.92 -33.25 56.44
CA LEU D 387 33.50 -34.41 57.11
C LEU D 387 33.76 -34.15 58.61
N VAL D 388 34.27 -32.97 58.92
CA VAL D 388 34.50 -32.60 60.31
C VAL D 388 33.14 -32.59 61.04
N TYR D 389 32.11 -32.04 60.38
CA TYR D 389 30.75 -32.05 60.91
C TYR D 389 30.23 -33.46 61.14
N ALA D 390 30.35 -34.31 60.12
CA ALA D 390 30.00 -35.75 60.24
C ALA D 390 30.70 -36.43 61.42
N GLU D 391 32.03 -36.31 61.53
CA GLU D 391 32.73 -37.00 62.60
C GLU D 391 32.27 -36.59 64.01
N LYS D 392 31.90 -35.30 64.16
CA LYS D 392 31.40 -34.77 65.42
C LYS D 392 30.06 -35.39 65.81
N LEU D 393 29.37 -36.03 64.86
CA LEU D 393 28.13 -36.74 65.19
C LEU D 393 28.34 -38.05 65.91
N GLY D 394 29.58 -38.56 65.95
CA GLY D 394 29.88 -39.80 66.66
C GLY D 394 29.26 -41.01 65.94
N VAL D 395 29.60 -41.22 64.67
CA VAL D 395 29.00 -42.28 63.87
C VAL D 395 30.00 -43.43 63.77
N ASP D 396 29.54 -44.58 63.31
CA ASP D 396 30.43 -45.73 63.10
C ASP D 396 31.10 -45.65 61.72
N TYR D 397 30.36 -45.15 60.72
CA TYR D 397 30.90 -45.06 59.37
C TYR D 397 30.63 -43.71 58.76
N ILE D 398 31.60 -43.21 57.99
CA ILE D 398 31.31 -42.04 57.19
C ILE D 398 31.57 -42.44 55.76
N VAL D 399 30.57 -42.26 54.90
CA VAL D 399 30.74 -42.46 53.48
C VAL D 399 30.45 -41.20 52.73
N ASP D 400 31.42 -40.74 51.94
CA ASP D 400 31.16 -39.58 51.11
C ASP D 400 31.08 -40.01 49.64
N ILE D 401 30.27 -39.27 48.87
CA ILE D 401 30.08 -39.51 47.47
C ILE D 401 30.13 -38.17 46.69
N ALA D 402 30.98 -38.06 45.68
CA ALA D 402 31.21 -36.77 45.07
C ALA D 402 31.69 -36.87 43.62
N THR D 403 31.30 -35.92 42.76
CA THR D 403 31.84 -35.78 41.38
C THR D 403 33.14 -34.98 41.47
N LEU D 404 34.18 -35.61 41.99
CA LEU D 404 35.30 -34.89 42.53
C LEU D 404 36.44 -34.59 41.55
N THR D 405 36.82 -35.57 40.73
CA THR D 405 38.00 -35.41 39.85
C THR D 405 37.76 -35.88 38.42
N GLY D 406 37.94 -34.94 37.47
CA GLY D 406 37.98 -35.29 36.05
C GLY D 406 38.86 -36.49 35.74
N ALA D 407 39.95 -36.68 36.50
CA ALA D 407 40.87 -37.83 36.26
C ALA D 407 40.19 -39.22 36.27
N MET D 408 39.02 -39.32 36.89
CA MET D 408 38.27 -40.58 36.91
C MET D 408 37.99 -41.10 35.52
N LEU D 409 37.74 -40.17 34.60
CA LEU D 409 37.49 -40.52 33.20
C LEU D 409 38.69 -41.24 32.57
N TYR D 410 39.90 -40.96 33.06
CA TYR D 410 41.10 -41.55 32.47
C TYR D 410 41.56 -42.79 33.24
N SER D 411 41.03 -43.00 34.45
CA SER D 411 41.39 -44.20 35.20
C SER D 411 40.31 -45.29 35.07
N LEU D 412 39.06 -45.03 35.46
CA LEU D 412 38.06 -46.07 35.38
C LEU D 412 37.04 -45.85 34.29
N GLY D 413 36.84 -44.59 33.91
CA GLY D 413 36.04 -44.26 32.76
C GLY D 413 34.65 -43.96 33.17
N THR D 414 33.71 -44.23 32.27
CA THR D 414 32.32 -43.87 32.51
C THR D 414 31.44 -44.95 33.17
N SER D 415 31.98 -46.16 33.37
CA SER D 415 31.19 -47.28 33.94
C SER D 415 31.37 -47.55 35.43
N TYR D 416 32.60 -47.49 35.95
CA TYR D 416 32.80 -47.88 37.33
C TYR D 416 33.25 -46.63 38.07
N ALA D 417 32.70 -46.41 39.26
CA ALA D 417 33.14 -45.35 40.18
C ALA D 417 34.36 -45.87 40.90
N GLY D 418 35.16 -44.98 41.47
CA GLY D 418 36.22 -45.44 42.34
C GLY D 418 35.89 -45.25 43.82
N VAL D 419 36.33 -46.17 44.67
CA VAL D 419 36.20 -46.00 46.09
C VAL D 419 37.59 -45.97 46.74
N PHE D 420 37.80 -45.04 47.66
CA PHE D 420 39.05 -44.93 48.43
C PHE D 420 38.64 -44.93 49.87
N GLY D 421 39.52 -45.29 50.79
CA GLY D 421 39.09 -45.24 52.18
C GLY D 421 40.21 -45.49 53.18
N ASN D 422 39.91 -45.31 54.47
CA ASN D 422 40.95 -45.50 55.50
C ASN D 422 40.75 -46.80 56.26
N ASN D 423 39.78 -47.63 55.81
CA ASN D 423 39.37 -48.81 56.58
C ASN D 423 38.98 -49.95 55.64
N GLU D 424 39.71 -51.06 55.69
CA GLU D 424 39.45 -52.18 54.77
C GLU D 424 38.07 -52.81 54.90
N GLU D 425 37.61 -53.01 56.14
CA GLU D 425 36.28 -53.57 56.36
C GLU D 425 35.21 -52.70 55.73
N LEU D 426 35.26 -51.40 55.99
CA LEU D 426 34.29 -50.51 55.29
C LEU D 426 34.37 -50.55 53.76
N ILE D 427 35.57 -50.55 53.20
CA ILE D 427 35.75 -50.66 51.75
C ILE D 427 35.10 -51.94 51.19
N ASN D 428 35.29 -53.07 51.88
CA ASN D 428 34.68 -54.34 51.52
C ASN D 428 33.14 -54.33 51.60
N LYS D 429 32.59 -53.65 52.60
CA LYS D 429 31.14 -53.42 52.66
C LYS D 429 30.65 -52.61 51.48
N ILE D 430 31.38 -51.58 51.08
CA ILE D 430 31.03 -50.80 49.88
C ILE D 430 31.09 -51.71 48.62
N LEU D 431 32.16 -52.51 48.50
CA LEU D 431 32.30 -53.38 47.35
C LEU D 431 31.15 -54.38 47.29
N GLN D 432 30.76 -54.92 48.45
CA GLN D 432 29.65 -55.82 48.52
C GLN D 432 28.33 -55.13 48.13
N SER D 433 28.10 -53.90 48.61
CA SER D 433 26.92 -53.10 48.18
C SER D 433 26.90 -52.87 46.68
N SER D 434 28.09 -52.67 46.12
CA SER D 434 28.23 -52.47 44.71
C SER D 434 27.78 -53.71 43.98
N LYS D 435 28.14 -54.90 44.48
CA LYS D 435 27.72 -56.14 43.84
C LYS D 435 26.22 -56.35 43.87
N THR D 436 25.60 -56.11 45.01
CA THR D 436 24.16 -56.36 45.11
C THR D 436 23.28 -55.29 44.45
N SER D 437 23.74 -54.04 44.43
CA SER D 437 23.03 -52.96 43.72
C SER D 437 23.28 -52.98 42.23
N ASN D 438 24.29 -53.74 41.79
CA ASN D 438 24.72 -53.71 40.39
C ASN D 438 25.13 -52.29 39.89
N GLU D 439 25.64 -51.45 40.79
CA GLU D 439 26.25 -50.17 40.44
C GLU D 439 27.73 -50.35 40.70
N PRO D 440 28.53 -50.44 39.63
CA PRO D 440 29.89 -50.97 39.77
C PRO D 440 30.84 -49.95 40.36
N VAL D 441 31.69 -50.48 41.24
CA VAL D 441 32.68 -49.64 41.90
C VAL D 441 34.02 -50.40 41.94
N TRP D 442 35.14 -49.70 41.90
CA TRP D 442 36.41 -50.40 42.01
C TRP D 442 37.25 -49.73 43.10
N TRP D 443 37.89 -50.54 43.94
CA TRP D 443 38.77 -50.02 44.98
C TRP D 443 40.07 -49.47 44.38
N LEU D 444 40.38 -48.21 44.73
CA LEU D 444 41.65 -47.54 44.36
C LEU D 444 42.43 -47.16 45.65
N PRO D 445 43.78 -47.12 45.59
CA PRO D 445 44.58 -46.95 46.80
C PRO D 445 44.74 -45.49 47.20
N ILE D 446 44.81 -45.26 48.51
CA ILE D 446 45.30 -43.97 49.02
C ILE D 446 46.80 -44.17 49.25
N ILE D 447 47.60 -43.57 48.38
CA ILE D 447 49.03 -43.88 48.37
C ILE D 447 49.76 -42.81 49.22
N ASN D 448 50.25 -43.24 50.38
CA ASN D 448 50.83 -42.29 51.35
C ASN D 448 52.09 -41.55 50.89
N GLU D 449 52.86 -42.17 49.99
CA GLU D 449 54.02 -41.53 49.34
C GLU D 449 53.66 -40.18 48.68
N TYR D 450 52.41 -39.96 48.30
CA TYR D 450 52.02 -38.69 47.65
C TYR D 450 51.66 -37.61 48.66
N ARG D 451 51.60 -37.97 49.97
CA ARG D 451 51.10 -37.06 50.99
C ARG D 451 52.03 -35.82 51.11
N ALA D 452 53.34 -36.01 50.94
CA ALA D 452 54.26 -34.87 51.04
C ALA D 452 53.98 -33.74 50.03
N THR D 453 53.35 -34.07 48.90
CA THR D 453 53.03 -33.03 47.91
C THR D 453 51.97 -32.06 48.40
N LEU D 454 51.28 -32.42 49.50
CA LEU D 454 50.29 -31.54 50.06
C LEU D 454 50.88 -30.67 51.19
N ASN D 455 52.20 -30.71 51.43
CA ASN D 455 52.81 -29.88 52.48
C ASN D 455 52.93 -28.42 52.00
N SER D 456 52.13 -27.51 52.54
CA SER D 456 52.20 -26.11 52.15
C SER D 456 53.43 -25.43 52.83
N LYS D 457 54.09 -24.54 52.10
CA LYS D 457 55.10 -23.67 52.68
C LYS D 457 54.53 -22.77 53.83
N TYR D 458 53.27 -22.33 53.69
CA TYR D 458 52.64 -21.32 54.55
C TYR D 458 51.49 -21.87 55.42
N ALA D 459 50.59 -22.65 54.82
CA ALA D 459 49.41 -23.14 55.53
C ALA D 459 49.73 -24.52 56.11
N ASP D 460 48.78 -25.08 56.87
CA ASP D 460 49.00 -26.42 57.43
C ASP D 460 49.04 -27.45 56.31
N ILE D 461 48.24 -27.20 55.26
CA ILE D 461 48.10 -28.13 54.12
C ILE D 461 47.78 -27.40 52.79
N ASN D 462 48.21 -28.02 51.68
CA ASN D 462 47.78 -27.59 50.34
C ASN D 462 46.48 -28.26 49.98
N GLN D 463 45.62 -27.53 49.30
CA GLN D 463 44.38 -28.07 48.71
C GLN D 463 44.69 -29.07 47.56
N ILE D 464 45.74 -28.76 46.77
CA ILE D 464 46.13 -29.56 45.64
C ILE D 464 47.65 -29.78 45.58
N SER D 465 48.03 -30.77 44.79
CA SER D 465 49.44 -31.05 44.54
C SER D 465 49.94 -30.13 43.43
N SER D 466 51.22 -29.75 43.48
CA SER D 466 51.76 -29.02 42.32
C SER D 466 52.15 -30.10 41.29
N SER D 467 52.90 -31.09 41.81
CA SER D 467 53.53 -32.16 41.02
C SER D 467 52.64 -33.38 40.64
N VAL D 468 52.13 -34.14 41.62
CA VAL D 468 51.37 -35.39 41.34
C VAL D 468 50.15 -35.25 40.35
N LYS D 469 50.18 -35.98 39.23
CA LYS D 469 49.03 -35.98 38.31
C LYS D 469 47.94 -36.97 38.74
N ALA D 470 48.23 -37.87 39.69
CA ALA D 470 47.22 -38.81 40.17
C ALA D 470 46.21 -38.06 41.05
N SER D 471 45.46 -37.14 40.43
CA SER D 471 44.60 -36.25 41.23
C SER D 471 43.50 -36.91 42.04
N SER D 472 42.90 -38.02 41.58
CA SER D 472 41.88 -38.67 42.43
C SER D 472 42.48 -39.20 43.74
N ILE D 473 43.74 -39.64 43.70
CA ILE D 473 44.39 -40.18 44.90
C ILE D 473 44.80 -39.02 45.83
N VAL D 474 45.33 -37.95 45.24
CA VAL D 474 45.66 -36.75 45.99
C VAL D 474 44.43 -36.12 46.69
N ALA D 475 43.29 -36.10 45.99
CA ALA D 475 42.07 -35.57 46.56
C ALA D 475 41.70 -36.37 47.80
N SER D 476 41.83 -37.69 47.72
CA SER D 476 41.50 -38.60 48.81
C SER D 476 42.45 -38.39 49.96
N LEU D 477 43.71 -38.19 49.68
CA LEU D 477 44.68 -37.89 50.74
C LEU D 477 44.30 -36.59 51.47
N PHE D 478 43.77 -35.64 50.71
CA PHE D 478 43.42 -34.38 51.28
C PHE D 478 42.23 -34.59 52.23
N LEU D 479 41.21 -35.31 51.77
CA LEU D 479 39.98 -35.49 52.54
C LEU D 479 40.25 -36.31 53.81
N LYS D 480 41.18 -37.24 53.70
CA LYS D 480 41.56 -38.08 54.83
C LYS D 480 42.09 -37.25 56.00
N GLU D 481 42.61 -36.06 55.69
CA GLU D 481 43.07 -35.14 56.75
C GLU D 481 41.90 -34.61 57.61
N PHE D 482 40.68 -34.81 57.16
CA PHE D 482 39.51 -34.29 57.87
C PHE D 482 38.68 -35.32 58.58
N VAL D 483 39.23 -36.54 58.68
CA VAL D 483 38.63 -37.64 59.44
C VAL D 483 39.72 -38.17 60.37
N GLN D 484 39.51 -38.03 61.66
CA GLN D 484 40.58 -38.34 62.59
C GLN D 484 40.56 -39.74 63.08
N ASN D 485 39.40 -40.26 63.43
CA ASN D 485 39.41 -41.59 64.04
C ASN D 485 38.12 -42.34 63.82
N THR D 486 37.59 -42.28 62.58
CA THR D 486 36.36 -43.00 62.19
C THR D 486 36.62 -43.71 60.86
N ALA D 487 36.09 -44.91 60.70
CA ALA D 487 36.04 -45.59 59.41
C ALA D 487 35.35 -44.69 58.39
N TRP D 488 36.06 -44.45 57.29
CA TRP D 488 35.60 -43.53 56.26
C TRP D 488 35.95 -44.09 54.89
N ALA D 489 35.03 -43.87 53.93
CA ALA D 489 35.23 -44.17 52.54
C ALA D 489 34.71 -43.04 51.69
N HIS D 490 35.31 -42.89 50.52
CA HIS D 490 35.04 -41.80 49.57
C HIS D 490 34.80 -42.42 48.17
N ILE D 491 33.64 -42.11 47.58
CA ILE D 491 33.27 -42.63 46.27
C ILE D 491 33.33 -41.47 45.25
N ASP D 492 34.26 -41.57 44.30
CA ASP D 492 34.39 -40.51 43.30
C ASP D 492 33.60 -40.93 42.07
N ILE D 493 32.50 -40.23 41.82
CA ILE D 493 31.55 -40.57 40.76
C ILE D 493 31.59 -39.58 39.57
N ALA D 494 32.69 -38.85 39.46
CA ALA D 494 32.91 -37.85 38.39
C ALA D 494 32.74 -38.44 37.01
N GLY D 495 33.24 -39.67 36.81
CA GLY D 495 33.20 -40.29 35.51
C GLY D 495 31.89 -40.97 35.18
N VAL D 496 31.16 -41.33 36.22
CA VAL D 496 30.11 -42.31 36.14
C VAL D 496 28.71 -41.66 36.28
N SER D 497 28.69 -40.42 36.75
CA SER D 497 27.45 -39.78 37.17
C SER D 497 26.55 -39.41 35.98
N TRP D 498 27.14 -38.88 34.91
CA TRP D 498 26.36 -38.41 33.79
C TRP D 498 26.43 -39.41 32.61
N ASN D 499 25.28 -39.74 32.04
CA ASN D 499 25.26 -40.60 30.89
C ASN D 499 25.44 -39.74 29.62
N PHE D 500 26.68 -39.69 29.11
CA PHE D 500 26.99 -38.80 27.97
C PHE D 500 26.27 -39.21 26.71
N LYS D 501 26.22 -40.50 26.43
CA LYS D 501 25.55 -40.97 25.23
C LYS D 501 24.05 -40.62 25.26
N ALA D 502 23.39 -40.88 26.38
CA ALA D 502 21.94 -40.63 26.45
C ALA D 502 21.56 -39.17 26.83
N ARG D 503 22.55 -38.32 27.13
CA ARG D 503 22.32 -36.90 27.51
C ARG D 503 21.48 -36.72 28.77
N LYS D 504 21.74 -37.50 29.81
CA LYS D 504 20.89 -37.48 31.00
C LYS D 504 21.67 -38.09 32.16
N PRO D 505 21.21 -37.87 33.42
CA PRO D 505 21.90 -38.41 34.58
C PRO D 505 21.70 -39.90 34.65
N LYS D 506 22.59 -40.56 35.39
CA LYS D 506 22.32 -41.92 35.85
C LYS D 506 21.57 -42.03 37.18
N GLY D 507 21.64 -41.01 38.04
CA GLY D 507 21.20 -41.17 39.45
C GLY D 507 22.15 -42.13 40.17
N PHE D 508 23.41 -42.14 39.76
CA PHE D 508 24.35 -43.14 40.27
C PHE D 508 24.55 -42.98 41.76
N GLY D 509 24.47 -44.10 42.48
CA GLY D 509 24.85 -44.09 43.87
C GLY D 509 23.70 -44.33 44.82
N VAL D 510 22.48 -44.02 44.39
CA VAL D 510 21.30 -44.23 45.26
C VAL D 510 21.20 -45.67 45.78
N ARG D 511 21.19 -46.60 44.83
CA ARG D 511 21.04 -48.00 45.13
C ARG D 511 22.23 -48.53 45.86
N LEU D 512 23.41 -48.11 45.44
CA LEU D 512 24.66 -48.47 46.14
C LEU D 512 24.58 -48.12 47.62
N LEU D 513 24.21 -46.89 47.95
CA LEU D 513 24.16 -46.42 49.35
C LEU D 513 23.04 -47.09 50.13
N THR D 514 21.91 -47.28 49.46
CA THR D 514 20.79 -47.92 50.12
C THR D 514 21.09 -49.37 50.45
N GLU D 515 21.64 -50.10 49.49
CA GLU D 515 22.14 -51.45 49.77
C GLU D 515 23.12 -51.44 50.95
N PHE D 516 24.06 -50.50 50.95
CA PHE D 516 25.02 -50.37 52.06
C PHE D 516 24.30 -50.31 53.44
N VAL D 517 23.38 -49.36 53.56
CA VAL D 517 22.60 -49.15 54.79
C VAL D 517 21.69 -50.37 55.15
N LEU D 518 20.99 -50.93 54.15
CA LEU D 518 20.12 -52.06 54.37
C LEU D 518 20.82 -53.35 54.73
N ASN D 519 21.93 -53.65 54.08
CA ASN D 519 22.52 -54.99 54.22
C ASN D 519 23.64 -55.03 55.25
N ASP D 520 24.14 -53.86 55.63
CA ASP D 520 25.09 -53.75 56.75
C ASP D 520 24.38 -53.25 58.01
N SER E 3 40.05 2.61 55.77
CA SER E 3 40.41 1.96 57.09
C SER E 3 39.67 0.64 57.45
N GLU E 4 38.33 0.61 57.46
CA GLU E 4 37.63 -0.67 57.71
C GLU E 4 37.70 -1.69 56.54
N VAL E 5 38.15 -2.92 56.79
CA VAL E 5 38.29 -3.90 55.70
C VAL E 5 36.94 -4.56 55.44
N PRO E 6 36.39 -4.45 54.23
CA PRO E 6 35.09 -5.13 54.00
C PRO E 6 35.23 -6.69 53.98
N GLN E 7 34.20 -7.37 54.49
CA GLN E 7 34.20 -8.84 54.54
C GLN E 7 32.99 -9.35 53.78
N VAL E 8 33.11 -10.52 53.14
CA VAL E 8 31.94 -11.19 52.56
C VAL E 8 31.27 -12.02 53.65
N VAL E 9 32.11 -12.80 54.36
CA VAL E 9 31.64 -13.57 55.53
C VAL E 9 32.44 -13.15 56.75
N SER E 10 31.93 -13.47 57.93
CA SER E 10 32.53 -12.98 59.16
C SER E 10 33.89 -13.64 59.39
N LEU E 11 34.17 -14.73 58.66
CA LEU E 11 35.46 -15.38 58.81
C LEU E 11 36.55 -14.76 57.93
N ASP E 12 36.19 -13.81 57.05
CA ASP E 12 37.22 -13.15 56.25
C ASP E 12 38.15 -12.29 57.12
N PRO E 13 39.48 -12.45 56.91
CA PRO E 13 40.44 -11.71 57.76
C PRO E 13 40.37 -10.19 57.54
N THR E 14 40.70 -9.41 58.55
CA THR E 14 40.54 -7.97 58.43
C THR E 14 41.84 -7.24 58.66
N SER E 15 42.94 -7.98 58.82
CA SER E 15 44.29 -7.39 58.79
C SER E 15 45.33 -8.40 58.32
N ILE E 16 46.51 -7.93 57.91
CA ILE E 16 47.59 -8.84 57.57
C ILE E 16 48.35 -9.08 58.87
N PRO E 17 48.55 -10.34 59.26
CA PRO E 17 49.43 -10.50 60.43
C PRO E 17 50.90 -10.14 60.05
N ILE E 18 51.60 -9.44 60.94
CA ILE E 18 53.01 -9.04 60.71
C ILE E 18 53.79 -9.40 61.97
N GLU E 19 54.92 -10.08 61.83
CA GLU E 19 55.87 -10.25 62.95
C GLU E 19 56.91 -9.17 62.81
N TYR E 20 57.09 -8.37 63.85
CA TYR E 20 58.16 -7.36 63.84
C TYR E 20 59.35 -7.85 64.62
N ASN E 21 59.10 -8.40 65.81
CA ASN E 21 60.17 -8.98 66.62
C ASN E 21 60.42 -10.43 66.23
N THR E 22 61.51 -10.69 65.54
CA THR E 22 61.75 -12.04 65.08
C THR E 22 62.92 -12.66 65.87
N PRO E 23 63.01 -13.99 65.86
CA PRO E 23 64.09 -14.61 66.63
C PRO E 23 65.49 -14.17 66.12
N ILE E 24 65.59 -13.71 64.86
CA ILE E 24 66.87 -13.22 64.28
C ILE E 24 67.35 -12.00 65.11
N HIS E 25 66.38 -11.20 65.58
CA HIS E 25 66.71 -10.01 66.35
C HIS E 25 67.31 -10.34 67.75
N ASP E 26 67.08 -11.54 68.25
CA ASP E 26 67.70 -11.97 69.51
C ASP E 26 69.10 -12.60 69.36
N ILE E 27 69.61 -12.70 68.13
CA ILE E 27 70.90 -13.36 67.94
C ILE E 27 72.01 -12.34 68.21
N LYS E 28 72.90 -12.72 69.10
CA LYS E 28 74.01 -11.89 69.49
C LYS E 28 75.20 -12.21 68.57
N VAL E 29 75.67 -11.25 67.79
CA VAL E 29 76.74 -11.47 66.81
C VAL E 29 78.07 -10.88 67.27
N GLN E 30 79.13 -11.68 67.25
CA GLN E 30 80.49 -11.20 67.52
C GLN E 30 81.41 -11.54 66.33
N VAL E 31 82.24 -10.60 65.91
CA VAL E 31 83.16 -10.86 64.81
C VAL E 31 84.58 -10.81 65.39
N TYR E 32 85.35 -11.87 65.17
CA TYR E 32 86.72 -12.01 65.66
C TYR E 32 87.71 -12.10 64.52
N ASP E 33 88.93 -11.65 64.76
CA ASP E 33 89.97 -11.80 63.76
C ASP E 33 90.45 -13.24 63.83
N ILE E 34 90.75 -13.78 62.66
CA ILE E 34 91.18 -15.15 62.49
C ILE E 34 92.61 -15.33 63.06
N LYS E 35 93.41 -14.26 63.09
CA LYS E 35 94.75 -14.31 63.69
C LYS E 35 94.61 -14.47 65.18
N GLY E 36 95.46 -15.29 65.77
CA GLY E 36 95.30 -15.63 67.15
C GLY E 36 94.61 -16.98 67.31
N GLY E 37 93.91 -17.43 66.26
CA GLY E 37 93.32 -18.76 66.21
C GLY E 37 91.84 -18.76 66.61
N CYS E 38 91.13 -19.85 66.26
CA CYS E 38 89.70 -19.94 66.54
C CYS E 38 89.46 -20.80 67.75
N ASN E 39 88.58 -20.36 68.63
CA ASN E 39 88.12 -21.19 69.73
C ASN E 39 86.88 -22.01 69.32
N VAL E 40 86.87 -23.29 69.66
CA VAL E 40 85.72 -24.19 69.41
C VAL E 40 85.27 -24.74 70.75
N GLU E 41 84.25 -24.11 71.34
CA GLU E 41 83.83 -24.50 72.68
C GLU E 41 82.43 -25.08 72.70
N GLU E 42 81.56 -24.66 71.77
CA GLU E 42 80.17 -25.13 71.76
C GLU E 42 79.48 -25.00 70.39
N GLY E 43 78.25 -25.49 70.32
CA GLY E 43 77.42 -25.41 69.13
C GLY E 43 78.11 -26.00 67.90
N LEU E 44 77.92 -25.31 66.77
CA LEU E 44 78.36 -25.78 65.47
C LEU E 44 79.39 -24.76 64.95
N THR E 45 80.56 -25.24 64.52
CA THR E 45 81.54 -24.41 63.85
C THR E 45 81.68 -24.88 62.40
N ILE E 46 81.44 -23.97 61.46
CA ILE E 46 81.53 -24.24 60.03
C ILE E 46 82.64 -23.39 59.34
N PHE E 47 83.60 -24.07 58.71
CA PHE E 47 84.60 -23.42 57.86
C PHE E 47 84.08 -23.24 56.41
N LEU E 48 84.25 -22.04 55.86
CA LEU E 48 83.94 -21.73 54.44
C LEU E 48 85.25 -21.89 53.66
N VAL E 49 85.30 -22.89 52.78
CA VAL E 49 86.55 -23.39 52.20
C VAL E 49 86.43 -23.53 50.69
N ASN E 50 87.42 -23.02 49.99
CA ASN E 50 87.49 -23.26 48.54
C ASN E 50 88.76 -24.02 48.19
N ASN E 51 88.95 -24.26 46.90
CA ASN E 51 90.19 -24.88 46.41
C ASN E 51 90.46 -24.32 44.99
N PRO E 52 91.22 -23.22 44.92
CA PRO E 52 91.27 -22.45 43.67
C PRO E 52 91.86 -23.25 42.50
N GLY E 53 91.16 -23.25 41.37
CA GLY E 53 91.63 -24.01 40.22
C GLY E 53 91.27 -25.49 40.27
N LYS E 54 91.57 -26.18 41.39
CA LYS E 54 91.31 -27.63 41.57
C LYS E 54 89.82 -27.86 41.78
N GLU E 55 89.10 -28.01 40.67
CA GLU E 55 87.64 -28.14 40.70
C GLU E 55 87.24 -29.41 41.46
N ASN E 56 86.28 -29.29 42.38
CA ASN E 56 85.94 -30.39 43.29
C ASN E 56 87.11 -30.94 44.09
N GLY E 57 88.11 -30.10 44.32
CA GLY E 57 89.30 -30.56 45.00
C GLY E 57 89.04 -30.77 46.49
N PRO E 58 90.07 -31.25 47.20
CA PRO E 58 89.96 -31.65 48.60
C PRO E 58 89.84 -30.39 49.47
N VAL E 59 89.16 -30.56 50.61
CA VAL E 59 89.05 -29.56 51.66
C VAL E 59 90.38 -29.59 52.43
N LYS E 60 90.92 -28.40 52.70
CA LYS E 60 92.11 -28.23 53.54
C LYS E 60 91.84 -26.96 54.36
N ILE E 61 91.91 -27.10 55.68
CA ILE E 61 91.64 -26.01 56.60
C ILE E 61 92.95 -25.35 56.93
N SER E 62 93.01 -24.03 56.71
CA SER E 62 94.16 -23.17 57.06
C SER E 62 94.21 -22.62 58.48
N SER E 63 93.06 -22.35 59.08
CA SER E 63 93.04 -21.70 60.40
C SER E 63 93.55 -22.60 61.52
N LYS E 64 94.33 -22.01 62.43
CA LYS E 64 94.67 -22.67 63.68
C LYS E 64 93.41 -22.68 64.58
N VAL E 65 93.18 -23.81 65.24
CA VAL E 65 92.05 -23.95 66.15
C VAL E 65 92.62 -24.27 67.51
N ASN E 66 92.18 -23.54 68.54
CA ASN E 66 92.80 -23.66 69.86
C ASN E 66 92.19 -24.78 70.66
N ASP E 67 92.05 -25.95 70.06
CA ASP E 67 91.50 -27.10 70.72
C ASP E 67 92.19 -28.28 70.08
N LYS E 68 92.76 -29.16 70.90
CA LYS E 68 93.56 -30.28 70.37
C LYS E 68 92.74 -31.39 69.68
N GLN E 69 91.59 -31.71 70.24
CA GLN E 69 90.69 -32.73 69.62
C GLN E 69 90.16 -32.22 68.27
N VAL E 70 89.71 -30.99 68.22
CA VAL E 70 89.17 -30.47 66.97
C VAL E 70 90.28 -30.31 65.94
N SER E 71 91.45 -29.85 66.36
CA SER E 71 92.60 -29.71 65.45
C SER E 71 92.91 -31.05 64.79
N GLU E 72 92.84 -32.12 65.56
CA GLU E 72 93.12 -33.44 65.03
C GLU E 72 92.07 -33.82 63.98
N PHE E 73 90.81 -33.47 64.23
CA PHE E 73 89.75 -33.73 63.27
C PHE E 73 89.99 -32.97 61.96
N LEU E 74 90.52 -31.75 62.07
CA LEU E 74 90.74 -30.86 60.94
C LEU E 74 92.10 -31.07 60.24
N LYS E 75 92.87 -32.09 60.67
CA LYS E 75 94.12 -32.45 59.91
C LYS E 75 93.83 -32.73 58.42
N ASP E 76 94.83 -32.41 57.59
CA ASP E 76 94.74 -32.58 56.13
C ASP E 76 94.29 -33.98 55.71
N GLU E 77 94.82 -35.01 56.37
CA GLU E 77 94.49 -36.40 55.99
C GLU E 77 93.03 -36.72 56.24
N ASN E 78 92.40 -36.08 57.23
CA ASN E 78 90.97 -36.29 57.42
C ASN E 78 90.16 -35.47 56.44
N MET E 79 90.55 -34.22 56.30
CA MET E 79 89.77 -33.29 55.52
C MET E 79 89.73 -33.55 54.02
N GLU E 80 90.80 -34.12 53.50
CA GLU E 80 90.90 -34.40 52.07
C GLU E 80 89.92 -35.49 51.62
N LYS E 81 89.38 -36.27 52.56
CA LYS E 81 88.24 -37.19 52.27
C LYS E 81 87.00 -36.42 51.75
N PHE E 82 86.99 -35.11 51.96
CA PHE E 82 85.84 -34.29 51.56
C PHE E 82 86.24 -33.36 50.44
N ASN E 83 85.28 -32.82 49.71
CA ASN E 83 85.61 -31.92 48.59
C ASN E 83 84.83 -30.57 48.64
N VAL E 84 85.28 -29.61 47.84
CA VAL E 84 84.85 -28.22 47.96
C VAL E 84 83.73 -27.86 46.96
N LYS E 85 83.18 -28.84 46.24
CA LYS E 85 82.11 -28.54 45.27
C LYS E 85 81.11 -27.58 45.90
N LEU E 86 80.78 -26.52 45.18
CA LEU E 86 79.98 -25.45 45.74
C LEU E 86 78.71 -25.94 46.39
N GLY E 87 78.54 -25.62 47.67
CA GLY E 87 77.34 -26.00 48.41
C GLY E 87 77.44 -27.35 49.09
N THR E 88 78.45 -28.17 48.76
CA THR E 88 78.63 -29.48 49.49
C THR E 88 79.01 -29.24 50.93
N SER E 89 78.40 -29.98 51.87
CA SER E 89 78.78 -29.81 53.27
C SER E 89 78.89 -31.12 54.00
N LYS E 90 79.70 -31.14 55.05
CA LYS E 90 79.71 -32.22 56.03
C LYS E 90 79.87 -31.58 57.40
N HIS E 91 79.24 -32.17 58.41
CA HIS E 91 79.48 -31.77 59.78
C HIS E 91 79.38 -32.97 60.72
N PHE E 92 80.25 -32.97 61.73
CA PHE E 92 80.43 -34.11 62.64
C PHE E 92 80.31 -33.63 64.09
N TYR E 93 79.67 -34.43 64.96
CA TYR E 93 79.72 -34.17 66.40
C TYR E 93 80.88 -34.91 66.98
N MET E 94 81.51 -34.29 67.98
CA MET E 94 82.67 -34.87 68.66
C MET E 94 82.85 -34.14 69.99
N PHE E 95 83.65 -34.72 70.86
CA PHE E 95 84.03 -34.09 72.09
C PHE E 95 85.28 -33.28 71.93
N ASN E 96 85.28 -32.04 72.45
CA ASN E 96 86.44 -31.18 72.42
C ASN E 96 87.34 -31.42 73.65
N ASP E 97 88.29 -30.52 73.88
CA ASP E 97 89.26 -30.68 74.96
C ASP E 97 88.62 -30.78 76.34
N ASN E 98 87.46 -30.16 76.48
CA ASN E 98 86.76 -30.07 77.76
C ASN E 98 85.73 -31.17 77.95
N LYS E 99 85.71 -32.14 77.03
CA LYS E 99 84.75 -33.24 77.10
C LYS E 99 83.37 -32.78 76.67
N ASN E 100 83.29 -31.58 76.12
CA ASN E 100 82.02 -31.02 75.67
C ASN E 100 81.71 -31.39 74.23
N SER E 101 80.43 -31.59 73.94
CA SER E 101 79.99 -31.95 72.60
C SER E 101 79.92 -30.70 71.70
N VAL E 102 80.67 -30.72 70.61
CA VAL E 102 80.69 -29.62 69.65
C VAL E 102 80.41 -30.23 68.29
N ALA E 103 79.92 -29.44 67.36
CA ALA E 103 79.86 -29.97 65.98
C ALA E 103 80.74 -29.09 65.10
N VAL E 104 81.50 -29.74 64.21
CA VAL E 104 82.49 -29.07 63.39
C VAL E 104 82.31 -29.53 61.94
N GLY E 105 82.30 -28.59 61.01
CA GLY E 105 82.16 -28.97 59.62
C GLY E 105 82.60 -27.87 58.67
N TYR E 106 82.12 -27.97 57.44
CA TYR E 106 82.53 -27.05 56.38
C TYR E 106 81.42 -26.93 55.34
N VAL E 107 81.40 -25.81 54.60
CA VAL E 107 80.63 -25.73 53.37
C VAL E 107 81.61 -25.42 52.21
N GLY E 108 81.54 -26.21 51.15
CA GLY E 108 82.40 -26.05 50.00
C GLY E 108 82.03 -24.81 49.21
N CYS E 109 83.05 -24.05 48.87
CA CYS E 109 82.86 -22.79 48.12
C CYS E 109 83.44 -22.83 46.70
N GLY E 110 83.69 -24.03 46.20
CA GLY E 110 84.12 -24.24 44.82
C GLY E 110 85.56 -23.88 44.61
N SER E 111 85.88 -23.49 43.40
CA SER E 111 87.25 -23.28 43.04
C SER E 111 87.49 -21.89 42.40
N VAL E 112 86.48 -21.04 42.41
CA VAL E 112 86.66 -19.66 41.98
C VAL E 112 86.90 -18.75 43.20
N ALA E 113 87.94 -17.95 43.15
CA ALA E 113 88.28 -17.09 44.29
C ALA E 113 87.20 -16.10 44.69
N ASP E 114 86.57 -15.40 43.74
CA ASP E 114 85.53 -14.41 44.09
C ASP E 114 84.13 -15.00 43.85
N LEU E 115 83.31 -15.05 44.90
CA LEU E 115 82.01 -15.70 44.78
C LEU E 115 81.01 -14.70 44.25
N SER E 116 80.10 -15.15 43.41
CA SER E 116 79.03 -14.28 42.95
C SER E 116 77.92 -14.29 44.03
N GLU E 117 76.98 -13.35 43.96
CA GLU E 117 75.86 -13.37 44.90
C GLU E 117 75.13 -14.69 44.78
N ALA E 118 74.99 -15.21 43.56
CA ALA E 118 74.32 -16.51 43.41
C ALA E 118 75.12 -17.65 44.06
N ASP E 119 76.45 -17.64 43.95
CA ASP E 119 77.31 -18.64 44.63
C ASP E 119 77.16 -18.54 46.17
N MET E 120 77.25 -17.31 46.68
CA MET E 120 77.09 -17.03 48.11
C MET E 120 75.70 -17.47 48.62
N LYS E 121 74.64 -17.26 47.82
CA LYS E 121 73.34 -17.80 48.25
C LYS E 121 73.39 -19.33 48.35
N ARG E 122 74.12 -20.01 47.48
CA ARG E 122 74.17 -21.47 47.58
C ARG E 122 74.93 -21.91 48.82
N VAL E 123 75.99 -21.16 49.14
CA VAL E 123 76.79 -21.45 50.32
C VAL E 123 76.02 -21.17 51.59
N VAL E 124 75.05 -20.26 51.50
CA VAL E 124 74.22 -19.90 52.65
C VAL E 124 73.12 -20.94 52.87
N LEU E 125 72.48 -21.36 51.78
CA LEU E 125 71.40 -22.36 51.86
C LEU E 125 71.93 -23.65 52.47
N SER E 126 73.16 -23.99 52.12
CA SER E 126 73.73 -25.19 52.65
C SER E 126 73.97 -25.04 54.18
N LEU E 127 74.35 -23.85 54.61
CA LEU E 127 74.58 -23.58 56.02
C LEU E 127 73.25 -23.60 56.77
N VAL E 128 72.22 -22.99 56.19
CA VAL E 128 70.88 -23.00 56.79
C VAL E 128 70.27 -24.37 56.95
N THR E 129 70.52 -25.25 55.97
CA THR E 129 70.10 -26.66 56.08
C THR E 129 70.63 -27.32 57.33
N MET E 130 71.88 -27.03 57.67
CA MET E 130 72.45 -27.57 58.88
C MET E 130 71.78 -26.93 60.07
N LEU E 131 71.52 -25.64 59.96
CA LEU E 131 70.95 -24.96 61.11
C LEU E 131 69.54 -25.48 61.40
N HIS E 132 68.79 -25.77 60.34
CA HIS E 132 67.44 -26.31 60.45
C HIS E 132 67.40 -27.71 61.01
N ASP E 133 68.49 -28.47 60.84
CA ASP E 133 68.56 -29.83 61.34
C ASP E 133 69.65 -29.98 62.39
N ASN E 134 69.54 -29.22 63.48
CA ASN E 134 70.52 -29.27 64.56
C ASN E 134 70.20 -28.27 65.67
N LYS E 135 69.70 -28.79 66.80
CA LYS E 135 69.36 -27.95 67.94
C LYS E 135 70.67 -27.39 68.51
N LEU E 136 70.84 -26.08 68.41
CA LEU E 136 72.13 -25.42 68.67
C LEU E 136 71.87 -24.10 69.37
N SER E 137 72.74 -23.73 70.30
CA SER E 137 72.64 -22.40 70.87
C SER E 137 73.51 -21.42 70.14
N LYS E 138 74.50 -21.96 69.43
CA LYS E 138 75.53 -21.15 68.78
C LYS E 138 76.03 -21.66 67.40
N LEU E 139 76.17 -20.74 66.45
CA LEU E 139 76.84 -21.03 65.20
C LEU E 139 78.11 -20.18 65.14
N THR E 140 79.20 -20.79 64.68
CA THR E 140 80.44 -20.05 64.41
C THR E 140 80.83 -20.32 62.99
N VAL E 141 81.11 -19.25 62.25
CA VAL E 141 81.42 -19.34 60.83
C VAL E 141 82.86 -18.82 60.64
N VAL E 142 83.74 -19.66 60.07
CA VAL E 142 85.13 -19.28 59.84
C VAL E 142 85.35 -19.03 58.33
N PHE E 143 85.62 -17.80 57.96
CA PHE E 143 85.84 -17.49 56.55
C PHE E 143 87.26 -17.83 56.09
N GLU E 144 87.41 -18.87 55.28
CA GLU E 144 88.73 -19.10 54.67
C GLU E 144 88.62 -18.76 53.16
N ILE E 145 87.74 -17.81 52.86
CA ILE E 145 87.57 -17.33 51.51
C ILE E 145 87.65 -15.82 51.55
N ASN E 146 87.82 -15.15 50.41
CA ASN E 146 87.88 -13.68 50.41
C ASN E 146 86.52 -13.15 50.11
N VAL E 147 86.13 -12.09 50.79
CA VAL E 147 84.81 -11.53 50.61
C VAL E 147 85.01 -10.03 50.91
N ASP E 148 84.50 -9.14 50.07
CA ASP E 148 84.55 -7.72 50.43
C ASP E 148 83.47 -7.36 51.50
N LYS E 149 83.45 -6.11 51.99
CA LYS E 149 82.49 -5.68 53.01
C LYS E 149 81.03 -5.90 52.58
N ASN E 150 80.73 -5.56 51.33
CA ASN E 150 79.34 -5.70 50.84
C ASN E 150 78.90 -7.18 50.71
N LEU E 151 79.83 -8.04 50.32
CA LEU E 151 79.48 -9.46 50.18
C LEU E 151 79.35 -10.09 51.55
N PHE E 152 80.18 -9.65 52.50
CA PHE E 152 80.01 -10.06 53.90
C PHE E 152 78.64 -9.68 54.47
N ARG E 153 78.22 -8.43 54.29
CA ARG E 153 76.91 -8.04 54.73
C ARG E 153 75.82 -8.88 54.05
N PHE E 154 75.98 -9.08 52.75
CA PHE E 154 75.10 -9.94 51.98
C PHE E 154 75.01 -11.35 52.57
N PHE E 155 76.16 -11.90 52.99
CA PHE E 155 76.17 -13.22 53.62
C PHE E 155 75.26 -13.25 54.85
N LEU E 156 75.44 -12.26 55.71
CA LEU E 156 74.69 -12.12 56.92
C LEU E 156 73.18 -11.91 56.61
N GLU E 157 72.84 -10.99 55.70
CA GLU E 157 71.43 -10.75 55.36
C GLU E 157 70.75 -11.99 54.82
N THR E 158 71.47 -12.70 53.97
CA THR E 158 70.93 -13.90 53.33
C THR E 158 70.76 -14.98 54.42
N LEU E 159 71.78 -15.16 55.25
CA LEU E 159 71.68 -16.12 56.34
C LEU E 159 70.42 -15.82 57.21
N PHE E 160 70.31 -14.57 57.71
CA PHE E 160 69.19 -14.20 58.54
C PHE E 160 67.84 -14.47 57.83
N TYR E 161 67.73 -14.10 56.57
CA TYR E 161 66.47 -14.17 55.85
C TYR E 161 66.13 -15.62 55.56
N GLU E 162 67.12 -16.40 55.11
CA GLU E 162 66.88 -17.82 54.76
C GLU E 162 66.62 -18.65 56.01
N TYR E 163 67.19 -18.25 57.16
CA TYR E 163 67.05 -19.00 58.44
C TYR E 163 65.67 -18.74 59.06
N MET E 164 65.21 -17.50 58.96
CA MET E 164 63.92 -17.13 59.49
C MET E 164 62.85 -17.93 58.76
N THR E 165 61.92 -18.53 59.50
CA THR E 165 60.78 -19.16 58.83
C THR E 165 59.43 -18.53 59.20
N ASP E 166 58.58 -18.38 58.20
CA ASP E 166 57.37 -17.61 58.29
C ASP E 166 56.22 -18.57 58.61
N GLU E 167 55.78 -18.54 59.87
CA GLU E 167 54.71 -19.41 60.37
C GLU E 167 53.41 -18.72 60.69
N ARG E 168 53.25 -17.50 60.20
CA ARG E 168 52.01 -16.76 60.45
C ARG E 168 50.72 -17.53 60.11
N PHE E 169 50.76 -18.37 59.06
CA PHE E 169 49.53 -19.01 58.60
C PHE E 169 49.43 -20.47 59.01
N LYS E 170 50.36 -20.90 59.87
CA LYS E 170 50.39 -22.23 60.42
C LYS E 170 49.53 -22.21 61.66
N SER E 171 48.82 -23.28 61.91
CA SER E 171 47.99 -23.32 63.10
C SER E 171 48.06 -24.68 63.74
N GLU E 179 63.58 -23.77 68.11
CA GLU E 179 64.59 -23.02 68.88
C GLU E 179 65.77 -22.54 67.98
N TYR E 180 65.89 -21.22 67.81
CA TYR E 180 66.92 -20.64 66.98
C TYR E 180 68.20 -20.51 67.82
N ILE E 181 69.35 -20.35 67.17
CA ILE E 181 70.59 -20.01 67.87
C ILE E 181 70.44 -18.67 68.58
N LYS E 182 71.20 -18.46 69.62
CA LYS E 182 71.18 -17.19 70.37
C LYS E 182 72.46 -16.39 70.17
N HIS E 183 73.49 -17.08 69.66
CA HIS E 183 74.80 -16.48 69.36
C HIS E 183 75.28 -16.88 67.96
N LEU E 184 75.86 -15.92 67.25
CA LEU E 184 76.56 -16.11 65.99
C LEU E 184 77.97 -15.57 66.19
N GLY E 185 78.97 -16.41 66.00
CA GLY E 185 80.36 -15.93 65.95
C GLY E 185 80.90 -15.94 64.52
N VAL E 186 81.75 -14.98 64.16
CA VAL E 186 82.34 -14.96 62.81
C VAL E 186 83.84 -14.77 62.93
N TYR E 187 84.63 -15.69 62.39
CA TYR E 187 86.09 -15.45 62.31
C TYR E 187 86.47 -15.06 60.89
N ILE E 188 87.17 -13.93 60.76
CA ILE E 188 87.48 -13.40 59.46
C ILE E 188 88.74 -12.56 59.54
N ASN E 189 89.59 -12.65 58.53
CA ASN E 189 90.77 -11.81 58.51
C ASN E 189 90.35 -10.33 58.46
N ASN E 190 90.98 -9.47 59.27
CA ASN E 190 90.66 -8.03 59.21
C ASN E 190 89.27 -7.72 59.74
N ALA E 191 88.90 -8.44 60.80
CA ALA E 191 87.58 -8.43 61.40
C ALA E 191 87.07 -7.04 61.72
N ASP E 192 87.95 -6.16 62.18
CA ASP E 192 87.48 -4.80 62.52
C ASP E 192 86.78 -4.09 61.38
N THR E 193 87.25 -4.29 60.16
CA THR E 193 86.64 -3.60 59.03
C THR E 193 85.22 -4.12 58.75
N TYR E 194 84.88 -5.30 59.27
CA TYR E 194 83.56 -5.91 58.92
C TYR E 194 82.47 -5.67 59.93
N LYS E 195 82.88 -5.27 61.15
CA LYS E 195 81.95 -5.17 62.28
C LYS E 195 80.78 -4.20 62.03
N GLU E 196 81.02 -3.10 61.32
CA GLU E 196 79.91 -2.16 61.08
C GLU E 196 78.85 -2.71 60.12
N GLU E 197 79.18 -3.79 59.42
CA GLU E 197 78.20 -4.43 58.53
C GLU E 197 77.12 -5.17 59.26
N VAL E 198 77.41 -5.57 60.48
CA VAL E 198 76.54 -6.48 61.20
C VAL E 198 75.16 -5.89 61.41
N GLU E 199 75.10 -4.70 62.02
CA GLU E 199 73.79 -4.12 62.34
C GLU E 199 73.07 -3.56 61.13
N LYS E 200 73.84 -3.20 60.09
CA LYS E 200 73.27 -2.80 58.82
C LYS E 200 72.60 -4.04 58.16
N ALA E 201 73.32 -5.18 58.22
CA ALA E 201 72.75 -6.47 57.75
C ALA E 201 71.41 -6.78 58.44
N ARG E 202 71.34 -6.55 59.74
CA ARG E 202 70.15 -6.87 60.51
C ARG E 202 68.96 -6.02 60.07
N VAL E 203 69.19 -4.72 59.89
CA VAL E 203 68.22 -3.84 59.32
C VAL E 203 67.77 -4.27 57.90
N TYR E 204 68.72 -4.58 57.01
CA TYR E 204 68.38 -5.02 55.65
C TYR E 204 67.62 -6.35 55.64
N TYR E 205 68.06 -7.29 56.50
CA TYR E 205 67.30 -8.51 56.71
C TYR E 205 65.80 -8.20 57.01
N PHE E 206 65.54 -7.32 57.98
CA PHE E 206 64.13 -7.10 58.34
C PHE E 206 63.33 -6.34 57.28
N GLY E 207 63.93 -5.39 56.59
CA GLY E 207 63.19 -4.74 55.44
C GLY E 207 62.75 -5.77 54.39
N THR E 208 63.67 -6.70 54.09
CA THR E 208 63.50 -7.80 53.11
C THR E 208 62.48 -8.80 53.62
N TYR E 209 62.64 -9.22 54.87
CA TYR E 209 61.67 -10.10 55.52
C TYR E 209 60.24 -9.46 55.64
N TYR E 210 60.21 -8.18 56.00
CA TYR E 210 58.93 -7.44 56.03
C TYR E 210 58.25 -7.45 54.64
N ALA E 211 59.02 -7.12 53.57
CA ALA E 211 58.50 -7.20 52.21
C ALA E 211 58.02 -8.62 51.90
N SER E 212 58.84 -9.60 52.27
CA SER E 212 58.48 -11.01 52.12
C SER E 212 57.11 -11.32 52.78
N GLN E 213 56.93 -10.84 54.00
CA GLN E 213 55.66 -11.06 54.74
C GLN E 213 54.44 -10.51 54.00
N LEU E 214 54.57 -9.31 53.47
CA LEU E 214 53.45 -8.72 52.71
C LEU E 214 53.16 -9.50 51.41
N ILE E 215 54.23 -9.92 50.74
CA ILE E 215 54.08 -10.65 49.49
C ILE E 215 53.49 -12.04 49.70
N ALA E 216 54.01 -12.79 50.69
CA ALA E 216 53.53 -14.14 50.97
C ALA E 216 52.13 -14.12 51.54
N ALA E 217 51.73 -13.05 52.22
CA ALA E 217 50.39 -12.94 52.75
C ALA E 217 49.39 -13.08 51.57
N PRO E 218 48.42 -14.00 51.68
CA PRO E 218 47.51 -14.26 50.50
C PRO E 218 46.57 -13.08 50.27
N SER E 219 45.88 -13.07 49.13
CA SER E 219 45.05 -11.93 48.76
C SER E 219 43.75 -11.76 49.59
N ASN E 220 43.28 -12.81 50.24
CA ASN E 220 42.21 -12.63 51.25
C ASN E 220 42.70 -11.88 52.52
N TYR E 221 43.98 -11.96 52.86
CA TYR E 221 44.49 -11.22 54.01
C TYR E 221 45.02 -9.85 53.60
N CYS E 222 45.77 -9.84 52.49
CA CYS E 222 46.43 -8.66 51.98
C CYS E 222 45.67 -8.15 50.75
N ASN E 223 44.84 -7.16 50.99
CA ASN E 223 43.98 -6.51 50.00
C ASN E 223 44.28 -4.99 50.09
N PRO E 224 43.68 -4.17 49.18
CA PRO E 224 44.07 -2.75 49.19
C PRO E 224 43.89 -2.04 50.52
N VAL E 225 42.85 -2.43 51.27
CA VAL E 225 42.55 -1.83 52.54
C VAL E 225 43.52 -2.29 53.63
N SER E 226 43.71 -3.59 53.75
CA SER E 226 44.59 -4.05 54.81
C SER E 226 46.08 -3.73 54.53
N LEU E 227 46.47 -3.66 53.26
CA LEU E 227 47.85 -3.30 52.90
C LEU E 227 48.12 -1.83 53.23
N SER E 228 47.20 -0.94 52.90
CA SER E 228 47.41 0.46 53.25
C SER E 228 47.33 0.65 54.75
N ASN E 229 46.46 -0.13 55.42
CA ASN E 229 46.48 -0.05 56.87
C ASN E 229 47.84 -0.46 57.41
N ALA E 230 48.43 -1.54 56.89
CA ALA E 230 49.75 -2.00 57.33
C ALA E 230 50.80 -0.91 57.11
N ALA E 231 50.70 -0.22 55.97
CA ALA E 231 51.65 0.85 55.64
C ALA E 231 51.55 2.01 56.64
N VAL E 232 50.33 2.33 57.07
CA VAL E 232 50.11 3.39 58.06
C VAL E 232 50.72 2.94 59.40
N GLU E 233 50.54 1.69 59.77
CA GLU E 233 51.13 1.24 61.04
C GLU E 233 52.69 1.26 61.00
N LEU E 234 53.27 0.94 59.84
CA LEU E 234 54.73 1.04 59.68
C LEU E 234 55.17 2.51 59.84
N ALA E 235 54.49 3.41 59.12
CA ALA E 235 54.79 4.85 59.21
C ALA E 235 54.76 5.35 60.66
N GLN E 236 53.72 4.98 61.42
CA GLN E 236 53.59 5.35 62.82
C GLN E 236 54.76 4.85 63.66
N LYS E 237 55.13 3.59 63.51
CA LYS E 237 56.26 3.03 64.24
C LYS E 237 57.58 3.73 63.93
N LEU E 238 57.76 4.22 62.69
CA LEU E 238 59.01 4.85 62.31
C LEU E 238 58.95 6.36 62.30
N ASN E 239 57.80 6.93 62.63
CA ASN E 239 57.62 8.38 62.59
C ASN E 239 57.81 8.99 61.21
N LEU E 240 57.30 8.31 60.18
CA LEU E 240 57.22 8.88 58.88
C LEU E 240 55.88 9.56 58.75
N GLU E 241 55.83 10.58 57.90
CA GLU E 241 54.58 11.21 57.54
C GLU E 241 53.86 10.21 56.67
N TYR E 242 52.53 10.18 56.74
CA TYR E 242 51.77 9.27 55.89
C TYR E 242 50.46 9.92 55.49
N LYS E 243 49.98 9.51 54.32
CA LYS E 243 48.71 9.90 53.80
C LYS E 243 48.21 8.74 52.95
N ILE E 244 46.97 8.32 53.18
CA ILE E 244 46.30 7.32 52.33
C ILE E 244 45.18 8.02 51.59
N LEU E 245 45.19 7.95 50.24
CA LEU E 245 44.14 8.60 49.45
C LEU E 245 43.10 7.56 49.10
N GLY E 246 41.83 7.89 49.38
CA GLY E 246 40.71 7.00 49.08
C GLY E 246 39.97 7.46 47.83
N VAL E 247 38.88 6.78 47.51
CA VAL E 247 38.23 6.91 46.20
C VAL E 247 37.79 8.34 45.83
N LYS E 248 37.22 9.05 46.78
CA LYS E 248 36.80 10.45 46.55
C LYS E 248 37.97 11.38 46.21
N GLU E 249 39.08 11.29 46.94
CA GLU E 249 40.26 12.11 46.58
C GLU E 249 40.81 11.72 45.21
N LEU E 250 40.89 10.42 44.97
CA LEU E 250 41.37 9.87 43.70
C LEU E 250 40.54 10.35 42.52
N GLU E 251 39.22 10.43 42.71
CA GLU E 251 38.29 10.97 41.68
C GLU E 251 38.55 12.45 41.39
N GLU E 252 38.69 13.23 42.47
CA GLU E 252 39.12 14.63 42.45
C GLU E 252 40.42 14.82 41.69
N LEU E 253 41.42 13.98 41.95
CA LEU E 253 42.68 14.03 41.20
C LEU E 253 42.58 13.43 39.78
N LYS E 254 41.41 12.92 39.42
CA LYS E 254 41.14 12.42 38.07
C LYS E 254 42.03 11.25 37.67
N MET E 255 42.35 10.40 38.65
CA MET E 255 43.11 9.19 38.40
C MET E 255 42.26 8.08 37.75
N GLY E 256 41.78 8.34 36.52
CA GLY E 256 40.94 7.43 35.77
C GLY E 256 41.58 6.13 35.34
N ALA E 257 42.91 6.07 35.15
CA ALA E 257 43.54 4.85 34.67
C ALA E 257 43.61 3.89 35.87
N TYR E 258 44.09 4.40 36.99
CA TYR E 258 44.15 3.67 38.26
C TYR E 258 42.77 3.27 38.78
N LEU E 259 41.83 4.20 38.83
CA LEU E 259 40.49 3.82 39.28
C LEU E 259 39.79 2.76 38.39
N SER E 260 40.04 2.77 37.08
CA SER E 260 39.43 1.79 36.15
C SER E 260 39.85 0.38 36.51
N VAL E 261 41.11 0.20 36.88
CA VAL E 261 41.62 -1.12 37.23
C VAL E 261 40.86 -1.72 38.44
N GLY E 262 40.53 -0.87 39.41
CA GLY E 262 39.92 -1.29 40.68
C GLY E 262 38.41 -1.37 40.64
N LYS E 263 37.78 -0.95 39.55
CA LYS E 263 36.33 -0.92 39.48
C LYS E 263 35.65 -2.25 39.79
N GLY E 264 36.28 -3.34 39.38
CA GLY E 264 35.72 -4.64 39.60
C GLY E 264 35.96 -5.26 40.96
N SER E 265 36.69 -4.60 41.86
CA SER E 265 37.01 -5.18 43.19
C SER E 265 35.94 -4.83 44.24
N MET E 266 35.73 -5.67 45.25
CA MET E 266 34.94 -5.27 46.44
C MET E 266 35.78 -4.37 47.40
N TYR E 267 37.10 -4.30 47.21
CA TYR E 267 37.94 -3.41 48.03
C TYR E 267 38.14 -2.04 47.35
N PRO E 268 37.85 -0.94 48.06
CA PRO E 268 38.09 0.37 47.47
C PRO E 268 39.59 0.57 47.25
N ASN E 269 39.95 1.30 46.20
CA ASN E 269 41.37 1.64 45.92
C ASN E 269 41.89 2.44 47.07
N LYS E 270 43.20 2.33 47.35
CA LYS E 270 43.85 3.09 48.42
C LYS E 270 45.23 3.45 47.88
N PHE E 271 45.55 4.76 47.90
CA PHE E 271 46.82 5.19 47.36
C PHE E 271 47.72 5.49 48.56
N ILE E 272 48.84 4.77 48.68
CA ILE E 272 49.77 4.97 49.79
C ILE E 272 50.81 6.05 49.47
N HIS E 273 51.00 7.00 50.40
CA HIS E 273 52.03 8.02 50.30
C HIS E 273 52.66 8.23 51.68
N LEU E 274 53.83 7.62 51.89
CA LEU E 274 54.69 7.82 53.04
C LEU E 274 55.82 8.75 52.66
N THR E 275 56.27 9.55 53.62
CA THR E 275 57.39 10.44 53.37
C THR E 275 58.41 10.35 54.49
N TYR E 276 59.67 10.15 54.09
CA TYR E 276 60.80 10.37 55.00
C TYR E 276 61.45 11.71 54.69
N LYS E 277 61.70 12.53 55.72
CA LYS E 277 62.46 13.76 55.48
C LYS E 277 63.58 13.90 56.48
N SER E 278 64.79 14.09 56.00
CA SER E 278 65.94 14.29 56.90
C SER E 278 65.79 15.55 57.73
N LYS E 279 66.46 15.52 58.89
CA LYS E 279 66.61 16.67 59.77
C LYS E 279 67.21 17.88 59.03
N GLY E 280 68.49 18.07 58.82
CA GLY E 280 68.93 19.34 58.15
C GLY E 280 68.37 19.79 56.78
N ASP E 281 69.27 20.15 55.87
CA ASP E 281 68.84 20.57 54.55
C ASP E 281 68.54 19.37 53.64
N VAL E 282 67.44 19.42 52.92
CA VAL E 282 67.15 18.38 51.94
C VAL E 282 67.85 18.77 50.64
N LYS E 283 68.75 17.93 50.16
CA LYS E 283 69.50 18.24 48.94
C LYS E 283 69.05 17.44 47.69
N LYS E 284 68.38 16.31 47.94
CA LYS E 284 67.84 15.44 46.90
C LYS E 284 66.43 14.99 47.31
N LYS E 285 65.50 15.02 46.36
CA LYS E 285 64.16 14.52 46.58
C LYS E 285 63.94 13.35 45.63
N ILE E 286 63.49 12.22 46.17
CA ILE E 286 63.27 10.96 45.43
C ILE E 286 61.83 10.43 45.65
N ALA E 287 61.19 9.96 44.58
CA ALA E 287 59.92 9.24 44.69
C ALA E 287 60.19 7.78 44.27
N LEU E 288 59.89 6.84 45.16
CA LEU E 288 59.92 5.41 44.85
C LEU E 288 58.47 4.92 44.71
N VAL E 289 58.15 4.34 43.54
CA VAL E 289 56.78 4.00 43.17
C VAL E 289 56.73 2.48 42.99
N GLY E 290 55.87 1.79 43.72
CA GLY E 290 55.78 0.33 43.59
C GLY E 290 54.44 -0.08 43.07
N LYS E 291 54.43 -1.07 42.18
CA LYS E 291 53.17 -1.63 41.65
C LYS E 291 52.51 -2.37 42.79
N GLY E 292 51.22 -2.07 43.00
CA GLY E 292 50.54 -2.59 44.17
C GLY E 292 49.25 -3.29 43.84
N ILE E 293 49.29 -4.33 43.02
CA ILE E 293 48.06 -5.04 42.66
C ILE E 293 47.98 -6.20 43.62
N THR E 294 46.98 -6.22 44.51
CA THR E 294 46.97 -7.25 45.58
C THR E 294 46.58 -8.66 45.09
N PHE E 295 45.86 -8.72 43.99
CA PHE E 295 45.57 -9.95 43.27
C PHE E 295 45.33 -9.58 41.80
N ASP E 296 46.10 -10.19 40.91
CA ASP E 296 45.91 -9.95 39.51
C ASP E 296 45.21 -11.17 38.85
N SER E 297 43.88 -11.17 38.76
CA SER E 297 43.20 -12.25 38.04
C SER E 297 43.39 -12.12 36.50
N GLY E 298 43.77 -10.93 36.04
CA GLY E 298 43.83 -10.57 34.61
C GLY E 298 42.58 -9.79 34.21
N GLY E 299 41.54 -9.83 35.03
CA GLY E 299 40.28 -9.18 34.66
C GLY E 299 39.59 -9.94 33.54
N TYR E 300 38.81 -9.25 32.68
CA TYR E 300 38.09 -9.96 31.62
C TYR E 300 39.04 -10.72 30.67
N ASN E 301 40.26 -10.21 30.53
CA ASN E 301 41.35 -11.00 29.94
C ASN E 301 41.92 -11.94 31.00
N LEU E 302 41.09 -12.87 31.43
CA LEU E 302 41.43 -13.75 32.56
C LEU E 302 42.71 -14.55 32.35
N LYS E 303 43.49 -14.80 33.42
CA LYS E 303 44.70 -15.58 33.33
C LYS E 303 44.30 -17.05 33.30
N ALA E 304 43.89 -17.48 32.13
CA ALA E 304 43.42 -18.82 31.92
C ALA E 304 44.33 -19.60 30.96
N ALA E 305 45.31 -18.96 30.32
CA ALA E 305 46.19 -19.70 29.40
C ALA E 305 47.23 -20.53 30.17
N PRO E 306 47.61 -21.71 29.64
CA PRO E 306 48.63 -22.57 30.30
C PRO E 306 49.88 -21.76 30.61
N GLY E 307 50.43 -21.87 31.81
CA GLY E 307 51.62 -21.09 32.23
C GLY E 307 51.40 -19.63 32.68
N SER E 308 50.15 -19.19 32.79
CA SER E 308 49.87 -17.82 33.21
C SER E 308 49.86 -17.65 34.75
N MET E 309 49.98 -18.74 35.50
CA MET E 309 50.35 -18.67 36.93
C MET E 309 49.37 -17.84 37.78
N ILE E 310 48.07 -17.96 37.50
CA ILE E 310 47.10 -17.22 38.28
C ILE E 310 47.24 -17.51 39.79
N ASP E 311 47.62 -18.72 40.15
CA ASP E 311 47.74 -19.06 41.57
C ASP E 311 48.85 -18.32 42.33
N LEU E 312 49.74 -17.66 41.61
CA LEU E 312 50.86 -16.95 42.22
C LEU E 312 50.54 -15.46 42.33
N MET E 313 49.37 -15.05 41.82
CA MET E 313 49.14 -13.60 41.59
C MET E 313 48.92 -12.71 42.82
N LYS E 314 48.86 -13.30 44.00
CA LYS E 314 49.04 -12.49 45.24
C LYS E 314 50.38 -11.70 45.24
N PHE E 315 51.37 -12.15 44.46
CA PHE E 315 52.72 -11.52 44.51
C PHE E 315 52.80 -10.27 43.65
N ASP E 316 51.68 -9.85 43.05
CA ASP E 316 51.69 -8.71 42.12
C ASP E 316 51.76 -7.32 42.84
N MET E 317 51.88 -7.38 44.16
CA MET E 317 52.15 -6.17 44.97
C MET E 317 53.58 -6.16 45.48
N SER E 318 54.41 -7.03 44.89
CA SER E 318 55.87 -7.12 45.23
C SER E 318 56.59 -5.79 45.13
N GLY E 319 56.20 -4.96 44.16
CA GLY E 319 56.87 -3.68 43.97
C GLY E 319 56.52 -2.75 45.14
N CYS E 320 55.23 -2.71 45.48
CA CYS E 320 54.79 -2.00 46.66
C CYS E 320 55.51 -2.52 47.93
N ALA E 321 55.60 -3.84 48.08
CA ALA E 321 56.27 -4.39 49.27
C ALA E 321 57.77 -3.98 49.35
N ALA E 322 58.45 -3.99 48.20
CA ALA E 322 59.82 -3.55 48.12
C ALA E 322 59.94 -2.09 48.57
N VAL E 323 59.01 -1.25 48.10
CA VAL E 323 58.98 0.14 48.50
C VAL E 323 58.78 0.32 50.02
N LEU E 324 57.85 -0.44 50.60
CA LEU E 324 57.64 -0.39 52.06
C LEU E 324 58.82 -0.98 52.86
N GLY E 325 59.41 -2.04 52.35
CA GLY E 325 60.59 -2.59 53.04
C GLY E 325 61.71 -1.56 53.00
N CYS E 326 61.82 -0.83 51.87
CA CYS E 326 62.78 0.29 51.77
C CYS E 326 62.42 1.39 52.79
N ALA E 327 61.13 1.72 52.90
CA ALA E 327 60.74 2.71 53.94
C ALA E 327 61.16 2.27 55.35
N TYR E 328 61.08 0.96 55.66
CA TYR E 328 61.53 0.52 56.99
C TYR E 328 63.04 0.80 57.11
N CYS E 329 63.83 0.40 56.10
CA CYS E 329 65.29 0.58 56.20
C CYS E 329 65.67 2.07 56.32
N VAL E 330 65.04 2.91 55.50
CA VAL E 330 65.42 4.33 55.55
C VAL E 330 64.92 5.03 56.81
N GLY E 331 63.71 4.68 57.23
CA GLY E 331 63.23 5.18 58.51
C GLY E 331 64.07 4.76 59.68
N THR E 332 64.71 3.58 59.58
CA THR E 332 65.58 3.09 60.66
C THR E 332 66.98 3.73 60.60
N LEU E 333 67.56 3.80 59.40
CA LEU E 333 68.96 4.22 59.25
C LEU E 333 69.09 5.76 59.16
N LYS E 334 67.98 6.42 58.81
CA LYS E 334 67.88 7.87 58.74
C LYS E 334 69.01 8.55 57.96
N PRO E 335 69.07 8.33 56.64
CA PRO E 335 70.02 9.09 55.79
C PRO E 335 69.78 10.59 55.94
N GLU E 336 70.84 11.38 55.78
CA GLU E 336 70.72 12.84 55.91
C GLU E 336 70.55 13.45 54.55
N ASN E 337 70.02 14.67 54.50
CA ASN E 337 69.93 15.48 53.29
C ASN E 337 69.04 14.98 52.19
N VAL E 338 68.06 14.14 52.52
CA VAL E 338 67.18 13.59 51.49
C VAL E 338 65.77 13.69 51.94
N GLU E 339 64.89 13.77 50.96
CA GLU E 339 63.48 13.59 51.21
C GLU E 339 62.97 12.46 50.29
N ILE E 340 62.31 11.48 50.88
CA ILE E 340 61.91 10.28 50.11
C ILE E 340 60.41 10.05 50.21
N HIS E 341 59.73 9.95 49.05
CA HIS E 341 58.30 9.65 49.02
C HIS E 341 58.13 8.22 48.56
N PHE E 342 57.41 7.44 49.37
CA PHE E 342 57.20 6.06 49.08
C PHE E 342 55.74 5.90 48.64
N LEU E 343 55.51 5.48 47.40
CA LEU E 343 54.19 5.61 46.80
C LEU E 343 53.73 4.26 46.22
N SER E 344 52.41 4.00 46.29
CA SER E 344 51.84 2.87 45.60
C SER E 344 50.36 3.05 45.39
N ALA E 345 49.93 2.93 44.13
CA ALA E 345 48.48 2.98 43.83
C ALA E 345 47.95 1.55 44.00
N VAL E 346 47.42 1.24 45.20
CA VAL E 346 47.03 -0.12 45.56
C VAL E 346 45.58 -0.41 45.11
N CYS E 347 45.38 -1.55 44.48
CA CYS E 347 44.07 -2.03 44.09
C CYS E 347 44.12 -3.52 43.77
N GLU E 348 42.97 -4.08 43.41
CA GLU E 348 42.90 -5.51 43.03
C GLU E 348 42.24 -5.61 41.63
N ASN E 349 42.69 -6.53 40.75
CA ASN E 349 42.19 -6.64 39.34
C ASN E 349 41.27 -7.87 39.15
N MET E 350 39.97 -7.63 39.16
CA MET E 350 38.97 -8.70 39.35
C MET E 350 37.92 -8.75 38.25
N VAL E 351 37.11 -9.82 38.24
CA VAL E 351 36.06 -10.04 37.21
C VAL E 351 34.72 -9.87 37.91
N SER E 352 33.90 -8.98 37.38
CA SER E 352 32.70 -8.52 38.05
C SER E 352 31.79 -7.86 36.98
N LYS E 353 30.49 -7.70 37.25
CA LYS E 353 29.72 -6.82 36.40
C LYS E 353 30.29 -5.40 36.37
N ASN E 354 31.08 -5.04 37.38
CA ASN E 354 31.55 -3.65 37.55
C ASN E 354 32.91 -3.37 36.93
N SER E 355 33.53 -4.41 36.37
CA SER E 355 34.92 -4.33 35.89
C SER E 355 35.05 -3.46 34.63
N TYR E 356 36.22 -2.86 34.45
CA TYR E 356 36.58 -2.31 33.13
C TYR E 356 36.72 -3.44 32.11
N ARG E 357 36.49 -3.09 30.85
CA ARG E 357 36.52 -4.08 29.79
C ARG E 357 37.62 -3.81 28.77
N PRO E 358 38.06 -4.85 28.04
CA PRO E 358 38.94 -4.66 26.88
C PRO E 358 38.23 -3.72 25.88
N GLY E 359 38.96 -2.76 25.30
CA GLY E 359 38.32 -1.76 24.43
C GLY E 359 37.96 -0.48 25.14
N ASP E 360 37.76 -0.51 26.46
CA ASP E 360 37.38 0.71 27.19
C ASP E 360 38.40 1.83 26.91
N ILE E 361 37.92 3.08 26.78
CA ILE E 361 38.85 4.20 26.73
C ILE E 361 38.70 4.95 28.04
N ILE E 362 39.85 5.19 28.66
CA ILE E 362 39.90 5.78 30.00
C ILE E 362 40.85 6.97 30.00
N THR E 363 40.70 7.85 30.99
CA THR E 363 41.47 9.11 31.00
C THR E 363 42.36 9.22 32.21
N ALA E 364 43.67 9.31 31.98
CA ALA E 364 44.63 9.38 33.06
C ALA E 364 44.66 10.78 33.67
N SER E 365 45.31 10.91 34.83
CA SER E 365 45.25 12.19 35.56
C SER E 365 45.99 13.32 34.86
N ASN E 366 46.80 13.01 33.83
CA ASN E 366 47.39 14.08 33.03
C ASN E 366 46.57 14.41 31.79
N GLY E 367 45.36 13.91 31.73
CA GLY E 367 44.51 14.18 30.60
C GLY E 367 44.68 13.24 29.42
N LYS E 368 45.61 12.28 29.46
CA LYS E 368 45.80 11.37 28.30
C LYS E 368 44.72 10.33 28.24
N THR E 369 44.07 10.19 27.10
CA THR E 369 43.12 9.10 26.91
C THR E 369 43.84 7.83 26.44
N ILE E 370 43.44 6.72 27.06
CA ILE E 370 44.14 5.46 26.86
C ILE E 370 43.13 4.41 26.41
N GLU E 371 43.41 3.73 25.30
CA GLU E 371 42.56 2.62 24.88
C GLU E 371 43.08 1.32 25.52
N VAL E 372 42.22 0.67 26.28
CA VAL E 372 42.55 -0.61 26.90
C VAL E 372 42.53 -1.74 25.87
N GLY E 373 43.68 -2.37 25.60
CA GLY E 373 43.73 -3.51 24.69
C GLY E 373 43.65 -4.83 25.43
N ASN E 374 44.02 -4.84 26.70
CA ASN E 374 44.05 -6.10 27.48
C ASN E 374 43.96 -5.75 28.97
N THR E 375 42.88 -6.18 29.61
CA THR E 375 42.72 -5.85 31.03
C THR E 375 43.77 -6.44 31.98
N ASP E 376 44.52 -7.41 31.46
CA ASP E 376 45.64 -7.99 32.17
C ASP E 376 46.94 -7.13 32.05
N ALA E 377 46.90 -6.03 31.28
CA ALA E 377 48.01 -5.04 31.35
C ALA E 377 47.64 -3.89 32.28
N GLU E 378 47.22 -4.26 33.50
CA GLU E 378 46.67 -3.28 34.43
C GLU E 378 47.77 -2.55 35.21
N GLY E 379 48.94 -3.14 35.34
CA GLY E 379 49.97 -2.55 36.21
C GLY E 379 50.42 -1.22 35.62
N ARG E 380 50.58 -1.19 34.31
CA ARG E 380 51.02 0.05 33.67
C ARG E 380 50.00 1.16 33.79
N LEU E 381 48.70 0.82 33.85
CA LEU E 381 47.68 1.85 34.08
C LEU E 381 47.72 2.47 35.47
N THR E 382 47.89 1.63 36.46
CA THR E 382 47.98 2.17 37.82
C THR E 382 49.26 2.98 37.96
N LEU E 383 50.35 2.47 37.37
CA LEU E 383 51.62 3.18 37.46
C LEU E 383 51.56 4.51 36.69
N ALA E 384 50.79 4.57 35.61
CA ALA E 384 50.65 5.84 34.87
C ALA E 384 50.23 6.97 35.80
N ASP E 385 49.13 6.75 36.53
CA ASP E 385 48.60 7.75 37.43
C ASP E 385 49.53 7.96 38.62
N ALA E 386 50.20 6.90 39.08
CA ALA E 386 51.16 7.08 40.19
C ALA E 386 52.36 7.94 39.75
N LEU E 387 52.76 7.78 38.47
CA LEU E 387 53.93 8.51 37.94
C LEU E 387 53.58 9.99 37.80
N VAL E 388 52.37 10.29 37.32
CA VAL E 388 51.89 11.68 37.21
C VAL E 388 51.88 12.34 38.57
N TYR E 389 51.37 11.62 39.57
CA TYR E 389 51.39 12.08 40.98
C TYR E 389 52.82 12.28 41.49
N ALA E 390 53.70 11.32 41.23
CA ALA E 390 55.11 11.46 41.65
C ALA E 390 55.73 12.72 41.05
N GLU E 391 55.56 12.90 39.74
CA GLU E 391 56.17 14.07 39.09
C GLU E 391 55.65 15.40 39.69
N LYS E 392 54.35 15.46 40.04
CA LYS E 392 53.80 16.66 40.67
C LYS E 392 54.47 17.01 41.99
N LEU E 393 55.09 16.04 42.66
CA LEU E 393 55.84 16.32 43.89
C LEU E 393 57.08 17.18 43.68
N GLY E 394 57.56 17.29 42.44
CA GLY E 394 58.80 18.01 42.13
C GLY E 394 60.04 17.32 42.68
N VAL E 395 60.26 16.06 42.32
CA VAL E 395 61.43 15.32 42.80
C VAL E 395 62.57 15.32 41.77
N ASP E 396 63.77 14.94 42.22
CA ASP E 396 64.93 14.82 41.35
C ASP E 396 64.93 13.51 40.58
N TYR E 397 64.51 12.42 41.25
CA TYR E 397 64.42 11.08 40.67
C TYR E 397 63.09 10.40 40.97
N ILE E 398 62.54 9.72 39.98
CA ILE E 398 61.41 8.77 40.17
C ILE E 398 61.97 7.42 39.74
N VAL E 399 61.83 6.43 40.60
CA VAL E 399 62.16 5.07 40.30
C VAL E 399 60.94 4.27 40.61
N ASP E 400 60.41 3.50 39.64
CA ASP E 400 59.36 2.57 39.94
C ASP E 400 59.89 1.13 39.90
N ILE E 401 59.24 0.28 40.67
CA ILE E 401 59.58 -1.12 40.73
C ILE E 401 58.26 -1.90 40.63
N ALA E 402 58.24 -2.93 39.79
CA ALA E 402 56.96 -3.52 39.36
C ALA E 402 57.13 -4.92 38.78
N THR E 403 56.22 -5.85 39.15
CA THR E 403 56.09 -7.19 38.52
C THR E 403 55.25 -7.03 37.23
N LEU E 404 55.81 -6.36 36.23
CA LEU E 404 55.00 -5.80 35.16
C LEU E 404 54.78 -6.72 33.97
N THR E 405 55.80 -7.47 33.52
CA THR E 405 55.66 -8.28 32.31
C THR E 405 56.24 -9.68 32.43
N GLY E 406 55.43 -10.66 32.06
CA GLY E 406 55.86 -12.07 32.09
C GLY E 406 57.02 -12.31 31.13
N ALA E 407 57.14 -11.47 30.12
CA ALA E 407 58.25 -11.59 29.17
C ALA E 407 59.67 -11.57 29.79
N MET E 408 59.79 -10.96 30.99
CA MET E 408 61.07 -10.93 31.73
C MET E 408 61.67 -12.33 31.97
N LEU E 409 60.78 -13.31 32.13
CA LEU E 409 61.22 -14.72 32.32
C LEU E 409 61.96 -15.26 31.08
N TYR E 410 61.60 -14.73 29.91
CA TYR E 410 62.21 -15.07 28.63
C TYR E 410 63.45 -14.26 28.27
N SER E 411 63.65 -13.09 28.89
CA SER E 411 64.77 -12.24 28.58
C SER E 411 65.91 -12.33 29.61
N LEU E 412 65.67 -11.98 30.86
CA LEU E 412 66.69 -12.14 31.92
C LEU E 412 66.48 -13.40 32.75
N GLY E 413 65.23 -13.88 32.81
CA GLY E 413 64.95 -15.07 33.61
C GLY E 413 64.67 -14.73 35.05
N THR E 414 65.00 -15.66 35.92
CA THR E 414 64.65 -15.58 37.35
C THR E 414 65.73 -14.92 38.26
N SER E 415 66.93 -14.65 37.73
CA SER E 415 68.06 -14.12 38.54
C SER E 415 68.23 -12.60 38.52
N TYR E 416 68.13 -11.95 37.34
CA TYR E 416 68.43 -10.52 37.17
C TYR E 416 67.16 -9.79 36.79
N ALA E 417 66.89 -8.64 37.42
CA ALA E 417 65.76 -7.80 37.05
C ALA E 417 66.26 -6.91 35.88
N GLY E 418 65.33 -6.36 35.12
CA GLY E 418 65.66 -5.48 34.05
C GLY E 418 65.41 -4.04 34.53
N VAL E 419 66.26 -3.11 34.13
CA VAL E 419 66.01 -1.72 34.41
C VAL E 419 65.95 -0.93 33.07
N PHE E 420 64.97 -0.04 32.95
CA PHE E 420 64.74 0.77 31.76
C PHE E 420 64.72 2.20 32.32
N GLY E 421 65.05 3.21 31.53
CA GLY E 421 64.81 4.59 32.01
C GLY E 421 65.05 5.61 30.92
N ASN E 422 64.74 6.86 31.23
CA ASN E 422 64.94 8.02 30.31
C ASN E 422 66.25 8.80 30.62
N ASN E 423 67.12 8.28 31.50
CA ASN E 423 68.25 9.09 31.99
C ASN E 423 69.40 8.20 32.37
N GLU E 424 70.51 8.29 31.64
CA GLU E 424 71.61 7.35 31.83
C GLU E 424 72.32 7.54 33.19
N GLU E 425 72.41 8.77 33.68
CA GLU E 425 73.04 8.92 35.01
C GLU E 425 72.27 8.17 36.10
N LEU E 426 70.94 8.27 36.04
CA LEU E 426 70.06 7.59 36.99
C LEU E 426 70.19 6.08 36.85
N ILE E 427 70.13 5.60 35.60
CA ILE E 427 70.39 4.17 35.32
C ILE E 427 71.74 3.69 35.94
N ASN E 428 72.82 4.42 35.70
CA ASN E 428 74.12 4.03 36.31
C ASN E 428 74.10 4.00 37.84
N LYS E 429 73.38 4.94 38.47
CA LYS E 429 73.15 4.89 39.94
C LYS E 429 72.43 3.64 40.38
N ILE E 430 71.41 3.24 39.64
CA ILE E 430 70.68 1.99 39.92
C ILE E 430 71.64 0.79 39.80
N LEU E 431 72.45 0.77 38.74
CA LEU E 431 73.39 -0.31 38.52
C LEU E 431 74.46 -0.37 39.61
N GLN E 432 74.94 0.78 40.07
CA GLN E 432 75.86 0.82 41.20
C GLN E 432 75.20 0.26 42.49
N SER E 433 73.94 0.66 42.74
CA SER E 433 73.19 0.12 43.86
C SER E 433 72.95 -1.37 43.71
N SER E 434 72.79 -1.84 42.47
CA SER E 434 72.73 -3.29 42.21
C SER E 434 74.04 -3.96 42.65
N LYS E 435 75.17 -3.31 42.36
CA LYS E 435 76.48 -3.85 42.71
C LYS E 435 76.67 -3.97 44.21
N THR E 436 76.37 -2.88 44.93
CA THR E 436 76.60 -2.84 46.36
C THR E 436 75.53 -3.56 47.20
N SER E 437 74.29 -3.68 46.71
CA SER E 437 73.28 -4.46 47.42
C SER E 437 73.38 -5.97 47.13
N ASN E 438 74.12 -6.32 46.08
CA ASN E 438 74.19 -7.70 45.54
C ASN E 438 72.82 -8.22 45.11
N GLU E 439 71.93 -7.33 44.70
CA GLU E 439 70.66 -7.68 44.03
C GLU E 439 70.82 -7.35 42.51
N PRO E 440 70.96 -8.38 41.65
CA PRO E 440 71.38 -8.14 40.24
C PRO E 440 70.34 -7.56 39.33
N VAL E 441 70.75 -6.56 38.56
CA VAL E 441 69.90 -5.85 37.65
C VAL E 441 70.69 -5.71 36.35
N TRP E 442 69.99 -5.70 35.22
CA TRP E 442 70.65 -5.47 33.94
C TRP E 442 69.92 -4.39 33.17
N TRP E 443 70.67 -3.48 32.59
CA TRP E 443 70.08 -2.41 31.79
C TRP E 443 69.58 -2.90 30.42
N LEU E 444 68.30 -2.65 30.14
CA LEU E 444 67.61 -3.02 28.91
C LEU E 444 67.10 -1.74 28.23
N PRO E 445 67.03 -1.72 26.88
CA PRO E 445 66.82 -0.45 26.18
C PRO E 445 65.36 -0.03 26.02
N ILE E 446 65.08 1.28 25.91
CA ILE E 446 63.76 1.70 25.55
C ILE E 446 63.87 2.06 24.07
N ILE E 447 63.38 1.17 23.22
CA ILE E 447 63.61 1.27 21.76
C ILE E 447 62.49 2.07 21.13
N ASN E 448 62.81 3.32 20.78
CA ASN E 448 61.82 4.29 20.30
C ASN E 448 61.13 3.90 18.99
N GLU E 449 61.81 3.10 18.18
CA GLU E 449 61.18 2.50 17.00
C GLU E 449 59.85 1.79 17.28
N TYR E 450 59.63 1.27 18.49
CA TYR E 450 58.39 0.55 18.81
C TYR E 450 57.26 1.49 19.24
N ARG E 451 57.58 2.75 19.51
CA ARG E 451 56.59 3.70 20.00
C ARG E 451 55.34 3.83 19.10
N ALA E 452 55.56 3.79 17.79
CA ALA E 452 54.42 3.90 16.85
C ALA E 452 53.33 2.82 17.03
N THR E 453 53.73 1.66 17.55
CA THR E 453 52.79 0.57 17.79
C THR E 453 51.80 0.89 18.94
N LEU E 454 52.07 1.93 19.71
CA LEU E 454 51.12 2.45 20.70
C LEU E 454 50.22 3.59 20.21
N ASN E 455 50.27 3.93 18.93
CA ASN E 455 49.37 4.97 18.40
C ASN E 455 47.97 4.43 18.24
N SER E 456 47.04 4.81 19.10
CA SER E 456 45.65 4.32 19.00
C SER E 456 44.92 5.02 17.85
N LYS E 457 44.01 4.30 17.20
CA LYS E 457 43.13 4.90 16.20
C LYS E 457 42.16 5.95 16.83
N TYR E 458 41.77 5.72 18.09
CA TYR E 458 40.71 6.54 18.72
C TYR E 458 41.14 7.40 19.88
N ALA E 459 41.92 6.80 20.79
CA ALA E 459 42.42 7.47 22.00
C ALA E 459 43.78 8.12 21.73
N ASP E 460 44.30 8.86 22.71
CA ASP E 460 45.63 9.45 22.58
C ASP E 460 46.69 8.34 22.44
N ILE E 461 46.50 7.22 23.11
CA ILE E 461 47.55 6.19 23.14
C ILE E 461 46.92 4.83 23.46
N ASN E 462 47.56 3.76 22.95
CA ASN E 462 47.19 2.41 23.33
C ASN E 462 47.93 1.99 24.58
N GLN E 463 47.25 1.18 25.37
CA GLN E 463 47.83 0.53 26.54
C GLN E 463 48.87 -0.55 26.11
N ILE E 464 48.56 -1.31 25.06
CA ILE E 464 49.43 -2.40 24.59
C ILE E 464 49.71 -2.29 23.09
N SER E 465 50.76 -2.96 22.66
CA SER E 465 51.03 -3.10 21.25
C SER E 465 50.12 -4.24 20.75
N SER E 466 49.65 -4.19 19.53
CA SER E 466 49.10 -5.44 19.00
C SER E 466 50.30 -6.24 18.42
N SER E 467 51.19 -5.55 17.66
CA SER E 467 52.29 -6.25 16.93
C SER E 467 53.55 -6.65 17.75
N VAL E 468 54.18 -5.70 18.44
CA VAL E 468 55.46 -5.99 19.11
C VAL E 468 55.34 -7.01 20.26
N LYS E 469 56.08 -8.13 20.15
CA LYS E 469 56.21 -9.12 21.24
C LYS E 469 57.22 -8.70 22.33
N ALA E 470 58.03 -7.66 22.08
CA ALA E 470 58.97 -7.17 23.13
C ALA E 470 58.17 -6.40 24.20
N SER E 471 57.37 -7.13 24.98
CA SER E 471 56.41 -6.44 25.80
C SER E 471 57.01 -5.67 26.99
N SER E 472 58.15 -6.11 27.52
CA SER E 472 58.80 -5.30 28.60
C SER E 472 59.26 -3.92 28.06
N ILE E 473 59.77 -3.89 26.83
CA ILE E 473 60.14 -2.64 26.20
C ILE E 473 58.91 -1.81 25.90
N VAL E 474 57.88 -2.44 25.36
CA VAL E 474 56.66 -1.66 25.03
C VAL E 474 56.04 -1.09 26.32
N ALA E 475 56.06 -1.88 27.40
CA ALA E 475 55.56 -1.39 28.69
C ALA E 475 56.35 -0.13 29.11
N SER E 476 57.69 -0.19 29.00
CA SER E 476 58.52 0.97 29.35
C SER E 476 58.20 2.24 28.53
N LEU E 477 57.96 2.04 27.23
CA LEU E 477 57.55 3.11 26.33
C LEU E 477 56.24 3.72 26.80
N PHE E 478 55.31 2.86 27.23
CA PHE E 478 54.03 3.34 27.75
C PHE E 478 54.24 4.21 29.01
N LEU E 479 54.93 3.68 30.03
CA LEU E 479 55.23 4.44 31.28
C LEU E 479 55.93 5.77 31.01
N LYS E 480 56.90 5.76 30.08
CA LYS E 480 57.65 6.96 29.72
C LYS E 480 56.76 8.14 29.30
N GLU E 481 55.59 7.84 28.74
CA GLU E 481 54.63 8.87 28.33
C GLU E 481 54.06 9.62 29.54
N PHE E 482 54.26 9.07 30.73
CA PHE E 482 53.70 9.66 31.95
C PHE E 482 54.69 10.43 32.82
N VAL E 483 55.93 10.54 32.34
CA VAL E 483 56.96 11.33 32.99
C VAL E 483 57.44 12.39 31.98
N GLN E 484 57.19 13.66 32.28
CA GLN E 484 57.47 14.71 31.27
C GLN E 484 58.85 15.28 31.34
N ASN E 485 59.37 15.55 32.53
CA ASN E 485 60.63 16.23 32.54
C ASN E 485 61.41 15.96 33.82
N THR E 486 61.44 14.69 34.23
CA THR E 486 62.13 14.26 35.44
C THR E 486 62.88 12.95 35.12
N ALA E 487 64.11 12.82 35.61
CA ALA E 487 64.87 11.58 35.55
C ALA E 487 64.07 10.42 36.15
N TRP E 488 63.84 9.40 35.35
CA TRP E 488 63.02 8.24 35.72
C TRP E 488 63.61 6.92 35.25
N ALA E 489 63.52 5.91 36.12
CA ALA E 489 63.94 4.57 35.81
C ALA E 489 62.83 3.65 36.32
N HIS E 490 62.73 2.48 35.67
CA HIS E 490 61.66 1.49 35.84
C HIS E 490 62.37 0.14 36.02
N ILE E 491 62.11 -0.56 37.12
CA ILE E 491 62.74 -1.86 37.37
C ILE E 491 61.66 -2.94 37.26
N ASP E 492 61.75 -3.81 36.25
CA ASP E 492 60.77 -4.89 36.07
C ASP E 492 61.24 -6.13 36.80
N ILE E 493 60.50 -6.51 37.84
CA ILE E 493 60.89 -7.59 38.77
C ILE E 493 59.97 -8.81 38.64
N ALA E 494 59.18 -8.81 37.57
CA ALA E 494 58.33 -9.96 37.24
C ALA E 494 59.04 -11.31 37.27
N GLY E 495 60.28 -11.39 36.81
CA GLY E 495 61.00 -12.68 36.80
C GLY E 495 61.69 -13.01 38.10
N VAL E 496 62.11 -11.98 38.84
CA VAL E 496 62.98 -12.22 39.97
C VAL E 496 62.30 -12.26 41.30
N SER E 497 61.07 -11.74 41.38
CA SER E 497 60.44 -11.53 42.67
C SER E 497 60.10 -12.78 43.47
N TRP E 498 59.62 -13.82 42.79
CA TRP E 498 59.22 -14.99 43.50
C TRP E 498 60.29 -16.06 43.32
N ASN E 499 60.73 -16.67 44.42
CA ASN E 499 61.69 -17.80 44.36
C ASN E 499 60.89 -19.09 44.08
N PHE E 500 60.72 -19.43 42.80
CA PHE E 500 59.86 -20.58 42.41
C PHE E 500 60.32 -21.88 43.08
N LYS E 501 61.62 -22.06 43.17
CA LYS E 501 62.15 -23.35 43.66
C LYS E 501 61.86 -23.49 45.15
N ALA E 502 62.12 -22.42 45.91
CA ALA E 502 61.90 -22.46 47.37
C ALA E 502 60.41 -22.20 47.79
N ARG E 503 59.55 -21.87 46.84
CA ARG E 503 58.11 -21.60 47.11
C ARG E 503 57.86 -20.41 48.06
N LYS E 504 58.65 -19.36 47.87
CA LYS E 504 58.57 -18.18 48.75
C LYS E 504 59.05 -16.91 48.05
N PRO E 505 58.71 -15.71 48.58
CA PRO E 505 59.25 -14.51 47.92
C PRO E 505 60.76 -14.35 48.19
N LYS E 506 61.41 -13.54 47.36
CA LYS E 506 62.76 -13.07 47.66
C LYS E 506 62.77 -11.72 48.42
N GLY E 507 61.70 -10.96 48.30
CA GLY E 507 61.67 -9.60 48.88
C GLY E 507 62.69 -8.76 48.09
N PHE E 508 62.75 -9.06 46.80
CA PHE E 508 63.70 -8.43 45.88
C PHE E 508 63.48 -6.92 45.81
N GLY E 509 64.57 -6.19 45.95
CA GLY E 509 64.54 -4.77 45.68
C GLY E 509 64.63 -3.87 46.87
N VAL E 510 64.28 -4.38 48.06
CA VAL E 510 64.43 -3.60 49.28
C VAL E 510 65.86 -3.04 49.47
N ARG E 511 66.84 -3.95 49.45
CA ARG E 511 68.26 -3.57 49.62
C ARG E 511 68.79 -2.71 48.46
N LEU E 512 68.37 -3.05 47.24
CA LEU E 512 68.72 -2.26 46.03
C LEU E 512 68.29 -0.80 46.19
N LEU E 513 67.02 -0.62 46.58
CA LEU E 513 66.46 0.73 46.68
C LEU E 513 67.08 1.47 47.88
N THR E 514 67.28 0.76 48.98
CA THR E 514 67.90 1.38 50.14
C THR E 514 69.33 1.76 49.83
N GLU E 515 70.11 0.87 49.21
CA GLU E 515 71.47 1.29 48.78
C GLU E 515 71.45 2.51 47.84
N PHE E 516 70.45 2.58 46.95
CA PHE E 516 70.28 3.73 46.07
C PHE E 516 70.11 5.04 46.87
N VAL E 517 69.20 5.03 47.85
CA VAL E 517 68.93 6.21 48.67
C VAL E 517 70.13 6.61 49.56
N LEU E 518 70.75 5.64 50.20
CA LEU E 518 71.81 5.93 51.12
C LEU E 518 73.04 6.44 50.43
N ASN E 519 73.35 5.87 49.29
CA ASN E 519 74.64 6.11 48.71
C ASN E 519 74.53 7.03 47.52
N SER F 3 17.02 7.49 30.45
CA SER F 3 17.30 7.22 31.90
C SER F 3 18.75 7.47 32.28
N GLU F 4 19.06 7.52 33.56
CA GLU F 4 20.42 7.88 33.97
C GLU F 4 21.32 6.65 33.83
N VAL F 5 22.54 6.82 33.34
CA VAL F 5 23.40 5.67 33.22
C VAL F 5 24.15 5.41 34.55
N PRO F 6 24.14 4.15 35.04
CA PRO F 6 24.83 3.90 36.31
C PRO F 6 26.32 4.02 36.11
N GLN F 7 26.99 4.44 37.17
CA GLN F 7 28.44 4.62 37.18
C GLN F 7 28.99 3.81 38.35
N VAL F 8 30.25 3.36 38.25
CA VAL F 8 30.96 2.75 39.38
C VAL F 8 31.79 3.86 40.04
N VAL F 9 32.56 4.60 39.24
CA VAL F 9 33.27 5.76 39.78
C VAL F 9 32.71 7.01 39.07
N SER F 10 32.92 8.17 39.67
CA SER F 10 32.41 9.43 39.11
C SER F 10 33.02 9.74 37.73
N LEU F 11 34.18 9.13 37.45
CA LEU F 11 34.85 9.26 36.18
C LEU F 11 34.21 8.44 35.05
N ASP F 12 33.29 7.53 35.37
CA ASP F 12 32.60 6.77 34.28
C ASP F 12 31.71 7.68 33.46
N PRO F 13 31.83 7.62 32.12
CA PRO F 13 31.05 8.46 31.20
C PRO F 13 29.57 8.13 31.29
N THR F 14 28.72 9.15 31.09
CA THR F 14 27.26 8.94 31.19
C THR F 14 26.51 9.14 29.85
N SER F 15 27.26 9.30 28.76
CA SER F 15 26.69 9.40 27.45
C SER F 15 27.73 9.08 26.38
N ILE F 16 27.27 8.64 25.23
CA ILE F 16 28.12 8.53 24.04
C ILE F 16 28.26 9.89 23.32
N PRO F 17 29.51 10.39 23.16
CA PRO F 17 29.68 11.60 22.36
C PRO F 17 29.32 11.30 20.90
N ILE F 18 28.53 12.17 20.28
CA ILE F 18 28.13 12.01 18.90
C ILE F 18 28.36 13.31 18.16
N GLU F 19 29.03 13.24 17.02
CA GLU F 19 29.04 14.39 16.15
C GLU F 19 27.98 14.26 15.08
N TYR F 20 27.13 15.28 15.03
CA TYR F 20 26.14 15.36 13.98
C TYR F 20 26.59 16.22 12.79
N ASN F 21 27.02 17.44 13.08
CA ASN F 21 27.58 18.35 12.07
C ASN F 21 29.05 18.05 11.82
N THR F 22 29.38 17.52 10.66
CA THR F 22 30.76 17.18 10.39
C THR F 22 31.32 18.08 9.27
N PRO F 23 32.66 18.14 9.16
CA PRO F 23 33.22 18.92 8.05
C PRO F 23 32.66 18.45 6.69
N ILE F 24 32.36 17.16 6.54
CA ILE F 24 31.76 16.68 5.28
C ILE F 24 30.52 17.49 4.86
N HIS F 25 29.67 17.84 5.83
CA HIS F 25 28.50 18.68 5.60
C HIS F 25 28.80 20.08 5.14
N ASP F 26 30.04 20.56 5.30
CA ASP F 26 30.41 21.91 4.79
C ASP F 26 30.99 21.92 3.38
N ILE F 27 31.11 20.76 2.76
CA ILE F 27 31.66 20.69 1.41
C ILE F 27 30.57 21.04 0.38
N LYS F 28 30.73 22.14 -0.34
CA LYS F 28 29.85 22.40 -1.49
C LYS F 28 30.24 21.52 -2.68
N VAL F 29 29.28 20.77 -3.20
CA VAL F 29 29.55 19.86 -4.32
C VAL F 29 28.93 20.38 -5.61
N GLN F 30 29.76 20.48 -6.66
CA GLN F 30 29.31 20.81 -8.03
C GLN F 30 29.78 19.76 -9.05
N VAL F 31 28.85 19.35 -9.92
CA VAL F 31 29.18 18.40 -11.01
C VAL F 31 29.02 19.04 -12.42
N TYR F 32 30.05 18.85 -13.25
CA TYR F 32 30.12 19.44 -14.59
C TYR F 32 30.28 18.38 -15.66
N ASP F 33 29.77 18.67 -16.87
CA ASP F 33 29.98 17.80 -18.00
C ASP F 33 31.43 17.85 -18.42
N ILE F 34 32.02 16.71 -18.75
CA ILE F 34 33.39 16.67 -19.24
C ILE F 34 33.54 17.37 -20.61
N LYS F 35 32.44 17.41 -21.37
CA LYS F 35 32.47 17.83 -22.76
C LYS F 35 33.12 19.20 -23.00
N GLY F 36 32.97 20.11 -22.05
CA GLY F 36 33.48 21.48 -22.26
C GLY F 36 34.87 21.71 -21.69
N GLY F 37 35.55 20.62 -21.34
CA GLY F 37 36.88 20.70 -20.72
C GLY F 37 36.81 21.12 -19.27
N CYS F 38 37.91 20.94 -18.57
CA CYS F 38 37.97 21.20 -17.13
C CYS F 38 38.72 22.45 -16.85
N ASN F 39 38.27 23.12 -15.79
CA ASN F 39 38.97 24.27 -15.26
C ASN F 39 39.84 23.91 -14.06
N VAL F 40 41.13 24.20 -14.19
CA VAL F 40 42.08 23.94 -13.12
C VAL F 40 42.56 25.29 -12.59
N GLU F 41 41.67 25.95 -11.86
CA GLU F 41 41.99 27.25 -11.34
C GLU F 41 42.57 27.16 -9.94
N GLU F 42 42.06 26.24 -9.13
CA GLU F 42 42.49 26.16 -7.74
C GLU F 42 42.45 24.77 -7.12
N GLY F 43 43.20 24.63 -6.04
CA GLY F 43 43.24 23.39 -5.31
C GLY F 43 43.74 22.26 -6.18
N LEU F 44 43.36 21.06 -5.79
CA LEU F 44 43.91 19.82 -6.31
C LEU F 44 42.97 19.18 -7.31
N THR F 45 43.53 18.74 -8.43
CA THR F 45 42.76 18.08 -9.49
C THR F 45 43.30 16.68 -9.74
N ILE F 46 42.40 15.71 -9.63
CA ILE F 46 42.77 14.32 -9.84
C ILE F 46 41.97 13.73 -11.00
N PHE F 47 42.69 13.13 -11.95
CA PHE F 47 42.03 12.31 -12.98
C PHE F 47 41.96 10.82 -12.63
N LEU F 48 40.76 10.25 -12.79
CA LEU F 48 40.60 8.82 -12.64
C LEU F 48 40.77 8.16 -14.01
N VAL F 49 41.87 7.45 -14.16
CA VAL F 49 42.28 7.00 -15.49
C VAL F 49 42.55 5.50 -15.47
N ASN F 50 42.14 4.81 -16.53
CA ASN F 50 42.51 3.39 -16.69
C ASN F 50 43.28 3.15 -17.99
N ASN F 51 43.49 1.89 -18.35
CA ASN F 51 44.11 1.55 -19.64
C ASN F 51 43.61 0.15 -20.02
N PRO F 52 42.48 0.06 -20.75
CA PRO F 52 41.83 -1.21 -21.08
C PRO F 52 42.63 -2.08 -22.06
N LYS F 54 46.47 -2.53 -22.39
CA LYS F 54 47.70 -2.75 -21.64
C LYS F 54 47.50 -2.79 -20.11
N GLU F 55 47.77 -3.97 -19.54
CA GLU F 55 47.75 -4.17 -18.08
C GLU F 55 48.88 -3.35 -17.45
N ASN F 56 48.57 -2.59 -16.39
CA ASN F 56 49.49 -1.59 -15.80
C ASN F 56 50.24 -0.72 -16.82
N GLY F 57 49.59 -0.42 -17.93
CA GLY F 57 50.20 0.37 -18.96
C GLY F 57 50.19 1.84 -18.58
N PRO F 58 50.61 2.70 -19.52
CA PRO F 58 50.84 4.09 -19.15
C PRO F 58 49.55 4.88 -18.90
N VAL F 59 49.70 5.97 -18.16
CA VAL F 59 48.65 6.98 -18.07
C VAL F 59 48.61 7.83 -19.35
N LYS F 60 47.39 8.05 -19.85
CA LYS F 60 47.16 9.02 -20.93
C LYS F 60 45.83 9.73 -20.65
N ILE F 61 45.88 11.06 -20.61
CA ILE F 61 44.75 11.88 -20.16
C ILE F 61 44.06 12.44 -21.39
N SER F 62 42.73 12.30 -21.46
CA SER F 62 41.97 12.69 -22.67
C SER F 62 41.16 13.96 -22.59
N SER F 63 40.85 14.40 -21.36
CA SER F 63 40.06 15.61 -21.18
C SER F 63 40.83 16.84 -21.55
N LYS F 64 40.17 17.80 -22.20
CA LYS F 64 40.80 19.10 -22.43
C LYS F 64 40.79 19.87 -21.11
N VAL F 65 41.85 20.63 -20.85
CA VAL F 65 41.94 21.44 -19.65
C VAL F 65 42.22 22.86 -20.11
N ASN F 66 41.56 23.84 -19.47
CA ASN F 66 41.64 25.25 -19.89
C ASN F 66 42.78 26.06 -19.22
N ASP F 67 43.96 25.46 -19.19
CA ASP F 67 45.15 26.08 -18.63
C ASP F 67 46.35 25.52 -19.37
N LYS F 68 47.09 26.42 -20.01
CA LYS F 68 48.20 26.03 -20.87
C LYS F 68 49.29 25.29 -20.06
N GLN F 69 49.67 25.83 -18.89
CA GLN F 69 50.68 25.18 -18.04
C GLN F 69 50.25 23.75 -17.64
N VAL F 70 49.03 23.61 -17.14
CA VAL F 70 48.54 22.30 -16.75
C VAL F 70 48.42 21.37 -17.97
N SER F 71 47.95 21.92 -19.11
CA SER F 71 47.92 21.14 -20.36
C SER F 71 49.29 20.57 -20.73
N GLU F 72 50.35 21.33 -20.49
CA GLU F 72 51.71 20.84 -20.72
C GLU F 72 52.04 19.64 -19.82
N PHE F 73 51.76 19.81 -18.53
CA PHE F 73 52.00 18.78 -17.56
C PHE F 73 51.35 17.49 -18.05
N LEU F 74 50.14 17.62 -18.61
CA LEU F 74 49.29 16.46 -18.90
C LEU F 74 49.52 15.85 -20.28
N LYS F 75 50.47 16.41 -21.04
CA LYS F 75 50.84 15.86 -22.35
C LYS F 75 51.26 14.40 -22.21
N ASP F 76 50.94 13.63 -23.24
CA ASP F 76 51.20 12.20 -23.29
C ASP F 76 52.61 11.78 -22.88
N GLU F 77 53.61 12.52 -23.36
CA GLU F 77 55.03 12.22 -23.15
C GLU F 77 55.36 12.20 -21.65
N ASN F 78 54.76 13.13 -20.92
CA ASN F 78 54.98 13.25 -19.51
C ASN F 78 54.17 12.19 -18.76
N MET F 79 52.89 12.06 -19.11
CA MET F 79 52.00 11.10 -18.43
C MET F 79 52.43 9.63 -18.62
N GLU F 80 53.09 9.34 -19.75
CA GLU F 80 53.63 8.01 -20.05
C GLU F 80 54.57 7.45 -18.96
N LYS F 81 55.22 8.31 -18.19
CA LYS F 81 56.17 7.88 -17.15
C LYS F 81 55.46 7.28 -15.94
N PHE F 82 54.13 7.38 -15.93
CA PHE F 82 53.27 6.86 -14.85
C PHE F 82 52.33 5.78 -15.38
N ASN F 83 51.91 4.86 -14.50
CA ASN F 83 51.11 3.70 -14.90
C ASN F 83 49.77 3.58 -14.14
N VAL F 84 48.83 2.77 -14.66
CA VAL F 84 47.44 2.75 -14.15
C VAL F 84 47.13 1.65 -13.17
N LYS F 85 48.17 0.93 -12.72
CA LYS F 85 47.98 -0.14 -11.74
C LYS F 85 47.00 0.33 -10.65
N LEU F 86 45.94 -0.45 -10.41
CA LEU F 86 44.81 0.00 -9.56
C LEU F 86 45.34 0.59 -8.26
N GLY F 87 45.07 1.88 -8.05
CA GLY F 87 45.37 2.52 -6.79
C GLY F 87 46.68 3.30 -6.78
N THR F 88 47.49 3.14 -7.83
CA THR F 88 48.71 3.93 -7.99
C THR F 88 48.34 5.39 -8.25
N SER F 89 49.06 6.30 -7.63
CA SER F 89 48.76 7.73 -7.76
C SER F 89 50.03 8.51 -7.74
N LYS F 90 49.95 9.68 -8.34
CA LYS F 90 51.01 10.64 -8.31
C LYS F 90 50.32 12.01 -8.45
N HIS F 91 50.85 13.02 -7.77
CA HIS F 91 50.40 14.40 -7.94
C HIS F 91 51.53 15.35 -7.66
N PHE F 92 51.48 16.47 -8.37
CA PHE F 92 52.53 17.45 -8.40
C PHE F 92 51.90 18.80 -8.21
N TYR F 93 52.58 19.63 -7.42
CA TYR F 93 52.31 21.05 -7.35
C TYR F 93 53.03 21.80 -8.46
N MET F 94 52.38 22.85 -8.95
CA MET F 94 52.87 23.65 -10.06
C MET F 94 52.13 24.99 -10.11
N PHE F 95 52.62 25.91 -10.92
CA PHE F 95 51.91 27.18 -11.11
C PHE F 95 51.08 27.17 -12.38
N ASN F 96 49.80 27.49 -12.27
CA ASN F 96 48.91 27.62 -13.43
C ASN F 96 49.17 28.89 -14.24
N ASP F 97 48.25 29.24 -15.14
CA ASP F 97 48.36 30.41 -16.05
C ASP F 97 48.40 31.76 -15.37
N ASN F 98 47.70 31.90 -14.26
CA ASN F 98 47.75 33.16 -13.54
C ASN F 98 48.67 33.04 -12.33
N LYS F 99 49.73 32.27 -12.48
CA LYS F 99 50.76 32.07 -11.49
C LYS F 99 50.22 31.69 -10.11
N ASN F 100 49.08 31.01 -10.11
CA ASN F 100 48.48 30.46 -8.90
C ASN F 100 48.97 29.00 -8.63
N SER F 101 49.28 28.63 -7.41
CA SER F 101 49.68 27.27 -7.10
C SER F 101 48.51 26.26 -7.18
N VAL F 102 48.65 25.23 -8.00
CA VAL F 102 47.64 24.18 -8.16
C VAL F 102 48.37 22.84 -8.03
N ALA F 103 47.66 21.79 -7.64
CA ALA F 103 48.23 20.46 -7.64
C ALA F 103 47.40 19.57 -8.56
N VAL F 104 48.10 18.78 -9.37
CA VAL F 104 47.48 17.95 -10.42
C VAL F 104 48.07 16.52 -10.33
N GLY F 105 47.20 15.53 -10.46
CA GLY F 105 47.55 14.13 -10.31
C GLY F 105 46.48 13.23 -10.89
N TYR F 106 46.71 11.93 -10.73
CA TYR F 106 45.83 10.91 -11.25
C TYR F 106 45.76 9.79 -10.17
N VAL F 107 44.66 9.04 -10.20
CA VAL F 107 44.65 7.75 -9.52
C VAL F 107 44.45 6.63 -10.59
N GLY F 108 45.26 5.58 -10.52
CA GLY F 108 45.17 4.46 -11.45
C GLY F 108 43.90 3.69 -11.17
N CYS F 109 43.14 3.47 -12.24
CA CYS F 109 41.94 2.63 -12.18
C CYS F 109 42.11 1.29 -12.89
N GLY F 110 43.34 0.88 -13.13
CA GLY F 110 43.57 -0.46 -13.68
C GLY F 110 43.26 -0.60 -15.16
N SER F 111 43.02 -1.85 -15.58
CA SER F 111 42.82 -2.18 -16.99
C SER F 111 41.40 -2.67 -17.31
N VAL F 112 40.56 -2.84 -16.30
CA VAL F 112 39.26 -3.50 -16.47
C VAL F 112 38.14 -2.49 -16.50
N ALA F 113 37.21 -2.64 -17.43
CA ALA F 113 36.18 -1.64 -17.72
C ALA F 113 35.23 -1.40 -16.55
N ASP F 114 34.60 -2.46 -16.05
CA ASP F 114 33.69 -2.35 -14.92
C ASP F 114 34.49 -2.42 -13.60
N LEU F 115 34.47 -1.33 -12.84
CA LEU F 115 35.10 -1.30 -11.53
C LEU F 115 34.19 -1.96 -10.50
N SER F 116 34.71 -2.90 -9.73
CA SER F 116 33.93 -3.44 -8.62
C SER F 116 33.88 -2.42 -7.48
N GLU F 117 32.90 -2.63 -6.62
CA GLU F 117 32.86 -2.08 -5.30
C GLU F 117 34.27 -2.03 -4.66
N ALA F 118 34.96 -3.17 -4.67
CA ALA F 118 36.29 -3.28 -4.00
C ALA F 118 37.37 -2.42 -4.65
N ASP F 119 37.36 -2.39 -5.98
CA ASP F 119 38.26 -1.56 -6.80
C ASP F 119 38.02 -0.08 -6.53
N MET F 120 36.74 0.32 -6.45
CA MET F 120 36.37 1.74 -6.25
C MET F 120 36.80 2.19 -4.85
N LYS F 121 36.70 1.26 -3.88
CA LYS F 121 37.26 1.49 -2.55
C LYS F 121 38.75 1.77 -2.63
N ARG F 122 39.48 0.98 -3.41
CA ARG F 122 40.92 1.22 -3.60
C ARG F 122 41.23 2.56 -4.23
N VAL F 123 40.46 2.93 -5.24
CA VAL F 123 40.64 4.21 -5.87
C VAL F 123 40.47 5.34 -4.81
N VAL F 124 39.37 5.26 -4.08
CA VAL F 124 39.06 6.24 -3.08
C VAL F 124 40.13 6.31 -1.96
N LEU F 125 40.65 5.18 -1.49
CA LEU F 125 41.67 5.20 -0.40
C LEU F 125 42.91 5.97 -0.81
N SER F 126 43.24 5.86 -2.08
CA SER F 126 44.40 6.51 -2.66
C SER F 126 44.17 8.03 -2.78
N LEU F 127 42.95 8.42 -3.18
CA LEU F 127 42.50 9.81 -3.19
C LEU F 127 42.51 10.42 -1.77
N VAL F 128 41.94 9.69 -0.80
CA VAL F 128 41.92 10.13 0.59
C VAL F 128 43.35 10.25 1.17
N THR F 129 44.26 9.38 0.75
CA THR F 129 45.67 9.52 1.14
C THR F 129 46.22 10.89 0.76
N MET F 130 45.84 11.39 -0.40
CA MET F 130 46.29 12.71 -0.84
C MET F 130 45.64 13.88 -0.03
N LEU F 131 44.35 13.74 0.22
CA LEU F 131 43.60 14.75 0.95
C LEU F 131 44.09 14.86 2.39
N HIS F 132 44.37 13.72 3.01
CA HIS F 132 44.86 13.73 4.37
C HIS F 132 46.25 14.35 4.43
N ASP F 133 46.90 14.50 3.31
CA ASP F 133 48.24 14.95 3.34
C ASP F 133 48.45 16.32 2.78
N ASN F 134 47.38 17.04 2.51
CA ASN F 134 47.47 18.29 1.84
C ASN F 134 46.49 19.33 2.29
N LYS F 135 46.99 20.54 2.50
CA LYS F 135 46.09 21.62 2.94
C LYS F 135 45.44 22.21 1.71
N LEU F 136 44.21 21.81 1.44
CA LEU F 136 43.52 22.14 0.18
C LEU F 136 42.19 22.78 0.50
N SER F 137 41.78 23.77 -0.28
CA SER F 137 40.43 24.30 -0.15
C SER F 137 39.47 23.66 -1.13
N LYS F 138 39.99 23.19 -2.27
CA LYS F 138 39.15 22.54 -3.26
C LYS F 138 39.72 21.25 -3.83
N LEU F 139 38.86 20.24 -4.01
CA LEU F 139 39.20 19.07 -4.81
C LEU F 139 38.28 18.96 -6.02
N THR F 140 38.90 18.73 -7.18
CA THR F 140 38.19 18.40 -8.39
C THR F 140 38.58 17.00 -8.82
N VAL F 141 37.57 16.20 -9.13
CA VAL F 141 37.74 14.83 -9.60
C VAL F 141 37.25 14.71 -11.06
N VAL F 142 38.13 14.24 -11.94
CA VAL F 142 37.75 14.06 -13.36
C VAL F 142 37.63 12.57 -13.68
N PHE F 143 36.41 12.14 -14.00
CA PHE F 143 36.11 10.74 -14.36
C PHE F 143 36.46 10.43 -15.82
N GLU F 144 37.61 9.80 -16.07
CA GLU F 144 37.97 9.39 -17.44
C GLU F 144 37.73 7.89 -17.58
N ILE F 145 36.78 7.45 -16.76
CA ILE F 145 36.36 6.08 -16.62
C ILE F 145 34.81 6.14 -16.57
N ASN F 146 34.15 5.03 -16.89
CA ASN F 146 32.69 4.99 -16.89
C ASN F 146 32.15 4.35 -15.62
N VAL F 147 31.20 5.03 -14.98
CA VAL F 147 30.55 4.52 -13.77
C VAL F 147 29.03 4.66 -13.85
N ASP F 148 28.32 3.65 -13.37
CA ASP F 148 26.91 3.67 -12.95
C ASP F 148 26.58 4.88 -12.15
N LYS F 149 25.33 5.32 -12.20
CA LYS F 149 24.79 6.23 -11.19
C LYS F 149 25.04 5.73 -9.77
N ASN F 150 24.73 4.46 -9.49
CA ASN F 150 24.92 3.86 -8.16
C ASN F 150 26.38 3.78 -7.72
N LEU F 151 27.26 3.47 -8.65
CA LEU F 151 28.67 3.40 -8.35
C LEU F 151 29.20 4.83 -8.17
N PHE F 152 28.71 5.77 -8.96
CA PHE F 152 29.02 7.17 -8.70
C PHE F 152 28.64 7.65 -7.27
N ARG F 153 27.42 7.35 -6.85
CA ARG F 153 27.02 7.65 -5.49
C ARG F 153 27.92 6.91 -4.49
N PHE F 154 28.20 5.64 -4.77
CA PHE F 154 29.09 4.87 -3.91
C PHE F 154 30.47 5.52 -3.79
N PHE F 155 30.97 6.05 -4.90
CA PHE F 155 32.26 6.72 -4.93
C PHE F 155 32.18 7.91 -3.95
N LEU F 156 31.09 8.66 -4.05
CA LEU F 156 30.89 9.82 -3.20
C LEU F 156 30.75 9.45 -1.69
N GLU F 157 30.01 8.39 -1.39
CA GLU F 157 29.80 7.97 0.02
C GLU F 157 31.10 7.51 0.66
N THR F 158 31.84 6.71 -0.09
CA THR F 158 33.11 6.14 0.36
C THR F 158 34.12 7.27 0.57
N LEU F 159 34.13 8.23 -0.38
CA LEU F 159 35.04 9.36 -0.27
C LEU F 159 34.78 10.09 1.03
N PHE F 160 33.52 10.50 1.22
CA PHE F 160 33.09 11.20 2.43
C PHE F 160 33.37 10.43 3.75
N TYR F 161 33.06 9.15 3.75
CA TYR F 161 33.22 8.36 4.96
C TYR F 161 34.71 8.17 5.33
N GLU F 162 35.54 7.86 4.33
CA GLU F 162 36.95 7.57 4.58
C GLU F 162 37.70 8.86 4.95
N TYR F 163 37.25 9.97 4.40
CA TYR F 163 37.94 11.24 4.58
C TYR F 163 37.68 11.75 5.98
N MET F 164 36.47 11.54 6.49
CA MET F 164 36.13 11.98 7.81
C MET F 164 36.94 11.22 8.90
N THR F 165 37.57 11.95 9.83
CA THR F 165 38.31 11.30 10.91
C THR F 165 37.61 11.49 12.25
N ASP F 166 37.42 10.39 12.97
CA ASP F 166 36.69 10.37 14.25
C ASP F 166 37.66 10.70 15.40
N GLU F 167 37.52 11.91 15.94
CA GLU F 167 38.39 12.42 17.00
C GLU F 167 37.77 12.60 18.39
N ARG F 168 36.63 11.96 18.61
CA ARG F 168 35.89 12.15 19.85
C ARG F 168 36.67 11.78 21.08
N PHE F 169 37.58 10.80 20.96
CA PHE F 169 38.21 10.27 22.15
C PHE F 169 39.66 10.75 22.27
N LYS F 170 40.07 11.65 21.38
CA LYS F 170 41.42 12.23 21.35
C LYS F 170 41.31 13.39 22.29
N SER F 171 42.40 13.72 23.00
CA SER F 171 42.43 14.86 23.93
C SER F 171 43.10 16.06 23.27
N GLU F 179 40.53 22.28 8.25
CA GLU F 179 41.57 21.34 7.81
C GLU F 179 41.15 20.65 6.49
N TYR F 180 39.82 20.59 6.31
CA TYR F 180 39.10 19.89 5.25
C TYR F 180 38.83 20.78 4.06
N ILE F 181 38.73 20.23 2.86
CA ILE F 181 38.26 21.02 1.70
C ILE F 181 36.87 21.62 1.95
N LYS F 182 36.57 22.70 1.24
CA LYS F 182 35.30 23.38 1.36
C LYS F 182 34.47 23.19 0.07
N HIS F 183 35.14 22.71 -0.97
CA HIS F 183 34.53 22.53 -2.30
C HIS F 183 34.99 21.22 -2.95
N LEU F 184 34.05 20.56 -3.62
CA LEU F 184 34.29 19.36 -4.39
C LEU F 184 33.70 19.57 -5.78
N GLY F 185 34.55 19.62 -6.80
CA GLY F 185 34.12 19.65 -8.19
C GLY F 185 34.25 18.24 -8.79
N VAL F 186 33.27 17.83 -9.57
CA VAL F 186 33.33 16.52 -10.23
C VAL F 186 33.11 16.70 -11.73
N TYR F 187 34.02 16.19 -12.56
CA TYR F 187 33.79 16.24 -14.02
C TYR F 187 33.43 14.85 -14.52
N ILE F 188 32.32 14.77 -15.26
CA ILE F 188 31.79 13.49 -15.70
C ILE F 188 30.88 13.65 -16.91
N ASN F 189 30.91 12.65 -17.80
CA ASN F 189 30.00 12.60 -18.93
C ASN F 189 28.57 12.45 -18.48
N ASN F 190 27.66 13.15 -19.15
CA ASN F 190 26.25 13.14 -18.82
C ASN F 190 26.04 13.56 -17.38
N ALA F 191 26.72 14.65 -17.01
CA ALA F 191 26.75 15.10 -15.62
C ALA F 191 25.35 15.31 -15.01
N ASP F 192 24.41 15.74 -15.84
CA ASP F 192 23.03 15.98 -15.40
C ASP F 192 22.36 14.77 -14.78
N THR F 193 22.69 13.58 -15.27
CA THR F 193 22.07 12.39 -14.72
C THR F 193 22.63 11.98 -13.34
N TYR F 194 23.81 12.48 -12.96
CA TYR F 194 24.42 12.14 -11.66
C TYR F 194 24.12 13.09 -10.49
N LYS F 195 23.59 14.26 -10.82
CA LYS F 195 23.32 15.32 -9.84
C LYS F 195 22.47 14.92 -8.63
N GLU F 196 21.45 14.09 -8.84
CA GLU F 196 20.60 13.67 -7.73
C GLU F 196 21.32 12.66 -6.83
N GLU F 197 22.42 12.06 -7.31
CA GLU F 197 23.20 11.15 -6.46
C GLU F 197 23.90 11.90 -5.34
N VAL F 198 24.20 13.18 -5.58
CA VAL F 198 25.06 13.96 -4.65
C VAL F 198 24.47 14.08 -3.24
N GLU F 199 23.23 14.58 -3.10
CA GLU F 199 22.69 14.72 -1.74
C GLU F 199 22.23 13.39 -1.11
N LYS F 200 21.84 12.42 -1.93
CA LYS F 200 21.58 11.07 -1.44
C LYS F 200 22.88 10.47 -0.80
N ALA F 201 24.02 10.60 -1.48
CA ALA F 201 25.33 10.18 -0.93
C ALA F 201 25.69 10.85 0.39
N ARG F 202 25.43 12.15 0.48
CA ARG F 202 25.76 12.87 1.69
C ARG F 202 24.90 12.28 2.81
N VAL F 203 23.66 11.94 2.51
CA VAL F 203 22.78 11.31 3.52
C VAL F 203 23.27 9.90 3.91
N TYR F 204 23.56 9.07 2.91
CA TYR F 204 24.11 7.72 3.13
C TYR F 204 25.44 7.75 3.85
N TYR F 205 26.26 8.75 3.50
CA TYR F 205 27.51 8.96 4.27
C TYR F 205 27.17 9.10 5.76
N PHE F 206 26.22 9.97 6.08
CA PHE F 206 26.06 10.27 7.49
C PHE F 206 25.45 9.12 8.27
N GLY F 207 24.43 8.48 7.70
CA GLY F 207 23.88 7.30 8.34
C GLY F 207 24.97 6.26 8.59
N THR F 208 25.89 6.12 7.63
CA THR F 208 27.04 5.18 7.78
C THR F 208 28.03 5.66 8.84
N TYR F 209 28.29 6.96 8.86
CA TYR F 209 29.23 7.54 9.82
C TYR F 209 28.69 7.49 11.27
N TYR F 210 27.39 7.74 11.40
CA TYR F 210 26.69 7.63 12.65
C TYR F 210 26.81 6.21 13.19
N ALA F 211 26.48 5.23 12.35
CA ALA F 211 26.62 3.86 12.71
C ALA F 211 28.04 3.63 13.23
N SER F 212 29.02 4.04 12.43
CA SER F 212 30.43 3.91 12.82
C SER F 212 30.80 4.53 14.18
N GLN F 213 30.24 5.71 14.48
CA GLN F 213 30.42 6.37 15.79
C GLN F 213 29.89 5.53 16.98
N LEU F 214 28.75 4.89 16.82
CA LEU F 214 28.19 4.05 17.88
C LEU F 214 29.06 2.82 18.05
N ILE F 215 29.47 2.24 16.92
CA ILE F 215 30.26 0.99 16.99
C ILE F 215 31.63 1.27 17.64
N ALA F 216 32.30 2.33 17.16
CA ALA F 216 33.66 2.69 17.61
C ALA F 216 33.67 3.10 19.06
N ALA F 217 32.61 3.80 19.51
CA ALA F 217 32.39 4.07 20.93
C ALA F 217 32.60 2.83 21.84
N PRO F 218 33.60 2.90 22.75
CA PRO F 218 33.96 1.79 23.65
C PRO F 218 32.81 1.47 24.61
N SER F 219 32.84 0.26 25.12
CA SER F 219 31.79 -0.26 25.96
C SER F 219 31.54 0.44 27.31
N ASN F 220 32.54 1.17 27.83
CA ASN F 220 32.25 2.09 28.94
C ASN F 220 31.40 3.31 28.53
N TYR F 221 31.48 3.78 27.28
CA TYR F 221 30.67 4.94 26.82
C TYR F 221 29.33 4.48 26.33
N CYS F 222 29.37 3.40 25.56
CA CYS F 222 28.21 2.89 24.88
C CYS F 222 27.75 1.61 25.58
N ASN F 223 26.74 1.74 26.41
CA ASN F 223 26.22 0.63 27.20
C ASN F 223 24.72 0.65 26.94
N PRO F 224 23.97 -0.36 27.43
CA PRO F 224 22.53 -0.40 26.99
C PRO F 224 21.74 0.87 27.31
N VAL F 225 22.13 1.57 28.38
CA VAL F 225 21.43 2.81 28.77
C VAL F 225 21.78 3.99 27.85
N SER F 226 23.07 4.27 27.67
CA SER F 226 23.53 5.39 26.85
C SER F 226 23.24 5.17 25.34
N LEU F 227 23.26 3.91 24.88
CA LEU F 227 22.84 3.59 23.50
C LEU F 227 21.35 3.83 23.27
N SER F 228 20.49 3.32 24.16
CA SER F 228 19.06 3.69 24.07
C SER F 228 18.78 5.21 24.19
N ASN F 229 19.54 5.91 25.04
CA ASN F 229 19.40 7.36 25.15
C ASN F 229 19.77 8.06 23.82
N ALA F 230 20.83 7.56 23.17
CA ALA F 230 21.22 8.09 21.88
C ALA F 230 20.11 7.85 20.84
N ALA F 231 19.52 6.67 20.86
CA ALA F 231 18.45 6.36 19.90
C ALA F 231 17.24 7.28 20.07
N VAL F 232 16.90 7.58 21.32
CA VAL F 232 15.81 8.53 21.64
C VAL F 232 16.06 9.92 21.03
N GLU F 233 17.27 10.41 21.26
CA GLU F 233 17.74 11.71 20.75
C GLU F 233 17.72 11.76 19.20
N LEU F 234 18.13 10.64 18.58
CA LEU F 234 18.04 10.50 17.12
C LEU F 234 16.58 10.65 16.67
N ALA F 235 15.72 9.85 17.27
CA ALA F 235 14.27 9.84 16.92
C ALA F 235 13.66 11.22 17.06
N GLN F 236 14.06 11.92 18.13
CA GLN F 236 13.63 13.30 18.38
C GLN F 236 14.12 14.26 17.32
N LYS F 237 15.39 14.20 16.95
CA LYS F 237 15.85 15.09 15.91
C LYS F 237 15.10 14.79 14.58
N LEU F 238 14.75 13.53 14.36
CA LEU F 238 14.13 13.13 13.09
C LEU F 238 12.60 13.07 13.09
N ASN F 239 11.95 13.39 14.21
CA ASN F 239 10.50 13.22 14.34
C ASN F 239 9.96 11.80 14.14
N LEU F 240 10.72 10.79 14.54
CA LEU F 240 10.24 9.44 14.55
C LEU F 240 9.54 9.19 15.88
N GLU F 241 8.55 8.29 15.90
CA GLU F 241 8.01 7.82 17.17
C GLU F 241 9.10 6.96 17.85
N TYR F 242 9.13 6.94 19.19
CA TYR F 242 10.12 6.13 19.91
C TYR F 242 9.51 5.61 21.19
N LYS F 243 10.05 4.50 21.67
CA LYS F 243 9.54 3.81 22.82
C LYS F 243 10.72 2.97 23.31
N ILE F 244 11.19 3.17 24.54
CA ILE F 244 12.24 2.35 25.11
C ILE F 244 11.58 1.43 26.13
N LEU F 245 11.65 0.11 25.96
CA LEU F 245 11.07 -0.80 26.94
C LEU F 245 12.09 -1.10 28.04
N GLY F 246 11.70 -0.85 29.29
CA GLY F 246 12.53 -1.13 30.46
C GLY F 246 12.32 -2.53 31.02
N VAL F 247 13.08 -2.88 32.05
CA VAL F 247 13.11 -4.26 32.57
C VAL F 247 11.72 -4.67 33.07
N LYS F 248 10.99 -3.77 33.71
CA LYS F 248 9.62 -4.14 34.17
C LYS F 248 8.70 -4.53 33.00
N GLU F 249 8.68 -3.76 31.91
CA GLU F 249 7.81 -4.10 30.77
C GLU F 249 8.28 -5.35 30.08
N LEU F 250 9.60 -5.56 30.09
CA LEU F 250 10.18 -6.73 29.46
C LEU F 250 9.79 -7.98 30.23
N GLU F 251 9.76 -7.87 31.55
CA GLU F 251 9.27 -8.93 32.41
C GLU F 251 7.80 -9.18 32.08
N GLU F 252 7.01 -8.11 32.00
CA GLU F 252 5.57 -8.26 31.71
C GLU F 252 5.37 -8.99 30.39
N LEU F 253 6.26 -8.75 29.42
CA LEU F 253 6.17 -9.36 28.10
C LEU F 253 6.86 -10.74 28.06
N LYS F 254 7.43 -11.17 29.19
CA LYS F 254 8.03 -12.51 29.29
C LYS F 254 9.24 -12.69 28.36
N MET F 255 10.05 -11.66 28.13
CA MET F 255 11.25 -11.83 27.32
C MET F 255 12.40 -12.46 28.12
N GLY F 256 12.21 -13.69 28.53
CA GLY F 256 13.17 -14.40 29.34
C GLY F 256 14.50 -14.76 28.65
N ALA F 257 14.49 -14.94 27.34
CA ALA F 257 15.75 -15.24 26.66
C ALA F 257 16.59 -14.01 26.71
N TYR F 258 16.04 -12.90 26.25
CA TYR F 258 16.73 -11.62 26.30
C TYR F 258 17.08 -11.17 27.74
N LEU F 259 16.14 -11.23 28.67
CA LEU F 259 16.46 -10.83 30.04
C LEU F 259 17.59 -11.66 30.65
N SER F 260 17.68 -12.94 30.28
CA SER F 260 18.74 -13.82 30.83
C SER F 260 20.12 -13.39 30.47
N VAL F 261 20.27 -12.93 29.23
CA VAL F 261 21.58 -12.51 28.73
C VAL F 261 22.06 -11.30 29.56
N GLY F 262 21.12 -10.41 29.89
CA GLY F 262 21.41 -9.14 30.58
C GLY F 262 21.68 -9.28 32.06
N LYS F 263 21.37 -10.45 32.60
CA LYS F 263 21.43 -10.67 34.03
C LYS F 263 22.75 -10.28 34.72
N GLY F 264 23.87 -10.62 34.11
CA GLY F 264 25.18 -10.37 34.75
C GLY F 264 25.64 -8.94 34.68
N SER F 265 24.86 -8.03 34.05
CA SER F 265 25.32 -6.70 33.73
C SER F 265 24.85 -5.66 34.74
N MET F 266 25.72 -4.71 35.03
CA MET F 266 25.30 -3.53 35.84
C MET F 266 24.29 -2.59 35.12
N TYR F 267 24.17 -2.71 33.79
CA TYR F 267 23.29 -1.84 33.03
C TYR F 267 21.95 -2.55 32.79
N PRO F 268 20.83 -1.94 33.19
CA PRO F 268 19.52 -2.53 32.88
C PRO F 268 19.31 -2.73 31.36
N ASN F 269 18.68 -3.85 30.95
CA ASN F 269 18.36 -4.10 29.54
C ASN F 269 17.45 -2.96 29.06
N LYS F 270 17.65 -2.48 27.83
CA LYS F 270 16.74 -1.48 27.23
C LYS F 270 16.43 -1.92 25.82
N PHE F 271 15.16 -2.04 25.51
CA PHE F 271 14.77 -2.48 24.20
C PHE F 271 14.31 -1.21 23.44
N ILE F 272 14.94 -0.92 22.30
CA ILE F 272 14.66 0.27 21.47
C ILE F 272 13.59 -0.10 20.43
N HIS F 273 12.58 0.76 20.23
CA HIS F 273 11.59 0.56 19.15
C HIS F 273 11.27 1.94 18.58
N LEU F 274 11.89 2.29 17.43
CA LEU F 274 11.55 3.53 16.68
C LEU F 274 10.63 3.18 15.52
N THR F 275 9.79 4.13 15.10
CA THR F 275 8.85 3.91 14.01
C THR F 275 8.91 5.08 13.05
N TYR F 276 9.09 4.77 11.78
CA TYR F 276 8.86 5.73 10.74
C TYR F 276 7.50 5.43 10.12
N LYS F 277 6.67 6.44 9.96
CA LYS F 277 5.49 6.18 9.11
C LYS F 277 5.38 7.13 7.95
N SER F 278 5.03 6.58 6.79
CA SER F 278 4.91 7.40 5.57
C SER F 278 3.65 8.17 5.58
N LYS F 279 3.70 9.34 4.94
CA LYS F 279 2.49 10.01 4.54
C LYS F 279 1.94 9.11 3.46
N GLY F 280 0.62 9.15 3.34
CA GLY F 280 -0.04 8.41 2.30
C GLY F 280 -0.22 6.95 2.63
N ASP F 281 -0.99 6.31 1.77
CA ASP F 281 -1.41 4.96 1.92
C ASP F 281 -0.17 4.05 2.16
N VAL F 282 -0.17 3.34 3.29
CA VAL F 282 0.96 2.48 3.64
C VAL F 282 0.79 1.16 2.90
N LYS F 283 1.73 0.88 2.00
CA LYS F 283 1.68 -0.29 1.14
C LYS F 283 2.55 -1.43 1.64
N LYS F 284 3.47 -1.13 2.54
CA LYS F 284 4.35 -2.16 3.09
C LYS F 284 4.77 -1.83 4.49
N LYS F 285 4.81 -2.84 5.34
CA LYS F 285 5.27 -2.64 6.70
C LYS F 285 6.47 -3.51 6.89
N ILE F 286 7.49 -2.96 7.54
CA ILE F 286 8.78 -3.63 7.65
C ILE F 286 9.31 -3.44 9.08
N ALA F 287 9.86 -4.51 9.67
CA ALA F 287 10.59 -4.43 10.93
C ALA F 287 12.02 -4.81 10.69
N LEU F 288 12.92 -3.94 11.11
CA LEU F 288 14.35 -4.12 10.91
C LEU F 288 14.87 -4.34 12.30
N VAL F 289 15.45 -5.49 12.56
CA VAL F 289 15.86 -5.84 13.91
C VAL F 289 17.42 -5.96 13.90
N GLY F 290 18.10 -5.25 14.81
CA GLY F 290 19.57 -5.27 14.89
C GLY F 290 20.09 -5.86 16.22
N LYS F 291 21.09 -6.74 16.17
CA LYS F 291 21.68 -7.28 17.42
C LYS F 291 22.41 -6.13 18.12
N GLY F 292 22.12 -5.95 19.42
CA GLY F 292 22.65 -4.83 20.22
C GLY F 292 23.34 -5.28 21.49
N ILE F 293 24.36 -6.11 21.35
CA ILE F 293 25.14 -6.50 22.55
C ILE F 293 26.25 -5.47 22.70
N THR F 294 26.20 -4.69 23.77
CA THR F 294 27.13 -3.51 23.82
C THR F 294 28.57 -3.94 24.20
N PHE F 295 28.67 -5.10 24.83
CA PHE F 295 29.97 -5.76 25.03
C PHE F 295 29.70 -7.21 25.23
N ASP F 296 30.42 -8.03 24.50
CA ASP F 296 30.21 -9.46 24.62
C ASP F 296 31.47 -10.11 25.14
N SER F 297 31.47 -10.48 26.42
CA SER F 297 32.63 -11.08 27.08
C SER F 297 32.63 -12.59 26.80
N GLY F 298 31.50 -13.08 26.30
CA GLY F 298 31.24 -14.51 26.24
C GLY F 298 30.42 -15.00 27.44
N GLY F 299 30.42 -14.22 28.54
CA GLY F 299 29.71 -14.72 29.76
C GLY F 299 30.53 -15.85 30.38
N TYR F 300 29.91 -16.74 31.15
CA TYR F 300 30.72 -17.80 31.78
C TYR F 300 31.52 -18.62 30.75
N ASN F 301 30.98 -18.76 29.52
CA ASN F 301 31.77 -19.23 28.39
C ASN F 301 32.71 -18.11 27.89
N LEU F 302 33.65 -17.73 28.74
CA LEU F 302 34.46 -16.52 28.52
C LEU F 302 35.25 -16.63 27.17
N LYS F 303 35.39 -15.53 26.42
CA LYS F 303 36.26 -15.45 25.25
C LYS F 303 37.71 -15.36 25.67
N ALA F 304 38.29 -16.52 25.92
CA ALA F 304 39.66 -16.72 26.40
C ALA F 304 40.46 -17.51 25.38
N ALA F 305 39.78 -18.09 24.39
CA ALA F 305 40.49 -18.94 23.43
C ALA F 305 41.30 -18.07 22.47
N PRO F 306 42.52 -18.52 22.08
CA PRO F 306 43.32 -17.78 21.08
C PRO F 306 42.42 -17.47 19.88
N GLY F 307 42.42 -16.24 19.38
CA GLY F 307 41.52 -15.95 18.25
C GLY F 307 40.16 -15.40 18.59
N SER F 308 39.80 -15.37 19.88
CA SER F 308 38.41 -15.00 20.24
C SER F 308 38.12 -13.48 20.23
N MET F 309 39.17 -12.68 20.07
CA MET F 309 39.01 -11.22 19.84
C MET F 309 38.13 -10.47 20.87
N ILE F 310 38.26 -10.83 22.15
CA ILE F 310 37.50 -10.15 23.20
C ILE F 310 37.72 -8.62 23.18
N ASP F 311 38.94 -8.20 22.85
CA ASP F 311 39.23 -6.78 22.74
C ASP F 311 38.36 -6.03 21.70
N LEU F 312 37.74 -6.73 20.76
CA LEU F 312 36.94 -6.04 19.73
C LEU F 312 35.42 -6.04 20.02
N MET F 313 35.04 -6.65 21.15
CA MET F 313 33.62 -7.01 21.35
C MET F 313 32.71 -5.83 21.73
N LYS F 314 33.29 -4.63 21.93
CA LYS F 314 32.45 -3.41 21.77
C LYS F 314 31.66 -3.38 20.44
N PHE F 315 32.10 -4.13 19.41
CA PHE F 315 31.50 -4.00 18.07
C PHE F 315 30.29 -4.91 17.98
N ASP F 316 29.97 -5.58 19.08
CA ASP F 316 28.90 -6.55 19.02
C ASP F 316 27.46 -5.94 18.97
N MET F 317 27.38 -4.60 18.83
CA MET F 317 26.08 -3.93 18.63
C MET F 317 25.98 -3.30 17.23
N SER F 318 26.83 -3.79 16.32
CA SER F 318 26.91 -3.25 14.96
C SER F 318 25.58 -3.33 14.22
N GLY F 319 24.80 -4.37 14.51
CA GLY F 319 23.48 -4.58 13.80
C GLY F 319 22.55 -3.48 14.25
N CYS F 320 22.53 -3.30 15.57
CA CYS F 320 21.79 -2.17 16.16
C CYS F 320 22.21 -0.85 15.48
N ALA F 321 23.51 -0.59 15.37
CA ALA F 321 23.98 0.65 14.77
C ALA F 321 23.58 0.79 13.31
N ALA F 322 23.68 -0.31 12.54
CA ALA F 322 23.16 -0.35 11.16
C ALA F 322 21.68 0.01 11.11
N VAL F 323 20.91 -0.50 12.06
CA VAL F 323 19.47 -0.26 12.05
C VAL F 323 19.20 1.23 12.41
N LEU F 324 20.00 1.83 13.29
CA LEU F 324 19.82 3.27 13.67
C LEU F 324 20.30 4.23 12.57
N GLY F 325 21.37 3.83 11.89
CA GLY F 325 21.91 4.57 10.77
C GLY F 325 20.89 4.58 9.64
N CYS F 326 20.28 3.40 9.41
CA CYS F 326 19.16 3.29 8.46
C CYS F 326 18.00 4.22 8.85
N ALA F 327 17.65 4.29 10.14
CA ALA F 327 16.62 5.21 10.66
C ALA F 327 16.92 6.68 10.32
N TYR F 328 18.18 7.09 10.53
CA TYR F 328 18.64 8.40 10.04
C TYR F 328 18.37 8.63 8.54
N CYS F 329 18.73 7.65 7.70
CA CYS F 329 18.57 7.81 6.25
C CYS F 329 17.09 7.89 5.85
N VAL F 330 16.31 6.94 6.36
CA VAL F 330 14.87 6.86 6.09
C VAL F 330 14.19 8.14 6.59
N GLY F 331 14.48 8.54 7.83
CA GLY F 331 13.86 9.73 8.40
C GLY F 331 14.17 10.98 7.60
N THR F 332 15.37 11.04 7.02
CA THR F 332 15.82 12.20 6.27
C THR F 332 15.26 12.20 4.86
N LEU F 333 15.35 11.06 4.18
CA LEU F 333 14.89 10.91 2.78
C LEU F 333 13.38 10.78 2.62
N LYS F 334 12.72 10.26 3.65
CA LYS F 334 11.26 10.24 3.75
C LYS F 334 10.56 9.53 2.60
N PRO F 335 10.86 8.24 2.38
CA PRO F 335 10.23 7.51 1.31
C PRO F 335 8.73 7.37 1.62
N GLU F 336 7.94 7.13 0.59
CA GLU F 336 6.49 7.07 0.72
C GLU F 336 5.95 5.64 0.74
N ASN F 337 4.68 5.52 1.12
CA ASN F 337 3.91 4.29 1.21
C ASN F 337 4.53 3.16 2.02
N VAL F 338 5.37 3.49 2.97
CA VAL F 338 6.03 2.43 3.73
C VAL F 338 6.02 2.73 5.25
N GLU F 339 6.01 1.69 6.06
CA GLU F 339 6.09 1.87 7.50
C GLU F 339 7.16 0.99 8.02
N ILE F 340 8.03 1.57 8.83
CA ILE F 340 9.24 0.87 9.29
C ILE F 340 9.42 0.97 10.81
N HIS F 341 9.60 -0.20 11.44
CA HIS F 341 9.98 -0.29 12.85
C HIS F 341 11.45 -0.64 12.95
N PHE F 342 12.18 0.15 13.74
CA PHE F 342 13.61 -0.10 13.99
C PHE F 342 13.77 -0.65 15.40
N LEU F 343 14.10 -1.93 15.48
CA LEU F 343 14.11 -2.62 16.76
C LEU F 343 15.50 -3.06 17.15
N SER F 344 15.83 -2.95 18.44
CA SER F 344 16.97 -3.62 19.00
C SER F 344 16.81 -4.02 20.50
N ALA F 345 17.04 -5.30 20.79
CA ALA F 345 17.05 -5.76 22.17
C ALA F 345 18.45 -5.54 22.72
N VAL F 346 18.66 -4.40 23.33
CA VAL F 346 20.02 -4.04 23.79
C VAL F 346 20.29 -4.53 25.23
N CYS F 347 21.48 -5.07 25.42
CA CYS F 347 21.98 -5.47 26.71
C CYS F 347 23.49 -5.69 26.59
N GLU F 348 24.08 -6.26 27.63
CA GLU F 348 25.52 -6.46 27.70
C GLU F 348 25.70 -7.83 28.33
N ASN F 349 26.69 -8.61 27.85
CA ASN F 349 26.93 -10.02 28.27
C ASN F 349 28.18 -10.16 29.14
N MET F 350 27.98 -10.30 30.45
CA MET F 350 29.06 -10.16 31.44
C MET F 350 29.20 -11.35 32.40
N VAL F 351 30.25 -11.34 33.22
CA VAL F 351 30.55 -12.39 34.19
C VAL F 351 30.31 -11.78 35.55
N SER F 352 29.51 -12.47 36.36
CA SER F 352 29.08 -11.89 37.60
C SER F 352 28.51 -13.03 38.39
N LYS F 353 28.27 -12.84 39.68
CA LYS F 353 27.41 -13.76 40.44
C LYS F 353 25.98 -13.83 39.92
N ASN F 354 25.52 -12.77 39.24
CA ASN F 354 24.16 -12.69 38.69
C ASN F 354 23.93 -13.24 37.28
N SER F 355 25.01 -13.63 36.60
CA SER F 355 24.98 -14.03 35.20
C SER F 355 24.20 -15.31 35.01
N TYR F 356 23.62 -15.46 33.81
CA TYR F 356 23.12 -16.77 33.39
C TYR F 356 24.25 -17.73 33.18
N ARG F 357 23.93 -19.00 33.25
CA ARG F 357 24.94 -20.05 33.25
C ARG F 357 24.76 -21.01 32.09
N PRO F 358 25.85 -21.63 31.66
CA PRO F 358 25.78 -22.81 30.79
C PRO F 358 24.89 -23.86 31.45
N GLY F 359 23.94 -24.39 30.69
CA GLY F 359 23.01 -25.37 31.21
C GLY F 359 21.66 -24.81 31.61
N ASP F 360 21.54 -23.48 31.75
CA ASP F 360 20.30 -22.89 32.29
C ASP F 360 19.15 -23.12 31.27
N ILE F 361 17.95 -23.33 31.77
CA ILE F 361 16.80 -23.39 30.89
C ILE F 361 15.97 -22.11 31.07
N ILE F 362 15.82 -21.39 29.97
CA ILE F 362 15.13 -20.13 29.95
C ILE F 362 13.90 -20.18 29.05
N THR F 363 12.94 -19.29 29.30
CA THR F 363 11.67 -19.33 28.55
C THR F 363 11.51 -18.09 27.70
N ALA F 364 11.36 -18.25 26.38
CA ALA F 364 11.23 -17.07 25.52
C ALA F 364 9.80 -16.55 25.54
N SER F 365 9.61 -15.34 25.04
CA SER F 365 8.31 -14.69 25.06
C SER F 365 7.23 -15.40 24.30
N ASN F 366 7.56 -16.39 23.48
CA ASN F 366 6.48 -17.13 22.77
C ASN F 366 6.20 -18.45 23.49
N GLY F 367 6.82 -18.64 24.66
CA GLY F 367 6.59 -19.83 25.46
C GLY F 367 7.62 -20.95 25.28
N LYS F 368 8.55 -20.79 24.34
CA LYS F 368 9.52 -21.88 24.05
C LYS F 368 10.57 -21.85 25.08
N THR F 369 10.79 -23.01 25.69
CA THR F 369 11.90 -23.17 26.62
C THR F 369 13.19 -23.48 25.83
N ILE F 370 14.31 -22.97 26.31
CA ILE F 370 15.56 -23.04 25.57
C ILE F 370 16.67 -23.50 26.52
N GLU F 371 17.38 -24.56 26.13
CA GLU F 371 18.52 -24.98 26.94
C GLU F 371 19.78 -24.27 26.46
N VAL F 372 20.46 -23.57 27.37
CA VAL F 372 21.65 -22.83 27.06
C VAL F 372 22.81 -23.80 27.07
N GLY F 373 23.43 -23.95 25.91
CA GLY F 373 24.63 -24.78 25.76
C GLY F 373 25.92 -23.95 25.86
N ASN F 374 25.83 -22.65 25.53
CA ASN F 374 26.99 -21.78 25.50
C ASN F 374 26.60 -20.36 25.79
N THR F 375 27.12 -19.75 26.86
CA THR F 375 26.66 -18.35 27.19
C THR F 375 27.16 -17.31 26.19
N ASP F 376 28.08 -17.71 25.31
CA ASP F 376 28.60 -16.88 24.20
C ASP F 376 27.75 -16.92 22.90
N ALA F 377 26.68 -17.74 22.88
CA ALA F 377 25.69 -17.73 21.80
C ALA F 377 24.53 -16.84 22.27
N GLU F 378 24.87 -15.69 22.83
CA GLU F 378 23.87 -14.84 23.46
C GLU F 378 23.04 -14.03 22.43
N GLY F 379 23.62 -13.69 21.27
CA GLY F 379 22.92 -12.79 20.32
C GLY F 379 21.63 -13.45 19.82
N ARG F 380 21.66 -14.76 19.64
CA ARG F 380 20.48 -15.43 19.10
C ARG F 380 19.36 -15.44 20.12
N LEU F 381 19.71 -15.45 21.39
CA LEU F 381 18.72 -15.38 22.48
C LEU F 381 18.07 -14.00 22.53
N THR F 382 18.85 -12.95 22.39
CA THR F 382 18.28 -11.60 22.41
C THR F 382 17.41 -11.42 21.17
N LEU F 383 17.89 -11.91 20.01
CA LEU F 383 17.11 -11.80 18.76
C LEU F 383 15.82 -12.65 18.77
N ALA F 384 15.83 -13.79 19.47
CA ALA F 384 14.61 -14.62 19.57
C ALA F 384 13.42 -13.82 20.14
N ASP F 385 13.71 -13.09 21.21
CA ASP F 385 12.69 -12.28 21.84
C ASP F 385 12.33 -11.08 20.95
N ALA F 386 13.33 -10.56 20.24
CA ALA F 386 13.12 -9.38 19.38
C ALA F 386 12.25 -9.78 18.17
N LEU F 387 12.49 -10.99 17.63
CA LEU F 387 11.70 -11.53 16.50
C LEU F 387 10.24 -11.80 16.83
N VAL F 388 9.98 -12.41 17.99
CA VAL F 388 8.62 -12.53 18.50
C VAL F 388 7.91 -11.16 18.60
N TYR F 389 8.60 -10.20 19.18
CA TYR F 389 8.11 -8.85 19.34
C TYR F 389 7.76 -8.27 17.96
N ALA F 390 8.69 -8.39 17.01
CA ALA F 390 8.54 -7.92 15.65
C ALA F 390 7.35 -8.54 14.99
N GLU F 391 7.21 -9.87 15.10
CA GLU F 391 6.14 -10.56 14.44
C GLU F 391 4.73 -10.13 14.97
N LYS F 392 4.69 -9.75 16.24
CA LYS F 392 3.46 -9.24 16.84
C LYS F 392 3.04 -7.89 16.25
N LEU F 393 3.95 -7.22 15.56
CA LEU F 393 3.61 -5.94 14.93
C LEU F 393 2.78 -6.11 13.64
N GLY F 394 2.70 -7.32 13.11
CA GLY F 394 2.01 -7.58 11.85
C GLY F 394 2.64 -6.88 10.66
N VAL F 395 3.89 -7.20 10.35
CA VAL F 395 4.56 -6.51 9.26
C VAL F 395 4.65 -7.45 8.05
N ASP F 396 5.02 -6.94 6.88
CA ASP F 396 5.20 -7.82 5.75
C ASP F 396 6.56 -8.53 5.75
N TYR F 397 7.62 -7.82 6.15
CA TYR F 397 8.96 -8.35 6.15
C TYR F 397 9.58 -8.06 7.48
N ILE F 398 10.28 -9.06 8.01
CA ILE F 398 11.21 -8.84 9.11
C ILE F 398 12.61 -9.15 8.61
N VAL F 399 13.56 -8.22 8.81
CA VAL F 399 14.95 -8.48 8.44
C VAL F 399 15.79 -8.21 9.67
N ASP F 400 16.58 -9.18 10.12
CA ASP F 400 17.47 -8.86 11.21
C ASP F 400 18.88 -8.76 10.64
N ILE F 401 19.73 -8.02 11.33
CA ILE F 401 21.10 -7.86 10.96
C ILE F 401 21.92 -7.99 12.24
N ALA F 402 22.93 -8.86 12.22
CA ALA F 402 23.61 -9.25 13.46
C ALA F 402 25.07 -9.69 13.26
N THR F 403 25.95 -9.37 14.23
CA THR F 403 27.32 -9.94 14.32
C THR F 403 27.30 -11.26 15.11
N LEU F 404 26.69 -12.27 14.47
CA LEU F 404 26.25 -13.46 15.16
C LEU F 404 27.25 -14.58 15.27
N THR F 405 27.99 -14.89 14.22
CA THR F 405 28.86 -16.09 14.28
C THR F 405 30.29 -15.85 13.73
N GLY F 406 31.30 -16.24 14.49
CA GLY F 406 32.69 -16.06 14.05
C GLY F 406 32.95 -16.88 12.80
N ALA F 407 32.13 -17.91 12.58
CA ALA F 407 32.31 -18.79 11.42
C ALA F 407 32.21 -18.04 10.08
N MET F 408 31.46 -16.94 10.04
CA MET F 408 31.42 -16.13 8.83
C MET F 408 32.83 -15.80 8.32
N LEU F 409 33.79 -15.56 9.20
CA LEU F 409 35.15 -15.29 8.76
C LEU F 409 35.69 -16.44 7.90
N TYR F 410 35.20 -17.65 8.18
CA TYR F 410 35.69 -18.83 7.50
C TYR F 410 34.87 -19.21 6.27
N SER F 411 33.70 -18.64 6.11
CA SER F 411 32.91 -19.00 4.97
C SER F 411 32.98 -17.88 3.92
N LEU F 412 32.45 -16.69 4.22
CA LEU F 412 32.52 -15.62 3.25
C LEU F 412 33.67 -14.64 3.49
N GLY F 413 34.17 -14.56 4.71
CA GLY F 413 35.36 -13.75 4.99
C GLY F 413 34.94 -12.34 5.39
N THR F 414 35.82 -11.40 5.11
CA THR F 414 35.62 -10.06 5.62
C THR F 414 34.97 -9.16 4.58
N SER F 415 34.80 -9.63 3.34
CA SER F 415 34.22 -8.75 2.31
C SER F 415 32.71 -8.81 2.11
N TYR F 416 32.12 -10.00 2.15
CA TYR F 416 30.71 -10.22 1.82
C TYR F 416 29.92 -10.69 3.08
N ALA F 417 28.78 -10.08 3.40
CA ALA F 417 27.92 -10.62 4.47
C ALA F 417 27.12 -11.85 3.98
N GLY F 418 26.64 -12.68 4.91
CA GLY F 418 25.74 -13.76 4.55
C GLY F 418 24.28 -13.38 4.79
N VAL F 419 23.38 -13.86 3.93
CA VAL F 419 21.94 -13.71 4.19
C VAL F 419 21.22 -15.04 4.05
N PHE F 420 20.42 -15.34 5.07
CA PHE F 420 19.68 -16.56 5.19
C PHE F 420 18.23 -16.14 5.30
N GLY F 421 17.31 -17.01 4.89
CA GLY F 421 15.91 -16.62 5.09
C GLY F 421 14.90 -17.69 4.91
N ASN F 422 13.63 -17.35 5.14
CA ASN F 422 12.55 -18.31 4.96
C ASN F 422 11.69 -18.03 3.72
N ASN F 423 12.11 -17.08 2.89
CA ASN F 423 11.25 -16.55 1.83
C ASN F 423 12.15 -16.04 0.72
N GLU F 424 12.08 -16.70 -0.43
CA GLU F 424 12.98 -16.41 -1.55
C GLU F 424 12.79 -15.02 -2.16
N GLU F 425 11.54 -14.59 -2.27
CA GLU F 425 11.18 -13.26 -2.74
C GLU F 425 11.89 -12.18 -1.95
N LEU F 426 11.85 -12.30 -0.62
CA LEU F 426 12.50 -11.35 0.29
C LEU F 426 14.03 -11.40 0.18
N ILE F 427 14.58 -12.61 0.11
CA ILE F 427 16.04 -12.76 -0.06
C ILE F 427 16.41 -12.13 -1.39
N ASN F 428 15.60 -12.36 -2.41
CA ASN F 428 15.91 -11.75 -3.66
C ASN F 428 15.94 -10.22 -3.60
N LYS F 429 15.00 -9.60 -2.90
CA LYS F 429 14.98 -8.15 -2.67
C LYS F 429 16.24 -7.61 -1.91
N ILE F 430 16.68 -8.35 -0.89
CA ILE F 430 17.92 -8.01 -0.21
C ILE F 430 19.10 -8.12 -1.16
N LEU F 431 19.15 -9.15 -2.00
CA LEU F 431 20.24 -9.29 -2.95
C LEU F 431 20.26 -8.10 -3.88
N GLN F 432 19.10 -7.71 -4.40
CA GLN F 432 19.00 -6.52 -5.24
C GLN F 432 19.44 -5.20 -4.54
N SER F 433 19.13 -5.06 -3.24
CA SER F 433 19.51 -3.88 -2.44
C SER F 433 21.02 -3.85 -2.26
N SER F 434 21.59 -5.05 -2.23
CA SER F 434 23.02 -5.27 -2.17
C SER F 434 23.68 -4.76 -3.43
N LYS F 435 23.11 -5.13 -4.58
CA LYS F 435 23.57 -4.64 -5.86
C LYS F 435 23.53 -3.11 -5.87
N THR F 436 22.40 -2.48 -5.51
CA THR F 436 22.30 -1.00 -5.63
C THR F 436 23.02 -0.23 -4.51
N SER F 437 23.20 -0.84 -3.33
CA SER F 437 23.94 -0.19 -2.26
C SER F 437 25.46 -0.28 -2.47
N ASN F 438 25.89 -1.26 -3.26
CA ASN F 438 27.30 -1.69 -3.31
C ASN F 438 27.93 -2.20 -2.01
N GLU F 439 27.07 -2.71 -1.11
CA GLU F 439 27.48 -3.45 0.09
C GLU F 439 27.16 -4.91 -0.16
N PRO F 440 28.18 -5.70 -0.51
CA PRO F 440 28.01 -7.11 -0.99
C PRO F 440 27.52 -8.13 0.04
N VAL F 441 26.57 -8.94 -0.44
CA VAL F 441 25.90 -9.93 0.37
C VAL F 441 25.81 -11.20 -0.49
N TRP F 442 25.91 -12.40 0.12
CA TRP F 442 25.73 -13.66 -0.61
C TRP F 442 24.69 -14.54 0.09
N TRP F 443 23.78 -15.14 -0.67
CA TRP F 443 22.73 -15.94 -0.12
C TRP F 443 23.32 -17.29 0.37
N LEU F 444 23.05 -17.65 1.60
CA LEU F 444 23.49 -18.92 2.19
C LEU F 444 22.29 -19.72 2.65
N PRO F 445 22.40 -21.07 2.62
CA PRO F 445 21.20 -21.87 2.84
C PRO F 445 20.85 -22.12 4.32
N ILE F 446 19.55 -22.29 4.57
CA ILE F 446 19.13 -22.80 5.86
C ILE F 446 18.86 -24.28 5.64
N ILE F 447 19.78 -25.11 6.12
CA ILE F 447 19.74 -26.53 5.79
C ILE F 447 18.93 -27.28 6.82
N ASN F 448 17.77 -27.83 6.43
CA ASN F 448 16.82 -28.31 7.45
C ASN F 448 17.27 -29.64 8.07
N GLU F 449 18.14 -30.34 7.39
CA GLU F 449 18.70 -31.59 7.90
C GLU F 449 19.46 -31.31 9.22
N TYR F 450 19.92 -30.08 9.45
CA TYR F 450 20.63 -29.80 10.72
C TYR F 450 19.68 -29.54 11.91
N ARG F 451 18.40 -29.31 11.66
CA ARG F 451 17.45 -28.94 12.71
C ARG F 451 17.41 -29.92 13.90
N ALA F 452 17.45 -31.21 13.62
CA ALA F 452 17.40 -32.23 14.67
C ALA F 452 18.53 -32.07 15.69
N THR F 453 19.64 -31.44 15.30
CA THR F 453 20.74 -31.22 16.25
C THR F 453 20.39 -30.17 17.32
N LEU F 454 19.30 -29.41 17.13
CA LEU F 454 18.76 -28.52 18.15
C LEU F 454 17.65 -29.15 19.03
N ASN F 455 17.41 -30.45 18.84
CA ASN F 455 16.51 -31.21 19.70
C ASN F 455 17.06 -31.45 21.09
N SER F 456 16.59 -30.66 22.06
CA SER F 456 17.06 -30.74 23.45
C SER F 456 16.42 -31.89 24.18
N LYS F 457 17.22 -32.55 25.03
CA LYS F 457 16.72 -33.64 25.85
C LYS F 457 15.66 -33.13 26.83
N TYR F 458 15.85 -31.91 27.36
CA TYR F 458 14.98 -31.36 28.43
C TYR F 458 14.05 -30.18 28.09
N ALA F 459 14.51 -29.26 27.25
CA ALA F 459 13.78 -28.02 26.92
C ALA F 459 13.13 -28.25 25.55
N ASP F 460 12.27 -27.34 25.10
CA ASP F 460 11.75 -27.42 23.74
C ASP F 460 12.86 -27.38 22.70
N ILE F 461 13.93 -26.64 22.94
CA ILE F 461 14.95 -26.49 21.92
C ILE F 461 16.27 -26.14 22.57
N ASN F 462 17.36 -26.57 21.93
CA ASN F 462 18.71 -26.12 22.23
C ASN F 462 19.06 -24.82 21.54
N GLN F 463 19.82 -24.01 22.25
CA GLN F 463 20.37 -22.80 21.73
C GLN F 463 21.48 -23.17 20.70
N ILE F 464 22.30 -24.19 20.99
CA ILE F 464 23.38 -24.52 20.09
C ILE F 464 23.36 -25.99 19.71
N SER F 465 23.99 -26.32 18.60
CA SER F 465 24.22 -27.70 18.26
C SER F 465 25.45 -28.15 19.01
N SER F 466 25.50 -29.42 19.36
CA SER F 466 26.74 -30.00 19.88
C SER F 466 27.64 -30.48 18.72
N SER F 467 27.01 -31.09 17.70
CA SER F 467 27.72 -31.76 16.59
C SER F 467 28.03 -30.85 15.37
N VAL F 468 27.02 -30.19 14.81
CA VAL F 468 27.19 -29.40 13.57
C VAL F 468 28.17 -28.20 13.73
N LYS F 469 29.25 -28.16 12.94
CA LYS F 469 30.20 -27.03 13.01
C LYS F 469 29.73 -25.88 12.13
N ALA F 470 28.71 -26.13 11.28
CA ALA F 470 28.19 -25.07 10.39
C ALA F 470 27.34 -24.11 11.22
N SER F 471 28.02 -23.30 12.01
CA SER F 471 27.32 -22.58 13.05
C SER F 471 26.47 -21.40 12.60
N SER F 472 26.82 -20.76 11.48
CA SER F 472 26.01 -19.68 10.98
C SER F 472 24.66 -20.23 10.50
N ILE F 473 24.65 -21.47 9.99
CA ILE F 473 23.41 -22.13 9.53
C ILE F 473 22.61 -22.59 10.74
N VAL F 474 23.27 -23.26 11.68
CA VAL F 474 22.61 -23.61 12.93
C VAL F 474 21.92 -22.40 13.64
N ALA F 475 22.65 -21.30 13.80
CA ALA F 475 22.06 -20.09 14.38
C ALA F 475 20.82 -19.63 13.58
N SER F 476 20.90 -19.66 12.26
CA SER F 476 19.72 -19.32 11.40
C SER F 476 18.55 -20.24 11.61
N LEU F 477 18.84 -21.52 11.87
CA LEU F 477 17.79 -22.52 12.10
C LEU F 477 17.10 -22.29 13.43
N PHE F 478 17.89 -21.83 14.40
CA PHE F 478 17.37 -21.43 15.70
C PHE F 478 16.47 -20.17 15.59
N LEU F 479 16.98 -19.14 14.91
CA LEU F 479 16.22 -17.88 14.75
C LEU F 479 14.92 -18.20 14.05
N LYS F 480 14.97 -19.11 13.08
CA LYS F 480 13.79 -19.41 12.25
C LYS F 480 12.58 -19.91 13.05
N GLU F 481 12.84 -20.55 14.18
CA GLU F 481 11.81 -21.02 15.11
C GLU F 481 10.98 -19.92 15.78
N PHE F 482 11.44 -18.66 15.70
CA PHE F 482 10.75 -17.54 16.35
C PHE F 482 10.00 -16.62 15.38
N VAL F 483 9.91 -17.05 14.12
CA VAL F 483 9.01 -16.43 13.16
C VAL F 483 8.09 -17.51 12.62
N GLN F 484 6.80 -17.30 12.73
CA GLN F 484 5.87 -18.36 12.42
C GLN F 484 5.31 -18.22 11.04
N ASN F 485 4.96 -17.00 10.65
CA ASN F 485 4.15 -16.83 9.49
C ASN F 485 4.42 -15.53 8.75
N THR F 486 5.68 -15.10 8.75
CA THR F 486 6.04 -13.85 8.12
C THR F 486 7.33 -14.06 7.37
N ALA F 487 7.41 -13.47 6.19
CA ALA F 487 8.65 -13.43 5.40
C ALA F 487 9.75 -12.79 6.23
N TRP F 488 10.83 -13.52 6.35
CA TRP F 488 11.93 -13.13 7.22
C TRP F 488 13.31 -13.45 6.58
N ALA F 489 14.26 -12.54 6.74
CA ALA F 489 15.64 -12.82 6.35
C ALA F 489 16.56 -12.36 7.46
N HIS F 490 17.75 -12.98 7.56
CA HIS F 490 18.71 -12.72 8.64
C HIS F 490 20.06 -12.43 7.94
N ILE F 491 20.74 -11.34 8.33
CA ILE F 491 22.01 -10.93 7.71
C ILE F 491 23.14 -11.02 8.73
N ASP F 492 24.01 -12.01 8.59
CA ASP F 492 25.07 -12.19 9.53
C ASP F 492 26.25 -11.35 9.04
N ILE F 493 26.65 -10.36 9.87
CA ILE F 493 27.71 -9.40 9.53
C ILE F 493 28.94 -9.52 10.44
N ALA F 494 29.06 -10.66 11.12
CA ALA F 494 30.22 -10.89 11.98
C ALA F 494 31.54 -10.76 11.18
N GLY F 495 31.60 -11.27 9.95
CA GLY F 495 32.84 -11.18 9.18
C GLY F 495 33.15 -9.79 8.64
N VAL F 496 32.06 -9.04 8.41
CA VAL F 496 32.07 -7.86 7.56
C VAL F 496 32.13 -6.50 8.25
N SER F 497 31.68 -6.47 9.51
CA SER F 497 31.41 -5.24 10.23
C SER F 497 32.65 -4.40 10.54
N TRP F 498 33.71 -5.06 10.98
CA TRP F 498 34.90 -4.35 11.43
C TRP F 498 35.98 -4.38 10.34
N ASN F 499 36.57 -3.21 10.03
CA ASN F 499 37.66 -3.14 9.07
C ASN F 499 38.97 -3.41 9.84
N PHE F 500 39.39 -4.66 9.87
CA PHE F 500 40.53 -5.06 10.71
C PHE F 500 41.79 -4.33 10.34
N LYS F 501 42.04 -4.21 9.04
CA LYS F 501 43.22 -3.55 8.56
C LYS F 501 43.23 -2.04 8.84
N ALA F 502 42.08 -1.38 8.67
CA ALA F 502 42.03 0.07 8.96
C ALA F 502 41.75 0.43 10.42
N ARG F 503 41.52 -0.59 11.25
CA ARG F 503 41.24 -0.42 12.69
C ARG F 503 40.04 0.46 13.02
N LYS F 504 38.94 0.21 12.32
CA LYS F 504 37.74 1.01 12.51
C LYS F 504 36.54 0.25 11.92
N PRO F 505 35.31 0.62 12.34
CA PRO F 505 34.10 0.06 11.69
C PRO F 505 33.99 0.38 10.21
N LYS F 506 33.17 -0.42 9.52
CA LYS F 506 32.71 -0.11 8.18
C LYS F 506 31.36 0.63 8.17
N GLY F 507 30.60 0.52 9.27
CA GLY F 507 29.20 1.01 9.31
C GLY F 507 28.31 0.19 8.38
N PHE F 508 28.62 -1.10 8.27
CA PHE F 508 28.05 -1.98 7.24
C PHE F 508 26.56 -2.26 7.45
N GLY F 509 25.76 -2.13 6.39
CA GLY F 509 24.36 -2.52 6.44
C GLY F 509 23.45 -1.32 6.35
N VAL F 510 23.96 -0.16 6.71
CA VAL F 510 23.11 1.04 6.69
C VAL F 510 22.57 1.28 5.27
N ARG F 511 23.48 1.30 4.28
CA ARG F 511 23.07 1.66 2.90
C ARG F 511 22.27 0.50 2.29
N LEU F 512 22.64 -0.76 2.65
CA LEU F 512 21.90 -1.94 2.25
C LEU F 512 20.40 -1.86 2.68
N LEU F 513 20.18 -1.59 3.95
CA LEU F 513 18.83 -1.62 4.47
C LEU F 513 18.05 -0.42 3.92
N THR F 514 18.70 0.74 3.79
CA THR F 514 18.00 1.92 3.23
C THR F 514 17.62 1.69 1.77
N GLU F 515 18.52 1.09 0.99
CA GLU F 515 18.20 0.70 -0.37
C GLU F 515 17.03 -0.28 -0.41
N PHE F 516 17.03 -1.24 0.53
CA PHE F 516 15.92 -2.17 0.66
C PHE F 516 14.57 -1.46 0.93
N VAL F 517 14.59 -0.48 1.83
CA VAL F 517 13.40 0.30 2.19
C VAL F 517 13.02 1.19 0.98
N LEU F 518 13.97 1.92 0.42
CA LEU F 518 13.69 2.80 -0.72
C LEU F 518 13.18 2.05 -1.95
N ASN F 519 13.71 0.87 -2.23
CA ASN F 519 13.27 0.07 -3.37
C ASN F 519 11.91 -0.60 -3.31
N ASP F 520 11.50 -1.16 -2.17
CA ASP F 520 10.46 -2.24 -2.11
C ASP F 520 9.58 -2.38 -0.86
N SER G 3 -41.22 -0.14 -58.85
CA SER G 3 -39.95 0.03 -58.07
C SER G 3 -39.95 -0.83 -56.82
N GLU G 4 -38.76 -1.26 -56.43
CA GLU G 4 -38.50 -1.92 -55.14
C GLU G 4 -38.63 -0.95 -53.97
N VAL G 5 -39.41 -1.34 -52.98
CA VAL G 5 -39.54 -0.62 -51.72
C VAL G 5 -38.34 -0.88 -50.82
N PRO G 6 -37.60 0.15 -50.42
CA PRO G 6 -36.46 -0.15 -49.53
C PRO G 6 -36.92 -0.53 -48.11
N GLN G 7 -36.14 -1.34 -47.44
CA GLN G 7 -36.51 -1.86 -46.13
C GLN G 7 -35.34 -1.60 -45.21
N VAL G 8 -35.60 -1.38 -43.93
CA VAL G 8 -34.53 -1.29 -42.94
C VAL G 8 -34.30 -2.70 -42.37
N VAL G 9 -35.37 -3.38 -42.01
CA VAL G 9 -35.27 -4.77 -41.60
C VAL G 9 -36.17 -5.59 -42.54
N SER G 10 -35.98 -6.90 -42.56
CA SER G 10 -36.71 -7.76 -43.50
C SER G 10 -38.21 -7.85 -43.19
N LEU G 11 -38.59 -7.46 -41.96
CA LEU G 11 -39.97 -7.49 -41.56
C LEU G 11 -40.71 -6.25 -42.03
N ASP G 12 -40.00 -5.27 -42.59
CA ASP G 12 -40.69 -4.06 -43.11
C ASP G 12 -41.55 -4.42 -44.32
N PRO G 13 -42.81 -3.96 -44.35
CA PRO G 13 -43.66 -4.35 -45.50
C PRO G 13 -43.26 -3.67 -46.84
N THR G 14 -43.56 -4.34 -47.96
CA THR G 14 -43.10 -3.88 -49.28
C THR G 14 -44.27 -3.59 -50.24
N SER G 15 -45.48 -3.55 -49.70
CA SER G 15 -46.64 -3.09 -50.48
C SER G 15 -47.78 -2.74 -49.55
N ILE G 16 -48.71 -1.97 -50.04
CA ILE G 16 -49.89 -1.72 -49.29
C ILE G 16 -50.86 -2.85 -49.58
N PRO G 17 -51.41 -3.52 -48.54
CA PRO G 17 -52.51 -4.48 -48.84
C PRO G 17 -53.73 -3.70 -49.28
N ILE G 18 -54.42 -4.19 -50.31
CA ILE G 18 -55.58 -3.51 -50.89
C ILE G 18 -56.61 -4.58 -51.20
N GLU G 19 -57.85 -4.35 -50.78
CA GLU G 19 -58.95 -5.24 -51.12
C GLU G 19 -59.74 -4.62 -52.28
N TYR G 20 -59.78 -5.29 -53.43
CA TYR G 20 -60.60 -4.80 -54.52
C TYR G 20 -61.97 -5.45 -54.53
N ASN G 21 -61.99 -6.77 -54.34
CA ASN G 21 -63.26 -7.50 -54.33
C ASN G 21 -63.83 -7.55 -52.92
N THR G 22 -64.65 -6.56 -52.56
CA THR G 22 -65.14 -6.46 -51.20
C THR G 22 -66.50 -7.15 -51.05
N PRO G 23 -66.91 -7.45 -49.80
CA PRO G 23 -68.24 -8.08 -49.62
C PRO G 23 -69.38 -7.24 -50.16
N ILE G 24 -69.27 -5.91 -50.08
CA ILE G 24 -70.24 -5.06 -50.73
C ILE G 24 -70.47 -5.41 -52.20
N HIS G 25 -69.38 -5.66 -52.96
CA HIS G 25 -69.48 -6.04 -54.39
C HIS G 25 -70.27 -7.36 -54.62
N ASP G 26 -70.32 -8.23 -53.60
CA ASP G 26 -71.14 -9.47 -53.69
C ASP G 26 -72.64 -9.27 -53.48
N ILE G 27 -73.04 -8.13 -52.90
CA ILE G 27 -74.47 -7.88 -52.63
C ILE G 27 -75.25 -7.67 -53.92
N LYS G 28 -76.31 -8.43 -54.10
CA LYS G 28 -77.22 -8.24 -55.20
C LYS G 28 -78.31 -7.25 -54.83
N VAL G 29 -78.47 -6.20 -55.63
CA VAL G 29 -79.41 -5.15 -55.30
C VAL G 29 -80.63 -5.28 -56.19
N GLN G 30 -81.82 -5.24 -55.62
CA GLN G 30 -83.06 -5.24 -56.39
C GLN G 30 -83.85 -3.98 -55.96
N VAL G 31 -84.37 -3.23 -56.92
CA VAL G 31 -85.17 -2.03 -56.64
C VAL G 31 -86.58 -2.29 -57.13
N TYR G 32 -87.57 -2.02 -56.27
CA TYR G 32 -88.95 -2.29 -56.58
C TYR G 32 -89.81 -1.05 -56.39
N ASP G 33 -90.84 -0.90 -57.18
CA ASP G 33 -91.71 0.24 -57.02
C ASP G 33 -92.69 -0.01 -55.88
N ILE G 34 -92.78 0.92 -54.94
CA ILE G 34 -93.69 0.78 -53.82
C ILE G 34 -95.16 0.53 -54.22
N LYS G 35 -95.59 0.99 -55.39
CA LYS G 35 -96.98 0.81 -55.85
C LYS G 35 -97.43 -0.63 -55.88
N GLY G 36 -96.50 -1.56 -56.07
CA GLY G 36 -96.82 -2.97 -56.13
C GLY G 36 -96.93 -3.65 -54.78
N GLY G 37 -96.57 -2.91 -53.72
CA GLY G 37 -96.68 -3.40 -52.36
C GLY G 37 -95.39 -4.10 -52.02
N CYS G 38 -95.09 -4.19 -50.72
CA CYS G 38 -93.86 -4.86 -50.25
C CYS G 38 -94.12 -6.30 -49.85
N ASN G 39 -93.26 -7.17 -50.34
CA ASN G 39 -93.22 -8.52 -49.90
C ASN G 39 -92.25 -8.61 -48.72
N VAL G 40 -92.66 -9.30 -47.67
CA VAL G 40 -91.90 -9.36 -46.42
C VAL G 40 -91.50 -10.79 -46.10
N GLU G 41 -90.24 -11.10 -46.34
CA GLU G 41 -89.78 -12.46 -46.14
C GLU G 41 -88.48 -12.46 -45.36
N GLU G 42 -87.49 -13.21 -45.80
CA GLU G 42 -86.30 -13.42 -45.00
C GLU G 42 -85.49 -12.13 -44.75
N GLY G 43 -84.55 -12.19 -43.82
CA GLY G 43 -83.69 -11.08 -43.55
C GLY G 43 -84.38 -10.09 -42.65
N LEU G 44 -84.11 -8.82 -42.89
CA LEU G 44 -84.70 -7.76 -42.11
C LEU G 44 -85.30 -6.74 -43.08
N THR G 45 -86.52 -6.28 -42.80
CA THR G 45 -87.15 -5.26 -43.63
C THR G 45 -87.31 -4.01 -42.81
N ILE G 46 -86.70 -2.91 -43.25
CA ILE G 46 -86.69 -1.66 -42.47
C ILE G 46 -87.43 -0.54 -43.20
N PHE G 47 -88.44 0.05 -42.57
CA PHE G 47 -89.11 1.24 -43.11
C PHE G 47 -88.40 2.53 -42.65
N LEU G 48 -88.13 3.43 -43.59
CA LEU G 48 -87.63 4.77 -43.28
C LEU G 48 -88.81 5.70 -43.24
N VAL G 49 -89.17 6.13 -42.04
CA VAL G 49 -90.36 6.93 -41.79
C VAL G 49 -90.08 8.28 -41.09
N ASN G 50 -90.80 9.29 -41.51
CA ASN G 50 -90.72 10.59 -40.84
C ASN G 50 -92.11 11.05 -40.43
N ASN G 51 -92.23 12.26 -39.89
CA ASN G 51 -93.55 12.81 -39.64
C ASN G 51 -93.42 14.33 -39.68
N PRO G 52 -93.62 14.90 -40.88
CA PRO G 52 -93.39 16.34 -41.14
C PRO G 52 -94.28 17.12 -40.19
N GLY G 53 -93.72 18.09 -39.50
CA GLY G 53 -94.58 18.74 -38.53
C GLY G 53 -94.12 19.04 -37.12
N LYS G 54 -94.63 18.43 -36.04
CA LYS G 54 -94.72 17.01 -35.60
C LYS G 54 -93.33 16.44 -35.25
N GLU G 55 -92.57 17.24 -34.48
CA GLU G 55 -91.33 16.82 -33.85
C GLU G 55 -91.60 15.61 -32.95
N ASN G 56 -90.83 14.55 -33.15
CA ASN G 56 -91.03 13.28 -32.44
C ASN G 56 -92.45 12.77 -32.56
N GLY G 57 -93.10 13.00 -33.70
CA GLY G 57 -94.46 12.49 -33.94
C GLY G 57 -94.50 10.98 -34.08
N PRO G 58 -95.72 10.40 -34.14
CA PRO G 58 -95.90 8.96 -34.25
C PRO G 58 -95.49 8.34 -35.58
N VAL G 59 -95.04 7.10 -35.51
CA VAL G 59 -94.82 6.28 -36.68
C VAL G 59 -96.15 5.85 -37.31
N LYS G 60 -96.27 6.07 -38.61
CA LYS G 60 -97.39 5.57 -39.41
C LYS G 60 -96.77 4.93 -40.68
N ILE G 61 -97.04 3.64 -40.93
CA ILE G 61 -96.51 2.98 -42.14
C ILE G 61 -97.54 3.13 -43.25
N SER G 62 -97.18 3.78 -44.35
CA SER G 62 -98.20 4.04 -45.36
C SER G 62 -98.16 3.06 -46.52
N SER G 63 -97.04 2.38 -46.74
CA SER G 63 -96.93 1.43 -47.88
C SER G 63 -97.85 0.26 -47.74
N LYS G 64 -98.31 -0.25 -48.87
CA LYS G 64 -99.02 -1.51 -48.88
C LYS G 64 -98.03 -2.65 -48.65
N VAL G 65 -98.35 -3.51 -47.69
CA VAL G 65 -97.53 -4.69 -47.42
C VAL G 65 -98.33 -5.89 -47.93
N ASN G 66 -97.74 -6.70 -48.79
CA ASN G 66 -98.46 -7.87 -49.34
C ASN G 66 -98.52 -9.06 -48.37
N ASP G 67 -99.15 -8.86 -47.21
CA ASP G 67 -99.19 -9.91 -46.18
C ASP G 67 -100.13 -9.42 -45.11
N LYS G 68 -101.16 -10.21 -44.83
CA LYS G 68 -102.19 -9.83 -43.90
C LYS G 68 -101.62 -9.75 -42.47
N GLN G 69 -100.83 -10.74 -42.05
CA GLN G 69 -100.22 -10.71 -40.71
C GLN G 69 -99.32 -9.49 -40.50
N VAL G 70 -98.42 -9.24 -41.45
CA VAL G 70 -97.52 -8.13 -41.32
C VAL G 70 -98.33 -6.82 -41.36
N SER G 71 -99.29 -6.69 -42.28
CA SER G 71 -100.17 -5.50 -42.30
C SER G 71 -100.90 -5.26 -40.98
N GLU G 72 -101.43 -6.32 -40.34
CA GLU G 72 -102.05 -6.16 -39.02
C GLU G 72 -101.01 -5.65 -38.02
N PHE G 73 -99.82 -6.24 -38.02
CA PHE G 73 -98.79 -5.78 -37.06
C PHE G 73 -98.50 -4.30 -37.25
N LEU G 74 -98.43 -3.86 -38.50
CA LEU G 74 -97.97 -2.52 -38.81
C LEU G 74 -99.10 -1.50 -38.86
N LYS G 75 -100.28 -1.85 -38.36
CA LYS G 75 -101.40 -0.90 -38.41
C LYS G 75 -101.12 0.32 -37.51
N ASP G 76 -101.80 1.43 -37.79
CA ASP G 76 -101.60 2.70 -37.06
C ASP G 76 -101.71 2.55 -35.54
N GLU G 77 -102.71 1.81 -35.09
CA GLU G 77 -102.91 1.63 -33.67
C GLU G 77 -101.66 1.06 -32.99
N ASN G 78 -101.00 0.09 -33.62
CA ASN G 78 -99.77 -0.47 -33.04
C ASN G 78 -98.56 0.42 -33.20
N MET G 79 -98.48 1.17 -34.30
CA MET G 79 -97.27 1.92 -34.62
C MET G 79 -97.20 3.28 -33.88
N GLU G 80 -98.37 3.80 -33.50
CA GLU G 80 -98.46 5.12 -32.90
C GLU G 80 -97.75 5.20 -31.55
N LYS G 81 -97.48 4.05 -30.92
CA LYS G 81 -96.73 4.06 -29.67
C LYS G 81 -95.23 4.30 -29.88
N PHE G 82 -94.81 4.35 -31.14
CA PHE G 82 -93.40 4.63 -31.47
C PHE G 82 -93.30 5.99 -32.14
N ASN G 83 -92.15 6.62 -32.02
CA ASN G 83 -91.98 7.92 -32.66
C ASN G 83 -90.89 7.95 -33.71
N VAL G 84 -90.86 9.03 -34.49
CA VAL G 84 -89.96 9.17 -35.62
C VAL G 84 -88.68 9.89 -35.30
N LYS G 85 -88.33 10.08 -34.03
CA LYS G 85 -87.12 10.86 -33.72
C LYS G 85 -85.93 10.41 -34.57
N LEU G 86 -85.23 11.39 -35.20
CA LEU G 86 -84.10 11.09 -36.11
C LEU G 86 -83.05 10.14 -35.54
N GLY G 87 -82.89 8.98 -36.19
CA GLY G 87 -81.89 7.99 -35.80
C GLY G 87 -82.42 6.96 -34.83
N THR G 88 -83.61 7.18 -34.29
CA THR G 88 -84.23 6.20 -33.45
C THR G 88 -84.64 4.98 -34.30
N SER G 89 -84.73 3.81 -33.67
CA SER G 89 -85.11 2.58 -34.40
C SER G 89 -85.72 1.52 -33.47
N LYS G 90 -86.51 0.62 -34.07
CA LYS G 90 -87.09 -0.51 -33.35
C LYS G 90 -87.07 -1.77 -34.24
N HIS G 91 -86.96 -2.94 -33.61
CA HIS G 91 -87.07 -4.25 -34.28
C HIS G 91 -88.40 -4.89 -33.91
N PHE G 92 -88.99 -5.56 -34.88
CA PHE G 92 -90.26 -6.28 -34.71
C PHE G 92 -90.05 -7.73 -35.16
N TYR G 93 -90.80 -8.64 -34.55
CA TYR G 93 -90.76 -10.08 -34.88
C TYR G 93 -92.18 -10.59 -34.99
N MET G 94 -92.42 -11.42 -36.01
CA MET G 94 -93.81 -11.89 -36.27
C MET G 94 -93.79 -13.03 -37.28
N PHE G 95 -94.93 -13.69 -37.46
CA PHE G 95 -95.11 -14.74 -38.47
C PHE G 95 -95.88 -14.18 -39.64
N ASN G 96 -95.46 -14.47 -40.87
CA ASN G 96 -96.18 -13.95 -42.03
C ASN G 96 -97.30 -14.93 -42.40
N ASP G 97 -98.00 -14.64 -43.51
CA ASP G 97 -99.10 -15.50 -44.02
C ASP G 97 -98.65 -16.94 -44.40
N ASN G 98 -97.34 -17.15 -44.59
CA ASN G 98 -96.85 -18.50 -44.87
C ASN G 98 -96.33 -19.20 -43.62
N LYS G 99 -96.57 -18.59 -42.47
CA LYS G 99 -96.19 -19.19 -41.19
C LYS G 99 -94.69 -19.08 -40.90
N ASN G 100 -93.98 -18.31 -41.71
CA ASN G 100 -92.55 -18.11 -41.53
C ASN G 100 -92.25 -16.84 -40.76
N SER G 101 -91.44 -16.95 -39.71
CA SER G 101 -91.10 -15.80 -38.89
C SER G 101 -90.32 -14.73 -39.70
N VAL G 102 -90.69 -13.46 -39.58
CA VAL G 102 -90.02 -12.36 -40.27
C VAL G 102 -89.64 -11.25 -39.29
N ALA G 103 -88.49 -10.63 -39.54
CA ALA G 103 -88.04 -9.47 -38.82
C ALA G 103 -88.31 -8.17 -39.58
N VAL G 104 -88.89 -7.19 -38.90
CA VAL G 104 -89.27 -5.93 -39.56
C VAL G 104 -88.78 -4.85 -38.58
N GLY G 105 -88.73 -3.61 -39.03
CA GLY G 105 -88.43 -2.54 -38.11
C GLY G 105 -88.50 -1.24 -38.86
N TYR G 106 -88.05 -0.18 -38.23
CA TYR G 106 -88.08 1.14 -38.86
C TYR G 106 -86.93 1.95 -38.27
N VAL G 107 -86.49 2.95 -39.04
CA VAL G 107 -85.58 3.99 -38.57
C VAL G 107 -86.33 5.31 -38.69
N GLY G 108 -86.27 6.11 -37.62
CA GLY G 108 -86.86 7.44 -37.60
C GLY G 108 -86.04 8.42 -38.42
N CYS G 109 -86.74 9.15 -39.28
CA CYS G 109 -86.13 10.18 -40.10
C CYS G 109 -86.57 11.60 -39.71
N GLY G 110 -87.23 11.72 -38.56
CA GLY G 110 -87.49 13.02 -37.97
C GLY G 110 -88.68 13.70 -38.60
N SER G 111 -88.70 15.02 -38.57
CA SER G 111 -89.91 15.73 -38.98
C SER G 111 -89.64 16.82 -39.97
N VAL G 112 -88.42 16.85 -40.49
CA VAL G 112 -88.03 17.80 -41.52
C VAL G 112 -88.01 17.08 -42.87
N ALA G 113 -88.77 17.59 -43.86
CA ALA G 113 -89.12 16.80 -45.04
C ALA G 113 -87.96 16.58 -46.01
N ASP G 114 -86.96 17.45 -46.00
CA ASP G 114 -85.74 17.19 -46.77
C ASP G 114 -84.57 16.96 -45.87
N LEU G 115 -84.07 15.73 -45.87
CA LEU G 115 -82.95 15.38 -45.02
C LEU G 115 -81.66 16.00 -45.54
N SER G 116 -80.84 16.54 -44.66
CA SER G 116 -79.51 16.96 -45.05
C SER G 116 -78.57 15.74 -45.19
N GLU G 117 -77.44 15.95 -45.82
CA GLU G 117 -76.44 14.92 -45.94
C GLU G 117 -76.07 14.39 -44.54
N ALA G 118 -76.00 15.30 -43.56
CA ALA G 118 -75.69 14.93 -42.18
C ALA G 118 -76.82 14.10 -41.54
N ASP G 119 -78.08 14.50 -41.74
CA ASP G 119 -79.23 13.71 -41.23
C ASP G 119 -79.29 12.32 -41.84
N MET G 120 -79.13 12.26 -43.17
CA MET G 120 -79.14 10.98 -43.88
C MET G 120 -78.04 10.08 -43.38
N LYS G 121 -76.85 10.63 -43.11
CA LYS G 121 -75.76 9.87 -42.53
C LYS G 121 -76.16 9.23 -41.19
N ARG G 122 -76.87 9.98 -40.35
CA ARG G 122 -77.40 9.51 -39.08
C ARG G 122 -78.38 8.37 -39.26
N VAL G 123 -79.31 8.51 -40.21
CA VAL G 123 -80.22 7.41 -40.56
C VAL G 123 -79.42 6.15 -40.97
N VAL G 124 -78.44 6.34 -41.85
CA VAL G 124 -77.60 5.23 -42.28
C VAL G 124 -76.88 4.57 -41.10
N LEU G 125 -76.29 5.36 -40.20
CA LEU G 125 -75.60 4.75 -39.06
C LEU G 125 -76.54 3.91 -38.18
N SER G 126 -77.76 4.41 -37.96
CA SER G 126 -78.80 3.59 -37.30
C SER G 126 -79.02 2.26 -38.03
N LEU G 127 -79.19 2.32 -39.34
CA LEU G 127 -79.41 1.14 -40.13
C LEU G 127 -78.23 0.17 -40.01
N VAL G 128 -77.00 0.70 -40.04
CA VAL G 128 -75.82 -0.13 -39.91
C VAL G 128 -75.78 -0.84 -38.54
N THR G 129 -76.20 -0.17 -37.47
CA THR G 129 -76.22 -0.85 -36.15
C THR G 129 -77.19 -2.05 -36.17
N MET G 130 -78.29 -1.96 -36.92
CA MET G 130 -79.19 -3.12 -37.08
C MET G 130 -78.59 -4.24 -37.93
N LEU G 131 -77.72 -3.88 -38.87
CA LEU G 131 -76.97 -4.85 -39.64
C LEU G 131 -75.90 -5.56 -38.81
N HIS G 132 -75.22 -4.82 -37.93
CA HIS G 132 -74.17 -5.42 -37.12
C HIS G 132 -74.70 -6.31 -35.99
N ASP G 133 -73.96 -7.33 -35.68
CA ASP G 133 -74.31 -8.24 -34.60
C ASP G 133 -75.65 -8.97 -34.85
N ASN G 134 -75.94 -9.21 -36.12
CA ASN G 134 -77.16 -9.92 -36.53
C ASN G 134 -76.95 -10.63 -37.87
N LYS G 135 -76.75 -11.95 -37.81
CA LYS G 135 -76.46 -12.73 -39.01
C LYS G 135 -77.67 -12.68 -39.96
N LEU G 136 -77.59 -11.87 -41.00
CA LEU G 136 -78.70 -11.63 -41.90
C LEU G 136 -78.26 -11.96 -43.33
N SER G 137 -79.12 -12.63 -44.10
CA SER G 137 -78.79 -12.91 -45.51
C SER G 137 -79.25 -11.74 -46.39
N LYS G 138 -80.23 -10.98 -45.92
CA LYS G 138 -80.90 -9.95 -46.71
C LYS G 138 -81.33 -8.76 -45.86
N LEU G 139 -81.16 -7.55 -46.42
CA LEU G 139 -81.81 -6.36 -45.87
C LEU G 139 -82.76 -5.82 -46.94
N THR G 140 -83.92 -5.36 -46.53
CA THR G 140 -84.81 -4.68 -47.46
C THR G 140 -85.16 -3.31 -46.86
N VAL G 141 -85.11 -2.25 -47.67
CA VAL G 141 -85.32 -0.89 -47.17
C VAL G 141 -86.50 -0.28 -47.91
N VAL G 142 -87.53 0.14 -47.17
CA VAL G 142 -88.70 0.79 -47.75
C VAL G 142 -88.62 2.30 -47.47
N PHE G 143 -88.51 3.10 -48.53
CA PHE G 143 -88.53 4.57 -48.43
C PHE G 143 -89.92 5.12 -48.29
N GLU G 144 -90.27 5.66 -47.13
CA GLU G 144 -91.52 6.43 -47.03
C GLU G 144 -91.15 7.89 -46.75
N ILE G 145 -89.96 8.25 -47.22
CA ILE G 145 -89.48 9.61 -47.20
C ILE G 145 -89.14 9.99 -48.64
N ASN G 146 -89.15 11.28 -48.92
CA ASN G 146 -88.77 11.81 -50.22
C ASN G 146 -87.31 12.08 -50.37
N VAL G 147 -86.67 11.44 -51.35
CA VAL G 147 -85.26 11.70 -51.65
C VAL G 147 -85.15 11.95 -53.14
N ASP G 148 -84.37 12.93 -53.54
CA ASP G 148 -84.06 13.06 -54.95
C ASP G 148 -83.02 11.99 -55.34
N LYS G 149 -82.69 11.93 -56.63
CA LYS G 149 -81.87 10.84 -57.15
C LYS G 149 -80.49 10.88 -56.54
N ASN G 150 -79.97 12.07 -56.36
CA ASN G 150 -78.62 12.25 -55.79
C ASN G 150 -78.61 11.82 -54.34
N LEU G 151 -79.68 12.13 -53.61
CA LEU G 151 -79.77 11.72 -52.22
C LEU G 151 -79.95 10.19 -52.03
N PHE G 152 -80.78 9.60 -52.89
CA PHE G 152 -80.89 8.14 -52.92
C PHE G 152 -79.52 7.49 -53.15
N ARG G 153 -78.76 7.99 -54.12
CA ARG G 153 -77.45 7.44 -54.37
C ARG G 153 -76.55 7.60 -53.12
N PHE G 154 -76.61 8.77 -52.49
CA PHE G 154 -75.85 9.07 -51.32
C PHE G 154 -76.18 8.08 -50.21
N PHE G 155 -77.47 7.75 -50.06
CA PHE G 155 -77.92 6.75 -49.07
C PHE G 155 -77.19 5.43 -49.33
N LEU G 156 -77.13 5.02 -50.60
CA LEU G 156 -76.52 3.74 -50.96
C LEU G 156 -75.01 3.73 -50.73
N GLU G 157 -74.34 4.77 -51.19
CA GLU G 157 -72.86 4.92 -51.04
C GLU G 157 -72.45 4.89 -49.59
N THR G 158 -73.23 5.58 -48.78
CA THR G 158 -72.94 5.77 -47.33
C THR G 158 -73.24 4.46 -46.60
N LEU G 159 -74.32 3.82 -46.99
CA LEU G 159 -74.64 2.50 -46.44
C LEU G 159 -73.51 1.50 -46.74
N PHE G 160 -73.11 1.41 -48.00
CA PHE G 160 -72.01 0.53 -48.43
C PHE G 160 -70.70 0.84 -47.68
N TYR G 161 -70.34 2.13 -47.64
CA TYR G 161 -69.10 2.56 -46.98
C TYR G 161 -69.08 2.23 -45.46
N GLU G 162 -70.17 2.56 -44.76
CA GLU G 162 -70.23 2.40 -43.32
C GLU G 162 -70.30 0.94 -42.92
N TYR G 163 -71.01 0.14 -43.71
CA TYR G 163 -71.16 -1.29 -43.45
C TYR G 163 -69.85 -2.06 -43.60
N MET G 164 -69.02 -1.66 -44.56
CA MET G 164 -67.76 -2.34 -44.89
C MET G 164 -66.79 -2.14 -43.74
N THR G 165 -66.11 -3.21 -43.28
CA THR G 165 -65.16 -3.10 -42.17
C THR G 165 -63.77 -3.47 -42.70
N ASP G 166 -62.80 -2.60 -42.44
CA ASP G 166 -61.43 -2.77 -42.96
C ASP G 166 -60.60 -3.64 -41.99
N GLU G 167 -60.37 -4.90 -42.38
CA GLU G 167 -59.65 -5.82 -41.51
C GLU G 167 -58.22 -6.19 -41.98
N ARG G 168 -57.66 -5.37 -42.86
CA ARG G 168 -56.38 -5.71 -43.46
C ARG G 168 -55.26 -5.85 -42.44
N PHE G 169 -55.32 -5.10 -41.32
CA PHE G 169 -54.21 -5.08 -40.37
C PHE G 169 -54.50 -5.92 -39.13
N LYS G 170 -55.69 -6.52 -39.13
CA LYS G 170 -56.05 -7.49 -38.08
C LYS G 170 -55.33 -8.80 -38.33
N SER G 171 -54.93 -9.45 -37.26
CA SER G 171 -54.31 -10.72 -37.37
C SER G 171 -54.95 -11.65 -36.37
N THR G 172 -54.64 -11.45 -35.09
CA THR G 172 -55.23 -12.26 -34.01
C THR G 172 -56.64 -11.78 -33.58
N ASP G 173 -57.08 -10.62 -34.07
CA ASP G 173 -58.30 -9.92 -33.58
C ASP G 173 -59.38 -9.69 -34.66
N LYS G 174 -59.46 -10.57 -35.66
CA LYS G 174 -60.55 -10.47 -36.64
C LYS G 174 -61.89 -10.73 -35.94
N ASN G 175 -62.95 -10.13 -36.47
CA ASN G 175 -64.26 -10.20 -35.86
C ASN G 175 -64.91 -11.49 -36.32
N MET G 178 -69.28 -11.38 -37.92
CA MET G 178 -69.07 -10.49 -39.06
C MET G 178 -69.30 -11.20 -40.37
N GLU G 179 -70.57 -11.39 -40.70
CA GLU G 179 -71.06 -11.90 -41.93
C GLU G 179 -71.79 -10.76 -42.63
N TYR G 180 -71.83 -10.74 -43.94
CA TYR G 180 -72.45 -9.66 -44.67
C TYR G 180 -73.73 -10.17 -45.35
N ILE G 181 -74.74 -9.32 -45.53
CA ILE G 181 -75.91 -9.66 -46.34
C ILE G 181 -75.46 -9.99 -47.76
N LYS G 182 -76.18 -10.89 -48.42
CA LYS G 182 -75.96 -11.20 -49.82
C LYS G 182 -76.93 -10.45 -50.73
N HIS G 183 -78.02 -9.94 -50.15
CA HIS G 183 -79.08 -9.29 -50.95
C HIS G 183 -79.55 -8.00 -50.33
N LEU G 184 -79.80 -7.01 -51.19
CA LEU G 184 -80.39 -5.74 -50.72
C LEU G 184 -81.62 -5.39 -51.56
N GLY G 185 -82.81 -5.36 -50.97
CA GLY G 185 -84.02 -4.94 -51.70
C GLY G 185 -84.29 -3.49 -51.30
N VAL G 186 -84.74 -2.68 -52.25
CA VAL G 186 -85.12 -1.29 -51.98
C VAL G 186 -86.52 -1.04 -52.56
N TYR G 187 -87.46 -0.57 -51.75
CA TYR G 187 -88.78 -0.21 -52.26
C TYR G 187 -88.86 1.29 -52.28
N ILE G 188 -89.18 1.86 -53.43
CA ILE G 188 -89.27 3.31 -53.50
C ILE G 188 -90.32 3.70 -54.53
N ASN G 189 -90.96 4.86 -54.38
CA ASN G 189 -91.87 5.37 -55.44
C ASN G 189 -91.10 5.76 -56.70
N ASN G 190 -91.73 5.59 -57.86
CA ASN G 190 -91.05 5.84 -59.14
C ASN G 190 -89.67 5.16 -59.22
N ALA G 191 -89.65 3.86 -58.92
CA ALA G 191 -88.39 3.13 -58.82
C ALA G 191 -87.56 3.14 -60.09
N ASP G 192 -88.20 3.07 -61.26
CA ASP G 192 -87.47 3.03 -62.53
C ASP G 192 -86.53 4.20 -62.68
N THR G 193 -86.92 5.33 -62.11
CA THR G 193 -86.11 6.51 -62.22
C THR G 193 -84.88 6.47 -61.30
N TYR G 194 -84.84 5.58 -60.29
CA TYR G 194 -83.74 5.48 -59.32
C TYR G 194 -82.76 4.36 -59.62
N LYS G 195 -83.19 3.39 -60.43
CA LYS G 195 -82.38 2.23 -60.76
C LYS G 195 -80.98 2.55 -61.26
N GLU G 196 -80.85 3.56 -62.12
CA GLU G 196 -79.54 3.90 -62.67
C GLU G 196 -78.59 4.42 -61.58
N GLU G 197 -79.12 4.79 -60.41
CA GLU G 197 -78.23 5.22 -59.30
C GLU G 197 -77.50 4.06 -58.60
N VAL G 198 -77.93 2.84 -58.83
CA VAL G 198 -77.43 1.72 -58.00
C VAL G 198 -76.01 1.42 -58.40
N GLU G 199 -75.76 1.27 -59.68
CA GLU G 199 -74.39 0.89 -60.05
C GLU G 199 -73.42 2.05 -59.87
N LYS G 200 -73.92 3.26 -60.13
CA LYS G 200 -73.16 4.46 -59.80
C LYS G 200 -72.75 4.52 -58.32
N ALA G 201 -73.70 4.26 -57.41
CA ALA G 201 -73.42 4.28 -55.98
C ALA G 201 -72.36 3.23 -55.63
N ARG G 202 -72.42 2.08 -56.29
CA ARG G 202 -71.48 1.03 -56.03
C ARG G 202 -70.08 1.44 -56.53
N VAL G 203 -69.98 2.15 -57.66
CA VAL G 203 -68.68 2.64 -58.13
C VAL G 203 -68.12 3.73 -57.15
N TYR G 204 -68.97 4.72 -56.82
CA TYR G 204 -68.63 5.78 -55.86
C TYR G 204 -68.21 5.25 -54.48
N TYR G 205 -68.97 4.29 -53.95
CA TYR G 205 -68.56 3.59 -52.73
C TYR G 205 -67.13 3.04 -52.87
N PHE G 206 -66.84 2.30 -53.96
CA PHE G 206 -65.48 1.73 -53.99
C PHE G 206 -64.37 2.80 -54.14
N GLY G 207 -64.59 3.82 -54.98
CA GLY G 207 -63.64 4.90 -55.08
C GLY G 207 -63.32 5.48 -53.70
N THR G 208 -64.36 5.66 -52.88
CA THR G 208 -64.14 6.30 -51.60
C THR G 208 -63.49 5.32 -50.63
N TYR G 209 -63.89 4.05 -50.72
CA TYR G 209 -63.35 3.01 -49.84
C TYR G 209 -61.88 2.66 -50.19
N TYR G 210 -61.58 2.76 -51.49
CA TYR G 210 -60.22 2.64 -51.97
C TYR G 210 -59.36 3.77 -51.40
N ALA G 211 -59.80 5.03 -51.53
CA ALA G 211 -59.09 6.13 -50.91
C ALA G 211 -58.90 5.85 -49.41
N SER G 212 -59.97 5.39 -48.76
CA SER G 212 -59.91 5.14 -47.33
C SER G 212 -58.85 4.07 -46.96
N GLN G 213 -58.75 3.02 -47.77
CA GLN G 213 -57.72 1.99 -47.55
C GLN G 213 -56.29 2.55 -47.65
N LEU G 214 -56.07 3.45 -48.59
CA LEU G 214 -54.74 4.07 -48.75
C LEU G 214 -54.45 5.00 -47.56
N ILE G 215 -55.45 5.81 -47.18
CA ILE G 215 -55.28 6.75 -46.05
C ILE G 215 -55.02 5.98 -44.75
N ALA G 216 -55.87 4.98 -44.46
CA ALA G 216 -55.75 4.21 -43.21
C ALA G 216 -54.46 3.39 -43.16
N ALA G 217 -53.90 3.02 -44.32
CA ALA G 217 -52.64 2.26 -44.37
C ALA G 217 -51.56 3.10 -43.69
N PRO G 218 -50.89 2.53 -42.68
CA PRO G 218 -49.86 3.27 -41.91
C PRO G 218 -48.64 3.58 -42.76
N SER G 219 -47.82 4.54 -42.31
CA SER G 219 -46.78 5.05 -43.13
C SER G 219 -45.64 4.03 -43.37
N ASN G 220 -45.54 2.98 -42.57
CA ASN G 220 -44.58 1.89 -42.89
C ASN G 220 -45.11 1.05 -44.09
N TYR G 221 -46.42 0.88 -44.20
CA TYR G 221 -47.00 0.20 -45.37
C TYR G 221 -47.08 1.13 -46.59
N CYS G 222 -47.58 2.34 -46.37
CA CYS G 222 -47.92 3.29 -47.42
C CYS G 222 -46.87 4.41 -47.40
N ASN G 223 -45.83 4.22 -48.22
CA ASN G 223 -44.70 5.15 -48.33
C ASN G 223 -44.66 5.56 -49.82
N PRO G 224 -43.76 6.51 -50.22
CA PRO G 224 -43.81 7.00 -51.64
C PRO G 224 -43.62 5.90 -52.71
N VAL G 225 -42.80 4.89 -52.43
CA VAL G 225 -42.64 3.78 -53.36
C VAL G 225 -43.88 2.88 -53.43
N SER G 226 -44.43 2.42 -52.31
CA SER G 226 -45.58 1.52 -52.33
C SER G 226 -46.86 2.22 -52.81
N LEU G 227 -47.02 3.51 -52.51
CA LEU G 227 -48.17 4.25 -52.97
C LEU G 227 -48.14 4.47 -54.49
N SER G 228 -46.97 4.83 -55.02
CA SER G 228 -46.85 4.97 -56.48
C SER G 228 -47.01 3.56 -57.16
N ASN G 229 -46.47 2.50 -56.53
CA ASN G 229 -46.72 1.16 -57.05
C ASN G 229 -48.22 0.80 -57.07
N ALA G 230 -48.94 1.07 -55.98
CA ALA G 230 -50.41 0.86 -55.96
C ALA G 230 -51.08 1.67 -57.06
N ALA G 231 -50.62 2.89 -57.27
CA ALA G 231 -51.19 3.72 -58.39
C ALA G 231 -50.97 3.05 -59.75
N VAL G 232 -49.75 2.54 -59.96
CA VAL G 232 -49.47 1.76 -61.17
C VAL G 232 -50.44 0.60 -61.37
N GLU G 233 -50.65 -0.17 -60.32
CA GLU G 233 -51.51 -1.34 -60.38
C GLU G 233 -52.94 -0.94 -60.70
N LEU G 234 -53.39 0.17 -60.11
CA LEU G 234 -54.70 0.66 -60.36
C LEU G 234 -54.87 1.03 -61.84
N ALA G 235 -53.87 1.75 -62.39
CA ALA G 235 -53.91 2.14 -63.82
C ALA G 235 -53.94 0.90 -64.75
N GLN G 236 -53.15 -0.13 -64.39
CA GLN G 236 -53.15 -1.37 -65.15
C GLN G 236 -54.50 -2.05 -65.16
N LYS G 237 -55.17 -2.05 -64.02
CA LYS G 237 -56.52 -2.61 -63.90
C LYS G 237 -57.55 -1.85 -64.71
N LEU G 238 -57.41 -0.54 -64.82
CA LEU G 238 -58.43 0.27 -65.42
C LEU G 238 -58.07 0.70 -66.83
N ASN G 239 -56.93 0.23 -67.35
CA ASN G 239 -56.44 0.73 -68.64
C ASN G 239 -56.20 2.23 -68.78
N LEU G 240 -55.67 2.85 -67.74
CA LEU G 240 -55.31 4.27 -67.81
C LEU G 240 -53.85 4.29 -68.23
N GLU G 241 -53.41 5.37 -68.86
CA GLU G 241 -52.01 5.54 -69.11
C GLU G 241 -51.40 5.97 -67.81
N TYR G 242 -50.11 5.68 -67.62
CA TYR G 242 -49.43 6.08 -66.39
C TYR G 242 -47.95 6.33 -66.62
N LYS G 243 -47.41 7.25 -65.84
CA LYS G 243 -46.00 7.49 -65.77
C LYS G 243 -45.71 7.79 -64.32
N ILE G 244 -44.69 7.12 -63.77
CA ILE G 244 -44.16 7.49 -62.47
C ILE G 244 -42.81 8.14 -62.68
N LEU G 245 -42.66 9.41 -62.32
CA LEU G 245 -41.39 10.09 -62.44
C LEU G 245 -40.52 9.81 -61.18
N GLY G 246 -39.29 9.37 -61.42
CA GLY G 246 -38.30 9.16 -60.34
C GLY G 246 -37.42 10.37 -60.16
N VAL G 247 -36.49 10.26 -59.23
CA VAL G 247 -35.63 11.38 -58.81
C VAL G 247 -34.87 11.98 -59.97
N LYS G 248 -34.22 11.13 -60.78
CA LYS G 248 -33.43 11.60 -61.89
C LYS G 248 -34.28 12.43 -62.88
N GLU G 249 -35.48 11.96 -63.19
CA GLU G 249 -36.35 12.77 -64.02
C GLU G 249 -36.83 14.07 -63.34
N LEU G 250 -37.11 14.00 -62.03
CA LEU G 250 -37.48 15.17 -61.22
C LEU G 250 -36.36 16.22 -61.14
N GLU G 251 -35.11 15.77 -61.05
CA GLU G 251 -33.97 16.67 -61.11
C GLU G 251 -33.89 17.37 -62.49
N GLU G 252 -34.08 16.58 -63.54
CA GLU G 252 -34.07 17.11 -64.92
C GLU G 252 -35.14 18.18 -65.07
N LEU G 253 -36.27 17.97 -64.43
CA LEU G 253 -37.37 18.93 -64.47
C LEU G 253 -37.23 20.07 -63.50
N LYS G 254 -36.15 20.05 -62.70
CA LYS G 254 -35.84 21.16 -61.81
C LYS G 254 -36.91 21.35 -60.72
N MET G 255 -37.48 20.23 -60.24
CA MET G 255 -38.51 20.28 -59.18
C MET G 255 -37.92 20.41 -57.78
N GLY G 256 -37.24 21.53 -57.56
CA GLY G 256 -36.44 21.73 -56.35
C GLY G 256 -37.31 21.85 -55.09
N ALA G 257 -38.53 22.39 -55.21
CA ALA G 257 -39.37 22.54 -54.03
C ALA G 257 -39.84 21.17 -53.50
N TYR G 258 -40.41 20.38 -54.41
CA TYR G 258 -40.78 19.00 -54.13
C TYR G 258 -39.61 18.12 -53.72
N LEU G 259 -38.50 18.18 -54.46
CA LEU G 259 -37.35 17.34 -54.06
C LEU G 259 -36.82 17.68 -52.66
N SER G 260 -36.84 18.97 -52.28
CA SER G 260 -36.29 19.39 -50.99
C SER G 260 -37.03 18.74 -49.82
N VAL G 261 -38.37 18.71 -49.92
CA VAL G 261 -39.21 18.09 -48.92
C VAL G 261 -38.83 16.62 -48.70
N GLY G 262 -38.55 15.91 -49.79
CA GLY G 262 -38.23 14.47 -49.73
C GLY G 262 -36.81 14.14 -49.31
N LYS G 263 -35.95 15.14 -49.18
CA LYS G 263 -34.50 14.89 -49.01
C LYS G 263 -34.24 14.05 -47.77
N GLY G 264 -35.02 14.27 -46.70
CA GLY G 264 -34.82 13.55 -45.44
C GLY G 264 -35.29 12.10 -45.40
N SER G 265 -35.98 11.66 -46.47
CA SER G 265 -36.69 10.38 -46.41
C SER G 265 -35.81 9.25 -46.94
N MET G 266 -35.95 8.06 -46.38
CA MET G 266 -35.26 6.88 -46.97
C MET G 266 -35.95 6.38 -48.23
N TYR G 267 -37.20 6.86 -48.47
CA TYR G 267 -37.97 6.56 -49.71
C TYR G 267 -37.75 7.66 -50.77
N PRO G 268 -37.26 7.27 -51.96
CA PRO G 268 -37.14 8.21 -53.07
C PRO G 268 -38.52 8.79 -53.41
N ASN G 269 -38.54 10.08 -53.77
CA ASN G 269 -39.70 10.73 -54.32
C ASN G 269 -40.23 10.01 -55.55
N LYS G 270 -41.56 9.88 -55.62
CA LYS G 270 -42.24 9.36 -56.82
C LYS G 270 -43.37 10.26 -57.21
N PHE G 271 -43.32 10.79 -58.43
CA PHE G 271 -44.39 11.64 -58.91
C PHE G 271 -45.37 10.81 -59.78
N ILE G 272 -46.60 10.73 -59.33
CA ILE G 272 -47.60 9.92 -60.01
C ILE G 272 -48.29 10.79 -61.08
N HIS G 273 -48.37 10.30 -62.30
CA HIS G 273 -49.13 10.91 -63.38
C HIS G 273 -49.98 9.83 -64.11
N LEU G 274 -51.27 9.76 -63.80
CA LEU G 274 -52.19 8.89 -64.51
C LEU G 274 -53.01 9.71 -65.50
N THR G 275 -53.46 9.10 -66.62
CA THR G 275 -54.25 9.83 -67.63
C THR G 275 -55.39 8.98 -68.11
N TYR G 276 -56.56 9.56 -68.05
CA TYR G 276 -57.73 8.98 -68.67
C TYR G 276 -58.01 9.83 -69.91
N LYS G 277 -58.28 9.19 -71.03
CA LYS G 277 -58.59 9.92 -72.21
C LYS G 277 -59.82 9.30 -72.83
N SER G 278 -60.87 10.08 -73.05
CA SER G 278 -62.09 9.58 -73.74
C SER G 278 -61.73 9.21 -75.15
N LYS G 279 -62.39 8.19 -75.68
CA LYS G 279 -62.10 7.71 -77.04
C LYS G 279 -62.57 8.68 -78.13
N GLY G 280 -63.59 9.50 -77.82
CA GLY G 280 -64.12 10.48 -78.80
C GLY G 280 -63.27 11.74 -78.98
N ASP G 281 -63.91 12.83 -79.41
CA ASP G 281 -63.24 14.12 -79.49
C ASP G 281 -63.15 14.76 -78.10
N VAL G 282 -61.94 15.04 -77.65
CA VAL G 282 -61.76 15.63 -76.34
C VAL G 282 -62.24 17.09 -76.37
N LYS G 283 -63.17 17.46 -75.48
CA LYS G 283 -63.66 18.84 -75.38
C LYS G 283 -63.23 19.60 -74.10
N LYS G 284 -62.68 18.87 -73.13
CA LYS G 284 -62.27 19.47 -71.88
C LYS G 284 -61.08 18.71 -71.35
N LYS G 285 -60.08 19.42 -70.87
CA LYS G 285 -58.91 18.74 -70.31
C LYS G 285 -58.78 19.21 -68.89
N ILE G 286 -58.55 18.29 -67.96
CA ILE G 286 -58.62 18.62 -66.54
C ILE G 286 -57.44 17.96 -65.83
N ALA G 287 -56.76 18.75 -64.98
CA ALA G 287 -55.78 18.16 -64.07
C ALA G 287 -56.27 18.20 -62.60
N LEU G 288 -56.26 17.03 -61.96
CA LEU G 288 -56.55 16.85 -60.54
C LEU G 288 -55.25 16.56 -59.82
N VAL G 289 -54.90 17.44 -58.88
CA VAL G 289 -53.66 17.37 -58.14
C VAL G 289 -53.91 17.08 -56.63
N GLY G 290 -53.35 16.00 -56.09
CA GLY G 290 -53.60 15.65 -54.67
C GLY G 290 -52.28 15.78 -53.96
N LYS G 291 -52.30 16.33 -52.76
CA LYS G 291 -51.12 16.38 -51.90
C LYS G 291 -50.82 14.97 -51.40
N GLY G 292 -49.57 14.56 -51.56
CA GLY G 292 -49.18 13.17 -51.33
C GLY G 292 -48.09 12.98 -50.32
N ILE G 293 -48.28 13.49 -49.11
CA ILE G 293 -47.25 13.27 -48.06
C ILE G 293 -47.60 12.00 -47.28
N THR G 294 -46.76 10.96 -47.38
CA THR G 294 -47.12 9.66 -46.79
C THR G 294 -46.91 9.63 -45.27
N PHE G 295 -46.04 10.53 -44.80
CA PHE G 295 -45.89 10.86 -43.41
C PHE G 295 -45.33 12.23 -43.21
N ASP G 296 -45.99 13.00 -42.36
CA ASP G 296 -45.57 14.38 -42.12
C ASP G 296 -45.14 14.53 -40.68
N SER G 297 -43.84 14.34 -40.41
CA SER G 297 -43.33 14.53 -39.06
C SER G 297 -43.25 16.04 -38.73
N GLY G 298 -43.32 16.90 -39.76
CA GLY G 298 -42.99 18.32 -39.60
C GLY G 298 -41.56 18.65 -40.05
N GLY G 299 -40.69 17.64 -40.15
CA GLY G 299 -39.25 17.88 -40.42
C GLY G 299 -38.60 18.55 -39.19
N TYR G 300 -37.56 19.33 -39.41
CA TYR G 300 -36.87 20.00 -38.32
C TYR G 300 -37.82 20.89 -37.48
N ASN G 301 -38.87 21.46 -38.11
CA ASN G 301 -40.05 22.00 -37.38
C ASN G 301 -40.96 20.85 -36.92
N LEU G 302 -40.39 19.97 -36.10
CA LEU G 302 -41.07 18.74 -35.64
C LEU G 302 -42.47 19.06 -35.05
N LYS G 303 -43.50 18.29 -35.45
CA LYS G 303 -44.77 18.30 -34.69
C LYS G 303 -44.62 17.78 -33.23
N ALA G 304 -44.22 18.70 -32.33
CA ALA G 304 -44.03 18.39 -30.93
C ALA G 304 -44.96 19.24 -30.07
N ALA G 305 -45.62 20.24 -30.65
CA ALA G 305 -46.48 21.10 -29.87
C ALA G 305 -47.77 20.35 -29.49
N PRO G 306 -48.28 20.61 -28.26
CA PRO G 306 -49.52 19.92 -27.84
C PRO G 306 -50.61 20.18 -28.90
N GLY G 307 -51.31 19.14 -29.37
CA GLY G 307 -52.34 19.34 -30.41
C GLY G 307 -51.87 19.16 -31.86
N SER G 308 -50.57 18.93 -32.05
CA SER G 308 -50.06 18.78 -33.38
C SER G 308 -50.44 17.44 -34.07
N MET G 309 -50.91 16.46 -33.31
CA MET G 309 -51.47 15.21 -33.88
C MET G 309 -50.49 14.44 -34.79
N ILE G 310 -49.22 14.45 -34.40
CA ILE G 310 -48.22 13.73 -35.20
C ILE G 310 -48.63 12.26 -35.46
N ASP G 311 -49.42 11.68 -34.56
CA ASP G 311 -49.85 10.27 -34.67
C ASP G 311 -50.90 10.06 -35.78
N LEU G 312 -51.52 11.12 -36.26
CA LEU G 312 -52.48 10.99 -37.34
C LEU G 312 -51.82 11.22 -38.72
N MET G 313 -50.53 11.55 -38.76
CA MET G 313 -49.98 12.13 -40.00
C MET G 313 -49.74 11.16 -41.19
N LYS G 314 -49.97 9.86 -40.99
CA LYS G 314 -50.18 8.96 -42.11
C LYS G 314 -51.33 9.47 -43.02
N PHE G 315 -52.22 10.36 -42.54
CA PHE G 315 -53.34 10.83 -43.36
C PHE G 315 -52.98 11.99 -44.28
N ASP G 316 -51.70 12.36 -44.28
CA ASP G 316 -51.28 13.51 -45.03
C ASP G 316 -51.15 13.30 -46.57
N MET G 317 -51.46 12.08 -47.05
CA MET G 317 -51.61 11.79 -48.46
C MET G 317 -53.10 11.64 -48.83
N SER G 318 -54.01 12.23 -48.02
CA SER G 318 -55.46 12.08 -48.27
C SER G 318 -55.85 12.67 -49.62
N GLY G 319 -55.12 13.72 -50.01
CA GLY G 319 -55.43 14.45 -51.28
C GLY G 319 -55.17 13.52 -52.46
N CYS G 320 -54.00 12.92 -52.44
CA CYS G 320 -53.59 11.93 -53.37
C CYS G 320 -54.55 10.75 -53.36
N ALA G 321 -54.96 10.28 -52.18
CA ALA G 321 -55.97 9.20 -52.15
C ALA G 321 -57.31 9.57 -52.83
N ALA G 322 -57.81 10.78 -52.59
CA ALA G 322 -59.05 11.22 -53.24
C ALA G 322 -58.89 11.25 -54.76
N VAL G 323 -57.72 11.68 -55.22
CA VAL G 323 -57.42 11.75 -56.65
C VAL G 323 -57.32 10.34 -57.30
N LEU G 324 -56.69 9.40 -56.61
CA LEU G 324 -56.70 8.03 -57.07
C LEU G 324 -58.09 7.40 -56.99
N GLY G 325 -58.86 7.67 -55.93
CA GLY G 325 -60.24 7.14 -55.89
C GLY G 325 -61.07 7.70 -57.05
N CYS G 326 -60.87 8.99 -57.30
CA CYS G 326 -61.46 9.62 -58.51
C CYS G 326 -61.04 8.90 -59.82
N ALA G 327 -59.74 8.55 -59.95
CA ALA G 327 -59.27 7.79 -61.13
C ALA G 327 -60.00 6.44 -61.25
N TYR G 328 -60.20 5.75 -60.13
CA TYR G 328 -61.01 4.54 -60.14
C TYR G 328 -62.44 4.81 -60.73
N CYS G 329 -63.10 5.85 -60.25
CA CYS G 329 -64.50 6.09 -60.65
C CYS G 329 -64.58 6.46 -62.13
N VAL G 330 -63.68 7.33 -62.56
CA VAL G 330 -63.64 7.86 -63.95
C VAL G 330 -63.25 6.74 -64.90
N GLY G 331 -62.21 5.97 -64.55
CA GLY G 331 -61.82 4.82 -65.34
C GLY G 331 -62.91 3.80 -65.47
N THR G 332 -63.81 3.73 -64.47
CA THR G 332 -64.87 2.75 -64.47
C THR G 332 -66.07 3.22 -65.25
N LEU G 333 -66.44 4.46 -65.05
CA LEU G 333 -67.65 5.01 -65.64
C LEU G 333 -67.40 5.52 -67.04
N LYS G 334 -66.16 5.79 -67.34
CA LYS G 334 -65.70 6.20 -68.66
C LYS G 334 -66.48 7.32 -69.29
N PRO G 335 -66.40 8.54 -68.73
CA PRO G 335 -67.07 9.68 -69.39
C PRO G 335 -66.46 9.98 -70.77
N GLU G 336 -67.29 10.56 -71.63
CA GLU G 336 -66.92 10.97 -72.98
C GLU G 336 -66.45 12.44 -73.03
N ASN G 337 -65.71 12.79 -74.07
CA ASN G 337 -65.32 14.17 -74.38
C ASN G 337 -64.32 14.80 -73.39
N VAL G 338 -63.64 14.00 -72.56
CA VAL G 338 -62.72 14.60 -71.60
C VAL G 338 -61.40 13.86 -71.50
N GLU G 339 -60.39 14.59 -71.12
CA GLU G 339 -59.12 13.99 -70.79
C GLU G 339 -58.74 14.48 -69.39
N ILE G 340 -58.44 13.57 -68.49
CA ILE G 340 -58.21 13.93 -67.11
C ILE G 340 -56.83 13.42 -66.72
N HIS G 341 -56.02 14.28 -66.10
CA HIS G 341 -54.72 13.89 -65.56
C HIS G 341 -54.86 13.81 -64.08
N PHE G 342 -54.28 12.76 -63.47
CA PHE G 342 -54.38 12.54 -62.03
C PHE G 342 -52.95 12.62 -61.55
N LEU G 343 -52.65 13.62 -60.73
CA LEU G 343 -51.26 13.92 -60.41
C LEU G 343 -51.03 13.92 -58.93
N SER G 344 -49.87 13.43 -58.50
CA SER G 344 -49.50 13.62 -57.11
C SER G 344 -48.00 13.56 -56.96
N ALA G 345 -47.41 14.59 -56.35
CA ALA G 345 -46.00 14.64 -56.03
C ALA G 345 -45.83 13.98 -54.68
N VAL G 346 -45.57 12.67 -54.66
CA VAL G 346 -45.57 11.90 -53.43
C VAL G 346 -44.17 11.92 -52.80
N CYS G 347 -44.11 12.11 -51.49
CA CYS G 347 -42.85 11.99 -50.73
C CYS G 347 -43.18 11.85 -49.25
N GLU G 348 -42.14 11.75 -48.42
CA GLU G 348 -42.29 11.67 -47.00
C GLU G 348 -41.47 12.81 -46.36
N ASN G 349 -41.98 13.47 -45.28
CA ASN G 349 -41.31 14.66 -44.65
C ASN G 349 -40.72 14.28 -43.28
N MET G 350 -39.41 14.03 -43.26
CA MET G 350 -38.72 13.36 -42.13
C MET G 350 -37.55 14.14 -41.57
N VAL G 351 -36.96 13.62 -40.49
CA VAL G 351 -35.86 14.28 -39.80
C VAL G 351 -34.64 13.42 -39.95
N SER G 352 -33.61 14.00 -40.56
CA SER G 352 -32.43 13.26 -40.95
C SER G 352 -31.19 14.19 -41.00
N LYS G 353 -29.98 13.65 -41.10
CA LYS G 353 -28.86 14.51 -41.54
C LYS G 353 -29.10 15.14 -42.92
N ASN G 354 -29.98 14.50 -43.71
CA ASN G 354 -30.20 14.87 -45.11
C ASN G 354 -31.39 15.80 -45.37
N SER G 355 -32.16 16.10 -44.34
CA SER G 355 -33.38 16.90 -44.49
C SER G 355 -33.10 18.31 -44.92
N TYR G 356 -34.08 18.92 -45.58
CA TYR G 356 -34.04 20.36 -45.74
C TYR G 356 -34.16 21.08 -44.41
N ARG G 357 -33.61 22.29 -44.33
CA ARG G 357 -33.66 23.09 -43.08
C ARG G 357 -34.57 24.32 -43.17
N PRO G 358 -35.13 24.74 -42.01
CA PRO G 358 -35.70 26.07 -41.87
C PRO G 358 -34.66 27.07 -42.36
N GLY G 359 -35.08 27.99 -43.22
CA GLY G 359 -34.16 28.97 -43.83
C GLY G 359 -33.61 28.66 -45.20
N ASP G 360 -33.55 27.38 -45.61
CA ASP G 360 -33.05 27.02 -46.91
C ASP G 360 -33.81 27.77 -47.99
N ILE G 361 -33.06 28.14 -49.02
CA ILE G 361 -33.68 28.73 -50.19
C ILE G 361 -33.57 27.69 -51.29
N ILE G 362 -34.70 27.38 -51.88
CA ILE G 362 -34.81 26.31 -52.86
C ILE G 362 -35.47 26.89 -54.10
N THR G 363 -35.26 26.26 -55.25
CA THR G 363 -35.80 26.79 -56.51
C THR G 363 -36.87 25.86 -57.09
N ALA G 364 -38.08 26.39 -57.31
CA ALA G 364 -39.15 25.61 -57.90
C ALA G 364 -38.87 25.43 -59.39
N SER G 365 -39.65 24.55 -60.04
CA SER G 365 -39.46 24.24 -61.45
C SER G 365 -39.81 25.43 -62.37
N ASN G 366 -40.51 26.43 -61.89
CA ASN G 366 -40.81 27.55 -62.78
C ASN G 366 -39.74 28.63 -62.54
N GLY G 367 -38.71 28.27 -61.77
CA GLY G 367 -37.60 29.18 -61.49
C GLY G 367 -37.76 30.13 -60.30
N LYS G 368 -38.94 30.17 -59.67
CA LYS G 368 -39.10 30.95 -58.44
C LYS G 368 -38.26 30.40 -57.27
N THR G 369 -37.45 31.28 -56.64
CA THR G 369 -36.79 30.88 -55.42
C THR G 369 -37.70 31.10 -54.23
N ILE G 370 -37.62 30.16 -53.30
CA ILE G 370 -38.49 30.15 -52.16
C ILE G 370 -37.68 30.02 -50.88
N GLU G 371 -37.95 30.93 -49.93
CA GLU G 371 -37.36 30.85 -48.63
C GLU G 371 -38.28 30.04 -47.70
N VAL G 372 -37.72 28.93 -47.20
CA VAL G 372 -38.38 28.07 -46.26
C VAL G 372 -38.40 28.66 -44.87
N GLY G 373 -39.60 28.96 -44.40
CA GLY G 373 -39.82 29.60 -43.09
C GLY G 373 -40.07 28.52 -42.05
N ASN G 374 -40.60 27.36 -42.50
CA ASN G 374 -41.06 26.32 -41.59
C ASN G 374 -41.12 25.02 -42.38
N THR G 375 -40.34 24.03 -41.98
CA THR G 375 -40.33 22.78 -42.77
C THR G 375 -41.64 21.98 -42.69
N ASP G 376 -42.52 22.32 -41.72
CA ASP G 376 -43.85 21.74 -41.61
C ASP G 376 -44.90 22.38 -42.59
N ALA G 377 -44.49 23.39 -43.34
CA ALA G 377 -45.34 23.88 -44.44
C ALA G 377 -44.89 23.22 -45.76
N GLU G 378 -44.71 21.91 -45.69
CA GLU G 378 -44.12 21.18 -46.80
C GLU G 378 -45.11 20.90 -47.97
N GLY G 379 -46.40 20.78 -47.65
CA GLY G 379 -47.41 20.43 -48.64
C GLY G 379 -47.41 21.45 -49.78
N ARG G 380 -47.33 22.74 -49.45
CA ARG G 380 -47.48 23.80 -50.48
C ARG G 380 -46.24 23.82 -51.40
N LEU G 381 -45.11 23.29 -50.89
CA LEU G 381 -43.89 23.22 -51.67
C LEU G 381 -43.98 22.08 -52.69
N THR G 382 -44.42 20.91 -52.25
CA THR G 382 -44.70 19.81 -53.19
C THR G 382 -45.78 20.20 -54.22
N LEU G 383 -46.83 20.88 -53.77
CA LEU G 383 -47.90 21.28 -54.67
C LEU G 383 -47.46 22.33 -55.67
N ALA G 384 -46.48 23.15 -55.32
CA ALA G 384 -46.00 24.22 -56.20
C ALA G 384 -45.42 23.59 -57.47
N ASP G 385 -44.56 22.58 -57.28
CA ASP G 385 -44.00 21.89 -58.42
C ASP G 385 -45.06 21.08 -59.18
N ALA G 386 -46.03 20.49 -58.48
CA ALA G 386 -47.09 19.71 -59.14
C ALA G 386 -47.98 20.63 -59.98
N LEU G 387 -48.21 21.85 -59.50
CA LEU G 387 -49.04 22.80 -60.25
C LEU G 387 -48.32 23.29 -61.51
N VAL G 388 -47.03 23.58 -61.39
CA VAL G 388 -46.20 23.95 -62.56
C VAL G 388 -46.24 22.82 -63.60
N TYR G 389 -46.11 21.59 -63.14
CA TYR G 389 -46.19 20.44 -64.03
C TYR G 389 -47.57 20.36 -64.69
N ALA G 390 -48.61 20.56 -63.87
CA ALA G 390 -49.97 20.47 -64.38
C ALA G 390 -50.22 21.52 -65.44
N GLU G 391 -49.83 22.75 -65.19
CA GLU G 391 -50.14 23.80 -66.16
C GLU G 391 -49.42 23.54 -67.48
N LYS G 392 -48.23 22.94 -67.43
CA LYS G 392 -47.50 22.62 -68.66
C LYS G 392 -48.22 21.57 -69.48
N LEU G 393 -49.19 20.88 -68.91
CA LEU G 393 -49.98 19.93 -69.68
C LEU G 393 -50.92 20.60 -70.63
N GLY G 394 -51.21 21.89 -70.43
CA GLY G 394 -52.18 22.60 -71.29
C GLY G 394 -53.64 22.21 -71.04
N VAL G 395 -54.09 22.37 -69.80
CA VAL G 395 -55.44 21.97 -69.42
C VAL G 395 -56.39 23.16 -69.28
N ASP G 396 -57.69 22.89 -69.28
CA ASP G 396 -58.65 23.94 -69.01
C ASP G 396 -58.76 24.32 -67.53
N TYR G 397 -58.72 23.31 -66.64
CA TYR G 397 -58.88 23.53 -65.22
C TYR G 397 -57.87 22.72 -64.48
N ILE G 398 -57.29 23.33 -63.46
CA ILE G 398 -56.49 22.61 -62.49
C ILE G 398 -57.21 22.66 -61.15
N VAL G 399 -57.42 21.51 -60.50
CA VAL G 399 -58.04 21.49 -59.20
C VAL G 399 -57.13 20.71 -58.29
N ASP G 400 -56.68 21.32 -57.21
CA ASP G 400 -55.90 20.52 -56.27
C ASP G 400 -56.73 20.22 -55.02
N ILE G 401 -56.37 19.16 -54.32
CA ILE G 401 -57.07 18.82 -53.11
C ILE G 401 -56.00 18.38 -52.10
N ALA G 402 -56.04 18.94 -50.89
CA ALA G 402 -54.90 18.78 -49.94
C ALA G 402 -55.29 18.93 -48.47
N THR G 403 -54.67 18.11 -47.57
CA THR G 403 -54.77 18.31 -46.09
C THR G 403 -53.72 19.36 -45.64
N LEU G 404 -54.00 20.59 -46.02
CA LEU G 404 -52.96 21.59 -46.12
C LEU G 404 -52.69 22.34 -44.83
N THR G 405 -53.73 22.78 -44.13
CA THR G 405 -53.58 23.61 -42.93
C THR G 405 -54.53 23.23 -41.77
N GLY G 406 -53.98 23.00 -40.57
CA GLY G 406 -54.78 22.73 -39.36
C GLY G 406 -55.75 23.86 -39.01
N ALA G 407 -55.49 25.04 -39.55
CA ALA G 407 -56.41 26.17 -39.33
C ALA G 407 -57.83 25.89 -39.82
N MET G 408 -57.97 24.91 -40.73
CA MET G 408 -59.30 24.55 -41.24
C MET G 408 -60.22 24.06 -40.12
N LEU G 409 -59.63 23.41 -39.13
CA LEU G 409 -60.37 22.95 -37.96
C LEU G 409 -61.00 24.10 -37.17
N TYR G 410 -60.40 25.29 -37.21
CA TYR G 410 -60.87 26.48 -36.51
C TYR G 410 -61.76 27.36 -37.32
N SER G 411 -61.77 27.16 -38.64
CA SER G 411 -62.60 27.97 -39.50
C SER G 411 -63.88 27.21 -39.91
N LEU G 412 -63.77 26.07 -40.59
CA LEU G 412 -64.99 25.39 -41.06
C LEU G 412 -65.27 24.14 -40.24
N GLY G 413 -64.22 23.64 -39.56
CA GLY G 413 -64.38 22.48 -38.72
C GLY G 413 -64.25 21.14 -39.44
N THR G 414 -64.90 20.12 -38.89
CA THR G 414 -64.73 18.74 -39.39
C THR G 414 -65.79 18.35 -40.45
N SER G 415 -66.69 19.24 -40.79
CA SER G 415 -67.77 18.80 -41.66
C SER G 415 -67.78 19.39 -43.14
N TYR G 416 -67.34 20.64 -43.31
CA TYR G 416 -67.22 21.24 -44.66
C TYR G 416 -65.74 21.44 -45.01
N ALA G 417 -65.34 21.07 -46.22
CA ALA G 417 -64.05 21.46 -46.79
C ALA G 417 -64.13 22.93 -47.25
N GLY G 418 -62.98 23.56 -47.39
CA GLY G 418 -62.92 24.93 -47.96
C GLY G 418 -62.40 24.93 -49.39
N VAL G 419 -62.99 25.74 -50.27
CA VAL G 419 -62.44 25.85 -51.65
C VAL G 419 -61.97 27.29 -51.87
N PHE G 420 -60.76 27.44 -52.43
CA PHE G 420 -60.21 28.72 -52.80
C PHE G 420 -59.92 28.67 -54.33
N GLY G 421 -59.91 29.79 -55.03
CA GLY G 421 -59.46 29.74 -56.42
C GLY G 421 -59.24 31.08 -57.09
N ASN G 422 -58.79 31.05 -58.33
CA ASN G 422 -58.51 32.27 -59.06
C ASN G 422 -59.57 32.51 -60.12
N ASN G 423 -60.64 31.71 -60.11
CA ASN G 423 -61.62 31.72 -61.22
C ASN G 423 -63.03 31.37 -60.71
N GLU G 424 -63.93 32.33 -60.75
CA GLU G 424 -65.23 32.16 -60.19
C GLU G 424 -66.08 31.09 -60.88
N GLU G 425 -66.01 30.99 -62.21
CA GLU G 425 -66.77 29.95 -62.91
C GLU G 425 -66.33 28.57 -62.44
N LEU G 426 -65.04 28.37 -62.29
CA LEU G 426 -64.53 27.07 -61.83
C LEU G 426 -64.96 26.79 -60.37
N ILE G 427 -64.86 27.80 -59.50
CA ILE G 427 -65.33 27.65 -58.10
C ILE G 427 -66.82 27.27 -58.07
N ASN G 428 -67.65 27.91 -58.89
CA ASN G 428 -69.07 27.57 -58.97
C ASN G 428 -69.32 26.12 -59.45
N LYS G 429 -68.46 25.62 -60.35
CA LYS G 429 -68.52 24.22 -60.78
C LYS G 429 -68.21 23.28 -59.64
N ILE G 430 -67.21 23.62 -58.81
CA ILE G 430 -66.90 22.81 -57.64
C ILE G 430 -68.07 22.85 -56.63
N LEU G 431 -68.65 24.03 -56.44
CA LEU G 431 -69.76 24.15 -55.51
C LEU G 431 -70.97 23.31 -55.98
N GLN G 432 -71.23 23.31 -57.27
CA GLN G 432 -72.28 22.48 -57.87
C GLN G 432 -71.98 20.99 -57.69
N SER G 433 -70.72 20.59 -57.90
CA SER G 433 -70.29 19.20 -57.66
C SER G 433 -70.45 18.80 -56.23
N SER G 434 -70.21 19.76 -55.33
CA SER G 434 -70.41 19.57 -53.89
C SER G 434 -71.89 19.29 -53.61
N LYS G 435 -72.75 20.04 -54.25
CA LYS G 435 -74.18 19.85 -54.04
C LYS G 435 -74.63 18.45 -54.55
N THR G 436 -74.15 18.02 -55.71
CA THR G 436 -74.64 16.77 -56.29
C THR G 436 -73.89 15.54 -55.74
N SER G 437 -72.70 15.72 -55.17
CA SER G 437 -72.04 14.58 -54.54
C SER G 437 -72.44 14.41 -53.05
N ASN G 438 -73.06 15.45 -52.48
CA ASN G 438 -73.34 15.57 -51.03
C ASN G 438 -72.09 15.50 -50.13
N GLU G 439 -70.97 15.99 -50.65
CA GLU G 439 -69.74 16.26 -49.90
C GLU G 439 -69.61 17.78 -49.79
N PRO G 440 -69.88 18.34 -48.60
CA PRO G 440 -70.01 19.80 -48.45
C PRO G 440 -68.69 20.57 -48.50
N VAL G 441 -68.72 21.67 -49.25
CA VAL G 441 -67.55 22.54 -49.42
C VAL G 441 -68.08 23.98 -49.27
N TRP G 442 -67.27 24.86 -48.70
CA TRP G 442 -67.62 26.29 -48.65
C TRP G 442 -66.55 27.16 -49.31
N TRP G 443 -66.99 28.13 -50.11
CA TRP G 443 -66.05 29.01 -50.78
C TRP G 443 -65.42 29.98 -49.77
N LEU G 444 -64.08 29.98 -49.69
CA LEU G 444 -63.33 30.93 -48.86
C LEU G 444 -62.48 31.82 -49.75
N PRO G 445 -62.16 33.05 -49.28
CA PRO G 445 -61.52 34.03 -50.18
C PRO G 445 -59.96 33.91 -50.21
N ILE G 446 -59.37 34.25 -51.34
CA ILE G 446 -57.92 34.49 -51.38
C ILE G 446 -57.77 36.00 -51.20
N ILE G 447 -57.33 36.39 -50.00
CA ILE G 447 -57.29 37.83 -49.68
C ILE G 447 -55.96 38.43 -50.12
N ASN G 448 -55.99 39.26 -51.17
CA ASN G 448 -54.73 39.76 -51.75
C ASN G 448 -53.92 40.65 -50.82
N GLU G 449 -54.61 41.27 -49.86
CA GLU G 449 -53.94 42.13 -48.88
C GLU G 449 -52.85 41.37 -48.13
N TYR G 450 -52.99 40.05 -47.97
CA TYR G 450 -51.96 39.30 -47.22
C TYR G 450 -50.75 38.97 -48.09
N ARG G 451 -50.83 39.23 -49.40
CA ARG G 451 -49.74 38.81 -50.30
C ARG G 451 -48.38 39.37 -49.88
N ALA G 452 -48.37 40.65 -49.55
CA ALA G 452 -47.13 41.34 -49.18
C ALA G 452 -46.36 40.64 -48.04
N THR G 453 -47.05 39.86 -47.20
CA THR G 453 -46.35 39.22 -46.07
C THR G 453 -45.61 37.98 -46.52
N LEU G 454 -45.76 37.60 -47.80
CA LEU G 454 -44.95 36.54 -48.43
C LEU G 454 -43.71 37.08 -49.16
N ASN G 455 -43.47 38.40 -49.06
CA ASN G 455 -42.28 39.01 -49.64
C ASN G 455 -41.06 38.61 -48.81
N SER G 456 -40.07 38.00 -49.46
CA SER G 456 -38.87 37.57 -48.78
C SER G 456 -37.77 38.61 -48.97
N LYS G 457 -36.94 38.81 -47.95
CA LYS G 457 -35.84 39.75 -48.09
C LYS G 457 -34.83 39.23 -49.15
N TYR G 458 -34.65 37.91 -49.24
CA TYR G 458 -33.63 37.28 -50.08
C TYR G 458 -34.18 36.48 -51.28
N ALA G 459 -35.24 35.71 -51.06
CA ALA G 459 -35.74 34.86 -52.13
C ALA G 459 -36.84 35.60 -52.92
N ASP G 460 -37.36 35.00 -53.98
CA ASP G 460 -38.45 35.62 -54.73
C ASP G 460 -39.70 35.64 -53.86
N ILE G 461 -39.82 34.66 -52.95
CA ILE G 461 -41.03 34.54 -52.15
C ILE G 461 -40.75 33.74 -50.89
N ASN G 462 -41.50 34.06 -49.84
CA ASN G 462 -41.56 33.25 -48.62
C ASN G 462 -42.57 32.12 -48.74
N GLN G 463 -42.18 30.96 -48.23
CA GLN G 463 -43.08 29.84 -48.05
C GLN G 463 -44.24 30.19 -47.09
N ILE G 464 -43.98 30.95 -46.03
CA ILE G 464 -44.98 31.24 -45.02
C ILE G 464 -44.99 32.72 -44.68
N SER G 465 -46.05 33.15 -44.02
CA SER G 465 -46.20 34.53 -43.53
C SER G 465 -45.49 34.62 -42.18
N SER G 466 -44.87 35.72 -41.85
CA SER G 466 -44.46 35.83 -40.44
C SER G 466 -45.57 36.52 -39.61
N SER G 467 -46.40 37.34 -40.25
CA SER G 467 -47.44 38.06 -39.49
C SER G 467 -48.87 37.48 -39.53
N VAL G 468 -49.30 36.93 -40.68
CA VAL G 468 -50.71 36.60 -40.82
C VAL G 468 -51.04 35.21 -40.26
N LYS G 469 -51.99 35.13 -39.32
CA LYS G 469 -52.36 33.83 -38.76
C LYS G 469 -53.40 33.09 -39.59
N ALA G 470 -53.99 33.75 -40.60
CA ALA G 470 -55.03 33.14 -41.45
C ALA G 470 -54.33 32.21 -42.45
N SER G 471 -53.83 31.08 -41.94
CA SER G 471 -52.87 30.24 -42.65
C SER G 471 -53.42 29.51 -43.89
N SER G 472 -54.71 29.19 -43.92
CA SER G 472 -55.30 28.55 -45.08
C SER G 472 -55.38 29.54 -46.26
N ILE G 473 -55.66 30.81 -45.96
CA ILE G 473 -55.67 31.87 -46.97
C ILE G 473 -54.25 32.15 -47.46
N VAL G 474 -53.29 32.20 -46.53
CA VAL G 474 -51.89 32.42 -46.90
C VAL G 474 -51.35 31.29 -47.81
N ALA G 475 -51.55 30.04 -47.39
CA ALA G 475 -51.21 28.89 -48.24
C ALA G 475 -51.78 29.03 -49.70
N SER G 476 -53.04 29.43 -49.83
CA SER G 476 -53.68 29.61 -51.14
C SER G 476 -52.99 30.71 -51.97
N LEU G 477 -52.60 31.81 -51.29
CA LEU G 477 -51.83 32.88 -51.95
C LEU G 477 -50.52 32.38 -52.51
N PHE G 478 -49.82 31.56 -51.73
CA PHE G 478 -48.59 30.95 -52.14
C PHE G 478 -48.82 30.06 -53.39
N LEU G 479 -49.81 29.18 -53.33
CA LEU G 479 -50.10 28.24 -54.44
C LEU G 479 -50.46 29.01 -55.70
N LYS G 480 -51.18 30.12 -55.53
CA LYS G 480 -51.63 30.92 -56.65
C LYS G 480 -50.46 31.36 -57.51
N GLU G 481 -49.30 31.56 -56.88
CA GLU G 481 -48.09 32.05 -57.53
C GLU G 481 -47.55 31.03 -58.52
N PHE G 482 -48.03 29.78 -58.43
CA PHE G 482 -47.54 28.72 -59.30
C PHE G 482 -48.51 28.30 -60.42
N VAL G 483 -49.53 29.14 -60.67
CA VAL G 483 -50.47 28.95 -61.77
C VAL G 483 -50.57 30.31 -62.50
N GLN G 484 -50.01 30.38 -63.71
CA GLN G 484 -49.89 31.66 -64.41
C GLN G 484 -51.10 32.06 -65.17
N ASN G 485 -51.69 31.12 -65.91
CA ASN G 485 -52.69 31.47 -66.87
C ASN G 485 -53.82 30.45 -67.04
N THR G 486 -54.18 29.76 -65.97
CA THR G 486 -55.20 28.72 -66.05
C THR G 486 -56.17 28.80 -64.88
N ALA G 487 -57.46 28.53 -65.15
CA ALA G 487 -58.48 28.46 -64.10
C ALA G 487 -58.05 27.39 -63.11
N TRP G 488 -57.93 27.80 -61.85
CA TRP G 488 -57.45 26.88 -60.77
C TRP G 488 -58.27 27.06 -59.50
N ALA G 489 -58.54 25.94 -58.82
CA ALA G 489 -59.16 25.94 -57.49
C ALA G 489 -58.44 24.93 -56.62
N HIS G 490 -58.50 25.18 -55.31
CA HIS G 490 -57.73 24.46 -54.33
C HIS G 490 -58.68 24.07 -53.19
N ILE G 491 -58.73 22.79 -52.83
CA ILE G 491 -59.71 22.35 -51.82
C ILE G 491 -58.96 21.87 -50.58
N ASP G 492 -59.09 22.58 -49.46
CA ASP G 492 -58.32 22.24 -48.26
C ASP G 492 -59.20 21.33 -47.42
N ILE G 493 -58.75 20.10 -47.28
CA ILE G 493 -59.54 19.05 -46.64
C ILE G 493 -58.89 18.62 -45.32
N ALA G 494 -57.97 19.44 -44.78
CA ALA G 494 -57.33 19.12 -43.49
C ALA G 494 -58.32 18.88 -42.35
N GLY G 495 -59.47 19.56 -42.37
CA GLY G 495 -60.40 19.40 -41.27
C GLY G 495 -61.39 18.27 -41.45
N VAL G 496 -61.60 17.89 -42.69
CA VAL G 496 -62.72 17.02 -43.06
C VAL G 496 -62.26 15.56 -43.41
N SER G 497 -60.97 15.37 -43.67
CA SER G 497 -60.52 14.10 -44.18
C SER G 497 -60.68 12.95 -43.18
N TRP G 498 -60.34 13.21 -41.91
CA TRP G 498 -60.33 12.14 -40.91
C TRP G 498 -61.54 12.25 -40.00
N ASN G 499 -62.29 11.14 -39.89
CA ASN G 499 -63.44 11.02 -38.98
C ASN G 499 -62.95 10.71 -37.55
N PHE G 500 -62.74 11.78 -36.77
CA PHE G 500 -62.14 11.64 -35.45
C PHE G 500 -63.01 10.76 -34.54
N LYS G 501 -64.33 10.94 -34.60
CA LYS G 501 -65.19 10.17 -33.74
C LYS G 501 -65.15 8.68 -34.11
N ALA G 502 -65.29 8.37 -35.40
CA ALA G 502 -65.28 6.96 -35.82
C ALA G 502 -63.85 6.35 -35.94
N ARG G 503 -62.80 7.16 -35.82
CA ARG G 503 -61.39 6.68 -35.84
C ARG G 503 -60.98 6.09 -37.18
N LYS G 504 -61.48 6.69 -38.25
CA LYS G 504 -61.21 6.19 -39.59
C LYS G 504 -61.30 7.34 -40.63
N PRO G 505 -60.79 7.14 -41.87
CA PRO G 505 -60.88 8.21 -42.89
C PRO G 505 -62.27 8.31 -43.44
N LYS G 506 -62.59 9.39 -44.12
CA LYS G 506 -63.85 9.47 -44.84
C LYS G 506 -63.71 9.18 -46.34
N GLY G 507 -62.48 9.17 -46.86
CA GLY G 507 -62.28 9.11 -48.30
C GLY G 507 -62.91 10.36 -48.94
N PHE G 508 -62.79 11.50 -48.26
CA PHE G 508 -63.42 12.76 -48.68
C PHE G 508 -62.80 13.28 -49.99
N GLY G 509 -63.66 13.70 -50.91
CA GLY G 509 -63.18 14.29 -52.15
C GLY G 509 -63.43 13.44 -53.40
N VAL G 510 -63.43 12.10 -53.23
CA VAL G 510 -63.62 11.24 -54.42
C VAL G 510 -64.89 11.53 -55.20
N ARG G 511 -66.00 11.57 -54.49
CA ARG G 511 -67.30 11.73 -55.14
C ARG G 511 -67.43 13.13 -55.65
N LEU G 512 -66.89 14.09 -54.90
CA LEU G 512 -66.89 15.49 -55.31
C LEU G 512 -66.15 15.68 -56.65
N LEU G 513 -64.90 15.21 -56.70
CA LEU G 513 -64.08 15.30 -57.94
C LEU G 513 -64.74 14.55 -59.10
N THR G 514 -65.22 13.34 -58.83
CA THR G 514 -65.89 12.61 -59.89
C THR G 514 -67.13 13.30 -60.42
N GLU G 515 -67.98 13.82 -59.54
CA GLU G 515 -69.13 14.59 -60.01
C GLU G 515 -68.68 15.81 -60.82
N PHE G 516 -67.56 16.42 -60.41
CA PHE G 516 -66.99 17.53 -61.17
C PHE G 516 -66.65 17.13 -62.63
N VAL G 517 -65.91 16.02 -62.78
CA VAL G 517 -65.55 15.46 -64.08
C VAL G 517 -66.81 15.08 -64.89
N LEU G 518 -67.69 14.30 -64.29
CA LEU G 518 -68.87 13.77 -65.01
C LEU G 518 -69.78 14.86 -65.47
N ASN G 519 -69.98 15.86 -64.64
CA ASN G 519 -70.96 16.85 -64.99
C ASN G 519 -70.38 17.92 -65.91
N ASP G 520 -69.07 17.87 -66.14
CA ASP G 520 -68.45 18.71 -67.15
C ASP G 520 -68.41 17.97 -68.50
N SER H 3 -13.06 19.57 -49.45
CA SER H 3 -13.28 20.32 -50.75
C SER H 3 -14.56 20.04 -51.58
N GLU H 4 -14.86 18.82 -52.02
CA GLU H 4 -16.14 18.61 -52.73
C GLU H 4 -17.34 18.71 -51.78
N VAL H 5 -18.36 19.45 -52.16
CA VAL H 5 -19.57 19.58 -51.33
C VAL H 5 -20.52 18.38 -51.55
N PRO H 6 -20.84 17.61 -50.48
CA PRO H 6 -21.78 16.49 -50.73
C PRO H 6 -23.18 17.01 -50.98
N GLN H 7 -23.93 16.28 -51.78
CA GLN H 7 -25.27 16.70 -52.19
C GLN H 7 -26.22 15.55 -51.86
N VAL H 8 -27.49 15.83 -51.63
CA VAL H 8 -28.47 14.75 -51.54
C VAL H 8 -29.14 14.60 -52.89
N VAL H 9 -29.44 15.71 -53.54
CA VAL H 9 -29.95 15.67 -54.92
C VAL H 9 -29.07 16.57 -55.72
N SER H 10 -29.14 16.43 -57.04
CA SER H 10 -28.28 17.19 -57.95
C SER H 10 -28.60 18.69 -57.94
N LEU H 11 -29.77 19.04 -57.41
CA LEU H 11 -30.17 20.44 -57.33
C LEU H 11 -29.61 21.12 -56.06
N ASP H 12 -28.98 20.36 -55.17
CA ASP H 12 -28.37 20.98 -53.97
C ASP H 12 -27.15 21.82 -54.38
N PRO H 13 -27.06 23.07 -53.91
CA PRO H 13 -25.99 24.02 -54.19
C PRO H 13 -24.64 23.48 -53.77
N THR H 14 -23.60 23.77 -54.53
CA THR H 14 -22.23 23.30 -54.12
C THR H 14 -21.24 24.43 -53.83
N SER H 15 -21.73 25.66 -53.79
CA SER H 15 -20.90 26.74 -53.24
C SER H 15 -21.79 27.89 -52.77
N ILE H 16 -21.20 28.80 -52.01
CA ILE H 16 -21.94 30.00 -51.63
C ILE H 16 -21.74 31.04 -52.75
N PRO H 17 -22.82 31.63 -53.29
CA PRO H 17 -22.55 32.73 -54.20
C PRO H 17 -22.07 33.95 -53.40
N ILE H 18 -21.00 34.57 -53.88
CA ILE H 18 -20.39 35.69 -53.20
C ILE H 18 -20.13 36.78 -54.21
N GLU H 19 -20.55 38.00 -53.91
CA GLU H 19 -20.20 39.05 -54.83
C GLU H 19 -19.06 39.87 -54.19
N TYR H 20 -17.95 39.94 -54.91
CA TYR H 20 -16.78 40.69 -54.47
C TYR H 20 -16.79 42.15 -54.99
N ASN H 21 -16.89 42.29 -56.31
CA ASN H 21 -17.06 43.63 -56.85
CA ASN H 21 -17.07 43.59 -56.95
C ASN H 21 -18.51 44.03 -56.82
N THR H 22 -18.83 44.94 -55.91
CA THR H 22 -20.23 45.33 -55.69
C THR H 22 -20.48 46.68 -56.36
N PRO H 23 -21.75 47.09 -56.58
CA PRO H 23 -21.95 48.44 -57.17
C PRO H 23 -21.45 49.58 -56.31
N ILE H 24 -21.36 49.35 -54.99
CA ILE H 24 -20.74 50.34 -54.10
C ILE H 24 -19.29 50.55 -54.54
N HIS H 25 -18.60 49.49 -54.94
CA HIS H 25 -17.19 49.64 -55.39
C HIS H 25 -17.03 50.57 -56.59
N ASP H 26 -18.06 50.63 -57.45
CA ASP H 26 -18.07 51.46 -58.68
C ASP H 26 -18.32 52.94 -58.40
N ILE H 27 -18.61 53.30 -57.15
CA ILE H 27 -18.92 54.69 -56.82
C ILE H 27 -17.63 55.46 -56.66
N LYS H 28 -17.44 56.46 -57.53
CA LYS H 28 -16.31 57.35 -57.41
C LYS H 28 -16.58 58.39 -56.33
N VAL H 29 -15.73 58.40 -55.31
CA VAL H 29 -15.94 59.26 -54.16
C VAL H 29 -14.91 60.38 -54.16
N GLN H 30 -15.41 61.61 -53.96
CA GLN H 30 -14.60 62.79 -53.89
C GLN H 30 -14.96 63.60 -52.66
N VAL H 31 -13.92 64.05 -51.96
CA VAL H 31 -14.08 64.85 -50.78
C VAL H 31 -13.51 66.25 -51.05
N TYR H 32 -14.33 67.28 -50.86
CA TYR H 32 -13.89 68.66 -51.06
C TYR H 32 -14.02 69.44 -49.76
N ASP H 33 -13.16 70.45 -49.60
CA ASP H 33 -13.27 71.32 -48.45
C ASP H 33 -14.42 72.30 -48.61
N ILE H 34 -15.24 72.34 -47.58
CA ILE H 34 -16.47 73.11 -47.54
C ILE H 34 -16.23 74.64 -47.64
N LYS H 35 -15.05 75.08 -47.18
CA LYS H 35 -14.67 76.50 -47.24
C LYS H 35 -14.51 77.02 -48.65
N GLY H 36 -14.23 76.13 -49.59
CA GLY H 36 -14.26 76.51 -50.99
C GLY H 36 -15.65 76.71 -51.56
N GLY H 37 -16.70 76.44 -50.76
CA GLY H 37 -18.09 76.55 -51.22
C GLY H 37 -18.54 75.33 -52.04
N CYS H 38 -19.85 75.20 -52.26
CA CYS H 38 -20.44 74.02 -52.95
C CYS H 38 -20.85 74.31 -54.35
N ASN H 39 -20.47 73.44 -55.27
CA ASN H 39 -21.08 73.46 -56.60
C ASN H 39 -22.28 72.55 -56.60
N VAL H 40 -23.39 73.03 -57.13
CA VAL H 40 -24.64 72.27 -57.08
C VAL H 40 -25.09 71.66 -58.43
N GLU H 41 -24.62 72.10 -59.56
CA GLU H 41 -24.83 71.40 -60.86
C GLU H 41 -25.65 70.09 -61.18
N GLU H 42 -25.77 69.08 -60.30
CA GLU H 42 -26.23 67.78 -60.82
C GLU H 42 -26.64 66.74 -59.75
N GLY H 43 -27.46 65.77 -60.15
CA GLY H 43 -27.98 64.72 -59.27
C GLY H 43 -28.69 65.25 -58.04
N LEU H 44 -28.36 64.70 -56.87
CA LEU H 44 -28.99 65.13 -55.62
C LEU H 44 -27.98 65.65 -54.60
N THR H 45 -28.22 66.84 -54.08
CA THR H 45 -27.33 67.42 -53.04
C THR H 45 -28.07 67.51 -51.73
N ILE H 46 -27.53 66.83 -50.71
CA ILE H 46 -28.12 66.79 -49.36
C ILE H 46 -27.21 67.47 -48.29
N PHE H 47 -27.81 68.42 -47.55
CA PHE H 47 -27.16 69.10 -46.43
C PHE H 47 -27.49 68.38 -45.14
N LEU H 48 -26.47 68.02 -44.37
CA LEU H 48 -26.68 67.47 -43.03
C LEU H 48 -26.69 68.63 -42.04
N VAL H 49 -27.88 68.88 -41.48
CA VAL H 49 -28.10 70.06 -40.67
C VAL H 49 -28.58 69.71 -39.26
N ASN H 50 -27.99 70.39 -38.28
CA ASN H 50 -28.51 70.38 -36.92
C ASN H 50 -28.88 71.79 -36.48
N ASN H 51 -29.29 71.91 -35.22
CA ASN H 51 -29.57 73.21 -34.58
C ASN H 51 -29.30 73.07 -33.07
N PRO H 52 -28.01 73.17 -32.67
CA PRO H 52 -27.49 72.66 -31.37
C PRO H 52 -28.18 73.19 -30.12
N LYS H 54 -31.26 73.40 -29.45
CA LYS H 54 -32.46 74.20 -29.66
C LYS H 54 -33.58 73.40 -30.33
N GLU H 55 -34.39 72.75 -29.49
CA GLU H 55 -35.70 72.19 -29.88
C GLU H 55 -35.69 71.37 -31.14
N ASN H 56 -36.79 71.50 -31.88
CA ASN H 56 -36.86 71.17 -33.29
C ASN H 56 -36.71 72.49 -34.02
N GLY H 57 -35.57 73.15 -33.76
CA GLY H 57 -35.27 74.47 -34.29
C GLY H 57 -35.20 74.47 -35.80
N PRO H 58 -35.20 75.67 -36.42
CA PRO H 58 -35.30 75.74 -37.88
C PRO H 58 -34.06 75.19 -38.60
N VAL H 59 -34.19 74.85 -39.90
CA VAL H 59 -33.01 74.60 -40.71
C VAL H 59 -32.44 75.94 -41.23
N LYS H 60 -31.16 76.14 -40.94
CA LYS H 60 -30.39 77.27 -41.50
C LYS H 60 -29.12 76.69 -42.11
N ILE H 61 -28.91 76.95 -43.39
CA ILE H 61 -27.71 76.49 -44.08
C ILE H 61 -26.53 77.39 -43.74
N SER H 62 -25.41 76.80 -43.34
CA SER H 62 -24.21 77.56 -43.08
C SER H 62 -23.30 77.69 -44.32
N SER H 63 -23.30 76.72 -45.23
CA SER H 63 -22.30 76.66 -46.30
C SER H 63 -22.44 77.70 -47.40
N LYS H 64 -21.30 78.11 -47.97
CA LYS H 64 -21.29 78.89 -49.20
C LYS H 64 -21.68 77.98 -50.35
N VAL H 65 -22.61 78.45 -51.17
CA VAL H 65 -23.12 77.66 -52.27
C VAL H 65 -22.78 78.45 -53.54
N ASN H 66 -21.95 77.86 -54.40
CA ASN H 66 -21.44 78.59 -55.58
C ASN H 66 -22.43 78.66 -56.74
N ASP H 67 -23.65 79.13 -56.43
CA ASP H 67 -24.72 79.29 -57.38
C ASP H 67 -25.74 80.29 -56.84
N LYS H 68 -26.04 81.34 -57.59
CA LYS H 68 -26.95 82.37 -57.10
C LYS H 68 -28.38 81.84 -56.90
N GLN H 69 -28.88 81.12 -57.91
CA GLN H 69 -30.20 80.48 -57.84
C GLN H 69 -30.36 79.58 -56.61
N VAL H 70 -29.45 78.64 -56.46
CA VAL H 70 -29.50 77.74 -55.32
C VAL H 70 -29.39 78.53 -54.00
N SER H 71 -28.46 79.49 -53.95
CA SER H 71 -28.27 80.30 -52.77
C SER H 71 -29.56 81.01 -52.39
N GLU H 72 -30.23 81.60 -53.37
CA GLU H 72 -31.54 82.24 -53.20
C GLU H 72 -32.54 81.30 -52.55
N PHE H 73 -32.71 80.12 -53.17
CA PHE H 73 -33.58 79.07 -52.64
C PHE H 73 -33.29 78.73 -51.17
N LEU H 74 -32.01 78.63 -50.82
CA LEU H 74 -31.63 78.16 -49.48
C LEU H 74 -31.51 79.25 -48.41
N LYS H 75 -32.06 80.44 -48.70
CA LYS H 75 -32.12 81.53 -47.73
C LYS H 75 -32.92 81.13 -46.49
N ASP H 76 -32.51 81.69 -45.34
CA ASP H 76 -33.14 81.41 -44.05
C ASP H 76 -34.69 81.45 -44.06
N GLU H 77 -35.22 82.49 -44.71
CA GLU H 77 -36.65 82.71 -44.83
C GLU H 77 -37.35 81.53 -45.48
N ASN H 78 -36.73 80.97 -46.51
CA ASN H 78 -37.30 79.82 -47.21
C ASN H 78 -37.17 78.53 -46.41
N MET H 79 -36.13 78.47 -45.58
CA MET H 79 -35.80 77.25 -44.85
C MET H 79 -36.49 77.17 -43.47
N GLU H 80 -37.06 78.30 -43.04
CA GLU H 80 -37.59 78.45 -41.67
C GLU H 80 -38.80 77.55 -41.42
N LYS H 81 -39.54 77.25 -42.48
CA LYS H 81 -40.68 76.32 -42.38
C LYS H 81 -40.26 74.90 -42.07
N PHE H 82 -38.96 74.61 -42.21
CA PHE H 82 -38.46 73.23 -42.00
C PHE H 82 -37.65 73.14 -40.72
N ASN H 83 -37.66 71.99 -40.07
CA ASN H 83 -36.91 71.83 -38.84
C ASN H 83 -35.91 70.68 -38.88
N VAL H 84 -35.02 70.65 -37.89
CA VAL H 84 -33.88 69.75 -37.90
C VAL H 84 -34.13 68.41 -37.23
N LYS H 85 -35.38 68.11 -36.91
CA LYS H 85 -35.70 66.89 -36.18
C LYS H 85 -34.95 65.69 -36.75
N LEU H 86 -34.30 64.93 -35.87
CA LEU H 86 -33.43 63.82 -36.27
C LEU H 86 -34.13 62.86 -37.19
N GLY H 87 -33.60 62.71 -38.39
CA GLY H 87 -34.15 61.74 -39.34
C GLY H 87 -35.17 62.29 -40.31
N THR H 88 -35.66 63.54 -40.12
CA THR H 88 -36.54 64.12 -41.16
C THR H 88 -35.73 64.53 -42.38
N SER H 89 -36.40 64.63 -43.52
CA SER H 89 -35.75 65.03 -44.77
C SER H 89 -36.74 65.69 -45.71
N LYS H 90 -36.20 66.53 -46.60
CA LYS H 90 -36.97 67.28 -47.58
C LYS H 90 -36.20 67.27 -48.90
N HIS H 91 -36.97 67.26 -50.00
CA HIS H 91 -36.47 67.45 -51.35
C HIS H 91 -36.94 68.77 -51.88
N PHE H 92 -36.03 69.43 -52.60
CA PHE H 92 -36.28 70.68 -53.29
C PHE H 92 -35.88 70.50 -54.74
N TYR H 93 -36.49 71.29 -55.60
CA TYR H 93 -36.21 71.24 -57.01
C TYR H 93 -36.13 72.65 -57.50
N MET H 94 -35.12 72.93 -58.33
CA MET H 94 -34.88 74.28 -58.86
C MET H 94 -33.98 74.26 -60.09
N PHE H 95 -33.89 75.42 -60.74
CA PHE H 95 -32.94 75.63 -61.83
C PHE H 95 -31.73 76.38 -61.34
N ASN H 96 -30.53 75.92 -61.70
CA ASN H 96 -29.30 76.59 -61.29
C ASN H 96 -28.90 77.68 -62.27
N ASP H 97 -27.73 78.29 -62.04
CA ASP H 97 -27.23 79.38 -62.89
C ASP H 97 -27.03 78.96 -64.34
N ASN H 98 -26.76 77.67 -64.52
CA ASN H 98 -26.68 77.04 -65.84
C ASN H 98 -28.04 76.76 -66.49
N LYS H 99 -29.12 77.13 -65.81
CA LYS H 99 -30.49 76.83 -66.23
C LYS H 99 -30.68 75.32 -66.30
N ASN H 100 -29.84 74.57 -65.59
CA ASN H 100 -30.09 73.16 -65.35
C ASN H 100 -30.90 72.98 -64.08
N SER H 101 -31.89 72.12 -64.14
CA SER H 101 -32.64 71.73 -62.96
C SER H 101 -31.73 70.86 -62.07
N VAL H 102 -31.74 71.13 -60.76
CA VAL H 102 -30.97 70.34 -59.82
C VAL H 102 -31.87 69.94 -58.65
N ALA H 103 -31.57 68.82 -58.01
CA ALA H 103 -32.30 68.46 -56.81
C ALA H 103 -31.40 68.68 -55.60
N VAL H 104 -32.01 69.27 -54.58
CA VAL H 104 -31.34 69.61 -53.33
C VAL H 104 -32.28 69.22 -52.19
N GLY H 105 -31.74 69.02 -51.00
CA GLY H 105 -32.55 68.72 -49.82
C GLY H 105 -31.71 68.64 -48.57
N TYR H 106 -32.28 68.07 -47.51
CA TYR H 106 -31.57 67.99 -46.23
C TYR H 106 -32.03 66.84 -45.36
N VAL H 107 -31.15 66.39 -44.48
CA VAL H 107 -31.58 65.48 -43.46
C VAL H 107 -31.32 66.14 -42.12
N GLY H 108 -32.33 66.08 -41.24
CA GLY H 108 -32.23 66.63 -39.88
C GLY H 108 -31.37 65.81 -38.95
N CYS H 109 -30.45 66.47 -38.27
CA CYS H 109 -29.54 65.77 -37.36
C CYS H 109 -29.76 66.12 -35.88
N GLY H 110 -30.94 66.65 -35.54
CA GLY H 110 -31.30 66.99 -34.14
C GLY H 110 -30.67 68.27 -33.55
N SER H 111 -30.53 68.27 -32.23
CA SER H 111 -30.06 69.42 -31.44
C SER H 111 -28.82 69.12 -30.59
N VAL H 112 -28.52 67.84 -30.42
CA VAL H 112 -27.36 67.40 -29.67
C VAL H 112 -26.11 67.58 -30.52
N ALA H 113 -25.14 68.32 -30.02
CA ALA H 113 -23.94 68.67 -30.79
C ALA H 113 -23.09 67.46 -31.21
N ASP H 114 -23.30 66.31 -30.57
CA ASP H 114 -22.57 65.08 -30.88
C ASP H 114 -23.52 63.91 -31.12
N LEU H 115 -23.45 63.28 -32.30
CA LEU H 115 -24.39 62.20 -32.63
C LEU H 115 -23.88 60.85 -32.17
N SER H 116 -24.74 60.07 -31.53
CA SER H 116 -24.39 58.70 -31.24
C SER H 116 -24.35 57.83 -32.52
N GLU H 117 -23.63 56.72 -32.42
CA GLU H 117 -23.64 55.68 -33.41
C GLU H 117 -25.09 55.35 -33.85
N ALA H 118 -25.99 55.16 -32.87
CA ALA H 118 -27.41 54.95 -33.18
C ALA H 118 -28.09 56.11 -33.93
N ASP H 119 -27.78 57.35 -33.56
CA ASP H 119 -28.29 58.56 -34.26
C ASP H 119 -27.76 58.68 -35.69
N MET H 120 -26.48 58.42 -35.88
CA MET H 120 -25.86 58.50 -37.20
C MET H 120 -26.54 57.51 -38.13
N LYS H 121 -26.79 56.31 -37.61
CA LYS H 121 -27.50 55.30 -38.36
C LYS H 121 -28.91 55.80 -38.81
N ARG H 122 -29.63 56.50 -37.93
CA ARG H 122 -30.93 57.07 -38.33
C ARG H 122 -30.78 58.11 -39.43
N VAL H 123 -29.74 58.92 -39.36
CA VAL H 123 -29.44 59.86 -40.45
C VAL H 123 -29.19 59.14 -41.78
N VAL H 124 -28.28 58.17 -41.77
CA VAL H 124 -27.94 57.40 -42.95
C VAL H 124 -29.17 56.74 -43.58
N LEU H 125 -30.01 56.12 -42.76
CA LEU H 125 -31.23 55.44 -43.23
C LEU H 125 -32.15 56.41 -43.93
N SER H 126 -32.26 57.62 -43.40
CA SER H 126 -33.01 58.66 -44.08
C SER H 126 -32.40 59.00 -45.42
N LEU H 127 -31.07 59.11 -45.48
CA LEU H 127 -30.38 59.38 -46.74
C LEU H 127 -30.69 58.29 -47.77
N VAL H 128 -30.61 57.02 -47.32
CA VAL H 128 -30.82 55.88 -48.19
C VAL H 128 -32.23 55.87 -48.79
N THR H 129 -33.22 56.30 -47.99
CA THR H 129 -34.59 56.49 -48.46
C THR H 129 -34.65 57.41 -49.67
N MET H 130 -33.86 58.48 -49.64
CA MET H 130 -33.83 59.43 -50.73
C MET H 130 -33.11 58.88 -51.97
N LEU H 131 -32.26 57.87 -51.80
CA LEU H 131 -31.51 57.19 -52.87
C LEU H 131 -32.36 56.08 -53.53
N HIS H 132 -33.21 55.48 -52.74
CA HIS H 132 -34.13 54.47 -53.25
C HIS H 132 -35.24 55.15 -54.07
N ASP H 133 -35.71 54.45 -55.10
CA ASP H 133 -36.81 54.96 -55.96
C ASP H 133 -36.57 56.32 -56.57
N ASN H 134 -35.29 56.61 -56.83
CA ASN H 134 -34.87 57.81 -57.56
C ASN H 134 -33.60 57.53 -58.37
N LYS H 135 -33.75 57.43 -59.69
CA LYS H 135 -32.66 57.08 -60.56
C LYS H 135 -31.73 58.30 -60.67
N LEU H 136 -30.66 58.24 -59.93
CA LEU H 136 -29.72 59.34 -59.78
C LEU H 136 -28.33 58.84 -60.16
N SER H 137 -27.61 59.69 -60.89
CA SER H 137 -26.23 59.41 -61.25
C SER H 137 -25.27 59.84 -60.13
N LYS H 138 -25.66 60.80 -59.31
CA LYS H 138 -24.76 61.38 -58.32
C LYS H 138 -25.43 61.89 -57.05
N LEU H 139 -24.75 61.66 -55.93
CA LEU H 139 -25.15 62.21 -54.65
C LEU H 139 -24.03 63.06 -54.09
N THR H 140 -24.42 64.20 -53.52
CA THR H 140 -23.50 65.09 -52.83
C THR H 140 -23.99 65.30 -51.42
N VAL H 141 -23.12 65.10 -50.44
CA VAL H 141 -23.51 65.25 -49.03
C VAL H 141 -22.66 66.41 -48.48
N VAL H 142 -23.31 67.38 -47.85
CA VAL H 142 -22.62 68.54 -47.29
C VAL H 142 -22.68 68.47 -45.77
N PHE H 143 -21.53 68.31 -45.12
CA PHE H 143 -21.52 68.16 -43.66
C PHE H 143 -21.58 69.52 -42.98
N GLU H 144 -22.75 69.91 -42.48
CA GLU H 144 -22.90 71.11 -41.65
C GLU H 144 -23.10 70.69 -40.18
N ILE H 145 -22.53 69.56 -39.82
CA ILE H 145 -22.57 69.08 -38.45
C ILE H 145 -21.14 68.71 -38.24
N ASN H 146 -20.67 68.57 -37.02
CA ASN H 146 -19.32 68.08 -36.99
C ASN H 146 -19.18 66.67 -36.49
N VAL H 147 -18.19 66.00 -37.05
CA VAL H 147 -17.96 64.59 -36.82
C VAL H 147 -16.46 64.39 -36.73
N ASP H 148 -16.00 63.56 -35.80
CA ASP H 148 -14.59 63.19 -35.84
C ASP H 148 -14.34 62.15 -36.95
N LYS H 149 -13.07 61.85 -37.21
CA LYS H 149 -12.72 61.00 -38.33
C LYS H 149 -13.40 59.63 -38.23
N ASN H 150 -13.40 59.03 -37.03
CA ASN H 150 -14.10 57.75 -36.82
C ASN H 150 -15.58 57.85 -37.19
N LEU H 151 -16.23 58.94 -36.83
CA LEU H 151 -17.66 59.02 -37.06
C LEU H 151 -17.94 59.33 -38.53
N PHE H 152 -17.07 60.10 -39.17
CA PHE H 152 -17.14 60.26 -40.62
C PHE H 152 -16.95 58.91 -41.35
N ARG H 153 -15.93 58.14 -40.96
CA ARG H 153 -15.75 56.81 -41.53
C ARG H 153 -17.01 55.94 -41.36
N PHE H 154 -17.55 55.93 -40.13
CA PHE H 154 -18.82 55.24 -39.80
C PHE H 154 -19.98 55.69 -40.68
N PHE H 155 -20.13 57.00 -40.88
CA PHE H 155 -21.15 57.50 -41.77
C PHE H 155 -21.04 56.80 -43.14
N LEU H 156 -19.83 56.79 -43.71
CA LEU H 156 -19.62 56.24 -45.06
C LEU H 156 -19.81 54.73 -45.12
N GLU H 157 -19.21 54.01 -44.16
CA GLU H 157 -19.41 52.53 -43.98
C GLU H 157 -20.90 52.19 -43.89
N THR H 158 -21.64 53.01 -43.15
CA THR H 158 -23.05 52.71 -42.92
C THR H 158 -23.88 53.03 -44.14
N LEU H 159 -23.59 54.17 -44.77
CA LEU H 159 -24.17 54.51 -46.08
C LEU H 159 -23.97 53.36 -47.09
N PHE H 160 -22.71 52.94 -47.26
CA PHE H 160 -22.37 51.85 -48.20
C PHE H 160 -23.13 50.58 -47.90
N TYR H 161 -23.06 50.14 -46.64
CA TYR H 161 -23.70 48.90 -46.25
C TYR H 161 -25.22 48.92 -46.44
N GLU H 162 -25.86 49.97 -45.96
CA GLU H 162 -27.32 50.08 -46.03
C GLU H 162 -27.82 50.27 -47.45
N TYR H 163 -26.99 50.89 -48.31
CA TYR H 163 -27.37 51.16 -49.68
C TYR H 163 -27.31 49.85 -50.51
N MET H 164 -26.33 49.00 -50.21
CA MET H 164 -26.15 47.76 -50.96
C MET H 164 -27.32 46.79 -50.74
N THR H 165 -27.90 46.26 -51.83
CA THR H 165 -28.98 45.30 -51.75
C THR H 165 -28.48 43.90 -52.23
N ASP H 166 -28.62 42.90 -51.38
CA ASP H 166 -28.14 41.54 -51.67
C ASP H 166 -29.20 40.81 -52.51
N GLU H 167 -28.94 40.56 -53.79
CA GLU H 167 -29.92 39.94 -54.71
C GLU H 167 -29.45 38.58 -55.23
N ARG H 168 -28.46 38.01 -54.55
CA ARG H 168 -27.92 36.72 -54.95
C ARG H 168 -28.97 35.63 -55.05
N PHE H 169 -30.05 35.74 -54.26
CA PHE H 169 -31.04 34.65 -54.24
C PHE H 169 -32.38 34.98 -54.87
N LYS H 170 -32.46 36.15 -55.49
CA LYS H 170 -33.55 36.53 -56.37
C LYS H 170 -33.29 35.91 -57.75
N SER H 171 -34.32 35.44 -58.40
CA SER H 171 -34.13 35.09 -59.80
C SER H 171 -35.15 35.82 -60.64
N TYR H 180 -27.87 52.25 -58.94
CA TYR H 180 -26.93 52.93 -58.05
C TYR H 180 -26.30 54.20 -58.61
N ILE H 181 -26.07 55.19 -57.73
CA ILE H 181 -25.26 56.36 -58.10
C ILE H 181 -23.86 55.89 -58.57
N LYS H 182 -23.22 56.70 -59.42
CA LYS H 182 -21.87 56.38 -59.90
C LYS H 182 -20.85 57.29 -59.27
N HIS H 183 -21.34 58.35 -58.63
CA HIS H 183 -20.49 59.37 -57.99
C HIS H 183 -21.05 59.81 -56.67
N LEU H 184 -20.15 59.94 -55.71
CA LEU H 184 -20.48 60.55 -54.41
C LEU H 184 -19.49 61.67 -54.11
N GLY H 185 -20.02 62.86 -53.87
CA GLY H 185 -19.23 64.02 -53.49
C GLY H 185 -19.57 64.36 -52.07
N VAL H 186 -18.56 64.77 -51.31
CA VAL H 186 -18.72 65.11 -49.89
C VAL H 186 -18.03 66.46 -49.66
N TYR H 187 -18.69 67.33 -48.92
CA TYR H 187 -18.10 68.60 -48.54
C TYR H 187 -18.01 68.61 -47.02
N ILE H 188 -16.81 68.82 -46.50
CA ILE H 188 -16.62 68.81 -45.07
C ILE H 188 -15.47 69.76 -44.71
N ASN H 189 -15.49 70.27 -43.48
CA ASN H 189 -14.39 71.11 -42.98
C ASN H 189 -13.12 70.30 -42.83
N ASN H 190 -11.98 70.90 -43.16
CA ASN H 190 -10.68 70.20 -43.03
C ASN H 190 -10.71 68.85 -43.77
N ALA H 191 -11.19 68.93 -45.01
CA ALA H 191 -11.43 67.79 -45.85
C ALA H 191 -10.19 66.92 -45.96
N ASP H 192 -9.02 67.57 -45.96
CA ASP H 192 -7.74 66.86 -46.10
C ASP H 192 -7.48 65.79 -45.04
N THR H 193 -8.00 65.97 -43.84
CA THR H 193 -7.81 64.99 -42.77
C THR H 193 -8.79 63.81 -42.90
N TYR H 194 -9.89 64.05 -43.61
CA TYR H 194 -10.96 63.07 -43.81
C TYR H 194 -10.77 62.19 -45.02
N LYS H 195 -9.96 62.64 -45.98
CA LYS H 195 -9.83 61.89 -47.23
C LYS H 195 -9.34 60.45 -47.01
N GLU H 196 -8.43 60.28 -46.04
CA GLU H 196 -7.86 58.97 -45.70
C GLU H 196 -8.96 58.01 -45.24
N GLU H 197 -10.02 58.57 -44.65
CA GLU H 197 -11.11 57.75 -44.13
C GLU H 197 -11.93 57.10 -45.24
N VAL H 198 -11.93 57.67 -46.45
CA VAL H 198 -12.75 57.12 -47.55
C VAL H 198 -12.41 55.67 -47.92
N GLU H 199 -11.17 55.38 -48.27
CA GLU H 199 -10.83 54.00 -48.65
C GLU H 199 -10.80 53.04 -47.47
N LYS H 200 -10.53 53.56 -46.26
CA LYS H 200 -10.72 52.74 -45.06
C LYS H 200 -12.21 52.40 -44.93
N ALA H 201 -13.11 53.36 -45.13
CA ALA H 201 -14.57 53.03 -45.04
C ALA H 201 -14.98 51.99 -46.08
N ARG H 202 -14.40 52.08 -47.27
CA ARG H 202 -14.76 51.17 -48.35
C ARG H 202 -14.32 49.72 -48.04
N VAL H 203 -13.15 49.58 -47.40
CA VAL H 203 -12.67 48.27 -46.99
C VAL H 203 -13.52 47.71 -45.82
N TYR H 204 -13.79 48.55 -44.84
CA TYR H 204 -14.63 48.17 -43.70
C TYR H 204 -16.05 47.81 -44.16
N TYR H 205 -16.59 48.60 -45.08
CA TYR H 205 -17.89 48.27 -45.69
C TYR H 205 -17.81 46.85 -46.29
N PHE H 206 -16.74 46.56 -47.07
CA PHE H 206 -16.73 45.26 -47.73
C PHE H 206 -16.53 44.11 -46.75
N GLY H 207 -15.69 44.27 -45.74
CA GLY H 207 -15.47 43.24 -44.74
C GLY H 207 -16.81 42.93 -44.09
N THR H 208 -17.59 43.95 -43.77
CA THR H 208 -18.85 43.71 -43.10
C THR H 208 -19.94 43.19 -44.05
N TYR H 209 -19.85 43.57 -45.33
CA TYR H 209 -20.85 43.14 -46.26
C TYR H 209 -20.52 41.71 -46.65
N TYR H 210 -19.25 41.39 -46.72
CA TYR H 210 -18.83 40.02 -46.92
C TYR H 210 -19.35 39.10 -45.77
N ALA H 211 -19.13 39.49 -44.51
CA ALA H 211 -19.70 38.73 -43.37
C ALA H 211 -21.21 38.52 -43.55
N SER H 212 -21.94 39.61 -43.84
CA SER H 212 -23.34 39.57 -44.12
C SER H 212 -23.75 38.54 -45.17
N GLN H 213 -23.04 38.51 -46.28
CA GLN H 213 -23.33 37.56 -47.35
C GLN H 213 -23.18 36.10 -46.84
N LEU H 214 -22.18 35.85 -46.00
CA LEU H 214 -21.98 34.48 -45.53
C LEU H 214 -23.14 34.13 -44.56
N ILE H 215 -23.49 35.10 -43.72
CA ILE H 215 -24.54 34.88 -42.72
C ILE H 215 -25.91 34.71 -43.37
N ALA H 216 -26.29 35.66 -44.24
CA ALA H 216 -27.56 35.60 -44.96
C ALA H 216 -27.69 34.34 -45.84
N ALA H 217 -26.57 33.86 -46.41
CA ALA H 217 -26.60 32.61 -47.22
C ALA H 217 -27.20 31.48 -46.38
N PRO H 218 -28.29 30.85 -46.89
CA PRO H 218 -28.98 29.79 -46.09
C PRO H 218 -28.12 28.56 -45.96
N SER H 219 -28.52 27.70 -45.04
CA SER H 219 -27.73 26.56 -44.64
C SER H 219 -27.56 25.50 -45.72
N ASN H 220 -28.46 25.46 -46.72
CA ASN H 220 -28.23 24.60 -47.87
C ASN H 220 -27.10 25.11 -48.83
N TYR H 221 -26.79 26.41 -48.79
CA TYR H 221 -25.70 26.96 -49.61
C TYR H 221 -24.43 27.01 -48.80
N CYS H 222 -24.56 27.52 -47.56
CA CYS H 222 -23.46 27.72 -46.60
C CYS H 222 -23.43 26.59 -45.55
N ASN H 223 -22.57 25.63 -45.80
CA ASN H 223 -22.42 24.47 -44.99
C ASN H 223 -20.93 24.38 -44.66
N PRO H 224 -20.49 23.44 -43.82
CA PRO H 224 -19.05 23.46 -43.43
C PRO H 224 -18.03 23.34 -44.55
N VAL H 225 -18.37 22.56 -45.56
CA VAL H 225 -17.51 22.37 -46.72
C VAL H 225 -17.52 23.64 -47.64
N SER H 226 -18.70 24.15 -47.99
CA SER H 226 -18.77 25.37 -48.83
C SER H 226 -18.21 26.60 -48.10
N LEU H 227 -18.45 26.69 -46.80
CA LEU H 227 -17.94 27.81 -45.98
C LEU H 227 -16.39 27.81 -45.91
N SER H 228 -15.80 26.65 -45.64
CA SER H 228 -14.33 26.59 -45.65
C SER H 228 -13.75 26.71 -47.06
N ASN H 229 -14.48 26.29 -48.10
CA ASN H 229 -14.07 26.56 -49.48
C ASN H 229 -14.06 28.06 -49.71
N ALA H 230 -15.09 28.74 -49.23
CA ALA H 230 -15.13 30.20 -49.34
C ALA H 230 -13.90 30.85 -48.65
N ALA H 231 -13.54 30.37 -47.46
CA ALA H 231 -12.40 30.97 -46.71
C ALA H 231 -11.08 30.80 -47.46
N VAL H 232 -10.93 29.65 -48.13
CA VAL H 232 -9.76 29.35 -48.93
C VAL H 232 -9.65 30.31 -50.13
N GLU H 233 -10.75 30.50 -50.83
CA GLU H 233 -10.77 31.43 -51.95
C GLU H 233 -10.45 32.87 -51.47
N LEU H 234 -10.92 33.21 -50.27
CA LEU H 234 -10.64 34.51 -49.70
C LEU H 234 -9.16 34.61 -49.39
N ALA H 235 -8.60 33.58 -48.77
CA ALA H 235 -7.16 33.57 -48.41
C ALA H 235 -6.27 33.68 -49.64
N GLN H 236 -6.65 32.96 -50.70
CA GLN H 236 -5.97 33.01 -51.99
C GLN H 236 -6.00 34.40 -52.61
N LYS H 237 -7.15 35.05 -52.60
CA LYS H 237 -7.28 36.41 -53.10
C LYS H 237 -6.48 37.46 -52.34
N LEU H 238 -6.25 37.23 -51.04
CA LEU H 238 -5.52 38.14 -50.14
C LEU H 238 -4.04 37.74 -49.93
N ASN H 239 -3.62 36.60 -50.51
CA ASN H 239 -2.28 36.08 -50.32
C ASN H 239 -1.99 35.75 -48.84
N LEU H 240 -3.03 35.33 -48.10
CA LEU H 240 -2.84 34.81 -46.75
C LEU H 240 -2.47 33.34 -46.78
N GLU H 241 -1.63 32.90 -45.83
CA GLU H 241 -1.42 31.49 -45.60
C GLU H 241 -2.75 30.91 -45.09
N TYR H 242 -3.05 29.67 -45.51
CA TYR H 242 -4.28 29.01 -45.10
C TYR H 242 -4.05 27.50 -44.95
N LYS H 243 -4.80 26.90 -44.05
CA LYS H 243 -4.84 25.49 -43.85
C LYS H 243 -6.28 25.16 -43.46
N ILE H 244 -6.90 24.17 -44.10
CA ILE H 244 -8.16 23.64 -43.63
C ILE H 244 -7.91 22.24 -43.03
N LEU H 245 -8.26 22.03 -41.77
CA LEU H 245 -8.09 20.70 -41.17
C LEU H 245 -9.37 19.92 -41.35
N GLY H 246 -9.22 18.72 -41.91
CA GLY H 246 -10.34 17.80 -42.17
C GLY H 246 -10.44 16.79 -41.05
N VAL H 247 -11.39 15.86 -41.18
CA VAL H 247 -11.71 14.95 -40.06
C VAL H 247 -10.50 14.10 -39.58
N LYS H 248 -9.66 13.65 -40.51
CA LYS H 248 -8.57 12.76 -40.10
C LYS H 248 -7.55 13.52 -39.25
N GLU H 249 -7.27 14.76 -39.63
CA GLU H 249 -6.34 15.55 -38.83
C GLU H 249 -6.99 15.96 -37.51
N LEU H 250 -8.29 16.24 -37.52
CA LEU H 250 -9.00 16.61 -36.28
C LEU H 250 -8.99 15.44 -35.29
N GLU H 251 -9.14 14.22 -35.78
CA GLU H 251 -9.06 13.02 -34.94
C GLU H 251 -7.68 12.89 -34.31
N GLU H 252 -6.65 13.12 -35.14
CA GLU H 252 -5.26 13.05 -34.69
C GLU H 252 -4.98 14.11 -33.64
N LEU H 253 -5.64 15.28 -33.75
CA LEU H 253 -5.47 16.32 -32.72
C LEU H 253 -6.40 16.07 -31.50
N LYS H 254 -7.17 14.99 -31.56
CA LYS H 254 -8.02 14.65 -30.40
C LYS H 254 -9.13 15.68 -30.09
N MET H 255 -9.58 16.38 -31.13
CA MET H 255 -10.68 17.34 -30.99
C MET H 255 -12.07 16.73 -30.79
N GLY H 256 -12.21 15.99 -29.70
CA GLY H 256 -13.44 15.25 -29.45
C GLY H 256 -14.66 16.07 -29.17
N ALA H 257 -14.50 17.23 -28.56
CA ALA H 257 -15.66 18.05 -28.23
C ALA H 257 -16.26 18.58 -29.56
N TYR H 258 -15.44 19.25 -30.35
CA TYR H 258 -15.78 19.68 -31.74
C TYR H 258 -16.32 18.57 -32.68
N LEU H 259 -15.61 17.43 -32.77
CA LEU H 259 -16.09 16.34 -33.65
C LEU H 259 -17.43 15.78 -33.18
N SER H 260 -17.69 15.78 -31.87
CA SER H 260 -19.00 15.29 -31.36
C SER H 260 -20.18 16.05 -31.94
N VAL H 261 -20.07 17.38 -31.95
CA VAL H 261 -21.14 18.26 -32.43
C VAL H 261 -21.45 17.92 -33.89
N GLY H 262 -20.41 17.66 -34.69
CA GLY H 262 -20.61 17.50 -36.15
C GLY H 262 -21.02 16.06 -36.55
N LYS H 263 -21.07 15.14 -35.57
CA LYS H 263 -21.30 13.71 -35.85
C LYS H 263 -22.59 13.45 -36.63
N GLY H 264 -23.62 14.22 -36.32
CA GLY H 264 -24.92 14.04 -36.92
C GLY H 264 -25.06 14.69 -38.27
N SER H 265 -24.03 15.39 -38.74
CA SER H 265 -24.14 16.13 -40.00
C SER H 265 -23.77 15.28 -41.24
N MET H 266 -24.40 15.58 -42.38
CA MET H 266 -23.95 15.01 -43.66
C MET H 266 -22.67 15.71 -44.18
N TYR H 267 -22.29 16.87 -43.62
CA TYR H 267 -21.09 17.60 -44.02
C TYR H 267 -19.95 17.30 -43.05
N PRO H 268 -18.81 16.87 -43.57
CA PRO H 268 -17.62 16.69 -42.72
C PRO H 268 -17.18 18.01 -42.04
N ASN H 269 -16.78 17.91 -40.78
CA ASN H 269 -16.18 19.04 -40.09
C ASN H 269 -14.99 19.61 -40.85
N LYS H 270 -14.88 20.94 -40.86
CA LYS H 270 -13.74 21.63 -41.49
C LYS H 270 -13.26 22.73 -40.56
N PHE H 271 -12.00 22.66 -40.16
CA PHE H 271 -11.47 23.69 -39.25
C PHE H 271 -10.66 24.65 -40.09
N ILE H 272 -11.03 25.92 -40.04
CA ILE H 272 -10.41 26.94 -40.84
C ILE H 272 -9.23 27.58 -40.06
N HIS H 273 -8.07 27.73 -40.70
CA HIS H 273 -6.96 28.42 -40.07
C HIS H 273 -6.28 29.28 -41.11
N LEU H 274 -6.61 30.57 -41.13
CA LEU H 274 -5.88 31.50 -42.00
C LEU H 274 -4.86 32.27 -41.16
N THR H 275 -3.80 32.76 -41.80
CA THR H 275 -2.86 33.60 -41.06
C THR H 275 -2.41 34.82 -41.85
N TYR H 276 -2.42 35.98 -41.19
CA TYR H 276 -1.79 37.16 -41.74
C TYR H 276 -0.48 37.41 -40.94
N LYS H 277 0.60 37.74 -41.62
CA LYS H 277 1.85 38.03 -40.90
C LYS H 277 2.51 39.26 -41.52
N SER H 278 2.79 40.25 -40.68
CA SER H 278 3.44 41.48 -41.12
C SER H 278 4.83 41.12 -41.59
N LYS H 279 5.34 41.95 -42.50
CA LYS H 279 6.70 41.78 -43.03
C LYS H 279 7.81 41.98 -41.98
N GLY H 280 7.67 42.94 -41.08
CA GLY H 280 8.86 43.28 -40.23
C GLY H 280 9.00 42.41 -38.99
N ASP H 281 9.39 43.03 -37.87
CA ASP H 281 9.32 42.34 -36.58
C ASP H 281 7.86 42.13 -36.21
N VAL H 282 7.59 41.01 -35.59
CA VAL H 282 6.24 40.74 -35.12
C VAL H 282 6.29 41.00 -33.62
N LYS H 283 5.58 42.04 -33.19
CA LYS H 283 5.55 42.49 -31.82
C LYS H 283 4.35 41.88 -31.05
N LYS H 284 3.30 41.51 -31.76
CA LYS H 284 2.09 41.04 -31.15
C LYS H 284 1.50 39.89 -32.01
N LYS H 285 1.13 38.83 -31.34
CA LYS H 285 0.52 37.67 -31.98
C LYS H 285 -0.88 37.49 -31.44
N ILE H 286 -1.86 37.32 -32.30
CA ILE H 286 -3.26 37.32 -31.86
C ILE H 286 -3.98 36.16 -32.57
N ALA H 287 -4.87 35.45 -31.85
CA ALA H 287 -5.79 34.52 -32.47
C ALA H 287 -7.21 35.06 -32.30
N LEU H 288 -7.96 35.10 -33.39
CA LEU H 288 -9.36 35.50 -33.43
C LEU H 288 -10.11 34.21 -33.78
N VAL H 289 -11.05 33.83 -32.91
CA VAL H 289 -11.71 32.55 -33.03
C VAL H 289 -13.21 32.81 -33.24
N GLY H 290 -13.82 32.31 -34.31
CA GLY H 290 -15.26 32.60 -34.54
C GLY H 290 -16.10 31.34 -34.41
N LYS H 291 -17.23 31.42 -33.71
CA LYS H 291 -18.13 30.27 -33.67
C LYS H 291 -18.65 30.01 -35.08
N GLY H 292 -18.51 28.77 -35.54
CA GLY H 292 -18.89 28.48 -36.92
C GLY H 292 -19.89 27.36 -37.10
N ILE H 293 -21.07 27.53 -36.52
CA ILE H 293 -22.12 26.55 -36.66
C ILE H 293 -23.05 26.93 -37.79
N THR H 294 -23.05 26.13 -38.86
CA THR H 294 -23.65 26.61 -40.15
C THR H 294 -25.17 26.47 -40.12
N PHE H 295 -25.67 25.53 -39.32
CA PHE H 295 -27.08 25.49 -38.96
C PHE H 295 -27.17 24.86 -37.57
N ASP H 296 -27.89 25.50 -36.66
CA ASP H 296 -28.08 24.95 -35.31
C ASP H 296 -29.50 24.51 -35.10
N SER H 297 -29.75 23.21 -35.23
CA SER H 297 -31.12 22.69 -35.01
C SER H 297 -31.37 22.52 -33.51
N GLY H 298 -30.30 22.59 -32.71
CA GLY H 298 -30.36 22.16 -31.31
C GLY H 298 -29.88 20.73 -31.08
N GLY H 299 -29.95 19.92 -32.13
CA GLY H 299 -29.63 18.45 -32.04
C GLY H 299 -30.79 17.79 -31.33
N TYR H 300 -30.53 16.67 -30.64
CA TYR H 300 -31.60 15.97 -29.89
C TYR H 300 -32.38 16.86 -28.92
N ASN H 301 -31.68 17.85 -28.33
CA ASN H 301 -32.39 18.95 -27.63
C ASN H 301 -32.92 19.94 -28.67
N LEU H 302 -33.81 19.46 -29.53
CA LEU H 302 -34.25 20.26 -30.69
C LEU H 302 -34.79 21.67 -30.32
N LYS H 303 -34.52 22.68 -31.15
CA LYS H 303 -35.16 24.01 -30.98
C LYS H 303 -36.65 23.95 -31.34
N ALA H 304 -37.44 23.49 -30.38
CA ALA H 304 -38.90 23.39 -30.56
C ALA H 304 -39.70 24.23 -29.57
N ALA H 305 -39.06 24.81 -28.55
CA ALA H 305 -39.75 25.69 -27.62
C ALA H 305 -40.19 26.96 -28.33
N PRO H 306 -41.39 27.43 -28.01
CA PRO H 306 -41.86 28.77 -28.50
C PRO H 306 -40.77 29.82 -28.29
N GLY H 307 -40.46 30.60 -29.32
CA GLY H 307 -39.38 31.60 -29.25
C GLY H 307 -37.93 31.10 -29.42
N SER H 308 -37.74 29.82 -29.78
CA SER H 308 -36.40 29.30 -29.99
C SER H 308 -35.80 29.71 -31.37
N MET H 309 -36.63 30.28 -32.24
CA MET H 309 -36.15 30.84 -33.53
C MET H 309 -35.30 29.87 -34.40
N ILE H 310 -35.79 28.64 -34.61
CA ILE H 310 -35.05 27.68 -35.41
C ILE H 310 -34.84 28.21 -36.87
N ASP H 311 -35.80 28.99 -37.40
CA ASP H 311 -35.74 29.52 -38.76
C ASP H 311 -34.59 30.52 -39.02
N LEU H 312 -33.96 31.00 -37.98
CA LEU H 312 -32.86 31.95 -38.05
C LEU H 312 -31.49 31.31 -37.90
N MET H 313 -31.47 30.02 -37.54
CA MET H 313 -30.23 29.39 -37.13
C MET H 313 -29.15 29.21 -38.19
N LYS H 314 -29.41 29.60 -39.44
CA LYS H 314 -28.34 29.83 -40.41
C LYS H 314 -27.31 30.87 -39.91
N PHE H 315 -27.73 31.74 -38.98
CA PHE H 315 -26.89 32.85 -38.53
C PHE H 315 -25.91 32.40 -37.45
N ASP H 316 -25.86 31.10 -37.17
CA ASP H 316 -25.08 30.63 -36.03
C ASP H 316 -23.60 30.45 -36.41
N MET H 317 -23.24 30.93 -37.59
CA MET H 317 -21.82 31.04 -37.96
C MET H 317 -21.40 32.52 -38.11
N SER H 318 -22.18 33.44 -37.51
CA SER H 318 -21.86 34.92 -37.56
C SER H 318 -20.46 35.20 -36.97
N GLY H 319 -20.07 34.46 -35.95
CA GLY H 319 -18.75 34.67 -35.36
C GLY H 319 -17.67 34.36 -36.36
N CYS H 320 -17.79 33.21 -37.03
CA CYS H 320 -16.86 32.86 -38.11
C CYS H 320 -16.92 33.93 -39.23
N ALA H 321 -18.12 34.31 -39.60
CA ALA H 321 -18.26 35.35 -40.64
C ALA H 321 -17.53 36.65 -40.23
N ALA H 322 -17.69 37.09 -38.97
CA ALA H 322 -16.97 38.30 -38.46
C ALA H 322 -15.47 38.12 -38.55
N VAL H 323 -14.99 36.89 -38.27
CA VAL H 323 -13.53 36.63 -38.31
C VAL H 323 -13.00 36.65 -39.74
N LEU H 324 -13.77 36.09 -40.67
CA LEU H 324 -13.38 36.12 -42.09
C LEU H 324 -13.52 37.52 -42.64
N GLY H 325 -14.54 38.25 -42.22
CA GLY H 325 -14.69 39.68 -42.64
C GLY H 325 -13.45 40.48 -42.17
N CYS H 326 -13.02 40.20 -40.95
CA CYS H 326 -11.84 40.83 -40.38
C CYS H 326 -10.58 40.41 -41.13
N ALA H 327 -10.44 39.13 -41.51
CA ALA H 327 -9.30 38.70 -42.33
C ALA H 327 -9.28 39.49 -43.64
N TYR H 328 -10.45 39.81 -44.20
CA TYR H 328 -10.44 40.61 -45.42
C TYR H 328 -9.86 42.00 -45.16
N CYS H 329 -10.34 42.66 -44.09
CA CYS H 329 -9.86 44.02 -43.76
C CYS H 329 -8.37 44.01 -43.45
N VAL H 330 -7.92 43.08 -42.61
CA VAL H 330 -6.48 43.02 -42.20
C VAL H 330 -5.58 42.69 -43.38
N GLY H 331 -5.97 41.71 -44.18
CA GLY H 331 -5.21 41.33 -45.36
C GLY H 331 -5.19 42.39 -46.46
N THR H 332 -6.16 43.29 -46.44
CA THR H 332 -6.20 44.39 -47.38
C THR H 332 -5.41 45.58 -46.83
N LEU H 333 -5.57 45.90 -45.54
CA LEU H 333 -4.89 47.10 -44.98
C LEU H 333 -3.41 46.81 -44.62
N LYS H 334 -3.11 45.51 -44.46
CA LYS H 334 -1.76 45.03 -44.18
C LYS H 334 -1.05 45.77 -43.03
N PRO H 335 -1.52 45.65 -41.77
CA PRO H 335 -0.82 46.36 -40.68
C PRO H 335 0.55 45.78 -40.38
N GLU H 336 1.44 46.58 -39.82
CA GLU H 336 2.77 46.10 -39.46
C GLU H 336 2.75 45.51 -38.03
N ASN H 337 3.82 44.81 -37.66
CA ASN H 337 4.12 44.43 -36.27
C ASN H 337 3.26 43.28 -35.72
N VAL H 338 2.39 42.70 -36.54
CA VAL H 338 1.45 41.66 -36.06
C VAL H 338 1.42 40.34 -36.86
N GLU H 339 1.03 39.30 -36.17
CA GLU H 339 0.69 38.02 -36.77
C GLU H 339 -0.68 37.68 -36.24
N ILE H 340 -1.65 37.57 -37.13
CA ILE H 340 -3.05 37.28 -36.73
C ILE H 340 -3.44 35.89 -37.26
N HIS H 341 -3.92 35.03 -36.38
CA HIS H 341 -4.54 33.77 -36.78
C HIS H 341 -6.06 33.91 -36.75
N PHE H 342 -6.68 33.50 -37.84
CA PHE H 342 -8.14 33.57 -38.01
C PHE H 342 -8.62 32.13 -38.03
N LEU H 343 -9.35 31.73 -36.97
CA LEU H 343 -9.67 30.33 -36.71
C LEU H 343 -11.19 30.13 -36.62
N SER H 344 -11.70 29.03 -37.17
CA SER H 344 -13.09 28.65 -36.87
C SER H 344 -13.26 27.15 -36.99
N ALA H 345 -13.82 26.53 -35.94
CA ALA H 345 -14.11 25.09 -35.96
C ALA H 345 -15.51 24.94 -36.58
N VAL H 346 -15.59 24.81 -37.92
CA VAL H 346 -16.89 24.80 -38.61
C VAL H 346 -17.56 23.42 -38.60
N CYS H 347 -18.86 23.39 -38.28
CA CYS H 347 -19.64 22.16 -38.41
C CYS H 347 -21.10 22.55 -38.39
N GLU H 348 -21.96 21.54 -38.45
CA GLU H 348 -23.42 21.69 -38.46
C GLU H 348 -24.04 20.85 -37.29
N ASN H 349 -25.09 21.34 -36.59
CA ASN H 349 -25.67 20.63 -35.37
C ASN H 349 -27.02 20.06 -35.77
N MET H 350 -27.01 18.77 -36.13
CA MET H 350 -28.18 18.13 -36.72
C MET H 350 -28.68 16.95 -35.94
N VAL H 351 -29.85 16.45 -36.36
CA VAL H 351 -30.50 15.30 -35.72
C VAL H 351 -30.41 14.09 -36.65
N SER H 352 -29.92 12.97 -36.12
CA SER H 352 -29.61 11.85 -36.99
C SER H 352 -29.40 10.62 -36.12
N LYS H 353 -29.32 9.45 -36.73
CA LYS H 353 -28.91 8.28 -35.99
C LYS H 353 -27.48 8.47 -35.48
N ASN H 354 -26.73 9.28 -36.19
CA ASN H 354 -25.30 9.49 -35.89
C ASN H 354 -24.99 10.61 -34.91
N SER H 355 -26.02 11.38 -34.48
CA SER H 355 -25.75 12.58 -33.64
C SER H 355 -25.25 12.24 -32.26
N TYR H 356 -24.53 13.16 -31.64
CA TYR H 356 -24.25 12.99 -30.21
C TYR H 356 -25.56 13.17 -29.40
N ARG H 357 -25.53 12.63 -28.20
CA ARG H 357 -26.72 12.62 -27.35
C ARG H 357 -26.54 13.36 -26.02
N PRO H 358 -27.68 13.88 -25.45
CA PRO H 358 -27.64 14.43 -24.08
C PRO H 358 -27.12 13.32 -23.14
N GLY H 359 -26.16 13.63 -22.28
CA GLY H 359 -25.58 12.62 -21.45
C GLY H 359 -24.21 12.13 -21.90
N ASP H 360 -23.87 12.23 -23.21
CA ASP H 360 -22.59 11.69 -23.70
C ASP H 360 -21.42 12.35 -22.94
N ILE H 361 -20.40 11.56 -22.68
CA ILE H 361 -19.16 12.14 -22.18
C ILE H 361 -18.10 12.09 -23.28
N ILE H 362 -17.56 13.28 -23.59
CA ILE H 362 -16.69 13.45 -24.76
C ILE H 362 -15.37 14.00 -24.20
N THR H 363 -14.29 13.89 -24.95
CA THR H 363 -12.99 14.31 -24.43
C THR H 363 -12.43 15.37 -25.35
N ALA H 364 -12.16 16.55 -24.78
CA ALA H 364 -11.60 17.68 -25.50
C ALA H 364 -10.12 17.42 -25.80
N SER H 365 -9.58 18.17 -26.75
CA SER H 365 -8.15 18.08 -27.10
C SER H 365 -7.15 18.37 -25.97
N ASN H 366 -7.57 18.98 -24.86
CA ASN H 366 -6.64 19.20 -23.72
C ASN H 366 -6.81 18.11 -22.66
N GLY H 367 -7.56 17.07 -23.02
CA GLY H 367 -7.73 15.91 -22.13
C GLY H 367 -8.91 15.99 -21.18
N LYS H 368 -9.58 17.15 -21.08
CA LYS H 368 -10.71 17.32 -20.16
C LYS H 368 -11.93 16.55 -20.69
N THR H 369 -12.54 15.74 -19.83
CA THR H 369 -13.78 15.09 -20.16
C THR H 369 -14.96 15.99 -19.81
N ILE H 370 -15.98 15.96 -20.66
CA ILE H 370 -17.08 16.87 -20.56
C ILE H 370 -18.33 16.05 -20.65
N GLU H 371 -19.22 16.21 -19.67
CA GLU H 371 -20.56 15.64 -19.74
C GLU H 371 -21.50 16.58 -20.45
N VAL H 372 -22.13 16.09 -21.52
CA VAL H 372 -23.03 16.88 -22.36
C VAL H 372 -24.37 16.91 -21.63
N GLY H 373 -24.83 18.10 -21.27
CA GLY H 373 -26.10 18.23 -20.55
C GLY H 373 -27.17 18.60 -21.52
N ASN H 374 -26.79 19.18 -22.67
CA ASN H 374 -27.80 19.69 -23.61
C ASN H 374 -27.10 19.90 -24.95
N THR H 375 -27.57 19.21 -25.99
CA THR H 375 -26.91 19.22 -27.31
C THR H 375 -27.02 20.57 -28.04
N ASP H 376 -27.92 21.43 -27.54
CA ASP H 376 -28.07 22.78 -28.05
C ASP H 376 -27.06 23.73 -27.38
N ALA H 377 -26.29 23.26 -26.41
CA ALA H 377 -25.13 24.07 -26.00
C ALA H 377 -23.88 23.64 -26.81
N GLU H 378 -24.01 23.61 -28.14
CA GLU H 378 -22.93 23.05 -28.97
C GLU H 378 -21.77 24.00 -29.22
N GLY H 379 -22.06 25.31 -29.19
CA GLY H 379 -21.11 26.32 -29.63
C GLY H 379 -19.92 26.26 -28.69
N ARG H 380 -20.18 26.16 -27.37
CA ARG H 380 -19.06 26.14 -26.39
C ARG H 380 -18.17 24.91 -26.51
N LEU H 381 -18.72 23.80 -27.03
CA LEU H 381 -17.96 22.56 -27.34
C LEU H 381 -16.99 22.73 -28.52
N THR H 382 -17.46 23.36 -29.60
CA THR H 382 -16.57 23.61 -30.72
C THR H 382 -15.53 24.65 -30.31
N LEU H 383 -15.97 25.70 -29.60
CA LEU H 383 -15.03 26.71 -29.11
C LEU H 383 -13.98 26.17 -28.13
N ALA H 384 -14.36 25.25 -27.26
CA ALA H 384 -13.40 24.67 -26.36
C ALA H 384 -12.19 24.09 -27.11
N ASP H 385 -12.43 23.33 -28.19
CA ASP H 385 -11.35 22.74 -28.95
C ASP H 385 -10.61 23.79 -29.78
N ALA H 386 -11.36 24.78 -30.28
CA ALA H 386 -10.75 25.87 -31.03
C ALA H 386 -9.86 26.71 -30.11
N LEU H 387 -10.27 26.88 -28.85
CA LEU H 387 -9.48 27.65 -27.90
C LEU H 387 -8.20 26.89 -27.51
N VAL H 388 -8.29 25.57 -27.36
CA VAL H 388 -7.08 24.76 -27.08
C VAL H 388 -6.06 24.86 -28.24
N TYR H 389 -6.55 24.70 -29.46
CA TYR H 389 -5.78 24.96 -30.67
C TYR H 389 -5.12 26.36 -30.69
N ALA H 390 -5.92 27.41 -30.46
CA ALA H 390 -5.43 28.80 -30.44
C ALA H 390 -4.27 28.97 -29.44
N GLU H 391 -4.45 28.54 -28.21
CA GLU H 391 -3.39 28.69 -27.22
C GLU H 391 -2.08 27.95 -27.59
N LYS H 392 -2.19 26.80 -28.26
CA LYS H 392 -1.01 26.03 -28.71
C LYS H 392 -0.18 26.78 -29.74
N LEU H 393 -0.82 27.74 -30.40
CA LEU H 393 -0.12 28.65 -31.32
C LEU H 393 0.86 29.59 -30.60
N GLY H 394 0.79 29.68 -29.26
CA GLY H 394 1.60 30.65 -28.48
C GLY H 394 1.31 32.13 -28.77
N VAL H 395 0.04 32.56 -28.64
CA VAL H 395 -0.30 33.96 -28.94
C VAL H 395 -0.27 34.90 -27.71
N ASP H 396 -0.29 36.23 -27.91
CA ASP H 396 -0.43 37.15 -26.80
C ASP H 396 -1.90 37.30 -26.35
N TYR H 397 -2.81 37.27 -27.32
CA TYR H 397 -4.21 37.43 -27.01
C TYR H 397 -5.01 36.41 -27.77
N ILE H 398 -6.06 35.89 -27.13
CA ILE H 398 -7.08 35.10 -27.84
C ILE H 398 -8.43 35.83 -27.62
N VAL H 399 -9.08 36.24 -28.72
CA VAL H 399 -10.45 36.75 -28.71
C VAL H 399 -11.40 35.87 -29.52
N ASP H 400 -12.42 35.33 -28.87
CA ASP H 400 -13.44 34.60 -29.57
C ASP H 400 -14.68 35.48 -29.71
N ILE H 401 -15.46 35.22 -30.76
CA ILE H 401 -16.69 35.95 -31.04
C ILE H 401 -17.74 34.91 -31.47
N ALA H 402 -18.94 34.93 -30.90
CA ALA H 402 -19.89 33.80 -31.01
C ALA H 402 -21.33 34.18 -30.76
N THR H 403 -22.29 33.66 -31.54
CA THR H 403 -23.74 33.82 -31.22
C THR H 403 -24.07 32.72 -30.17
N LEU H 404 -23.66 32.93 -28.95
CA LEU H 404 -23.55 31.83 -28.04
C LEU H 404 -24.80 31.63 -27.21
N THR H 405 -25.38 32.69 -26.67
CA THR H 405 -26.50 32.51 -25.73
C THR H 405 -27.72 33.43 -26.03
N GLY H 406 -28.89 32.82 -26.15
CA GLY H 406 -30.13 33.61 -26.27
C GLY H 406 -30.40 34.58 -25.13
N ALA H 407 -29.85 34.29 -23.95
CA ALA H 407 -29.93 35.18 -22.78
C ALA H 407 -29.41 36.61 -23.05
N MET H 408 -28.50 36.78 -24.02
CA MET H 408 -28.03 38.11 -24.37
C MET H 408 -29.23 39.05 -24.70
N LEU H 409 -30.28 38.52 -25.32
CA LEU H 409 -31.47 39.32 -25.67
C LEU H 409 -32.16 39.89 -24.44
N TYR H 410 -31.94 39.22 -23.30
CA TYR H 410 -32.61 39.61 -22.07
C TYR H 410 -31.70 40.46 -21.22
N SER H 411 -30.41 40.41 -21.51
CA SER H 411 -29.44 41.20 -20.75
C SER H 411 -29.06 42.54 -21.42
N LEU H 412 -28.54 42.50 -22.64
CA LEU H 412 -28.11 43.74 -23.30
C LEU H 412 -29.03 44.05 -24.46
N GLY H 413 -29.78 43.04 -24.94
CA GLY H 413 -30.69 43.24 -26.06
C GLY H 413 -30.00 43.25 -27.42
N THR H 414 -30.55 44.05 -28.33
CA THR H 414 -30.15 43.96 -29.74
C THR H 414 -29.10 44.96 -30.19
N SER H 415 -28.77 45.94 -29.35
CA SER H 415 -27.81 47.00 -29.67
C SER H 415 -26.38 46.73 -29.21
N TYR H 416 -26.19 46.21 -28.00
CA TYR H 416 -24.82 46.04 -27.47
C TYR H 416 -24.43 44.58 -27.34
N ALA H 417 -23.19 44.23 -27.71
CA ALA H 417 -22.71 42.87 -27.49
C ALA H 417 -22.13 42.77 -26.09
N GLY H 418 -21.96 41.56 -25.58
CA GLY H 418 -21.42 41.47 -24.23
C GLY H 418 -19.98 41.04 -24.38
N VAL H 419 -19.05 41.57 -23.59
CA VAL H 419 -17.68 41.03 -23.63
C VAL H 419 -17.31 40.47 -22.24
N PHE H 420 -16.67 39.30 -22.21
CA PHE H 420 -16.25 38.66 -20.96
C PHE H 420 -14.78 38.35 -21.15
N GLY H 421 -14.00 38.26 -20.07
CA GLY H 421 -12.61 37.87 -20.28
C GLY H 421 -11.87 37.50 -19.01
N ASN H 422 -10.62 37.06 -19.14
CA ASN H 422 -9.84 36.73 -17.97
C ASN H 422 -8.70 37.77 -17.76
N ASN H 423 -8.74 38.91 -18.44
CA ASN H 423 -7.63 39.87 -18.43
C ASN H 423 -8.13 41.30 -18.68
N GLU H 424 -7.97 42.15 -17.69
CA GLU H 424 -8.46 43.51 -17.73
C GLU H 424 -7.93 44.36 -18.87
N GLU H 425 -6.62 44.30 -19.12
CA GLU H 425 -6.00 45.05 -20.22
C GLU H 425 -6.59 44.69 -21.55
N LEU H 426 -6.72 43.40 -21.80
CA LEU H 426 -7.33 42.94 -23.03
C LEU H 426 -8.80 43.42 -23.13
N ILE H 427 -9.57 43.25 -22.06
CA ILE H 427 -10.96 43.74 -22.08
C ILE H 427 -10.98 45.23 -22.46
N ASN H 428 -10.14 46.05 -21.83
CA ASN H 428 -10.08 47.49 -22.15
C ASN H 428 -9.71 47.82 -23.59
N LYS H 429 -8.79 47.03 -24.18
CA LYS H 429 -8.46 47.13 -25.62
C LYS H 429 -9.69 46.84 -26.47
N ILE H 430 -10.48 45.86 -26.07
CA ILE H 430 -11.77 45.58 -26.74
C ILE H 430 -12.75 46.75 -26.61
N LEU H 431 -12.90 47.30 -25.41
CA LEU H 431 -13.83 48.42 -25.24
C LEU H 431 -13.39 49.64 -26.07
N GLN H 432 -12.09 49.90 -26.11
CA GLN H 432 -11.53 50.98 -26.95
C GLN H 432 -11.82 50.71 -28.45
N SER H 433 -11.64 49.46 -28.91
CA SER H 433 -11.98 49.11 -30.31
C SER H 433 -13.46 49.30 -30.57
N SER H 434 -14.27 49.06 -29.55
CA SER H 434 -15.72 49.23 -29.67
C SER H 434 -16.02 50.70 -29.91
N LYS H 435 -15.33 51.55 -29.16
CA LYS H 435 -15.47 53.00 -29.29
C LYS H 435 -15.11 53.53 -30.71
N THR H 436 -13.93 53.12 -31.19
CA THR H 436 -13.42 53.63 -32.46
C THR H 436 -14.07 52.98 -33.69
N SER H 437 -14.59 51.77 -33.56
CA SER H 437 -15.35 51.10 -34.63
C SER H 437 -16.83 51.42 -34.62
N ASN H 438 -17.29 51.98 -33.50
CA ASN H 438 -18.68 52.39 -33.31
C ASN H 438 -19.62 51.23 -33.34
N GLU H 439 -19.09 50.05 -32.97
CA GLU H 439 -19.86 48.84 -32.74
C GLU H 439 -19.92 48.60 -31.21
N PRO H 440 -21.08 48.86 -30.60
CA PRO H 440 -21.18 48.95 -29.14
C PRO H 440 -21.00 47.62 -28.42
N VAL H 441 -20.20 47.61 -27.38
CA VAL H 441 -19.94 46.42 -26.56
C VAL H 441 -20.03 46.80 -25.07
N TRP H 442 -20.40 45.87 -24.19
CA TRP H 442 -20.50 46.17 -22.76
C TRP H 442 -19.84 45.07 -21.95
N TRP H 443 -19.01 45.44 -20.99
CA TRP H 443 -18.24 44.44 -20.21
C TRP H 443 -19.14 43.81 -19.18
N LEU H 444 -19.17 42.47 -19.18
CA LEU H 444 -19.99 41.68 -18.29
C LEU H 444 -19.06 40.71 -17.52
N PRO H 445 -19.44 40.36 -16.29
CA PRO H 445 -18.50 39.66 -15.37
C PRO H 445 -18.48 38.17 -15.54
N ILE H 446 -17.34 37.58 -15.26
CA ILE H 446 -17.29 36.14 -15.16
C ILE H 446 -17.37 35.83 -13.66
N ILE H 447 -18.57 35.43 -13.19
CA ILE H 447 -18.84 35.27 -11.77
C ILE H 447 -18.39 33.89 -11.28
N ASN H 448 -17.24 33.84 -10.62
CA ASN H 448 -16.68 32.55 -10.19
C ASN H 448 -17.55 31.72 -9.24
N GLU H 449 -18.42 32.37 -8.48
CA GLU H 449 -19.38 31.64 -7.64
C GLU H 449 -20.17 30.55 -8.42
N TYR H 450 -20.43 30.77 -9.73
CA TYR H 450 -21.25 29.83 -10.52
C TYR H 450 -20.49 28.60 -10.97
N ARG H 451 -19.16 28.66 -10.82
CA ARG H 451 -18.29 27.59 -11.34
C ARG H 451 -18.61 26.21 -10.72
N ALA H 452 -18.92 26.19 -9.43
CA ALA H 452 -19.34 24.97 -8.72
C ALA H 452 -20.47 24.25 -9.45
N THR H 453 -21.34 25.01 -10.12
CA THR H 453 -22.47 24.34 -10.79
C THR H 453 -22.08 23.65 -12.13
N LEU H 454 -20.82 23.77 -12.55
CA LEU H 454 -20.33 22.95 -13.65
C LEU H 454 -19.59 21.70 -13.17
N ASN H 455 -19.58 21.42 -11.86
CA ASN H 455 -18.89 20.20 -11.40
C ASN H 455 -19.75 19.03 -11.84
N SER H 456 -19.14 18.02 -12.45
CA SER H 456 -19.88 16.86 -12.97
C SER H 456 -19.62 15.71 -11.99
N LYS H 457 -20.64 14.88 -11.76
CA LYS H 457 -20.44 13.69 -10.93
C LYS H 457 -19.43 12.67 -11.56
N TYR H 458 -19.36 12.67 -12.88
CA TYR H 458 -18.70 11.59 -13.63
C TYR H 458 -17.55 12.13 -14.45
N ALA H 459 -17.82 13.20 -15.24
CA ALA H 459 -16.82 13.80 -16.12
C ALA H 459 -15.98 14.79 -15.32
N ASP H 460 -14.94 15.32 -15.94
CA ASP H 460 -14.16 16.42 -15.33
C ASP H 460 -15.02 17.71 -15.19
N ILE H 461 -15.98 17.91 -16.09
CA ILE H 461 -16.77 19.14 -16.08
C ILE H 461 -18.07 18.94 -16.82
N ASN H 462 -19.10 19.67 -16.41
CA ASN H 462 -20.38 19.74 -17.12
C ASN H 462 -20.31 20.84 -18.17
N GLN H 463 -20.89 20.56 -19.33
CA GLN H 463 -21.15 21.50 -20.39
C GLN H 463 -22.05 22.66 -19.92
N ILE H 464 -23.11 22.33 -19.17
CA ILE H 464 -24.09 23.33 -18.73
C ILE H 464 -24.32 23.28 -17.22
N SER H 465 -24.89 24.35 -16.69
CA SER H 465 -25.23 24.43 -15.27
C SER H 465 -26.54 23.71 -15.04
N SER H 466 -26.64 23.04 -13.90
CA SER H 466 -27.88 22.55 -13.33
C SER H 466 -28.78 23.72 -12.86
N SER H 467 -28.18 24.69 -12.16
CA SER H 467 -29.01 25.59 -11.37
C SER H 467 -29.01 27.05 -11.81
N VAL H 468 -27.99 27.48 -12.55
CA VAL H 468 -27.83 28.92 -12.81
C VAL H 468 -28.48 29.30 -14.15
N LYS H 469 -29.34 30.32 -14.13
CA LYS H 469 -30.04 30.77 -15.35
C LYS H 469 -29.22 31.85 -16.13
N ALA H 470 -28.16 32.41 -15.52
CA ALA H 470 -27.29 33.40 -16.17
C ALA H 470 -26.37 32.67 -17.16
N SER H 471 -26.99 32.20 -18.25
CA SER H 471 -26.33 31.28 -19.16
C SER H 471 -25.12 31.89 -19.94
N SER H 472 -25.13 33.20 -20.19
CA SER H 472 -23.99 33.81 -20.89
C SER H 472 -22.79 33.80 -19.97
N ILE H 473 -23.04 33.93 -18.67
CA ILE H 473 -21.93 33.92 -17.72
C ILE H 473 -21.46 32.49 -17.53
N VAL H 474 -22.40 31.56 -17.44
CA VAL H 474 -22.03 30.13 -17.32
C VAL H 474 -21.20 29.67 -18.54
N ALA H 475 -21.61 30.06 -19.75
CA ALA H 475 -20.86 29.70 -20.97
C ALA H 475 -19.42 30.23 -20.92
N SER H 476 -19.24 31.46 -20.43
CA SER H 476 -17.92 32.07 -20.27
C SER H 476 -17.03 31.33 -19.28
N LEU H 477 -17.61 30.90 -18.17
CA LEU H 477 -16.88 30.07 -17.19
C LEU H 477 -16.42 28.73 -17.82
N PHE H 478 -17.32 28.07 -18.57
CA PHE H 478 -16.94 26.88 -19.29
C PHE H 478 -15.74 27.13 -20.23
N LEU H 479 -15.84 28.18 -21.06
CA LEU H 479 -14.78 28.47 -22.08
C LEU H 479 -13.45 28.78 -21.40
N LYS H 480 -13.51 29.46 -20.26
CA LYS H 480 -12.30 29.82 -19.52
C LYS H 480 -11.48 28.56 -19.05
N GLU H 481 -12.17 27.44 -18.88
CA GLU H 481 -11.50 26.16 -18.59
C GLU H 481 -10.60 25.65 -19.74
N PHE H 482 -10.68 26.29 -20.90
CA PHE H 482 -9.90 25.84 -22.05
C PHE H 482 -8.78 26.78 -22.47
N VAL H 483 -8.52 27.79 -21.62
CA VAL H 483 -7.44 28.73 -21.78
C VAL H 483 -6.68 28.66 -20.47
N GLN H 484 -5.47 28.14 -20.51
CA GLN H 484 -4.70 27.90 -19.28
C GLN H 484 -3.90 29.09 -18.82
N ASN H 485 -3.25 29.78 -19.74
CA ASN H 485 -2.37 30.86 -19.31
C ASN H 485 -2.12 31.94 -20.34
N THR H 486 -3.17 32.40 -21.01
CA THR H 486 -3.07 33.43 -22.06
C THR H 486 -4.22 34.43 -21.85
N ALA H 487 -3.97 35.71 -22.13
CA ALA H 487 -5.01 36.75 -22.09
C ALA H 487 -6.12 36.33 -23.08
N TRP H 488 -7.34 36.29 -22.60
CA TRP H 488 -8.50 35.88 -23.41
C TRP H 488 -9.76 36.71 -23.12
N ALA H 489 -10.54 36.93 -24.16
CA ALA H 489 -11.82 37.62 -24.05
C ALA H 489 -12.79 36.95 -25.04
N HIS H 490 -14.08 37.08 -24.75
CA HIS H 490 -15.11 36.32 -25.44
C HIS H 490 -16.23 37.33 -25.67
N ILE H 491 -16.65 37.49 -26.91
CA ILE H 491 -17.68 38.49 -27.25
C ILE H 491 -18.94 37.74 -27.72
N ASP H 492 -20.02 37.82 -26.95
CA ASP H 492 -21.22 37.08 -27.26
C ASP H 492 -22.15 38.00 -28.06
N ILE H 493 -22.38 37.65 -29.34
CA ILE H 493 -23.11 38.50 -30.30
C ILE H 493 -24.49 37.92 -30.67
N ALA H 494 -24.98 37.01 -29.85
CA ALA H 494 -26.31 36.39 -30.05
C ALA H 494 -27.44 37.42 -30.18
N GLY H 495 -27.41 38.49 -29.37
CA GLY H 495 -28.48 39.46 -29.45
C GLY H 495 -28.32 40.43 -30.58
N VAL H 496 -27.09 40.59 -31.02
CA VAL H 496 -26.70 41.75 -31.81
C VAL H 496 -26.52 41.47 -33.30
N SER H 497 -26.26 40.22 -33.65
CA SER H 497 -25.82 39.83 -34.98
C SER H 497 -26.85 40.00 -36.13
N TRP H 498 -28.12 39.72 -35.83
CA TRP H 498 -29.18 39.81 -36.81
C TRP H 498 -30.06 41.02 -36.52
N ASN H 499 -30.29 41.82 -37.55
CA ASN H 499 -31.16 43.01 -37.47
C ASN H 499 -32.60 42.52 -37.71
N PHE H 500 -33.33 42.23 -36.63
CA PHE H 500 -34.69 41.65 -36.72
C PHE H 500 -35.68 42.54 -37.48
N LYS H 501 -35.55 43.85 -37.32
CA LYS H 501 -36.47 44.79 -37.94
C LYS H 501 -36.22 44.79 -39.45
N ALA H 502 -34.94 44.84 -39.86
CA ALA H 502 -34.64 44.94 -41.29
C ALA H 502 -34.53 43.55 -41.94
N ARG H 503 -34.60 42.51 -41.13
CA ARG H 503 -34.61 41.13 -41.63
C ARG H 503 -33.32 40.79 -42.39
N LYS H 504 -32.18 41.22 -41.85
CA LYS H 504 -30.91 40.96 -42.51
C LYS H 504 -29.80 40.98 -41.47
N PRO H 505 -28.60 40.46 -41.80
CA PRO H 505 -27.50 40.54 -40.82
C PRO H 505 -26.97 41.96 -40.62
N LYS H 506 -26.23 42.17 -39.54
CA LYS H 506 -25.51 43.43 -39.39
C LYS H 506 -24.04 43.22 -39.73
N GLY H 507 -23.56 41.97 -39.81
CA GLY H 507 -22.11 41.75 -40.05
C GLY H 507 -21.33 42.28 -38.85
N PHE H 508 -21.92 42.17 -37.66
CA PHE H 508 -21.35 42.72 -36.43
C PHE H 508 -20.03 42.08 -36.09
N GLY H 509 -19.07 42.90 -35.67
CA GLY H 509 -17.80 42.35 -35.21
C GLY H 509 -16.64 42.60 -36.16
N VAL H 510 -16.94 42.75 -37.46
CA VAL H 510 -15.87 42.95 -38.48
C VAL H 510 -15.02 44.17 -38.13
N ARG H 511 -15.65 45.33 -38.03
CA ARG H 511 -14.94 46.58 -37.71
C ARG H 511 -14.34 46.60 -36.31
N LEU H 512 -15.09 46.06 -35.34
CA LEU H 512 -14.56 45.94 -33.98
C LEU H 512 -13.24 45.18 -33.97
N LEU H 513 -13.23 43.98 -34.55
CA LEU H 513 -12.01 43.14 -34.52
C LEU H 513 -10.89 43.72 -35.35
N THR H 514 -11.26 44.39 -36.44
CA THR H 514 -10.23 45.06 -37.24
C THR H 514 -9.60 46.25 -36.45
N GLU H 515 -10.44 47.10 -35.86
CA GLU H 515 -9.90 48.19 -35.04
C GLU H 515 -8.98 47.64 -33.94
N PHE H 516 -9.38 46.52 -33.34
CA PHE H 516 -8.59 45.85 -32.32
C PHE H 516 -7.17 45.48 -32.81
N VAL H 517 -7.10 44.82 -33.97
CA VAL H 517 -5.81 44.47 -34.59
C VAL H 517 -5.04 45.73 -34.95
N LEU H 518 -5.69 46.68 -35.62
CA LEU H 518 -4.99 47.87 -36.06
C LEU H 518 -4.45 48.74 -34.89
N ASN H 519 -5.26 48.94 -33.87
CA ASN H 519 -4.83 49.72 -32.70
C ASN H 519 -3.58 49.15 -32.02
N ASP H 520 -3.46 47.83 -32.00
CA ASP H 520 -2.28 47.15 -31.46
C ASP H 520 -0.98 47.29 -32.27
N SER I 3 -20.78 -7.99 -32.43
CA SER I 3 -19.38 -7.91 -31.83
C SER I 3 -18.64 -6.57 -31.99
N GLU I 4 -18.33 -6.14 -33.21
CA GLU I 4 -17.62 -4.88 -33.42
C GLU I 4 -18.55 -3.64 -33.24
N VAL I 5 -18.13 -2.69 -32.40
CA VAL I 5 -18.94 -1.48 -32.11
C VAL I 5 -18.74 -0.50 -33.25
N PRO I 6 -19.83 -0.12 -33.95
CA PRO I 6 -19.63 0.90 -35.01
C PRO I 6 -19.30 2.29 -34.43
N GLN I 7 -18.57 3.12 -35.19
CA GLN I 7 -18.11 4.42 -34.74
C GLN I 7 -18.47 5.37 -35.84
N VAL I 8 -18.70 6.64 -35.49
CA VAL I 8 -18.86 7.71 -36.50
C VAL I 8 -17.48 8.38 -36.72
N VAL I 9 -16.79 8.65 -35.63
CA VAL I 9 -15.41 9.14 -35.72
C VAL I 9 -14.52 8.19 -34.92
N SER I 10 -13.21 8.22 -35.18
CA SER I 10 -12.25 7.35 -34.48
C SER I 10 -12.20 7.59 -32.94
N LEU I 11 -12.73 8.73 -32.49
CA LEU I 11 -12.72 9.04 -31.06
C LEU I 11 -13.89 8.45 -30.31
N ASP I 12 -14.89 7.93 -31.03
CA ASP I 12 -15.99 7.26 -30.39
C ASP I 12 -15.49 5.96 -29.70
N PRO I 13 -15.89 5.74 -28.42
CA PRO I 13 -15.41 4.57 -27.69
C PRO I 13 -16.05 3.32 -28.23
N THR I 14 -15.39 2.18 -28.02
CA THR I 14 -15.82 0.90 -28.57
C THR I 14 -16.06 -0.14 -27.44
N SER I 15 -15.96 0.28 -26.18
CA SER I 15 -16.31 -0.56 -25.06
C SER I 15 -16.74 0.31 -23.89
N ILE I 16 -17.52 -0.27 -22.97
CA ILE I 16 -17.82 0.36 -21.73
C ILE I 16 -16.66 0.08 -20.77
N PRO I 17 -16.06 1.13 -20.16
CA PRO I 17 -15.04 0.80 -19.14
C PRO I 17 -15.69 0.19 -17.90
N ILE I 18 -15.14 -0.92 -17.41
CA ILE I 18 -15.73 -1.62 -16.29
C ILE I 18 -14.63 -1.94 -15.30
N GLU I 19 -14.86 -1.58 -14.06
CA GLU I 19 -13.91 -1.92 -13.01
C GLU I 19 -14.45 -3.12 -12.25
N TYR I 20 -13.69 -4.21 -12.20
CA TYR I 20 -14.11 -5.42 -11.50
C TYR I 20 -13.47 -5.53 -10.13
N ASN I 21 -12.15 -5.34 -10.08
CA ASN I 21 -11.42 -5.32 -8.82
C ASN I 21 -11.43 -3.94 -8.23
N THR I 22 -12.46 -3.63 -7.47
CA THR I 22 -12.59 -2.27 -6.89
C THR I 22 -11.82 -2.20 -5.57
N PRO I 23 -11.55 -0.97 -5.08
CA PRO I 23 -10.88 -0.81 -3.78
C PRO I 23 -11.63 -1.50 -2.63
N ILE I 24 -12.96 -1.59 -2.73
CA ILE I 24 -13.74 -2.29 -1.73
C ILE I 24 -13.34 -3.77 -1.62
N HIS I 25 -12.95 -4.39 -2.75
CA HIS I 25 -12.56 -5.79 -2.68
C HIS I 25 -11.23 -5.97 -1.90
N ASP I 26 -10.43 -4.92 -1.76
CA ASP I 26 -9.17 -5.02 -1.00
C ASP I 26 -9.37 -4.82 0.52
N ILE I 27 -10.61 -4.57 0.96
CA ILE I 27 -10.84 -4.33 2.38
C ILE I 27 -10.89 -5.66 3.16
N LYS I 28 -9.96 -5.86 4.08
CA LYS I 28 -9.98 -7.04 4.94
C LYS I 28 -11.03 -6.82 6.01
N VAL I 29 -12.01 -7.69 6.10
CA VAL I 29 -13.12 -7.49 7.05
C VAL I 29 -13.05 -8.55 8.16
N GLN I 30 -13.05 -8.09 9.42
CA GLN I 30 -13.07 -8.99 10.60
C GLN I 30 -14.26 -8.65 11.49
N VAL I 31 -14.95 -9.67 11.97
CA VAL I 31 -16.10 -9.49 12.85
C VAL I 31 -15.75 -10.14 14.18
N TYR I 32 -15.98 -9.43 15.27
CA TYR I 32 -15.70 -9.95 16.60
C TYR I 32 -16.96 -9.84 17.44
N ASP I 33 -17.07 -10.73 18.42
CA ASP I 33 -18.13 -10.62 19.39
C ASP I 33 -17.89 -9.46 20.38
N ILE I 34 -18.93 -8.67 20.55
CA ILE I 34 -18.90 -7.51 21.42
C ILE I 34 -18.66 -7.85 22.90
N LYS I 35 -19.00 -9.06 23.32
CA LYS I 35 -18.79 -9.42 24.72
C LYS I 35 -17.32 -9.62 25.11
N GLY I 36 -16.44 -9.71 24.10
CA GLY I 36 -14.99 -9.78 24.35
C GLY I 36 -14.41 -8.41 24.64
N GLY I 37 -15.19 -7.35 24.37
CA GLY I 37 -14.72 -5.98 24.57
C GLY I 37 -14.00 -5.51 23.31
N CYS I 38 -13.98 -4.19 23.10
CA CYS I 38 -13.41 -3.58 21.91
C CYS I 38 -11.98 -3.15 22.11
N ASN I 39 -11.08 -3.60 21.23
CA ASN I 39 -9.72 -3.07 21.21
C ASN I 39 -9.72 -1.83 20.34
N VAL I 40 -9.12 -0.75 20.81
CA VAL I 40 -9.05 0.51 20.06
C VAL I 40 -7.56 0.85 19.87
N GLU I 41 -7.02 0.52 18.71
CA GLU I 41 -5.56 0.58 18.52
C GLU I 41 -5.11 1.54 17.44
N GLU I 42 -5.98 1.82 16.48
CA GLU I 42 -5.59 2.55 15.29
C GLU I 42 -6.80 2.99 14.50
N GLY I 43 -6.59 3.85 13.52
CA GLY I 43 -7.64 4.27 12.62
C GLY I 43 -8.78 4.96 13.33
N LEU I 44 -9.98 4.70 12.86
CA LEU I 44 -11.17 5.32 13.41
C LEU I 44 -12.11 4.24 13.96
N THR I 45 -12.63 4.45 15.16
CA THR I 45 -13.62 3.55 15.78
C THR I 45 -14.96 4.26 16.02
N ILE I 46 -16.01 3.76 15.40
CA ILE I 46 -17.32 4.38 15.48
C ILE I 46 -18.31 3.50 16.19
N PHE I 47 -18.91 4.03 17.23
CA PHE I 47 -20.02 3.37 17.91
C PHE I 47 -21.32 3.79 17.30
N LEU I 48 -22.17 2.83 17.00
CA LEU I 48 -23.51 3.11 16.48
C LEU I 48 -24.45 3.05 17.68
N VAL I 49 -25.04 4.18 18.04
CA VAL I 49 -25.75 4.32 19.31
C VAL I 49 -27.13 4.93 19.15
N ASN I 50 -28.08 4.42 19.91
CA ASN I 50 -29.40 5.03 19.94
C ASN I 50 -29.80 5.28 21.39
N ASN I 51 -31.03 5.71 21.60
CA ASN I 51 -31.53 5.89 22.95
C ASN I 51 -33.03 5.71 22.87
N PRO I 52 -33.50 4.46 23.08
CA PRO I 52 -34.90 4.14 22.82
C PRO I 52 -35.83 5.01 23.67
N GLY I 53 -36.92 5.50 23.08
CA GLY I 53 -37.84 6.36 23.83
C GLY I 53 -37.47 7.83 23.81
N LYS I 54 -36.19 8.13 24.04
CA LYS I 54 -35.74 9.52 24.23
C LYS I 54 -35.43 10.21 22.91
N GLU I 55 -36.40 10.97 22.40
CA GLU I 55 -36.19 11.78 21.19
C GLU I 55 -34.96 12.71 21.40
N ASN I 56 -33.95 12.59 20.53
CA ASN I 56 -32.68 13.28 20.73
C ASN I 56 -32.11 13.09 22.13
N GLY I 57 -32.18 11.87 22.66
CA GLY I 57 -31.61 11.57 23.99
C GLY I 57 -30.08 11.57 24.02
N PRO I 58 -29.48 11.47 25.21
CA PRO I 58 -28.01 11.45 25.31
C PRO I 58 -27.32 10.16 24.81
N VAL I 59 -26.05 10.32 24.42
CA VAL I 59 -25.19 9.22 24.08
C VAL I 59 -24.68 8.53 25.34
N LYS I 60 -24.86 7.23 25.45
CA LYS I 60 -24.18 6.42 26.45
C LYS I 60 -23.53 5.23 25.75
N ILE I 61 -22.25 5.06 25.95
CA ILE I 61 -21.53 3.94 25.32
C ILE I 61 -21.59 2.74 26.24
N SER I 62 -22.26 1.68 25.78
CA SER I 62 -22.44 0.49 26.60
C SER I 62 -21.39 -0.62 26.49
N SER I 63 -20.71 -0.74 25.35
CA SER I 63 -19.72 -1.80 25.16
C SER I 63 -18.59 -1.73 26.16
N LYS I 64 -18.00 -2.86 26.45
CA LYS I 64 -16.74 -2.86 27.15
C LYS I 64 -15.67 -2.44 26.14
N VAL I 65 -14.79 -1.55 26.57
CA VAL I 65 -13.67 -1.11 25.79
C VAL I 65 -12.41 -1.55 26.54
N ASN I 66 -11.52 -2.28 25.86
CA ASN I 66 -10.32 -2.83 26.51
C ASN I 66 -9.17 -1.85 26.57
N ASP I 67 -9.48 -0.63 27.01
CA ASP I 67 -8.47 0.42 27.08
C ASP I 67 -8.93 1.38 28.17
N LYS I 68 -8.04 1.65 29.13
CA LYS I 68 -8.39 2.52 30.23
C LYS I 68 -8.61 3.95 29.76
N GLN I 69 -7.64 4.49 29.02
CA GLN I 69 -7.76 5.86 28.46
C GLN I 69 -9.04 6.07 27.66
N VAL I 70 -9.34 5.14 26.75
CA VAL I 70 -10.49 5.29 25.88
C VAL I 70 -11.76 5.10 26.73
N SER I 71 -11.74 4.12 27.65
CA SER I 71 -12.91 3.89 28.55
C SER I 71 -13.23 5.15 29.30
N GLU I 72 -12.17 5.77 29.81
CA GLU I 72 -12.27 7.02 30.54
C GLU I 72 -12.93 8.15 29.72
N PHE I 73 -12.50 8.30 28.48
CA PHE I 73 -13.04 9.33 27.61
C PHE I 73 -14.52 9.14 27.33
N LEU I 74 -14.94 7.89 27.25
CA LEU I 74 -16.31 7.50 26.87
C LEU I 74 -17.31 7.31 28.05
N LYS I 75 -16.91 7.76 29.24
CA LYS I 75 -17.77 7.80 30.41
C LYS I 75 -18.97 8.65 30.10
N ASP I 76 -20.09 8.31 30.72
CA ASP I 76 -21.34 8.99 30.47
C ASP I 76 -21.25 10.50 30.69
N GLU I 77 -20.59 10.92 31.77
CA GLU I 77 -20.44 12.34 32.08
C GLU I 77 -19.81 13.11 30.89
N ASN I 78 -18.80 12.49 30.25
CA ASN I 78 -18.11 13.13 29.11
CA ASN I 78 -18.11 13.07 29.09
C ASN I 78 -18.94 13.07 27.82
N MET I 79 -19.84 12.08 27.71
CA MET I 79 -20.68 11.91 26.51
C MET I 79 -21.99 12.69 26.59
N GLU I 80 -22.33 13.21 27.78
CA GLU I 80 -23.70 13.70 28.03
C GLU I 80 -24.00 14.94 27.17
N LYS I 81 -22.96 15.65 26.78
CA LYS I 81 -23.14 16.77 25.85
C LYS I 81 -23.67 16.41 24.47
N PHE I 82 -23.60 15.12 24.11
CA PHE I 82 -23.93 14.67 22.74
C PHE I 82 -25.24 13.88 22.67
N ASN I 83 -25.96 14.02 21.56
CA ASN I 83 -27.18 13.27 21.46
C ASN I 83 -27.25 12.29 20.27
N VAL I 84 -28.29 11.47 20.26
CA VAL I 84 -28.44 10.37 19.32
C VAL I 84 -29.27 10.72 18.08
N LYS I 85 -29.58 12.00 17.89
CA LYS I 85 -30.37 12.37 16.73
C LYS I 85 -29.91 11.61 15.46
N LEU I 86 -30.84 10.97 14.74
CA LEU I 86 -30.50 10.10 13.62
C LEU I 86 -29.57 10.75 12.62
N GLY I 87 -28.41 10.16 12.39
CA GLY I 87 -27.51 10.67 11.37
C GLY I 87 -26.53 11.72 11.89
N THR I 88 -26.65 12.07 13.15
CA THR I 88 -25.70 12.93 13.84
C THR I 88 -24.39 12.17 14.05
N SER I 89 -23.28 12.87 14.11
CA SER I 89 -22.03 12.20 14.40
C SER I 89 -21.04 13.13 15.05
N LYS I 90 -20.08 12.55 15.80
CA LYS I 90 -18.94 13.31 16.36
C LYS I 90 -17.66 12.50 16.29
N HIS I 91 -16.52 13.23 16.30
CA HIS I 91 -15.18 12.65 16.29
C HIS I 91 -14.50 13.00 17.58
N PHE I 92 -13.76 12.04 18.12
CA PHE I 92 -12.95 12.25 19.31
C PHE I 92 -11.49 11.91 18.98
N TYR I 93 -10.56 12.58 19.63
CA TYR I 93 -9.15 12.26 19.51
C TYR I 93 -8.52 12.09 20.87
N MET I 94 -7.74 11.02 21.02
CA MET I 94 -7.10 10.70 22.32
C MET I 94 -5.97 9.71 22.15
N PHE I 95 -5.12 9.62 23.17
CA PHE I 95 -4.09 8.59 23.28
C PHE I 95 -4.57 7.38 24.09
N ASN I 96 -4.42 6.19 23.52
CA ASN I 96 -4.74 4.96 24.22
C ASN I 96 -3.66 4.50 25.20
N ASP I 97 -3.84 3.31 25.77
CA ASP I 97 -2.93 2.78 26.78
C ASP I 97 -1.51 2.55 26.25
N ASN I 98 -1.38 2.20 24.97
CA ASN I 98 -0.06 2.07 24.33
C ASN I 98 0.51 3.42 23.95
N LYS I 99 -0.17 4.48 24.39
CA LYS I 99 0.27 5.84 24.09
C LYS I 99 0.14 6.16 22.60
N ASN I 100 -0.79 5.47 21.94
CA ASN I 100 -1.02 5.67 20.52
C ASN I 100 -2.31 6.45 20.24
N SER I 101 -2.17 7.63 19.66
CA SER I 101 -3.32 8.47 19.35
C SER I 101 -4.31 7.73 18.44
N VAL I 102 -5.57 7.69 18.86
CA VAL I 102 -6.60 7.03 18.10
C VAL I 102 -7.77 8.00 17.91
N ALA I 103 -8.59 7.70 16.91
CA ALA I 103 -9.81 8.45 16.66
C ALA I 103 -11.02 7.57 16.96
N VAL I 104 -11.95 8.12 17.69
CA VAL I 104 -13.11 7.41 18.15
C VAL I 104 -14.28 8.33 17.82
N GLY I 105 -15.48 7.80 17.65
CA GLY I 105 -16.64 8.68 17.49
C GLY I 105 -17.90 7.87 17.56
N TYR I 106 -19.01 8.48 17.18
CA TYR I 106 -20.27 7.75 17.11
C TYR I 106 -21.16 8.30 16.01
N VAL I 107 -22.15 7.52 15.56
CA VAL I 107 -23.20 8.02 14.71
C VAL I 107 -24.50 7.76 15.45
N GLY I 108 -25.36 8.77 15.51
CA GLY I 108 -26.63 8.68 16.20
C GLY I 108 -27.62 7.90 15.34
N CYS I 109 -28.29 6.95 15.97
CA CYS I 109 -29.26 6.10 15.30
C CYS I 109 -30.67 6.39 15.83
N GLY I 110 -30.85 7.54 16.46
CA GLY I 110 -32.20 8.03 16.81
C GLY I 110 -32.78 7.34 18.02
N SER I 111 -34.12 7.32 18.08
CA SER I 111 -34.81 6.76 19.26
C SER I 111 -35.83 5.65 18.98
N VAL I 112 -35.99 5.28 17.71
CA VAL I 112 -36.83 4.14 17.32
C VAL I 112 -35.98 2.90 17.15
N ALA I 113 -36.16 1.92 18.04
CA ALA I 113 -35.29 0.74 18.16
C ALA I 113 -35.21 -0.20 16.95
N ASP I 114 -36.07 0.01 15.95
CA ASP I 114 -36.02 -0.76 14.73
C ASP I 114 -35.91 0.20 13.55
N LEU I 115 -34.73 0.25 12.93
CA LEU I 115 -34.42 1.21 11.86
C LEU I 115 -35.01 0.76 10.55
N SER I 116 -35.70 1.64 9.85
CA SER I 116 -36.07 1.34 8.48
C SER I 116 -34.85 1.40 7.55
N GLU I 117 -34.99 0.79 6.39
CA GLU I 117 -33.96 0.86 5.37
C GLU I 117 -33.52 2.33 5.09
N ALA I 118 -34.46 3.28 5.10
CA ALA I 118 -34.11 4.69 4.89
C ALA I 118 -33.33 5.29 6.07
N ASP I 119 -33.68 4.92 7.29
CA ASP I 119 -32.94 5.30 8.50
C ASP I 119 -31.52 4.71 8.47
N MET I 120 -31.41 3.43 8.13
CA MET I 120 -30.12 2.77 8.05
C MET I 120 -29.22 3.39 6.97
N LYS I 121 -29.81 3.73 5.83
CA LYS I 121 -29.09 4.44 4.81
C LYS I 121 -28.57 5.83 5.32
N ARG I 122 -29.38 6.56 6.08
CA ARG I 122 -28.99 7.83 6.71
C ARG I 122 -27.82 7.61 7.66
N VAL I 123 -27.86 6.53 8.43
CA VAL I 123 -26.72 6.21 9.31
C VAL I 123 -25.44 5.95 8.47
N VAL I 124 -25.58 5.16 7.41
CA VAL I 124 -24.45 4.89 6.52
C VAL I 124 -23.84 6.13 5.87
N LEU I 125 -24.67 7.03 5.37
CA LEU I 125 -24.21 8.25 4.73
C LEU I 125 -23.42 9.12 5.72
N SER I 126 -23.87 9.15 6.98
CA SER I 126 -23.08 9.85 8.03
C SER I 126 -21.72 9.26 8.25
N LEU I 127 -21.68 7.94 8.39
CA LEU I 127 -20.43 7.21 8.53
C LEU I 127 -19.50 7.44 7.34
N VAL I 128 -20.06 7.36 6.13
CA VAL I 128 -19.28 7.66 4.93
C VAL I 128 -18.69 9.10 4.92
N THR I 129 -19.42 10.09 5.42
CA THR I 129 -18.83 11.45 5.46
C THR I 129 -17.65 11.51 6.45
N MET I 130 -17.65 10.68 7.50
CA MET I 130 -16.42 10.54 8.32
C MET I 130 -15.27 9.83 7.58
N LEU I 131 -15.61 9.02 6.58
CA LEU I 131 -14.56 8.29 5.90
C LEU I 131 -13.93 9.17 4.84
N HIS I 132 -14.72 10.06 4.27
CA HIS I 132 -14.29 10.94 3.21
C HIS I 132 -13.47 12.08 3.79
N ASP I 133 -12.49 12.55 3.02
CA ASP I 133 -11.63 13.63 3.46
C ASP I 133 -10.89 13.27 4.74
N ASN I 134 -10.43 12.02 4.82
CA ASN I 134 -9.71 11.54 6.00
C ASN I 134 -8.87 10.31 5.70
N LYS I 135 -7.57 10.51 5.53
CA LYS I 135 -6.66 9.41 5.24
C LYS I 135 -6.61 8.41 6.40
N LEU I 136 -7.43 7.37 6.31
CA LEU I 136 -7.48 6.35 7.35
C LEU I 136 -7.13 4.99 6.76
N SER I 137 -6.45 4.15 7.53
CA SER I 137 -6.15 2.82 7.03
C SER I 137 -7.16 1.80 7.54
N LYS I 138 -7.96 2.18 8.53
CA LYS I 138 -8.84 1.23 9.21
C LYS I 138 -10.08 1.88 9.83
N LEU I 139 -11.23 1.24 9.61
CA LEU I 139 -12.44 1.62 10.29
C LEU I 139 -12.90 0.45 11.19
N THR I 140 -13.31 0.78 12.41
CA THR I 140 -13.98 -0.20 13.25
C THR I 140 -15.36 0.30 13.58
N VAL I 141 -16.36 -0.56 13.40
CA VAL I 141 -17.73 -0.21 13.69
C VAL I 141 -18.25 -1.09 14.80
N VAL I 142 -18.80 -0.45 15.84
CA VAL I 142 -19.28 -1.17 17.04
C VAL I 142 -20.80 -1.01 17.09
N PHE I 143 -21.53 -2.11 16.89
CA PHE I 143 -22.99 -2.05 16.92
C PHE I 143 -23.53 -2.04 18.37
N GLU I 144 -24.05 -0.89 18.79
CA GLU I 144 -24.77 -0.82 20.06
C GLU I 144 -26.26 -0.62 19.77
N ILE I 145 -26.65 -1.06 18.59
CA ILE I 145 -28.04 -1.05 18.19
C ILE I 145 -28.37 -2.48 17.80
N ASN I 146 -29.67 -2.77 17.76
CA ASN I 146 -30.17 -4.09 17.37
C ASN I 146 -30.49 -4.18 15.89
N VAL I 147 -30.02 -5.26 15.28
CA VAL I 147 -30.05 -5.41 13.84
C VAL I 147 -30.17 -6.90 13.47
N ASP I 148 -31.19 -7.28 12.70
CA ASP I 148 -31.27 -8.66 12.19
C ASP I 148 -30.19 -8.90 11.11
N LYS I 149 -30.10 -10.14 10.63
CA LYS I 149 -29.04 -10.51 9.70
C LYS I 149 -29.14 -9.78 8.34
N ASN I 150 -30.36 -9.66 7.82
CA ASN I 150 -30.58 -8.91 6.59
C ASN I 150 -30.25 -7.43 6.71
N LEU I 151 -30.53 -6.84 7.86
CA LEU I 151 -30.25 -5.40 8.02
C LEU I 151 -28.74 -5.18 8.22
N PHE I 152 -28.06 -6.15 8.80
CA PHE I 152 -26.60 -6.09 8.95
C PHE I 152 -25.94 -6.14 7.59
N ARG I 153 -26.43 -7.05 6.73
CA ARG I 153 -25.88 -7.22 5.44
C ARG I 153 -26.17 -5.96 4.66
N PHE I 154 -27.37 -5.42 4.87
CA PHE I 154 -27.77 -4.16 4.16
C PHE I 154 -26.80 -3.04 4.56
N PHE I 155 -26.46 -2.97 5.84
CA PHE I 155 -25.52 -1.97 6.35
C PHE I 155 -24.20 -2.01 5.58
N LEU I 156 -23.62 -3.20 5.44
CA LEU I 156 -22.33 -3.39 4.76
C LEU I 156 -22.42 -3.13 3.26
N GLU I 157 -23.45 -3.67 2.59
CA GLU I 157 -23.72 -3.46 1.17
C GLU I 157 -23.78 -1.99 0.87
N THR I 158 -24.54 -1.29 1.71
CA THR I 158 -24.76 0.15 1.54
C THR I 158 -23.47 0.93 1.81
N LEU I 159 -22.78 0.56 2.89
CA LEU I 159 -21.47 1.16 3.20
C LEU I 159 -20.53 1.00 2.00
N PHE I 160 -20.35 -0.23 1.51
CA PHE I 160 -19.48 -0.51 0.37
C PHE I 160 -19.87 0.32 -0.87
N TYR I 161 -21.14 0.29 -1.22
CA TYR I 161 -21.64 1.03 -2.39
C TYR I 161 -21.46 2.53 -2.28
N GLU I 162 -21.85 3.12 -1.15
CA GLU I 162 -21.77 4.59 -0.96
C GLU I 162 -20.32 5.08 -0.82
N TYR I 163 -19.47 4.24 -0.26
CA TYR I 163 -18.06 4.57 -0.12
C TYR I 163 -17.34 4.55 -1.46
N MET I 164 -17.70 3.64 -2.35
CA MET I 164 -17.06 3.50 -3.64
C MET I 164 -17.36 4.74 -4.49
N THR I 165 -16.33 5.32 -5.10
CA THR I 165 -16.51 6.47 -5.97
C THR I 165 -16.13 6.06 -7.40
N ASP I 166 -17.05 6.35 -8.32
CA ASP I 166 -16.87 5.99 -9.71
C ASP I 166 -16.08 7.05 -10.49
N GLU I 167 -14.80 6.78 -10.74
CA GLU I 167 -13.92 7.70 -11.49
C GLU I 167 -13.57 7.28 -12.95
N ARG I 168 -14.36 6.42 -13.54
CA ARG I 168 -14.02 5.87 -14.83
C ARG I 168 -13.92 6.97 -15.89
N PHE I 169 -14.76 8.00 -15.79
CA PHE I 169 -14.77 9.08 -16.80
C PHE I 169 -14.07 10.35 -16.34
N LYS I 170 -13.39 10.31 -15.20
CA LYS I 170 -12.51 11.40 -14.78
C LYS I 170 -11.18 11.26 -15.51
N SER I 171 -10.62 12.39 -15.90
CA SER I 171 -9.33 12.41 -16.54
C SER I 171 -8.39 13.42 -15.83
N THR I 172 -8.68 14.71 -16.00
CA THR I 172 -7.91 15.77 -15.34
C THR I 172 -8.44 16.09 -13.92
N ASP I 173 -9.58 15.50 -13.55
CA ASP I 173 -10.28 15.83 -12.31
C ASP I 173 -10.46 14.64 -11.34
N LYS I 174 -9.55 13.68 -11.37
CA LYS I 174 -9.58 12.63 -10.34
C LYS I 174 -9.32 13.24 -8.96
N ASN I 175 -9.88 12.64 -7.91
CA ASN I 175 -9.70 13.14 -6.55
C ASN I 175 -8.34 12.65 -6.02
N VAL I 176 -7.35 13.55 -6.02
CA VAL I 176 -5.99 13.20 -5.65
C VAL I 176 -5.90 12.74 -4.19
N ASN I 177 -6.96 12.93 -3.40
CA ASN I 177 -6.94 12.64 -1.94
C ASN I 177 -7.74 11.40 -1.52
N MET I 178 -8.53 10.84 -2.42
CA MET I 178 -9.24 9.61 -2.12
C MET I 178 -8.23 8.52 -1.82
N GLU I 179 -8.26 7.99 -0.60
CA GLU I 179 -7.55 6.78 -0.20
C GLU I 179 -8.61 6.01 0.50
N TYR I 180 -8.65 4.71 0.28
CA TYR I 180 -9.64 3.86 0.91
C TYR I 180 -9.01 3.16 2.07
N ILE I 181 -9.81 2.89 3.09
CA ILE I 181 -9.33 2.03 4.18
C ILE I 181 -8.93 0.63 3.66
N LYS I 182 -8.02 -0.03 4.37
CA LYS I 182 -7.63 -1.40 4.02
C LYS I 182 -8.23 -2.43 4.93
N HIS I 183 -8.85 -1.99 6.02
CA HIS I 183 -9.35 -2.94 7.03
C HIS I 183 -10.64 -2.41 7.62
N LEU I 184 -11.61 -3.30 7.79
CA LEU I 184 -12.85 -2.98 8.45
C LEU I 184 -13.01 -3.97 9.60
N GLY I 185 -13.13 -3.45 10.83
CA GLY I 185 -13.41 -4.26 12.01
C GLY I 185 -14.87 -4.01 12.37
N VAL I 186 -15.58 -5.07 12.75
CA VAL I 186 -16.96 -4.95 13.19
C VAL I 186 -17.14 -5.71 14.50
N TYR I 187 -17.65 -5.04 15.54
CA TYR I 187 -18.02 -5.67 16.80
C TYR I 187 -19.57 -5.68 16.89
N ILE I 188 -20.16 -6.83 17.19
CA ILE I 188 -21.61 -7.01 17.22
C ILE I 188 -21.89 -8.17 18.21
N ASN I 189 -23.07 -8.17 18.83
CA ASN I 189 -23.50 -9.28 19.68
C ASN I 189 -23.77 -10.51 18.79
N ASN I 190 -23.46 -11.69 19.29
CA ASN I 190 -23.64 -12.94 18.52
C ASN I 190 -22.93 -12.88 17.16
N ALA I 191 -21.67 -12.44 17.17
CA ALA I 191 -20.87 -12.28 15.95
C ALA I 191 -20.92 -13.46 15.00
N ASP I 192 -20.80 -14.69 15.52
CA ASP I 192 -20.66 -15.85 14.66
C ASP I 192 -21.82 -16.00 13.68
N THR I 193 -23.02 -15.54 14.05
CA THR I 193 -24.16 -15.69 13.16
C THR I 193 -24.17 -14.62 12.05
N TYR I 194 -23.38 -13.58 12.23
CA TYR I 194 -23.34 -12.45 11.27
C TYR I 194 -22.22 -12.58 10.26
N LYS I 195 -21.22 -13.40 10.59
CA LYS I 195 -20.04 -13.60 9.76
C LYS I 195 -20.36 -14.04 8.34
N GLU I 196 -21.38 -14.90 8.21
CA GLU I 196 -21.87 -15.36 6.89
C GLU I 196 -22.29 -14.20 5.96
N GLU I 197 -22.84 -13.15 6.56
CA GLU I 197 -23.34 -12.00 5.80
C GLU I 197 -22.24 -11.15 5.15
N VAL I 198 -21.01 -11.24 5.66
CA VAL I 198 -19.95 -10.39 5.15
C VAL I 198 -19.68 -10.59 3.66
N GLU I 199 -19.39 -11.83 3.27
CA GLU I 199 -19.08 -12.06 1.87
C GLU I 199 -20.32 -12.06 1.00
N LYS I 200 -21.50 -12.32 1.57
CA LYS I 200 -22.74 -12.10 0.82
C LYS I 200 -22.91 -10.60 0.52
N ALA I 201 -22.62 -9.75 1.51
CA ALA I 201 -22.66 -8.29 1.32
C ALA I 201 -21.72 -7.84 0.21
N ARG I 202 -20.51 -8.36 0.19
CA ARG I 202 -19.54 -8.00 -0.82
C ARG I 202 -20.01 -8.34 -2.24
N VAL I 203 -20.64 -9.52 -2.37
CA VAL I 203 -21.18 -9.96 -3.64
C VAL I 203 -22.34 -9.04 -4.08
N TYR I 204 -23.25 -8.77 -3.15
CA TYR I 204 -24.41 -7.91 -3.43
C TYR I 204 -23.94 -6.49 -3.72
N TYR I 205 -22.92 -6.04 -2.99
CA TYR I 205 -22.35 -4.75 -3.29
C TYR I 205 -21.88 -4.77 -4.77
N PHE I 206 -21.11 -5.79 -5.16
CA PHE I 206 -20.59 -5.76 -6.54
C PHE I 206 -21.66 -5.86 -7.62
N GLY I 207 -22.67 -6.70 -7.41
CA GLY I 207 -23.77 -6.80 -8.40
C GLY I 207 -24.38 -5.42 -8.57
N THR I 208 -24.63 -4.75 -7.45
CA THR I 208 -25.27 -3.42 -7.46
C THR I 208 -24.35 -2.39 -8.11
N TYR I 209 -23.06 -2.42 -7.74
CA TYR I 209 -22.13 -1.47 -8.28
C TYR I 209 -21.88 -1.68 -9.79
N TYR I 210 -21.79 -2.95 -10.19
CA TYR I 210 -21.70 -3.32 -11.58
C TYR I 210 -22.87 -2.75 -12.38
N ALA I 211 -24.12 -2.97 -11.92
CA ALA I 211 -25.33 -2.36 -12.58
C ALA I 211 -25.16 -0.84 -12.69
N SER I 212 -24.65 -0.28 -11.59
CA SER I 212 -24.50 1.18 -11.49
C SER I 212 -23.50 1.67 -12.57
N GLN I 213 -22.41 0.92 -12.75
CA GLN I 213 -21.39 1.25 -13.75
C GLN I 213 -21.94 1.30 -15.18
N LEU I 214 -22.82 0.35 -15.49
CA LEU I 214 -23.48 0.25 -16.77
C LEU I 214 -24.47 1.41 -16.96
N ILE I 215 -25.29 1.66 -15.94
CA ILE I 215 -26.29 2.75 -16.02
C ILE I 215 -25.60 4.11 -16.17
N ALA I 216 -24.57 4.36 -15.33
CA ALA I 216 -23.87 5.64 -15.37
C ALA I 216 -23.07 5.82 -16.70
N ALA I 217 -22.59 4.74 -17.33
CA ALA I 217 -21.86 4.85 -18.61
C ALA I 217 -22.80 5.59 -19.58
N PRO I 218 -22.33 6.67 -20.19
CA PRO I 218 -23.22 7.41 -21.15
C PRO I 218 -23.51 6.62 -22.43
N SER I 219 -24.53 7.06 -23.18
CA SER I 219 -24.99 6.32 -24.33
C SER I 219 -23.96 6.23 -25.49
N ASN I 220 -22.93 7.07 -25.48
CA ASN I 220 -21.84 6.91 -26.46
C ASN I 220 -20.81 5.84 -26.06
N TYR I 221 -20.76 5.50 -24.78
CA TYR I 221 -19.97 4.33 -24.33
C TYR I 221 -20.81 3.04 -24.32
N CYS I 222 -22.01 3.16 -23.76
CA CYS I 222 -22.89 2.04 -23.50
C CYS I 222 -24.03 2.05 -24.50
N ASN I 223 -23.90 1.20 -25.51
CA ASN I 223 -24.85 1.17 -26.65
C ASN I 223 -25.17 -0.30 -26.85
N PRO I 224 -26.10 -0.64 -27.77
CA PRO I 224 -26.54 -2.02 -27.82
C PRO I 224 -25.44 -3.04 -28.05
N VAL I 225 -24.44 -2.68 -28.84
CA VAL I 225 -23.29 -3.55 -29.11
C VAL I 225 -22.31 -3.67 -27.91
N SER I 226 -21.85 -2.56 -27.36
CA SER I 226 -20.95 -2.62 -26.19
C SER I 226 -21.58 -3.21 -24.89
N LEU I 227 -22.91 -3.08 -24.73
CA LEU I 227 -23.61 -3.60 -23.55
C LEU I 227 -23.69 -5.13 -23.68
N SER I 228 -24.08 -5.59 -24.86
CA SER I 228 -24.11 -7.04 -25.06
C SER I 228 -22.72 -7.63 -25.05
N ASN I 229 -21.72 -6.89 -25.53
CA ASN I 229 -20.34 -7.40 -25.43
C ASN I 229 -19.93 -7.50 -23.96
N ALA I 230 -20.31 -6.51 -23.15
CA ALA I 230 -20.02 -6.55 -21.69
C ALA I 230 -20.72 -7.74 -21.04
N ALA I 231 -21.95 -8.00 -21.45
CA ALA I 231 -22.70 -9.16 -20.93
C ALA I 231 -22.03 -10.53 -21.27
N VAL I 232 -21.47 -10.65 -22.46
CA VAL I 232 -20.67 -11.83 -22.85
C VAL I 232 -19.42 -12.01 -21.97
N GLU I 233 -18.73 -10.91 -21.74
CA GLU I 233 -17.52 -10.93 -20.92
C GLU I 233 -17.85 -11.33 -19.47
N LEU I 234 -18.97 -10.80 -18.96
CA LEU I 234 -19.50 -11.21 -17.64
C LEU I 234 -19.77 -12.71 -17.62
N ALA I 235 -20.49 -13.21 -18.63
CA ALA I 235 -20.87 -14.63 -18.69
C ALA I 235 -19.62 -15.51 -18.73
N GLN I 236 -18.64 -15.10 -19.54
CA GLN I 236 -17.37 -15.79 -19.60
C GLN I 236 -16.67 -15.85 -18.25
N LYS I 237 -16.65 -14.74 -17.50
CA LYS I 237 -15.97 -14.74 -16.19
C LYS I 237 -16.69 -15.62 -15.16
N LEU I 238 -18.01 -15.77 -15.28
CA LEU I 238 -18.76 -16.54 -14.27
C LEU I 238 -19.03 -17.97 -14.78
N ASN I 239 -18.61 -18.24 -16.01
CA ASN I 239 -18.97 -19.49 -16.64
C ASN I 239 -20.46 -19.69 -16.83
N LEU I 240 -21.18 -18.65 -17.22
CA LEU I 240 -22.59 -18.79 -17.57
C LEU I 240 -22.67 -19.19 -19.04
N GLU I 241 -23.70 -19.94 -19.42
CA GLU I 241 -23.98 -20.14 -20.85
C GLU I 241 -24.52 -18.80 -21.33
N TYR I 242 -24.25 -18.48 -22.60
CA TYR I 242 -24.69 -17.19 -23.19
C TYR I 242 -24.84 -17.28 -24.68
N LYS I 243 -25.70 -16.41 -25.18
CA LYS I 243 -25.98 -16.32 -26.56
C LYS I 243 -26.44 -14.87 -26.78
N ILE I 244 -25.87 -14.21 -27.77
CA ILE I 244 -26.41 -12.91 -28.23
C ILE I 244 -27.05 -13.12 -29.60
N LEU I 245 -28.31 -12.72 -29.73
CA LEU I 245 -29.01 -12.87 -30.96
C LEU I 245 -28.90 -11.53 -31.71
N GLY I 246 -28.44 -11.61 -32.95
CA GLY I 246 -28.34 -10.47 -33.85
C GLY I 246 -29.58 -10.30 -34.70
N VAL I 247 -29.58 -9.22 -35.49
CA VAL I 247 -30.71 -8.88 -36.38
C VAL I 247 -31.21 -10.05 -37.26
N LYS I 248 -30.32 -10.79 -37.93
CA LYS I 248 -30.84 -11.85 -38.79
C LYS I 248 -31.63 -12.90 -37.99
N GLU I 249 -31.13 -13.30 -36.82
CA GLU I 249 -31.84 -14.22 -35.92
C GLU I 249 -33.12 -13.62 -35.37
N LEU I 250 -33.09 -12.33 -35.07
CA LEU I 250 -34.27 -11.66 -34.58
C LEU I 250 -35.34 -11.60 -35.69
N GLU I 251 -34.91 -11.37 -36.92
CA GLU I 251 -35.86 -11.39 -38.08
C GLU I 251 -36.51 -12.75 -38.28
N GLU I 252 -35.70 -13.82 -38.23
CA GLU I 252 -36.21 -15.20 -38.26
C GLU I 252 -37.21 -15.43 -37.13
N LEU I 253 -36.93 -14.93 -35.93
CA LEU I 253 -37.88 -15.12 -34.84
C LEU I 253 -39.09 -14.17 -34.93
N LYS I 254 -39.14 -13.34 -35.97
CA LYS I 254 -40.27 -12.42 -36.21
C LYS I 254 -40.49 -11.41 -35.08
N MET I 255 -39.40 -10.90 -34.51
CA MET I 255 -39.50 -9.97 -33.42
C MET I 255 -39.71 -8.53 -33.95
N GLY I 256 -40.84 -8.31 -34.60
CA GLY I 256 -41.16 -7.01 -35.25
C GLY I 256 -41.36 -5.82 -34.35
N ALA I 257 -41.81 -6.05 -33.10
CA ALA I 257 -42.03 -4.92 -32.21
C ALA I 257 -40.67 -4.36 -31.76
N TYR I 258 -39.83 -5.25 -31.28
CA TYR I 258 -38.47 -4.92 -30.84
C TYR I 258 -37.63 -4.38 -32.00
N LEU I 259 -37.71 -5.00 -33.17
CA LEU I 259 -36.86 -4.50 -34.27
C LEU I 259 -37.29 -3.12 -34.78
N SER I 260 -38.58 -2.83 -34.75
CA SER I 260 -39.08 -1.51 -35.14
C SER I 260 -38.50 -0.38 -34.30
N VAL I 261 -38.40 -0.60 -32.98
CA VAL I 261 -37.84 0.39 -32.07
C VAL I 261 -36.41 0.73 -32.43
N GLY I 262 -35.62 -0.28 -32.82
CA GLY I 262 -34.18 -0.08 -33.13
C GLY I 262 -33.84 0.39 -34.55
N LYS I 263 -34.87 0.47 -35.41
CA LYS I 263 -34.69 0.85 -36.83
C LYS I 263 -33.91 2.14 -37.02
N GLY I 264 -34.17 3.14 -36.20
CA GLY I 264 -33.54 4.42 -36.37
C GLY I 264 -32.12 4.51 -35.79
N SER I 265 -31.60 3.43 -35.21
CA SER I 265 -30.27 3.51 -34.54
C SER I 265 -29.14 3.11 -35.47
N MET I 266 -27.97 3.71 -35.30
CA MET I 266 -26.80 3.22 -36.00
C MET I 266 -26.27 1.91 -35.38
N TYR I 267 -26.79 1.52 -34.23
CA TYR I 267 -26.30 0.32 -33.55
C TYR I 267 -27.30 -0.81 -33.80
N PRO I 268 -26.80 -1.98 -34.26
CA PRO I 268 -27.68 -3.12 -34.50
C PRO I 268 -28.29 -3.62 -33.17
N ASN I 269 -29.58 -4.00 -33.18
CA ASN I 269 -30.19 -4.64 -32.03
C ASN I 269 -29.38 -5.90 -31.62
N LYS I 270 -29.19 -6.08 -30.30
CA LYS I 270 -28.55 -7.25 -29.75
C LYS I 270 -29.44 -7.78 -28.60
N PHE I 271 -29.87 -9.02 -28.68
CA PHE I 271 -30.74 -9.56 -27.63
C PHE I 271 -29.87 -10.46 -26.75
N ILE I 272 -29.72 -10.11 -25.46
CA ILE I 272 -28.88 -10.87 -24.54
C ILE I 272 -29.63 -12.01 -23.91
N HIS I 273 -29.02 -13.21 -23.85
CA HIS I 273 -29.63 -14.37 -23.22
C HIS I 273 -28.50 -15.14 -22.51
N LEU I 274 -28.41 -14.91 -21.20
CA LEU I 274 -27.48 -15.64 -20.33
C LEU I 274 -28.27 -16.64 -19.53
N THR I 275 -27.64 -17.76 -19.16
CA THR I 275 -28.34 -18.76 -18.39
C THR I 275 -27.46 -19.30 -17.28
N TYR I 276 -28.01 -19.39 -16.09
CA TYR I 276 -27.39 -20.10 -14.99
C TYR I 276 -28.20 -21.38 -14.78
N LYS I 277 -27.53 -22.53 -14.66
CA LYS I 277 -28.23 -23.74 -14.31
C LYS I 277 -27.52 -24.45 -13.17
N SER I 278 -28.23 -24.74 -12.08
CA SER I 278 -27.58 -25.49 -10.97
C SER I 278 -27.14 -26.89 -11.45
N LYS I 279 -26.08 -27.43 -10.88
CA LYS I 279 -25.85 -28.86 -11.00
C LYS I 279 -26.90 -29.52 -10.08
N GLY I 280 -27.49 -30.62 -10.51
CA GLY I 280 -28.49 -31.28 -9.67
C GLY I 280 -29.89 -31.13 -10.23
N ASP I 281 -30.90 -31.43 -9.42
CA ASP I 281 -32.27 -31.38 -9.92
C ASP I 281 -32.68 -29.92 -10.04
N VAL I 282 -33.22 -29.54 -11.19
CA VAL I 282 -33.68 -28.18 -11.36
C VAL I 282 -35.15 -28.19 -10.96
N LYS I 283 -35.49 -27.45 -9.91
CA LYS I 283 -36.86 -27.44 -9.43
C LYS I 283 -37.66 -26.21 -9.89
N LYS I 284 -36.98 -25.10 -10.15
CA LYS I 284 -37.65 -23.90 -10.63
C LYS I 284 -36.87 -23.35 -11.83
N LYS I 285 -37.63 -22.91 -12.82
CA LYS I 285 -37.08 -22.24 -13.95
C LYS I 285 -37.67 -20.84 -13.94
N ILE I 286 -36.80 -19.86 -14.07
CA ILE I 286 -37.16 -18.43 -14.00
C ILE I 286 -36.51 -17.68 -15.19
N ALA I 287 -37.30 -16.81 -15.81
CA ALA I 287 -36.78 -15.84 -16.76
C ALA I 287 -36.86 -14.44 -16.14
N LEU I 288 -35.73 -13.77 -16.06
CA LEU I 288 -35.64 -12.38 -15.66
C LEU I 288 -35.43 -11.51 -16.93
N VAL I 289 -36.31 -10.55 -17.17
CA VAL I 289 -36.26 -9.74 -18.39
C VAL I 289 -36.03 -8.30 -18.00
N GLY I 290 -35.04 -7.64 -18.58
CA GLY I 290 -34.79 -6.26 -18.23
C GLY I 290 -34.96 -5.36 -19.44
N LYS I 291 -35.62 -4.23 -19.26
CA LYS I 291 -35.72 -3.23 -20.36
C LYS I 291 -34.30 -2.71 -20.65
N GLY I 292 -33.92 -2.75 -21.92
CA GLY I 292 -32.53 -2.41 -22.26
C GLY I 292 -32.45 -1.36 -23.37
N ILE I 293 -33.05 -0.21 -23.13
CA ILE I 293 -32.95 0.93 -24.08
C ILE I 293 -31.68 1.74 -23.72
N THR I 294 -30.64 1.74 -24.57
CA THR I 294 -29.38 2.39 -24.15
C THR I 294 -29.46 3.92 -24.26
N PHE I 295 -30.37 4.43 -25.11
CA PHE I 295 -30.73 5.83 -25.06
C PHE I 295 -32.16 5.93 -25.54
N ASP I 296 -33.00 6.65 -24.80
CA ASP I 296 -34.37 6.86 -25.24
C ASP I 296 -34.60 8.33 -25.59
N SER I 297 -34.49 8.72 -26.87
CA SER I 297 -34.70 10.11 -27.29
C SER I 297 -36.20 10.42 -27.31
N GLY I 298 -36.98 9.32 -27.33
CA GLY I 298 -38.42 9.39 -27.56
C GLY I 298 -38.77 9.03 -29.00
N GLY I 299 -37.81 9.13 -29.92
CA GLY I 299 -38.06 8.91 -31.35
C GLY I 299 -38.83 10.09 -31.92
N TYR I 300 -39.62 9.89 -32.99
CA TYR I 300 -40.41 11.02 -33.59
C TYR I 300 -41.28 11.77 -32.59
N ASN I 301 -41.80 11.06 -31.59
CA ASN I 301 -42.36 11.72 -30.39
C ASN I 301 -41.22 12.12 -29.44
N LEU I 302 -40.39 13.03 -29.92
CA LEU I 302 -39.14 13.42 -29.22
C LEU I 302 -39.42 13.94 -27.81
N LYS I 303 -38.58 13.54 -26.84
CA LYS I 303 -38.64 14.11 -25.49
C LYS I 303 -38.26 15.59 -25.45
N ALA I 304 -39.20 16.43 -25.82
CA ALA I 304 -38.94 17.86 -25.92
C ALA I 304 -39.81 18.69 -24.95
N ALA I 305 -40.87 18.10 -24.39
CA ALA I 305 -41.73 18.78 -23.41
C ALA I 305 -40.96 19.10 -22.11
N PRO I 306 -41.35 20.20 -21.42
CA PRO I 306 -40.62 20.58 -20.19
C PRO I 306 -40.78 19.45 -19.18
N GLY I 307 -39.71 19.05 -18.51
CA GLY I 307 -39.82 17.96 -17.55
C GLY I 307 -39.59 16.56 -18.10
N SER I 308 -39.30 16.44 -19.39
CA SER I 308 -39.19 15.10 -19.98
C SER I 308 -37.84 14.45 -19.73
N MET I 309 -36.89 15.21 -19.16
CA MET I 309 -35.57 14.63 -18.74
C MET I 309 -34.72 13.86 -19.80
N ILE I 310 -34.65 14.37 -21.03
CA ILE I 310 -33.90 13.65 -22.08
C ILE I 310 -32.45 13.41 -21.65
N ASP I 311 -31.89 14.32 -20.86
CA ASP I 311 -30.47 14.26 -20.51
C ASP I 311 -30.13 13.10 -19.58
N LEU I 312 -31.17 12.51 -18.97
CA LEU I 312 -31.03 11.36 -18.05
C LEU I 312 -31.24 9.98 -18.79
N MET I 313 -31.66 10.03 -20.06
CA MET I 313 -32.14 8.81 -20.71
C MET I 313 -31.11 7.72 -21.05
N LYS I 314 -29.80 7.95 -20.79
CA LYS I 314 -28.85 6.87 -20.72
C LYS I 314 -29.27 5.83 -19.68
N PHE I 315 -30.19 6.20 -18.78
CA PHE I 315 -30.53 5.31 -17.67
C PHE I 315 -31.63 4.31 -18.07
N ASP I 316 -32.03 4.33 -19.36
CA ASP I 316 -33.22 3.60 -19.71
C ASP I 316 -32.90 2.10 -19.97
N MET I 317 -31.67 1.70 -19.69
CA MET I 317 -31.29 0.29 -19.68
C MET I 317 -31.08 -0.19 -18.24
N SER I 318 -31.65 0.55 -17.29
CA SER I 318 -31.47 0.26 -15.86
C SER I 318 -31.99 -1.14 -15.54
N GLY I 319 -33.02 -1.56 -16.26
CA GLY I 319 -33.62 -2.87 -16.00
C GLY I 319 -32.69 -3.98 -16.43
N CYS I 320 -32.13 -3.82 -17.64
CA CYS I 320 -31.12 -4.71 -18.17
C CYS I 320 -29.95 -4.77 -17.19
N ALA I 321 -29.54 -3.63 -16.67
CA ALA I 321 -28.38 -3.59 -15.76
C ALA I 321 -28.71 -4.32 -14.47
N ALA I 322 -29.97 -4.19 -13.98
CA ALA I 322 -30.35 -4.93 -12.75
C ALA I 322 -30.27 -6.44 -12.98
N VAL I 323 -30.74 -6.88 -14.17
CA VAL I 323 -30.68 -8.32 -14.56
C VAL I 323 -29.24 -8.82 -14.68
N LEU I 324 -28.36 -8.02 -15.26
CA LEU I 324 -26.95 -8.43 -15.34
C LEU I 324 -26.25 -8.44 -13.99
N GLY I 325 -26.56 -7.44 -13.16
CA GLY I 325 -26.10 -7.46 -11.76
C GLY I 325 -26.59 -8.71 -11.04
N CYS I 326 -27.86 -9.10 -11.28
CA CYS I 326 -28.38 -10.31 -10.70
C CYS I 326 -27.62 -11.55 -11.22
N ALA I 327 -27.29 -11.56 -12.50
CA ALA I 327 -26.48 -12.66 -13.03
C ALA I 327 -25.13 -12.75 -12.33
N TYR I 328 -24.51 -11.59 -12.08
CA TYR I 328 -23.26 -11.57 -11.31
C TYR I 328 -23.47 -12.28 -9.94
N CYS I 329 -24.48 -11.85 -9.19
CA CYS I 329 -24.65 -12.42 -7.83
C CYS I 329 -24.97 -13.92 -7.90
N VAL I 330 -25.89 -14.30 -8.81
CA VAL I 330 -26.36 -15.70 -8.91
C VAL I 330 -25.22 -16.61 -9.41
N GLY I 331 -24.47 -16.10 -10.40
CA GLY I 331 -23.31 -16.82 -10.90
C GLY I 331 -22.21 -16.94 -9.89
N THR I 332 -22.09 -15.99 -8.97
CA THR I 332 -21.08 -16.08 -7.89
C THR I 332 -21.52 -16.99 -6.75
N LEU I 333 -22.77 -16.82 -6.28
CA LEU I 333 -23.28 -17.58 -5.13
C LEU I 333 -23.72 -19.05 -5.44
N LYS I 334 -24.09 -19.29 -6.69
CA LYS I 334 -24.41 -20.61 -7.17
C LYS I 334 -25.52 -21.31 -6.38
N PRO I 335 -26.73 -20.72 -6.39
CA PRO I 335 -27.81 -21.47 -5.73
C PRO I 335 -28.05 -22.86 -6.37
N GLU I 336 -28.58 -23.80 -5.58
CA GLU I 336 -29.03 -25.11 -6.07
C GLU I 336 -30.46 -25.07 -6.58
N ASN I 337 -30.84 -26.06 -7.37
CA ASN I 337 -32.25 -26.33 -7.72
C ASN I 337 -32.93 -25.36 -8.68
N VAL I 338 -32.14 -24.55 -9.37
CA VAL I 338 -32.74 -23.54 -10.24
C VAL I 338 -32.05 -23.42 -11.58
N GLU I 339 -32.82 -22.93 -12.53
CA GLU I 339 -32.30 -22.52 -13.80
C GLU I 339 -32.83 -21.13 -14.07
N ILE I 340 -31.92 -20.19 -14.33
CA ILE I 340 -32.31 -18.78 -14.50
C ILE I 340 -31.85 -18.30 -15.88
N HIS I 341 -32.75 -17.67 -16.59
CA HIS I 341 -32.42 -17.08 -17.88
C HIS I 341 -32.47 -15.59 -17.64
N PHE I 342 -31.38 -14.91 -17.97
CA PHE I 342 -31.26 -13.47 -17.82
C PHE I 342 -31.41 -12.87 -19.21
N LEU I 343 -32.46 -12.09 -19.45
CA LEU I 343 -32.76 -11.69 -20.85
C LEU I 343 -32.85 -10.18 -20.97
N SER I 344 -32.39 -9.62 -22.09
CA SER I 344 -32.69 -8.21 -22.42
C SER I 344 -32.69 -7.97 -23.91
N ALA I 345 -33.78 -7.39 -24.43
CA ALA I 345 -33.82 -6.95 -25.81
C ALA I 345 -33.20 -5.55 -25.89
N VAL I 346 -31.90 -5.46 -26.20
CA VAL I 346 -31.17 -4.21 -26.11
C VAL I 346 -31.24 -3.46 -27.45
N CYS I 347 -31.52 -2.17 -27.39
CA CYS I 347 -31.58 -1.35 -28.61
C CYS I 347 -31.57 0.10 -28.19
N GLU I 348 -31.52 1.00 -29.16
CA GLU I 348 -31.49 2.43 -28.88
C GLU I 348 -32.64 3.12 -29.67
N ASN I 349 -33.36 4.09 -29.07
CA ASN I 349 -34.60 4.78 -29.67
C ASN I 349 -34.30 6.18 -30.19
N MET I 350 -34.14 6.33 -31.49
CA MET I 350 -33.44 7.48 -32.06
C MET I 350 -34.25 8.09 -33.21
N VAL I 351 -33.81 9.26 -33.70
CA VAL I 351 -34.53 9.96 -34.78
C VAL I 351 -33.69 9.92 -36.04
N SER I 352 -34.29 9.47 -37.14
CA SER I 352 -33.54 9.13 -38.35
C SER I 352 -34.53 9.04 -39.50
N LYS I 353 -34.05 9.11 -40.73
CA LYS I 353 -34.88 8.70 -41.88
C LYS I 353 -35.33 7.24 -41.74
N ASN I 354 -34.57 6.45 -41.00
CA ASN I 354 -34.87 5.05 -40.80
C ASN I 354 -35.79 4.66 -39.62
N SER I 355 -36.23 5.63 -38.81
CA SER I 355 -36.92 5.28 -37.54
C SER I 355 -38.33 4.81 -37.83
N TYR I 356 -38.91 4.05 -36.89
CA TYR I 356 -40.36 3.88 -36.94
C TYR I 356 -41.14 5.15 -36.64
N ARG I 357 -42.40 5.17 -37.06
CA ARG I 357 -43.17 6.39 -36.94
C ARG I 357 -44.42 6.17 -36.10
N PRO I 358 -44.91 7.23 -35.43
CA PRO I 358 -46.27 7.24 -34.91
C PRO I 358 -47.22 6.77 -36.00
N GLY I 359 -48.18 5.91 -35.65
CA GLY I 359 -49.11 5.43 -36.63
C GLY I 359 -48.69 4.08 -37.19
N ASP I 360 -47.38 3.75 -37.17
CA ASP I 360 -46.93 2.49 -37.81
C ASP I 360 -47.66 1.28 -37.21
N ILE I 361 -48.03 0.32 -38.08
CA ILE I 361 -48.51 -0.96 -37.58
C ILE I 361 -47.43 -2.03 -37.75
N ILE I 362 -47.11 -2.63 -36.62
CA ILE I 362 -46.05 -3.61 -36.55
C ILE I 362 -46.56 -4.94 -36.02
N THR I 363 -45.84 -6.02 -36.32
CA THR I 363 -46.23 -7.37 -35.92
C THR I 363 -45.24 -8.01 -34.94
N ALA I 364 -45.72 -8.33 -33.74
CA ALA I 364 -44.92 -8.96 -32.68
C ALA I 364 -44.61 -10.43 -33.02
N SER I 365 -43.66 -11.02 -32.29
CA SER I 365 -43.33 -12.41 -32.55
C SER I 365 -44.45 -13.42 -32.26
N ASN I 366 -45.49 -13.02 -31.52
CA ASN I 366 -46.63 -13.92 -31.32
C ASN I 366 -47.75 -13.62 -32.33
N GLY I 367 -47.47 -12.82 -33.37
CA GLY I 367 -48.44 -12.63 -34.44
C GLY I 367 -49.40 -11.49 -34.17
N LYS I 368 -49.40 -10.90 -32.97
CA LYS I 368 -50.27 -9.71 -32.74
C LYS I 368 -49.77 -8.47 -33.46
N THR I 369 -50.68 -7.83 -34.17
CA THR I 369 -50.37 -6.54 -34.74
C THR I 369 -50.64 -5.41 -33.73
N ILE I 370 -49.73 -4.45 -33.68
CA ILE I 370 -49.74 -3.36 -32.71
C ILE I 370 -49.74 -2.03 -33.48
N GLU I 371 -50.69 -1.16 -33.17
CA GLU I 371 -50.67 0.20 -33.72
C GLU I 371 -49.89 1.11 -32.75
N VAL I 372 -48.77 1.66 -33.24
CA VAL I 372 -47.92 2.60 -32.51
C VAL I 372 -48.65 3.96 -32.39
N GLY I 373 -49.05 4.34 -31.18
CA GLY I 373 -49.61 5.67 -30.93
C GLY I 373 -48.55 6.67 -30.51
N ASN I 374 -47.38 6.20 -30.07
CA ASN I 374 -46.38 7.16 -29.58
C ASN I 374 -45.04 6.44 -29.55
N THR I 375 -44.06 6.89 -30.35
CA THR I 375 -42.79 6.17 -30.45
C THR I 375 -42.00 6.24 -29.13
N ASP I 376 -42.44 7.09 -28.20
CA ASP I 376 -41.79 7.18 -26.88
C ASP I 376 -42.32 6.08 -25.89
N ALA I 377 -43.33 5.29 -26.30
CA ALA I 377 -43.74 4.11 -25.53
C ALA I 377 -43.03 2.89 -26.08
N GLU I 378 -41.73 3.02 -26.27
CA GLU I 378 -40.95 1.99 -26.93
C GLU I 378 -40.57 0.82 -26.02
N GLY I 379 -40.45 1.07 -24.72
CA GLY I 379 -40.02 0.02 -23.76
C GLY I 379 -41.00 -1.16 -23.83
N ARG I 380 -42.30 -0.89 -23.79
CA ARG I 380 -43.29 -1.99 -23.85
C ARG I 380 -43.22 -2.83 -25.16
N LEU I 381 -42.80 -2.21 -26.27
CA LEU I 381 -42.68 -2.93 -27.53
C LEU I 381 -41.54 -3.92 -27.51
N THR I 382 -40.38 -3.48 -27.04
CA THR I 382 -39.25 -4.38 -26.89
C THR I 382 -39.56 -5.46 -25.86
N LEU I 383 -40.21 -5.07 -24.77
CA LEU I 383 -40.52 -6.04 -23.71
C LEU I 383 -41.51 -7.10 -24.18
N ALA I 384 -42.47 -6.67 -25.00
CA ALA I 384 -43.46 -7.59 -25.62
C ALA I 384 -42.79 -8.77 -26.32
N ASP I 385 -41.85 -8.51 -27.22
CA ASP I 385 -41.10 -9.58 -27.88
C ASP I 385 -40.22 -10.35 -26.89
N ALA I 386 -39.66 -9.68 -25.89
CA ALA I 386 -38.79 -10.41 -24.94
C ALA I 386 -39.68 -11.31 -24.03
N LEU I 387 -40.87 -10.84 -23.68
CA LEU I 387 -41.83 -11.70 -22.97
C LEU I 387 -42.29 -12.91 -23.82
N VAL I 388 -42.54 -12.71 -25.10
CA VAL I 388 -42.87 -13.85 -25.94
C VAL I 388 -41.73 -14.90 -25.96
N TYR I 389 -40.51 -14.42 -26.16
CA TYR I 389 -39.31 -15.24 -26.13
C TYR I 389 -39.18 -15.96 -24.77
N ALA I 390 -39.29 -15.21 -23.68
CA ALA I 390 -39.26 -15.84 -22.32
C ALA I 390 -40.25 -16.95 -22.11
N GLU I 391 -41.51 -16.73 -22.49
CA GLU I 391 -42.54 -17.73 -22.31
C GLU I 391 -42.26 -19.04 -23.13
N LYS I 392 -41.69 -18.86 -24.32
CA LYS I 392 -41.24 -20.01 -25.13
C LYS I 392 -40.16 -20.85 -24.46
N LEU I 393 -39.45 -20.28 -23.50
CA LEU I 393 -38.44 -21.08 -22.77
C LEU I 393 -39.09 -22.09 -21.81
N GLY I 394 -40.39 -21.92 -21.52
CA GLY I 394 -41.05 -22.88 -20.61
C GLY I 394 -40.62 -22.75 -19.15
N VAL I 395 -40.74 -21.54 -18.62
CA VAL I 395 -40.32 -21.25 -17.26
C VAL I 395 -41.54 -21.25 -16.32
N ASP I 396 -41.29 -21.29 -15.02
CA ASP I 396 -42.32 -21.22 -13.98
C ASP I 396 -42.72 -19.76 -13.69
N TYR I 397 -41.74 -18.86 -13.73
CA TYR I 397 -41.97 -17.43 -13.49
C TYR I 397 -41.23 -16.59 -14.52
N ILE I 398 -41.92 -15.53 -14.95
CA ILE I 398 -41.29 -14.47 -15.72
C ILE I 398 -41.43 -13.18 -14.91
N VAL I 399 -40.29 -12.55 -14.61
CA VAL I 399 -40.27 -11.28 -13.95
C VAL I 399 -39.52 -10.32 -14.86
N ASP I 400 -40.21 -9.28 -15.30
CA ASP I 400 -39.56 -8.16 -15.96
C ASP I 400 -39.38 -6.98 -14.99
N ILE I 401 -38.33 -6.21 -15.26
CA ILE I 401 -37.94 -5.02 -14.48
C ILE I 401 -37.59 -3.95 -15.52
N ALA I 402 -38.22 -2.77 -15.41
CA ALA I 402 -38.12 -1.76 -16.45
C ALA I 402 -38.33 -0.30 -15.99
N THR I 403 -37.56 0.66 -16.53
CA THR I 403 -37.78 2.10 -16.34
C THR I 403 -38.88 2.51 -17.34
N LEU I 404 -40.12 2.16 -17.02
CA LEU I 404 -41.16 2.11 -18.05
C LEU I 404 -41.99 3.37 -18.20
N THR I 405 -42.40 3.99 -17.07
CA THR I 405 -43.33 5.12 -17.13
C THR I 405 -42.92 6.22 -16.14
N GLY I 406 -42.85 7.45 -16.64
CA GLY I 406 -42.65 8.67 -15.82
C GLY I 406 -43.70 8.82 -14.72
N ALA I 407 -44.90 8.30 -14.97
CA ALA I 407 -45.98 8.37 -13.99
C ALA I 407 -45.63 7.70 -12.63
N MET I 408 -44.67 6.81 -12.59
CA MET I 408 -44.22 6.26 -11.29
C MET I 408 -43.80 7.35 -10.28
N LEU I 409 -43.25 8.43 -10.79
CA LEU I 409 -42.85 9.57 -9.95
C LEU I 409 -44.05 10.23 -9.28
N TYR I 410 -45.23 10.13 -9.88
CA TYR I 410 -46.41 10.76 -9.33
C TYR I 410 -47.19 9.80 -8.50
N SER I 411 -46.87 8.52 -8.58
CA SER I 411 -47.68 7.58 -7.85
C SER I 411 -46.95 7.08 -6.61
N LEU I 412 -45.74 6.56 -6.78
CA LEU I 412 -44.96 6.07 -5.64
C LEU I 412 -43.78 6.98 -5.33
N GLY I 413 -43.30 7.69 -6.36
CA GLY I 413 -42.22 8.68 -6.16
C GLY I 413 -40.85 8.02 -6.29
N THR I 414 -39.87 8.55 -5.56
CA THR I 414 -38.49 8.09 -5.75
C THR I 414 -38.03 6.92 -4.85
N SER I 415 -38.83 6.56 -3.81
CA SER I 415 -38.38 5.51 -2.84
C SER I 415 -38.82 4.08 -3.12
N TYR I 416 -40.03 3.89 -3.59
CA TYR I 416 -40.61 2.59 -3.80
C TYR I 416 -40.87 2.38 -5.28
N ALA I 417 -40.38 1.22 -5.77
CA ALA I 417 -40.77 0.66 -7.07
C ALA I 417 -42.21 0.09 -6.98
N GLY I 418 -42.88 0.05 -8.12
CA GLY I 418 -44.23 -0.57 -8.18
C GLY I 418 -44.15 -1.95 -8.82
N VAL I 419 -44.90 -2.92 -8.26
CA VAL I 419 -44.99 -4.22 -8.92
C VAL I 419 -46.43 -4.50 -9.35
N PHE I 420 -46.57 -5.05 -10.56
CA PHE I 420 -47.86 -5.43 -11.13
C PHE I 420 -47.68 -6.89 -11.53
N GLY I 421 -48.76 -7.66 -11.58
CA GLY I 421 -48.59 -9.00 -12.11
C GLY I 421 -49.90 -9.70 -12.35
N ASN I 422 -49.83 -10.89 -12.95
CA ASN I 422 -51.03 -11.72 -13.22
C ASN I 422 -51.18 -12.85 -12.19
N ASN I 423 -50.37 -12.85 -11.12
CA ASN I 423 -50.32 -14.04 -10.21
C ASN I 423 -49.95 -13.65 -8.80
N GLU I 424 -50.90 -13.88 -7.88
CA GLU I 424 -50.76 -13.36 -6.52
C GLU I 424 -49.62 -13.99 -5.75
N GLU I 425 -49.40 -15.29 -5.95
CA GLU I 425 -48.29 -15.99 -5.32
C GLU I 425 -46.96 -15.35 -5.72
N LEU I 426 -46.74 -15.23 -7.02
CA LEU I 426 -45.53 -14.58 -7.54
C LEU I 426 -45.35 -13.18 -6.97
N ILE I 427 -46.43 -12.38 -6.96
CA ILE I 427 -46.36 -11.01 -6.39
C ILE I 427 -45.90 -11.05 -4.92
N ASN I 428 -46.47 -11.94 -4.12
CA ASN I 428 -46.00 -12.10 -2.73
C ASN I 428 -44.53 -12.55 -2.58
N LYS I 429 -44.05 -13.42 -3.46
CA LYS I 429 -42.61 -13.73 -3.50
C LYS I 429 -41.74 -12.51 -3.73
N ILE I 430 -42.20 -11.63 -4.61
CA ILE I 430 -41.46 -10.41 -4.90
C ILE I 430 -41.50 -9.47 -3.70
N LEU I 431 -42.70 -9.35 -3.10
CA LEU I 431 -42.88 -8.53 -1.91
C LEU I 431 -41.97 -9.05 -0.77
N GLN I 432 -41.93 -10.37 -0.59
CA GLN I 432 -41.06 -10.98 0.43
C GLN I 432 -39.58 -10.68 0.11
N SER I 433 -39.18 -10.83 -1.16
CA SER I 433 -37.82 -10.47 -1.59
C SER I 433 -37.49 -8.97 -1.38
N SER I 434 -38.49 -8.12 -1.55
CA SER I 434 -38.37 -6.69 -1.25
C SER I 434 -37.99 -6.53 0.20
N LYS I 435 -38.66 -7.27 1.06
CA LYS I 435 -38.39 -7.18 2.48
C LYS I 435 -36.96 -7.65 2.88
N THR I 436 -36.54 -8.82 2.40
CA THR I 436 -35.22 -9.33 2.75
C THR I 436 -34.05 -8.59 2.09
N SER I 437 -34.26 -8.09 0.86
CA SER I 437 -33.26 -7.27 0.19
C SER I 437 -33.20 -5.85 0.72
N ASN I 438 -34.28 -5.39 1.36
CA ASN I 438 -34.45 -3.99 1.74
C ASN I 438 -34.45 -3.02 0.56
N GLU I 439 -35.01 -3.46 -0.57
CA GLU I 439 -35.29 -2.62 -1.74
C GLU I 439 -36.82 -2.54 -1.86
N PRO I 440 -37.41 -1.40 -1.49
CA PRO I 440 -38.85 -1.33 -1.28
C PRO I 440 -39.65 -1.34 -2.58
N VAL I 441 -40.76 -2.06 -2.50
CA VAL I 441 -41.65 -2.28 -3.65
C VAL I 441 -43.09 -2.23 -3.14
N TRP I 442 -44.03 -1.70 -3.93
CA TRP I 442 -45.43 -1.64 -3.49
C TRP I 442 -46.24 -2.26 -4.61
N TRP I 443 -47.24 -3.05 -4.24
CA TRP I 443 -48.05 -3.76 -5.25
C TRP I 443 -49.13 -2.78 -5.76
N LEU I 444 -49.21 -2.66 -7.08
CA LEU I 444 -50.19 -1.80 -7.75
C LEU I 444 -51.04 -2.68 -8.67
N PRO I 445 -52.30 -2.27 -8.92
CA PRO I 445 -53.25 -3.16 -9.65
C PRO I 445 -53.14 -3.09 -11.18
N ILE I 446 -53.47 -4.20 -11.84
CA ILE I 446 -53.72 -4.15 -13.27
C ILE I 446 -55.24 -4.05 -13.42
N ILE I 447 -55.72 -2.85 -13.76
CA ILE I 447 -57.16 -2.61 -13.71
C ILE I 447 -57.73 -2.95 -15.06
N ASN I 448 -58.52 -4.03 -15.12
CA ASN I 448 -59.00 -4.50 -16.44
C ASN I 448 -60.01 -3.58 -17.11
N GLU I 449 -60.65 -2.71 -16.34
CA GLU I 449 -61.59 -1.78 -16.96
C GLU I 449 -60.91 -0.92 -18.05
N TYR I 450 -59.62 -0.65 -17.90
CA TYR I 450 -58.91 0.13 -18.92
C TYR I 450 -58.49 -0.62 -20.18
N ARG I 451 -58.58 -1.96 -20.17
CA ARG I 451 -58.21 -2.75 -21.36
C ARG I 451 -58.87 -2.32 -22.68
N ALA I 452 -60.16 -2.03 -22.65
CA ALA I 452 -60.85 -1.58 -23.86
C ALA I 452 -60.25 -0.32 -24.51
N THR I 453 -59.50 0.49 -23.75
CA THR I 453 -58.91 1.69 -24.36
C THR I 453 -57.68 1.35 -25.22
N LEU I 454 -57.24 0.08 -25.18
CA LEU I 454 -56.19 -0.41 -26.07
C LEU I 454 -56.74 -1.10 -27.33
N ASN I 455 -58.06 -1.02 -27.55
CA ASN I 455 -58.67 -1.60 -28.74
C ASN I 455 -58.32 -0.73 -29.93
N SER I 456 -57.72 -1.30 -30.95
CA SER I 456 -57.32 -0.50 -32.12
C SER I 456 -58.40 -0.67 -33.21
N LYS I 457 -58.73 0.41 -33.93
CA LYS I 457 -59.62 0.30 -35.10
C LYS I 457 -59.04 -0.60 -36.21
N TYR I 458 -57.71 -0.61 -36.40
CA TYR I 458 -57.09 -1.32 -37.51
C TYR I 458 -56.27 -2.55 -37.10
N ALA I 459 -55.38 -2.36 -36.12
CA ALA I 459 -54.49 -3.42 -35.63
C ALA I 459 -55.22 -4.21 -34.55
N ASP I 460 -54.59 -5.30 -34.10
CA ASP I 460 -55.14 -6.11 -33.03
C ASP I 460 -55.15 -5.34 -31.72
N ILE I 461 -54.16 -4.49 -31.49
CA ILE I 461 -54.06 -3.76 -30.20
C ILE I 461 -53.33 -2.43 -30.37
N ASN I 462 -53.68 -1.45 -29.52
CA ASN I 462 -52.99 -0.18 -29.50
C ASN I 462 -51.85 -0.30 -28.48
N GLN I 463 -50.74 0.32 -28.80
CA GLN I 463 -49.59 0.43 -27.90
C GLN I 463 -49.95 1.30 -26.67
N ILE I 464 -50.69 2.40 -26.90
CA ILE I 464 -51.03 3.33 -25.84
C ILE I 464 -52.56 3.57 -25.74
N SER I 465 -52.98 4.06 -24.59
CA SER I 465 -54.37 4.41 -24.37
C SER I 465 -54.71 5.75 -25.03
N SER I 466 -55.89 5.87 -25.59
CA SER I 466 -56.42 7.19 -26.00
C SER I 466 -56.85 8.04 -24.79
N SER I 467 -57.50 7.41 -23.81
CA SER I 467 -58.20 8.18 -22.79
C SER I 467 -57.66 8.04 -21.36
N VAL I 468 -56.93 6.97 -21.05
CA VAL I 468 -56.54 6.73 -19.67
C VAL I 468 -55.17 7.34 -19.33
N LYS I 469 -55.15 8.17 -18.29
CA LYS I 469 -53.91 8.80 -17.86
C LYS I 469 -53.07 7.94 -16.92
N ALA I 470 -53.63 6.83 -16.42
CA ALA I 470 -52.91 5.93 -15.50
C ALA I 470 -51.93 5.06 -16.29
N SER I 471 -50.84 5.67 -16.75
CA SER I 471 -50.00 5.07 -17.78
C SER I 471 -49.21 3.83 -17.28
N SER I 472 -48.86 3.78 -16.00
CA SER I 472 -48.15 2.60 -15.46
C SER I 472 -49.06 1.35 -15.53
N ILE I 473 -50.34 1.56 -15.29
CA ILE I 473 -51.32 0.49 -15.32
C ILE I 473 -51.62 0.06 -16.76
N VAL I 474 -51.85 1.04 -17.63
CA VAL I 474 -52.01 0.74 -19.04
C VAL I 474 -50.80 -0.03 -19.61
N ALA I 475 -49.58 0.38 -19.27
CA ALA I 475 -48.42 -0.34 -19.84
C ALA I 475 -48.45 -1.79 -19.39
N SER I 476 -48.89 -2.03 -18.15
CA SER I 476 -49.00 -3.39 -17.62
C SER I 476 -50.07 -4.23 -18.33
N LEU I 477 -51.20 -3.61 -18.67
CA LEU I 477 -52.25 -4.25 -19.47
C LEU I 477 -51.71 -4.64 -20.85
N PHE I 478 -50.92 -3.73 -21.47
CA PHE I 478 -50.27 -4.06 -22.73
C PHE I 478 -49.32 -5.29 -22.56
N LEU I 479 -48.43 -5.26 -21.58
CA LEU I 479 -47.46 -6.35 -21.46
C LEU I 479 -48.15 -7.68 -21.22
N LYS I 480 -49.23 -7.62 -20.42
CA LYS I 480 -50.02 -8.80 -20.08
C LYS I 480 -50.50 -9.57 -21.32
N GLU I 481 -50.73 -8.87 -22.43
CA GLU I 481 -51.19 -9.47 -23.67
C GLU I 481 -50.13 -10.37 -24.33
N PHE I 482 -48.89 -10.30 -23.83
CA PHE I 482 -47.76 -11.05 -24.38
C PHE I 482 -47.28 -12.19 -23.46
N VAL I 483 -48.05 -12.44 -22.39
CA VAL I 483 -47.86 -13.63 -21.55
C VAL I 483 -49.18 -14.39 -21.58
N GLN I 484 -49.14 -15.63 -22.08
CA GLN I 484 -50.35 -16.38 -22.36
C GLN I 484 -50.77 -17.18 -21.16
N ASN I 485 -49.83 -17.91 -20.56
CA ASN I 485 -50.23 -18.86 -19.56
C ASN I 485 -49.13 -19.15 -18.55
N THR I 486 -48.39 -18.13 -18.13
CA THR I 486 -47.28 -18.25 -17.19
C THR I 486 -47.39 -17.17 -16.11
N ALA I 487 -47.05 -17.53 -14.86
CA ALA I 487 -46.98 -16.55 -13.80
C ALA I 487 -46.01 -15.44 -14.23
N TRP I 488 -46.47 -14.20 -14.20
CA TRP I 488 -45.65 -13.07 -14.61
C TRP I 488 -45.81 -11.86 -13.67
N ALA I 489 -44.70 -11.16 -13.39
CA ALA I 489 -44.73 -9.91 -12.65
C ALA I 489 -43.81 -8.89 -13.30
N HIS I 490 -44.19 -7.62 -13.15
CA HIS I 490 -43.56 -6.52 -13.86
C HIS I 490 -43.21 -5.48 -12.80
N ILE I 491 -41.95 -5.08 -12.71
CA ILE I 491 -41.47 -4.12 -11.71
C ILE I 491 -41.08 -2.83 -12.43
N ASP I 492 -41.84 -1.76 -12.19
CA ASP I 492 -41.62 -0.47 -12.87
C ASP I 492 -40.73 0.39 -11.97
N ILE I 493 -39.45 0.54 -12.38
CA ILE I 493 -38.40 1.21 -11.59
C ILE I 493 -38.06 2.60 -12.17
N ALA I 494 -38.97 3.16 -12.98
CA ALA I 494 -38.76 4.47 -13.57
C ALA I 494 -38.50 5.57 -12.50
N GLY I 495 -39.16 5.49 -11.34
CA GLY I 495 -39.00 6.56 -10.35
C GLY I 495 -37.87 6.30 -9.40
N VAL I 496 -37.51 5.04 -9.28
CA VAL I 496 -36.62 4.58 -8.23
C VAL I 496 -35.17 4.40 -8.65
N SER I 497 -34.94 4.31 -9.95
CA SER I 497 -33.65 3.86 -10.46
C SER I 497 -32.50 4.87 -10.28
N TRP I 498 -32.78 6.13 -10.54
CA TRP I 498 -31.78 7.15 -10.45
C TRP I 498 -31.91 7.89 -9.14
N ASN I 499 -30.77 8.13 -8.48
CA ASN I 499 -30.77 8.92 -7.26
C ASN I 499 -30.56 10.39 -7.63
N PHE I 500 -31.69 11.09 -7.81
CA PHE I 500 -31.65 12.48 -8.23
C PHE I 500 -30.81 13.36 -7.30
N LYS I 501 -30.93 13.18 -5.98
CA LYS I 501 -30.16 14.05 -5.08
C LYS I 501 -28.66 13.75 -5.14
N ALA I 502 -28.25 12.49 -5.20
CA ALA I 502 -26.81 12.19 -5.27
C ALA I 502 -26.25 12.20 -6.71
N ARG I 503 -27.14 12.32 -7.72
CA ARG I 503 -26.77 12.39 -9.15
C ARG I 503 -26.03 11.13 -9.64
N LYS I 504 -26.54 9.99 -9.19
CA LYS I 504 -25.94 8.70 -9.55
C LYS I 504 -27.03 7.61 -9.55
N PRO I 505 -26.78 6.48 -10.24
CA PRO I 505 -27.73 5.37 -10.19
C PRO I 505 -27.82 4.73 -8.81
N LYS I 506 -28.92 4.05 -8.54
CA LYS I 506 -29.04 3.22 -7.34
C LYS I 506 -28.58 1.79 -7.55
N GLY I 507 -28.51 1.32 -8.79
CA GLY I 507 -28.38 -0.12 -9.03
C GLY I 507 -29.61 -0.88 -8.56
N PHE I 508 -30.76 -0.21 -8.58
CA PHE I 508 -31.98 -0.75 -8.00
C PHE I 508 -32.39 -2.05 -8.66
N GLY I 509 -32.68 -3.06 -7.85
CA GLY I 509 -33.29 -4.28 -8.35
C GLY I 509 -32.33 -5.47 -8.28
N VAL I 510 -31.03 -5.22 -8.23
CA VAL I 510 -30.08 -6.32 -8.26
C VAL I 510 -30.35 -7.22 -7.05
N ARG I 511 -30.37 -6.60 -5.87
CA ARG I 511 -30.52 -7.38 -4.62
C ARG I 511 -31.92 -7.94 -4.49
N LEU I 512 -32.91 -7.20 -4.99
CA LEU I 512 -34.31 -7.69 -5.00
C LEU I 512 -34.45 -8.99 -5.80
N LEU I 513 -33.88 -9.00 -7.00
CA LEU I 513 -34.00 -10.14 -7.89
C LEU I 513 -33.13 -11.31 -7.37
N THR I 514 -31.94 -11.02 -6.87
CA THR I 514 -31.13 -12.10 -6.30
C THR I 514 -31.80 -12.79 -5.11
N GLU I 515 -32.37 -12.01 -4.18
CA GLU I 515 -33.13 -12.57 -3.05
C GLU I 515 -34.32 -13.40 -3.57
N PHE I 516 -35.04 -12.86 -4.55
CA PHE I 516 -36.09 -13.64 -5.21
C PHE I 516 -35.57 -15.03 -5.68
N VAL I 517 -34.47 -15.04 -6.42
CA VAL I 517 -33.90 -16.29 -6.90
C VAL I 517 -33.43 -17.14 -5.73
N LEU I 518 -32.71 -16.56 -4.77
CA LEU I 518 -32.23 -17.34 -3.61
C LEU I 518 -33.32 -17.92 -2.74
N ASN I 519 -34.38 -17.16 -2.48
CA ASN I 519 -35.51 -17.60 -1.63
C ASN I 519 -36.26 -18.72 -2.27
N ASP I 520 -36.46 -18.64 -3.57
CA ASP I 520 -36.88 -19.80 -4.34
C ASP I 520 -35.65 -20.67 -4.56
N SER J 3 -79.37 29.57 7.33
CA SER J 3 -78.82 30.92 7.11
C SER J 3 -79.20 31.40 5.74
N GLU J 4 -79.31 32.70 5.60
CA GLU J 4 -79.70 33.29 4.35
C GLU J 4 -78.53 33.23 3.39
N VAL J 5 -78.78 32.78 2.16
CA VAL J 5 -77.69 32.83 1.17
C VAL J 5 -77.53 34.21 0.53
N PRO J 6 -76.31 34.77 0.58
CA PRO J 6 -76.14 36.08 -0.07
C PRO J 6 -76.25 35.97 -1.61
N GLN J 7 -76.70 37.05 -2.22
CA GLN J 7 -76.90 37.11 -3.63
C GLN J 7 -76.17 38.33 -4.14
N VAL J 8 -75.63 38.26 -5.34
CA VAL J 8 -75.14 39.48 -6.02
C VAL J 8 -76.29 40.18 -6.76
N VAL J 9 -77.08 39.39 -7.50
CA VAL J 9 -78.28 39.95 -8.17
C VAL J 9 -79.47 39.10 -7.71
N SER J 10 -80.68 39.62 -7.87
CA SER J 10 -81.87 38.96 -7.37
C SER J 10 -82.11 37.66 -8.10
N LEU J 11 -81.49 37.49 -9.27
CA LEU J 11 -81.63 36.27 -10.04
C LEU J 11 -80.80 35.14 -9.47
N ASP J 12 -79.86 35.43 -8.56
CA ASP J 12 -79.00 34.36 -8.03
C ASP J 12 -79.82 33.40 -7.16
N PRO J 13 -79.62 32.08 -7.32
CA PRO J 13 -80.40 31.11 -6.57
C PRO J 13 -80.06 31.11 -5.08
N THR J 14 -81.05 30.79 -4.24
CA THR J 14 -80.88 30.77 -2.80
C THR J 14 -81.01 29.38 -2.15
N SER J 15 -81.20 28.33 -2.95
CA SER J 15 -81.17 26.96 -2.43
C SER J 15 -80.76 25.99 -3.53
N ILE J 16 -80.26 24.82 -3.13
CA ILE J 16 -80.07 23.73 -4.05
C ILE J 16 -81.42 22.99 -4.25
N PRO J 17 -81.94 22.91 -5.50
CA PRO J 17 -83.13 22.05 -5.67
C PRO J 17 -82.72 20.57 -5.45
N ILE J 18 -83.55 19.85 -4.70
CA ILE J 18 -83.29 18.45 -4.37
C ILE J 18 -84.56 17.68 -4.64
N GLU J 19 -84.43 16.53 -5.33
CA GLU J 19 -85.52 15.58 -5.51
C GLU J 19 -85.34 14.49 -4.48
N TYR J 20 -86.35 14.30 -3.64
CA TYR J 20 -86.36 13.20 -2.68
C TYR J 20 -87.16 12.04 -3.24
N ASN J 21 -88.39 12.32 -3.61
CA ASN J 21 -89.25 11.34 -4.28
C ASN J 21 -88.86 11.21 -5.75
N THR J 22 -88.35 10.05 -6.15
CA THR J 22 -87.94 9.85 -7.52
C THR J 22 -88.82 8.73 -8.13
N PRO J 23 -88.93 8.68 -9.47
CA PRO J 23 -89.67 7.55 -10.11
C PRO J 23 -89.15 6.18 -9.64
N ILE J 24 -87.84 6.07 -9.36
CA ILE J 24 -87.30 4.82 -8.86
C ILE J 24 -88.05 4.31 -7.61
N HIS J 25 -88.48 5.24 -6.77
CA HIS J 25 -89.18 4.89 -5.54
C HIS J 25 -90.52 4.22 -5.81
N ASP J 26 -91.12 4.46 -6.98
CA ASP J 26 -92.41 3.88 -7.32
C ASP J 26 -92.30 2.53 -8.02
N ILE J 27 -91.08 2.04 -8.21
CA ILE J 27 -90.94 0.78 -8.89
C ILE J 27 -91.15 -0.36 -7.88
N LYS J 28 -92.15 -1.21 -8.16
CA LYS J 28 -92.39 -2.40 -7.36
C LYS J 28 -91.51 -3.50 -7.95
N VAL J 29 -90.71 -4.13 -7.08
CA VAL J 29 -89.70 -5.11 -7.44
C VAL J 29 -90.10 -6.49 -6.89
N GLN J 30 -90.09 -7.51 -7.74
CA GLN J 30 -90.36 -8.90 -7.31
C GLN J 30 -89.21 -9.76 -7.76
N VAL J 31 -88.78 -10.69 -6.90
CA VAL J 31 -87.68 -11.62 -7.24
C VAL J 31 -88.25 -13.03 -7.27
N TYR J 32 -88.10 -13.71 -8.39
CA TYR J 32 -88.59 -15.08 -8.56
C TYR J 32 -87.46 -16.07 -8.75
N ASP J 33 -87.66 -17.31 -8.34
CA ASP J 33 -86.66 -18.31 -8.64
C ASP J 33 -86.67 -18.73 -10.10
N ILE J 34 -85.49 -18.67 -10.71
CA ILE J 34 -85.31 -19.10 -12.10
C ILE J 34 -85.65 -20.59 -12.35
N LYS J 35 -85.57 -21.44 -11.33
CA LYS J 35 -85.84 -22.88 -11.53
C LYS J 35 -87.26 -23.15 -11.98
N GLY J 36 -88.17 -22.21 -11.71
CA GLY J 36 -89.56 -22.44 -12.10
C GLY J 36 -89.97 -22.06 -13.53
N GLY J 37 -89.06 -21.48 -14.31
CA GLY J 37 -89.46 -21.01 -15.65
C GLY J 37 -90.01 -19.59 -15.58
N CYS J 38 -90.11 -18.92 -16.73
CA CYS J 38 -90.37 -17.47 -16.75
C CYS J 38 -91.75 -17.11 -17.28
N ASN J 39 -92.38 -16.17 -16.61
CA ASN J 39 -93.62 -15.59 -17.10
C ASN J 39 -93.32 -14.31 -17.89
N VAL J 40 -93.56 -14.38 -19.19
CA VAL J 40 -93.21 -13.29 -20.10
C VAL J 40 -94.46 -12.64 -20.71
N GLU J 41 -95.61 -12.81 -20.07
CA GLU J 41 -96.90 -12.29 -20.54
C GLU J 41 -96.94 -10.75 -20.69
N GLU J 42 -96.08 -10.05 -19.95
CA GLU J 42 -96.18 -8.60 -19.89
C GLU J 42 -94.82 -7.89 -19.92
N GLY J 43 -94.77 -6.79 -20.67
CA GLY J 43 -93.64 -5.88 -20.61
C GLY J 43 -92.42 -6.29 -21.43
N LEU J 44 -91.29 -5.70 -21.07
CA LEU J 44 -90.01 -5.96 -21.70
C LEU J 44 -89.27 -7.01 -20.86
N THR J 45 -88.88 -8.12 -21.47
CA THR J 45 -88.13 -9.17 -20.76
C THR J 45 -86.72 -9.22 -21.41
N ILE J 46 -85.67 -9.18 -20.59
CA ILE J 46 -84.30 -9.20 -21.07
C ILE J 46 -83.55 -10.34 -20.39
N PHE J 47 -82.90 -11.17 -21.19
CA PHE J 47 -82.11 -12.30 -20.65
C PHE J 47 -80.64 -11.87 -20.55
N LEU J 48 -80.04 -12.05 -19.39
CA LEU J 48 -78.62 -11.81 -19.27
C LEU J 48 -77.93 -13.12 -19.60
N VAL J 49 -77.12 -13.15 -20.66
CA VAL J 49 -76.62 -14.45 -21.15
C VAL J 49 -75.15 -14.41 -21.48
N ASN J 50 -74.45 -15.51 -21.22
CA ASN J 50 -73.06 -15.57 -21.56
C ASN J 50 -72.78 -16.87 -22.35
N ASN J 51 -71.52 -17.07 -22.72
CA ASN J 51 -71.11 -18.27 -23.43
C ASN J 51 -69.67 -18.56 -23.03
N PRO J 52 -69.46 -19.26 -21.90
CA PRO J 52 -68.15 -19.61 -21.38
C PRO J 52 -67.29 -20.34 -22.40
N GLY J 53 -66.01 -19.98 -22.45
CA GLY J 53 -65.16 -20.47 -23.52
C GLY J 53 -65.45 -19.72 -24.81
N LYS J 54 -66.59 -19.99 -25.48
CA LYS J 54 -66.79 -19.52 -26.86
C LYS J 54 -66.85 -18.00 -26.95
N GLU J 55 -65.68 -17.37 -27.12
CA GLU J 55 -65.49 -15.91 -27.08
C GLU J 55 -66.33 -15.25 -28.18
N ASN J 56 -67.09 -14.21 -27.83
CA ASN J 56 -68.13 -13.67 -28.71
C ASN J 56 -69.00 -14.76 -29.35
N GLY J 57 -69.23 -15.87 -28.65
CA GLY J 57 -70.02 -16.98 -29.19
C GLY J 57 -71.52 -16.67 -29.25
N PRO J 58 -72.30 -17.60 -29.81
CA PRO J 58 -73.74 -17.38 -29.95
C PRO J 58 -74.55 -17.25 -28.64
N VAL J 59 -75.62 -16.48 -28.70
CA VAL J 59 -76.64 -16.47 -27.65
C VAL J 59 -77.45 -17.78 -27.72
N LYS J 60 -77.65 -18.39 -26.56
CA LYS J 60 -78.54 -19.53 -26.41
C LYS J 60 -79.32 -19.31 -25.09
N ILE J 61 -80.66 -19.40 -25.12
CA ILE J 61 -81.47 -19.14 -23.91
C ILE J 61 -82.02 -20.47 -23.44
N SER J 62 -81.79 -20.82 -22.17
CA SER J 62 -82.32 -22.12 -21.64
C SER J 62 -83.67 -22.08 -20.94
N SER J 63 -84.01 -20.97 -20.29
CA SER J 63 -85.25 -20.86 -19.54
C SER J 63 -86.46 -21.22 -20.34
N LYS J 64 -87.34 -21.99 -19.71
CA LYS J 64 -88.64 -22.24 -20.30
C LYS J 64 -89.45 -20.95 -20.07
N VAL J 65 -90.31 -20.60 -21.01
CA VAL J 65 -91.19 -19.43 -20.85
C VAL J 65 -92.66 -19.78 -21.13
N ASN J 66 -93.49 -18.93 -20.58
CA ASN J 66 -94.93 -18.99 -20.43
C ASN J 66 -95.74 -18.78 -21.72
N ASP J 67 -95.08 -18.60 -22.85
CA ASP J 67 -95.77 -18.07 -24.02
C ASP J 67 -95.19 -18.71 -25.27
N LYS J 68 -96.10 -19.25 -26.08
CA LYS J 68 -95.73 -19.98 -27.28
C LYS J 68 -95.10 -19.07 -28.33
N GLN J 69 -95.59 -17.83 -28.48
CA GLN J 69 -94.93 -16.89 -29.42
C GLN J 69 -93.48 -16.62 -29.02
N VAL J 70 -93.28 -16.19 -27.77
CA VAL J 70 -91.95 -15.90 -27.21
C VAL J 70 -91.04 -17.14 -27.24
N SER J 71 -91.60 -18.33 -26.95
CA SER J 71 -90.84 -19.58 -27.09
C SER J 71 -90.24 -19.74 -28.48
N GLU J 72 -91.06 -19.47 -29.49
CA GLU J 72 -90.56 -19.48 -30.87
C GLU J 72 -89.43 -18.47 -31.11
N PHE J 73 -89.63 -17.21 -30.74
CA PHE J 73 -88.57 -16.21 -30.88
C PHE J 73 -87.26 -16.71 -30.24
N LEU J 74 -87.37 -17.37 -29.10
CA LEU J 74 -86.19 -17.75 -28.28
C LEU J 74 -85.53 -19.09 -28.67
N LYS J 75 -86.01 -19.76 -29.70
CA LYS J 75 -85.38 -21.00 -30.17
C LYS J 75 -83.93 -20.77 -30.62
N ASP J 76 -83.11 -21.80 -30.44
CA ASP J 76 -81.69 -21.72 -30.70
C ASP J 76 -81.33 -21.20 -32.07
N GLU J 77 -82.11 -21.63 -33.07
CA GLU J 77 -81.89 -21.23 -34.46
C GLU J 77 -82.03 -19.72 -34.66
N ASN J 78 -82.95 -19.07 -33.92
CA ASN J 78 -83.04 -17.59 -33.96
C ASN J 78 -81.98 -16.88 -33.13
N MET J 79 -81.67 -17.41 -31.94
CA MET J 79 -80.84 -16.68 -31.02
C MET J 79 -79.39 -16.76 -31.43
N GLU J 80 -79.04 -17.74 -32.24
CA GLU J 80 -77.63 -17.92 -32.61
C GLU J 80 -77.17 -16.90 -33.67
N LYS J 81 -78.12 -16.15 -34.20
CA LYS J 81 -77.83 -15.00 -35.07
C LYS J 81 -77.21 -13.84 -34.28
N PHE J 82 -77.30 -13.92 -32.95
CA PHE J 82 -76.79 -12.86 -32.06
C PHE J 82 -75.63 -13.45 -31.24
N ASN J 83 -74.74 -12.59 -30.73
CA ASN J 83 -73.59 -13.08 -29.93
C ASN J 83 -73.49 -12.41 -28.54
N VAL J 84 -72.70 -13.01 -27.67
CA VAL J 84 -72.67 -12.59 -26.24
C VAL J 84 -71.63 -11.51 -25.89
N LYS J 85 -71.01 -10.88 -26.88
CA LYS J 85 -69.91 -9.93 -26.60
C LYS J 85 -70.41 -8.93 -25.57
N LEU J 86 -69.59 -8.67 -24.55
CA LEU J 86 -70.06 -7.92 -23.37
C LEU J 86 -70.74 -6.57 -23.74
N GLY J 87 -71.97 -6.39 -23.29
CA GLY J 87 -72.73 -5.16 -23.55
C GLY J 87 -73.54 -5.14 -24.82
N THR J 88 -73.30 -6.08 -25.75
CA THR J 88 -74.06 -6.16 -26.99
C THR J 88 -75.50 -6.55 -26.65
N SER J 89 -76.48 -5.90 -27.27
CA SER J 89 -77.87 -6.26 -27.03
C SER J 89 -78.77 -6.20 -28.26
N LYS J 90 -79.85 -6.97 -28.22
CA LYS J 90 -80.92 -6.88 -29.23
C LYS J 90 -82.21 -6.98 -28.49
N HIS J 91 -83.27 -6.35 -29.00
CA HIS J 91 -84.62 -6.64 -28.48
C HIS J 91 -85.66 -6.34 -29.56
N PHE J 92 -86.78 -7.08 -29.53
CA PHE J 92 -87.74 -7.15 -30.58
C PHE J 92 -89.12 -7.06 -29.93
N TYR J 93 -89.99 -6.27 -30.56
CA TYR J 93 -91.38 -6.24 -30.17
C TYR J 93 -92.09 -7.31 -30.94
N MET J 94 -93.08 -7.94 -30.31
CA MET J 94 -93.85 -9.03 -30.90
C MET J 94 -95.19 -9.10 -30.16
N PHE J 95 -96.15 -9.81 -30.71
CA PHE J 95 -97.38 -10.09 -29.98
C PHE J 95 -97.33 -11.44 -29.27
N ASN J 96 -97.82 -11.50 -28.03
CA ASN J 96 -97.82 -12.76 -27.28
C ASN J 96 -99.05 -13.61 -27.66
N ASP J 97 -99.28 -14.70 -26.92
CA ASP J 97 -100.42 -15.58 -27.16
C ASP J 97 -101.77 -14.89 -27.07
N ASN J 98 -101.83 -13.78 -26.34
CA ASN J 98 -103.08 -13.05 -26.18
C ASN J 98 -103.15 -11.83 -27.09
N LYS J 99 -102.21 -11.73 -27.99
CA LYS J 99 -102.18 -10.64 -28.88
C LYS J 99 -101.95 -9.32 -28.15
N ASN J 100 -101.27 -9.39 -27.02
CA ASN J 100 -100.73 -8.23 -26.37
C ASN J 100 -99.24 -7.96 -26.79
N SER J 101 -98.88 -6.69 -26.82
CA SER J 101 -97.58 -6.26 -27.22
C SER J 101 -96.60 -6.53 -26.07
N VAL J 102 -95.56 -7.29 -26.33
CA VAL J 102 -94.45 -7.45 -25.40
C VAL J 102 -93.15 -7.19 -26.18
N ALA J 103 -92.01 -7.09 -25.48
CA ALA J 103 -90.72 -6.98 -26.15
C ALA J 103 -89.76 -7.91 -25.45
N VAL J 104 -88.87 -8.53 -26.22
CA VAL J 104 -87.97 -9.57 -25.70
C VAL J 104 -86.57 -9.38 -26.32
N GLY J 105 -85.55 -9.51 -25.48
CA GLY J 105 -84.19 -9.34 -25.93
C GLY J 105 -83.20 -9.88 -24.94
N TYR J 106 -81.93 -9.54 -25.11
CA TYR J 106 -80.91 -10.05 -24.21
C TYR J 106 -79.85 -8.96 -24.13
N VAL J 107 -78.98 -9.04 -23.12
CA VAL J 107 -77.68 -8.31 -23.06
C VAL J 107 -76.55 -9.34 -22.96
N GLY J 108 -75.54 -9.21 -23.81
CA GLY J 108 -74.39 -10.12 -23.75
C GLY J 108 -73.53 -9.89 -22.50
N CYS J 109 -73.18 -10.98 -21.82
CA CYS J 109 -72.35 -10.93 -20.64
C CYS J 109 -70.94 -11.55 -20.86
N GLY J 110 -70.52 -11.68 -22.12
CA GLY J 110 -69.19 -12.21 -22.50
C GLY J 110 -69.01 -13.68 -22.21
N SER J 111 -67.78 -14.12 -22.07
CA SER J 111 -67.55 -15.55 -21.82
C SER J 111 -66.72 -15.87 -20.60
N VAL J 112 -66.69 -14.96 -19.64
CA VAL J 112 -66.06 -15.23 -18.36
C VAL J 112 -67.16 -15.28 -17.28
N ALA J 113 -67.21 -16.38 -16.51
CA ALA J 113 -68.28 -16.56 -15.51
C ALA J 113 -68.32 -15.51 -14.39
N ASP J 114 -67.19 -15.07 -13.88
CA ASP J 114 -67.25 -14.07 -12.83
C ASP J 114 -67.20 -12.69 -13.47
N LEU J 115 -68.30 -11.95 -13.37
CA LEU J 115 -68.34 -10.58 -13.85
C LEU J 115 -67.79 -9.69 -12.80
N SER J 116 -66.92 -8.77 -13.20
CA SER J 116 -66.44 -7.73 -12.32
C SER J 116 -67.52 -6.66 -12.23
N GLU J 117 -67.32 -5.75 -11.29
CA GLU J 117 -68.17 -4.60 -11.13
C GLU J 117 -68.15 -3.72 -12.40
N ALA J 118 -66.96 -3.62 -13.04
CA ALA J 118 -66.84 -2.91 -14.31
C ALA J 118 -67.71 -3.58 -15.39
N ASP J 119 -67.64 -4.89 -15.48
CA ASP J 119 -68.40 -5.67 -16.46
C ASP J 119 -69.88 -5.49 -16.19
N MET J 120 -70.29 -5.62 -14.92
CA MET J 120 -71.68 -5.46 -14.57
C MET J 120 -72.18 -4.05 -14.94
N LYS J 121 -71.30 -3.05 -14.86
CA LYS J 121 -71.70 -1.69 -15.28
C LYS J 121 -72.05 -1.61 -16.76
N ARG J 122 -71.22 -2.27 -17.58
CA ARG J 122 -71.44 -2.30 -19.04
C ARG J 122 -72.75 -3.00 -19.40
N VAL J 123 -73.06 -4.07 -18.68
CA VAL J 123 -74.33 -4.74 -18.84
C VAL J 123 -75.47 -3.79 -18.49
N VAL J 124 -75.39 -3.12 -17.35
CA VAL J 124 -76.47 -2.25 -16.91
C VAL J 124 -76.68 -1.09 -17.91
N LEU J 125 -75.59 -0.55 -18.42
CA LEU J 125 -75.69 0.60 -19.32
C LEU J 125 -76.47 0.18 -20.56
N SER J 126 -76.15 -1.00 -21.03
CA SER J 126 -76.84 -1.54 -22.17
C SER J 126 -78.33 -1.79 -21.87
N LEU J 127 -78.64 -2.29 -20.69
CA LEU J 127 -80.02 -2.39 -20.27
C LEU J 127 -80.73 -1.01 -20.22
N VAL J 128 -80.04 -0.01 -19.66
CA VAL J 128 -80.56 1.35 -19.54
C VAL J 128 -80.82 2.02 -20.88
N THR J 129 -79.93 1.82 -21.84
CA THR J 129 -80.18 2.23 -23.21
C THR J 129 -81.56 1.79 -23.73
N MET J 130 -81.90 0.51 -23.52
CA MET J 130 -83.23 0.02 -23.89
C MET J 130 -84.33 0.70 -23.10
N LEU J 131 -84.11 0.89 -21.80
CA LEU J 131 -85.14 1.49 -20.95
C LEU J 131 -85.43 2.95 -21.32
N HIS J 132 -84.39 3.66 -21.76
CA HIS J 132 -84.57 5.06 -22.12
C HIS J 132 -85.30 5.24 -23.43
N ASP J 133 -85.56 4.13 -24.13
CA ASP J 133 -86.43 4.12 -25.29
C ASP J 133 -87.70 3.28 -25.05
N ASN J 134 -87.95 2.88 -23.81
CA ASN J 134 -89.07 1.99 -23.51
C ASN J 134 -90.29 2.66 -22.88
N LYS J 135 -91.48 2.23 -23.28
CA LYS J 135 -92.68 2.66 -22.69
C LYS J 135 -93.52 1.53 -22.12
N LEU J 136 -92.99 0.32 -22.09
CA LEU J 136 -93.74 -0.79 -21.48
C LEU J 136 -93.60 -0.69 -19.97
N SER J 137 -94.69 -1.03 -19.31
CA SER J 137 -94.89 -0.82 -17.90
C SER J 137 -93.99 -1.64 -16.98
N LYS J 138 -93.42 -2.71 -17.51
CA LYS J 138 -92.70 -3.68 -16.72
C LYS J 138 -91.42 -4.07 -17.46
N LEU J 139 -90.32 -4.15 -16.72
CA LEU J 139 -89.07 -4.78 -17.13
C LEU J 139 -88.92 -6.08 -16.33
N THR J 140 -88.63 -7.19 -17.02
CA THR J 140 -88.24 -8.46 -16.35
C THR J 140 -86.81 -8.76 -16.77
N VAL J 141 -85.92 -8.98 -15.80
CA VAL J 141 -84.58 -9.39 -16.09
C VAL J 141 -84.36 -10.85 -15.64
N VAL J 142 -83.85 -11.69 -16.56
CA VAL J 142 -83.68 -13.10 -16.31
C VAL J 142 -82.18 -13.39 -16.21
N PHE J 143 -81.72 -13.83 -15.05
CA PHE J 143 -80.28 -13.99 -14.86
C PHE J 143 -79.87 -15.39 -15.28
N GLU J 144 -79.46 -15.55 -16.52
CA GLU J 144 -78.87 -16.84 -16.93
C GLU J 144 -77.34 -16.82 -16.76
N ILE J 145 -76.91 -16.07 -15.75
CA ILE J 145 -75.51 -15.91 -15.42
C ILE J 145 -75.45 -16.09 -13.91
N ASN J 146 -74.24 -16.21 -13.39
CA ASN J 146 -74.05 -16.42 -11.97
C ASN J 146 -73.47 -15.17 -11.24
N VAL J 147 -74.25 -14.58 -10.33
CA VAL J 147 -73.80 -13.41 -9.52
C VAL J 147 -74.01 -13.62 -8.00
N ASP J 148 -73.06 -13.20 -7.16
CA ASP J 148 -73.27 -13.27 -5.70
C ASP J 148 -74.24 -12.19 -5.19
N LYS J 149 -74.62 -12.27 -3.92
CA LYS J 149 -75.58 -11.36 -3.32
C LYS J 149 -75.14 -9.90 -3.45
N ASN J 150 -73.87 -9.61 -3.15
CA ASN J 150 -73.34 -8.24 -3.24
C ASN J 150 -73.41 -7.76 -4.69
N LEU J 151 -73.08 -8.62 -5.64
CA LEU J 151 -73.07 -8.17 -7.02
C LEU J 151 -74.51 -7.94 -7.52
N PHE J 152 -75.45 -8.76 -7.03
CA PHE J 152 -76.86 -8.60 -7.38
C PHE J 152 -77.41 -7.27 -6.87
N ARG J 153 -77.03 -6.92 -5.66
CA ARG J 153 -77.40 -5.62 -5.10
C ARG J 153 -76.78 -4.48 -5.87
N PHE J 154 -75.50 -4.62 -6.19
CA PHE J 154 -74.82 -3.72 -7.13
C PHE J 154 -75.50 -3.53 -8.51
N PHE J 155 -75.93 -4.61 -9.13
CA PHE J 155 -76.73 -4.55 -10.35
C PHE J 155 -77.94 -3.65 -10.15
N LEU J 156 -78.66 -3.87 -9.05
CA LEU J 156 -79.88 -3.12 -8.79
C LEU J 156 -79.59 -1.64 -8.53
N GLU J 157 -78.60 -1.39 -7.67
CA GLU J 157 -78.17 -0.01 -7.34
C GLU J 157 -77.79 0.77 -8.60
N THR J 158 -76.98 0.10 -9.43
CA THR J 158 -76.46 0.68 -10.67
C THR J 158 -77.58 0.88 -11.67
N LEU J 159 -78.46 -0.11 -11.78
CA LEU J 159 -79.63 0.01 -12.66
C LEU J 159 -80.43 1.27 -12.29
N PHE J 160 -80.85 1.35 -11.03
CA PHE J 160 -81.59 2.52 -10.49
C PHE J 160 -80.89 3.86 -10.73
N TYR J 161 -79.60 3.91 -10.35
CA TYR J 161 -78.84 5.13 -10.46
C TYR J 161 -78.74 5.56 -11.91
N GLU J 162 -78.39 4.62 -12.81
CA GLU J 162 -78.18 4.99 -14.21
C GLU J 162 -79.49 5.35 -14.96
N TYR J 163 -80.59 4.77 -14.49
CA TYR J 163 -81.85 4.87 -15.17
C TYR J 163 -82.39 6.25 -14.86
N MET J 164 -82.19 6.66 -13.61
CA MET J 164 -82.70 7.94 -13.15
C MET J 164 -82.03 9.07 -13.88
N THR J 165 -82.80 10.02 -14.44
CA THR J 165 -82.18 11.19 -15.03
C THR J 165 -82.51 12.50 -14.32
N ASP J 166 -81.47 13.29 -14.14
CA ASP J 166 -81.52 14.47 -13.28
C ASP J 166 -81.92 15.64 -14.14
N GLU J 167 -83.16 16.07 -14.02
CA GLU J 167 -83.68 17.17 -14.80
C GLU J 167 -83.93 18.44 -14.04
N ARG J 168 -83.30 18.57 -12.88
CA ARG J 168 -83.49 19.78 -12.03
C ARG J 168 -83.23 21.11 -12.76
N PHE J 169 -82.24 21.12 -13.67
CA PHE J 169 -81.84 22.35 -14.33
C PHE J 169 -82.36 22.55 -15.77
N LYS J 170 -83.26 21.68 -16.23
CA LYS J 170 -83.84 21.81 -17.56
C LYS J 170 -85.10 22.62 -17.39
N SER J 171 -85.51 23.35 -18.42
CA SER J 171 -86.78 24.07 -18.36
C SER J 171 -87.91 23.37 -19.10
N ASN J 177 -89.82 10.03 -25.39
CA ASN J 177 -89.25 8.75 -25.82
C ASN J 177 -89.46 7.56 -24.86
N MET J 178 -89.79 7.84 -23.59
CA MET J 178 -89.87 6.75 -22.60
C MET J 178 -90.94 7.01 -21.54
N GLU J 179 -91.26 5.97 -20.78
CA GLU J 179 -91.86 6.16 -19.46
C GLU J 179 -91.14 5.32 -18.45
N TYR J 180 -90.98 5.85 -17.24
CA TYR J 180 -90.42 5.00 -16.15
C TYR J 180 -91.34 3.81 -15.89
N ILE J 181 -90.76 2.62 -15.87
CA ILE J 181 -91.45 1.43 -15.48
C ILE J 181 -92.05 1.54 -14.07
N LYS J 182 -93.16 0.86 -13.86
CA LYS J 182 -93.78 0.74 -12.55
C LYS J 182 -93.38 -0.58 -11.86
N HIS J 183 -92.84 -1.53 -12.61
CA HIS J 183 -92.60 -2.89 -12.11
C HIS J 183 -91.28 -3.43 -12.61
N LEU J 184 -90.51 -4.03 -11.71
CA LEU J 184 -89.29 -4.73 -12.09
C LEU J 184 -89.42 -6.19 -11.58
N GLY J 185 -89.35 -7.14 -12.50
CA GLY J 185 -89.32 -8.57 -12.13
C GLY J 185 -87.92 -9.09 -12.38
N VAL J 186 -87.42 -9.93 -11.47
CA VAL J 186 -86.10 -10.54 -11.61
C VAL J 186 -86.21 -12.05 -11.42
N TYR J 187 -85.69 -12.85 -12.35
CA TYR J 187 -85.60 -14.29 -12.13
C TYR J 187 -84.13 -14.63 -11.94
N ILE J 188 -83.81 -15.36 -10.88
CA ILE J 188 -82.45 -15.65 -10.52
C ILE J 188 -82.44 -16.89 -9.65
N ASN J 189 -81.36 -17.66 -9.69
CA ASN J 189 -81.34 -18.86 -8.89
C ASN J 189 -81.20 -18.50 -7.41
N ASN J 190 -81.94 -19.21 -6.56
CA ASN J 190 -81.98 -18.95 -5.10
C ASN J 190 -82.60 -17.61 -4.80
N ALA J 191 -83.65 -17.26 -5.52
CA ALA J 191 -84.37 -16.00 -5.34
C ALA J 191 -84.54 -15.58 -3.86
N ASP J 192 -84.90 -16.51 -2.99
CA ASP J 192 -85.19 -16.16 -1.62
C ASP J 192 -84.05 -15.47 -0.90
N THR J 193 -82.80 -15.89 -1.13
CA THR J 193 -81.64 -15.27 -0.51
C THR J 193 -81.37 -13.83 -1.01
N TYR J 194 -81.80 -13.55 -2.24
CA TYR J 194 -81.57 -12.25 -2.92
C TYR J 194 -82.58 -11.17 -2.55
N LYS J 195 -83.76 -11.59 -2.11
CA LYS J 195 -84.87 -10.66 -1.82
C LYS J 195 -84.54 -9.54 -0.87
N GLU J 196 -83.77 -9.84 0.17
CA GLU J 196 -83.35 -8.84 1.15
C GLU J 196 -82.36 -7.81 0.61
N GLU J 197 -81.75 -8.09 -0.56
CA GLU J 197 -80.92 -7.07 -1.17
C GLU J 197 -81.73 -5.93 -1.79
N VAL J 198 -83.02 -6.14 -2.06
CA VAL J 198 -83.79 -5.16 -2.85
C VAL J 198 -83.95 -3.80 -2.17
N GLU J 199 -84.54 -3.77 -0.98
CA GLU J 199 -84.71 -2.48 -0.29
C GLU J 199 -83.38 -1.85 0.19
N LYS J 200 -82.38 -2.69 0.40
CA LYS J 200 -81.06 -2.16 0.70
C LYS J 200 -80.51 -1.47 -0.57
N ALA J 201 -80.66 -2.13 -1.72
CA ALA J 201 -80.32 -1.47 -2.97
C ALA J 201 -81.05 -0.14 -3.14
N ARG J 202 -82.30 -0.09 -2.75
CA ARG J 202 -83.06 1.09 -3.05
C ARG J 202 -82.60 2.22 -2.14
N VAL J 203 -82.15 1.87 -0.93
CA VAL J 203 -81.56 2.85 -0.02
C VAL J 203 -80.19 3.34 -0.55
N TYR J 204 -79.31 2.41 -0.95
CA TYR J 204 -77.98 2.77 -1.48
C TYR J 204 -78.07 3.61 -2.76
N TYR J 205 -79.04 3.25 -3.61
CA TYR J 205 -79.37 4.06 -4.78
C TYR J 205 -79.63 5.50 -4.36
N PHE J 206 -80.55 5.74 -3.44
CA PHE J 206 -80.88 7.14 -3.14
C PHE J 206 -79.73 7.92 -2.46
N GLY J 207 -79.03 7.29 -1.52
CA GLY J 207 -77.79 7.89 -0.97
C GLY J 207 -76.85 8.36 -2.08
N THR J 208 -76.66 7.51 -3.09
CA THR J 208 -75.76 7.78 -4.20
C THR J 208 -76.34 8.87 -5.10
N TYR J 209 -77.64 8.77 -5.41
CA TYR J 209 -78.29 9.76 -6.23
C TYR J 209 -78.33 11.13 -5.52
N TYR J 210 -78.57 11.14 -4.21
CA TYR J 210 -78.56 12.38 -3.42
C TYR J 210 -77.16 13.03 -3.48
N ALA J 211 -76.11 12.23 -3.27
CA ALA J 211 -74.74 12.75 -3.36
C ALA J 211 -74.51 13.36 -4.74
N SER J 212 -74.96 12.66 -5.79
CA SER J 212 -74.85 13.08 -7.18
C SER J 212 -75.57 14.41 -7.43
N GLN J 213 -76.78 14.58 -6.88
CA GLN J 213 -77.51 15.85 -7.07
C GLN J 213 -76.75 17.02 -6.45
N LEU J 214 -76.12 16.79 -5.29
CA LEU J 214 -75.31 17.82 -4.67
C LEU J 214 -74.07 18.11 -5.53
N ILE J 215 -73.39 17.08 -6.02
CA ILE J 215 -72.16 17.29 -6.82
C ILE J 215 -72.48 17.99 -8.12
N ALA J 216 -73.52 17.54 -8.84
CA ALA J 216 -73.90 18.05 -10.14
C ALA J 216 -74.40 19.52 -10.03
N ALA J 217 -75.07 19.85 -8.91
CA ALA J 217 -75.50 21.22 -8.63
C ALA J 217 -74.34 22.21 -8.80
N PRO J 218 -74.53 23.19 -9.69
CA PRO J 218 -73.45 24.12 -10.01
C PRO J 218 -73.15 25.00 -8.79
N SER J 219 -71.98 25.64 -8.80
CA SER J 219 -71.51 26.41 -7.67
C SER J 219 -72.32 27.67 -7.34
N ASN J 220 -73.06 28.20 -8.31
CA ASN J 220 -74.00 29.27 -8.01
C ASN J 220 -75.26 28.74 -7.26
N TYR J 221 -75.57 27.44 -7.40
CA TYR J 221 -76.68 26.87 -6.63
C TYR J 221 -76.16 26.34 -5.28
N CYS J 222 -75.03 25.64 -5.35
CA CYS J 222 -74.53 24.89 -4.23
C CYS J 222 -73.26 25.60 -3.74
N ASN J 223 -73.42 26.45 -2.71
CA ASN J 223 -72.33 27.26 -2.13
C ASN J 223 -72.28 26.86 -0.67
N PRO J 224 -71.37 27.42 0.16
CA PRO J 224 -71.27 26.87 1.54
C PRO J 224 -72.53 27.05 2.40
N VAL J 225 -73.24 28.17 2.20
CA VAL J 225 -74.52 28.40 2.87
C VAL J 225 -75.62 27.41 2.39
N SER J 226 -75.88 27.30 1.08
CA SER J 226 -77.03 26.47 0.61
C SER J 226 -76.74 24.96 0.83
N LEU J 227 -75.46 24.59 0.82
CA LEU J 227 -75.05 23.17 1.06
C LEU J 227 -75.24 22.80 2.50
N SER J 228 -74.86 23.68 3.42
CA SER J 228 -75.14 23.43 4.83
C SER J 228 -76.65 23.54 5.17
N ASN J 229 -77.38 24.39 4.48
CA ASN J 229 -78.85 24.41 4.66
C ASN J 229 -79.46 23.05 4.24
N ALA J 230 -78.94 22.50 3.14
CA ALA J 230 -79.42 21.21 2.64
C ALA J 230 -79.13 20.08 3.64
N ALA J 231 -77.94 20.10 4.25
CA ALA J 231 -77.56 19.10 5.24
C ALA J 231 -78.46 19.11 6.48
N VAL J 232 -78.80 20.31 6.94
CA VAL J 232 -79.76 20.55 8.03
C VAL J 232 -81.14 19.96 7.67
N GLU J 233 -81.61 20.26 6.47
CA GLU J 233 -82.89 19.71 6.00
C GLU J 233 -82.89 18.19 5.94
N LEU J 234 -81.79 17.60 5.47
CA LEU J 234 -81.64 16.14 5.47
C LEU J 234 -81.69 15.55 6.91
N ALA J 235 -80.96 16.19 7.82
CA ALA J 235 -80.87 15.80 9.22
C ALA J 235 -82.26 15.92 9.87
N GLN J 236 -82.98 16.98 9.55
CA GLN J 236 -84.36 17.06 10.03
C GLN J 236 -85.24 15.94 9.49
N LYS J 237 -85.15 15.60 8.20
CA LYS J 237 -85.98 14.51 7.68
C LYS J 237 -85.59 13.16 8.27
N LEU J 238 -84.35 13.00 8.71
CA LEU J 238 -83.89 11.71 9.20
C LEU J 238 -83.88 11.63 10.71
N ASN J 239 -84.25 12.75 11.36
CA ASN J 239 -84.16 12.89 12.81
CA ASN J 239 -84.17 12.87 12.82
C ASN J 239 -82.74 12.70 13.37
N LEU J 240 -81.76 13.21 12.63
CA LEU J 240 -80.37 13.26 13.10
C LEU J 240 -80.11 14.50 13.94
N GLU J 241 -79.19 14.40 14.91
CA GLU J 241 -78.72 15.63 15.58
C GLU J 241 -77.92 16.42 14.56
N TYR J 242 -77.97 17.77 14.63
CA TYR J 242 -77.23 18.60 13.67
C TYR J 242 -76.80 19.91 14.31
N LYS J 243 -75.67 20.42 13.82
CA LYS J 243 -75.11 21.64 14.27
C LYS J 243 -74.29 22.18 13.08
N ILE J 244 -74.50 23.44 12.73
CA ILE J 244 -73.72 24.13 11.70
C ILE J 244 -72.90 25.21 12.45
N LEU J 245 -71.58 25.12 12.38
CA LEU J 245 -70.74 26.12 13.00
C LEU J 245 -70.48 27.27 12.03
N GLY J 246 -70.77 28.50 12.45
CA GLY J 246 -70.56 29.70 11.61
C GLY J 246 -69.21 30.32 11.97
N VAL J 247 -68.91 31.44 11.32
CA VAL J 247 -67.58 32.08 11.39
C VAL J 247 -67.15 32.45 12.81
N LYS J 248 -68.03 33.01 13.62
CA LYS J 248 -67.65 33.40 14.98
C LYS J 248 -67.27 32.16 15.82
N GLU J 249 -68.06 31.10 15.71
CA GLU J 249 -67.70 29.88 16.42
C GLU J 249 -66.39 29.30 15.88
N LEU J 250 -66.18 29.39 14.57
CA LEU J 250 -64.98 28.82 13.97
C LEU J 250 -63.75 29.60 14.40
N GLU J 251 -63.91 30.92 14.56
CA GLU J 251 -62.81 31.80 15.07
C GLU J 251 -62.48 31.43 16.52
N GLU J 252 -63.55 31.23 17.31
CA GLU J 252 -63.40 30.78 18.72
C GLU J 252 -62.59 29.49 18.83
N LEU J 253 -62.88 28.55 17.95
CA LEU J 253 -62.16 27.29 17.88
C LEU J 253 -60.77 27.38 17.20
N LYS J 254 -60.44 28.57 16.68
CA LYS J 254 -59.10 28.85 16.13
C LYS J 254 -58.82 28.03 14.88
N MET J 255 -59.84 27.86 14.05
CA MET J 255 -59.69 27.08 12.84
C MET J 255 -59.07 27.96 11.72
N GLY J 256 -57.81 28.34 11.92
CA GLY J 256 -57.08 29.25 11.03
C GLY J 256 -56.82 28.73 9.62
N ALA J 257 -56.56 27.42 9.47
CA ALA J 257 -56.31 26.83 8.16
C ALA J 257 -57.58 26.82 7.31
N TYR J 258 -58.69 26.34 7.89
CA TYR J 258 -59.98 26.31 7.21
C TYR J 258 -60.50 27.72 6.92
N LEU J 259 -60.45 28.60 7.90
CA LEU J 259 -60.91 30.00 7.66
C LEU J 259 -60.10 30.76 6.61
N SER J 260 -58.79 30.49 6.53
CA SER J 260 -57.94 31.09 5.46
C SER J 260 -58.41 30.79 4.06
N VAL J 261 -58.73 29.51 3.81
CA VAL J 261 -59.21 29.09 2.50
C VAL J 261 -60.45 29.86 2.03
N GLY J 262 -61.41 30.02 2.93
CA GLY J 262 -62.65 30.73 2.64
C GLY J 262 -62.61 32.24 2.61
N LYS J 263 -61.47 32.85 2.92
CA LYS J 263 -61.41 34.33 3.09
C LYS J 263 -61.81 35.07 1.83
N GLY J 264 -61.45 34.53 0.67
CA GLY J 264 -61.74 35.22 -0.60
C GLY J 264 -63.16 35.02 -1.12
N SER J 265 -64.02 34.36 -0.35
CA SER J 265 -65.36 34.01 -0.88
C SER J 265 -66.42 34.99 -0.37
N MET J 266 -67.52 35.18 -1.12
CA MET J 266 -68.63 36.02 -0.67
C MET J 266 -69.54 35.22 0.29
N TYR J 267 -69.30 33.90 0.34
CA TYR J 267 -70.10 32.99 1.15
C TYR J 267 -69.37 32.69 2.46
N PRO J 268 -70.06 32.89 3.59
CA PRO J 268 -69.34 32.61 4.86
C PRO J 268 -69.07 31.12 4.99
N ASN J 269 -67.95 30.74 5.61
CA ASN J 269 -67.68 29.34 5.93
C ASN J 269 -68.80 28.75 6.81
N LYS J 270 -69.16 27.47 6.57
CA LYS J 270 -70.11 26.71 7.39
C LYS J 270 -69.55 25.30 7.60
N PHE J 271 -69.45 24.87 8.85
CA PHE J 271 -68.89 23.56 9.16
C PHE J 271 -70.08 22.71 9.55
N ILE J 272 -70.29 21.60 8.83
CA ILE J 272 -71.43 20.73 9.06
C ILE J 272 -71.06 19.62 10.04
N HIS J 273 -71.90 19.44 11.05
CA HIS J 273 -71.68 18.37 11.99
C HIS J 273 -73.04 17.70 12.25
N LEU J 274 -73.30 16.54 11.61
CA LEU J 274 -74.47 15.72 11.86
C LEU J 274 -74.07 14.56 12.71
N THR J 275 -75.00 14.07 13.54
CA THR J 275 -74.68 12.87 14.36
C THR J 275 -75.82 11.86 14.28
N TYR J 276 -75.48 10.61 14.00
CA TYR J 276 -76.40 9.51 14.16
C TYR J 276 -75.97 8.81 15.46
N LYS J 277 -76.91 8.55 16.36
CA LYS J 277 -76.61 7.69 17.52
C LYS J 277 -77.63 6.58 17.65
N SER J 278 -77.15 5.32 17.69
CA SER J 278 -78.01 4.14 17.91
C SER J 278 -78.74 4.25 19.24
N LYS J 279 -79.98 3.72 19.27
CA LYS J 279 -80.77 3.63 20.49
C LYS J 279 -80.11 2.71 21.54
N GLY J 280 -79.44 1.64 21.11
CA GLY J 280 -78.77 0.75 22.08
C GLY J 280 -77.38 1.27 22.41
N ASP J 281 -76.79 0.77 23.51
CA ASP J 281 -75.40 1.11 23.91
C ASP J 281 -74.47 1.37 22.71
N VAL J 282 -73.70 2.44 22.80
CA VAL J 282 -72.72 2.76 21.76
C VAL J 282 -71.42 2.00 22.03
N LYS J 283 -71.04 1.12 21.11
CA LYS J 283 -69.83 0.33 21.26
C LYS J 283 -68.65 0.81 20.38
N LYS J 284 -68.97 1.69 19.41
CA LYS J 284 -68.04 2.14 18.36
C LYS J 284 -68.44 3.56 17.97
N LYS J 285 -67.50 4.51 17.96
CA LYS J 285 -67.74 5.89 17.52
C LYS J 285 -66.85 6.14 16.30
N ILE J 286 -67.45 6.75 15.29
CA ILE J 286 -66.77 6.96 14.04
C ILE J 286 -66.99 8.39 13.62
N ALA J 287 -65.93 9.01 13.06
CA ALA J 287 -66.12 10.28 12.37
C ALA J 287 -65.81 10.13 10.88
N LEU J 288 -66.74 10.58 10.05
CA LEU J 288 -66.60 10.60 8.61
C LEU J 288 -66.44 12.04 8.22
N VAL J 289 -65.32 12.33 7.56
CA VAL J 289 -64.97 13.69 7.21
C VAL J 289 -64.85 13.86 5.69
N GLY J 290 -65.60 14.80 5.13
CA GLY J 290 -65.63 14.93 3.68
C GLY J 290 -65.12 16.28 3.24
N LYS J 291 -64.25 16.33 2.25
CA LYS J 291 -63.80 17.61 1.71
C LYS J 291 -64.97 18.38 1.09
N GLY J 292 -65.14 19.64 1.50
CA GLY J 292 -66.33 20.39 1.10
C GLY J 292 -66.05 21.71 0.41
N ILE J 293 -65.28 21.69 -0.68
CA ILE J 293 -64.99 22.91 -1.47
C ILE J 293 -66.06 23.07 -2.57
N THR J 294 -66.91 24.07 -2.43
CA THR J 294 -68.07 24.14 -3.34
C THR J 294 -67.64 24.65 -4.74
N PHE J 295 -66.55 25.39 -4.80
CA PHE J 295 -65.88 25.68 -6.06
C PHE J 295 -64.43 25.85 -5.79
N ASP J 296 -63.58 25.14 -6.53
CA ASP J 296 -62.13 25.33 -6.36
C ASP J 296 -61.58 26.07 -7.59
N SER J 297 -61.41 27.38 -7.49
CA SER J 297 -60.78 28.14 -8.60
C SER J 297 -59.25 27.95 -8.59
N GLY J 298 -58.74 27.41 -7.48
CA GLY J 298 -57.27 27.37 -7.21
C GLY J 298 -56.82 28.55 -6.36
N GLY J 299 -57.65 29.62 -6.27
CA GLY J 299 -57.20 30.86 -5.64
C GLY J 299 -56.11 31.56 -6.45
N TYR J 300 -55.23 32.28 -5.76
CA TYR J 300 -54.19 33.05 -6.45
C TYR J 300 -53.33 32.15 -7.32
N ASN J 301 -53.14 30.88 -6.88
CA ASN J 301 -52.62 29.84 -7.79
C ASN J 301 -53.72 29.32 -8.72
N LEU J 302 -54.20 30.21 -9.59
CA LEU J 302 -55.39 29.98 -10.35
C LEU J 302 -55.30 28.72 -11.26
N LYS J 303 -56.37 27.93 -11.34
CA LYS J 303 -56.37 26.80 -12.27
C LYS J 303 -56.44 27.31 -13.74
N ALA J 304 -55.26 27.65 -14.27
CA ALA J 304 -55.13 28.22 -15.62
C ALA J 304 -54.31 27.32 -16.56
N ALA J 305 -53.63 26.31 -16.02
CA ALA J 305 -52.75 25.44 -16.83
C ALA J 305 -53.63 24.50 -17.67
N PRO J 306 -53.13 24.08 -18.86
CA PRO J 306 -53.85 23.08 -19.70
C PRO J 306 -54.15 21.83 -18.89
N GLY J 307 -55.38 21.34 -18.97
CA GLY J 307 -55.76 20.15 -18.20
C GLY J 307 -56.10 20.32 -16.72
N SER J 308 -56.20 21.57 -16.25
CA SER J 308 -56.47 21.83 -14.80
C SER J 308 -57.97 21.77 -14.51
N MET J 309 -58.77 21.69 -15.56
CA MET J 309 -60.20 21.34 -15.43
C MET J 309 -61.00 22.26 -14.48
N ILE J 310 -60.75 23.57 -14.56
CA ILE J 310 -61.49 24.51 -13.74
C ILE J 310 -63.03 24.42 -13.95
N ASP J 311 -63.49 24.12 -15.15
CA ASP J 311 -64.94 24.05 -15.41
C ASP J 311 -65.61 22.87 -14.66
N LEU J 312 -64.82 21.90 -14.22
CA LEU J 312 -65.33 20.78 -13.43
C LEU J 312 -65.37 21.00 -11.89
N MET J 313 -64.78 22.12 -11.42
CA MET J 313 -64.50 22.32 -9.98
C MET J 313 -65.68 22.52 -9.02
N LYS J 314 -66.93 22.64 -9.53
CA LYS J 314 -68.11 22.37 -8.67
C LYS J 314 -68.05 20.98 -7.99
N PHE J 315 -67.25 20.04 -8.52
CA PHE J 315 -67.27 18.68 -7.96
C PHE J 315 -66.35 18.54 -6.72
N ASP J 316 -65.76 19.64 -6.26
CA ASP J 316 -64.71 19.54 -5.23
C ASP J 316 -65.31 19.43 -3.80
N MET J 317 -66.64 19.33 -3.76
CA MET J 317 -67.37 18.98 -2.55
C MET J 317 -67.91 17.54 -2.66
N SER J 318 -67.30 16.72 -3.53
CA SER J 318 -67.68 15.29 -3.70
C SER J 318 -67.55 14.49 -2.42
N GLY J 319 -66.47 14.71 -1.65
CA GLY J 319 -66.28 14.02 -0.34
C GLY J 319 -67.39 14.37 0.67
N CYS J 320 -67.75 15.66 0.73
CA CYS J 320 -68.81 16.09 1.58
C CYS J 320 -70.13 15.42 1.10
N ALA J 321 -70.34 15.37 -0.22
CA ALA J 321 -71.59 14.73 -0.76
C ALA J 321 -71.64 13.24 -0.42
N ALA J 322 -70.51 12.55 -0.54
CA ALA J 322 -70.40 11.15 -0.09
C ALA J 322 -70.74 10.94 1.40
N VAL J 323 -70.24 11.85 2.26
CA VAL J 323 -70.54 11.79 3.69
C VAL J 323 -72.01 12.02 3.94
N LEU J 324 -72.60 13.00 3.25
CA LEU J 324 -74.00 13.25 3.44
C LEU J 324 -74.89 12.13 2.88
N GLY J 325 -74.46 11.55 1.77
CA GLY J 325 -75.23 10.44 1.15
C GLY J 325 -75.14 9.27 2.11
N CYS J 326 -73.99 9.09 2.75
CA CYS J 326 -73.85 8.03 3.79
C CYS J 326 -74.78 8.29 5.01
N ALA J 327 -74.93 9.57 5.40
CA ALA J 327 -75.80 9.91 6.53
C ALA J 327 -77.22 9.53 6.13
N TYR J 328 -77.61 9.72 4.86
CA TYR J 328 -78.92 9.28 4.43
C TYR J 328 -79.09 7.76 4.63
N CYS J 329 -78.13 6.98 4.15
CA CYS J 329 -78.23 5.52 4.26
C CYS J 329 -78.25 5.03 5.71
N VAL J 330 -77.37 5.60 6.55
CA VAL J 330 -77.25 5.23 7.94
C VAL J 330 -78.50 5.68 8.71
N GLY J 331 -78.96 6.90 8.45
CA GLY J 331 -80.11 7.43 9.14
C GLY J 331 -81.31 6.61 8.76
N THR J 332 -81.27 5.97 7.60
CA THR J 332 -82.43 5.19 7.10
C THR J 332 -82.36 3.76 7.58
N LEU J 333 -81.18 3.15 7.49
CA LEU J 333 -81.03 1.73 7.85
C LEU J 333 -80.90 1.53 9.35
N LYS J 334 -80.51 2.61 10.04
CA LYS J 334 -80.40 2.61 11.50
C LYS J 334 -79.58 1.48 12.15
N PRO J 335 -78.27 1.45 11.92
CA PRO J 335 -77.43 0.44 12.59
C PRO J 335 -77.44 0.54 14.12
N GLU J 336 -77.21 -0.60 14.78
CA GLU J 336 -77.18 -0.67 16.26
C GLU J 336 -75.76 -0.39 16.78
N ASN J 337 -75.64 0.03 18.04
CA ASN J 337 -74.36 0.08 18.77
C ASN J 337 -73.27 1.03 18.25
N VAL J 338 -73.68 2.05 17.50
CA VAL J 338 -72.74 2.90 16.86
C VAL J 338 -73.19 4.39 16.99
N GLU J 339 -72.20 5.27 17.04
CA GLU J 339 -72.42 6.67 16.97
C GLU J 339 -71.54 7.20 15.83
N ILE J 340 -72.17 7.88 14.87
CA ILE J 340 -71.42 8.37 13.71
C ILE J 340 -71.57 9.89 13.57
N HIS J 341 -70.43 10.55 13.47
CA HIS J 341 -70.38 11.98 13.23
C HIS J 341 -70.02 12.21 11.75
N PHE J 342 -70.84 13.00 11.06
CA PHE J 342 -70.72 13.28 9.64
C PHE J 342 -70.30 14.73 9.57
N LEU J 343 -69.09 14.98 9.08
CA LEU J 343 -68.43 16.28 9.25
C LEU J 343 -67.97 16.82 7.90
N SER J 344 -68.19 18.11 7.65
CA SER J 344 -67.51 18.74 6.52
C SER J 344 -67.21 20.23 6.77
N ALA J 345 -65.94 20.63 6.65
CA ALA J 345 -65.56 22.03 6.67
C ALA J 345 -65.83 22.66 5.27
N VAL J 346 -67.03 23.16 5.05
CA VAL J 346 -67.42 23.70 3.77
C VAL J 346 -66.97 25.14 3.55
N CYS J 347 -66.43 25.40 2.36
CA CYS J 347 -66.09 26.76 1.95
C CYS J 347 -65.92 26.77 0.45
N GLU J 348 -65.56 27.96 -0.08
CA GLU J 348 -65.34 28.18 -1.50
C GLU J 348 -63.95 28.84 -1.70
N ASN J 349 -63.15 28.36 -2.68
CA ASN J 349 -61.75 28.83 -2.84
C ASN J 349 -61.65 29.79 -4.00
N MET J 350 -61.60 31.11 -3.74
CA MET J 350 -61.82 32.17 -4.78
C MET J 350 -60.72 33.22 -4.83
N VAL J 351 -60.81 34.10 -5.84
CA VAL J 351 -59.79 35.10 -6.07
C VAL J 351 -60.39 36.46 -5.76
N SER J 352 -59.78 37.17 -4.82
CA SER J 352 -60.40 38.37 -4.30
C SER J 352 -59.31 39.21 -3.71
N LYS J 353 -59.60 40.48 -3.42
CA LYS J 353 -58.72 41.26 -2.56
C LYS J 353 -58.55 40.65 -1.16
N ASN J 354 -59.55 39.88 -0.77
CA ASN J 354 -59.60 39.29 0.56
C ASN J 354 -58.97 37.90 0.66
N SER J 355 -58.58 37.29 -0.45
CA SER J 355 -58.10 35.89 -0.42
C SER J 355 -56.83 35.70 0.39
N TYR J 356 -56.61 34.49 0.92
CA TYR J 356 -55.25 34.15 1.36
C TYR J 356 -54.29 34.07 0.14
N ARG J 357 -52.99 34.21 0.39
CA ARG J 357 -51.93 34.25 -0.64
C ARG J 357 -50.92 33.13 -0.47
N PRO J 358 -50.27 32.74 -1.58
CA PRO J 358 -49.13 31.81 -1.52
C PRO J 358 -48.04 32.49 -0.66
N GLY J 359 -47.45 31.72 0.25
CA GLY J 359 -46.55 32.31 1.21
C GLY J 359 -47.13 32.58 2.60
N ASP J 360 -48.46 32.75 2.73
CA ASP J 360 -49.06 33.13 4.04
C ASP J 360 -48.73 32.06 5.03
N ILE J 361 -48.52 32.46 6.29
CA ILE J 361 -48.39 31.46 7.36
C ILE J 361 -49.61 31.58 8.21
N ILE J 362 -50.29 30.46 8.38
CA ILE J 362 -51.58 30.44 9.06
C ILE J 362 -51.45 29.43 10.18
N THR J 363 -52.33 29.51 11.18
CA THR J 363 -52.25 28.61 12.34
C THR J 363 -53.49 27.77 12.47
N ALA J 364 -53.29 26.44 12.49
CA ALA J 364 -54.39 25.49 12.56
C ALA J 364 -54.85 25.44 14.01
N SER J 365 -56.04 24.88 14.23
CA SER J 365 -56.61 24.83 15.55
C SER J 365 -55.87 23.94 16.55
N ASN J 366 -54.89 23.14 16.11
CA ASN J 366 -54.08 22.39 17.09
C ASN J 366 -52.81 23.15 17.45
N GLY J 367 -52.74 24.39 17.00
CA GLY J 367 -51.57 25.22 17.19
C GLY J 367 -50.44 25.15 16.16
N LYS J 368 -50.48 24.17 15.24
CA LYS J 368 -49.41 24.06 14.24
C LYS J 368 -49.43 25.22 13.25
N THR J 369 -48.29 25.88 13.05
CA THR J 369 -48.23 26.88 11.94
C THR J 369 -47.91 26.21 10.62
N ILE J 370 -48.57 26.65 9.57
CA ILE J 370 -48.47 26.00 8.26
C ILE J 370 -48.04 27.07 7.27
N GLU J 371 -46.99 26.83 6.48
CA GLU J 371 -46.64 27.78 5.40
C GLU J 371 -47.34 27.38 4.10
N VAL J 372 -48.11 28.30 3.51
CA VAL J 372 -48.87 27.98 2.30
C VAL J 372 -47.94 28.09 1.10
N GLY J 373 -47.71 26.97 0.39
CA GLY J 373 -46.88 27.01 -0.84
C GLY J 373 -47.72 27.18 -2.11
N ASN J 374 -49.02 26.91 -2.01
CA ASN J 374 -49.86 26.89 -3.19
C ASN J 374 -51.29 26.95 -2.71
N THR J 375 -52.00 28.02 -3.08
CA THR J 375 -53.37 28.18 -2.60
C THR J 375 -54.36 27.14 -3.19
N ASP J 376 -53.93 26.40 -4.21
CA ASP J 376 -54.79 25.38 -4.82
C ASP J 376 -54.59 24.07 -4.08
N ALA J 377 -53.75 24.05 -3.04
CA ALA J 377 -53.70 22.88 -2.14
C ALA J 377 -54.61 23.17 -0.90
N GLU J 378 -55.81 23.67 -1.15
CA GLU J 378 -56.67 24.21 -0.10
C GLU J 378 -57.40 23.12 0.74
N GLY J 379 -57.64 21.96 0.11
CA GLY J 379 -58.44 20.88 0.64
C GLY J 379 -57.78 20.34 1.88
N ARG J 380 -56.47 20.15 1.82
CA ARG J 380 -55.77 19.65 2.98
C ARG J 380 -55.76 20.65 4.16
N LEU J 381 -55.94 21.95 3.89
CA LEU J 381 -55.99 22.98 4.94
C LEU J 381 -57.33 22.87 5.64
N THR J 382 -58.39 22.72 4.88
CA THR J 382 -59.73 22.61 5.50
C THR J 382 -59.84 21.28 6.25
N LEU J 383 -59.26 20.21 5.67
CA LEU J 383 -59.27 18.91 6.34
C LEU J 383 -58.43 18.89 7.61
N ALA J 384 -57.28 19.57 7.61
CA ALA J 384 -56.46 19.69 8.83
C ALA J 384 -57.32 20.11 10.04
N ASP J 385 -58.10 21.19 9.90
CA ASP J 385 -58.94 21.62 10.99
C ASP J 385 -60.15 20.70 11.21
N ALA J 386 -60.74 20.15 10.15
CA ALA J 386 -61.78 19.11 10.37
C ALA J 386 -61.25 17.84 11.14
N LEU J 387 -60.08 17.36 10.77
CA LEU J 387 -59.44 16.26 11.53
C LEU J 387 -59.17 16.55 13.00
N VAL J 388 -58.65 17.75 13.31
CA VAL J 388 -58.45 18.17 14.72
C VAL J 388 -59.83 18.20 15.43
N TYR J 389 -60.83 18.75 14.77
CA TYR J 389 -62.19 18.72 15.30
C TYR J 389 -62.69 17.32 15.58
N ALA J 390 -62.51 16.42 14.61
CA ALA J 390 -62.96 15.02 14.74
C ALA J 390 -62.24 14.28 15.87
N GLU J 391 -60.91 14.46 16.00
CA GLU J 391 -60.19 13.73 17.04
C GLU J 391 -60.63 14.15 18.46
N LYS J 392 -61.01 15.42 18.60
CA LYS J 392 -61.51 15.97 19.87
C LYS J 392 -62.85 15.34 20.26
N LEU J 393 -63.53 14.70 19.31
CA LEU J 393 -64.79 14.00 19.62
C LEU J 393 -64.56 12.69 20.36
N GLY J 394 -63.34 12.18 20.36
CA GLY J 394 -63.04 10.94 21.09
C GLY J 394 -63.60 9.72 20.37
N VAL J 395 -63.32 9.58 19.08
CA VAL J 395 -63.88 8.48 18.29
C VAL J 395 -62.86 7.33 18.20
N ASP J 396 -63.33 6.16 17.76
CA ASP J 396 -62.44 5.01 17.54
C ASP J 396 -61.80 5.08 16.15
N TYR J 397 -62.52 5.59 15.14
CA TYR J 397 -61.98 5.68 13.80
C TYR J 397 -62.32 7.02 13.20
N ILE J 398 -61.37 7.60 12.45
CA ILE J 398 -61.65 8.77 11.61
C ILE J 398 -61.35 8.33 10.17
N VAL J 399 -62.36 8.44 9.31
CA VAL J 399 -62.16 8.25 7.87
C VAL J 399 -62.49 9.54 7.18
N ASP J 400 -61.54 10.05 6.39
CA ASP J 400 -61.82 11.20 5.54
C ASP J 400 -61.90 10.77 4.07
N ILE J 401 -62.70 11.49 3.32
CA ILE J 401 -62.88 11.24 1.91
C ILE J 401 -62.80 12.56 1.12
N ALA J 402 -61.94 12.64 0.11
CA ALA J 402 -61.70 13.93 -0.55
C ALA J 402 -61.27 13.85 -2.02
N THR J 403 -61.72 14.82 -2.86
CA THR J 403 -61.13 15.01 -4.21
C THR J 403 -59.80 15.80 -4.12
N LEU J 404 -58.78 15.15 -3.58
CA LEU J 404 -57.65 15.88 -3.07
C LEU J 404 -56.50 16.15 -4.06
N THR J 405 -56.11 15.16 -4.86
CA THR J 405 -54.95 15.37 -5.71
C THR J 405 -55.20 14.92 -7.16
N GLY J 406 -54.90 15.81 -8.11
CA GLY J 406 -54.98 15.45 -9.54
C GLY J 406 -54.08 14.27 -9.88
N ALA J 407 -53.01 14.05 -9.11
CA ALA J 407 -52.07 12.95 -9.39
C ALA J 407 -52.70 11.54 -9.32
N MET J 408 -53.86 11.43 -8.67
CA MET J 408 -54.60 10.17 -8.63
C MET J 408 -54.91 9.64 -10.02
N LEU J 409 -55.14 10.58 -10.94
CA LEU J 409 -55.43 10.22 -12.32
C LEU J 409 -54.24 9.55 -13.01
N TYR J 410 -53.02 9.86 -12.57
CA TYR J 410 -51.82 9.25 -13.15
C TYR J 410 -51.37 8.01 -12.40
N SER J 411 -51.96 7.75 -11.23
CA SER J 411 -51.57 6.59 -10.44
C SER J 411 -52.62 5.49 -10.53
N LEU J 412 -53.87 5.73 -10.11
CA LEU J 412 -54.87 4.68 -10.19
C LEU J 412 -55.89 4.93 -11.31
N GLY J 413 -56.03 6.19 -11.69
CA GLY J 413 -56.88 6.54 -12.83
C GLY J 413 -58.29 6.83 -12.39
N THR J 414 -59.24 6.54 -13.26
CA THR J 414 -60.64 6.90 -13.05
C THR J 414 -61.53 5.83 -12.39
N SER J 415 -60.99 4.61 -12.20
CA SER J 415 -61.78 3.46 -11.64
C SER J 415 -61.63 3.19 -10.15
N TYR J 416 -60.39 3.23 -9.64
CA TYR J 416 -60.13 2.86 -8.25
C TYR J 416 -59.70 4.14 -7.51
N ALA J 417 -60.33 4.42 -6.36
CA ALA J 417 -59.85 5.40 -5.39
C ALA J 417 -58.58 4.84 -4.68
N GLY J 418 -57.76 5.74 -4.12
CA GLY J 418 -56.67 5.35 -3.24
C GLY J 418 -57.03 5.48 -1.75
N VAL J 419 -56.50 4.61 -0.91
CA VAL J 419 -56.68 4.74 0.53
C VAL J 419 -55.32 4.74 1.18
N PHE J 420 -55.13 5.71 2.07
CA PHE J 420 -53.91 5.86 2.84
C PHE J 420 -54.35 5.84 4.27
N GLY J 421 -53.48 5.46 5.19
CA GLY J 421 -53.89 5.55 6.59
C GLY J 421 -52.74 5.29 7.54
N ASN J 422 -53.00 5.50 8.84
CA ASN J 422 -51.99 5.26 9.89
C ASN J 422 -52.19 3.96 10.65
N ASN J 423 -53.15 3.17 10.18
CA ASN J 423 -53.59 2.00 10.93
C ASN J 423 -53.99 0.85 10.03
N GLU J 424 -53.30 -0.26 10.17
CA GLU J 424 -53.51 -1.37 9.24
C GLU J 424 -54.87 -2.03 9.33
N GLU J 425 -55.34 -2.32 10.55
CA GLU J 425 -56.68 -2.83 10.80
C GLU J 425 -57.72 -1.96 10.17
N LEU J 426 -57.67 -0.65 10.38
CA LEU J 426 -58.64 0.23 9.71
C LEU J 426 -58.56 0.22 8.15
N ILE J 427 -57.35 0.20 7.61
CA ILE J 427 -57.19 0.08 6.14
C ILE J 427 -57.87 -1.22 5.62
N ASN J 428 -57.62 -2.35 6.29
CA ASN J 428 -58.26 -3.60 5.93
C ASN J 428 -59.78 -3.58 6.03
N LYS J 429 -60.30 -2.88 7.03
CA LYS J 429 -61.77 -2.67 7.11
C LYS J 429 -62.29 -1.86 5.92
N ILE J 430 -61.55 -0.82 5.52
CA ILE J 430 -61.95 -0.03 4.30
C ILE J 430 -61.86 -0.94 3.05
N LEU J 431 -60.78 -1.71 2.92
CA LEU J 431 -60.64 -2.61 1.76
C LEU J 431 -61.80 -3.62 1.68
N GLN J 432 -62.16 -4.21 2.83
CA GLN J 432 -63.33 -5.09 2.89
C GLN J 432 -64.66 -4.39 2.51
N SER J 433 -64.88 -3.15 2.98
CA SER J 433 -66.05 -2.34 2.56
C SER J 433 -66.03 -2.09 1.08
N SER J 434 -64.83 -1.92 0.54
CA SER J 434 -64.67 -1.75 -0.91
C SER J 434 -65.16 -3.00 -1.62
N LYS J 435 -64.84 -4.17 -1.07
CA LYS J 435 -65.25 -5.41 -1.71
C LYS J 435 -66.73 -5.64 -1.70
N THR J 436 -67.37 -5.41 -0.57
CA THR J 436 -68.79 -5.68 -0.47
C THR J 436 -69.68 -4.56 -1.05
N SER J 437 -69.17 -3.34 -1.17
CA SER J 437 -69.95 -2.24 -1.83
C SER J 437 -69.71 -2.22 -3.31
N ASN J 438 -68.66 -2.93 -3.74
CA ASN J 438 -68.25 -2.91 -5.14
C ASN J 438 -67.83 -1.51 -5.63
N GLU J 439 -67.37 -0.65 -4.72
CA GLU J 439 -66.69 0.59 -5.10
C GLU J 439 -65.18 0.39 -4.84
N PRO J 440 -64.39 0.26 -5.93
CA PRO J 440 -63.01 -0.23 -5.82
C PRO J 440 -62.05 0.78 -5.26
N VAL J 441 -61.19 0.29 -4.39
CA VAL J 441 -60.22 1.14 -3.70
C VAL J 441 -58.90 0.38 -3.63
N TRP J 442 -57.77 1.08 -3.65
CA TRP J 442 -56.50 0.37 -3.58
C TRP J 442 -55.65 1.02 -2.50
N TRP J 443 -55.00 0.19 -1.68
CA TRP J 443 -54.18 0.71 -0.61
C TRP J 443 -52.86 1.27 -1.17
N LEU J 444 -52.52 2.52 -0.83
CA LEU J 444 -51.28 3.21 -1.23
C LEU J 444 -50.47 3.65 0.04
N PRO J 445 -49.12 3.60 -0.01
CA PRO J 445 -48.33 3.80 1.21
C PRO J 445 -48.20 5.26 1.62
N ILE J 446 -48.08 5.51 2.92
CA ILE J 446 -47.59 6.79 3.41
C ILE J 446 -46.10 6.57 3.63
N ILE J 447 -45.30 7.18 2.78
CA ILE J 447 -43.86 6.87 2.76
C ILE J 447 -43.15 7.90 3.64
N ASN J 448 -42.66 7.46 4.80
CA ASN J 448 -42.09 8.41 5.76
C ASN J 448 -40.88 9.19 5.30
N GLU J 449 -40.10 8.58 4.43
CA GLU J 449 -38.93 9.21 3.82
C GLU J 449 -39.29 10.53 3.11
N TYR J 450 -40.55 10.75 2.75
CA TYR J 450 -40.91 12.03 2.10
C TYR J 450 -41.29 13.11 3.10
N ARG J 451 -41.42 12.76 4.39
CA ARG J 451 -41.84 13.69 5.43
C ARG J 451 -40.91 14.91 5.55
N ALA J 452 -39.59 14.71 5.37
CA ALA J 452 -38.68 15.86 5.47
C ALA J 452 -38.96 16.98 4.45
N THR J 453 -39.61 16.64 3.33
CA THR J 453 -39.91 17.68 2.33
C THR J 453 -40.96 18.67 2.83
N LEU J 454 -41.67 18.30 3.89
CA LEU J 454 -42.65 19.20 4.48
C LEU J 454 -42.04 20.08 5.58
N ASN J 455 -40.73 20.00 5.81
CA ASN J 455 -40.08 20.83 6.86
C ASN J 455 -39.95 22.30 6.45
N SER J 456 -40.80 23.18 6.94
CA SER J 456 -40.72 24.58 6.59
C SER J 456 -39.49 25.28 7.23
N LYS J 457 -38.89 26.21 6.49
CA LYS J 457 -37.84 27.05 7.08
C LYS J 457 -38.40 27.95 8.22
N TYR J 458 -39.64 28.42 8.06
CA TYR J 458 -40.25 29.42 8.95
C TYR J 458 -41.41 28.88 9.83
N ALA J 459 -42.32 28.09 9.25
CA ALA J 459 -43.50 27.61 9.98
C ALA J 459 -43.18 26.23 10.54
N ASP J 460 -44.13 25.67 11.28
CA ASP J 460 -43.94 24.33 11.84
C ASP J 460 -43.89 23.28 10.73
N ILE J 461 -44.66 23.53 9.67
CA ILE J 461 -44.80 22.59 8.57
C ILE J 461 -45.13 23.33 7.24
N ASN J 462 -44.72 22.72 6.13
CA ASN J 462 -45.12 23.16 4.78
C ASN J 462 -46.42 22.44 4.42
N GLN J 463 -47.37 23.18 3.84
CA GLN J 463 -48.60 22.62 3.18
C GLN J 463 -48.26 21.63 2.03
N ILE J 464 -47.21 21.96 1.25
CA ILE J 464 -46.81 21.17 0.09
C ILE J 464 -45.30 20.94 0.05
N SER J 465 -44.92 19.97 -0.77
CA SER J 465 -43.51 19.70 -1.04
C SER J 465 -43.00 20.62 -2.16
N SER J 466 -41.73 21.00 -2.10
CA SER J 466 -41.14 21.71 -3.24
C SER J 466 -40.75 20.65 -4.27
N SER J 467 -40.07 19.60 -3.76
CA SER J 467 -39.40 18.58 -4.55
C SER J 467 -40.25 17.35 -4.96
N VAL J 468 -40.84 16.63 -3.99
CA VAL J 468 -41.52 15.35 -4.24
C VAL J 468 -42.73 15.49 -5.20
N LYS J 469 -42.71 14.76 -6.32
CA LYS J 469 -43.85 14.79 -7.24
C LYS J 469 -44.97 13.81 -6.85
N ALA J 470 -44.68 12.86 -5.94
CA ALA J 470 -45.69 11.93 -5.43
C ALA J 470 -46.68 12.70 -4.52
N SER J 471 -47.48 13.53 -5.14
CA SER J 471 -48.26 14.50 -4.40
C SER J 471 -49.38 13.90 -3.54
N SER J 472 -49.97 12.76 -3.94
CA SER J 472 -51.03 12.11 -3.12
C SER J 472 -50.43 11.54 -1.82
N ILE J 473 -49.18 11.08 -1.88
CA ILE J 473 -48.51 10.57 -0.66
C ILE J 473 -48.11 11.74 0.25
N VAL J 474 -47.56 12.81 -0.36
CA VAL J 474 -47.23 14.02 0.40
C VAL J 474 -48.46 14.62 1.13
N ALA J 475 -49.60 14.65 0.44
CA ALA J 475 -50.83 15.21 1.00
C ALA J 475 -51.24 14.39 2.22
N SER J 476 -51.09 13.08 2.13
CA SER J 476 -51.35 12.15 3.24
C SER J 476 -50.44 12.35 4.42
N LEU J 477 -49.18 12.58 4.17
CA LEU J 477 -48.21 12.86 5.23
C LEU J 477 -48.58 14.15 5.94
N PHE J 478 -49.07 15.12 5.19
CA PHE J 478 -49.54 16.37 5.74
C PHE J 478 -50.72 16.13 6.68
N LEU J 479 -51.78 15.46 6.19
CA LEU J 479 -52.97 15.25 6.97
C LEU J 479 -52.67 14.44 8.26
N LYS J 480 -51.78 13.48 8.12
CA LYS J 480 -51.40 12.64 9.26
C LYS J 480 -50.90 13.51 10.42
N GLU J 481 -50.34 14.68 10.10
CA GLU J 481 -49.87 15.59 11.17
C GLU J 481 -51.01 16.18 12.03
N PHE J 482 -52.25 15.97 11.59
CA PHE J 482 -53.44 16.48 12.28
C PHE J 482 -54.28 15.42 12.97
N VAL J 483 -53.72 14.20 13.09
CA VAL J 483 -54.30 13.11 13.85
C VAL J 483 -53.22 12.59 14.81
N GLN J 484 -53.41 12.76 16.13
CA GLN J 484 -52.36 12.47 17.06
C GLN J 484 -52.38 11.01 17.50
N ASN J 485 -53.52 10.51 17.89
CA ASN J 485 -53.52 9.16 18.49
C ASN J 485 -54.84 8.39 18.25
N THR J 486 -55.32 8.41 17.01
CA THR J 486 -56.56 7.72 16.61
C THR J 486 -56.31 7.05 15.26
N ALA J 487 -56.83 5.83 15.08
CA ALA J 487 -56.85 5.13 13.80
C ALA J 487 -57.56 6.04 12.79
N TRP J 488 -56.85 6.33 11.70
CA TRP J 488 -57.34 7.25 10.67
C TRP J 488 -57.00 6.72 9.28
N ALA J 489 -57.89 6.97 8.33
CA ALA J 489 -57.70 6.61 6.95
C ALA J 489 -58.23 7.72 6.07
N HIS J 490 -57.65 7.83 4.90
CA HIS J 490 -57.94 8.95 4.00
C HIS J 490 -58.16 8.35 2.61
N ILE J 491 -59.29 8.64 2.02
CA ILE J 491 -59.67 8.11 0.70
C ILE J 491 -59.65 9.30 -0.29
N ASP J 492 -58.72 9.25 -1.24
CA ASP J 492 -58.56 10.31 -2.22
C ASP J 492 -59.35 9.86 -3.44
N ILE J 493 -60.46 10.53 -3.72
CA ILE J 493 -61.42 10.17 -4.80
C ILE J 493 -61.35 11.17 -5.99
N ALA J 494 -60.27 11.97 -6.04
CA ALA J 494 -60.00 12.93 -7.16
C ALA J 494 -60.18 12.31 -8.52
N GLY J 495 -59.69 11.07 -8.69
CA GLY J 495 -59.72 10.44 -10.00
C GLY J 495 -61.03 9.79 -10.38
N VAL J 496 -61.75 9.38 -9.34
CA VAL J 496 -62.82 8.42 -9.45
C VAL J 496 -64.19 9.09 -9.35
N SER J 497 -64.23 10.31 -8.80
CA SER J 497 -65.48 10.96 -8.43
C SER J 497 -66.39 11.33 -9.60
N TRP J 498 -65.81 11.88 -10.67
CA TRP J 498 -66.62 12.39 -11.79
C TRP J 498 -66.55 11.37 -12.94
N ASN J 499 -67.69 11.01 -13.53
CA ASN J 499 -67.69 10.17 -14.70
C ASN J 499 -67.48 11.01 -15.97
N PHE J 500 -66.25 11.06 -16.45
CA PHE J 500 -65.90 11.95 -17.57
C PHE J 500 -66.68 11.60 -18.83
N LYS J 501 -66.76 10.31 -19.13
CA LYS J 501 -67.41 9.85 -20.33
C LYS J 501 -68.90 10.19 -20.34
N ALA J 502 -69.58 9.90 -19.22
CA ALA J 502 -71.01 10.16 -19.12
C ALA J 502 -71.38 11.60 -18.72
N ARG J 503 -70.39 12.45 -18.45
CA ARG J 503 -70.64 13.86 -18.06
C ARG J 503 -71.48 14.04 -16.79
N LYS J 504 -71.20 13.24 -15.76
CA LYS J 504 -72.01 13.27 -14.53
C LYS J 504 -71.25 12.65 -13.35
N PRO J 505 -71.71 12.90 -12.10
CA PRO J 505 -71.01 12.35 -10.93
C PRO J 505 -71.23 10.88 -10.86
N LYS J 506 -70.34 10.18 -10.14
CA LYS J 506 -70.62 8.82 -9.69
C LYS J 506 -71.33 8.70 -8.33
N GLY J 507 -71.31 9.75 -7.49
CA GLY J 507 -71.73 9.62 -6.09
C GLY J 507 -70.80 8.66 -5.38
N PHE J 508 -69.55 8.66 -5.79
CA PHE J 508 -68.61 7.64 -5.34
C PHE J 508 -68.40 7.79 -3.83
N GLY J 509 -68.48 6.69 -3.10
CA GLY J 509 -68.15 6.71 -1.69
C GLY J 509 -69.30 6.48 -0.74
N VAL J 510 -70.52 6.80 -1.16
CA VAL J 510 -71.68 6.58 -0.30
C VAL J 510 -71.79 5.13 0.14
N ARG J 511 -71.71 4.22 -0.83
CA ARG J 511 -71.87 2.80 -0.54
C ARG J 511 -70.71 2.22 0.23
N LEU J 512 -69.52 2.64 -0.13
CA LEU J 512 -68.32 2.25 0.58
C LEU J 512 -68.39 2.60 2.06
N LEU J 513 -68.70 3.85 2.37
CA LEU J 513 -68.75 4.31 3.75
C LEU J 513 -69.87 3.66 4.51
N THR J 514 -71.02 3.50 3.87
CA THR J 514 -72.15 2.87 4.54
C THR J 514 -71.85 1.41 4.87
N GLU J 515 -71.25 0.71 3.93
CA GLU J 515 -70.80 -0.64 4.19
C GLU J 515 -69.76 -0.65 5.34
N PHE J 516 -68.85 0.31 5.34
CA PHE J 516 -67.88 0.42 6.47
C PHE J 516 -68.60 0.48 7.84
N VAL J 517 -69.52 1.42 7.97
CA VAL J 517 -70.34 1.64 9.18
C VAL J 517 -71.22 0.41 9.57
N LEU J 518 -71.95 -0.15 8.60
CA LEU J 518 -72.82 -1.29 8.83
C LEU J 518 -72.10 -2.57 9.15
N ASN J 519 -71.02 -2.86 8.45
CA ASN J 519 -70.44 -4.17 8.59
C ASN J 519 -69.29 -4.25 9.60
N ASP J 520 -68.79 -3.07 9.97
CA ASP J 520 -67.90 -2.96 11.18
C ASP J 520 -68.70 -2.65 12.46
N SER K 3 -52.89 53.32 10.30
CA SER K 3 -52.50 52.65 11.57
C SER K 3 -53.25 51.34 11.95
N GLU K 4 -54.58 51.31 11.98
CA GLU K 4 -55.26 50.02 12.19
C GLU K 4 -55.18 49.04 10.98
N VAL K 5 -54.65 47.84 11.20
CA VAL K 5 -54.59 46.81 10.13
C VAL K 5 -55.96 46.16 9.91
N PRO K 6 -56.58 46.32 8.72
CA PRO K 6 -57.87 45.61 8.51
C PRO K 6 -57.69 44.08 8.49
N GLN K 7 -58.73 43.40 8.95
CA GLN K 7 -58.70 41.94 9.02
C GLN K 7 -59.88 41.42 8.22
N VAL K 8 -59.75 40.24 7.63
CA VAL K 8 -60.89 39.55 7.06
C VAL K 8 -61.58 38.70 8.12
N VAL K 9 -60.77 37.93 8.87
CA VAL K 9 -61.27 37.16 10.01
C VAL K 9 -60.46 37.56 11.23
N SER K 10 -60.98 37.28 12.42
CA SER K 10 -60.36 37.75 13.66
C SER K 10 -59.00 37.09 13.90
N LEU K 11 -58.72 36.00 13.19
CA LEU K 11 -57.43 35.31 13.31
C LEU K 11 -56.35 35.92 12.41
N ASP K 12 -56.71 36.89 11.56
CA ASP K 12 -55.71 37.58 10.74
C ASP K 12 -54.76 38.44 11.59
N PRO K 13 -53.42 38.28 11.40
CA PRO K 13 -52.46 38.99 12.25
C PRO K 13 -52.51 40.53 12.05
N THR K 14 -52.16 41.31 13.07
CA THR K 14 -52.34 42.76 12.94
C THR K 14 -51.03 43.48 13.15
N SER K 15 -49.94 42.72 13.23
CA SER K 15 -48.62 43.32 13.22
C SER K 15 -47.58 42.29 12.77
N ILE K 16 -46.39 42.78 12.44
CA ILE K 16 -45.27 41.91 12.09
C ILE K 16 -44.44 41.65 13.35
N PRO K 17 -44.30 40.39 13.74
CA PRO K 17 -43.45 40.23 14.91
C PRO K 17 -41.98 40.57 14.51
N ILE K 18 -41.28 41.32 15.37
CA ILE K 18 -39.87 41.70 15.15
C ILE K 18 -39.08 41.37 16.41
N GLU K 19 -37.97 40.66 16.27
CA GLU K 19 -37.04 40.50 17.40
C GLU K 19 -35.97 41.54 17.23
N TYR K 20 -35.73 42.36 18.26
CA TYR K 20 -34.68 43.34 18.27
C TYR K 20 -33.50 42.87 19.07
N ASN K 21 -33.74 42.33 20.26
CA ASN K 21 -32.69 41.74 21.07
C ASN K 21 -32.48 40.30 20.68
N THR K 22 -31.40 40.02 19.99
CA THR K 22 -31.16 38.69 19.52
C THR K 22 -30.00 38.08 20.35
N PRO K 23 -29.85 36.75 20.31
CA PRO K 23 -28.75 36.08 21.01
C PRO K 23 -27.35 36.54 20.52
N ILE K 24 -27.25 36.99 19.27
CA ILE K 24 -25.99 37.51 18.71
C ILE K 24 -25.54 38.70 19.54
N HIS K 25 -26.50 39.50 20.03
CA HIS K 25 -26.16 40.69 20.82
C HIS K 25 -25.54 40.36 22.16
N ASP K 26 -25.72 39.12 22.64
CA ASP K 26 -25.13 38.73 23.93
C ASP K 26 -23.78 38.04 23.77
N ILE K 27 -23.26 37.95 22.55
CA ILE K 27 -21.96 37.34 22.37
C ILE K 27 -20.87 38.35 22.69
N LYS K 28 -20.02 38.01 23.63
CA LYS K 28 -18.84 38.81 23.96
C LYS K 28 -17.67 38.51 22.99
N VAL K 29 -17.18 39.53 22.28
CA VAL K 29 -16.15 39.29 21.27
C VAL K 29 -14.79 39.87 21.68
N GLN K 30 -13.74 39.06 21.72
CA GLN K 30 -12.37 39.52 21.99
C GLN K 30 -11.47 39.19 20.80
N VAL K 31 -10.57 40.10 20.43
CA VAL K 31 -9.71 39.87 19.28
C VAL K 31 -8.28 39.90 19.82
N TYR K 32 -7.51 38.84 19.52
CA TYR K 32 -6.15 38.70 20.05
C TYR K 32 -5.15 38.65 18.90
N ASP K 33 -3.93 39.10 19.17
CA ASP K 33 -2.91 38.95 18.17
C ASP K 33 -2.39 37.51 18.23
N ILE K 34 -2.10 36.96 17.07
CA ILE K 34 -1.68 35.60 16.93
C ILE K 34 -0.23 35.44 17.52
N LYS K 35 0.55 36.50 17.47
CA LYS K 35 1.88 36.47 18.09
C LYS K 35 1.76 36.26 19.60
N GLY K 36 2.59 35.41 20.15
CA GLY K 36 2.44 35.09 21.56
C GLY K 36 1.71 33.78 21.71
N GLY K 37 1.03 33.33 20.64
CA GLY K 37 0.44 31.97 20.60
C GLY K 37 -1.04 31.95 21.00
N CYS K 38 -1.74 30.87 20.67
CA CYS K 38 -3.17 30.75 20.95
C CYS K 38 -3.45 29.88 22.14
N ASN K 39 -4.35 30.32 22.99
CA ASN K 39 -4.76 29.48 24.12
C ASN K 39 -5.99 28.66 23.73
N VAL K 40 -6.01 27.40 24.11
CA VAL K 40 -7.13 26.50 23.79
C VAL K 40 -7.58 25.93 25.13
N GLU K 41 -8.61 26.55 25.71
CA GLU K 41 -9.07 26.20 27.06
C GLU K 41 -10.47 25.63 27.07
N GLU K 42 -11.33 26.04 26.14
CA GLU K 42 -12.73 25.60 26.19
C GLU K 42 -13.41 25.75 24.84
N GLY K 43 -14.64 25.22 24.76
CA GLY K 43 -15.47 25.27 23.56
C GLY K 43 -14.77 24.76 22.32
N LEU K 44 -14.93 25.49 21.23
CA LEU K 44 -14.45 25.02 19.95
C LEU K 44 -13.46 26.03 19.41
N THR K 45 -12.34 25.52 18.90
CA THR K 45 -11.32 26.33 18.25
C THR K 45 -11.17 25.90 16.79
N ILE K 46 -11.43 26.83 15.86
CA ILE K 46 -11.33 26.53 14.41
C ILE K 46 -10.21 27.37 13.76
N PHE K 47 -9.33 26.70 13.01
CA PHE K 47 -8.28 27.37 12.20
C PHE K 47 -8.79 27.52 10.76
N LEU K 48 -8.70 28.73 10.19
CA LEU K 48 -8.99 29.02 8.78
C LEU K 48 -7.68 28.86 8.06
N VAL K 49 -7.59 27.85 7.20
CA VAL K 49 -6.32 27.53 6.58
C VAL K 49 -6.41 27.27 5.09
N ASN K 50 -5.33 27.66 4.41
CA ASN K 50 -5.29 27.45 2.97
C ASN K 50 -4.05 26.72 2.60
N ASN K 51 -3.90 26.44 1.31
CA ASN K 51 -2.64 25.88 0.82
C ASN K 51 -2.41 26.45 -0.60
N PRO K 52 -1.65 27.54 -0.67
CA PRO K 52 -1.49 28.28 -1.89
C PRO K 52 -0.57 27.53 -2.78
N GLU K 55 -3.67 22.72 -4.98
CA GLU K 55 -5.13 22.58 -4.92
C GLU K 55 -5.51 21.32 -4.16
N ASN K 56 -6.49 21.42 -3.27
CA ASN K 56 -6.84 20.32 -2.37
C ASN K 56 -5.65 19.76 -1.62
N GLY K 57 -4.68 20.62 -1.37
CA GLY K 57 -3.49 20.23 -0.65
C GLY K 57 -3.75 20.00 0.83
N PRO K 58 -2.73 19.52 1.55
CA PRO K 58 -2.87 19.15 2.95
C PRO K 58 -3.04 20.39 3.84
N VAL K 59 -3.63 20.18 5.01
CA VAL K 59 -3.74 21.16 6.07
C VAL K 59 -2.42 21.16 6.82
N LYS K 60 -1.92 22.38 7.06
CA LYS K 60 -0.75 22.53 7.93
C LYS K 60 -0.99 23.78 8.80
N ILE K 61 -0.87 23.62 10.11
CA ILE K 61 -1.19 24.70 11.04
C ILE K 61 0.13 25.40 11.35
N SER K 62 0.15 26.73 11.17
CA SER K 62 1.34 27.57 11.46
C SER K 62 1.41 28.14 12.87
N SER K 63 0.26 28.41 13.49
CA SER K 63 0.24 29.06 14.81
C SER K 63 0.70 28.15 15.89
N LYS K 64 1.51 28.69 16.80
CA LYS K 64 1.80 28.02 18.05
C LYS K 64 0.55 28.00 18.94
N VAL K 65 0.33 26.89 19.64
CA VAL K 65 -0.80 26.73 20.55
C VAL K 65 -0.22 26.42 21.90
N ASN K 66 -0.64 27.16 22.93
CA ASN K 66 -0.01 27.05 24.23
C ASN K 66 -0.55 25.88 25.05
N ASP K 67 -0.87 24.76 24.40
CA ASP K 67 -1.41 23.62 25.09
C ASP K 67 -0.67 22.44 24.52
N LYS K 68 -0.07 21.61 25.37
CA LYS K 68 0.70 20.47 24.84
C LYS K 68 -0.14 19.38 24.12
N GLN K 69 -1.31 19.02 24.65
CA GLN K 69 -2.15 17.98 24.03
C GLN K 69 -2.66 18.43 22.68
N VAL K 70 -3.16 19.66 22.62
CA VAL K 70 -3.68 20.18 21.35
C VAL K 70 -2.55 20.38 20.34
N SER K 71 -1.40 20.88 20.79
CA SER K 71 -0.25 21.02 19.87
C SER K 71 0.08 19.71 19.17
N GLU K 72 -0.01 18.61 19.91
CA GLU K 72 0.28 17.30 19.37
C GLU K 72 -0.79 16.90 18.34
N PHE K 73 -2.04 17.23 18.61
CA PHE K 73 -3.09 16.98 17.65
C PHE K 73 -2.84 17.77 16.36
N LEU K 74 -2.30 18.97 16.50
CA LEU K 74 -2.10 19.87 15.38
C LEU K 74 -0.77 19.67 14.64
N LYS K 75 0.03 18.66 15.03
CA LYS K 75 1.28 18.30 14.32
C LYS K 75 1.05 18.03 12.84
N ASP K 76 2.07 18.29 12.02
CA ASP K 76 1.88 18.16 10.55
C ASP K 76 1.44 16.76 10.12
N GLU K 77 2.01 15.73 10.72
CA GLU K 77 1.65 14.35 10.35
C GLU K 77 0.18 14.01 10.59
N ASN K 78 -0.47 14.62 11.59
CA ASN K 78 -1.91 14.41 11.77
CA ASN K 78 -1.91 14.43 11.76
C ASN K 78 -2.70 15.30 10.82
N MET K 79 -2.34 16.58 10.74
CA MET K 79 -3.14 17.53 9.92
C MET K 79 -3.15 17.24 8.41
N GLU K 80 -2.05 16.66 7.95
CA GLU K 80 -1.95 16.35 6.52
C GLU K 80 -2.92 15.24 6.06
N LYS K 81 -3.55 14.53 6.99
CA LYS K 81 -4.65 13.58 6.65
C LYS K 81 -5.86 14.34 6.11
N PHE K 82 -5.88 15.66 6.31
CA PHE K 82 -7.02 16.51 5.93
C PHE K 82 -6.60 17.42 4.81
N ASN K 83 -7.57 17.94 4.03
CA ASN K 83 -7.26 18.85 2.95
C ASN K 83 -8.00 20.18 3.01
N VAL K 84 -7.50 21.15 2.25
CA VAL K 84 -7.95 22.52 2.37
C VAL K 84 -9.07 22.88 1.36
N LYS K 85 -9.61 21.91 0.62
CA LYS K 85 -10.70 22.23 -0.35
C LYS K 85 -11.73 23.17 0.31
N LEU K 86 -12.05 24.26 -0.38
CA LEU K 86 -12.92 25.30 0.17
C LEU K 86 -14.22 24.75 0.78
N GLY K 87 -14.41 25.07 2.06
CA GLY K 87 -15.62 24.69 2.78
C GLY K 87 -15.45 23.34 3.46
N THR K 88 -14.44 22.54 3.10
CA THR K 88 -14.17 21.27 3.83
C THR K 88 -13.81 21.56 5.29
N SER K 89 -14.40 20.80 6.23
CA SER K 89 -14.09 20.97 7.65
C SER K 89 -14.04 19.65 8.36
N LYS K 90 -13.20 19.62 9.41
CA LYS K 90 -13.19 18.58 10.42
C LYS K 90 -13.00 19.23 11.77
N HIS K 91 -13.59 18.62 12.79
CA HIS K 91 -13.31 18.99 14.18
C HIS K 91 -13.45 17.78 15.09
N PHE K 92 -12.66 17.79 16.16
CA PHE K 92 -12.49 16.63 17.03
C PHE K 92 -12.58 17.13 18.46
N TYR K 93 -13.26 16.39 19.33
CA TYR K 93 -13.16 16.62 20.78
C TYR K 93 -12.00 15.88 21.38
N MET K 94 -11.38 16.51 22.36
CA MET K 94 -10.24 15.89 23.07
C MET K 94 -10.04 16.59 24.40
N PHE K 95 -9.21 16.02 25.26
CA PHE K 95 -8.86 16.65 26.51
C PHE K 95 -7.60 17.50 26.37
N ASN K 96 -7.62 18.75 26.88
CA ASN K 96 -6.45 19.61 26.82
C ASN K 96 -5.54 19.36 28.01
N ASP K 97 -4.55 20.24 28.22
CA ASP K 97 -3.59 20.08 29.34
C ASP K 97 -4.25 19.98 30.73
N ASN K 98 -5.40 20.65 30.89
CA ASN K 98 -6.16 20.72 32.15
C ASN K 98 -7.21 19.62 32.32
N LYS K 99 -7.25 18.69 31.37
CA LYS K 99 -8.24 17.65 31.28
C LYS K 99 -9.62 18.22 31.07
N ASN K 100 -9.72 19.31 30.32
CA ASN K 100 -11.00 19.93 30.02
C ASN K 100 -11.38 19.77 28.55
N SER K 101 -12.46 19.03 28.30
CA SER K 101 -12.91 18.77 26.94
C SER K 101 -12.92 20.03 26.08
N VAL K 102 -12.23 19.98 24.96
CA VAL K 102 -12.20 21.11 24.00
C VAL K 102 -12.42 20.50 22.64
N ALA K 103 -13.04 21.23 21.73
CA ALA K 103 -13.06 20.76 20.37
C ALA K 103 -12.15 21.60 19.51
N VAL K 104 -11.45 20.95 18.59
CA VAL K 104 -10.46 21.62 17.75
C VAL K 104 -10.64 21.19 16.31
N GLY K 105 -10.61 22.15 15.40
CA GLY K 105 -10.61 21.83 13.98
C GLY K 105 -10.27 22.95 13.02
N TYR K 106 -10.73 22.81 11.78
CA TYR K 106 -10.35 23.73 10.73
C TYR K 106 -11.42 23.85 9.69
N VAL K 107 -11.41 24.94 8.93
CA VAL K 107 -12.23 25.01 7.73
C VAL K 107 -11.22 25.32 6.59
N GLY K 108 -11.31 24.54 5.51
CA GLY K 108 -10.42 24.73 4.37
C GLY K 108 -10.82 25.98 3.59
N CYS K 109 -9.80 26.75 3.22
CA CYS K 109 -10.01 28.01 2.47
C CYS K 109 -9.41 27.92 1.07
N GLY K 110 -9.21 26.70 0.58
CA GLY K 110 -8.78 26.48 -0.79
C GLY K 110 -7.32 26.83 -1.01
N SER K 111 -6.99 27.28 -2.21
CA SER K 111 -5.62 27.54 -2.55
C SER K 111 -5.39 28.91 -3.19
N VAL K 112 -6.42 29.75 -3.21
CA VAL K 112 -6.23 31.13 -3.67
C VAL K 112 -6.03 32.06 -2.46
N ALA K 113 -4.93 32.81 -2.44
CA ALA K 113 -4.62 33.69 -1.29
C ALA K 113 -5.72 34.71 -0.94
N ASP K 114 -6.25 35.46 -1.89
CA ASP K 114 -7.34 36.40 -1.52
C ASP K 114 -8.71 35.79 -1.75
N LEU K 115 -9.56 35.74 -0.72
CA LEU K 115 -10.87 35.13 -0.84
C LEU K 115 -11.87 36.13 -1.34
N SER K 116 -12.76 35.70 -2.21
CA SER K 116 -13.84 36.56 -2.67
C SER K 116 -14.94 36.54 -1.56
N GLU K 117 -15.91 37.44 -1.65
CA GLU K 117 -17.04 37.41 -0.70
C GLU K 117 -17.80 36.09 -0.81
N ALA K 118 -17.89 35.55 -2.02
CA ALA K 118 -18.55 34.25 -2.15
C ALA K 118 -17.77 33.12 -1.49
N ASP K 119 -16.45 33.10 -1.64
CA ASP K 119 -15.57 32.09 -0.97
C ASP K 119 -15.66 32.21 0.54
N MET K 120 -15.63 33.45 1.05
CA MET K 120 -15.78 33.71 2.49
C MET K 120 -17.17 33.27 3.00
N LYS K 121 -18.23 33.47 2.20
CA LYS K 121 -19.57 32.93 2.62
C LYS K 121 -19.51 31.42 2.79
N ARG K 122 -18.83 30.75 1.87
CA ARG K 122 -18.70 29.29 1.95
C ARG K 122 -17.97 28.84 3.19
N VAL K 123 -16.88 29.55 3.51
CA VAL K 123 -16.13 29.30 4.74
C VAL K 123 -17.05 29.43 5.97
N VAL K 124 -17.71 30.57 6.10
CA VAL K 124 -18.62 30.85 7.19
C VAL K 124 -19.75 29.80 7.28
N LEU K 125 -20.36 29.41 6.16
CA LEU K 125 -21.44 28.40 6.23
C LEU K 125 -20.93 27.11 6.87
N SER K 126 -19.70 26.76 6.57
CA SER K 126 -19.12 25.51 7.07
C SER K 126 -18.85 25.68 8.59
N LEU K 127 -18.45 26.88 8.99
CA LEU K 127 -18.28 27.19 10.40
C LEU K 127 -19.65 27.15 11.17
N VAL K 128 -20.71 27.73 10.58
CA VAL K 128 -22.02 27.73 11.18
C VAL K 128 -22.61 26.35 11.35
N THR K 129 -22.38 25.47 10.38
CA THR K 129 -22.78 24.06 10.49
C THR K 129 -22.21 23.42 11.73
N MET K 130 -20.93 23.70 12.01
CA MET K 130 -20.39 23.15 13.26
C MET K 130 -21.06 23.77 14.47
N LEU K 131 -21.33 25.08 14.41
CA LEU K 131 -21.94 25.77 15.54
C LEU K 131 -23.37 25.26 15.79
N HIS K 132 -24.08 24.93 14.71
CA HIS K 132 -25.46 24.46 14.81
C HIS K 132 -25.49 23.05 15.35
N ASP K 133 -24.40 22.34 15.21
CA ASP K 133 -24.38 20.95 15.53
C ASP K 133 -23.71 20.63 16.86
N ASN K 134 -23.25 21.63 17.59
CA ASN K 134 -22.52 21.45 18.83
C ASN K 134 -23.01 22.38 19.97
N LYS K 135 -23.17 21.87 21.18
CA LYS K 135 -23.45 22.74 22.35
C LYS K 135 -22.14 23.33 22.89
N LEU K 136 -21.98 24.64 22.75
CA LEU K 136 -20.72 25.33 23.01
C LEU K 136 -20.96 26.63 23.74
N SER K 137 -20.08 27.00 24.66
CA SER K 137 -20.24 28.32 25.28
C SER K 137 -19.36 29.33 24.57
N LYS K 138 -18.41 28.82 23.81
CA LYS K 138 -17.39 29.66 23.19
C LYS K 138 -16.86 29.13 21.84
N LEU K 139 -16.76 30.02 20.86
CA LEU K 139 -16.05 29.70 19.61
C LEU K 139 -14.81 30.58 19.52
N THR K 140 -13.67 29.98 19.19
CA THR K 140 -12.47 30.74 18.87
C THR K 140 -12.08 30.46 17.43
N VAL K 141 -11.81 31.52 16.68
CA VAL K 141 -11.47 31.36 15.26
C VAL K 141 -10.03 31.86 15.08
N VAL K 142 -9.17 31.03 14.48
CA VAL K 142 -7.75 31.39 14.24
C VAL K 142 -7.52 31.64 12.74
N PHE K 143 -7.25 32.88 12.40
CA PHE K 143 -7.02 33.23 11.00
C PHE K 143 -5.58 32.90 10.54
N GLU K 144 -5.40 31.85 9.75
CA GLU K 144 -4.10 31.69 9.10
C GLU K 144 -4.23 31.98 7.59
N ILE K 145 -5.13 32.93 7.27
CA ILE K 145 -5.33 33.42 5.90
C ILE K 145 -5.27 34.95 5.98
N ASN K 146 -5.08 35.64 4.86
CA ASN K 146 -5.03 37.10 4.87
C ASN K 146 -6.39 37.64 4.55
N VAL K 147 -6.86 38.59 5.34
CA VAL K 147 -8.11 39.29 5.03
C VAL K 147 -7.89 40.77 5.31
N ASP K 148 -8.45 41.66 4.51
CA ASP K 148 -8.36 43.05 4.89
C ASP K 148 -9.43 43.41 5.95
N LYS K 149 -9.43 44.66 6.43
CA LYS K 149 -10.43 45.10 7.42
C LYS K 149 -11.91 44.88 6.97
N ASN K 150 -12.20 45.25 5.73
CA ASN K 150 -13.55 45.04 5.21
C ASN K 150 -13.94 43.58 5.14
N LEU K 151 -13.05 42.72 4.68
CA LEU K 151 -13.40 41.30 4.58
C LEU K 151 -13.46 40.64 5.97
N PHE K 152 -12.69 41.14 6.92
CA PHE K 152 -12.86 40.71 8.32
C PHE K 152 -14.23 41.09 8.87
N ARG K 153 -14.66 42.33 8.62
CA ARG K 153 -15.95 42.75 9.09
C ARG K 153 -17.03 41.89 8.43
N PHE K 154 -16.89 41.66 7.13
CA PHE K 154 -17.78 40.77 6.40
C PHE K 154 -17.80 39.36 6.97
N PHE K 155 -16.65 38.84 7.39
CA PHE K 155 -16.62 37.52 8.07
C PHE K 155 -17.58 37.50 9.29
N LEU K 156 -17.46 38.51 10.13
CA LEU K 156 -18.20 38.61 11.35
C LEU K 156 -19.69 38.81 11.03
N GLU K 157 -20.03 39.74 10.13
CA GLU K 157 -21.44 39.98 9.76
C GLU K 157 -22.13 38.73 9.24
N THR K 158 -21.46 38.08 8.29
CA THR K 158 -21.95 36.81 7.66
C THR K 158 -22.08 35.72 8.76
N LEU K 159 -21.09 35.62 9.61
CA LEU K 159 -21.18 34.65 10.72
C LEU K 159 -22.43 34.91 11.60
N PHE K 160 -22.60 36.16 12.05
CA PHE K 160 -23.73 36.53 12.89
C PHE K 160 -25.08 36.26 12.17
N TYR K 161 -25.18 36.72 10.93
CA TYR K 161 -26.43 36.60 10.19
C TYR K 161 -26.78 35.15 9.93
N GLU K 162 -25.80 34.37 9.45
CA GLU K 162 -26.04 32.94 9.15
C GLU K 162 -26.26 32.11 10.40
N TYR K 163 -25.66 32.51 11.52
CA TYR K 163 -25.84 31.79 12.82
C TYR K 163 -27.23 32.02 13.40
N MET K 164 -27.72 33.24 13.31
CA MET K 164 -29.00 33.59 13.89
C MET K 164 -30.10 32.78 13.19
N THR K 165 -31.03 32.21 13.94
CA THR K 165 -32.16 31.58 13.25
C THR K 165 -33.50 32.15 13.60
N ASP K 166 -34.28 32.43 12.58
CA ASP K 166 -35.54 33.18 12.70
C ASP K 166 -36.65 32.21 13.07
N GLU K 167 -37.10 32.25 14.34
CA GLU K 167 -38.10 31.33 14.82
C GLU K 167 -39.42 31.99 15.16
N ARG K 168 -39.61 33.22 14.67
CA ARG K 168 -40.87 33.93 14.90
C ARG K 168 -42.16 33.21 14.56
N PHE K 169 -42.15 32.41 13.50
CA PHE K 169 -43.36 31.74 13.05
C PHE K 169 -43.43 30.27 13.45
N LYS K 170 -42.46 29.83 14.26
CA LYS K 170 -42.45 28.48 14.84
C LYS K 170 -43.34 28.51 16.07
N SER K 171 -44.07 27.44 16.32
CA SER K 171 -44.90 27.44 17.51
C SER K 171 -44.88 26.12 18.22
N GLU K 179 -29.34 27.06 22.49
CA GLU K 179 -28.25 27.68 23.25
C GLU K 179 -27.07 28.17 22.37
N TYR K 180 -27.02 29.47 22.13
CA TYR K 180 -25.93 30.07 21.36
C TYR K 180 -24.67 30.23 22.22
N ILE K 181 -23.50 30.36 21.58
CA ILE K 181 -22.30 30.76 22.27
C ILE K 181 -22.49 32.11 22.96
N LYS K 182 -21.71 32.33 24.00
CA LYS K 182 -21.75 33.55 24.76
C LYS K 182 -20.45 34.31 24.56
N HIS K 183 -19.45 33.61 24.01
CA HIS K 183 -18.12 34.20 23.75
C HIS K 183 -17.60 33.83 22.37
N LEU K 184 -17.04 34.84 21.68
CA LEU K 184 -16.30 34.68 20.42
C LEU K 184 -14.90 35.23 20.60
N GLY K 185 -13.90 34.38 20.40
CA GLY K 185 -12.51 34.86 20.38
C GLY K 185 -12.00 34.80 18.95
N VAL K 186 -11.14 35.76 18.57
CA VAL K 186 -10.53 35.74 17.23
C VAL K 186 -9.05 35.97 17.37
N TYR K 187 -8.24 35.10 16.77
CA TYR K 187 -6.79 35.34 16.69
C TYR K 187 -6.42 35.68 15.27
N ILE K 188 -5.68 36.78 15.11
CA ILE K 188 -5.39 37.36 13.82
C ILE K 188 -4.15 38.19 13.97
N ASN K 189 -3.26 38.10 12.99
CA ASN K 189 -2.08 38.95 12.96
C ASN K 189 -2.49 40.44 12.88
N ASN K 190 -1.86 41.31 13.68
CA ASN K 190 -2.18 42.74 13.60
C ASN K 190 -3.57 43.06 14.13
N ALA K 191 -3.94 42.32 15.18
CA ALA K 191 -5.24 42.33 15.81
C ALA K 191 -5.78 43.73 16.13
N ASP K 192 -4.94 44.62 16.67
CA ASP K 192 -5.41 45.96 16.99
C ASP K 192 -6.12 46.66 15.83
N THR K 193 -5.63 46.50 14.60
CA THR K 193 -6.25 47.16 13.46
C THR K 193 -7.69 46.60 13.18
N TYR K 194 -8.02 45.42 13.72
CA TYR K 194 -9.33 44.81 13.37
C TYR K 194 -10.42 45.10 14.38
N LYS K 195 -10.02 45.52 15.58
CA LYS K 195 -10.95 45.60 16.71
C LYS K 195 -12.11 46.55 16.47
N GLU K 196 -11.88 47.67 15.78
CA GLU K 196 -12.98 48.59 15.52
C GLU K 196 -14.01 48.03 14.54
N GLU K 197 -13.71 46.92 13.86
CA GLU K 197 -14.67 46.32 12.93
C GLU K 197 -15.76 45.55 13.66
N VAL K 198 -15.50 45.18 14.92
CA VAL K 198 -16.35 44.27 15.63
C VAL K 198 -17.74 44.86 15.86
N GLU K 199 -17.81 46.05 16.42
CA GLU K 199 -19.12 46.60 16.75
C GLU K 199 -19.81 47.19 15.51
N LYS K 200 -19.02 47.53 14.52
CA LYS K 200 -19.59 47.93 13.26
C LYS K 200 -20.25 46.70 12.63
N ALA K 201 -19.55 45.57 12.69
CA ALA K 201 -20.12 44.33 12.17
C ALA K 201 -21.43 43.99 12.85
N ARG K 202 -21.49 44.19 14.16
CA ARG K 202 -22.69 43.84 14.90
C ARG K 202 -23.90 44.69 14.49
N VAL K 203 -23.67 45.99 14.27
CA VAL K 203 -24.70 46.89 13.75
C VAL K 203 -25.15 46.51 12.32
N TYR K 204 -24.17 46.25 11.42
CA TYR K 204 -24.47 45.76 10.06
C TYR K 204 -25.23 44.44 10.06
N TYR K 205 -24.87 43.53 10.97
CA TYR K 205 -25.59 42.28 11.14
C TYR K 205 -27.09 42.56 11.46
N PHE K 206 -27.36 43.43 12.43
CA PHE K 206 -28.76 43.65 12.79
C PHE K 206 -29.56 44.39 11.69
N GLY K 207 -28.99 45.39 11.03
CA GLY K 207 -29.70 45.97 9.88
C GLY K 207 -30.08 44.91 8.83
N THR K 208 -29.18 43.99 8.55
CA THR K 208 -29.39 42.95 7.53
C THR K 208 -30.43 41.97 8.02
N TYR K 209 -30.28 41.56 9.28
CA TYR K 209 -31.25 40.66 9.92
C TYR K 209 -32.65 41.32 10.03
N TYR K 210 -32.69 42.60 10.39
CA TYR K 210 -33.95 43.31 10.45
C TYR K 210 -34.68 43.30 9.09
N ALA K 211 -33.95 43.64 8.02
CA ALA K 211 -34.47 43.55 6.66
C ALA K 211 -34.93 42.13 6.38
N SER K 212 -34.10 41.16 6.75
CA SER K 212 -34.46 39.73 6.55
C SER K 212 -35.81 39.39 7.22
N GLN K 213 -36.00 39.89 8.44
CA GLN K 213 -37.25 39.62 9.17
C GLN K 213 -38.46 40.21 8.43
N LEU K 214 -38.29 41.41 7.90
CA LEU K 214 -39.38 42.03 7.13
C LEU K 214 -39.69 41.25 5.87
N ILE K 215 -38.65 40.82 5.16
CA ILE K 215 -38.81 40.08 3.93
C ILE K 215 -39.44 38.69 4.17
N ALA K 216 -38.92 37.94 5.15
CA ALA K 216 -39.43 36.62 5.48
C ALA K 216 -40.85 36.63 6.02
N ALA K 217 -41.25 37.72 6.66
CA ALA K 217 -42.62 37.83 7.16
C ALA K 217 -43.55 37.67 5.95
N PRO K 218 -44.46 36.70 6.02
CA PRO K 218 -45.38 36.48 4.88
C PRO K 218 -46.39 37.65 4.69
N SER K 219 -47.06 37.66 3.54
CA SER K 219 -47.89 38.79 3.15
C SER K 219 -49.18 38.97 4.02
N ASN K 220 -49.63 37.92 4.68
CA ASN K 220 -50.68 38.11 5.73
C ASN K 220 -50.17 38.89 6.98
N TYR K 221 -48.87 38.81 7.29
CA TYR K 221 -48.35 39.57 8.43
C TYR K 221 -47.79 40.93 7.99
N CYS K 222 -47.08 40.91 6.89
CA CYS K 222 -46.44 42.09 6.39
C CYS K 222 -47.24 42.60 5.19
N ASN K 223 -48.09 43.60 5.44
CA ASN K 223 -48.97 44.25 4.47
C ASN K 223 -48.66 45.76 4.51
N PRO K 224 -49.25 46.57 3.60
CA PRO K 224 -48.86 47.98 3.62
C PRO K 224 -49.07 48.69 4.95
N VAL K 225 -50.14 48.35 5.69
CA VAL K 225 -50.40 48.94 6.99
C VAL K 225 -49.44 48.44 8.09
N SER K 226 -49.23 47.13 8.21
CA SER K 226 -48.33 46.67 9.27
C SER K 226 -46.86 46.98 8.95
N LEU K 227 -46.49 47.09 7.67
CA LEU K 227 -45.09 47.43 7.36
C LEU K 227 -44.76 48.91 7.69
N SER K 228 -45.65 49.81 7.30
CA SER K 228 -45.49 51.21 7.71
C SER K 228 -45.53 51.38 9.21
N ASN K 229 -46.41 50.63 9.90
CA ASN K 229 -46.40 50.65 11.35
C ASN K 229 -45.06 50.21 11.91
N ALA K 230 -44.46 49.15 11.37
CA ALA K 230 -43.13 48.73 11.83
C ALA K 230 -42.08 49.80 11.59
N ALA K 231 -42.22 50.53 10.47
CA ALA K 231 -41.26 51.59 10.11
C ALA K 231 -41.36 52.78 11.11
N VAL K 232 -42.58 53.15 11.50
CA VAL K 232 -42.81 54.16 12.57
C VAL K 232 -42.17 53.68 13.88
N GLU K 233 -42.35 52.42 14.20
CA GLU K 233 -41.77 51.92 15.45
C GLU K 233 -40.23 52.00 15.39
N LEU K 234 -39.64 51.68 14.25
CA LEU K 234 -38.18 51.76 14.11
C LEU K 234 -37.71 53.21 14.28
N ALA K 235 -38.38 54.14 13.60
CA ALA K 235 -38.04 55.56 13.67
C ALA K 235 -38.14 56.09 15.10
N GLN K 236 -39.15 55.65 15.84
CA GLN K 236 -39.30 56.04 17.22
C GLN K 236 -38.14 55.57 18.08
N LYS K 237 -37.69 54.35 17.85
CA LYS K 237 -36.62 53.76 18.63
C LYS K 237 -35.30 54.45 18.34
N LEU K 238 -35.12 54.92 17.11
CA LEU K 238 -33.87 55.56 16.73
C LEU K 238 -33.93 57.08 16.75
N ASN K 239 -35.08 57.65 17.13
CA ASN K 239 -35.26 59.09 17.08
C ASN K 239 -35.08 59.71 15.71
N LEU K 240 -35.55 59.00 14.69
CA LEU K 240 -35.67 59.60 13.35
C LEU K 240 -37.01 60.31 13.23
N GLU K 241 -37.06 61.33 12.38
CA GLU K 241 -38.33 61.94 12.03
C GLU K 241 -39.06 60.94 11.15
N TYR K 242 -40.38 60.97 11.21
CA TYR K 242 -41.15 60.04 10.38
C TYR K 242 -42.45 60.70 9.98
N LYS K 243 -42.95 60.28 8.80
CA LYS K 243 -44.23 60.64 8.27
C LYS K 243 -44.74 59.45 7.41
N ILE K 244 -46.00 59.06 7.63
CA ILE K 244 -46.66 58.04 6.81
C ILE K 244 -47.75 58.76 6.06
N LEU K 245 -47.71 58.75 4.72
CA LEU K 245 -48.76 59.38 3.88
C LEU K 245 -49.84 58.37 3.56
N GLY K 246 -51.09 58.71 3.86
CA GLY K 246 -52.23 57.83 3.60
C GLY K 246 -52.92 58.22 2.32
N VAL K 247 -54.01 57.52 1.99
CA VAL K 247 -54.63 57.64 0.67
C VAL K 247 -55.07 59.08 0.32
N LYS K 248 -55.66 59.79 1.28
CA LYS K 248 -56.11 61.18 1.01
C LYS K 248 -54.94 62.11 0.69
N GLU K 249 -53.81 61.97 1.37
CA GLU K 249 -52.66 62.82 1.04
C GLU K 249 -52.07 62.46 -0.33
N LEU K 250 -51.99 61.16 -0.59
CA LEU K 250 -51.52 60.64 -1.85
C LEU K 250 -52.38 61.13 -3.06
N GLU K 251 -53.70 61.19 -2.87
CA GLU K 251 -54.61 61.71 -3.87
C GLU K 251 -54.31 63.19 -4.10
N GLU K 252 -54.10 63.93 -3.01
CA GLU K 252 -53.77 65.34 -3.07
C GLU K 252 -52.44 65.55 -3.78
N LEU K 253 -51.46 64.66 -3.56
CA LEU K 253 -50.22 64.72 -4.33
C LEU K 253 -50.34 64.14 -5.76
N LYS K 254 -51.51 63.66 -6.13
CA LYS K 254 -51.79 63.17 -7.48
C LYS K 254 -50.89 62.00 -7.88
N MET K 255 -50.59 61.15 -6.90
CA MET K 255 -49.78 59.98 -7.17
C MET K 255 -50.63 58.90 -7.84
N GLY K 256 -51.07 59.16 -9.08
CA GLY K 256 -51.92 58.22 -9.82
C GLY K 256 -51.30 56.90 -10.28
N ALA K 257 -49.99 56.86 -10.47
CA ALA K 257 -49.34 55.60 -10.85
C ALA K 257 -49.35 54.65 -9.64
N TYR K 258 -48.79 55.14 -8.54
CA TYR K 258 -48.74 54.42 -7.27
C TYR K 258 -50.15 54.06 -6.78
N LEU K 259 -51.09 55.00 -6.72
CA LEU K 259 -52.43 54.61 -6.29
C LEU K 259 -53.13 53.57 -7.18
N SER K 260 -52.87 53.57 -8.49
CA SER K 260 -53.48 52.58 -9.40
C SER K 260 -53.08 51.17 -9.02
N VAL K 261 -51.81 50.98 -8.63
CA VAL K 261 -51.30 49.68 -8.26
C VAL K 261 -52.06 49.06 -7.06
N GLY K 262 -52.29 49.85 -6.02
CA GLY K 262 -52.95 49.36 -4.79
C GLY K 262 -54.48 49.33 -4.82
N LYS K 263 -55.08 49.74 -5.93
CA LYS K 263 -56.54 49.80 -6.04
C LYS K 263 -57.21 48.47 -5.76
N GLY K 264 -56.63 47.39 -6.27
CA GLY K 264 -57.19 46.09 -5.98
C GLY K 264 -57.00 45.53 -4.58
N SER K 265 -56.29 46.21 -3.68
CA SER K 265 -55.93 45.61 -2.34
C SER K 265 -56.93 45.98 -1.23
N MET K 266 -57.10 45.12 -0.24
CA MET K 266 -57.91 45.47 0.95
C MET K 266 -57.11 46.38 1.90
N TYR K 267 -55.79 46.50 1.68
CA TYR K 267 -54.96 47.36 2.51
C TYR K 267 -54.75 48.72 1.85
N PRO K 268 -55.04 49.81 2.57
CA PRO K 268 -54.82 51.14 2.00
C PRO K 268 -53.33 51.34 1.72
N ASN K 269 -52.99 52.07 0.65
CA ASN K 269 -51.55 52.37 0.36
C ASN K 269 -51.00 53.21 1.51
N LYS K 270 -49.71 53.05 1.83
CA LYS K 270 -49.05 53.85 2.88
C LYS K 270 -47.67 54.22 2.36
N PHE K 271 -47.36 55.52 2.35
CA PHE K 271 -46.09 55.93 1.81
C PHE K 271 -45.17 56.24 3.00
N ILE K 272 -44.08 55.49 3.14
CA ILE K 272 -43.15 55.69 4.26
C ILE K 272 -42.11 56.73 3.92
N HIS K 273 -41.91 57.72 4.84
CA HIS K 273 -40.88 58.76 4.75
C HIS K 273 -40.19 58.97 6.10
N LEU K 274 -39.05 58.33 6.31
CA LEU K 274 -38.23 58.58 7.50
C LEU K 274 -37.09 59.48 7.12
N THR K 275 -36.62 60.28 8.08
CA THR K 275 -35.52 61.17 7.84
C THR K 275 -34.50 61.10 9.00
N TYR K 276 -33.26 60.89 8.62
CA TYR K 276 -32.12 61.09 9.50
C TYR K 276 -31.48 62.46 9.17
N LYS K 277 -31.24 63.28 10.20
CA LYS K 277 -30.44 64.49 10.01
C LYS K 277 -29.31 64.59 11.03
N SER K 278 -28.09 64.77 10.52
CA SER K 278 -26.94 65.05 11.39
C SER K 278 -27.15 66.34 12.18
N LYS K 279 -26.65 66.36 13.41
CA LYS K 279 -26.44 67.59 14.20
C LYS K 279 -25.45 68.41 13.35
N GLY K 280 -25.12 69.65 13.61
CA GLY K 280 -24.13 70.31 12.68
C GLY K 280 -24.61 70.54 11.25
N ASP K 281 -23.69 70.90 10.35
CA ASP K 281 -24.08 71.33 9.03
C ASP K 281 -24.39 70.13 8.12
N VAL K 282 -25.48 70.20 7.39
CA VAL K 282 -25.80 69.17 6.41
C VAL K 282 -25.11 69.58 5.10
N LYS K 283 -24.19 68.75 4.62
CA LYS K 283 -23.46 69.07 3.38
C LYS K 283 -23.90 68.20 2.18
N LYS K 284 -24.58 67.09 2.47
CA LYS K 284 -25.07 66.19 1.42
C LYS K 284 -26.47 65.69 1.77
N LYS K 285 -27.39 65.76 0.82
CA LYS K 285 -28.75 65.27 1.01
C LYS K 285 -29.01 64.09 0.08
N ILE K 286 -29.52 63.00 0.64
CA ILE K 286 -29.69 61.73 -0.07
C ILE K 286 -31.12 61.19 0.13
N ALA K 287 -31.76 60.74 -0.96
CA ALA K 287 -33.03 59.99 -0.87
C ALA K 287 -32.76 58.54 -1.29
N LEU K 288 -33.10 57.59 -0.42
CA LEU K 288 -33.00 56.19 -0.72
C LEU K 288 -34.45 55.69 -0.87
N VAL K 289 -34.75 55.10 -2.02
CA VAL K 289 -36.11 54.76 -2.39
C VAL K 289 -36.17 53.23 -2.56
N GLY K 290 -37.03 52.53 -1.80
CA GLY K 290 -37.12 51.07 -1.89
C GLY K 290 -38.47 50.68 -2.46
N LYS K 291 -38.49 49.70 -3.35
CA LYS K 291 -39.77 49.14 -3.82
C LYS K 291 -40.41 48.34 -2.68
N GLY K 292 -41.68 48.63 -2.43
CA GLY K 292 -42.36 48.06 -1.27
C GLY K 292 -43.68 47.41 -1.68
N ILE K 293 -43.62 46.43 -2.56
CA ILE K 293 -44.83 45.64 -2.89
C ILE K 293 -44.87 44.50 -1.91
N THR K 294 -45.89 44.46 -1.04
CA THR K 294 -45.91 43.46 0.03
C THR K 294 -46.32 42.09 -0.49
N PHE K 295 -47.02 42.05 -1.60
CA PHE K 295 -47.31 40.80 -2.28
C PHE K 295 -47.59 41.16 -3.71
N ASP K 296 -46.86 40.52 -4.61
CA ASP K 296 -47.06 40.82 -6.03
C ASP K 296 -47.70 39.58 -6.69
N SER K 297 -49.02 39.60 -6.85
CA SER K 297 -49.68 38.53 -7.55
C SER K 297 -49.45 38.67 -9.06
N GLY K 298 -49.00 39.85 -9.49
CA GLY K 298 -48.99 40.17 -10.92
C GLY K 298 -50.29 40.91 -11.33
N GLY K 299 -51.34 40.85 -10.52
CA GLY K 299 -52.55 41.59 -10.90
C GLY K 299 -53.27 40.80 -11.96
N TYR K 300 -54.06 41.48 -12.82
CA TYR K 300 -54.79 40.78 -13.87
C TYR K 300 -53.87 40.02 -14.80
N ASN K 301 -52.65 40.52 -14.96
CA ASN K 301 -51.57 39.78 -15.60
C ASN K 301 -50.99 38.82 -14.57
N LEU K 302 -51.83 37.94 -14.07
CA LEU K 302 -51.49 37.06 -12.96
C LEU K 302 -50.21 36.23 -13.16
N LYS K 303 -49.44 36.04 -12.09
CA LYS K 303 -48.22 35.20 -12.20
C LYS K 303 -48.61 33.76 -12.26
N ALA K 304 -48.98 33.33 -13.45
CA ALA K 304 -49.45 31.96 -13.64
C ALA K 304 -48.54 31.19 -14.60
N ALA K 305 -47.53 31.83 -15.19
CA ALA K 305 -46.68 31.11 -16.15
C ALA K 305 -45.67 30.22 -15.41
N PRO K 306 -45.32 29.04 -15.96
CA PRO K 306 -44.32 28.21 -15.27
C PRO K 306 -43.07 29.02 -14.94
N GLY K 307 -42.53 28.89 -13.71
CA GLY K 307 -41.34 29.65 -13.33
C GLY K 307 -41.55 31.10 -12.88
N SER K 308 -42.82 31.52 -12.73
CA SER K 308 -43.10 32.90 -12.33
C SER K 308 -43.07 33.12 -10.81
N MET K 309 -42.91 32.03 -10.05
CA MET K 309 -42.55 32.10 -8.63
C MET K 309 -43.53 32.91 -7.77
N ILE K 310 -44.83 32.78 -8.03
CA ILE K 310 -45.78 33.54 -7.24
C ILE K 310 -45.69 33.23 -5.74
N ASP K 311 -45.29 32.02 -5.40
CA ASP K 311 -45.16 31.67 -3.99
C ASP K 311 -44.05 32.43 -3.23
N LEU K 312 -43.14 33.06 -3.96
CA LEU K 312 -42.06 33.80 -3.36
C LEU K 312 -42.38 35.29 -3.21
N MET K 313 -43.52 35.75 -3.76
CA MET K 313 -43.72 37.22 -3.96
C MET K 313 -43.93 38.11 -2.74
N LYS K 314 -43.96 37.51 -1.56
CA LYS K 314 -43.88 38.27 -0.34
C LYS K 314 -42.52 39.02 -0.25
N PHE K 315 -41.53 38.62 -1.09
CA PHE K 315 -40.19 39.22 -1.05
C PHE K 315 -40.11 40.47 -1.92
N ASP K 316 -41.22 40.86 -2.53
CA ASP K 316 -41.23 42.04 -3.41
C ASP K 316 -41.19 43.43 -2.72
N MET K 317 -41.08 43.39 -1.39
CA MET K 317 -40.82 44.58 -0.65
C MET K 317 -39.38 44.55 -0.13
N SER K 318 -38.54 43.68 -0.69
CA SER K 318 -37.09 43.62 -0.33
C SER K 318 -36.34 44.94 -0.41
N GLY K 319 -36.69 45.79 -1.37
CA GLY K 319 -35.97 47.06 -1.50
C GLY K 319 -36.36 47.95 -0.33
N CYS K 320 -37.66 48.01 -0.06
CA CYS K 320 -38.12 48.75 1.10
C CYS K 320 -37.41 48.21 2.36
N ALA K 321 -37.26 46.90 2.47
CA ALA K 321 -36.63 46.35 3.66
C ALA K 321 -35.15 46.80 3.73
N ALA K 322 -34.44 46.82 2.60
CA ALA K 322 -33.03 47.22 2.59
C ALA K 322 -32.89 48.68 3.03
N VAL K 323 -33.79 49.53 2.53
CA VAL K 323 -33.90 50.93 2.98
C VAL K 323 -34.11 51.07 4.50
N LEU K 324 -35.03 50.29 5.04
CA LEU K 324 -35.29 50.37 6.45
C LEU K 324 -34.16 49.79 7.28
N GLY K 325 -33.50 48.74 6.79
CA GLY K 325 -32.35 48.22 7.49
C GLY K 325 -31.20 49.20 7.45
N CYS K 326 -31.06 49.89 6.31
CA CYS K 326 -30.14 51.02 6.23
C CYS K 326 -30.52 52.14 7.26
N ALA K 327 -31.80 52.49 7.39
CA ALA K 327 -32.17 53.46 8.43
C ALA K 327 -31.71 53.01 9.87
N TYR K 328 -31.79 51.70 10.15
CA TYR K 328 -31.33 51.23 11.46
C TYR K 328 -29.83 51.53 11.60
N CYS K 329 -29.04 51.16 10.58
CA CYS K 329 -27.57 51.33 10.68
C CYS K 329 -27.19 52.81 10.79
N VAL K 330 -27.76 53.62 9.90
CA VAL K 330 -27.55 55.06 9.88
C VAL K 330 -27.98 55.72 11.20
N GLY K 331 -29.19 55.39 11.68
CA GLY K 331 -29.68 55.91 12.94
C GLY K 331 -28.82 55.52 14.10
N THR K 332 -28.23 54.32 14.05
CA THR K 332 -27.35 53.80 15.11
C THR K 332 -25.94 54.40 15.04
N LEU K 333 -25.37 54.48 13.85
CA LEU K 333 -23.96 54.92 13.70
C LEU K 333 -23.80 56.44 13.62
N LYS K 334 -24.87 57.13 13.21
CA LYS K 334 -24.94 58.60 13.23
C LYS K 334 -23.85 59.33 12.39
N PRO K 335 -23.78 59.07 11.08
CA PRO K 335 -22.84 59.86 10.26
C PRO K 335 -23.11 61.36 10.40
N GLU K 336 -22.07 62.16 10.24
CA GLU K 336 -22.21 63.60 10.37
C GLU K 336 -22.37 64.22 9.00
N ASN K 337 -22.87 65.45 8.97
CA ASN K 337 -22.97 66.28 7.75
C ASN K 337 -23.87 65.74 6.64
N VAL K 338 -24.81 64.87 6.98
CA VAL K 338 -25.73 64.32 5.99
C VAL K 338 -27.16 64.42 6.42
N GLU K 339 -28.03 64.49 5.43
CA GLU K 339 -29.43 64.32 5.67
C GLU K 339 -29.95 63.21 4.76
N ILE K 340 -30.54 62.18 5.35
CA ILE K 340 -30.98 61.03 4.56
C ILE K 340 -32.48 60.80 4.69
N HIS K 341 -33.16 60.69 3.55
CA HIS K 341 -34.59 60.36 3.47
C HIS K 341 -34.74 58.91 3.03
N PHE K 342 -35.51 58.16 3.79
CA PHE K 342 -35.73 56.74 3.54
C PHE K 342 -37.19 56.65 3.15
N LEU K 343 -37.45 56.26 1.90
CA LEU K 343 -38.75 56.41 1.29
C LEU K 343 -39.22 55.05 0.75
N SER K 344 -40.52 54.77 0.85
CA SER K 344 -41.09 53.62 0.13
C SER K 344 -42.55 53.82 -0.11
N ALA K 345 -42.98 53.64 -1.37
CA ALA K 345 -44.40 53.72 -1.72
C ALA K 345 -44.96 52.31 -1.54
N VAL K 346 -45.52 52.01 -0.36
CA VAL K 346 -45.88 50.62 -0.04
C VAL K 346 -47.33 50.32 -0.46
N CYS K 347 -47.53 49.16 -1.07
CA CYS K 347 -48.84 48.70 -1.44
C CYS K 347 -48.78 47.19 -1.75
N GLU K 348 -49.92 46.68 -2.21
CA GLU K 348 -50.05 45.28 -2.54
C GLU K 348 -50.75 45.22 -3.93
N ASN K 349 -50.29 44.32 -4.83
CA ASN K 349 -50.77 44.16 -6.24
C ASN K 349 -51.66 42.90 -6.31
N MET K 350 -52.97 43.11 -6.35
CA MET K 350 -53.96 42.03 -6.16
C MET K 350 -55.03 42.01 -7.25
N VAL K 351 -55.77 40.90 -7.33
CA VAL K 351 -56.84 40.72 -8.33
C VAL K 351 -58.17 40.93 -7.60
N SER K 352 -58.98 41.82 -8.13
CA SER K 352 -60.20 42.26 -7.49
C SER K 352 -61.13 42.89 -8.56
N LYS K 353 -62.42 43.03 -8.30
CA LYS K 353 -63.20 43.93 -9.17
C LYS K 353 -62.64 45.35 -9.16
N ASN K 354 -61.86 45.70 -8.13
CA ASN K 354 -61.37 47.08 -7.99
C ASN K 354 -59.97 47.33 -8.58
N SER K 355 -59.33 46.30 -9.12
CA SER K 355 -57.95 46.40 -9.64
C SER K 355 -57.87 47.25 -10.90
N TYR K 356 -56.69 47.87 -11.09
CA TYR K 356 -56.33 48.43 -12.39
C TYR K 356 -56.18 47.31 -13.42
N ARG K 357 -56.40 47.67 -14.68
CA ARG K 357 -56.40 46.68 -15.77
C ARG K 357 -55.30 46.98 -16.80
N PRO K 358 -54.83 45.93 -17.47
CA PRO K 358 -53.95 46.09 -18.61
C PRO K 358 -54.67 47.04 -19.61
N GLY K 359 -53.94 47.98 -20.19
CA GLY K 359 -54.52 48.98 -21.07
C GLY K 359 -54.98 50.27 -20.39
N ASP K 360 -55.19 50.25 -19.06
CA ASP K 360 -55.57 51.47 -18.35
C ASP K 360 -54.55 52.60 -18.65
N ILE K 361 -55.01 53.86 -18.68
CA ILE K 361 -54.07 54.98 -18.78
C ILE K 361 -54.19 55.78 -17.49
N ILE K 362 -53.03 56.01 -16.86
CA ILE K 362 -52.99 56.56 -15.51
C ILE K 362 -52.04 57.75 -15.50
N THR K 363 -52.26 58.68 -14.56
CA THR K 363 -51.48 59.94 -14.57
C THR K 363 -50.59 60.01 -13.36
N ALA K 364 -49.28 60.10 -13.57
CA ALA K 364 -48.32 60.11 -12.48
C ALA K 364 -48.28 61.54 -11.90
N SER K 365 -47.61 61.71 -10.77
CA SER K 365 -47.71 62.97 -9.99
C SER K 365 -46.97 64.12 -10.68
N ASN K 366 -46.11 63.79 -11.64
CA ASN K 366 -45.53 64.83 -12.48
C ASN K 366 -46.36 65.18 -13.71
N GLY K 367 -47.58 64.67 -13.79
CA GLY K 367 -48.41 64.98 -14.95
C GLY K 367 -48.26 64.02 -16.13
N LYS K 368 -47.27 63.11 -16.14
CA LYS K 368 -47.09 62.18 -17.28
C LYS K 368 -48.18 61.12 -17.34
N THR K 369 -48.82 60.97 -18.48
CA THR K 369 -49.80 59.88 -18.62
C THR K 369 -49.10 58.60 -19.06
N ILE K 370 -49.50 57.50 -18.43
CA ILE K 370 -48.83 56.21 -18.64
C ILE K 370 -49.85 55.18 -19.09
N GLU K 371 -49.55 54.49 -20.20
CA GLU K 371 -50.37 53.35 -20.64
C GLU K 371 -49.81 52.06 -20.00
N VAL K 372 -50.64 51.38 -19.24
CA VAL K 372 -50.27 50.16 -18.59
C VAL K 372 -50.37 49.06 -19.66
N GLY K 373 -49.28 48.37 -19.94
CA GLY K 373 -49.33 47.27 -20.89
C GLY K 373 -49.34 45.92 -20.17
N ASN K 374 -48.94 45.91 -18.90
CA ASN K 374 -48.88 44.67 -18.10
C ASN K 374 -48.98 45.04 -16.62
N THR K 375 -50.04 44.58 -15.94
CA THR K 375 -50.19 44.91 -14.52
C THR K 375 -49.09 44.34 -13.59
N ASP K 376 -48.32 43.38 -14.09
CA ASP K 376 -47.24 42.77 -13.33
C ASP K 376 -45.95 43.65 -13.41
N ALA K 377 -45.98 44.74 -14.18
CA ALA K 377 -44.88 45.71 -14.15
C ALA K 377 -45.26 46.86 -13.19
N GLU K 378 -45.68 46.48 -11.98
CA GLU K 378 -46.28 47.45 -11.09
C GLU K 378 -45.18 48.23 -10.36
N GLY K 379 -44.00 47.64 -10.23
CA GLY K 379 -42.95 48.24 -9.36
C GLY K 379 -42.50 49.58 -9.90
N ARG K 380 -42.33 49.62 -11.22
CA ARG K 380 -41.88 50.86 -11.85
C ARG K 380 -42.97 51.96 -11.75
N LEU K 381 -44.25 51.58 -11.74
CA LEU K 381 -45.31 52.54 -11.44
C LEU K 381 -45.21 53.18 -10.04
N THR K 382 -44.98 52.35 -9.05
CA THR K 382 -44.93 52.86 -7.72
C THR K 382 -43.64 53.69 -7.59
N LEU K 383 -42.55 53.18 -8.19
CA LEU K 383 -41.29 53.88 -8.07
C LEU K 383 -41.34 55.22 -8.79
N ALA K 384 -42.09 55.29 -9.91
CA ALA K 384 -42.25 56.59 -10.59
C ALA K 384 -42.72 57.74 -9.68
N ASP K 385 -43.78 57.48 -8.90
CA ASP K 385 -44.29 58.48 -8.01
C ASP K 385 -43.36 58.69 -6.83
N ALA K 386 -42.67 57.64 -6.36
CA ALA K 386 -41.71 57.83 -5.29
C ALA K 386 -40.51 58.70 -5.74
N LEU K 387 -40.08 58.56 -7.00
CA LEU K 387 -38.99 59.35 -7.57
C LEU K 387 -39.37 60.81 -7.73
N VAL K 388 -40.57 61.08 -8.25
CA VAL K 388 -41.08 62.47 -8.32
C VAL K 388 -41.06 63.12 -6.95
N TYR K 389 -41.56 62.37 -5.96
CA TYR K 389 -41.55 62.81 -4.55
C TYR K 389 -40.12 63.02 -4.03
N ALA K 390 -39.23 62.06 -4.29
CA ALA K 390 -37.82 62.24 -3.83
C ALA K 390 -37.21 63.50 -4.44
N GLU K 391 -37.38 63.69 -5.77
CA GLU K 391 -36.75 64.84 -6.43
C GLU K 391 -37.29 66.19 -5.86
N LYS K 392 -38.58 66.24 -5.53
CA LYS K 392 -39.13 67.42 -4.85
C LYS K 392 -38.46 67.75 -3.52
N LEU K 393 -37.80 66.79 -2.89
CA LEU K 393 -37.09 67.08 -1.63
C LEU K 393 -35.85 67.91 -1.83
N GLY K 394 -35.34 67.98 -3.06
CA GLY K 394 -34.09 68.75 -3.32
C GLY K 394 -32.86 68.06 -2.76
N VAL K 395 -32.67 66.79 -3.08
CA VAL K 395 -31.50 66.05 -2.63
C VAL K 395 -30.34 66.10 -3.66
N ASP K 396 -29.14 65.67 -3.25
CA ASP K 396 -28.00 65.57 -4.17
C ASP K 396 -28.02 64.24 -4.93
N TYR K 397 -28.43 63.16 -4.26
CA TYR K 397 -28.49 61.84 -4.93
C TYR K 397 -29.82 61.20 -4.63
N ILE K 398 -30.38 60.52 -5.62
CA ILE K 398 -31.48 59.57 -5.42
C ILE K 398 -30.96 58.17 -5.80
N VAL K 399 -31.08 57.22 -4.89
CA VAL K 399 -30.74 55.82 -5.16
C VAL K 399 -31.97 55.00 -4.88
N ASP K 400 -32.49 54.30 -5.89
CA ASP K 400 -33.56 53.34 -5.64
C ASP K 400 -33.04 51.90 -5.67
N ILE K 401 -33.68 51.07 -4.88
CA ILE K 401 -33.35 49.64 -4.80
C ILE K 401 -34.68 48.87 -4.89
N ALA K 402 -34.70 47.82 -5.73
CA ALA K 402 -35.97 47.24 -6.18
C ALA K 402 -35.78 45.82 -6.76
N THR K 403 -36.67 44.89 -6.38
CA THR K 403 -36.83 43.55 -7.05
C THR K 403 -37.64 43.72 -8.34
N LEU K 404 -37.04 44.37 -9.33
CA LEU K 404 -37.87 44.93 -10.39
C LEU K 404 -38.10 44.01 -11.56
N THR K 405 -37.06 43.34 -12.06
CA THR K 405 -37.23 42.48 -13.26
C THR K 405 -36.67 41.08 -13.11
N GLY K 406 -37.49 40.11 -13.49
CA GLY K 406 -37.08 38.71 -13.53
C GLY K 406 -35.93 38.45 -14.48
N ALA K 407 -35.76 39.31 -15.48
CA ALA K 407 -34.62 39.19 -16.40
C ALA K 407 -33.22 39.22 -15.76
N MET K 408 -33.10 39.86 -14.58
CA MET K 408 -31.84 39.84 -13.80
C MET K 408 -31.26 38.44 -13.58
N LEU K 409 -32.14 37.45 -13.42
CA LEU K 409 -31.67 36.06 -13.25
C LEU K 409 -30.92 35.52 -14.47
N TYR K 410 -31.25 36.05 -15.64
CA TYR K 410 -30.67 35.69 -16.94
C TYR K 410 -29.49 36.55 -17.33
N SER K 411 -29.27 37.66 -16.64
CA SER K 411 -28.17 38.53 -16.97
C SER K 411 -27.03 38.41 -15.95
N LEU K 412 -27.26 38.77 -14.71
CA LEU K 412 -26.21 38.61 -13.69
C LEU K 412 -26.40 37.37 -12.80
N GLY K 413 -27.63 36.87 -12.74
CA GLY K 413 -27.91 35.69 -11.91
C GLY K 413 -28.27 36.03 -10.50
N THR K 414 -27.90 35.14 -9.60
CA THR K 414 -28.27 35.23 -8.20
C THR K 414 -27.19 35.83 -7.29
N SER K 415 -25.99 36.09 -7.80
CA SER K 415 -24.85 36.61 -7.01
C SER K 415 -24.68 38.14 -7.05
N TYR K 416 -24.75 38.77 -8.23
CA TYR K 416 -24.52 40.24 -8.38
C TYR K 416 -25.79 40.95 -8.76
N ALA K 417 -26.07 42.07 -8.09
CA ALA K 417 -27.17 42.96 -8.44
C ALA K 417 -26.75 43.83 -9.64
N GLY K 418 -27.71 44.40 -10.36
CA GLY K 418 -27.39 45.32 -11.47
C GLY K 418 -27.57 46.74 -10.96
N VAL K 419 -26.71 47.66 -11.39
CA VAL K 419 -26.94 49.09 -11.14
C VAL K 419 -26.97 49.87 -12.47
N PHE K 420 -27.89 50.81 -12.55
CA PHE K 420 -28.18 51.56 -13.78
C PHE K 420 -28.24 53.00 -13.27
N GLY K 421 -27.92 53.98 -14.10
CA GLY K 421 -28.05 55.36 -13.60
C GLY K 421 -27.84 56.39 -14.67
N ASN K 422 -28.09 57.66 -14.29
CA ASN K 422 -27.96 58.77 -15.20
C ASN K 422 -26.72 59.59 -14.89
N ASN K 423 -25.86 59.09 -13.98
CA ASN K 423 -24.69 59.87 -13.52
C ASN K 423 -23.53 58.97 -13.14
N GLU K 424 -22.44 59.05 -13.90
CA GLU K 424 -21.31 58.12 -13.72
C GLU K 424 -20.60 58.28 -12.36
N GLU K 425 -20.50 59.50 -11.86
CA GLU K 425 -19.85 59.70 -10.56
C GLU K 425 -20.63 58.97 -9.47
N LEU K 426 -21.97 59.08 -9.51
CA LEU K 426 -22.84 58.35 -8.56
C LEU K 426 -22.71 56.85 -8.71
N ILE K 427 -22.77 56.36 -9.96
CA ILE K 427 -22.54 54.94 -10.23
C ILE K 427 -21.21 54.44 -9.63
N ASN K 428 -20.13 55.17 -9.86
CA ASN K 428 -18.85 54.80 -9.27
C ASN K 428 -18.82 54.78 -7.75
N LYS K 429 -19.56 55.72 -7.13
CA LYS K 429 -19.82 55.68 -5.67
C LYS K 429 -20.48 54.40 -5.21
N ILE K 430 -21.58 54.02 -5.87
CA ILE K 430 -22.25 52.75 -5.61
C ILE K 430 -21.28 51.58 -5.76
N LEU K 431 -20.44 51.59 -6.78
CA LEU K 431 -19.52 50.47 -7.03
C LEU K 431 -18.45 50.41 -5.97
N GLN K 432 -18.02 51.56 -5.48
CA GLN K 432 -17.07 51.58 -4.40
C GLN K 432 -17.76 51.05 -3.10
N SER K 433 -19.01 51.45 -2.85
CA SER K 433 -19.75 50.90 -1.72
C SER K 433 -19.96 49.39 -1.84
N SER K 434 -20.15 48.93 -3.07
CA SER K 434 -20.21 47.47 -3.31
C SER K 434 -18.90 46.80 -2.91
N LYS K 435 -17.78 47.42 -3.31
CA LYS K 435 -16.46 46.89 -2.94
C LYS K 435 -16.28 46.79 -1.40
N THR K 436 -16.56 47.88 -0.69
CA THR K 436 -16.30 47.90 0.78
C THR K 436 -17.34 47.16 1.63
N SER K 437 -18.59 47.05 1.16
CA SER K 437 -19.60 46.28 1.88
C SER K 437 -19.51 44.78 1.52
N ASN K 438 -18.78 44.44 0.46
CA ASN K 438 -18.74 43.07 -0.06
C ASN K 438 -20.11 42.56 -0.48
N GLU K 439 -21.00 43.46 -0.87
CA GLU K 439 -22.25 43.09 -1.50
C GLU K 439 -22.09 43.45 -3.00
N PRO K 440 -21.95 42.41 -3.87
CA PRO K 440 -21.53 42.66 -5.30
C PRO K 440 -22.58 43.22 -6.24
N VAL K 441 -22.18 44.21 -7.01
CA VAL K 441 -23.04 44.95 -7.92
C VAL K 441 -22.26 45.08 -9.23
N TRP K 442 -22.94 45.11 -10.38
CA TRP K 442 -22.27 45.32 -11.65
C TRP K 442 -23.01 46.37 -12.41
N TRP K 443 -22.26 47.30 -13.00
CA TRP K 443 -22.83 48.40 -13.77
C TRP K 443 -23.37 47.91 -15.13
N LEU K 444 -24.64 48.22 -15.41
CA LEU K 444 -25.31 47.80 -16.64
C LEU K 444 -25.84 49.08 -17.31
N PRO K 445 -25.91 49.10 -18.68
CA PRO K 445 -26.13 50.38 -19.39
C PRO K 445 -27.60 50.77 -19.51
N ILE K 446 -27.89 52.05 -19.64
CA ILE K 446 -29.22 52.47 -20.01
C ILE K 446 -29.09 52.83 -21.48
N ILE K 447 -29.59 51.98 -22.37
CA ILE K 447 -29.32 52.07 -23.81
C ILE K 447 -30.42 52.94 -24.47
N ASN K 448 -30.07 54.16 -24.82
CA ASN K 448 -31.10 55.10 -25.25
C ASN K 448 -31.82 54.71 -26.52
N GLU K 449 -31.15 53.92 -27.36
CA GLU K 449 -31.75 53.30 -28.54
C GLU K 449 -33.08 52.57 -28.26
N TYR K 450 -33.27 52.05 -27.05
CA TYR K 450 -34.54 51.38 -26.74
C TYR K 450 -35.64 52.30 -26.32
N ARG K 451 -35.32 53.56 -26.02
CA ARG K 451 -36.34 54.52 -25.52
C ARG K 451 -37.58 54.62 -26.42
N ALA K 452 -37.39 54.54 -27.73
CA ALA K 452 -38.53 54.69 -28.66
C ALA K 452 -39.61 53.61 -28.51
N THR K 453 -39.21 52.44 -28.01
CA THR K 453 -40.18 51.36 -27.77
C THR K 453 -41.19 51.69 -26.63
N LEU K 454 -40.92 52.74 -25.84
CA LEU K 454 -41.85 53.22 -24.83
C LEU K 454 -42.74 54.37 -25.33
N ASN K 455 -42.64 54.75 -26.60
CA ASN K 455 -43.56 55.74 -27.16
C ASN K 455 -44.97 55.15 -27.28
N SER K 456 -45.92 55.62 -26.47
CA SER K 456 -47.28 55.09 -26.53
C SER K 456 -48.03 55.79 -27.66
N LYS K 457 -48.88 55.05 -28.38
CA LYS K 457 -49.77 55.66 -29.35
C LYS K 457 -50.73 56.74 -28.74
N TYR K 458 -51.15 56.53 -27.48
CA TYR K 458 -52.21 57.34 -26.80
C TYR K 458 -51.76 58.18 -25.61
N ALA K 459 -51.00 57.56 -24.71
CA ALA K 459 -50.47 58.22 -23.51
C ALA K 459 -49.12 58.89 -23.81
N ASP K 460 -48.58 59.61 -22.82
CA ASP K 460 -47.25 60.20 -22.93
C ASP K 460 -46.18 59.12 -23.09
N ILE K 461 -46.36 57.99 -22.43
CA ILE K 461 -45.34 56.97 -22.38
C ILE K 461 -45.98 55.61 -22.08
N ASN K 462 -45.40 54.54 -22.60
CA ASN K 462 -45.79 53.19 -22.22
C ASN K 462 -45.07 52.75 -20.97
N GLN K 463 -45.75 51.95 -20.18
CA GLN K 463 -45.16 51.28 -19.05
C GLN K 463 -44.09 50.20 -19.45
N ILE K 464 -44.36 49.41 -20.48
CA ILE K 464 -43.45 48.34 -20.90
C ILE K 464 -43.20 48.45 -22.40
N SER K 465 -42.15 47.80 -22.86
CA SER K 465 -41.89 47.68 -24.29
C SER K 465 -42.79 46.57 -24.79
N SER K 466 -43.27 46.62 -26.02
CA SER K 466 -43.81 45.36 -26.56
C SER K 466 -42.64 44.55 -27.16
N SER K 467 -41.74 45.24 -27.91
CA SER K 467 -40.62 44.54 -28.62
C SER K 467 -39.37 44.13 -27.78
N VAL K 468 -38.73 45.08 -27.11
CA VAL K 468 -37.44 44.79 -26.48
C VAL K 468 -37.56 43.77 -25.35
N LYS K 469 -36.80 42.67 -25.42
CA LYS K 469 -36.71 41.68 -24.34
C LYS K 469 -35.70 42.06 -23.25
N ALA K 470 -34.89 43.09 -23.50
CA ALA K 470 -33.96 43.55 -22.47
C ALA K 470 -34.71 44.31 -21.34
N SER K 471 -35.51 43.59 -20.55
CA SER K 471 -36.52 44.31 -19.76
C SER K 471 -35.95 45.12 -18.57
N SER K 472 -34.77 44.72 -18.09
CA SER K 472 -34.12 45.49 -17.00
C SER K 472 -33.67 46.89 -17.47
N ILE K 473 -33.16 46.96 -18.70
CA ILE K 473 -32.78 48.21 -19.31
C ILE K 473 -34.05 49.02 -19.65
N VAL K 474 -35.09 48.37 -20.18
CA VAL K 474 -36.32 49.11 -20.50
C VAL K 474 -36.93 49.70 -19.20
N ALA K 475 -36.94 48.92 -18.10
CA ALA K 475 -37.47 49.41 -16.84
C ALA K 475 -36.65 50.63 -16.34
N SER K 476 -35.32 50.59 -16.48
CA SER K 476 -34.46 51.74 -16.16
C SER K 476 -34.76 52.97 -17.02
N LEU K 477 -34.96 52.77 -18.32
CA LEU K 477 -35.37 53.87 -19.21
C LEU K 477 -36.69 54.48 -18.77
N PHE K 478 -37.64 53.67 -18.33
CA PHE K 478 -38.91 54.20 -17.77
C PHE K 478 -38.66 55.04 -16.48
N LEU K 479 -37.92 54.50 -15.51
CA LEU K 479 -37.67 55.20 -14.25
C LEU K 479 -37.00 56.54 -14.52
N LYS K 480 -36.02 56.53 -15.44
CA LYS K 480 -35.29 57.73 -15.82
C LYS K 480 -36.17 58.90 -16.27
N GLU K 481 -37.33 58.59 -16.83
CA GLU K 481 -38.31 59.64 -17.23
C GLU K 481 -38.88 60.38 -16.02
N PHE K 482 -38.62 59.88 -14.81
CA PHE K 482 -39.19 60.49 -13.62
C PHE K 482 -38.20 61.25 -12.73
N VAL K 483 -36.97 61.38 -13.22
CA VAL K 483 -35.94 62.15 -12.54
C VAL K 483 -35.51 63.18 -13.57
N GLN K 484 -35.74 64.46 -13.29
CA GLN K 484 -35.46 65.50 -14.28
C GLN K 484 -34.07 66.05 -14.21
N ASN K 485 -33.57 66.32 -13.02
CA ASN K 485 -32.29 67.01 -12.99
C ASN K 485 -31.51 66.71 -11.70
N THR K 486 -31.47 65.44 -11.33
CA THR K 486 -30.79 65.02 -10.11
C THR K 486 -30.05 63.75 -10.45
N ALA K 487 -28.82 63.61 -9.95
CA ALA K 487 -28.07 62.36 -10.00
C ALA K 487 -28.86 61.21 -9.36
N TRP K 488 -29.01 60.13 -10.13
CA TRP K 488 -29.91 59.01 -9.79
C TRP K 488 -29.38 57.67 -10.28
N ALA K 489 -29.45 56.69 -9.39
CA ALA K 489 -29.03 55.34 -9.72
C ALA K 489 -30.11 54.38 -9.24
N HIS K 490 -30.18 53.22 -9.88
CA HIS K 490 -31.27 52.26 -9.70
C HIS K 490 -30.60 50.89 -9.56
N ILE K 491 -30.78 50.22 -8.45
CA ILE K 491 -30.16 48.92 -8.22
C ILE K 491 -31.27 47.87 -8.33
N ASP K 492 -31.20 47.00 -9.33
CA ASP K 492 -32.19 45.92 -9.48
C ASP K 492 -31.71 44.67 -8.76
N ILE K 493 -32.44 44.28 -7.73
CA ILE K 493 -31.99 43.18 -6.85
C ILE K 493 -32.94 41.98 -6.99
N ALA K 494 -33.75 41.97 -8.05
CA ALA K 494 -34.61 40.81 -8.37
C ALA K 494 -33.88 39.46 -8.30
N GLY K 495 -32.67 39.38 -8.79
CA GLY K 495 -31.96 38.10 -8.82
C GLY K 495 -31.25 37.72 -7.53
N VAL K 496 -30.93 38.70 -6.72
CA VAL K 496 -29.93 38.57 -5.70
C VAL K 496 -30.55 38.54 -4.30
N SER K 497 -31.81 38.99 -4.21
CA SER K 497 -32.46 39.25 -2.93
C SER K 497 -32.78 38.00 -2.09
N TRP K 498 -33.29 36.95 -2.73
CA TRP K 498 -33.70 35.76 -2.04
C TRP K 498 -32.67 34.68 -2.23
N ASN K 499 -32.24 34.03 -1.15
CA ASN K 499 -31.26 32.97 -1.26
C ASN K 499 -32.03 31.68 -1.49
N PHE K 500 -32.20 31.31 -2.77
CA PHE K 500 -33.02 30.14 -3.18
C PHE K 500 -32.59 28.84 -2.53
N LYS K 501 -31.30 28.61 -2.46
CA LYS K 501 -30.76 27.35 -1.92
C LYS K 501 -31.05 27.23 -0.42
N ALA K 502 -30.80 28.32 0.30
CA ALA K 502 -31.03 28.32 1.77
C ALA K 502 -32.49 28.57 2.19
N ARG K 503 -33.37 28.92 1.26
CA ARG K 503 -34.81 29.21 1.50
C ARG K 503 -35.06 30.38 2.49
N LYS K 504 -34.32 31.45 2.30
CA LYS K 504 -34.39 32.63 3.18
C LYS K 504 -33.87 33.89 2.49
N PRO K 505 -34.18 35.08 3.04
CA PRO K 505 -33.68 36.28 2.36
C PRO K 505 -32.17 36.43 2.60
N LYS K 506 -31.53 37.30 1.81
CA LYS K 506 -30.16 37.74 2.13
C LYS K 506 -30.17 39.06 2.91
N GLY K 507 -31.25 39.83 2.80
CA GLY K 507 -31.27 41.20 3.34
C GLY K 507 -30.29 42.02 2.52
N PHE K 508 -30.21 41.69 1.23
CA PHE K 508 -29.29 42.35 0.30
C PHE K 508 -29.50 43.87 0.22
N GLY K 509 -28.39 44.60 0.32
CA GLY K 509 -28.44 46.05 0.12
C GLY K 509 -28.35 46.95 1.34
N VAL K 510 -28.63 46.42 2.53
CA VAL K 510 -28.48 47.21 3.75
C VAL K 510 -27.04 47.75 3.92
N ARG K 511 -26.06 46.88 3.81
CA ARG K 511 -24.65 47.25 4.03
C ARG K 511 -24.08 48.08 2.89
N LEU K 512 -24.52 47.75 1.67
CA LEU K 512 -24.21 48.52 0.46
C LEU K 512 -24.68 49.95 0.64
N LEU K 513 -25.93 50.11 1.07
CA LEU K 513 -26.48 51.46 1.17
C LEU K 513 -25.82 52.23 2.34
N THR K 514 -25.57 51.55 3.44
CA THR K 514 -24.98 52.18 4.60
C THR K 514 -23.54 52.55 4.28
N GLU K 515 -22.78 51.68 3.60
CA GLU K 515 -21.41 52.10 3.19
C GLU K 515 -21.43 53.33 2.24
N PHE K 516 -22.41 53.39 1.34
CA PHE K 516 -22.61 54.56 0.49
C PHE K 516 -22.81 55.89 1.31
N VAL K 517 -23.72 55.83 2.27
CA VAL K 517 -24.03 56.99 3.10
C VAL K 517 -22.83 57.40 3.99
N LEU K 518 -22.25 56.43 4.69
CA LEU K 518 -21.16 56.65 5.60
C LEU K 518 -19.93 57.16 4.90
N ASN K 519 -19.64 56.60 3.73
CA ASN K 519 -18.33 56.84 3.16
C ASN K 519 -18.25 57.97 2.14
N ASP K 520 -19.34 58.75 2.00
CA ASP K 520 -19.23 60.14 1.49
C ASP K 520 -18.25 60.93 2.37
N SER L 3 -76.39 57.69 -12.92
CA SER L 3 -75.34 57.61 -13.95
C SER L 3 -74.03 58.11 -13.38
N GLU L 4 -73.90 58.12 -12.06
CA GLU L 4 -72.64 58.45 -11.40
C GLU L 4 -71.68 57.27 -11.57
N VAL L 5 -70.50 57.55 -12.10
CA VAL L 5 -69.46 56.50 -12.26
C VAL L 5 -68.81 56.21 -10.91
N PRO L 6 -68.84 54.95 -10.42
CA PRO L 6 -68.09 54.72 -9.16
C PRO L 6 -66.58 54.83 -9.39
N GLN L 7 -65.85 55.23 -8.34
CA GLN L 7 -64.39 55.38 -8.37
C GLN L 7 -63.83 54.60 -7.19
N VAL L 8 -62.61 54.09 -7.33
CA VAL L 8 -61.97 53.43 -6.19
C VAL L 8 -61.19 54.54 -5.47
N VAL L 9 -60.49 55.37 -6.24
CA VAL L 9 -59.78 56.49 -5.68
C VAL L 9 -60.30 57.72 -6.42
N SER L 10 -60.09 58.90 -5.84
CA SER L 10 -60.54 60.19 -6.42
C SER L 10 -59.88 60.57 -7.77
N LEU L 11 -58.74 59.95 -8.07
CA LEU L 11 -58.08 60.10 -9.37
C LEU L 11 -58.70 59.28 -10.50
N ASP L 12 -59.60 58.34 -10.19
CA ASP L 12 -60.29 57.54 -11.23
C ASP L 12 -61.21 58.43 -12.07
N PRO L 13 -61.08 58.38 -13.39
CA PRO L 13 -61.83 59.25 -14.34
C PRO L 13 -63.30 58.94 -14.25
N THR L 14 -64.16 59.91 -14.52
CA THR L 14 -65.59 59.65 -14.38
C THR L 14 -66.38 59.84 -15.68
N SER L 15 -65.68 60.03 -16.79
CA SER L 15 -66.30 60.08 -18.11
C SER L 15 -65.26 59.79 -19.16
N ILE L 16 -65.72 59.42 -20.36
CA ILE L 16 -64.84 59.25 -21.49
C ILE L 16 -64.64 60.61 -22.15
N PRO L 17 -63.38 61.07 -22.32
CA PRO L 17 -63.27 62.32 -23.13
C PRO L 17 -63.60 62.02 -24.59
N ILE L 18 -64.29 62.94 -25.26
CA ILE L 18 -64.71 62.74 -26.63
C ILE L 18 -64.60 64.06 -27.39
N GLU L 19 -63.84 64.04 -28.50
CA GLU L 19 -63.76 65.20 -29.38
C GLU L 19 -64.85 65.09 -30.43
N TYR L 20 -65.76 66.07 -30.48
CA TYR L 20 -66.78 66.13 -31.53
C TYR L 20 -66.37 67.05 -32.68
N ASN L 21 -65.91 68.25 -32.36
CA ASN L 21 -65.49 69.22 -33.37
CA ASN L 21 -65.50 69.18 -33.42
C ASN L 21 -64.01 69.01 -33.71
N THR L 22 -63.69 68.23 -34.72
CA THR L 22 -62.30 67.92 -34.99
C THR L 22 -61.78 68.82 -36.11
N PRO L 23 -60.44 68.87 -36.28
CA PRO L 23 -59.82 69.69 -37.32
C PRO L 23 -60.26 69.32 -38.75
N ILE L 24 -60.54 68.04 -38.97
CA ILE L 24 -61.19 67.60 -40.23
C ILE L 24 -62.48 68.41 -40.57
N HIS L 25 -63.34 68.63 -39.59
CA HIS L 25 -64.54 69.41 -39.79
C HIS L 25 -64.28 70.85 -40.26
N ASP L 26 -63.04 71.34 -40.12
CA ASP L 26 -62.67 72.68 -40.60
C ASP L 26 -62.10 72.69 -42.03
N ILE L 27 -61.93 71.53 -42.63
CA ILE L 27 -61.33 71.49 -43.96
C ILE L 27 -62.37 71.83 -45.03
N LYS L 28 -62.11 72.86 -45.81
CA LYS L 28 -62.99 73.22 -46.92
C LYS L 28 -62.59 72.41 -48.16
N VAL L 29 -63.56 71.67 -48.72
CA VAL L 29 -63.30 70.76 -49.82
C VAL L 29 -63.93 71.24 -51.12
N GLN L 30 -63.15 71.28 -52.21
CA GLN L 30 -63.67 71.62 -53.55
C GLN L 30 -63.31 70.58 -54.57
N VAL L 31 -64.29 70.17 -55.37
CA VAL L 31 -64.06 69.17 -56.40
C VAL L 31 -64.15 69.83 -57.80
N TYR L 32 -63.10 69.65 -58.60
CA TYR L 32 -62.94 70.32 -59.89
C TYR L 32 -62.78 69.31 -61.00
N ASP L 33 -63.16 69.71 -62.22
CA ASP L 33 -62.99 68.85 -63.38
C ASP L 33 -61.56 68.85 -63.82
N ILE L 34 -61.05 67.65 -64.07
CA ILE L 34 -59.70 67.49 -64.59
C ILE L 34 -59.55 68.15 -65.97
N LYS L 35 -60.67 68.29 -66.69
CA LYS L 35 -60.70 68.89 -68.03
C LYS L 35 -60.17 70.31 -68.08
N GLY L 36 -60.39 71.08 -67.01
CA GLY L 36 -59.95 72.48 -66.96
C GLY L 36 -58.44 72.69 -66.94
N GLY L 37 -57.70 71.63 -66.58
CA GLY L 37 -56.29 71.73 -66.19
C GLY L 37 -56.27 71.98 -64.69
N CYS L 38 -55.11 71.84 -64.07
CA CYS L 38 -54.97 72.06 -62.64
C CYS L 38 -54.20 73.32 -62.34
N ASN L 39 -54.71 74.08 -61.36
CA ASN L 39 -54.03 75.24 -60.80
C ASN L 39 -53.15 74.83 -59.64
N VAL L 40 -51.88 75.24 -59.68
CA VAL L 40 -50.90 74.93 -58.66
C VAL L 40 -50.37 76.26 -58.12
N GLU L 41 -50.89 76.68 -56.99
CA GLU L 41 -50.62 78.01 -56.53
C GLU L 41 -50.18 78.04 -55.10
N GLU L 42 -50.62 77.04 -54.34
CA GLU L 42 -50.35 77.01 -52.91
C GLU L 42 -50.31 75.58 -52.42
N GLY L 43 -49.63 75.37 -51.32
CA GLY L 43 -49.67 74.09 -50.65
C GLY L 43 -49.04 72.99 -51.47
N LEU L 44 -49.52 71.79 -51.24
CA LEU L 44 -48.99 70.59 -51.84
C LEU L 44 -50.00 69.99 -52.82
N THR L 45 -49.53 69.63 -54.01
CA THR L 45 -50.36 68.98 -55.04
C THR L 45 -49.81 67.59 -55.31
N ILE L 46 -50.68 66.60 -55.13
CA ILE L 46 -50.33 65.21 -55.34
C ILE L 46 -51.15 64.61 -56.47
N PHE L 47 -50.44 64.00 -57.42
CA PHE L 47 -51.06 63.27 -58.51
C PHE L 47 -51.13 61.81 -58.16
N LEU L 48 -52.28 61.21 -58.37
CA LEU L 48 -52.41 59.78 -58.16
C LEU L 48 -52.24 59.12 -59.50
N VAL L 49 -51.14 58.38 -59.63
CA VAL L 49 -50.72 57.89 -60.94
C VAL L 49 -50.48 56.38 -60.95
N ASN L 50 -50.90 55.73 -62.04
CA ASN L 50 -50.63 54.30 -62.24
C ASN L 50 -49.91 54.09 -63.58
N ASN L 51 -49.53 52.84 -63.87
CA ASN L 51 -48.92 52.49 -65.15
C ASN L 51 -49.39 51.06 -65.50
N PRO L 52 -50.52 50.94 -66.24
CA PRO L 52 -50.98 49.59 -66.61
C PRO L 52 -50.02 48.85 -67.56
N GLY L 53 -49.30 49.59 -68.41
CA GLY L 53 -48.32 49.01 -69.35
C GLY L 53 -47.07 48.33 -68.79
N LYS L 54 -46.67 48.69 -67.58
CA LYS L 54 -45.45 48.15 -66.95
C LYS L 54 -45.52 48.10 -65.41
N GLU L 55 -45.38 46.89 -64.89
CA GLU L 55 -45.31 46.65 -63.45
C GLU L 55 -44.15 47.49 -62.93
N ASN L 56 -44.47 48.40 -62.01
CA ASN L 56 -43.50 49.35 -61.45
C ASN L 56 -42.79 50.20 -62.52
N GLY L 57 -43.56 50.52 -63.55
CA GLY L 57 -43.10 51.39 -64.61
C GLY L 57 -42.91 52.84 -64.17
N PRO L 58 -42.43 53.68 -65.09
CA PRO L 58 -42.19 55.10 -64.80
C PRO L 58 -43.48 55.82 -64.52
N VAL L 59 -43.38 56.90 -63.75
CA VAL L 59 -44.50 57.82 -63.56
C VAL L 59 -44.53 58.66 -64.82
N LYS L 60 -45.72 58.82 -65.41
CA LYS L 60 -45.93 59.77 -66.49
C LYS L 60 -47.17 60.57 -66.10
N ILE L 61 -47.05 61.90 -66.09
CA ILE L 61 -48.18 62.73 -65.65
C ILE L 61 -49.00 63.29 -66.81
N SER L 62 -50.29 62.98 -66.77
CA SER L 62 -51.25 63.26 -67.84
C SER L 62 -51.81 64.68 -67.93
N SER L 63 -52.23 65.25 -66.80
CA SER L 63 -52.97 66.53 -66.74
C SER L 63 -52.17 67.77 -67.08
N LYS L 64 -52.86 68.80 -67.58
CA LYS L 64 -52.29 70.14 -67.74
C LYS L 64 -52.24 70.89 -66.42
N VAL L 65 -51.12 71.51 -66.13
CA VAL L 65 -51.05 72.37 -64.96
C VAL L 65 -50.79 73.75 -65.48
N ASN L 66 -51.47 74.72 -64.89
CA ASN L 66 -51.48 76.06 -65.42
C ASN L 66 -50.35 76.91 -64.80
N ASP L 67 -49.20 76.28 -64.58
CA ASP L 67 -48.03 76.93 -64.03
C ASP L 67 -46.80 76.42 -64.78
N LYS L 68 -46.02 77.34 -65.34
CA LYS L 68 -44.89 76.99 -66.21
C LYS L 68 -43.78 76.25 -65.48
N GLN L 69 -43.40 76.70 -64.28
CA GLN L 69 -42.34 76.01 -63.51
C GLN L 69 -42.72 74.57 -63.13
N VAL L 70 -43.93 74.39 -62.61
CA VAL L 70 -44.40 73.07 -62.20
C VAL L 70 -44.56 72.14 -63.42
N SER L 71 -45.08 72.67 -64.53
CA SER L 71 -45.11 71.93 -65.80
C SER L 71 -43.72 71.43 -66.22
N GLU L 72 -42.70 72.26 -66.02
CA GLU L 72 -41.32 71.83 -66.22
C GLU L 72 -40.96 70.62 -65.34
N PHE L 73 -41.11 70.79 -64.03
CA PHE L 73 -40.91 69.73 -63.08
C PHE L 73 -41.60 68.45 -63.56
N LEU L 74 -42.85 68.60 -64.05
CA LEU L 74 -43.72 67.47 -64.38
C LEU L 74 -43.41 66.77 -65.70
N LYS L 75 -42.32 67.23 -66.34
CA LYS L 75 -41.76 66.67 -67.57
C LYS L 75 -41.66 65.16 -67.55
N ASP L 76 -42.09 64.54 -68.64
CA ASP L 76 -41.93 63.09 -68.82
C ASP L 76 -40.52 62.64 -68.48
N GLU L 77 -39.54 63.43 -68.94
CA GLU L 77 -38.14 63.13 -68.67
C GLU L 77 -37.77 63.12 -67.18
N ASN L 78 -38.35 64.04 -66.41
CA ASN L 78 -38.06 64.10 -64.99
C ASN L 78 -38.83 63.03 -64.23
N MET L 79 -40.07 62.80 -64.64
CA MET L 79 -40.98 61.92 -63.89
C MET L 79 -40.62 60.43 -64.02
N GLU L 80 -39.96 60.09 -65.12
CA GLU L 80 -39.60 58.70 -65.41
C GLU L 80 -38.54 58.14 -64.45
N LYS L 81 -37.79 58.99 -63.77
CA LYS L 81 -36.82 58.51 -62.76
C LYS L 81 -37.53 58.01 -61.49
N PHE L 82 -38.83 58.25 -61.44
CA PHE L 82 -39.70 57.73 -60.41
C PHE L 82 -40.62 56.63 -60.92
N ASN L 83 -41.06 55.76 -60.02
CA ASN L 83 -41.87 54.62 -60.41
C ASN L 83 -43.20 54.52 -59.66
N VAL L 84 -44.03 53.61 -60.13
CA VAL L 84 -45.47 53.61 -59.88
C VAL L 84 -45.85 52.54 -58.84
N LYS L 85 -44.84 51.83 -58.34
CA LYS L 85 -45.06 50.78 -57.32
C LYS L 85 -46.03 51.23 -56.23
N LEU L 86 -47.09 50.46 -55.98
CA LEU L 86 -48.19 50.89 -55.07
C LEU L 86 -47.65 51.47 -53.75
N GLY L 87 -47.99 52.72 -53.48
CA GLY L 87 -47.61 53.36 -52.26
C GLY L 87 -46.32 54.15 -52.30
N THR L 88 -45.54 54.02 -53.36
CA THR L 88 -44.31 54.81 -53.50
C THR L 88 -44.72 56.25 -53.75
N SER L 89 -43.97 57.18 -53.17
CA SER L 89 -44.24 58.59 -53.35
C SER L 89 -42.95 59.39 -53.29
N LYS L 90 -43.01 60.56 -53.92
CA LYS L 90 -41.95 61.53 -53.88
C LYS L 90 -42.66 62.87 -53.99
N HIS L 91 -42.08 63.90 -53.36
CA HIS L 91 -42.58 65.25 -53.50
C HIS L 91 -41.45 66.23 -53.22
N PHE L 92 -41.49 67.34 -53.94
CA PHE L 92 -40.43 68.30 -53.93
C PHE L 92 -41.05 69.65 -53.71
N TYR L 93 -40.34 70.47 -52.93
CA TYR L 93 -40.64 71.90 -52.85
C TYR L 93 -39.93 72.66 -53.94
N MET L 94 -40.65 73.61 -54.53
CA MET L 94 -40.08 74.41 -55.60
C MET L 94 -40.79 75.75 -55.55
N PHE L 95 -40.38 76.69 -56.40
CA PHE L 95 -41.07 77.97 -56.55
C PHE L 95 -41.87 77.99 -57.84
N ASN L 96 -43.13 78.40 -57.78
CA ASN L 96 -44.01 78.42 -58.96
C ASN L 96 -43.80 79.67 -59.82
N ASP L 97 -44.77 80.03 -60.65
CA ASP L 97 -44.65 81.19 -61.56
C ASP L 97 -44.62 82.52 -60.80
N ASN L 98 -45.34 82.61 -59.70
CA ASN L 98 -45.35 83.86 -58.97
C ASN L 98 -44.37 83.88 -57.80
N LYS L 99 -43.27 83.16 -57.96
CA LYS L 99 -42.24 83.07 -56.95
C LYS L 99 -42.71 82.61 -55.53
N ASN L 100 -43.82 81.90 -55.52
CA ASN L 100 -44.40 81.28 -54.35
C ASN L 100 -43.94 79.80 -54.10
N SER L 101 -43.62 79.47 -52.85
CA SER L 101 -43.26 78.11 -52.49
C SER L 101 -44.46 77.16 -52.59
N VAL L 102 -44.32 76.11 -53.39
CA VAL L 102 -45.34 75.05 -53.53
C VAL L 102 -44.65 73.69 -53.51
N ALA L 103 -45.34 72.64 -53.08
CA ALA L 103 -44.73 71.32 -53.23
C ALA L 103 -45.60 70.47 -54.13
N VAL L 104 -44.93 69.61 -54.89
CA VAL L 104 -45.55 68.81 -55.93
C VAL L 104 -44.92 67.41 -55.86
N GLY L 105 -45.79 66.41 -56.03
CA GLY L 105 -45.40 65.01 -56.00
C GLY L 105 -46.50 64.10 -56.50
N TYR L 106 -46.30 62.81 -56.22
CA TYR L 106 -47.19 61.76 -56.70
C TYR L 106 -47.27 60.64 -55.64
N VAL L 107 -48.35 59.87 -55.70
CA VAL L 107 -48.38 58.57 -55.06
C VAL L 107 -48.67 57.51 -56.13
N GLY L 108 -47.85 56.46 -56.14
CA GLY L 108 -47.99 55.37 -57.09
C GLY L 108 -49.21 54.53 -56.79
N CYS L 109 -49.94 54.24 -57.86
CA CYS L 109 -51.11 53.39 -57.77
C CYS L 109 -50.92 52.05 -58.51
N GLY L 110 -49.68 51.68 -58.81
CA GLY L 110 -49.38 50.34 -59.31
C GLY L 110 -49.82 50.15 -60.74
N SER L 111 -50.16 48.92 -61.08
CA SER L 111 -50.49 48.58 -62.46
C SER L 111 -51.88 48.01 -62.67
N VAL L 112 -52.65 47.81 -61.61
CA VAL L 112 -53.98 47.28 -61.78
C VAL L 112 -54.86 48.52 -61.91
N ALA L 113 -55.71 48.57 -62.94
CA ALA L 113 -56.57 49.73 -63.19
C ALA L 113 -57.74 49.90 -62.23
N ASP L 114 -58.09 48.83 -61.49
CA ASP L 114 -59.09 48.93 -60.40
C ASP L 114 -58.46 48.59 -59.04
N LEU L 115 -58.42 49.59 -58.18
CA LEU L 115 -57.79 49.45 -56.89
C LEU L 115 -58.75 48.79 -55.96
N SER L 116 -58.27 47.82 -55.18
CA SER L 116 -59.09 47.29 -54.13
C SER L 116 -59.18 48.35 -53.00
N GLU L 117 -60.11 48.15 -52.09
CA GLU L 117 -60.13 48.90 -50.86
C GLU L 117 -58.75 48.83 -50.13
N ALA L 118 -58.12 47.66 -50.12
CA ALA L 118 -56.80 47.49 -49.48
C ALA L 118 -55.73 48.33 -50.19
N ASP L 119 -55.74 48.35 -51.51
CA ASP L 119 -54.79 49.18 -52.28
C ASP L 119 -55.03 50.68 -52.09
N MET L 120 -56.30 51.07 -52.01
CA MET L 120 -56.64 52.49 -51.79
C MET L 120 -56.15 52.94 -50.40
N LYS L 121 -56.27 52.06 -49.40
CA LYS L 121 -55.74 52.37 -48.09
C LYS L 121 -54.25 52.63 -48.17
N ARG L 122 -53.52 51.85 -48.96
CA ARG L 122 -52.06 52.08 -49.10
C ARG L 122 -51.74 53.42 -49.74
N VAL L 123 -52.54 53.79 -50.73
CA VAL L 123 -52.40 55.08 -51.36
C VAL L 123 -52.56 56.19 -50.31
N VAL L 124 -53.68 56.15 -49.56
CA VAL L 124 -53.98 57.14 -48.57
C VAL L 124 -52.90 57.22 -47.48
N LEU L 125 -52.38 56.07 -47.01
CA LEU L 125 -51.31 56.07 -46.02
C LEU L 125 -50.08 56.87 -46.49
N SER L 126 -49.64 56.61 -47.71
CA SER L 126 -48.53 57.36 -48.25
C SER L 126 -48.85 58.89 -48.30
N LEU L 127 -50.06 59.24 -48.74
CA LEU L 127 -50.52 60.62 -48.71
C LEU L 127 -50.50 61.22 -47.29
N VAL L 128 -50.92 60.44 -46.28
CA VAL L 128 -51.02 60.94 -44.90
C VAL L 128 -49.61 61.12 -44.33
N THR L 129 -48.70 60.23 -44.68
CA THR L 129 -47.30 60.41 -44.33
C THR L 129 -46.79 61.79 -44.74
N MET L 130 -47.10 62.22 -45.95
CA MET L 130 -46.67 63.54 -46.37
C MET L 130 -47.36 64.64 -45.58
N LEU L 131 -48.65 64.49 -45.36
CA LEU L 131 -49.38 65.54 -44.62
C LEU L 131 -48.85 65.68 -43.21
N HIS L 132 -48.51 64.56 -42.58
CA HIS L 132 -47.97 64.54 -41.23
C HIS L 132 -46.59 65.18 -41.15
N ASP L 133 -45.88 65.18 -42.26
CA ASP L 133 -44.54 65.75 -42.28
C ASP L 133 -44.50 67.19 -42.83
N ASN L 134 -45.65 67.75 -43.16
CA ASN L 134 -45.67 69.09 -43.77
C ASN L 134 -46.66 70.09 -43.19
N LYS L 135 -46.25 71.34 -43.13
CA LYS L 135 -47.12 72.46 -42.75
C LYS L 135 -47.67 73.02 -44.02
N LEU L 136 -48.91 72.71 -44.31
CA LEU L 136 -49.54 73.04 -45.57
C LEU L 136 -50.85 73.69 -45.18
N SER L 137 -51.34 74.64 -45.97
CA SER L 137 -52.69 75.11 -45.70
C SER L 137 -53.65 74.45 -46.63
N LYS L 138 -53.14 74.08 -47.80
CA LYS L 138 -53.91 73.38 -48.81
C LYS L 138 -53.24 72.11 -49.36
N LEU L 139 -54.04 71.07 -49.52
CA LEU L 139 -53.70 69.89 -50.31
C LEU L 139 -54.62 69.83 -51.51
N THR L 140 -54.03 69.66 -52.69
CA THR L 140 -54.80 69.34 -53.87
C THR L 140 -54.45 67.90 -54.27
N VAL L 141 -55.47 67.09 -54.57
CA VAL L 141 -55.24 65.73 -55.06
C VAL L 141 -55.79 65.59 -56.48
N VAL L 142 -54.92 65.20 -57.43
CA VAL L 142 -55.32 64.97 -58.82
C VAL L 142 -55.40 63.47 -59.14
N PHE L 143 -56.61 63.04 -59.48
CA PHE L 143 -56.86 61.63 -59.77
C PHE L 143 -56.60 61.33 -61.22
N GLU L 144 -55.48 60.67 -61.52
CA GLU L 144 -55.19 60.20 -62.89
C GLU L 144 -55.30 58.69 -62.96
N ILE L 145 -56.31 58.20 -62.23
CA ILE L 145 -56.71 56.83 -62.14
C ILE L 145 -58.24 56.91 -62.14
N ASN L 146 -58.94 55.85 -62.49
CA ASN L 146 -60.41 55.88 -62.37
C ASN L 146 -60.91 55.24 -61.08
N VAL L 147 -61.86 55.91 -60.46
CA VAL L 147 -62.46 55.38 -59.24
C VAL L 147 -63.95 55.57 -59.29
N ASP L 148 -64.62 54.58 -58.73
CA ASP L 148 -66.03 54.57 -58.40
C ASP L 148 -66.44 55.78 -57.58
N LYS L 149 -67.74 56.10 -57.54
CA LYS L 149 -68.25 57.02 -56.54
C LYS L 149 -68.02 56.51 -55.11
N ASN L 150 -68.32 55.23 -54.87
CA ASN L 150 -68.14 54.65 -53.56
C ASN L 150 -66.69 54.63 -53.19
N LEU L 151 -65.83 54.39 -54.17
CA LEU L 151 -64.42 54.33 -53.89
C LEU L 151 -63.85 55.73 -53.66
N PHE L 152 -64.39 56.72 -54.39
CA PHE L 152 -64.04 58.09 -54.14
C PHE L 152 -64.38 58.53 -52.72
N ARG L 153 -65.62 58.27 -52.30
CA ARG L 153 -66.01 58.51 -50.95
C ARG L 153 -65.10 57.79 -49.95
N PHE L 154 -64.80 56.51 -50.22
CA PHE L 154 -63.89 55.71 -49.35
C PHE L 154 -62.55 56.38 -49.22
N PHE L 155 -62.04 56.92 -50.34
CA PHE L 155 -60.75 57.62 -50.36
C PHE L 155 -60.78 58.79 -49.35
N LEU L 156 -61.81 59.64 -49.44
CA LEU L 156 -61.99 60.79 -48.56
C LEU L 156 -62.08 60.38 -47.07
N GLU L 157 -62.96 59.44 -46.79
CA GLU L 157 -63.22 58.92 -45.43
C GLU L 157 -61.95 58.44 -44.82
N THR L 158 -61.18 57.68 -45.62
CA THR L 158 -59.96 57.05 -45.18
C THR L 158 -58.92 58.13 -44.92
N LEU L 159 -58.88 59.11 -45.83
CA LEU L 159 -57.96 60.23 -45.69
C LEU L 159 -58.19 61.00 -44.39
N PHE L 160 -59.46 61.36 -44.15
CA PHE L 160 -59.85 62.13 -42.97
C PHE L 160 -59.54 61.29 -41.72
N TYR L 161 -60.00 60.04 -41.75
CA TYR L 161 -59.79 59.16 -40.62
C TYR L 161 -58.29 58.99 -40.30
N GLU L 162 -57.46 58.71 -41.31
CA GLU L 162 -56.04 58.40 -41.02
C GLU L 162 -55.27 59.69 -40.67
N TYR L 163 -55.70 60.80 -41.24
CA TYR L 163 -55.11 62.10 -40.99
C TYR L 163 -55.31 62.55 -39.55
N MET L 164 -56.52 62.29 -39.02
CA MET L 164 -56.87 62.70 -37.67
C MET L 164 -55.99 62.00 -36.60
N THR L 165 -55.39 62.73 -35.67
CA THR L 165 -54.65 62.09 -34.58
C THR L 165 -55.36 62.30 -33.23
N ASP L 166 -55.52 61.22 -32.48
CA ASP L 166 -56.30 61.21 -31.22
C ASP L 166 -55.33 61.50 -30.07
N GLU L 167 -55.40 62.74 -29.53
CA GLU L 167 -54.47 63.20 -28.50
C GLU L 167 -55.09 63.38 -27.14
N ARG L 168 -56.27 62.80 -26.96
CA ARG L 168 -57.03 62.93 -25.74
C ARG L 168 -56.30 62.56 -24.49
N PHE L 169 -55.44 61.53 -24.55
CA PHE L 169 -54.73 61.05 -23.35
C PHE L 169 -53.31 61.53 -23.24
N LYS L 170 -52.91 62.44 -24.13
CA LYS L 170 -51.57 63.06 -24.11
C LYS L 170 -51.67 64.22 -23.16
N SER L 171 -50.61 64.51 -22.41
CA SER L 171 -50.60 65.60 -21.43
C SER L 171 -50.25 66.90 -22.11
N GLU L 179 -49.22 71.58 -39.48
CA GLU L 179 -50.52 71.54 -38.82
C GLU L 179 -51.61 71.20 -39.81
N TYR L 180 -52.88 71.19 -39.35
CA TYR L 180 -53.97 70.75 -40.22
C TYR L 180 -54.26 71.67 -41.40
N ILE L 181 -54.27 71.10 -42.61
CA ILE L 181 -54.72 71.85 -43.79
C ILE L 181 -56.10 72.44 -43.49
N LYS L 182 -56.38 73.57 -44.10
CA LYS L 182 -57.67 74.23 -44.02
C LYS L 182 -58.48 74.01 -45.32
N HIS L 183 -57.79 73.57 -46.38
CA HIS L 183 -58.43 73.30 -47.69
C HIS L 183 -57.98 72.01 -48.35
N LEU L 184 -58.94 71.33 -48.97
CA LEU L 184 -58.66 70.17 -49.79
C LEU L 184 -59.28 70.46 -51.16
N GLY L 185 -58.46 70.44 -52.20
CA GLY L 185 -58.96 70.49 -53.58
C GLY L 185 -58.82 69.12 -54.22
N VAL L 186 -59.81 68.74 -55.05
CA VAL L 186 -59.78 67.43 -55.76
C VAL L 186 -59.99 67.60 -57.28
N TYR L 187 -59.06 67.06 -58.08
CA TYR L 187 -59.21 67.07 -59.54
C TYR L 187 -59.50 65.67 -60.02
N ILE L 188 -60.65 65.55 -60.67
CA ILE L 188 -61.16 64.25 -61.09
C ILE L 188 -62.00 64.44 -62.32
N ASN L 189 -61.97 63.44 -63.18
CA ASN L 189 -62.81 63.50 -64.33
C ASN L 189 -64.27 63.33 -63.93
N ASN L 190 -65.15 64.06 -64.61
CA ASN L 190 -66.59 64.01 -64.33
C ASN L 190 -66.87 64.43 -62.93
N ALA L 191 -66.18 65.48 -62.49
CA ALA L 191 -66.29 66.05 -61.14
C ALA L 191 -67.70 66.16 -60.55
N ASP L 192 -68.67 66.63 -61.34
CA ASP L 192 -70.02 66.88 -60.80
C ASP L 192 -70.67 65.67 -60.13
N THR L 193 -70.42 64.48 -60.68
CA THR L 193 -70.99 63.25 -60.14
C THR L 193 -70.29 62.74 -58.88
N TYR L 194 -69.23 63.41 -58.43
CA TYR L 194 -68.52 63.01 -57.19
C TYR L 194 -68.79 63.96 -56.04
N LYS L 195 -69.31 65.14 -56.37
CA LYS L 195 -69.64 66.18 -55.39
C LYS L 195 -70.46 65.74 -54.19
N GLU L 196 -71.52 64.98 -54.43
CA GLU L 196 -72.38 64.50 -53.36
C GLU L 196 -71.68 63.60 -52.33
N GLU L 197 -70.54 63.08 -52.73
CA GLU L 197 -69.81 62.11 -51.90
C GLU L 197 -69.06 62.79 -50.74
N VAL L 198 -68.81 64.10 -50.88
CA VAL L 198 -67.95 64.85 -49.95
C VAL L 198 -68.53 64.93 -48.56
N GLU L 199 -69.74 65.50 -48.39
CA GLU L 199 -70.31 65.65 -47.04
C GLU L 199 -70.74 64.31 -46.42
N LYS L 200 -71.15 63.38 -47.28
CA LYS L 200 -71.37 62.01 -46.83
C LYS L 200 -70.05 61.39 -46.28
N ALA L 201 -68.94 61.51 -47.01
CA ALA L 201 -67.61 61.09 -46.50
C ALA L 201 -67.31 61.70 -45.14
N ARG L 202 -67.63 62.99 -44.97
CA ARG L 202 -67.37 63.72 -43.74
C ARG L 202 -68.19 63.14 -42.58
N VAL L 203 -69.42 62.71 -42.87
CA VAL L 203 -70.27 62.13 -41.85
C VAL L 203 -69.69 60.73 -41.53
N TYR L 204 -69.40 59.94 -42.55
CA TYR L 204 -68.89 58.59 -42.32
C TYR L 204 -67.55 58.63 -41.59
N TYR L 205 -66.72 59.62 -41.88
CA TYR L 205 -65.46 59.78 -41.11
C TYR L 205 -65.76 59.98 -39.62
N PHE L 206 -66.69 60.88 -39.30
CA PHE L 206 -66.89 61.13 -37.90
C PHE L 206 -67.51 59.95 -37.19
N GLY L 207 -68.46 59.27 -37.85
CA GLY L 207 -69.01 58.05 -37.27
C GLY L 207 -67.93 57.03 -36.91
N THR L 208 -66.96 56.87 -37.82
CA THR L 208 -65.93 55.86 -37.58
C THR L 208 -64.87 56.36 -36.59
N TYR L 209 -64.58 57.66 -36.63
CA TYR L 209 -63.70 58.31 -35.64
C TYR L 209 -64.34 58.30 -34.25
N TYR L 210 -65.65 58.58 -34.20
CA TYR L 210 -66.35 58.45 -32.95
C TYR L 210 -66.19 57.03 -32.38
N ALA L 211 -66.47 56.00 -33.18
CA ALA L 211 -66.36 54.61 -32.74
C ALA L 211 -64.92 54.31 -32.21
N SER L 212 -63.93 54.78 -32.95
CA SER L 212 -62.51 54.70 -32.58
C SER L 212 -62.16 55.32 -31.22
N GLN L 213 -62.70 56.51 -30.94
CA GLN L 213 -62.47 57.18 -29.69
C GLN L 213 -62.97 56.30 -28.53
N LEU L 214 -64.13 55.69 -28.71
CA LEU L 214 -64.73 54.90 -27.64
C LEU L 214 -63.87 53.64 -27.44
N ILE L 215 -63.43 53.05 -28.55
CA ILE L 215 -62.68 51.79 -28.52
C ILE L 215 -61.30 52.02 -27.90
N ALA L 216 -60.65 53.10 -28.34
CA ALA L 216 -59.30 53.47 -27.87
C ALA L 216 -59.31 53.91 -26.42
N ALA L 217 -60.42 54.53 -25.97
CA ALA L 217 -60.57 54.86 -24.55
C ALA L 217 -60.29 53.61 -23.67
N PRO L 218 -59.31 53.68 -22.76
CA PRO L 218 -59.01 52.47 -21.95
C PRO L 218 -60.13 52.18 -20.97
N SER L 219 -60.08 50.98 -20.39
CA SER L 219 -61.16 50.50 -19.54
C SER L 219 -61.43 51.25 -18.25
N ASN L 220 -60.44 51.97 -17.70
CA ASN L 220 -60.70 52.88 -16.57
C ASN L 220 -61.50 54.13 -16.98
N TYR L 221 -61.29 54.64 -18.19
CA TYR L 221 -62.14 55.73 -18.67
C TYR L 221 -63.50 55.23 -19.18
N CYS L 222 -63.46 54.20 -20.01
CA CYS L 222 -64.63 53.66 -20.69
C CYS L 222 -65.08 52.39 -19.94
N ASN L 223 -66.14 52.52 -19.16
CA ASN L 223 -66.69 51.45 -18.38
C ASN L 223 -68.20 51.45 -18.68
N PRO L 224 -68.95 50.50 -18.13
CA PRO L 224 -70.37 50.42 -18.51
C PRO L 224 -71.19 51.69 -18.14
N VAL L 225 -70.85 52.35 -17.05
CA VAL L 225 -71.51 53.61 -16.67
C VAL L 225 -71.08 54.76 -17.63
N SER L 226 -69.78 55.06 -17.68
CA SER L 226 -69.31 56.15 -18.59
C SER L 226 -69.73 55.96 -20.06
N LEU L 227 -69.77 54.70 -20.56
CA LEU L 227 -70.14 54.41 -21.96
C LEU L 227 -71.62 54.64 -22.25
N SER L 228 -72.49 54.19 -21.32
CA SER L 228 -73.92 54.41 -21.49
C SER L 228 -74.20 55.86 -21.27
N ASN L 229 -73.44 56.52 -20.36
CA ASN L 229 -73.51 58.00 -20.24
C ASN L 229 -73.19 58.69 -21.57
N ALA L 230 -72.15 58.20 -22.25
CA ALA L 230 -71.76 58.78 -23.54
C ALA L 230 -72.83 58.55 -24.66
N ALA L 231 -73.41 57.38 -24.68
CA ALA L 231 -74.49 57.12 -25.63
C ALA L 231 -75.69 58.06 -25.41
N VAL L 232 -76.02 58.33 -24.16
CA VAL L 232 -77.12 59.27 -23.83
C VAL L 232 -76.82 60.64 -24.43
N GLU L 233 -75.59 61.09 -24.23
CA GLU L 233 -75.17 62.43 -24.71
C GLU L 233 -75.21 62.48 -26.23
N LEU L 234 -74.78 61.39 -26.87
CA LEU L 234 -74.88 61.27 -28.32
C LEU L 234 -76.37 61.37 -28.75
N ALA L 235 -77.25 60.64 -28.07
CA ALA L 235 -78.66 60.59 -28.49
C ALA L 235 -79.30 61.95 -28.32
N GLN L 236 -78.87 62.64 -27.26
CA GLN L 236 -79.33 63.99 -26.97
C GLN L 236 -78.87 64.96 -28.02
N LYS L 237 -77.62 64.84 -28.47
CA LYS L 237 -77.13 65.69 -29.54
C LYS L 237 -77.84 65.45 -30.90
N LEU L 238 -78.22 64.20 -31.17
CA LEU L 238 -78.88 63.84 -32.43
C LEU L 238 -80.43 63.88 -32.37
N ASN L 239 -80.99 64.25 -31.21
CA ASN L 239 -82.44 64.21 -31.00
C ASN L 239 -82.99 62.79 -31.18
N LEU L 240 -82.21 61.77 -30.80
CA LEU L 240 -82.67 60.40 -30.85
C LEU L 240 -83.40 60.07 -29.57
N GLU L 241 -84.46 59.28 -29.64
CA GLU L 241 -84.98 58.66 -28.43
C GLU L 241 -83.92 57.75 -27.81
N TYR L 242 -83.94 57.65 -26.49
CA TYR L 242 -82.99 56.82 -25.76
C TYR L 242 -83.60 56.40 -24.44
N LYS L 243 -83.10 55.27 -23.97
CA LYS L 243 -83.51 54.59 -22.76
C LYS L 243 -82.23 53.82 -22.32
N ILE L 244 -81.83 53.98 -21.06
CA ILE L 244 -80.79 53.15 -20.47
C ILE L 244 -81.40 52.26 -19.38
N LEU L 245 -81.29 50.94 -19.53
CA LEU L 245 -81.89 50.04 -18.57
C LEU L 245 -80.83 49.69 -17.52
N GLY L 246 -81.21 49.86 -16.26
CA GLY L 246 -80.35 49.56 -15.12
C GLY L 246 -80.62 48.18 -14.52
N VAL L 247 -79.83 47.81 -13.52
CA VAL L 247 -79.90 46.47 -12.96
C VAL L 247 -81.33 46.09 -12.46
N LYS L 248 -82.04 47.01 -11.79
CA LYS L 248 -83.35 46.67 -11.28
C LYS L 248 -84.27 46.25 -12.44
N GLU L 249 -84.23 46.99 -13.55
CA GLU L 249 -85.08 46.70 -14.70
C GLU L 249 -84.59 45.43 -15.41
N LEU L 250 -83.27 45.23 -15.47
CA LEU L 250 -82.69 44.05 -16.08
C LEU L 250 -83.06 42.78 -15.29
N GLU L 251 -83.13 42.90 -13.98
CA GLU L 251 -83.56 41.80 -13.13
C GLU L 251 -85.01 41.50 -13.45
N GLU L 252 -85.85 42.55 -13.50
CA GLU L 252 -87.30 42.37 -13.78
C GLU L 252 -87.49 41.69 -15.14
N LEU L 253 -86.65 42.05 -16.11
CA LEU L 253 -86.70 41.45 -17.45
C LEU L 253 -86.04 40.04 -17.48
N LYS L 254 -85.62 39.56 -16.31
CA LYS L 254 -84.99 38.24 -16.14
C LYS L 254 -83.78 38.03 -17.07
N MET L 255 -83.03 39.09 -17.30
CA MET L 255 -81.84 38.94 -18.16
C MET L 255 -80.63 38.32 -17.42
N GLY L 256 -80.78 37.07 -17.01
CA GLY L 256 -79.76 36.42 -16.19
C GLY L 256 -78.44 36.01 -16.85
N ALA L 257 -78.43 35.86 -18.17
CA ALA L 257 -77.16 35.58 -18.82
C ALA L 257 -76.33 36.87 -18.85
N TYR L 258 -76.96 37.98 -19.26
CA TYR L 258 -76.27 39.24 -19.28
C TYR L 258 -75.80 39.61 -17.84
N LEU L 259 -76.68 39.44 -16.84
CA LEU L 259 -76.39 39.85 -15.47
C LEU L 259 -75.27 39.05 -14.81
N SER L 260 -75.16 37.76 -15.13
CA SER L 260 -74.11 36.90 -14.56
C SER L 260 -72.74 37.33 -15.00
N VAL L 261 -72.61 37.80 -16.24
CA VAL L 261 -71.31 38.23 -16.76
C VAL L 261 -70.79 39.43 -15.98
N GLY L 262 -71.69 40.40 -15.68
CA GLY L 262 -71.36 41.64 -14.91
C GLY L 262 -71.30 41.51 -13.39
N LYS L 263 -71.64 40.34 -12.85
CA LYS L 263 -71.60 40.11 -11.40
C LYS L 263 -70.29 40.52 -10.72
N GLY L 264 -69.18 40.20 -11.37
CA GLY L 264 -67.87 40.48 -10.80
C GLY L 264 -67.37 41.89 -10.94
N SER L 265 -68.15 42.77 -11.59
CA SER L 265 -67.65 44.10 -11.87
C SER L 265 -68.02 45.06 -10.72
N MET L 266 -67.17 46.06 -10.47
CA MET L 266 -67.57 47.19 -9.61
C MET L 266 -68.56 48.13 -10.32
N TYR L 267 -68.66 48.02 -11.65
CA TYR L 267 -69.56 48.90 -12.43
C TYR L 267 -70.90 48.19 -12.69
N PRO L 268 -72.03 48.83 -12.30
CA PRO L 268 -73.30 48.15 -12.65
C PRO L 268 -73.56 48.01 -14.15
N ASN L 269 -74.15 46.88 -14.57
CA ASN L 269 -74.58 46.71 -15.96
C ASN L 269 -75.51 47.86 -16.42
N LYS L 270 -75.37 48.25 -17.69
CA LYS L 270 -76.19 49.31 -18.32
C LYS L 270 -76.54 48.87 -19.74
N PHE L 271 -77.82 48.79 -20.03
CA PHE L 271 -78.24 48.38 -21.35
C PHE L 271 -78.64 49.64 -22.14
N ILE L 272 -77.95 49.88 -23.25
CA ILE L 272 -78.18 51.07 -24.09
C ILE L 272 -79.27 50.73 -25.10
N HIS L 273 -80.28 51.59 -25.22
CA HIS L 273 -81.28 51.42 -26.31
C HIS L 273 -81.56 52.80 -26.87
N LEU L 274 -80.97 53.09 -28.04
CA LEU L 274 -81.28 54.33 -28.81
C LEU L 274 -82.23 53.97 -29.96
N THR L 275 -83.03 54.93 -30.43
CA THR L 275 -83.93 54.72 -31.53
C THR L 275 -83.93 55.92 -32.45
N TYR L 276 -83.68 55.64 -33.73
CA TYR L 276 -83.97 56.57 -34.83
C TYR L 276 -85.26 56.17 -35.54
N LYS L 277 -86.09 57.15 -35.84
CA LYS L 277 -87.23 56.81 -36.68
C LYS L 277 -87.41 57.90 -37.72
N SER L 278 -87.55 57.51 -38.99
CA SER L 278 -87.68 58.49 -40.08
C SER L 278 -88.98 59.25 -39.89
N LYS L 279 -89.02 60.53 -40.25
CA LYS L 279 -90.30 61.24 -40.32
C LYS L 279 -91.12 60.45 -41.33
N GLY L 280 -92.44 60.44 -41.19
CA GLY L 280 -93.36 59.82 -42.17
C GLY L 280 -93.47 58.30 -41.97
N ASP L 281 -93.78 57.56 -43.02
CA ASP L 281 -94.07 56.14 -42.87
C ASP L 281 -92.84 55.28 -42.76
N VAL L 282 -92.85 54.37 -41.81
CA VAL L 282 -91.77 53.40 -41.76
C VAL L 282 -92.16 52.09 -42.49
N LYS L 283 -91.26 51.67 -43.35
CA LYS L 283 -91.47 50.47 -44.13
C LYS L 283 -90.53 49.37 -43.66
N LYS L 284 -89.55 49.71 -42.83
CA LYS L 284 -88.58 48.76 -42.41
C LYS L 284 -88.08 49.04 -40.99
N LYS L 285 -88.00 48.00 -40.16
CA LYS L 285 -87.60 48.18 -38.77
C LYS L 285 -86.45 47.25 -38.58
N ILE L 286 -85.38 47.76 -38.01
CA ILE L 286 -84.14 47.00 -37.93
C ILE L 286 -83.60 47.23 -36.52
N ALA L 287 -83.14 46.17 -35.88
CA ALA L 287 -82.43 46.29 -34.62
C ALA L 287 -80.96 45.94 -34.86
N LEU L 288 -80.08 46.80 -34.38
CA LEU L 288 -78.62 46.64 -34.52
C LEU L 288 -78.08 46.44 -33.10
N VAL L 289 -77.39 45.35 -32.87
CA VAL L 289 -77.01 44.91 -31.53
C VAL L 289 -75.46 44.88 -31.52
N GLY L 290 -74.82 45.55 -30.57
CA GLY L 290 -73.36 45.54 -30.51
C GLY L 290 -72.94 44.88 -29.24
N LYS L 291 -71.96 44.00 -29.30
CA LYS L 291 -71.33 43.50 -28.11
C LYS L 291 -70.61 44.63 -27.34
N GLY L 292 -70.88 44.70 -26.05
CA GLY L 292 -70.42 45.84 -25.26
C GLY L 292 -69.61 45.47 -24.04
N ILE L 293 -68.53 44.70 -24.21
CA ILE L 293 -67.75 44.38 -23.00
C ILE L 293 -66.60 45.37 -22.86
N THR L 294 -66.55 46.11 -21.75
CA THR L 294 -65.65 47.26 -21.66
C THR L 294 -64.25 46.80 -21.23
N PHE L 295 -64.20 45.61 -20.63
CA PHE L 295 -62.92 44.95 -20.43
C PHE L 295 -63.24 43.50 -20.30
N ASP L 296 -62.57 42.71 -21.10
CA ASP L 296 -62.72 41.28 -21.00
C ASP L 296 -61.45 40.66 -20.41
N SER L 297 -61.50 40.33 -19.13
CA SER L 297 -60.33 39.70 -18.50
C SER L 297 -60.34 38.23 -18.78
N GLY L 298 -61.49 37.75 -19.27
CA GLY L 298 -61.80 36.32 -19.32
C GLY L 298 -62.55 35.77 -18.07
N GLY L 299 -62.55 36.50 -16.96
CA GLY L 299 -63.22 35.97 -15.76
C GLY L 299 -62.30 34.91 -15.16
N TYR L 300 -62.88 33.97 -14.44
CA TYR L 300 -62.07 32.93 -13.77
C TYR L 300 -61.31 32.06 -14.82
N ASN L 301 -61.88 31.97 -16.02
CA ASN L 301 -61.11 31.50 -17.20
C ASN L 301 -60.21 32.64 -17.67
N LEU L 302 -59.25 33.01 -16.85
CA LEU L 302 -58.49 34.25 -17.07
C LEU L 302 -57.66 34.18 -18.37
N LYS L 303 -57.57 35.30 -19.09
CA LYS L 303 -56.74 35.37 -20.30
C LYS L 303 -55.28 35.39 -19.87
N ALA L 304 -54.78 34.21 -19.52
CA ALA L 304 -53.41 34.02 -19.05
C ALA L 304 -52.58 33.26 -20.08
N ALA L 305 -53.22 32.78 -21.13
CA ALA L 305 -52.51 31.96 -22.11
C ALA L 305 -51.70 32.81 -23.08
N PRO L 306 -50.52 32.30 -23.51
CA PRO L 306 -49.70 32.95 -24.57
C PRO L 306 -50.58 33.38 -25.76
N GLY L 307 -50.56 34.65 -26.11
CA GLY L 307 -51.36 35.01 -27.28
C GLY L 307 -52.81 35.37 -27.00
N SER L 308 -53.25 35.28 -25.75
CA SER L 308 -54.66 35.66 -25.43
C SER L 308 -54.88 37.19 -25.40
N MET L 309 -53.79 37.96 -25.44
CA MET L 309 -53.84 39.43 -25.66
C MET L 309 -54.70 40.20 -24.63
N ILE L 310 -54.57 39.86 -23.34
CA ILE L 310 -55.38 40.54 -22.30
C ILE L 310 -55.23 42.08 -22.37
N ASP L 311 -54.03 42.56 -22.74
CA ASP L 311 -53.73 43.97 -22.79
C ASP L 311 -54.54 44.74 -23.86
N LEU L 312 -55.13 44.01 -24.80
CA LEU L 312 -55.92 44.61 -25.89
C LEU L 312 -57.43 44.69 -25.54
N MET L 313 -57.81 44.07 -24.42
CA MET L 313 -59.24 43.79 -24.19
C MET L 313 -60.16 44.99 -23.86
N LYS L 314 -59.59 46.19 -23.78
CA LYS L 314 -60.42 47.39 -23.82
C LYS L 314 -61.27 47.44 -25.11
N PHE L 315 -60.90 46.65 -26.13
CA PHE L 315 -61.56 46.77 -27.43
C PHE L 315 -62.78 45.85 -27.56
N ASP L 316 -63.17 45.19 -26.46
CA ASP L 316 -64.24 44.22 -26.53
C ASP L 316 -65.64 44.84 -26.57
N MET L 317 -65.69 46.16 -26.60
CA MET L 317 -66.93 46.90 -26.87
C MET L 317 -66.89 47.54 -28.28
N SER L 318 -65.96 47.08 -29.14
CA SER L 318 -65.88 47.54 -30.55
C SER L 318 -67.22 47.41 -31.24
N GLY L 319 -67.99 46.38 -30.87
CA GLY L 319 -69.28 46.13 -31.54
C GLY L 319 -70.29 47.18 -31.12
N CYS L 320 -70.27 47.47 -29.82
CA CYS L 320 -71.14 48.55 -29.34
C CYS L 320 -70.72 49.91 -29.97
N ALA L 321 -69.41 50.13 -30.09
CA ALA L 321 -68.91 51.38 -30.63
C ALA L 321 -69.31 51.53 -32.11
N ALA L 322 -69.37 50.42 -32.84
CA ALA L 322 -69.73 50.48 -34.27
C ALA L 322 -71.19 50.86 -34.43
N VAL L 323 -72.02 50.32 -33.53
CA VAL L 323 -73.47 50.55 -33.49
C VAL L 323 -73.74 52.01 -33.11
N LEU L 324 -72.98 52.53 -32.14
CA LEU L 324 -73.09 53.97 -31.78
C LEU L 324 -72.61 54.92 -32.93
N GLY L 325 -71.49 54.59 -33.57
CA GLY L 325 -71.00 55.36 -34.75
C GLY L 325 -72.07 55.39 -35.85
N CYS L 326 -72.70 54.23 -36.00
CA CYS L 326 -73.81 54.09 -36.94
C CYS L 326 -74.99 54.99 -36.57
N ALA L 327 -75.40 55.01 -35.30
CA ALA L 327 -76.43 55.97 -34.83
C ALA L 327 -76.08 57.40 -35.20
N TYR L 328 -74.79 57.74 -35.08
CA TYR L 328 -74.35 59.10 -35.37
C TYR L 328 -74.60 59.37 -36.86
N CYS L 329 -74.18 58.44 -37.70
CA CYS L 329 -74.34 58.57 -39.16
C CYS L 329 -75.85 58.62 -39.57
N VAL L 330 -76.63 57.68 -39.06
CA VAL L 330 -78.07 57.61 -39.37
C VAL L 330 -78.80 58.85 -38.81
N GLY L 331 -78.46 59.25 -37.58
CA GLY L 331 -79.02 60.47 -36.98
C GLY L 331 -78.74 61.75 -37.76
N THR L 332 -77.58 61.77 -38.43
CA THR L 332 -77.10 62.95 -39.15
C THR L 332 -77.68 63.02 -40.55
N LEU L 333 -77.64 61.90 -41.25
CA LEU L 333 -78.09 61.79 -42.65
C LEU L 333 -79.60 61.64 -42.73
N LYS L 334 -80.21 61.16 -41.63
CA LYS L 334 -81.70 61.09 -41.55
C LYS L 334 -82.37 60.34 -42.73
N PRO L 335 -82.05 59.05 -42.91
CA PRO L 335 -82.71 58.36 -44.02
C PRO L 335 -84.22 58.25 -43.81
N GLU L 336 -84.95 58.10 -44.93
CA GLU L 336 -86.40 57.91 -44.96
C GLU L 336 -86.79 56.42 -44.83
N ASN L 337 -88.04 56.17 -44.40
CA ASN L 337 -88.68 54.86 -44.45
C ASN L 337 -88.24 53.82 -43.41
N VAL L 338 -87.41 54.21 -42.45
CA VAL L 338 -86.85 53.23 -41.50
C VAL L 338 -87.09 53.59 -40.04
N GLU L 339 -87.05 52.58 -39.20
CA GLU L 339 -86.94 52.78 -37.78
C GLU L 339 -85.84 51.86 -37.35
N ILE L 340 -84.85 52.40 -36.65
CA ILE L 340 -83.65 51.67 -36.24
C ILE L 340 -83.48 51.69 -34.72
N HIS L 341 -83.24 50.51 -34.14
CA HIS L 341 -82.99 50.40 -32.72
C HIS L 341 -81.51 50.09 -32.55
N PHE L 342 -80.79 50.93 -31.80
CA PHE L 342 -79.34 50.75 -31.56
C PHE L 342 -79.20 50.22 -30.13
N LEU L 343 -78.65 49.01 -29.99
CA LEU L 343 -78.75 48.28 -28.74
C LEU L 343 -77.38 47.80 -28.29
N SER L 344 -77.08 47.88 -26.99
CA SER L 344 -75.94 47.16 -26.47
C SER L 344 -76.11 46.81 -25.01
N ALA L 345 -75.90 45.54 -24.69
CA ALA L 345 -75.87 45.09 -23.30
C ALA L 345 -74.47 45.33 -22.79
N VAL L 346 -74.24 46.45 -22.12
CA VAL L 346 -72.88 46.82 -21.71
C VAL L 346 -72.56 46.29 -20.29
N CYS L 347 -71.38 45.70 -20.16
CA CYS L 347 -70.88 45.26 -18.84
C CYS L 347 -69.38 45.04 -18.91
N GLU L 348 -68.81 44.57 -17.81
CA GLU L 348 -67.36 44.35 -17.73
C GLU L 348 -67.12 42.94 -17.13
N ASN L 349 -66.25 42.10 -17.75
CA ASN L 349 -66.03 40.68 -17.32
C ASN L 349 -64.77 40.54 -16.44
N MET L 350 -64.98 40.46 -15.11
CA MET L 350 -63.89 40.67 -14.13
C MET L 350 -63.76 39.50 -13.16
N VAL L 351 -62.67 39.47 -12.40
CA VAL L 351 -62.43 38.39 -11.43
C VAL L 351 -62.62 38.94 -10.00
N SER L 352 -63.45 38.26 -9.21
CA SER L 352 -63.92 38.84 -7.97
C SER L 352 -64.48 37.72 -7.09
N LYS L 353 -64.73 37.97 -5.80
CA LYS L 353 -65.54 36.97 -5.03
C LYS L 353 -66.98 36.88 -5.59
N ASN L 354 -67.41 37.91 -6.32
CA ASN L 354 -68.78 38.04 -6.85
C ASN L 354 -69.03 37.56 -8.27
N SER L 355 -67.97 37.06 -8.94
CA SER L 355 -68.06 36.67 -10.33
C SER L 355 -68.81 35.37 -10.50
N TYR L 356 -69.43 35.23 -11.68
CA TYR L 356 -69.88 33.91 -12.15
C TYR L 356 -68.70 32.96 -12.34
N ARG L 357 -68.96 31.66 -12.20
CA ARG L 357 -67.89 30.64 -12.25
C ARG L 357 -68.10 29.72 -13.41
N PRO L 358 -67.01 29.16 -13.96
CA PRO L 358 -67.12 28.03 -14.85
C PRO L 358 -68.04 26.95 -14.20
N GLY L 359 -69.00 26.47 -14.96
CA GLY L 359 -69.92 25.48 -14.38
C GLY L 359 -71.27 26.03 -14.00
N ASP L 360 -71.35 27.33 -13.67
CA ASP L 360 -72.64 27.95 -13.20
C ASP L 360 -73.73 27.70 -14.25
N ILE L 361 -74.97 27.51 -13.80
CA ILE L 361 -76.10 27.41 -14.69
C ILE L 361 -76.99 28.62 -14.46
N ILE L 362 -77.23 29.37 -15.54
CA ILE L 362 -77.90 30.67 -15.49
C ILE L 362 -79.06 30.60 -16.46
N THR L 363 -80.00 31.54 -16.34
CA THR L 363 -81.24 31.43 -17.07
C THR L 363 -81.38 32.70 -17.88
N ALA L 364 -81.54 32.57 -19.20
CA ALA L 364 -81.74 33.72 -20.07
C ALA L 364 -83.17 34.20 -19.96
N SER L 365 -83.43 35.36 -20.55
CA SER L 365 -84.71 36.00 -20.41
C SER L 365 -85.80 35.34 -21.24
N ASN L 366 -85.46 34.42 -22.15
CA ASN L 366 -86.53 33.61 -22.78
C ASN L 366 -86.71 32.30 -22.00
N GLY L 367 -86.14 32.20 -20.80
CA GLY L 367 -86.30 30.99 -19.99
C GLY L 367 -85.29 29.84 -20.25
N LYS L 368 -84.48 29.92 -21.31
CA LYS L 368 -83.48 28.87 -21.59
C LYS L 368 -82.39 28.85 -20.52
N THR L 369 -82.12 27.71 -19.90
CA THR L 369 -81.03 27.63 -18.96
C THR L 369 -79.73 27.28 -19.73
N ILE L 370 -78.60 27.80 -19.27
CA ILE L 370 -77.35 27.73 -19.99
C ILE L 370 -76.29 27.29 -19.03
N GLU L 371 -75.54 26.25 -19.40
CA GLU L 371 -74.40 25.86 -18.62
C GLU L 371 -73.11 26.56 -19.11
N VAL L 372 -72.49 27.34 -18.22
CA VAL L 372 -71.29 28.09 -18.55
C VAL L 372 -70.13 27.11 -18.53
N GLY L 373 -69.48 26.90 -19.66
CA GLY L 373 -68.30 26.00 -19.65
C GLY L 373 -67.00 26.79 -19.63
N ASN L 374 -67.08 28.10 -19.90
CA ASN L 374 -65.88 28.94 -19.97
C ASN L 374 -66.30 30.40 -19.77
N THR L 375 -65.85 31.03 -18.66
CA THR L 375 -66.30 32.40 -18.30
C THR L 375 -65.84 33.43 -19.37
N ASP L 376 -64.82 33.03 -20.14
CA ASP L 376 -64.32 33.87 -21.25
C ASP L 376 -65.19 33.85 -22.54
N ALA L 377 -66.19 32.97 -22.62
CA ALA L 377 -67.15 33.01 -23.72
C ALA L 377 -68.35 33.89 -23.31
N GLU L 378 -68.05 35.10 -22.82
CA GLU L 378 -69.06 35.92 -22.14
C GLU L 378 -69.89 36.76 -23.12
N GLY L 379 -69.37 37.05 -24.31
CA GLY L 379 -70.07 37.92 -25.23
C GLY L 379 -71.40 37.32 -25.69
N ARG L 380 -71.37 36.01 -25.91
CA ARG L 380 -72.51 35.30 -26.44
C ARG L 380 -73.61 35.23 -25.39
N LEU L 381 -73.19 35.25 -24.12
CA LEU L 381 -74.14 35.34 -22.99
C LEU L 381 -74.87 36.68 -22.96
N THR L 382 -74.14 37.77 -23.15
CA THR L 382 -74.78 39.09 -23.07
C THR L 382 -75.62 39.32 -24.34
N LEU L 383 -75.06 38.89 -25.48
CA LEU L 383 -75.79 38.93 -26.75
C LEU L 383 -77.05 38.06 -26.74
N ALA L 384 -77.01 36.89 -26.11
CA ALA L 384 -78.27 36.10 -25.94
C ALA L 384 -79.44 36.98 -25.36
N ASP L 385 -79.20 37.69 -24.25
CA ASP L 385 -80.29 38.50 -23.66
C ASP L 385 -80.67 39.71 -24.52
N ALA L 386 -79.66 40.26 -25.20
CA ALA L 386 -79.87 41.39 -26.12
C ALA L 386 -80.69 40.96 -27.35
N LEU L 387 -80.48 39.74 -27.83
CA LEU L 387 -81.26 39.24 -28.96
C LEU L 387 -82.75 38.97 -28.63
N VAL L 388 -82.99 38.36 -27.46
CA VAL L 388 -84.35 38.24 -26.90
C VAL L 388 -85.02 39.61 -26.79
N TYR L 389 -84.29 40.58 -26.24
CA TYR L 389 -84.81 41.95 -26.17
C TYR L 389 -85.12 42.51 -27.57
N ALA L 390 -84.21 42.31 -28.54
CA ALA L 390 -84.39 42.87 -29.89
C ALA L 390 -85.58 42.24 -30.59
N GLU L 391 -85.73 40.93 -30.43
CA GLU L 391 -86.83 40.27 -31.10
C GLU L 391 -88.18 40.73 -30.58
N LYS L 392 -88.25 41.09 -29.31
CA LYS L 392 -89.50 41.58 -28.73
C LYS L 392 -89.92 42.96 -29.32
N LEU L 393 -88.99 43.71 -29.90
CA LEU L 393 -89.35 45.01 -30.54
C LEU L 393 -90.20 44.87 -31.80
N GLY L 394 -90.17 43.71 -32.42
CA GLY L 394 -90.98 43.36 -33.60
C GLY L 394 -90.37 43.93 -34.87
N VAL L 395 -89.07 43.72 -35.04
CA VAL L 395 -88.35 44.31 -36.14
C VAL L 395 -88.35 43.36 -37.33
N ASP L 396 -87.99 43.85 -38.51
CA ASP L 396 -87.82 43.00 -39.67
C ASP L 396 -86.46 42.30 -39.69
N TYR L 397 -85.41 42.98 -39.23
CA TYR L 397 -84.07 42.39 -39.27
C TYR L 397 -83.39 42.68 -37.97
N ILE L 398 -82.66 41.70 -37.45
CA ILE L 398 -81.71 41.95 -36.37
C ILE L 398 -80.32 41.63 -36.89
N VAL L 399 -79.41 42.59 -36.78
CA VAL L 399 -78.00 42.35 -37.08
C VAL L 399 -77.19 42.58 -35.81
N ASP L 400 -76.35 41.62 -35.45
CA ASP L 400 -75.47 41.86 -34.32
C ASP L 400 -74.04 41.96 -34.84
N ILE L 401 -73.21 42.71 -34.11
CA ILE L 401 -71.80 42.89 -34.48
C ILE L 401 -71.00 42.74 -33.20
N ALA L 402 -69.93 41.96 -33.23
CA ALA L 402 -69.30 41.52 -32.00
C ALA L 402 -67.86 41.06 -32.22
N THR L 403 -66.94 41.50 -31.36
CA THR L 403 -65.57 40.90 -31.29
C THR L 403 -65.67 39.56 -30.52
N LEU L 404 -66.30 38.56 -31.16
CA LEU L 404 -66.79 37.40 -30.42
C LEU L 404 -65.78 36.25 -30.26
N THR L 405 -64.99 35.96 -31.29
CA THR L 405 -64.13 34.76 -31.23
C THR L 405 -62.77 34.98 -31.86
N GLY L 406 -61.72 34.61 -31.11
CA GLY L 406 -60.32 34.76 -31.56
C GLY L 406 -60.03 33.89 -32.75
N ALA L 407 -60.88 32.90 -32.97
CA ALA L 407 -60.66 31.97 -34.07
C ALA L 407 -60.81 32.69 -35.44
N MET L 408 -61.46 33.85 -35.50
CA MET L 408 -61.53 34.65 -36.76
C MET L 408 -60.13 35.00 -37.31
N LEU L 409 -59.18 35.28 -36.40
CA LEU L 409 -57.82 35.49 -36.84
C LEU L 409 -57.26 34.33 -37.65
N TYR L 410 -57.74 33.11 -37.39
CA TYR L 410 -57.26 31.97 -38.15
C TYR L 410 -58.14 31.62 -39.35
N SER L 411 -59.33 32.19 -39.49
CA SER L 411 -60.12 31.84 -40.64
C SER L 411 -60.05 32.96 -41.70
N LEU L 412 -60.45 34.18 -41.35
CA LEU L 412 -60.43 35.26 -42.34
C LEU L 412 -59.27 36.22 -42.12
N GLY L 413 -58.70 36.20 -40.91
CA GLY L 413 -57.59 37.07 -40.51
C GLY L 413 -58.04 38.49 -40.18
N THR L 414 -57.16 39.44 -40.46
CA THR L 414 -57.32 40.82 -40.01
C THR L 414 -58.03 41.75 -41.00
N SER L 415 -58.21 41.30 -42.25
CA SER L 415 -58.86 42.18 -43.28
C SER L 415 -60.36 42.05 -43.48
N TYR L 416 -60.91 40.84 -43.43
CA TYR L 416 -62.32 40.60 -43.71
C TYR L 416 -63.06 40.14 -42.46
N ALA L 417 -64.22 40.71 -42.19
CA ALA L 417 -65.05 40.22 -41.08
C ALA L 417 -65.84 39.02 -41.62
N GLY L 418 -66.39 38.18 -40.72
CA GLY L 418 -67.20 37.04 -41.10
C GLY L 418 -68.67 37.35 -40.80
N VAL L 419 -69.59 36.98 -41.69
CA VAL L 419 -70.98 37.15 -41.39
C VAL L 419 -71.69 35.80 -41.45
N PHE L 420 -72.54 35.53 -40.45
CA PHE L 420 -73.28 34.28 -40.31
C PHE L 420 -74.73 34.67 -40.17
N GLY L 421 -75.66 33.79 -40.53
CA GLY L 421 -77.09 34.21 -40.41
C GLY L 421 -78.07 33.11 -40.65
N ASN L 422 -79.37 33.39 -40.41
CA ASN L 422 -80.43 32.39 -40.58
C ASN L 422 -81.27 32.69 -41.80
N ASN L 423 -80.80 33.60 -42.64
CA ASN L 423 -81.67 34.14 -43.68
C ASN L 423 -80.83 34.67 -44.80
N GLU L 424 -80.95 34.06 -45.97
CA GLU L 424 -80.05 34.43 -47.05
C GLU L 424 -80.22 35.85 -47.61
N GLU L 425 -81.46 36.30 -47.78
CA GLU L 425 -81.78 37.65 -48.22
C GLU L 425 -81.05 38.68 -47.37
N LEU L 426 -81.11 38.52 -46.04
CA LEU L 426 -80.46 39.46 -45.14
C LEU L 426 -78.93 39.40 -45.30
N ILE L 427 -78.34 38.21 -45.32
CA ILE L 427 -76.88 38.03 -45.57
C ILE L 427 -76.47 38.70 -46.87
N ASN L 428 -77.26 38.53 -47.94
CA ASN L 428 -76.98 39.23 -49.20
C ASN L 428 -77.02 40.76 -49.10
N LYS L 429 -77.92 41.30 -48.29
CA LYS L 429 -77.96 42.77 -48.11
C LYS L 429 -76.69 43.26 -47.34
N ILE L 430 -76.19 42.43 -46.42
CA ILE L 430 -74.98 42.72 -45.66
C ILE L 430 -73.80 42.71 -46.64
N LEU L 431 -73.72 41.66 -47.49
CA LEU L 431 -72.64 41.57 -48.50
C LEU L 431 -72.73 42.73 -49.45
N GLN L 432 -73.92 43.12 -49.88
CA GLN L 432 -74.05 44.32 -50.75
C GLN L 432 -73.56 45.62 -50.06
N SER L 433 -73.80 45.75 -48.75
CA SER L 433 -73.37 46.94 -48.00
C SER L 433 -71.86 46.94 -47.79
N SER L 434 -71.31 45.74 -47.68
CA SER L 434 -69.87 45.58 -47.54
C SER L 434 -69.22 46.08 -48.84
N LYS L 435 -69.86 45.80 -49.96
CA LYS L 435 -69.39 46.27 -51.26
C LYS L 435 -69.45 47.82 -51.38
N THR L 436 -70.56 48.44 -51.00
CA THR L 436 -70.69 49.87 -51.25
C THR L 436 -70.00 50.71 -50.16
N SER L 437 -69.84 50.14 -48.95
CA SER L 437 -69.08 50.78 -47.88
C SER L 437 -67.57 50.53 -47.97
N ASN L 438 -67.19 49.50 -48.74
CA ASN L 438 -65.80 49.06 -48.88
C ASN L 438 -65.21 48.61 -47.56
N GLU L 439 -66.07 48.11 -46.67
CA GLU L 439 -65.68 47.35 -45.46
C GLU L 439 -65.90 45.84 -45.71
N PRO L 440 -64.79 45.08 -45.87
CA PRO L 440 -64.85 43.73 -46.43
C PRO L 440 -65.44 42.70 -45.45
N VAL L 441 -66.41 41.92 -45.95
CA VAL L 441 -67.16 40.94 -45.16
C VAL L 441 -67.29 39.65 -46.00
N TRP L 442 -67.14 38.47 -45.38
CA TRP L 442 -67.28 37.18 -46.10
C TRP L 442 -68.30 36.29 -45.42
N TRP L 443 -69.15 35.66 -46.20
CA TRP L 443 -70.19 34.87 -45.62
C TRP L 443 -69.62 33.48 -45.18
N LEU L 444 -69.89 33.08 -43.96
CA LEU L 444 -69.45 31.80 -43.42
C LEU L 444 -70.71 31.04 -43.01
N PRO L 445 -70.64 29.69 -43.02
CA PRO L 445 -71.83 28.88 -42.78
C PRO L 445 -72.18 28.71 -41.29
N ILE L 446 -73.47 28.63 -40.99
CA ILE L 446 -73.85 28.08 -39.68
C ILE L 446 -74.08 26.59 -39.95
N ILE L 447 -73.22 25.71 -39.43
CA ILE L 447 -73.30 24.29 -39.75
C ILE L 447 -74.11 23.53 -38.68
N ASN L 448 -75.33 23.12 -39.02
CA ASN L 448 -76.24 22.48 -38.06
C ASN L 448 -75.73 21.16 -37.45
N GLU L 449 -74.89 20.45 -38.21
CA GLU L 449 -74.23 19.28 -37.68
C GLU L 449 -73.48 19.53 -36.35
N TYR L 450 -72.97 20.75 -36.11
CA TYR L 450 -72.30 21.01 -34.83
C TYR L 450 -73.25 21.27 -33.64
N ARG L 451 -74.52 21.54 -33.91
CA ARG L 451 -75.47 21.91 -32.84
C ARG L 451 -75.49 20.94 -31.65
N ALA L 452 -75.40 19.64 -31.94
CA ALA L 452 -75.48 18.62 -30.90
C ALA L 452 -74.34 18.72 -29.84
N THR L 453 -73.21 19.31 -30.22
CA THR L 453 -72.15 19.55 -29.23
C THR L 453 -72.54 20.63 -28.22
N LEU L 454 -73.60 21.40 -28.50
CA LEU L 454 -74.17 22.31 -27.48
C LEU L 454 -75.22 21.66 -26.52
N ASN L 455 -75.48 20.37 -26.67
CA ASN L 455 -76.44 19.70 -25.78
C ASN L 455 -75.80 19.53 -24.40
N SER L 456 -76.47 20.04 -23.37
CA SER L 456 -75.93 20.01 -22.02
C SER L 456 -76.53 18.80 -21.30
N LYS L 457 -75.74 18.13 -20.47
CA LYS L 457 -76.24 17.05 -19.62
C LYS L 457 -77.30 17.57 -18.61
N TYR L 458 -77.04 18.74 -18.02
CA TYR L 458 -77.92 19.36 -17.00
C TYR L 458 -78.78 20.57 -17.44
N ALA L 459 -78.20 21.53 -18.15
CA ALA L 459 -78.97 22.72 -18.59
C ALA L 459 -79.70 22.46 -19.92
N ASP L 460 -80.54 23.41 -20.36
CA ASP L 460 -81.16 23.33 -21.69
C ASP L 460 -80.11 23.39 -22.81
N ILE L 461 -78.98 24.09 -22.59
CA ILE L 461 -77.97 24.28 -23.63
C ILE L 461 -76.58 24.58 -23.00
N ASN L 462 -75.53 24.11 -23.64
CA ASN L 462 -74.16 24.58 -23.32
C ASN L 462 -73.88 25.92 -24.03
N GLN L 463 -73.11 26.74 -23.33
CA GLN L 463 -72.59 28.01 -23.80
C GLN L 463 -71.47 27.72 -24.83
N ILE L 464 -70.66 26.68 -24.57
CA ILE L 464 -69.59 26.29 -25.44
C ILE L 464 -69.53 24.78 -25.75
N SER L 465 -68.74 24.46 -26.74
CA SER L 465 -68.58 23.09 -27.20
C SER L 465 -67.38 22.55 -26.41
N SER L 466 -67.38 21.29 -26.00
CA SER L 466 -66.06 20.76 -25.63
C SER L 466 -65.31 20.22 -26.90
N SER L 467 -65.98 19.39 -27.70
CA SER L 467 -65.32 18.80 -28.93
C SER L 467 -64.98 19.81 -30.09
N VAL L 468 -65.95 20.57 -30.58
CA VAL L 468 -65.77 21.33 -31.84
C VAL L 468 -64.81 22.54 -31.80
N LYS L 469 -63.75 22.53 -32.62
CA LYS L 469 -62.75 23.62 -32.60
C LYS L 469 -63.19 24.84 -33.42
N ALA L 470 -64.25 24.65 -34.24
CA ALA L 470 -64.73 25.66 -35.15
C ALA L 470 -65.54 26.70 -34.36
N SER L 471 -64.86 27.41 -33.48
CA SER L 471 -65.53 28.23 -32.45
C SER L 471 -66.47 29.35 -32.93
N SER L 472 -66.09 30.03 -34.02
CA SER L 472 -66.95 31.08 -34.58
C SER L 472 -68.31 30.58 -35.07
N ILE L 473 -68.30 29.36 -35.62
CA ILE L 473 -69.53 28.64 -36.07
C ILE L 473 -70.31 28.16 -34.85
N VAL L 474 -69.63 27.58 -33.86
CA VAL L 474 -70.31 27.19 -32.63
C VAL L 474 -71.02 28.38 -31.92
N ALA L 475 -70.31 29.52 -31.81
CA ALA L 475 -70.91 30.72 -31.26
C ALA L 475 -72.18 31.15 -31.99
N SER L 476 -72.15 31.12 -33.33
CA SER L 476 -73.31 31.49 -34.19
C SER L 476 -74.47 30.54 -33.96
N LEU L 477 -74.18 29.24 -33.78
CA LEU L 477 -75.19 28.25 -33.41
C LEU L 477 -75.86 28.59 -32.09
N PHE L 478 -75.07 28.98 -31.08
CA PHE L 478 -75.58 29.38 -29.76
C PHE L 478 -76.48 30.62 -29.86
N LEU L 479 -76.07 31.62 -30.62
CA LEU L 479 -76.83 32.86 -30.76
C LEU L 479 -78.11 32.61 -31.52
N LYS L 480 -78.04 31.70 -32.50
CA LYS L 480 -79.19 31.37 -33.30
C LYS L 480 -80.35 30.86 -32.44
N GLU L 481 -80.02 30.18 -31.34
CA GLU L 481 -81.03 29.72 -30.39
C GLU L 481 -81.84 30.83 -29.72
N PHE L 482 -81.38 32.07 -29.81
CA PHE L 482 -82.06 33.18 -29.14
C PHE L 482 -82.86 34.06 -30.07
N VAL L 483 -83.04 33.61 -31.32
CA VAL L 483 -83.86 34.33 -32.32
C VAL L 483 -84.83 33.30 -32.89
N GLN L 484 -86.12 33.49 -32.65
CA GLN L 484 -87.09 32.45 -33.04
C GLN L 484 -87.65 32.61 -34.43
N ASN L 485 -87.94 33.85 -34.83
CA ASN L 485 -88.79 34.04 -35.96
C ASN L 485 -88.52 35.32 -36.73
N THR L 486 -87.27 35.74 -36.73
CA THR L 486 -86.92 37.03 -37.33
C THR L 486 -85.68 36.73 -38.17
N ALA L 487 -85.52 37.41 -39.30
CA ALA L 487 -84.29 37.28 -40.10
C ALA L 487 -83.17 37.90 -39.28
N TRP L 488 -82.06 37.16 -39.14
CA TRP L 488 -80.97 37.61 -38.27
C TRP L 488 -79.58 37.32 -38.83
N ALA L 489 -78.62 38.22 -38.56
CA ALA L 489 -77.26 38.01 -39.04
C ALA L 489 -76.31 38.48 -37.93
N HIS L 490 -75.11 37.92 -37.97
CA HIS L 490 -74.18 38.05 -36.90
C HIS L 490 -72.82 38.30 -37.59
N ILE L 491 -72.22 39.46 -37.33
CA ILE L 491 -70.91 39.82 -37.88
C ILE L 491 -69.84 39.77 -36.81
N ASP L 492 -68.88 38.86 -36.98
CA ASP L 492 -67.82 38.64 -36.03
C ASP L 492 -66.59 39.42 -36.51
N ILE L 493 -66.30 40.49 -35.77
CA ILE L 493 -65.24 41.42 -36.06
C ILE L 493 -64.07 41.27 -35.12
N ALA L 494 -63.93 40.10 -34.47
CA ALA L 494 -62.78 39.91 -33.59
C ALA L 494 -61.40 40.09 -34.28
N GLY L 495 -61.26 39.72 -35.55
CA GLY L 495 -59.93 39.80 -36.14
C GLY L 495 -59.69 41.13 -36.82
N VAL L 496 -60.79 41.77 -37.16
CA VAL L 496 -60.78 42.91 -38.05
C VAL L 496 -60.80 44.27 -37.33
N SER L 497 -61.24 44.31 -36.08
CA SER L 497 -61.58 45.58 -35.47
C SER L 497 -60.34 46.38 -35.01
N TRP L 498 -59.28 45.69 -34.58
CA TRP L 498 -58.08 46.43 -34.14
C TRP L 498 -56.96 46.40 -35.19
N ASN L 499 -56.39 47.57 -35.49
CA ASN L 499 -55.28 47.62 -36.44
C ASN L 499 -54.00 47.42 -35.66
N PHE L 500 -53.55 46.16 -35.64
CA PHE L 500 -52.36 45.75 -34.87
C PHE L 500 -51.11 46.47 -35.31
N LYS L 501 -50.94 46.59 -36.61
CA LYS L 501 -49.77 47.24 -37.15
C LYS L 501 -49.72 48.73 -36.76
N ALA L 502 -50.85 49.44 -36.87
CA ALA L 502 -50.92 50.88 -36.56
C ALA L 502 -51.19 51.21 -35.09
N ARG L 503 -51.44 50.17 -34.29
CA ARG L 503 -51.70 50.28 -32.84
C ARG L 503 -52.96 51.14 -32.54
N LYS L 504 -54.02 50.96 -33.32
CA LYS L 504 -55.21 51.79 -33.10
C LYS L 504 -56.45 51.05 -33.63
N PRO L 505 -57.68 51.56 -33.31
CA PRO L 505 -58.85 50.89 -33.87
C PRO L 505 -59.13 51.28 -35.30
N LYS L 506 -59.90 50.44 -35.97
CA LYS L 506 -60.38 50.78 -37.29
C LYS L 506 -61.73 51.46 -37.28
N GLY L 507 -62.47 51.34 -36.18
CA GLY L 507 -63.88 51.76 -36.17
C GLY L 507 -64.68 50.92 -37.16
N PHE L 508 -64.31 49.65 -37.26
CA PHE L 508 -64.84 48.79 -38.31
C PHE L 508 -66.31 48.58 -38.07
N GLY L 509 -67.11 48.73 -39.12
CA GLY L 509 -68.50 48.30 -39.08
C GLY L 509 -69.45 49.48 -39.08
N VAL L 510 -68.96 50.68 -38.74
CA VAL L 510 -69.84 51.87 -38.74
C VAL L 510 -70.43 52.13 -40.17
N ARG L 511 -69.55 52.15 -41.16
CA ARG L 511 -69.98 52.49 -42.51
C ARG L 511 -70.72 51.33 -43.18
N LEU L 512 -70.34 50.08 -42.82
CA LEU L 512 -71.03 48.88 -43.23
C LEU L 512 -72.52 48.88 -42.77
N LEU L 513 -72.72 49.02 -41.47
CA LEU L 513 -74.10 49.08 -40.94
C LEU L 513 -74.85 50.31 -41.48
N THR L 514 -74.14 51.42 -41.68
CA THR L 514 -74.83 52.60 -42.28
C THR L 514 -75.29 52.40 -43.72
N GLU L 515 -74.38 51.89 -44.55
CA GLU L 515 -74.75 51.52 -45.93
C GLU L 515 -75.94 50.57 -45.95
N PHE L 516 -75.95 49.63 -45.00
CA PHE L 516 -77.05 48.65 -44.85
C PHE L 516 -78.38 49.37 -44.58
N VAL L 517 -78.34 50.32 -43.64
CA VAL L 517 -79.55 51.09 -43.33
C VAL L 517 -79.97 51.96 -44.53
N LEU L 518 -79.04 52.71 -45.11
CA LEU L 518 -79.36 53.60 -46.24
C LEU L 518 -79.89 52.85 -47.48
N ASN L 519 -79.26 51.76 -47.84
CA ASN L 519 -79.63 50.92 -48.96
C ASN L 519 -81.04 50.43 -48.92
N ASP L 520 -81.49 49.97 -47.76
CA ASP L 520 -82.88 49.59 -47.54
C ASP L 520 -83.83 50.77 -47.63
N ALA L 521 -83.42 51.91 -47.11
CA ALA L 521 -84.26 53.09 -47.09
C ALA L 521 -84.54 53.43 -48.56
N LEU L 522 -83.52 53.18 -49.38
CA LEU L 522 -83.49 53.08 -50.83
C LEU L 522 -82.81 54.27 -51.45
C CO3 M . 44.41 -27.79 -0.28
O1 CO3 M . 44.95 -27.10 -1.24
O2 CO3 M . 44.66 -29.08 -0.11
O3 CO3 M . 43.62 -27.11 0.52
ZN ZN N . 44.41 -32.57 1.27
N2 BES O . 42.37 -32.40 2.78
C1 BES O . 42.65 -31.20 3.56
C6 BES O . 41.34 -30.53 3.99
C7 BES O . 40.44 -31.25 4.99
C8 BES O . 40.69 -31.18 6.36
C12 BES O . 39.31 -31.91 4.52
C9 BES O . 39.80 -31.78 7.26
C11 BES O . 38.42 -32.51 5.41
C10 BES O . 38.66 -32.46 6.79
C2 BES O . 43.47 -30.15 2.77
O2 BES O . 44.73 -30.55 2.22
C3 BES O . 43.90 -29.18 3.82
O3 BES O . 44.42 -29.62 4.84
N1 BES O . 43.69 -27.90 3.54
C4 BES O . 44.05 -26.91 4.55
C13 BES O . 44.34 -25.60 3.81
C14 BES O . 44.93 -24.51 4.71
C15 BES O . 46.40 -24.76 5.01
C16 BES O . 44.71 -23.16 4.04
C5 BES O . 42.85 -26.84 5.48
O1 BES O . 43.08 -26.70 6.69
O4 BES O . 41.67 -26.99 5.03
MG MG P . 46.54 -31.21 3.39
S SO4 Q . 34.00 -59.62 -8.19
O1 SO4 Q . 35.39 -59.75 -7.81
O2 SO4 Q . 33.49 -60.90 -8.67
O3 SO4 Q . 33.16 -59.13 -7.10
O4 SO4 Q . 33.91 -58.70 -9.31
S SO4 R . 10.55 -65.27 3.17
O1 SO4 R . 11.24 -63.97 3.09
O2 SO4 R . 11.02 -65.97 4.37
O3 SO4 R . 9.08 -65.11 3.29
O4 SO4 R . 10.85 -66.06 1.96
S SO4 S . 14.84 -69.03 -9.99
O1 SO4 S . 16.31 -69.03 -10.02
O2 SO4 S . 14.33 -70.41 -9.94
O3 SO4 S . 14.40 -68.27 -8.80
O4 SO4 S . 14.34 -68.34 -11.20
C12 1PE T . 27.51 -57.09 -13.12
C22 1PE T . 27.74 -55.61 -12.85
OH3 1PE T . 29.02 -55.35 -12.23
C13 1PE T . 30.94 -53.99 -12.79
C23 1PE T . 29.48 -54.01 -12.37
OH4 1PE T . 31.05 -53.52 -14.13
C14 1PE T . 32.30 -53.38 -16.17
C24 1PE T . 32.33 -53.76 -14.69
OH5 1PE T . 31.81 -54.47 -16.96
C22 1PE U . 39.00 -57.26 -17.61
OH3 1PE U . 39.89 -56.45 -16.86
C13 1PE U . 41.42 -57.10 -15.00
C23 1PE U . 41.08 -57.14 -16.50
OH4 1PE U . 40.28 -57.37 -14.18
C14 1PE U . 39.31 -59.12 -12.80
C24 1PE U . 40.56 -58.29 -13.11
OH5 1PE U . 38.31 -58.27 -12.24
C15 1PE U . 36.00 -59.03 -12.70
C25 1PE U . 37.12 -58.87 -11.67
OH6 1PE U . 34.86 -58.19 -12.49
C26 1PE U . 34.38 -57.59 -13.70
C CO3 V . 69.32 -23.54 18.71
O1 CO3 V . 70.27 -24.19 19.25
O2 CO3 V . 69.05 -23.53 17.43
O3 CO3 V . 68.63 -22.86 19.54
ZN ZN W . 67.36 -23.22 13.99
N2 BES X . 65.92 -21.27 14.43
C1 BES X . 65.27 -21.47 15.72
C6 BES X . 65.16 -20.09 16.37
C7 BES X . 63.99 -19.28 15.88
C8 BES X . 62.68 -19.66 16.19
C12 BES X . 64.25 -18.12 15.14
C9 BES X . 61.62 -18.87 15.75
C11 BES X . 63.18 -17.34 14.70
C10 BES X . 61.88 -17.72 15.01
C2 BES X . 66.09 -22.32 16.72
O2 BES X . 66.69 -23.52 16.23
C3 BES X . 65.12 -22.73 17.77
O3 BES X . 64.01 -23.15 17.47
N1 BES X . 65.55 -22.59 19.00
C4 BES X . 64.60 -22.88 20.03
C13 BES X . 65.45 -23.29 21.25
C14 BES X . 64.59 -24.05 22.25
C15 BES X . 64.28 -25.45 21.70
C16 BES X . 65.24 -24.02 23.64
C5 BES X . 63.83 -21.58 20.23
O1 BES X . 63.63 -20.79 19.29
O4 BES X . 63.42 -21.28 21.38
MG MG Y . 65.59 -25.20 15.71
S SO4 Z . 62.92 -41.16 4.94
O1 SO4 Z . 63.59 -39.88 5.26
O2 SO4 Z . 62.71 -41.95 6.18
O3 SO4 Z . 61.66 -40.83 4.22
O4 SO4 Z . 63.78 -41.89 4.03
C12 1PE AA . 85.59 -9.17 -9.38
C22 1PE AA . 85.09 -9.60 -8.01
OH3 1PE AA . 83.81 -10.20 -8.15
C13 1PE AA . 81.63 -10.29 -7.16
C23 1PE AA . 83.11 -10.25 -6.90
OH4 1PE AA . 81.15 -8.98 -6.98
C14 1PE AA . 79.62 -7.18 -7.50
C24 1PE AA . 79.84 -8.68 -7.44
OH5 1PE AA . 79.40 -6.84 -8.87
C25 1PE AA . 79.87 -5.56 -9.28
C12 1PE BA . 83.78 -12.06 -11.41
C22 1PE BA . 82.60 -11.28 -11.94
OH3 1PE BA . 81.39 -11.68 -11.29
C13 1PE BA . 79.63 -13.21 -11.87
C23 1PE BA . 80.25 -11.83 -12.16
OH4 1PE BA . 78.65 -13.71 -12.79
C14 1PE BA . 79.17 -16.07 -12.08
C24 1PE BA . 78.84 -15.09 -13.20
OH5 1PE BA . 79.86 -17.25 -12.54
C25 1PE BA . 80.85 -17.81 -11.67
C12 1PE CA . 91.78 -3.06 -5.52
C22 1PE CA . 90.52 -2.26 -5.80
OH3 1PE CA . 89.54 -3.15 -6.34
C13 1PE CA . 87.21 -3.85 -6.59
C23 1PE CA . 88.18 -2.69 -6.32
OH4 1PE CA . 87.39 -4.44 -7.89
C14 1PE CA . 85.34 -5.15 -9.02
C24 1PE CA . 86.51 -5.55 -8.13
OH5 1PE CA . 84.46 -4.23 -8.36
C25 1PE CA . 83.17 -4.13 -8.99
C CO3 DA . 50.15 -48.26 23.05
O1 CO3 DA . 51.41 -48.01 22.84
O2 CO3 DA . 49.49 -49.15 22.40
O3 CO3 DA . 49.53 -47.64 23.98
ZN ZN EA . 55.01 -46.40 23.22
N2 BES FA . 54.78 -45.02 25.18
C1 BES FA . 53.43 -44.50 25.23
C6 BES FA . 53.07 -44.52 26.69
C7 BES FA . 53.55 -43.35 27.53
C8 BES FA . 53.12 -42.05 27.29
C12 BES FA . 54.41 -43.63 28.61
C9 BES FA . 53.55 -41.02 28.11
C11 BES FA . 54.85 -42.59 29.45
C10 BES FA . 54.42 -41.29 29.20
C2 BES FA . 52.38 -45.29 24.39
O2 BES FA . 52.78 -45.81 23.11
C3 BES FA . 51.34 -44.27 24.05
O3 BES FA . 51.73 -43.22 23.55
N1 BES FA . 50.05 -44.56 24.26
C4 BES FA . 49.07 -43.54 23.94
C13 BES FA . 47.77 -44.25 23.54
C14 BES FA . 46.77 -43.27 22.92
C15 BES FA . 47.14 -42.88 21.49
C16 BES FA . 45.34 -43.84 23.00
C5 BES FA . 48.90 -42.58 25.13
O1 BES FA . 48.75 -41.36 24.87
O4 BES FA . 48.90 -42.99 26.33
MG MG GA . 53.12 -44.24 21.58
C12 1PE HA . 80.27 -63.87 26.46
C22 1PE HA . 79.84 -63.01 25.29
OH3 1PE HA . 79.95 -61.61 25.69
C13 1PE HA . 81.75 -59.96 25.73
C23 1PE HA . 80.74 -60.75 24.88
OH4 1PE HA . 81.15 -59.06 26.68
C14 1PE HA . 82.71 -58.88 28.54
C24 1PE HA . 82.10 -58.20 27.32
OH5 1PE HA . 81.72 -59.06 29.53
C15 1PE HA . 81.36 -59.86 31.81
C25 1PE HA . 82.24 -59.05 30.87
OH6 1PE HA . 81.23 -61.22 31.38
C26 1PE HA . 80.79 -62.06 32.46
C12 1PE IA . 78.52 -64.84 34.57
C22 1PE IA . 77.23 -64.28 33.98
OH3 1PE IA . 77.31 -62.85 33.80
C13 1PE IA . 77.03 -60.60 34.76
C23 1PE IA . 76.68 -62.09 34.83
OH4 1PE IA . 77.26 -60.08 36.08
C14 1PE IA . 78.93 -60.06 37.90
C24 1PE IA . 78.65 -60.00 36.40
OH5 1PE IA . 80.29 -60.47 38.11
C CO3 JA . 37.47 -30.95 43.70
O1 CO3 JA . 36.32 -30.46 43.26
O2 CO3 JA . 38.24 -31.74 43.04
O3 CO3 JA . 37.92 -30.64 44.83
ZN ZN KA . 33.19 -29.51 41.24
N2 BES LA . 33.49 -31.00 39.41
C1 BES LA . 34.90 -31.16 39.03
C6 BES LA . 35.20 -32.61 38.64
C7 BES LA . 34.83 -32.98 37.22
C8 BES LA . 35.60 -32.53 36.14
C12 BES LA . 33.72 -33.79 36.98
C9 BES LA . 35.28 -32.89 34.83
C11 BES LA . 33.40 -34.17 35.67
C10 BES LA . 34.17 -33.70 34.59
C2 BES LA . 35.85 -30.75 40.16
O2 BES LA . 35.49 -29.58 40.92
C3 BES LA . 37.16 -30.41 39.53
O3 BES LA . 37.15 -29.62 38.58
N1 BES LA . 38.24 -30.99 40.03
C4 BES LA . 39.55 -30.72 39.45
C13 BES LA . 40.57 -31.18 40.49
C14 BES LA . 42.02 -30.79 40.16
C15 BES LA . 42.30 -29.29 40.00
C16 BES LA . 42.96 -31.44 41.19
C5 BES LA . 39.67 -31.54 38.18
O1 BES LA . 39.97 -30.90 37.15
O4 BES LA . 39.43 -32.78 38.17
MG MG MA . 35.55 -27.66 40.31
S SO4 NA . 3.46 -34.98 41.62
O1 SO4 NA . 4.66 -34.91 42.43
O2 SO4 NA . 2.26 -35.08 42.44
O3 SO4 NA . 3.40 -33.81 40.75
O4 SO4 NA . 3.54 -36.15 40.77
S SO4 OA . 29.60 -9.12 40.94
O1 SO4 OA . 31.03 -8.94 41.16
O2 SO4 OA . 29.38 -10.54 41.18
O3 SO4 OA . 28.81 -8.31 41.84
O4 SO4 OA . 29.19 -8.86 39.59
C12 1PE PA . 3.85 -39.41 50.79
C22 1PE PA . 5.01 -40.38 50.61
OH3 1PE PA . 6.21 -39.64 50.40
C13 1PE PA . 7.09 -39.44 48.16
C23 1PE PA . 7.07 -40.26 49.44
OH4 1PE PA . 7.34 -40.32 47.06
C14 1PE PA . 6.38 -41.49 45.15
C24 1PE PA . 6.30 -40.29 46.07
OH5 1PE PA . 5.19 -42.28 45.24
C25 1PE PA . 3.98 -41.70 44.73
C13 1PE QA . 48.25 -30.12 60.22
C23 1PE QA . 47.75 -31.00 59.05
OH4 1PE QA . 47.19 -29.77 61.15
C14 1PE QA . 46.18 -28.12 62.74
C24 1PE QA . 47.32 -28.48 61.79
OH5 1PE QA . 45.37 -29.27 62.93
C15 1PE QA . 43.26 -30.43 63.48
C25 1PE QA . 44.06 -29.11 63.52
OH6 1PE QA . 44.08 -31.49 64.00
C16 1PE QA . 45.06 -33.58 63.20
C26 1PE QA . 43.77 -32.81 63.53
C12 1PE RA . 4.76 -32.21 52.41
C22 1PE RA . 5.13 -30.92 51.70
OH3 1PE RA . 5.14 -31.15 50.27
C13 1PE RA . 3.61 -30.74 48.42
C23 1PE RA . 4.62 -30.12 49.40
OH4 1PE RA . 4.23 -31.29 47.24
C14 1PE RA . 3.07 -33.49 47.01
C24 1PE RA . 3.41 -32.12 46.39
OH5 1PE RA . 3.35 -34.64 46.18
C25 1PE RA . 3.21 -35.94 46.78
C13 1PE SA . 39.93 -46.62 60.33
OH4 1PE SA . 39.92 -45.53 61.27
C14 1PE SA . 38.49 -47.21 62.17
C24 1PE SA . 39.06 -45.82 62.37
OH5 1PE SA . 37.94 -47.72 63.39
C15 1PE SA . 35.85 -48.51 64.38
C25 1PE SA . 36.77 -48.53 63.16
C CO3 TA . 51.09 -4.51 33.08
O1 CO3 TA . 50.54 -3.38 32.73
O2 CO3 TA . 52.02 -4.98 32.31
O3 CO3 TA . 50.73 -5.16 34.19
ZN ZN UA . 49.74 -7.59 37.07
N2 BES VA . 51.47 -9.41 36.77
C1 BES VA . 51.65 -9.62 35.35
C6 BES VA . 53.14 -9.88 35.11
C7 BES VA . 53.47 -11.35 35.29
C8 BES VA . 52.78 -12.33 34.54
C12 BES VA . 54.47 -11.70 36.20
C9 BES VA . 53.11 -13.68 34.72
C11 BES VA . 54.81 -13.05 36.34
C10 BES VA . 54.13 -14.03 35.61
C2 BES VA . 51.22 -8.41 34.52
O2 BES VA . 50.04 -7.70 34.94
C3 BES VA . 50.82 -8.94 33.19
O3 BES VA . 49.99 -9.82 33.14
N1 BES VA . 51.37 -8.35 32.15
C4 BES VA . 50.98 -8.81 30.83
C13 BES VA . 51.18 -7.64 29.89
C14 BES VA . 50.98 -8.08 28.44
C15 BES VA . 49.51 -8.41 28.16
C16 BES VA . 51.62 -7.04 27.50
C5 BES VA . 51.84 -9.98 30.41
O1 BES VA . 51.24 -10.93 29.85
O4 BES VA . 53.08 -9.96 30.60
MG MG WA . 47.76 -8.04 34.68
S SO4 XA . 55.59 -8.72 67.06
O1 SO4 XA . 56.57 -9.52 66.36
O2 SO4 XA . 55.57 -9.08 68.47
O3 SO4 XA . 55.94 -7.33 66.95
O4 SO4 XA . 54.24 -8.90 66.48
C12 1PE YA . 56.86 -2.87 67.27
C22 1PE YA . 55.99 -4.07 67.59
OH3 1PE YA . 54.64 -3.80 67.15
C13 1PE YA . 52.32 -4.40 66.81
C23 1PE YA . 53.64 -4.75 67.49
OH4 1PE YA . 52.08 -2.99 66.86
C14 1PE YA . 50.53 -1.20 66.62
C24 1PE YA . 50.93 -2.59 66.13
OH5 1PE YA . 50.96 -0.24 65.66
C15 1PE YA . 51.88 2.01 65.89
C25 1PE YA . 50.65 1.11 66.04
OH6 1PE YA . 52.80 1.77 66.96
C12 1PE ZA . 64.81 -3.46 68.71
C22 1PE ZA . 63.47 -4.03 68.30
OH3 1PE ZA . 63.49 -4.44 66.93
C13 1PE ZA . 62.41 -5.40 65.09
C23 1PE ZA . 62.56 -5.47 66.60
OH4 1PE ZA . 61.52 -4.33 64.80
C14 1PE ZA . 60.13 -3.16 63.28
C24 1PE ZA . 61.15 -4.25 63.44
OH5 1PE ZA . 60.59 -1.97 63.88
C15 1PE ZA . 60.37 0.39 64.14
C25 1PE ZA . 59.81 -0.85 63.47
OH6 1PE ZA . 60.26 0.26 65.56
OH3 1PE AB . 50.93 10.63 24.33
C13 1PE AB . 49.52 12.33 23.21
C23 1PE AB . 50.05 10.89 23.22
OH4 1PE AB . 48.53 12.54 24.22
C14 1PE AB . 47.43 14.14 25.67
C24 1PE AB . 48.20 13.91 24.38
OH5 1PE AB . 47.88 15.34 26.30
C25 1PE AB . 48.36 15.20 27.66
C CO3 BB . 25.13 -15.78 18.95
O1 CO3 BB . 25.72 -14.72 19.48
O2 CO3 BB . 25.67 -16.48 18.04
O3 CO3 BB . 23.98 -16.23 19.29
ZN ZN CB . 27.86 -11.70 20.50
N2 BES DB . 29.59 -11.75 18.91
C1 BES DB . 30.02 -13.11 18.63
C6 BES DB . 30.36 -13.25 17.15
C7 BES DB . 31.78 -13.01 16.72
C8 BES DB . 32.84 -13.80 17.18
C12 BES DB . 32.05 -11.99 15.77
C9 BES DB . 34.15 -13.57 16.72
C11 BES DB . 33.34 -11.76 15.31
C10 BES DB . 34.41 -12.55 15.79
C2 BES DB . 28.93 -14.16 18.97
O2 BES DB . 28.05 -13.93 20.09
C3 BES DB . 29.61 -15.47 19.31
O3 BES DB . 30.62 -15.48 20.00
N1 BES DB . 29.02 -16.55 18.81
C4 BES DB . 29.65 -17.83 19.04
C13 BES DB . 28.53 -18.86 18.85
C14 BES DB . 28.98 -20.31 19.10
C15 BES DB . 29.24 -20.59 20.60
C16 BES DB . 28.00 -21.27 18.43
C5 BES DB . 30.81 -17.90 18.05
O1 BES DB . 31.99 -17.82 18.49
O4 BES DB . 30.61 -17.96 16.82
MG MG EB . 29.04 -14.09 22.13
S SO4 FB . 27.42 18.42 16.63
O1 SO4 FB . 27.90 19.78 16.83
O2 SO4 FB . 28.56 17.56 16.36
O3 SO4 FB . 26.69 17.96 17.82
O4 SO4 FB . 26.49 18.39 15.52
OH4 1PE GB . 18.41 16.91 11.53
C14 1PE GB . 19.49 14.97 12.52
C24 1PE GB . 18.21 15.55 11.89
OH5 1PE GB . 20.51 15.08 11.53
C15 1PE GB . 22.80 14.71 10.97
C25 1PE GB . 21.75 14.58 12.06
OH6 1PE GB . 22.96 16.08 10.66
C16 1PE GB . 24.24 17.73 9.61
C26 1PE GB . 23.92 16.25 9.66
OH7 1PE GB . 23.07 18.39 9.14
OH4 1PE HB . 17.15 16.99 19.94
C14 1PE HB . 18.59 15.68 21.41
C24 1PE HB . 17.16 15.99 20.98
OH5 1PE HB . 19.38 16.85 21.60
C15 1PE HB . 21.56 17.86 21.01
C25 1PE HB . 20.80 16.62 21.49
OH6 1PE HB . 22.57 17.55 20.04
C16 1PE HB . 23.37 18.19 17.80
C26 1PE HB . 22.83 18.65 19.16
OH7 1PE HB . 22.46 18.47 16.72
OH4 1PE IB . 8.64 -25.84 20.61
C14 1PE IB . 7.06 -24.92 22.27
C24 1PE IB . 7.67 -26.15 21.61
OH5 1PE IB . 6.38 -24.13 21.29
C15 1PE IB . 5.69 -21.83 21.29
C25 1PE IB . 5.44 -23.23 21.85
OH6 1PE IB . 5.90 -21.82 19.86
C16 1PE IB . 4.59 -21.21 17.86
C26 1PE IB . 5.20 -20.76 19.21
OH7 1PE IB . 5.55 -21.96 17.10
C CO3 JB . -48.47 23.08 -45.94
O1 CO3 JB . -47.69 23.62 -46.82
O2 CO3 JB . -48.39 21.84 -45.62
O3 CO3 JB . -49.33 23.83 -45.35
ZN ZN KB . -48.46 18.17 -44.25
N2 BES LB . -50.35 18.26 -42.68
C1 BES LB . -50.31 19.57 -42.04
C6 BES LB . -51.77 20.01 -41.91
C7 BES LB . -52.53 19.44 -40.74
C8 BES LB . -52.06 19.59 -39.42
C12 BES LB . -53.75 18.85 -40.97
C9 BES LB . -52.84 19.11 -38.37
C11 BES LB . -54.54 18.36 -39.92
C10 BES LB . -54.07 18.49 -38.61
C2 BES LB . -49.52 20.67 -42.81
O2 BES LB . -48.26 20.35 -43.45
C3 BES LB . -49.06 21.63 -41.77
O3 BES LB . -48.61 21.16 -40.74
N1 BES LB . -49.15 22.92 -42.06
C4 BES LB . -48.76 23.90 -41.05
C13 BES LB . -48.46 25.24 -41.71
C14 BES LB . -47.75 26.20 -40.76
C15 BES LB . -46.32 25.77 -40.42
C16 BES LB . -47.75 27.61 -41.36
C5 BES LB . -49.93 24.00 -40.09
O1 BES LB . -49.58 24.11 -38.89
O4 BES LB . -51.14 23.96 -40.49
MG MG MB . -46.56 19.63 -42.30
S SO4 NB . -30.06 9.67 -40.74
O1 SO4 NB . -29.39 10.93 -40.45
O2 SO4 NB . -30.26 8.89 -39.51
O3 SO4 NB . -31.34 9.93 -41.43
O4 SO4 NB . -29.16 8.86 -41.57
S SO4 OB . -58.98 -8.79 -53.72
O1 SO4 OB . -58.01 -7.82 -54.25
O2 SO4 OB . -58.41 -9.51 -52.59
O3 SO4 OB . -60.17 -8.10 -53.25
O4 SO4 OB . -59.34 -9.68 -54.82
C22 1PE PB . -61.33 -3.95 -62.79
OH3 1PE PB . -60.55 -3.30 -61.76
C13 1PE PB . -61.17 -3.16 -59.36
C23 1PE PB . -61.30 -2.59 -60.77
OH4 1PE PB . -62.40 -2.96 -58.66
C14 1PE PB . -64.41 -4.12 -57.91
C24 1PE PB . -62.90 -4.07 -57.91
OH5 1PE PB . -64.82 -5.44 -58.33
C25 1PE PB . -65.67 -5.45 -59.49
OH4 1PE QB . -70.18 31.42 -50.12
C14 1PE QB . -69.70 33.50 -51.27
C24 1PE QB . -69.40 32.62 -50.07
OH5 1PE QB . -70.81 34.35 -50.96
C15 1PE QB . -72.96 34.23 -52.12
C25 1PE QB . -71.56 34.82 -52.08
OH6 1PE QB . -73.97 35.23 -51.91
C14 1PE RB . -91.13 -12.71 -53.50
C24 1PE RB . -92.18 -12.96 -54.59
OH5 1PE RB . -90.13 -11.85 -54.04
C15 1PE RB . -89.49 -9.55 -54.17
C25 1PE RB . -89.81 -10.71 -53.24
OH6 1PE RB . -90.71 -8.81 -54.44
C14 1PE SB . -94.77 -10.91 -55.59
C24 1PE SB . -95.11 -12.38 -55.84
OH5 1PE SB . -95.51 -10.00 -56.44
C15 1PE SB . -94.54 -7.91 -55.45
C25 1PE SB . -94.91 -8.71 -56.70
OH6 1PE SB . -93.23 -7.33 -55.59
C12 1PE TB . -54.32 -5.97 -64.29
C22 1PE TB . -53.96 -6.32 -62.86
OH3 1PE TB . -52.70 -5.73 -62.47
C13 1PE TB . -52.26 -6.19 -60.05
C23 1PE TB . -51.97 -6.53 -61.52
OH4 1PE TB . -52.43 -7.34 -59.18
C14 1PE TB . -54.55 -8.17 -58.18
C24 1PE TB . -53.35 -7.21 -58.07
OH5 1PE TB . -55.74 -7.67 -57.54
C15 1PE TB . -58.14 -7.53 -58.11
C25 1PE TB . -56.92 -8.42 -57.84
OH6 1PE TB . -58.16 -7.09 -59.47
C16 1PE TB . -59.94 -7.11 -61.14
C26 1PE TB . -59.37 -6.44 -59.89
OH7 1PE TB . -59.23 -6.78 -62.35
C CO3 UB . -23.71 27.29 -26.81
O1 CO3 UB . -22.78 26.58 -26.26
O2 CO3 UB . -23.99 27.21 -28.09
O3 CO3 UB . -24.38 28.08 -26.02
ZN ZN VB . -25.68 27.56 -31.62
N2 BES WB . -27.03 29.44 -31.21
C1 BES WB . -27.58 29.41 -29.86
C6 BES WB . -27.67 30.85 -29.33
C7 BES WB . -28.93 31.60 -29.68
C8 BES WB . -30.18 31.14 -29.23
C12 BES WB . -28.81 32.78 -30.42
C9 BES WB . -31.34 31.88 -29.54
C11 BES WB . -29.96 33.51 -30.73
C10 BES WB . -31.21 33.06 -30.30
C2 BES WB . -26.77 28.59 -28.84
O2 BES WB . -26.18 27.37 -29.35
C3 BES WB . -27.75 28.09 -27.83
O3 BES WB . -28.85 27.71 -28.22
N1 BES WB . -27.35 28.05 -26.56
C4 BES WB . -28.31 27.60 -25.58
C13 BES WB . -27.48 27.28 -24.33
C14 BES WB . -28.38 26.78 -23.24
C15 BES WB . -28.95 25.41 -23.64
C16 BES WB . -27.60 26.79 -21.92
C5 BES WB . -29.34 28.70 -25.33
O1 BES WB . -30.56 28.37 -25.23
O4 BES WB . -28.97 29.90 -25.29
MG MG XB . -27.48 25.57 -29.81
C12 1PE YB . -12.71 45.08 -55.54
C22 1PE YB . -13.58 44.55 -54.41
OH3 1PE YB . -13.17 43.22 -54.08
C13 1PE YB . -12.68 41.44 -52.59
C23 1PE YB . -13.21 42.86 -52.70
OH4 1PE YB . -11.26 41.40 -52.73
C14 1PE YB . -9.13 40.37 -52.45
C24 1PE YB . -10.64 40.23 -52.23
OH5 1PE YB . -8.84 40.90 -53.75
C25 1PE YB . -7.53 41.47 -53.72
C12 1PE ZB . -13.21 38.28 -57.64
C22 1PE ZB . -14.43 37.50 -58.05
OH3 1PE ZB . -14.08 36.23 -58.60
C13 1PE ZB . -13.74 33.81 -58.21
C23 1PE ZB . -14.52 35.08 -57.85
OH4 1PE ZB . -12.43 33.79 -57.62
C14 1PE ZB . -10.55 32.21 -56.94
C24 1PE ZB . -12.05 32.48 -57.16
OH5 1PE ZB . -9.78 33.28 -56.38
C25 1PE ZB . -8.57 32.81 -55.75
C CO3 AC . -42.70 2.57 -22.48
O1 CO3 AC . -41.41 2.79 -22.50
O2 CO3 AC . -43.28 1.71 -23.21
O3 CO3 AC . -43.49 3.20 -21.68
ZN ZN BC . -37.89 4.40 -22.42
N2 BES CC . -38.19 5.73 -20.43
C1 BES CC . -39.49 6.37 -20.30
C6 BES CC . -39.83 6.33 -18.79
C7 BES CC . -39.39 7.54 -17.96
C8 BES CC . -39.73 8.87 -18.30
C12 BES CC . -38.61 7.31 -16.81
C9 BES CC . -39.30 9.92 -17.49
C11 BES CC . -38.18 8.36 -16.00
C10 BES CC . -38.53 9.67 -16.34
C2 BES CC . -40.56 5.65 -21.14
O2 BES CC . -40.13 5.19 -22.44
C3 BES CC . -41.63 6.63 -21.53
O3 BES CC . -41.29 7.68 -21.99
N1 BES CC . -42.90 6.28 -21.39
C4 BES CC . -43.89 7.28 -21.76
C13 BES CC . -45.06 6.42 -22.21
C14 BES CC . -46.34 7.22 -22.45
C15 BES CC . -46.35 7.86 -23.85
C16 BES CC . -47.57 6.33 -22.21
C5 BES CC . -44.15 8.16 -20.53
O1 BES CC . -44.36 9.38 -20.69
O4 BES CC . -44.12 7.68 -19.36
MG MG DC . -39.62 6.21 -24.35
C12 1PE EC . -12.49 -13.06 -19.06
C22 1PE EC . -13.16 -12.42 -20.29
OH3 1PE EC . -12.84 -11.01 -20.53
C13 1PE EC . -11.90 -8.88 -19.49
C23 1PE EC . -11.92 -10.42 -19.60
OH4 1PE EC . -10.90 -8.59 -18.50
C14 1PE EC . -10.38 -7.65 -16.38
C24 1PE EC . -11.02 -7.38 -17.75
OH5 1PE EC . -11.28 -8.38 -15.54
C15 1PE EC . -11.63 -9.49 -13.40
C25 1PE EC . -10.93 -8.36 -14.15
OH6 1PE EC . -11.79 -10.62 -14.26
C16 1PE EC . -10.99 -12.94 -14.11
C26 1PE EC . -11.99 -11.88 -13.60
OH7 1PE EC . -11.40 -13.52 -15.37
C12 1PE FC . -14.44 -13.73 -11.36
C22 1PE FC . -15.86 -13.34 -11.70
OH3 1PE FC . -16.03 -11.89 -11.87
C13 1PE FC . -15.77 -9.76 -10.75
C23 1PE FC . -16.09 -11.23 -10.61
OH4 1PE FC . -15.52 -9.28 -9.45
C14 1PE FC . -13.97 -8.93 -7.62
C24 1PE FC . -14.14 -9.33 -9.09
OH5 1PE FC . -12.67 -9.28 -7.15
C15 1PE FC . -12.30 -11.50 -6.12
C25 1PE FC . -12.32 -10.64 -7.38
C13 1PE GC . -9.18 -8.74 17.76
OH4 1PE GC . -9.61 -7.99 18.88
C14 1PE GC . -10.77 -9.25 20.65
C24 1PE GC . -10.88 -8.40 19.38
OH5 1PE GC . -10.52 -8.45 21.81
C15 1PE GC . -8.69 -8.88 23.44
C25 1PE GC . -10.13 -9.19 22.99
C CO3 HC . -55.43 19.84 -1.70
O1 CO3 HC . -54.77 18.94 -2.34
O2 CO3 HC . -54.97 20.11 -0.54
O3 CO3 HC . -56.50 20.42 -2.20
ZN ZN IC . -59.71 21.25 -4.29
N2 BES JC . -59.45 19.74 -6.23
C1 BES JC . -58.06 19.72 -6.57
C6 BES JC . -57.71 18.30 -6.95
C7 BES JC . -58.17 17.86 -8.32
C8 BES JC . -57.49 18.25 -9.48
C12 BES JC . -59.26 17.00 -8.41
C9 BES JC . -57.92 17.79 -10.73
C11 BES JC . -59.66 16.51 -9.67
C10 BES JC . -59.02 16.90 -10.83
C2 BES JC . -57.11 20.07 -5.40
O2 BES JC . -57.40 21.20 -4.51
C3 BES JC . -55.81 20.40 -6.07
O3 BES JC . -55.81 21.17 -7.01
N1 BES JC . -54.73 19.85 -5.58
C4 BES JC . -53.44 20.14 -6.15
C13 BES JC . -52.50 19.90 -4.99
C14 BES JC . -51.02 19.97 -5.37
C15 BES JC . -50.53 21.41 -5.34
C16 BES JC . -50.20 19.08 -4.42
C5 BES JC . -53.23 19.20 -7.31
O1 BES JC . -53.22 17.95 -7.14
O4 BES JC . -53.07 19.73 -8.44
MG MG KC . -57.33 23.28 -5.29
S SO4 LC . -63.31 41.61 -4.62
O1 SO4 LC . -63.37 40.17 -4.31
O2 SO4 LC . -61.91 41.96 -4.40
O3 SO4 LC . -63.77 41.92 -5.94
O4 SO4 LC . -64.11 42.40 -3.71
S SO4 MC . -89.60 15.80 -3.91
O1 SO4 MC . -88.92 17.07 -3.70
O2 SO4 MC . -89.15 14.83 -2.91
O3 SO4 MC . -91.04 16.02 -3.79
O4 SO4 MC . -89.31 15.26 -5.24
C13 1PE NC . -89.83 8.59 -0.02
OH4 1PE NC . -88.82 8.84 -1.02
C14 1PE NC . -87.22 10.05 0.12
C24 1PE NC . -87.51 8.71 -0.48
OH5 1PE NC . -85.90 10.10 0.59
C15 1PE NC . -85.77 10.29 2.95
C25 1PE NC . -85.82 11.04 1.65
OH6 1PE NC . -85.78 11.22 4.03
C16 1PE NC . -87.96 10.48 4.82
C26 1PE NC . -86.51 10.77 5.18
OH7 1PE NC . -88.76 11.54 5.37
OH4 1PE OC . -87.63 19.16 6.59
C14 1PE OC . -88.24 19.73 4.31
C24 1PE OC . -87.69 20.25 5.64
OH5 1PE OC . -88.20 20.67 3.23
C15 1PE OC . -89.37 19.15 1.71
C25 1PE OC . -88.18 20.08 1.92
OH6 1PE OC . -89.03 18.15 0.76
C16 1PE OC . -89.48 15.75 0.46
C26 1PE OC . -90.05 17.16 0.63
OH7 1PE OC . -89.41 15.06 1.72
C13 1PE PC . -43.97 20.81 14.52
OH4 1PE PC . -45.23 20.72 15.18
C14 1PE PC . -46.35 21.65 17.09
C24 1PE PC . -45.67 21.95 15.77
OH5 1PE PC . -47.39 22.59 17.36
C15 1PE PC . -49.37 21.14 17.71
C25 1PE PC . -48.33 22.08 18.33
OH6 1PE PC . -49.16 19.78 18.06
C16 1PE PC . -50.03 17.66 18.66
C26 1PE PC . -50.38 19.07 18.20
C CO3 QC . -41.85 46.16 -12.56
O1 CO3 QC . -42.27 47.30 -12.94
O2 CO3 QC . -40.98 45.60 -13.32
O3 CO3 QC . -42.28 45.64 -11.45
ZN ZN RC . -43.10 43.18 -8.47
N2 BES SC . -41.55 41.32 -8.84
C1 BES SC . -41.30 41.12 -10.25
C6 BES SC . -39.81 40.86 -10.36
C7 BES SC . -39.42 39.44 -10.14
C8 BES SC . -39.94 38.43 -10.95
C12 BES SC . -38.47 39.16 -9.18
C9 BES SC . -39.53 37.10 -10.77
C11 BES SC . -38.04 37.85 -9.00
C10 BES SC . -38.56 36.82 -9.80
C2 BES SC . -41.66 42.34 -11.12
O2 BES SC . -42.86 43.06 -10.77
C3 BES SC . -42.02 41.80 -12.45
O3 BES SC . -42.77 40.86 -12.52
N1 BES SC . -41.58 42.44 -13.53
C4 BES SC . -41.96 41.89 -14.80
C13 BES SC . -41.82 43.04 -15.79
C14 BES SC . -42.21 42.63 -17.20
C15 BES SC . -43.72 42.85 -17.38
C16 BES SC . -41.36 43.38 -18.21
C5 BES SC . -41.00 40.74 -15.07
O1 BES SC . -41.48 39.71 -15.62
O4 BES SC . -39.79 40.82 -14.74
MG MG TC . -44.88 42.31 -10.86
S SO4 UC . -37.30 41.84 21.47
O1 SO4 UC . -37.09 40.51 20.93
O2 SO4 UC . -38.68 42.29 21.24
O3 SO4 UC . -37.02 41.83 22.91
O4 SO4 UC . -36.36 42.73 20.84
C12 1PE VC . -35.95 48.68 21.80
C22 1PE VC . -36.42 47.23 21.93
OH3 1PE VC . -37.77 47.11 21.42
C13 1PE VC . -39.96 46.10 21.41
C23 1PE VC . -38.61 46.16 22.11
OH4 1PE VC . -40.58 47.40 21.43
C14 1PE VC . -42.46 48.85 20.89
C24 1PE VC . -41.82 47.47 20.71
OH5 1PE VC . -41.71 49.86 20.22
C15 1PE VC . -41.36 52.27 20.00
C25 1PE VC . -42.35 51.13 20.32
OH6 1PE VC . -40.34 52.29 21.01
C12 1PE WC . -27.89 47.91 22.62
C22 1PE WC . -29.22 47.18 22.58
OH3 1PE WC . -29.10 45.91 21.91
C13 1PE WC . -30.13 45.67 19.71
C23 1PE WC . -30.26 45.42 21.21
OH4 1PE WC . -31.36 46.25 19.29
C14 1PE WC . -32.65 47.38 17.69
C24 1PE WC . -31.54 46.37 17.90
OH5 1PE WC . -32.28 48.64 18.25
C15 1PE WC . -32.85 50.92 18.50
C25 1PE WC . -33.37 49.54 18.21
OH6 1PE WC . -32.56 51.03 19.91
OH3 1PE XC . -42.02 61.65 -21.06
C13 1PE XC . -43.59 63.47 -21.77
C23 1PE XC . -43.21 61.98 -21.81
OH4 1PE XC . -44.65 63.75 -20.86
C14 1PE XC . -45.54 65.72 -19.74
C24 1PE XC . -45.25 65.04 -21.08
OH5 1PE XC . -44.34 65.65 -18.97
C15 1PE XC . -43.29 65.79 -16.79
C25 1PE XC . -44.37 66.37 -17.72
OH6 1PE XC . -42.20 66.70 -16.58
C26 1PE XC . -41.00 66.34 -17.26
C13 1PE YC . -54.73 39.07 16.59
OH4 1PE YC . -54.99 38.35 15.37
C14 1PE YC . -52.90 37.15 16.08
C24 1PE YC . -54.11 37.23 15.14
OH5 1PE YC . -51.84 36.37 15.50
C25 1PE YC . -50.54 36.85 15.84
ZN ZN ZC . -65.03 39.05 -25.19
C CO3 AD . -67.83 35.10 -26.49
O1 CO3 AD . -67.08 34.46 -27.27
O2 CO3 AD . -67.39 36.18 -25.86
O3 CO3 AD . -69.02 34.62 -26.35
N2 BES BD . -63.34 38.97 -26.81
C1 BES BD . -62.89 37.59 -26.97
C6 BES BD . -62.59 37.37 -28.46
C7 BES BD . -61.18 37.73 -28.91
C8 BES BD . -60.05 37.03 -28.45
C12 BES BD . -61.02 38.74 -29.86
C9 BES BD . -58.77 37.35 -28.93
C11 BES BD . -59.75 39.06 -30.35
C10 BES BD . -58.62 38.36 -29.87
C2 BES BD . -63.98 36.58 -26.55
O2 BES BD . -64.72 36.88 -25.37
C3 BES BD . -63.35 35.26 -26.23
O3 BES BD . -62.46 35.19 -25.39
N1 BES BD . -63.87 34.23 -26.89
C4 BES BD . -63.28 32.92 -26.64
C13 BES BD . -64.41 31.90 -26.82
C14 BES BD . -64.00 30.43 -26.63
C15 BES BD . -63.83 30.10 -25.15
C16 BES BD . -64.97 29.48 -27.38
C5 BES BD . -62.09 32.84 -27.59
O1 BES BD . -62.28 33.05 -28.81
O4 BES BD . -60.96 32.63 -27.15
MG MG CD . -63.88 36.60 -23.38
S SO4 DD . -65.50 69.25 -28.83
O1 SO4 DD . -64.30 70.07 -29.02
O2 SO4 DD . -65.36 68.41 -27.63
O3 SO4 DD . -66.71 70.06 -28.70
O4 SO4 DD . -65.61 68.42 -30.00
OH4 1PE ED . -70.03 70.54 -35.73
C14 1PE ED . -68.66 68.62 -35.72
C24 1PE ED . -69.50 69.53 -36.58
OH5 1PE ED . -69.37 67.39 -35.59
C15 1PE ED . -70.46 65.77 -34.29
C25 1PE ED . -69.77 67.12 -34.27
OH6 1PE ED . -71.56 65.82 -33.40
C16 1PE ED . -73.92 65.92 -33.06
C26 1PE ED . -72.81 65.80 -34.07
OH7 1PE ED . -74.47 67.25 -33.13
C12 1PE FD . -84.06 24.16 -25.50
C22 1PE FD . -84.34 25.29 -24.54
OH3 1PE FD . -85.58 25.17 -23.84
C13 1PE FD . -86.65 27.37 -23.57
C23 1PE FD . -86.62 26.04 -24.30
OH4 1PE FD . -87.62 28.18 -24.22
C14 1PE FD . -88.24 29.64 -26.00
C24 1PE FD . -87.12 29.20 -25.09
OH5 1PE FD . -87.77 29.65 -27.35
C15 1PE FD . -87.65 27.54 -28.47
C25 1PE FD . -88.49 28.79 -28.23
OH6 1PE FD . -86.70 27.72 -29.51
C13 1PE GD . -74.96 66.84 -23.50
OH4 1PE GD . -73.73 67.06 -24.20
C14 1PE GD . -71.37 67.77 -23.98
C24 1PE GD . -72.82 67.95 -23.52
OH5 1PE GD . -71.09 68.57 -25.13
C15 1PE GD . -69.48 69.33 -26.81
C25 1PE GD . -69.79 68.34 -25.69
OH6 1PE GD . -70.19 68.94 -27.99
C16 1PE GD . -70.43 69.18 -30.44
C26 1PE GD . -69.77 69.68 -29.15
OH7 1PE GD . -71.79 68.80 -30.18
#